data_8ZGH
#
_entry.id   8ZGH
#
_cell.length_a   1.00
_cell.length_b   1.00
_cell.length_c   1.00
_cell.angle_alpha   90.00
_cell.angle_beta   90.00
_cell.angle_gamma   90.00
#
_symmetry.space_group_name_H-M   'P 1'
#
loop_
_entity.id
_entity.type
_entity.pdbx_description
1 polymer 'Multifunctional procollagen lysine hydroxylase and glycosyltransferase LH3'
2 polymer 'Procollagen galactosyltransferase 1'
3 branched 2-acetamido-2-deoxy-beta-D-glucopyranose-(1-4)-2-acetamido-2-deoxy-beta-D-glucopyranose
4 non-polymer 2-acetamido-2-deoxy-beta-D-glucopyranose
5 non-polymer '2-OXOGLUTARIC ACID'
6 non-polymer 'FE (II) ION'
7 non-polymer "GALACTOSE-URIDINE-5'-DIPHOSPHATE"
8 non-polymer 'MANGANESE (II) ION'
#
loop_
_entity_poly.entity_id
_entity_poly.type
_entity_poly.pdbx_seq_one_letter_code
_entity_poly.pdbx_strand_id
1 'polypeptide(L)'
;MTSSGPGPRFLLLLPLLLPPAASASDRPRGRDPVNPEKLLVITVATAETEGYLRFLRSAEFFNYTVRTLGLGEEWRGGDV
ARTVGGGQKVRWLKKEMEKYADREDMIIMFVDSYDVILAGSPTELLKKFVQSGSRLLFSAESFCWPEWGLAEQYPEVGTG
KRFLNSGGFIGFATTIHQIVRQWKYKDDDDDQLFYTRLYLDPGLREKLSLNLDHKSRIFQNLNGALDEVVLKFDRNRVRI
RNVAYDTLPIVVHGNGPTKLQLNYLGNYVPNGWTPEGGCGFCNQDRRTLPGGQPPPRVFLAVFVEQPTPFLPRFLQRLLL
LDYPPDRVTLFLHNNEVFHEPHIADSWPQLQDHFSAVKLVGPEEALSPGEARDMAMDLCRQDPECEFYFSLDADAVLTNL
QTLRILIEENRKVIAPMLSRHGKLWSNFWGALSPDEYYARSEDYVELVQRKRVGVWNVPYISQAYVIRGDTLRMELPQRD
VFSGSDTDPDMAFCKSFRDKGIFLHLSNQHEFGRLLATSRYDTEHLHPDLWQIFDNPVDWKEQYIHENYSRALEGEGIVE
QPCPDVYWFPLLSEQMCDELVAEMEHYGQWSGGRHEDSRLAGGYENVPTVDIHMKQVGYEDQWLQLLRTYVGPMTESLFP
GYHTKARAVMNFVVRYRPDEQPSLRPHHDSSTFTLNVALNHKGLDYEGGGCRFLRYDCVISSPRKGWALLHPGRLTHYHE
GLPTTWGTRYIMVSFVDPAAAENLYFQGDYKDHDGDYKDHDIDYKDDDDKHHHHHHHH
;
A,B,C,D
2 'polypeptide(L)'
;MKTIIALSYIFCLVFAWSHPQFEKGGGSGGGSGGSAWSHPQFEKSALEVLFQGPGRAAPPGADAYFPEERWSPESPLQAP
RVLIALLARNAAHALPTTLGALERLRHPRERTALWVATDHNMDNTSTVLREWLVAVKSLYHSVEWRPAEEPRSYPDEEGP
KHWSDSRYEHVMKLRQAALKSARDMWADYILFVDADNLILNPDTLSLLIAENKTVVAPMLDSRAAYSNFWCGMTSQGYYK
RTPAYIPIRKRDRRGCFAVPMVHSTFLIDLRKAASRNLAFYPPHPDYTWSFDDIIVFAFSCKQAEVQMYVCNKEEYGFLP
VPLRAHSTLQDEAESFMHVQLEVMVKHPPAEPSRFISAPTKTPDKMGFDEVFMINLRRRQDRRERMLRALQAQEIECRLV
EAVDGKAMNTSQVEALGIQMLPGYRDPYHGRPLTKGELGCFLSHYNIWKEVVDRGLQKSLVFEDDLRFEIFFKRRLMNLM
RDVEREGLDWDLIYVGRKRMQVEHPEKAVPRVRNLVEADYSYWTLAYVISLQGARKLLAAEPLSKMLPVDEFLPVMFDKH
PVSEYKAHFSLRNLHAFSVEPLLIYPTHYTGDDGYVSDTETSVVWNNEHVKTDWDRAKSQKMREQQALSREAKNSDVLQS
PLDSAARDELAAA
;
U,V,W,X
#
# COMPACT_ATOMS: atom_id res chain seq x y z
N PRO A 33 -0.13 -100.72 4.31
CA PRO A 33 1.15 -100.90 3.62
C PRO A 33 0.99 -101.16 2.13
N VAL A 34 0.14 -100.37 1.48
CA VAL A 34 -0.09 -100.49 0.05
C VAL A 34 0.95 -99.66 -0.69
N ASN A 35 1.57 -100.25 -1.71
CA ASN A 35 2.60 -99.56 -2.46
C ASN A 35 1.99 -98.38 -3.22
N PRO A 36 2.64 -97.21 -3.20
CA PRO A 36 2.10 -96.06 -3.94
C PRO A 36 2.04 -96.25 -5.44
N GLU A 37 2.89 -97.11 -6.01
CA GLU A 37 2.99 -97.23 -7.46
C GLU A 37 1.75 -97.82 -8.10
N LYS A 38 0.83 -98.37 -7.32
CA LYS A 38 -0.37 -98.99 -7.87
C LYS A 38 -1.51 -98.00 -8.09
N LEU A 39 -1.27 -96.70 -7.89
CA LEU A 39 -2.30 -95.68 -8.07
C LEU A 39 -2.08 -94.97 -9.40
N LEU A 40 -3.16 -94.81 -10.17
CA LEU A 40 -3.12 -94.12 -11.45
C LEU A 40 -4.27 -93.14 -11.53
N VAL A 41 -4.02 -91.97 -12.12
CA VAL A 41 -4.99 -90.89 -12.17
C VAL A 41 -5.58 -90.78 -13.57
N ILE A 42 -6.91 -90.73 -13.66
CA ILE A 42 -7.63 -90.62 -14.92
C ILE A 42 -8.33 -89.29 -14.95
N THR A 43 -8.05 -88.49 -15.98
CA THR A 43 -8.67 -87.19 -16.16
C THR A 43 -9.16 -87.04 -17.59
N VAL A 44 -10.16 -86.19 -17.78
CA VAL A 44 -10.67 -85.83 -19.10
C VAL A 44 -10.54 -84.32 -19.26
N ALA A 45 -9.93 -83.90 -20.36
CA ALA A 45 -9.74 -82.48 -20.65
C ALA A 45 -9.72 -82.31 -22.16
N THR A 46 -10.71 -81.60 -22.69
CA THR A 46 -10.86 -81.48 -24.14
C THR A 46 -9.70 -80.70 -24.75
N ALA A 47 -9.57 -79.43 -24.38
CA ALA A 47 -8.48 -78.60 -24.87
C ALA A 47 -7.33 -78.65 -23.89
N GLU A 48 -6.34 -77.76 -24.06
CA GLU A 48 -5.27 -77.56 -23.09
C GLU A 48 -5.48 -76.17 -22.52
N THR A 49 -6.30 -76.07 -21.47
CA THR A 49 -6.53 -74.82 -20.78
C THR A 49 -5.52 -74.63 -19.66
N GLU A 50 -5.39 -73.38 -19.22
CA GLU A 50 -4.47 -73.08 -18.13
C GLU A 50 -4.89 -73.77 -16.83
N GLY A 51 -6.19 -74.05 -16.68
CA GLY A 51 -6.62 -74.80 -15.50
C GLY A 51 -6.10 -76.22 -15.50
N TYR A 52 -6.10 -76.85 -16.67
CA TYR A 52 -5.47 -78.16 -16.81
C TYR A 52 -3.99 -78.09 -16.44
N LEU A 53 -3.33 -77.00 -16.81
CA LEU A 53 -1.93 -76.83 -16.45
C LEU A 53 -1.76 -76.68 -14.93
N ARG A 54 -2.65 -75.93 -14.29
CA ARG A 54 -2.59 -75.81 -12.84
C ARG A 54 -2.75 -77.17 -12.17
N PHE A 55 -3.74 -77.94 -12.61
CA PHE A 55 -3.93 -79.27 -12.04
C PHE A 55 -2.72 -80.16 -12.28
N LEU A 56 -2.15 -80.10 -13.48
CA LEU A 56 -0.98 -80.91 -13.78
C LEU A 56 0.20 -80.54 -12.90
N ARG A 57 0.43 -79.24 -12.69
CA ARG A 57 1.50 -78.80 -11.82
C ARG A 57 1.29 -79.30 -10.40
N SER A 58 0.07 -79.17 -9.89
CA SER A 58 -0.22 -79.62 -8.54
C SER A 58 0.00 -81.13 -8.42
N ALA A 59 -0.42 -81.88 -9.44
CA ALA A 59 -0.22 -83.33 -9.42
C ALA A 59 1.24 -83.70 -9.44
N GLU A 60 2.03 -83.05 -10.30
CA GLU A 60 3.43 -83.46 -10.44
C GLU A 60 4.27 -83.02 -9.24
N PHE A 61 3.81 -82.02 -8.49
CA PHE A 61 4.55 -81.62 -7.30
C PHE A 61 4.65 -82.77 -6.29
N PHE A 62 3.67 -83.67 -6.29
CA PHE A 62 3.63 -84.78 -5.34
C PHE A 62 4.09 -86.10 -5.95
N ASN A 63 4.67 -86.07 -7.15
CA ASN A 63 5.13 -87.28 -7.85
C ASN A 63 3.97 -88.27 -8.04
N TYR A 64 2.94 -87.80 -8.72
CA TYR A 64 1.79 -88.63 -9.04
C TYR A 64 2.01 -89.32 -10.40
N THR A 65 1.04 -90.14 -10.79
CA THR A 65 1.04 -90.82 -12.08
C THR A 65 -0.30 -90.56 -12.74
N VAL A 66 -0.36 -89.50 -13.55
CA VAL A 66 -1.61 -89.04 -14.15
C VAL A 66 -1.62 -89.40 -15.63
N ARG A 67 -2.74 -89.97 -16.09
CA ARG A 67 -2.98 -90.26 -17.49
C ARG A 67 -4.19 -89.47 -17.96
N THR A 68 -4.02 -88.71 -19.04
CA THR A 68 -5.08 -87.87 -19.57
C THR A 68 -5.82 -88.59 -20.69
N LEU A 69 -7.14 -88.39 -20.74
CA LEU A 69 -7.98 -89.01 -21.74
C LEU A 69 -8.82 -87.94 -22.44
N GLY A 70 -9.09 -88.17 -23.71
CA GLY A 70 -9.87 -87.22 -24.49
C GLY A 70 -9.20 -85.87 -24.66
N LEU A 71 -7.89 -85.87 -24.90
CA LEU A 71 -7.15 -84.64 -25.09
C LEU A 71 -7.07 -84.30 -26.57
N GLY A 72 -7.60 -83.13 -26.94
CA GLY A 72 -7.57 -82.67 -28.31
C GLY A 72 -8.84 -82.94 -29.09
N GLU A 73 -9.67 -83.88 -28.65
CA GLU A 73 -10.90 -84.19 -29.37
C GLU A 73 -11.99 -83.17 -29.04
N GLU A 74 -12.97 -83.08 -29.93
CA GLU A 74 -14.07 -82.15 -29.73
C GLU A 74 -14.98 -82.62 -28.61
N TRP A 75 -15.57 -81.65 -27.91
CA TRP A 75 -16.50 -81.93 -26.81
C TRP A 75 -17.87 -82.23 -27.39
N ARG A 76 -18.30 -83.48 -27.25
CA ARG A 76 -19.61 -83.93 -27.73
C ARG A 76 -20.69 -83.77 -26.66
N GLY A 77 -20.47 -82.94 -25.65
CA GLY A 77 -21.46 -82.72 -24.61
C GLY A 77 -22.29 -81.48 -24.84
N GLY A 78 -22.01 -80.43 -24.07
CA GLY A 78 -22.73 -79.19 -24.17
C GLY A 78 -22.31 -78.19 -23.11
N ASP A 79 -23.29 -77.57 -22.44
CA ASP A 79 -22.98 -76.65 -21.36
C ASP A 79 -22.26 -77.38 -20.24
N VAL A 80 -21.21 -76.74 -19.72
CA VAL A 80 -20.37 -77.40 -18.72
C VAL A 80 -21.12 -77.60 -17.41
N ALA A 81 -21.81 -76.55 -16.93
CA ALA A 81 -22.50 -76.64 -15.65
C ALA A 81 -23.86 -75.97 -15.63
N ARG A 82 -24.38 -75.51 -16.78
CA ARG A 82 -25.63 -74.77 -16.79
C ARG A 82 -26.84 -75.66 -16.51
N THR A 83 -27.16 -76.57 -17.43
CA THR A 83 -28.32 -77.44 -17.27
C THR A 83 -27.94 -78.91 -17.24
N VAL A 84 -27.22 -79.41 -18.24
CA VAL A 84 -27.02 -80.84 -18.41
C VAL A 84 -25.76 -81.10 -19.22
N GLY A 85 -25.30 -82.34 -19.26
CA GLY A 85 -24.16 -82.72 -20.06
C GLY A 85 -23.36 -83.80 -19.36
N GLY A 86 -22.10 -83.92 -19.78
CA GLY A 86 -21.19 -84.87 -19.17
C GLY A 86 -21.33 -86.30 -19.65
N GLY A 87 -22.06 -86.52 -20.74
CA GLY A 87 -22.26 -87.85 -21.27
C GLY A 87 -21.15 -88.37 -22.16
N GLN A 88 -20.09 -87.61 -22.37
CA GLN A 88 -18.98 -88.03 -23.20
C GLN A 88 -17.85 -88.66 -22.41
N LYS A 89 -17.50 -88.08 -21.25
CA LYS A 89 -16.41 -88.64 -20.44
C LYS A 89 -16.74 -90.04 -19.96
N VAL A 90 -18.01 -90.33 -19.69
CA VAL A 90 -18.39 -91.69 -19.31
C VAL A 90 -18.08 -92.66 -20.44
N ARG A 91 -18.39 -92.28 -21.68
CA ARG A 91 -18.07 -93.13 -22.81
C ARG A 91 -16.56 -93.28 -22.99
N TRP A 92 -15.81 -92.19 -22.81
CA TRP A 92 -14.36 -92.27 -22.92
C TRP A 92 -13.77 -93.24 -21.90
N LEU A 93 -14.23 -93.15 -20.65
CA LEU A 93 -13.70 -94.04 -19.62
C LEU A 93 -14.19 -95.46 -19.80
N LYS A 94 -15.38 -95.65 -20.36
CA LYS A 94 -15.84 -97.00 -20.71
C LYS A 94 -14.97 -97.60 -21.79
N LYS A 95 -14.54 -96.80 -22.76
CA LYS A 95 -13.55 -97.27 -23.72
C LYS A 95 -12.23 -97.57 -23.02
N GLU A 96 -11.87 -96.76 -22.02
CA GLU A 96 -10.53 -96.85 -21.44
C GLU A 96 -10.35 -98.06 -20.52
N MET A 97 -11.33 -98.38 -19.66
CA MET A 97 -11.03 -99.34 -18.61
C MET A 97 -10.90 -100.77 -19.15
N GLU A 98 -11.15 -100.98 -20.44
CA GLU A 98 -11.02 -102.31 -21.02
C GLU A 98 -9.63 -102.88 -20.81
N LYS A 99 -8.58 -102.05 -20.95
CA LYS A 99 -7.22 -102.52 -20.74
C LYS A 99 -6.93 -102.85 -19.29
N TYR A 100 -7.80 -102.48 -18.37
CA TYR A 100 -7.70 -102.81 -16.96
C TYR A 100 -8.96 -103.51 -16.47
N ALA A 101 -9.57 -104.30 -17.36
CA ALA A 101 -10.79 -105.03 -17.03
C ALA A 101 -10.55 -106.17 -16.04
N ASP A 102 -9.29 -106.52 -15.77
CA ASP A 102 -8.97 -107.62 -14.88
C ASP A 102 -8.07 -107.22 -13.72
N ARG A 103 -7.56 -106.00 -13.70
CA ARG A 103 -6.54 -105.58 -12.72
C ARG A 103 -7.22 -105.35 -11.38
N GLU A 104 -7.40 -106.44 -10.63
CA GLU A 104 -7.99 -106.36 -9.30
C GLU A 104 -7.09 -105.58 -8.35
N ASP A 105 -5.78 -105.82 -8.43
CA ASP A 105 -4.83 -105.10 -7.59
C ASP A 105 -4.76 -103.61 -7.91
N MET A 106 -5.28 -103.20 -9.05
CA MET A 106 -5.23 -101.80 -9.46
C MET A 106 -6.12 -100.95 -8.57
N ILE A 107 -5.71 -99.71 -8.35
CA ILE A 107 -6.56 -98.70 -7.72
C ILE A 107 -6.57 -97.48 -8.62
N ILE A 108 -7.77 -96.99 -8.92
CA ILE A 108 -7.98 -95.98 -9.95
C ILE A 108 -8.72 -94.79 -9.35
N MET A 109 -8.23 -93.59 -9.64
CA MET A 109 -8.83 -92.37 -9.13
C MET A 109 -9.20 -91.48 -10.31
N PHE A 110 -10.48 -91.14 -10.42
CA PHE A 110 -10.99 -90.32 -11.50
C PHE A 110 -11.54 -89.01 -10.94
N VAL A 111 -11.44 -87.95 -11.74
CA VAL A 111 -11.79 -86.62 -11.28
C VAL A 111 -11.91 -85.73 -12.51
N ASP A 112 -12.62 -84.61 -12.38
CA ASP A 112 -12.54 -83.57 -13.39
C ASP A 112 -11.11 -83.02 -13.44
N SER A 113 -10.87 -82.14 -14.41
CA SER A 113 -9.54 -81.58 -14.55
C SER A 113 -9.57 -80.08 -14.86
N TYR A 114 -10.67 -79.40 -14.62
CA TYR A 114 -10.78 -77.96 -14.86
C TYR A 114 -10.78 -77.14 -13.58
N ASP A 115 -11.54 -77.55 -12.57
CA ASP A 115 -11.64 -76.83 -11.32
C ASP A 115 -11.33 -77.73 -10.14
N VAL A 116 -10.24 -78.50 -10.25
CA VAL A 116 -9.80 -79.38 -9.18
C VAL A 116 -8.30 -79.21 -9.01
N ILE A 117 -7.86 -79.02 -7.77
CA ILE A 117 -6.46 -78.79 -7.46
C ILE A 117 -6.06 -79.69 -6.30
N LEU A 118 -5.11 -80.58 -6.53
CA LEU A 118 -4.70 -81.54 -5.51
C LEU A 118 -3.99 -80.84 -4.36
N ALA A 119 -4.03 -81.45 -3.18
CA ALA A 119 -3.46 -80.87 -1.97
C ALA A 119 -2.63 -81.83 -1.12
N GLY A 120 -2.81 -83.14 -1.24
CA GLY A 120 -2.17 -84.05 -0.32
C GLY A 120 -1.34 -85.17 -0.91
N SER A 121 -0.51 -85.79 -0.09
CA SER A 121 0.39 -86.84 -0.55
C SER A 121 -0.39 -88.10 -0.92
N PRO A 122 0.09 -88.86 -1.92
CA PRO A 122 -0.63 -90.09 -2.30
C PRO A 122 -0.68 -91.13 -1.19
N THR A 123 0.37 -91.23 -0.38
CA THR A 123 0.41 -92.25 0.65
C THR A 123 -0.70 -92.04 1.68
N GLU A 124 -0.93 -90.78 2.06
CA GLU A 124 -2.02 -90.50 2.99
C GLU A 124 -3.36 -90.86 2.38
N LEU A 125 -3.53 -90.62 1.08
CA LEU A 125 -4.77 -90.98 0.40
C LEU A 125 -4.99 -92.49 0.43
N LEU A 126 -3.94 -93.26 0.15
CA LEU A 126 -4.05 -94.72 0.20
C LEU A 126 -4.37 -95.19 1.60
N LYS A 127 -3.72 -94.61 2.61
CA LYS A 127 -4.00 -94.99 3.99
C LYS A 127 -5.45 -94.68 4.35
N LYS A 128 -5.95 -93.52 3.93
CA LYS A 128 -7.32 -93.15 4.23
C LYS A 128 -8.31 -94.09 3.55
N PHE A 129 -8.06 -94.45 2.29
CA PHE A 129 -8.94 -95.39 1.62
C PHE A 129 -8.91 -96.75 2.30
N VAL A 130 -7.73 -97.20 2.72
CA VAL A 130 -7.64 -98.46 3.46
C VAL A 130 -8.45 -98.37 4.74
N GLN A 131 -8.37 -97.24 5.44
CA GLN A 131 -9.13 -97.05 6.67
C GLN A 131 -10.62 -97.12 6.41
N SER A 132 -11.10 -96.50 5.32
CA SER A 132 -12.52 -96.56 5.01
C SER A 132 -12.95 -97.99 4.72
N GLY A 133 -12.17 -98.72 3.93
CA GLY A 133 -12.42 -100.13 3.70
C GLY A 133 -13.52 -100.46 2.74
N SER A 134 -14.13 -99.47 2.09
CA SER A 134 -15.21 -99.73 1.15
C SER A 134 -14.64 -100.02 -0.25
N ARG A 135 -15.51 -100.50 -1.13
CA ARG A 135 -15.10 -100.83 -2.49
C ARG A 135 -15.24 -99.67 -3.46
N LEU A 136 -16.10 -98.69 -3.15
CA LEU A 136 -16.22 -97.50 -3.97
C LEU A 136 -16.61 -96.34 -3.08
N LEU A 137 -15.90 -95.21 -3.22
CA LEU A 137 -16.17 -94.01 -2.46
C LEU A 137 -16.51 -92.89 -3.43
N PHE A 138 -17.59 -92.16 -3.14
CA PHE A 138 -18.03 -91.05 -3.97
C PHE A 138 -17.90 -89.75 -3.21
N SER A 139 -18.02 -88.64 -3.95
CA SER A 139 -17.92 -87.32 -3.36
C SER A 139 -19.26 -86.90 -2.76
N ALA A 140 -19.23 -86.48 -1.50
CA ALA A 140 -20.42 -86.04 -0.80
C ALA A 140 -20.76 -84.60 -1.19
N GLU A 141 -22.05 -84.27 -1.13
CA GLU A 141 -22.51 -82.94 -1.47
C GLU A 141 -23.77 -82.63 -0.68
N SER A 142 -24.05 -81.34 -0.49
CA SER A 142 -25.14 -80.93 0.38
C SER A 142 -26.49 -80.89 -0.34
N PHE A 143 -26.48 -80.68 -1.66
CA PHE A 143 -27.72 -80.52 -2.42
C PHE A 143 -28.01 -81.75 -3.26
N CYS A 144 -29.20 -81.74 -3.87
CA CYS A 144 -29.60 -82.72 -4.88
C CYS A 144 -29.71 -81.95 -6.18
N TRP A 145 -28.64 -82.00 -6.99
CA TRP A 145 -28.56 -81.10 -8.14
C TRP A 145 -29.54 -81.48 -9.25
N PRO A 146 -29.47 -82.68 -9.84
CA PRO A 146 -30.30 -82.91 -11.03
C PRO A 146 -31.77 -83.06 -10.73
N GLU A 147 -32.13 -83.74 -9.65
CA GLU A 147 -33.52 -84.00 -9.32
C GLU A 147 -33.74 -83.73 -7.84
N TRP A 148 -35.01 -83.53 -7.48
CA TRP A 148 -35.40 -83.21 -6.11
C TRP A 148 -36.27 -84.28 -5.48
N GLY A 149 -37.27 -84.80 -6.22
CA GLY A 149 -38.20 -85.73 -5.62
C GLY A 149 -37.56 -87.03 -5.18
N LEU A 150 -36.38 -87.35 -5.70
CA LEU A 150 -35.65 -88.55 -5.31
C LEU A 150 -34.76 -88.33 -4.10
N ALA A 151 -35.02 -87.30 -3.30
CA ALA A 151 -34.17 -87.00 -2.16
C ALA A 151 -34.38 -87.98 -1.02
N GLU A 152 -35.64 -88.29 -0.69
CA GLU A 152 -35.93 -89.01 0.55
C GLU A 152 -35.48 -90.47 0.51
N GLN A 153 -35.27 -91.04 -0.67
CA GLN A 153 -34.87 -92.44 -0.75
C GLN A 153 -33.46 -92.68 -0.20
N TYR A 154 -32.67 -91.63 -0.05
CA TYR A 154 -31.29 -91.80 0.38
C TYR A 154 -31.23 -92.28 1.83
N PRO A 155 -30.23 -93.10 2.18
CA PRO A 155 -30.07 -93.48 3.58
C PRO A 155 -29.74 -92.26 4.44
N GLU A 156 -30.18 -92.30 5.69
CA GLU A 156 -29.99 -91.18 6.59
C GLU A 156 -28.54 -91.10 7.06
N VAL A 157 -28.05 -89.87 7.18
CA VAL A 157 -26.69 -89.60 7.67
C VAL A 157 -26.81 -88.63 8.83
N GLY A 158 -26.11 -88.92 9.92
CA GLY A 158 -26.22 -88.12 11.13
C GLY A 158 -25.81 -86.67 10.97
N THR A 159 -24.52 -86.43 10.74
CA THR A 159 -24.00 -85.06 10.64
C THR A 159 -23.43 -84.74 9.27
N GLY A 160 -22.90 -85.73 8.56
CA GLY A 160 -22.31 -85.49 7.27
C GLY A 160 -23.35 -85.26 6.20
N LYS A 161 -22.87 -84.91 5.01
CA LYS A 161 -23.75 -84.71 3.87
C LYS A 161 -24.43 -86.02 3.49
N ARG A 162 -25.66 -85.91 3.01
CA ARG A 162 -26.48 -87.08 2.69
C ARG A 162 -26.47 -87.45 1.21
N PHE A 163 -26.54 -86.46 0.32
CA PHE A 163 -26.71 -86.74 -1.09
C PHE A 163 -25.37 -87.07 -1.75
N LEU A 164 -25.41 -87.26 -3.06
CA LEU A 164 -24.29 -87.82 -3.82
C LEU A 164 -23.89 -86.86 -4.94
N ASN A 165 -22.58 -86.78 -5.18
CA ASN A 165 -22.04 -85.97 -6.27
C ASN A 165 -21.11 -86.81 -7.12
N SER A 166 -21.11 -86.54 -8.43
CA SER A 166 -20.31 -87.30 -9.38
C SER A 166 -18.99 -86.62 -9.73
N GLY A 167 -18.41 -85.86 -8.80
CA GLY A 167 -17.18 -85.15 -9.08
C GLY A 167 -15.96 -86.03 -9.23
N GLY A 168 -15.95 -87.20 -8.60
CA GLY A 168 -14.81 -88.09 -8.65
C GLY A 168 -14.98 -89.22 -7.67
N PHE A 169 -14.10 -90.21 -7.80
CA PHE A 169 -14.26 -91.40 -6.97
C PHE A 169 -12.94 -92.14 -6.81
N ILE A 170 -12.94 -93.01 -5.80
CA ILE A 170 -11.88 -93.98 -5.55
C ILE A 170 -12.51 -95.36 -5.46
N GLY A 171 -11.85 -96.35 -6.06
CA GLY A 171 -12.38 -97.70 -6.04
C GLY A 171 -11.54 -98.60 -6.93
N PHE A 172 -11.71 -99.90 -6.72
CA PHE A 172 -10.95 -100.88 -7.45
C PHE A 172 -11.39 -100.95 -8.92
N ALA A 173 -10.48 -101.41 -9.78
CA ALA A 173 -10.74 -101.41 -11.21
C ALA A 173 -11.90 -102.33 -11.57
N THR A 174 -11.98 -103.49 -10.93
CA THR A 174 -13.08 -104.41 -11.21
C THR A 174 -14.42 -103.79 -10.80
N THR A 175 -14.45 -103.09 -9.67
CA THR A 175 -15.69 -102.47 -9.20
C THR A 175 -16.17 -101.41 -10.18
N ILE A 176 -15.28 -100.52 -10.61
CA ILE A 176 -15.69 -99.47 -11.52
C ILE A 176 -16.08 -100.05 -12.87
N HIS A 177 -15.36 -101.08 -13.31
CA HIS A 177 -15.76 -101.79 -14.53
C HIS A 177 -17.20 -102.30 -14.41
N GLN A 178 -17.50 -103.00 -13.31
CA GLN A 178 -18.84 -103.54 -13.13
C GLN A 178 -19.88 -102.44 -13.04
N ILE A 179 -19.49 -101.26 -12.55
CA ILE A 179 -20.48 -100.22 -12.35
C ILE A 179 -20.71 -99.39 -13.62
N VAL A 180 -19.74 -99.35 -14.54
CA VAL A 180 -19.91 -98.54 -15.75
C VAL A 180 -20.30 -99.38 -16.96
N ARG A 181 -20.08 -100.70 -16.92
CA ARG A 181 -20.32 -101.52 -18.10
C ARG A 181 -21.76 -101.40 -18.60
N GLN A 182 -22.70 -101.07 -17.73
CA GLN A 182 -24.11 -100.96 -18.10
C GLN A 182 -24.45 -99.68 -18.85
N TRP A 183 -23.50 -98.76 -19.01
CA TRP A 183 -23.80 -97.50 -19.69
C TRP A 183 -24.15 -97.74 -21.15
N LYS A 184 -25.37 -97.37 -21.53
CA LYS A 184 -25.78 -97.37 -22.94
C LYS A 184 -26.80 -96.24 -23.11
N TYR A 185 -26.30 -95.06 -23.49
CA TYR A 185 -27.12 -93.87 -23.60
C TYR A 185 -26.54 -92.96 -24.67
N LYS A 186 -27.21 -91.83 -24.89
CA LYS A 186 -26.71 -90.83 -25.80
C LYS A 186 -25.52 -90.08 -25.19
N ASP A 187 -24.68 -89.52 -26.06
CA ASP A 187 -23.52 -88.76 -25.61
C ASP A 187 -23.92 -87.45 -24.95
N ASP A 188 -25.16 -87.00 -25.14
CA ASP A 188 -25.64 -85.76 -24.55
C ASP A 188 -26.40 -85.99 -23.24
N ASP A 189 -26.46 -87.21 -22.75
CA ASP A 189 -27.18 -87.50 -21.52
C ASP A 189 -26.37 -87.08 -20.31
N ASP A 190 -27.07 -86.84 -19.20
CA ASP A 190 -26.41 -86.52 -17.95
C ASP A 190 -25.87 -87.79 -17.29
N ASP A 191 -24.90 -87.59 -16.40
CA ASP A 191 -24.21 -88.68 -15.72
C ASP A 191 -24.61 -88.81 -14.26
N GLN A 192 -24.84 -87.68 -13.59
CA GLN A 192 -25.07 -87.70 -12.15
C GLN A 192 -26.38 -88.41 -11.82
N LEU A 193 -27.44 -88.18 -12.60
CA LEU A 193 -28.70 -88.86 -12.32
C LEU A 193 -28.57 -90.36 -12.52
N PHE A 194 -27.82 -90.78 -13.54
CA PHE A 194 -27.61 -92.20 -13.77
C PHE A 194 -26.83 -92.83 -12.61
N TYR A 195 -25.80 -92.13 -12.12
CA TYR A 195 -25.06 -92.63 -10.98
C TYR A 195 -25.95 -92.73 -9.74
N THR A 196 -26.80 -91.73 -9.53
CA THR A 196 -27.71 -91.77 -8.38
C THR A 196 -28.71 -92.92 -8.51
N ARG A 197 -29.23 -93.14 -9.72
CA ARG A 197 -30.15 -94.24 -9.93
C ARG A 197 -29.47 -95.59 -9.68
N LEU A 198 -28.22 -95.72 -10.12
CA LEU A 198 -27.47 -96.95 -9.84
C LEU A 198 -27.25 -97.12 -8.34
N TYR A 199 -26.93 -96.03 -7.64
CA TYR A 199 -26.62 -96.12 -6.22
C TYR A 199 -27.88 -96.35 -5.38
N LEU A 200 -29.04 -95.89 -5.84
CA LEU A 200 -30.24 -95.90 -5.03
C LEU A 200 -30.72 -97.31 -4.70
N ASP A 201 -30.38 -98.30 -5.50
CA ASP A 201 -30.83 -99.66 -5.23
C ASP A 201 -30.05 -100.23 -4.06
N PRO A 202 -30.70 -100.66 -2.98
CA PRO A 202 -29.98 -101.22 -1.84
C PRO A 202 -29.20 -102.48 -2.18
N GLY A 203 -29.73 -103.29 -3.10
CA GLY A 203 -29.12 -104.58 -3.38
C GLY A 203 -27.74 -104.45 -4.00
N LEU A 204 -27.63 -103.70 -5.10
CA LEU A 204 -26.33 -103.54 -5.74
C LEU A 204 -25.39 -102.71 -4.88
N ARG A 205 -25.93 -101.75 -4.13
CA ARG A 205 -25.08 -100.98 -3.22
C ARG A 205 -24.45 -101.88 -2.16
N GLU A 206 -25.24 -102.79 -1.58
CA GLU A 206 -24.67 -103.75 -0.64
C GLU A 206 -23.68 -104.68 -1.32
N LYS A 207 -24.03 -105.15 -2.53
CA LYS A 207 -23.13 -106.04 -3.25
C LYS A 207 -21.83 -105.35 -3.62
N LEU A 208 -21.91 -104.13 -4.13
CA LEU A 208 -20.73 -103.40 -4.59
C LEU A 208 -20.12 -102.51 -3.52
N SER A 209 -20.67 -102.51 -2.31
CA SER A 209 -20.13 -101.75 -1.18
C SER A 209 -20.01 -100.26 -1.51
N LEU A 210 -21.04 -99.72 -2.16
CA LEU A 210 -21.07 -98.28 -2.44
C LEU A 210 -21.14 -97.50 -1.14
N ASN A 211 -20.37 -96.42 -1.07
CA ASN A 211 -20.28 -95.65 0.18
C ASN A 211 -19.97 -94.20 -0.16
N LEU A 212 -20.35 -93.32 0.76
CA LEU A 212 -20.15 -91.89 0.63
C LEU A 212 -19.33 -91.36 1.80
N ASP A 213 -18.41 -90.46 1.51
CA ASP A 213 -17.57 -89.84 2.53
C ASP A 213 -18.34 -88.65 3.09
N HIS A 214 -19.28 -88.92 3.99
CA HIS A 214 -20.18 -87.89 4.48
C HIS A 214 -19.44 -86.82 5.27
N LYS A 215 -18.36 -87.19 5.96
CA LYS A 215 -17.63 -86.27 6.82
C LYS A 215 -16.46 -85.61 6.11
N SER A 216 -16.39 -85.73 4.79
CA SER A 216 -15.38 -85.05 3.97
C SER A 216 -13.97 -85.41 4.44
N ARG A 217 -13.63 -86.69 4.31
CA ARG A 217 -12.29 -87.16 4.65
C ARG A 217 -11.38 -87.27 3.43
N ILE A 218 -11.94 -87.30 2.23
CA ILE A 218 -11.17 -87.39 0.99
C ILE A 218 -11.43 -86.20 0.08
N PHE A 219 -12.70 -85.87 -0.14
CA PHE A 219 -13.08 -84.82 -1.06
C PHE A 219 -13.86 -83.73 -0.33
N GLN A 220 -13.66 -82.49 -0.77
CA GLN A 220 -14.26 -81.32 -0.14
C GLN A 220 -14.84 -80.44 -1.24
N ASN A 221 -16.15 -80.49 -1.40
CA ASN A 221 -16.83 -79.73 -2.44
C ASN A 221 -17.22 -78.36 -1.90
N LEU A 222 -16.63 -77.31 -2.47
CA LEU A 222 -16.85 -75.95 -2.00
C LEU A 222 -18.28 -75.47 -2.18
N ASN A 223 -19.14 -76.25 -2.83
CA ASN A 223 -20.51 -75.83 -3.06
C ASN A 223 -21.31 -75.95 -1.77
N GLY A 224 -21.73 -74.81 -1.22
CA GLY A 224 -22.57 -74.77 -0.06
C GLY A 224 -21.87 -74.99 1.27
N ALA A 225 -20.54 -75.14 1.27
CA ALA A 225 -19.77 -75.32 2.49
C ALA A 225 -18.63 -74.30 2.54
N LEU A 226 -18.90 -73.10 2.05
CA LEU A 226 -17.85 -72.09 1.92
C LEU A 226 -17.30 -71.66 3.27
N ASP A 227 -18.12 -71.71 4.32
CA ASP A 227 -17.69 -71.25 5.63
C ASP A 227 -17.02 -72.34 6.46
N GLU A 228 -16.93 -73.56 5.94
CA GLU A 228 -16.34 -74.68 6.67
C GLU A 228 -14.91 -74.97 6.27
N VAL A 229 -14.22 -73.99 5.68
CA VAL A 229 -12.86 -74.20 5.21
C VAL A 229 -11.98 -73.02 5.66
N VAL A 230 -10.79 -73.35 6.16
CA VAL A 230 -9.78 -72.35 6.51
C VAL A 230 -8.43 -72.89 6.10
N LEU A 231 -7.49 -71.97 5.87
CA LEU A 231 -6.17 -72.33 5.38
C LEU A 231 -5.23 -72.55 6.55
N LYS A 232 -4.66 -73.75 6.62
CA LYS A 232 -3.68 -74.11 7.65
C LYS A 232 -2.30 -74.06 7.01
N PHE A 233 -1.57 -72.99 7.30
CA PHE A 233 -0.24 -72.82 6.74
C PHE A 233 0.72 -73.87 7.29
N ASP A 234 1.94 -73.85 6.76
CA ASP A 234 3.03 -74.67 7.25
C ASP A 234 4.33 -74.06 6.77
N ARG A 235 5.43 -74.78 6.94
CA ARG A 235 6.74 -74.19 6.68
C ARG A 235 7.00 -74.03 5.18
N ASN A 236 6.78 -75.08 4.40
CA ASN A 236 7.11 -75.06 2.99
C ASN A 236 5.98 -75.56 2.09
N ARG A 237 4.82 -75.87 2.66
CA ARG A 237 3.65 -76.23 1.88
C ARG A 237 2.41 -75.77 2.63
N VAL A 238 1.32 -75.61 1.90
CA VAL A 238 0.07 -75.16 2.48
C VAL A 238 -0.94 -76.29 2.39
N ARG A 239 -2.12 -76.07 2.95
CA ARG A 239 -3.17 -77.07 2.94
C ARG A 239 -4.48 -76.38 3.30
N ILE A 240 -5.55 -77.17 3.39
CA ILE A 240 -6.84 -76.66 3.85
C ILE A 240 -7.32 -77.56 4.97
N ARG A 241 -8.13 -76.98 5.87
CA ARG A 241 -8.62 -77.67 7.05
C ARG A 241 -10.10 -77.39 7.22
N ASN A 242 -10.88 -78.44 7.40
CA ASN A 242 -12.32 -78.32 7.60
C ASN A 242 -12.58 -78.31 9.11
N VAL A 243 -13.07 -77.18 9.61
CA VAL A 243 -13.20 -76.99 11.06
C VAL A 243 -14.31 -77.86 11.63
N ALA A 244 -15.44 -77.96 10.93
CA ALA A 244 -16.62 -78.61 11.51
C ALA A 244 -16.35 -80.07 11.83
N TYR A 245 -15.70 -80.79 10.93
CA TYR A 245 -15.37 -82.19 11.14
C TYR A 245 -13.94 -82.40 11.61
N ASP A 246 -13.14 -81.34 11.65
CA ASP A 246 -11.75 -81.39 12.14
C ASP A 246 -10.96 -82.47 11.41
N THR A 247 -10.87 -82.30 10.08
CA THR A 247 -10.12 -83.25 9.26
C THR A 247 -9.55 -82.49 8.06
N LEU A 248 -8.49 -83.06 7.48
CA LEU A 248 -7.80 -82.46 6.35
C LEU A 248 -8.15 -83.19 5.07
N PRO A 249 -8.74 -82.52 4.08
CA PRO A 249 -9.04 -83.19 2.81
C PRO A 249 -7.78 -83.40 1.98
N ILE A 250 -7.99 -83.97 0.80
CA ILE A 250 -6.91 -84.18 -0.17
C ILE A 250 -7.21 -83.52 -1.50
N VAL A 251 -8.43 -83.69 -2.02
CA VAL A 251 -8.81 -83.17 -3.32
C VAL A 251 -9.99 -82.23 -3.12
N VAL A 252 -9.85 -81.00 -3.60
CA VAL A 252 -10.90 -79.99 -3.52
C VAL A 252 -11.46 -79.78 -4.91
N HIS A 253 -12.79 -79.72 -5.02
CA HIS A 253 -13.47 -79.60 -6.30
C HIS A 253 -14.44 -78.41 -6.23
N GLY A 254 -13.96 -77.25 -6.65
CA GLY A 254 -14.74 -76.04 -6.59
C GLY A 254 -15.81 -75.95 -7.65
N ASN A 255 -16.73 -76.91 -7.65
CA ASN A 255 -17.76 -76.99 -8.67
C ASN A 255 -18.82 -75.91 -8.46
N GLY A 256 -19.84 -75.93 -9.32
CA GLY A 256 -20.91 -74.97 -9.25
C GLY A 256 -20.46 -73.58 -9.59
N PRO A 257 -21.18 -72.58 -9.09
CA PRO A 257 -20.79 -71.16 -9.28
C PRO A 257 -19.75 -70.70 -8.27
N THR A 258 -18.67 -71.48 -8.14
CA THR A 258 -17.63 -71.24 -7.15
C THR A 258 -16.24 -71.20 -7.78
N LYS A 259 -16.15 -70.85 -9.06
CA LYS A 259 -14.86 -70.82 -9.71
C LYS A 259 -13.97 -69.73 -9.13
N LEU A 260 -14.55 -68.59 -8.75
CA LEU A 260 -13.75 -67.51 -8.18
C LEU A 260 -13.07 -67.94 -6.89
N GLN A 261 -13.81 -68.65 -6.02
CA GLN A 261 -13.25 -69.04 -4.73
C GLN A 261 -12.12 -70.05 -4.89
N LEU A 262 -12.29 -71.04 -5.77
CA LEU A 262 -11.19 -71.97 -5.99
C LEU A 262 -10.02 -71.29 -6.66
N ASN A 263 -10.27 -70.32 -7.52
CA ASN A 263 -9.18 -69.55 -8.11
C ASN A 263 -8.40 -68.81 -7.03
N TYR A 264 -9.11 -68.21 -6.08
CA TYR A 264 -8.43 -67.57 -4.96
C TYR A 264 -7.62 -68.59 -4.15
N LEU A 265 -8.21 -69.75 -3.88
CA LEU A 265 -7.51 -70.78 -3.12
C LEU A 265 -6.32 -71.34 -3.86
N GLY A 266 -6.27 -71.20 -5.18
CA GLY A 266 -5.15 -71.73 -5.94
C GLY A 266 -3.90 -70.90 -5.89
N ASN A 267 -3.94 -69.78 -5.16
CA ASN A 267 -2.74 -68.96 -5.02
C ASN A 267 -1.73 -69.57 -4.08
N TYR A 268 -2.17 -70.37 -3.11
CA TYR A 268 -1.27 -70.93 -2.10
C TYR A 268 -1.08 -72.44 -2.24
N VAL A 269 -2.15 -73.21 -2.18
CA VAL A 269 -1.99 -74.67 -2.13
C VAL A 269 -1.54 -75.17 -3.49
N PRO A 270 -0.52 -76.04 -3.57
CA PRO A 270 0.27 -76.55 -2.47
C PRO A 270 1.69 -76.03 -2.45
N ASN A 271 2.07 -75.10 -3.34
CA ASN A 271 3.38 -74.47 -3.26
C ASN A 271 3.32 -73.00 -3.64
N GLY A 272 2.16 -72.37 -3.51
CA GLY A 272 1.98 -71.02 -3.99
C GLY A 272 2.87 -69.99 -3.33
N TRP A 273 2.64 -69.72 -2.04
CA TRP A 273 3.47 -68.77 -1.31
C TRP A 273 3.68 -69.29 0.10
N THR A 274 4.72 -70.00 0.29
CA THR A 274 5.01 -70.40 1.66
C THR A 274 6.04 -69.47 2.26
N PRO A 275 5.91 -69.15 3.55
CA PRO A 275 6.81 -68.15 4.15
C PRO A 275 8.28 -68.51 4.07
N GLU A 276 8.62 -69.79 4.07
CA GLU A 276 10.01 -70.24 4.00
C GLU A 276 10.37 -70.48 2.54
N GLY A 277 10.84 -69.45 1.86
CA GLY A 277 11.37 -69.61 0.52
C GLY A 277 10.76 -68.72 -0.53
N GLY A 278 9.84 -67.85 -0.13
CA GLY A 278 9.24 -66.97 -1.11
C GLY A 278 8.27 -67.70 -2.03
N CYS A 279 7.92 -67.02 -3.13
CA CYS A 279 6.93 -67.55 -4.05
C CYS A 279 7.45 -68.80 -4.75
N GLY A 280 6.53 -69.55 -5.33
CA GLY A 280 6.87 -70.82 -5.96
C GLY A 280 6.88 -70.75 -7.46
N PHE A 281 5.80 -71.23 -8.10
CA PHE A 281 5.68 -71.12 -9.55
C PHE A 281 5.45 -69.65 -9.90
N CYS A 282 6.44 -68.82 -9.65
CA CYS A 282 6.30 -67.37 -9.82
C CYS A 282 7.50 -66.72 -10.48
N ASN A 283 8.66 -67.37 -10.56
CA ASN A 283 9.84 -66.81 -11.19
C ASN A 283 10.25 -67.54 -12.46
N GLN A 284 9.83 -68.79 -12.63
CA GLN A 284 10.14 -69.54 -13.83
C GLN A 284 9.18 -69.14 -14.95
N ASP A 285 9.32 -69.81 -16.10
CA ASP A 285 8.53 -69.55 -17.29
C ASP A 285 8.68 -68.08 -17.71
N ARG A 286 9.91 -67.75 -18.09
CA ARG A 286 10.27 -66.42 -18.55
C ARG A 286 10.97 -66.51 -19.90
N ARG A 287 10.61 -65.60 -20.81
CA ARG A 287 11.23 -65.60 -22.13
C ARG A 287 12.65 -65.07 -22.07
N THR A 288 12.87 -63.99 -21.32
CA THR A 288 14.13 -63.27 -21.21
C THR A 288 14.58 -62.66 -22.54
N LEU A 289 13.67 -62.55 -23.51
CA LEU A 289 13.90 -61.97 -24.83
C LEU A 289 15.28 -62.32 -25.40
N PRO A 290 15.53 -63.58 -25.71
CA PRO A 290 16.85 -63.97 -26.23
C PRO A 290 16.89 -63.89 -27.75
N GLY A 291 18.09 -64.10 -28.29
CA GLY A 291 18.30 -64.16 -29.73
C GLY A 291 18.73 -62.87 -30.37
N GLY A 292 18.56 -61.74 -29.70
CA GLY A 292 18.95 -60.46 -30.27
C GLY A 292 18.03 -59.94 -31.36
N GLN A 293 16.95 -60.64 -31.67
CA GLN A 293 16.02 -60.19 -32.69
C GLN A 293 15.26 -58.96 -32.20
N PRO A 294 14.71 -58.17 -33.12
CA PRO A 294 13.86 -57.05 -32.71
C PRO A 294 12.74 -57.53 -31.81
N PRO A 295 12.49 -56.84 -30.69
CA PRO A 295 11.52 -57.34 -29.72
C PRO A 295 10.15 -57.45 -30.35
N PRO A 296 9.34 -58.42 -29.91
CA PRO A 296 8.03 -58.61 -30.53
C PRO A 296 7.18 -57.34 -30.46
N ARG A 297 6.42 -57.10 -31.52
CA ARG A 297 5.77 -55.82 -31.71
C ARG A 297 4.75 -55.55 -30.61
N VAL A 298 4.41 -54.27 -30.45
CA VAL A 298 3.50 -53.81 -29.42
C VAL A 298 2.61 -52.73 -30.02
N PHE A 299 1.31 -52.81 -29.72
CA PHE A 299 0.36 -51.79 -30.14
C PHE A 299 -0.10 -51.04 -28.89
N LEU A 300 0.66 -50.00 -28.54
CA LEU A 300 0.37 -49.22 -27.35
C LEU A 300 -0.95 -48.47 -27.52
N ALA A 301 -1.42 -47.89 -26.42
CA ALA A 301 -2.64 -47.09 -26.45
C ALA A 301 -2.61 -46.10 -25.31
N VAL A 302 -3.46 -45.09 -25.40
CA VAL A 302 -3.59 -44.05 -24.39
C VAL A 302 -5.01 -43.53 -24.44
N PHE A 303 -5.69 -43.48 -23.29
CA PHE A 303 -7.10 -43.11 -23.21
C PHE A 303 -7.24 -41.94 -22.25
N VAL A 304 -7.11 -40.72 -22.78
CA VAL A 304 -7.21 -39.52 -21.94
C VAL A 304 -8.69 -39.16 -21.82
N GLU A 305 -9.31 -39.54 -20.72
CA GLU A 305 -10.68 -39.13 -20.41
C GLU A 305 -10.70 -38.60 -18.98
N GLN A 306 -11.84 -38.00 -18.60
CA GLN A 306 -12.04 -37.51 -17.24
C GLN A 306 -10.87 -36.63 -16.84
N PRO A 307 -10.82 -35.37 -17.31
CA PRO A 307 -9.54 -34.65 -17.46
C PRO A 307 -8.52 -34.90 -16.37
N THR A 308 -7.37 -35.42 -16.77
CA THR A 308 -6.33 -35.85 -15.84
C THR A 308 -5.29 -34.75 -15.72
N PRO A 309 -4.99 -34.28 -14.51
CA PRO A 309 -3.95 -33.27 -14.35
C PRO A 309 -2.57 -33.85 -14.63
N PHE A 310 -1.62 -32.94 -14.87
CA PHE A 310 -0.25 -33.30 -15.21
C PHE A 310 -0.20 -34.16 -16.48
N LEU A 311 -1.09 -33.85 -17.42
CA LEU A 311 -1.08 -34.52 -18.71
C LEU A 311 0.21 -34.32 -19.49
N PRO A 312 0.76 -33.10 -19.61
CA PRO A 312 2.01 -32.95 -20.38
C PRO A 312 3.15 -33.80 -19.84
N ARG A 313 3.26 -33.94 -18.52
CA ARG A 313 4.29 -34.81 -17.95
C ARG A 313 4.07 -36.25 -18.40
N PHE A 314 2.82 -36.70 -18.40
CA PHE A 314 2.51 -38.06 -18.85
C PHE A 314 2.89 -38.25 -20.31
N LEU A 315 2.54 -37.29 -21.17
CA LEU A 315 2.88 -37.40 -22.59
C LEU A 315 4.38 -37.40 -22.79
N GLN A 316 5.10 -36.55 -22.05
CA GLN A 316 6.57 -36.54 -22.15
C GLN A 316 7.16 -37.86 -21.70
N ARG A 317 6.65 -38.41 -20.58
CA ARG A 317 7.14 -39.67 -20.07
C ARG A 317 6.84 -40.83 -21.02
N LEU A 318 5.81 -40.70 -21.85
CA LEU A 318 5.52 -41.75 -22.83
C LEU A 318 6.74 -42.12 -23.66
N LEU A 319 7.50 -41.13 -24.12
CA LEU A 319 8.57 -41.39 -25.08
C LEU A 319 9.74 -42.16 -24.45
N LEU A 320 10.10 -41.86 -23.21
CA LEU A 320 11.31 -42.42 -22.62
C LEU A 320 11.20 -43.90 -22.27
N LEU A 321 10.11 -44.57 -22.64
CA LEU A 321 9.97 -45.99 -22.36
C LEU A 321 11.09 -46.77 -23.05
N ASP A 322 11.73 -47.66 -22.29
CA ASP A 322 12.89 -48.40 -22.79
C ASP A 322 12.42 -49.49 -23.75
N TYR A 323 12.16 -49.07 -24.99
CA TYR A 323 11.71 -49.97 -26.04
C TYR A 323 11.98 -49.27 -27.37
N PRO A 324 12.63 -49.93 -28.32
CA PRO A 324 12.98 -49.26 -29.58
C PRO A 324 11.74 -48.72 -30.27
N PRO A 325 11.81 -47.50 -30.80
CA PRO A 325 10.59 -46.86 -31.33
C PRO A 325 10.04 -47.51 -32.60
N ASP A 326 10.77 -48.44 -33.21
CA ASP A 326 10.31 -49.04 -34.46
C ASP A 326 9.21 -50.06 -34.25
N ARG A 327 9.05 -50.58 -33.04
CA ARG A 327 8.14 -51.70 -32.79
C ARG A 327 6.88 -51.29 -32.04
N VAL A 328 6.59 -49.99 -31.96
CA VAL A 328 5.49 -49.47 -31.15
C VAL A 328 4.55 -48.67 -32.03
N THR A 329 3.26 -48.93 -31.89
CA THR A 329 2.22 -48.26 -32.69
C THR A 329 1.32 -47.49 -31.72
N LEU A 330 1.55 -46.18 -31.62
CA LEU A 330 0.80 -45.38 -30.67
C LEU A 330 -0.66 -45.24 -31.10
N PHE A 331 -1.52 -44.95 -30.14
CA PHE A 331 -2.94 -44.76 -30.37
C PHE A 331 -3.43 -43.81 -29.27
N LEU A 332 -3.53 -42.53 -29.57
CA LEU A 332 -3.87 -41.52 -28.58
C LEU A 332 -5.31 -41.07 -28.82
N HIS A 333 -6.26 -41.76 -28.21
CA HIS A 333 -7.68 -41.39 -28.33
C HIS A 333 -8.02 -40.39 -27.22
N ASN A 334 -8.00 -39.11 -27.56
CA ASN A 334 -8.52 -38.11 -26.64
C ASN A 334 -10.04 -38.21 -26.56
N ASN A 335 -10.60 -37.64 -25.51
CA ASN A 335 -12.05 -37.54 -25.41
C ASN A 335 -12.54 -36.23 -24.79
N GLU A 336 -11.66 -35.28 -24.50
CA GLU A 336 -12.06 -34.05 -23.82
C GLU A 336 -11.47 -32.85 -24.54
N VAL A 337 -12.29 -31.81 -24.72
CA VAL A 337 -11.87 -30.63 -25.46
C VAL A 337 -10.91 -29.76 -24.66
N PHE A 338 -10.78 -29.98 -23.36
CA PHE A 338 -9.84 -29.17 -22.57
C PHE A 338 -8.40 -29.50 -22.94
N HIS A 339 -8.14 -30.68 -23.49
CA HIS A 339 -6.80 -31.20 -23.67
C HIS A 339 -6.21 -30.93 -25.05
N GLU A 340 -6.92 -30.17 -25.89
CA GLU A 340 -6.44 -29.96 -27.26
C GLU A 340 -5.06 -29.32 -27.33
N PRO A 341 -4.76 -28.22 -26.63
CA PRO A 341 -3.43 -27.60 -26.78
C PRO A 341 -2.30 -28.53 -26.39
N HIS A 342 -2.46 -29.31 -25.32
CA HIS A 342 -1.39 -30.19 -24.86
C HIS A 342 -1.07 -31.27 -25.89
N ILE A 343 -2.11 -31.95 -26.38
CA ILE A 343 -1.90 -33.00 -27.38
C ILE A 343 -1.36 -32.40 -28.67
N ALA A 344 -1.86 -31.23 -29.06
CA ALA A 344 -1.35 -30.58 -30.27
C ALA A 344 0.13 -30.26 -30.14
N ASP A 345 0.54 -29.73 -28.98
CA ASP A 345 1.94 -29.40 -28.77
C ASP A 345 2.81 -30.64 -28.76
N SER A 346 2.36 -31.70 -28.10
CA SER A 346 3.17 -32.91 -28.00
C SER A 346 3.08 -33.81 -29.22
N TRP A 347 2.18 -33.50 -30.16
CA TRP A 347 2.01 -34.34 -31.34
C TRP A 347 3.25 -34.44 -32.21
N PRO A 348 3.95 -33.34 -32.57
CA PRO A 348 5.12 -33.49 -33.45
C PRO A 348 6.21 -34.38 -32.90
N GLN A 349 6.48 -34.30 -31.59
CA GLN A 349 7.52 -35.15 -31.01
C GLN A 349 7.17 -36.62 -31.14
N LEU A 350 5.91 -36.97 -30.86
CA LEU A 350 5.48 -38.36 -31.02
C LEU A 350 5.52 -38.79 -32.48
N GLN A 351 5.15 -37.88 -33.39
CA GLN A 351 5.12 -38.22 -34.81
C GLN A 351 6.50 -38.62 -35.31
N ASP A 352 7.55 -37.97 -34.82
CA ASP A 352 8.91 -38.29 -35.22
C ASP A 352 9.48 -39.49 -34.49
N HIS A 353 8.84 -39.91 -33.39
CA HIS A 353 9.40 -40.98 -32.55
C HIS A 353 8.93 -42.36 -32.99
N PHE A 354 7.62 -42.60 -32.97
CA PHE A 354 7.09 -43.94 -33.11
C PHE A 354 6.98 -44.34 -34.58
N SER A 355 6.91 -45.66 -34.80
CA SER A 355 6.83 -46.19 -36.16
C SER A 355 5.54 -45.77 -36.85
N ALA A 356 4.40 -46.00 -36.19
CA ALA A 356 3.10 -45.60 -36.71
C ALA A 356 2.41 -44.76 -35.65
N VAL A 357 1.91 -43.59 -36.05
CA VAL A 357 1.32 -42.63 -35.12
C VAL A 357 -0.07 -42.28 -35.61
N LYS A 358 -1.08 -42.56 -34.79
CA LYS A 358 -2.46 -42.31 -35.16
C LYS A 358 -3.12 -41.49 -34.07
N LEU A 359 -4.34 -41.02 -34.35
CA LEU A 359 -5.07 -40.21 -33.40
C LEU A 359 -6.56 -40.29 -33.72
N VAL A 360 -7.37 -40.01 -32.72
CA VAL A 360 -8.82 -39.86 -32.89
C VAL A 360 -9.28 -38.64 -32.11
N GLY A 361 -9.64 -37.58 -32.82
CA GLY A 361 -10.07 -36.36 -32.19
C GLY A 361 -11.37 -36.52 -31.43
N PRO A 362 -11.72 -35.53 -30.61
CA PRO A 362 -12.95 -35.61 -29.81
C PRO A 362 -14.22 -35.39 -30.61
N GLU A 363 -14.13 -34.85 -31.82
CA GLU A 363 -15.33 -34.48 -32.58
C GLU A 363 -16.12 -35.69 -33.04
N GLU A 364 -15.52 -36.89 -33.05
CA GLU A 364 -16.23 -38.06 -33.53
C GLU A 364 -17.35 -38.48 -32.59
N ALA A 365 -17.36 -37.98 -31.36
CA ALA A 365 -18.42 -38.25 -30.39
C ALA A 365 -18.59 -39.76 -30.17
N LEU A 366 -17.53 -40.38 -29.67
CA LEU A 366 -17.50 -41.81 -29.43
C LEU A 366 -17.38 -42.07 -27.94
N SER A 367 -18.22 -42.98 -27.42
CA SER A 367 -18.13 -43.36 -26.03
C SER A 367 -16.82 -44.11 -25.79
N PRO A 368 -16.29 -44.08 -24.56
CA PRO A 368 -15.03 -44.78 -24.29
C PRO A 368 -15.07 -46.25 -24.65
N GLY A 369 -16.23 -46.87 -24.46
CA GLY A 369 -16.39 -48.26 -24.87
C GLY A 369 -16.10 -48.44 -26.35
N GLU A 370 -16.65 -47.57 -27.19
CA GLU A 370 -16.44 -47.67 -28.63
C GLU A 370 -14.97 -47.55 -28.98
N ALA A 371 -14.27 -46.60 -28.37
CA ALA A 371 -12.85 -46.43 -28.64
C ALA A 371 -12.06 -47.67 -28.24
N ARG A 372 -12.38 -48.24 -27.08
CA ARG A 372 -11.71 -49.47 -26.69
C ARG A 372 -11.99 -50.59 -27.69
N ASP A 373 -13.24 -50.71 -28.14
CA ASP A 373 -13.55 -51.77 -29.11
C ASP A 373 -12.78 -51.58 -30.40
N MET A 374 -12.69 -50.35 -30.91
CA MET A 374 -12.02 -50.17 -32.19
C MET A 374 -10.53 -50.39 -32.06
N ALA A 375 -9.91 -49.95 -30.97
CA ALA A 375 -8.49 -50.24 -30.78
C ALA A 375 -8.26 -51.75 -30.65
N MET A 376 -9.13 -52.43 -29.92
CA MET A 376 -9.01 -53.87 -29.75
C MET A 376 -9.11 -54.58 -31.08
N ASP A 377 -10.06 -54.17 -31.93
CA ASP A 377 -10.19 -54.80 -33.23
C ASP A 377 -9.04 -54.44 -34.17
N LEU A 378 -8.54 -53.21 -34.06
CA LEU A 378 -7.39 -52.82 -34.88
C LEU A 378 -6.18 -53.68 -34.57
N CYS A 379 -5.98 -54.04 -33.31
CA CYS A 379 -4.92 -55.00 -33.01
C CYS A 379 -5.35 -56.41 -33.39
N ARG A 380 -6.64 -56.73 -33.28
CA ARG A 380 -7.10 -58.07 -33.60
C ARG A 380 -6.96 -58.38 -35.08
N GLN A 381 -7.43 -57.47 -35.94
CA GLN A 381 -7.44 -57.69 -37.37
C GLN A 381 -6.05 -57.62 -37.99
N ASP A 382 -5.06 -57.16 -37.24
CA ASP A 382 -3.68 -57.09 -37.73
C ASP A 382 -2.90 -58.26 -37.15
N PRO A 383 -2.41 -59.19 -37.98
CA PRO A 383 -1.60 -60.31 -37.46
C PRO A 383 -0.20 -59.91 -37.03
N GLU A 384 0.12 -58.62 -36.92
CA GLU A 384 1.47 -58.19 -36.62
C GLU A 384 1.66 -57.63 -35.21
N CYS A 385 0.60 -57.10 -34.58
CA CYS A 385 0.70 -56.67 -33.19
C CYS A 385 0.44 -57.87 -32.29
N GLU A 386 1.41 -58.20 -31.46
CA GLU A 386 1.36 -59.41 -30.64
C GLU A 386 0.96 -59.16 -29.20
N PHE A 387 1.02 -57.91 -28.73
CA PHE A 387 0.70 -57.58 -27.34
C PHE A 387 -0.03 -56.24 -27.32
N TYR A 388 -1.36 -56.30 -27.33
CA TYR A 388 -2.18 -55.10 -27.18
C TYR A 388 -2.06 -54.62 -25.74
N PHE A 389 -1.21 -53.62 -25.52
CA PHE A 389 -0.88 -53.16 -24.18
C PHE A 389 -1.55 -51.81 -23.97
N SER A 390 -2.70 -51.83 -23.30
CA SER A 390 -3.38 -50.59 -22.98
C SER A 390 -2.66 -49.85 -21.85
N LEU A 391 -2.95 -48.56 -21.74
CA LEU A 391 -2.35 -47.76 -20.68
C LEU A 391 -3.28 -46.55 -20.48
N ASP A 392 -4.12 -46.61 -19.44
CA ASP A 392 -5.08 -45.55 -19.22
C ASP A 392 -4.36 -44.24 -18.89
N ALA A 393 -5.14 -43.16 -18.75
CA ALA A 393 -4.55 -41.83 -18.62
C ALA A 393 -3.82 -41.66 -17.30
N ASP A 394 -4.55 -41.75 -16.19
CA ASP A 394 -3.98 -41.47 -14.87
C ASP A 394 -3.31 -42.73 -14.31
N ALA A 395 -2.18 -43.07 -14.91
CA ALA A 395 -1.30 -44.10 -14.35
C ALA A 395 0.13 -43.71 -14.73
N VAL A 396 0.78 -42.97 -13.84
CA VAL A 396 2.12 -42.50 -14.10
C VAL A 396 3.12 -43.58 -13.72
N LEU A 397 3.82 -44.12 -14.71
CA LEU A 397 4.76 -45.21 -14.50
C LEU A 397 6.12 -44.60 -14.20
N THR A 398 6.54 -44.72 -12.93
CA THR A 398 7.84 -44.17 -12.56
C THR A 398 8.97 -45.13 -12.93
N ASN A 399 8.66 -46.41 -13.09
CA ASN A 399 9.63 -47.38 -13.56
C ASN A 399 9.56 -47.48 -15.09
N LEU A 400 10.71 -47.50 -15.74
CA LEU A 400 10.78 -47.46 -17.19
C LEU A 400 11.01 -48.83 -17.81
N GLN A 401 11.02 -49.90 -17.00
CA GLN A 401 11.20 -51.25 -17.51
C GLN A 401 9.92 -52.07 -17.42
N THR A 402 8.76 -51.41 -17.31
CA THR A 402 7.52 -52.15 -17.15
C THR A 402 7.26 -53.09 -18.32
N LEU A 403 7.48 -52.60 -19.55
CA LEU A 403 7.19 -53.43 -20.72
C LEU A 403 8.11 -54.64 -20.78
N ARG A 404 9.41 -54.44 -20.57
CA ARG A 404 10.35 -55.55 -20.65
C ARG A 404 9.99 -56.64 -19.64
N ILE A 405 9.83 -56.26 -18.38
CA ILE A 405 9.56 -57.24 -17.34
C ILE A 405 8.20 -57.91 -17.56
N LEU A 406 7.18 -57.12 -17.90
CA LEU A 406 5.85 -57.67 -18.06
C LEU A 406 5.79 -58.64 -19.24
N ILE A 407 6.43 -58.30 -20.36
CA ILE A 407 6.47 -59.23 -21.48
C ILE A 407 7.28 -60.46 -21.12
N GLU A 408 8.30 -60.31 -20.27
CA GLU A 408 9.13 -61.45 -19.88
C GLU A 408 8.34 -62.54 -19.16
N GLU A 409 7.16 -62.21 -18.63
CA GLU A 409 6.44 -63.18 -17.80
C GLU A 409 5.63 -64.17 -18.63
N ASN A 410 5.20 -63.78 -19.83
CA ASN A 410 4.39 -64.61 -20.73
C ASN A 410 3.25 -65.30 -20.02
N ARG A 411 2.39 -64.51 -19.41
CA ARG A 411 1.10 -64.97 -18.91
C ARG A 411 0.02 -64.62 -19.92
N LYS A 412 -1.13 -65.28 -19.80
CA LYS A 412 -2.22 -65.03 -20.74
C LYS A 412 -2.66 -63.58 -20.67
N VAL A 413 -2.85 -63.07 -19.46
CA VAL A 413 -2.97 -61.64 -19.21
C VAL A 413 -2.10 -61.33 -18.00
N ILE A 414 -1.68 -60.08 -17.86
CA ILE A 414 -0.86 -59.69 -16.72
C ILE A 414 -0.94 -58.18 -16.60
N ALA A 415 -0.90 -57.69 -15.37
CA ALA A 415 -1.15 -56.28 -15.13
C ALA A 415 -0.35 -55.78 -13.94
N PRO A 416 0.27 -54.61 -14.07
CA PRO A 416 1.10 -54.09 -12.99
C PRO A 416 0.27 -53.66 -11.78
N MET A 417 0.93 -53.68 -10.62
CA MET A 417 0.31 -53.33 -9.35
C MET A 417 0.60 -51.87 -9.04
N LEU A 418 -0.46 -51.08 -8.87
CA LEU A 418 -0.35 -49.67 -8.58
C LEU A 418 -1.29 -49.31 -7.45
N SER A 419 -1.01 -48.20 -6.77
CA SER A 419 -1.80 -47.80 -5.62
C SER A 419 -1.78 -46.29 -5.47
N ARG A 420 -2.93 -45.73 -5.12
CA ARG A 420 -2.97 -44.33 -4.70
C ARG A 420 -2.03 -44.13 -3.52
N HIS A 421 -1.35 -42.99 -3.51
CA HIS A 421 -0.29 -42.79 -2.52
C HIS A 421 -0.88 -42.56 -1.13
N GLY A 422 -0.37 -43.30 -0.15
CA GLY A 422 -0.83 -43.19 1.21
C GLY A 422 -2.25 -43.64 1.45
N LYS A 423 -2.72 -44.63 0.71
CA LYS A 423 -4.06 -45.16 0.90
C LYS A 423 -4.10 -46.61 0.40
N LEU A 424 -5.21 -47.28 0.69
CA LEU A 424 -5.37 -48.68 0.33
C LEU A 424 -5.83 -48.88 -1.11
N TRP A 425 -6.50 -47.87 -1.70
CA TRP A 425 -7.07 -47.99 -3.03
C TRP A 425 -6.01 -48.39 -4.04
N SER A 426 -6.18 -49.57 -4.64
CA SER A 426 -5.28 -50.07 -5.67
C SER A 426 -6.09 -50.38 -6.92
N ASN A 427 -5.40 -50.81 -7.97
CA ASN A 427 -6.03 -51.01 -9.27
C ASN A 427 -6.56 -52.42 -9.48
N PHE A 428 -6.84 -53.16 -8.40
CA PHE A 428 -7.40 -54.49 -8.52
C PHE A 428 -8.26 -54.77 -7.30
N TRP A 429 -8.90 -55.94 -7.30
CA TRP A 429 -9.82 -56.32 -6.25
C TRP A 429 -9.43 -57.69 -5.69
N GLY A 430 -9.94 -58.00 -4.51
CA GLY A 430 -9.66 -59.29 -3.91
C GLY A 430 -10.67 -60.33 -4.33
N ALA A 431 -11.94 -60.02 -4.13
CA ALA A 431 -13.04 -60.88 -4.53
C ALA A 431 -14.27 -60.00 -4.71
N LEU A 432 -15.41 -60.65 -4.96
CA LEU A 432 -16.63 -59.93 -5.24
C LEU A 432 -17.79 -60.50 -4.44
N SER A 433 -18.70 -59.62 -4.02
CA SER A 433 -19.97 -60.04 -3.49
C SER A 433 -20.85 -60.56 -4.63
N PRO A 434 -21.92 -61.30 -4.31
CA PRO A 434 -22.82 -61.76 -5.38
C PRO A 434 -23.36 -60.65 -6.28
N ASP A 435 -23.25 -59.38 -5.86
CA ASP A 435 -23.65 -58.25 -6.69
C ASP A 435 -22.63 -57.92 -7.77
N GLU A 436 -21.57 -58.71 -7.90
CA GLU A 436 -20.50 -58.47 -8.87
C GLU A 436 -19.91 -57.07 -8.67
N TYR A 437 -19.66 -56.73 -7.41
CA TYR A 437 -19.16 -55.41 -7.04
C TYR A 437 -17.96 -55.55 -6.11
N TYR A 438 -17.41 -54.41 -5.72
CA TYR A 438 -16.17 -54.35 -4.95
C TYR A 438 -16.39 -54.94 -3.56
N ALA A 439 -15.85 -56.12 -3.32
CA ALA A 439 -15.79 -56.69 -1.99
C ALA A 439 -14.45 -56.34 -1.36
N ARG A 440 -14.15 -56.98 -0.23
CA ARG A 440 -12.84 -56.89 0.40
C ARG A 440 -12.46 -58.28 0.89
N SER A 441 -11.29 -58.76 0.47
CA SER A 441 -10.82 -60.07 0.90
C SER A 441 -10.11 -59.94 2.23
N GLU A 442 -9.41 -61.01 2.64
CA GLU A 442 -8.66 -61.00 3.88
C GLU A 442 -7.19 -60.67 3.69
N ASP A 443 -6.63 -60.96 2.52
CA ASP A 443 -5.24 -60.67 2.23
C ASP A 443 -5.05 -59.40 1.42
N TYR A 444 -6.13 -58.68 1.11
CA TYR A 444 -6.00 -57.51 0.24
C TYR A 444 -5.08 -56.46 0.86
N VAL A 445 -5.19 -56.25 2.17
CA VAL A 445 -4.31 -55.29 2.82
C VAL A 445 -2.88 -55.79 2.86
N GLU A 446 -2.68 -57.11 2.87
CA GLU A 446 -1.33 -57.64 2.77
C GLU A 446 -0.73 -57.38 1.41
N LEU A 447 -1.52 -57.52 0.34
CA LEU A 447 -0.98 -57.34 -1.00
C LEU A 447 -0.77 -55.88 -1.36
N VAL A 448 -1.61 -54.99 -0.82
CA VAL A 448 -1.46 -53.57 -1.16
C VAL A 448 -0.13 -53.02 -0.65
N GLN A 449 0.28 -53.42 0.56
CA GLN A 449 1.46 -52.87 1.20
C GLN A 449 2.70 -53.75 0.99
N ARG A 450 2.68 -54.61 -0.02
CA ARG A 450 3.86 -55.35 -0.46
C ARG A 450 4.45 -56.22 0.64
N LYS A 451 3.61 -56.74 1.54
CA LYS A 451 4.11 -57.67 2.55
C LYS A 451 4.39 -59.05 1.96
N ARG A 452 3.80 -59.38 0.83
CA ARG A 452 4.08 -60.61 0.10
C ARG A 452 4.40 -60.26 -1.34
N VAL A 453 5.15 -61.13 -2.00
CA VAL A 453 5.62 -60.86 -3.36
C VAL A 453 5.42 -62.11 -4.21
N GLY A 454 4.83 -61.93 -5.38
CA GLY A 454 4.62 -63.04 -6.29
C GLY A 454 3.82 -62.58 -7.50
N VAL A 455 3.18 -63.54 -8.15
CA VAL A 455 2.26 -63.27 -9.24
C VAL A 455 0.96 -63.99 -8.93
N TRP A 456 -0.11 -63.21 -8.77
CA TRP A 456 -1.34 -63.69 -8.17
C TRP A 456 -2.40 -63.97 -9.21
N ASN A 457 -3.43 -64.71 -8.79
CA ASN A 457 -4.67 -64.78 -9.53
C ASN A 457 -5.64 -63.76 -8.94
N VAL A 458 -6.34 -63.04 -9.80
CA VAL A 458 -7.22 -61.95 -9.38
C VAL A 458 -8.50 -62.04 -10.19
N PRO A 459 -9.65 -61.63 -9.65
CA PRO A 459 -10.89 -61.61 -10.45
C PRO A 459 -11.25 -60.27 -11.07
N TYR A 460 -10.38 -59.27 -11.06
CA TYR A 460 -10.70 -58.01 -11.73
C TYR A 460 -9.44 -57.16 -11.83
N ILE A 461 -9.30 -56.42 -12.93
CA ILE A 461 -8.18 -55.50 -13.12
C ILE A 461 -8.71 -54.23 -13.78
N SER A 462 -7.83 -53.25 -13.94
CA SER A 462 -8.12 -52.04 -14.70
C SER A 462 -6.86 -51.20 -14.82
N GLN A 463 -6.88 -50.28 -15.78
CA GLN A 463 -5.98 -49.14 -15.89
C GLN A 463 -4.55 -49.45 -16.34
N ALA A 464 -4.19 -50.72 -16.44
CA ALA A 464 -2.96 -51.11 -17.14
C ALA A 464 -2.88 -52.62 -17.29
N TYR A 465 -2.67 -53.11 -18.50
CA TYR A 465 -2.52 -54.55 -18.71
C TYR A 465 -1.97 -54.83 -20.10
N VAL A 466 -1.46 -56.05 -20.26
CA VAL A 466 -0.75 -56.47 -21.47
C VAL A 466 -1.34 -57.82 -21.87
N ILE A 467 -2.26 -57.82 -22.83
CA ILE A 467 -2.96 -59.02 -23.26
C ILE A 467 -2.17 -59.68 -24.39
N ARG A 468 -1.95 -60.99 -24.26
CA ARG A 468 -1.34 -61.75 -25.34
C ARG A 468 -2.26 -61.77 -26.56
N GLY A 469 -1.65 -61.67 -27.74
CA GLY A 469 -2.45 -61.52 -28.95
C GLY A 469 -3.28 -62.75 -29.30
N ASP A 470 -2.75 -63.94 -29.01
CA ASP A 470 -3.44 -65.16 -29.41
C ASP A 470 -4.83 -65.24 -28.79
N THR A 471 -4.93 -64.96 -27.49
CA THR A 471 -6.24 -65.00 -26.84
C THR A 471 -7.20 -64.03 -27.52
N LEU A 472 -6.70 -62.90 -28.01
CA LEU A 472 -7.53 -62.03 -28.85
C LEU A 472 -7.97 -62.76 -30.11
N ARG A 473 -7.06 -63.50 -30.74
CA ARG A 473 -7.36 -64.07 -32.06
C ARG A 473 -8.31 -65.25 -31.97
N MET A 474 -7.90 -66.34 -31.33
CA MET A 474 -8.68 -67.58 -31.35
C MET A 474 -9.33 -67.91 -30.02
N GLU A 475 -9.38 -66.96 -29.08
CA GLU A 475 -10.04 -67.24 -27.80
C GLU A 475 -11.10 -66.20 -27.49
N LEU A 476 -10.89 -64.96 -27.93
CA LEU A 476 -11.86 -63.87 -27.77
C LEU A 476 -12.08 -63.25 -29.13
N PRO A 477 -12.80 -63.94 -30.02
CA PRO A 477 -12.91 -63.46 -31.40
C PRO A 477 -13.99 -62.42 -31.63
N GLN A 478 -15.00 -62.34 -30.76
CA GLN A 478 -16.09 -61.41 -31.00
C GLN A 478 -15.63 -59.97 -30.73
N ARG A 479 -16.44 -59.02 -31.20
CA ARG A 479 -16.08 -57.61 -31.15
C ARG A 479 -16.51 -56.93 -29.86
N ASP A 480 -17.78 -57.03 -29.49
CA ASP A 480 -18.31 -56.28 -28.38
C ASP A 480 -17.91 -56.88 -27.03
N VAL A 481 -16.78 -56.42 -26.48
CA VAL A 481 -16.35 -56.90 -25.17
C VAL A 481 -16.46 -55.77 -24.14
N PHE A 482 -16.23 -54.53 -24.56
CA PHE A 482 -16.29 -53.41 -23.62
C PHE A 482 -17.69 -52.82 -23.49
N SER A 483 -18.58 -53.12 -24.43
CA SER A 483 -19.96 -52.66 -24.37
C SER A 483 -20.90 -53.86 -24.48
N GLY A 484 -22.19 -53.56 -24.61
CA GLY A 484 -23.21 -54.59 -24.68
C GLY A 484 -24.14 -54.63 -23.49
N SER A 485 -23.90 -53.81 -22.47
CA SER A 485 -24.77 -53.78 -21.30
C SER A 485 -24.58 -52.43 -20.60
N ASP A 486 -25.51 -52.11 -19.71
CA ASP A 486 -25.47 -50.87 -18.97
C ASP A 486 -24.26 -50.75 -18.06
N THR A 487 -23.61 -51.86 -17.73
CA THR A 487 -22.50 -51.83 -16.80
C THR A 487 -21.28 -51.15 -17.41
N ASP A 488 -20.35 -50.76 -16.55
CA ASP A 488 -19.20 -49.97 -16.97
C ASP A 488 -18.28 -50.78 -17.87
N PRO A 489 -17.49 -50.12 -18.72
CA PRO A 489 -16.63 -50.87 -19.65
C PRO A 489 -15.65 -51.81 -18.99
N ASP A 490 -15.02 -51.42 -17.89
CA ASP A 490 -14.01 -52.27 -17.26
C ASP A 490 -14.65 -53.51 -16.65
N MET A 491 -15.75 -53.33 -15.91
CA MET A 491 -16.43 -54.47 -15.31
C MET A 491 -16.90 -55.45 -16.39
N ALA A 492 -17.49 -54.92 -17.47
CA ALA A 492 -17.91 -55.78 -18.56
C ALA A 492 -16.72 -56.48 -19.22
N PHE A 493 -15.59 -55.78 -19.32
CA PHE A 493 -14.41 -56.36 -19.96
C PHE A 493 -13.89 -57.56 -19.18
N CYS A 494 -13.69 -57.38 -17.87
CA CYS A 494 -13.25 -58.52 -17.07
C CYS A 494 -14.33 -59.59 -16.95
N LYS A 495 -15.61 -59.19 -16.97
CA LYS A 495 -16.68 -60.19 -16.99
C LYS A 495 -16.58 -61.06 -18.23
N SER A 496 -16.36 -60.44 -19.38
CA SER A 496 -16.21 -61.20 -20.61
C SER A 496 -14.99 -62.12 -20.55
N PHE A 497 -13.86 -61.59 -20.08
CA PHE A 497 -12.67 -62.44 -19.98
C PHE A 497 -12.86 -63.59 -19.01
N ARG A 498 -13.72 -63.43 -17.99
CA ARG A 498 -13.72 -64.39 -16.90
C ARG A 498 -14.39 -65.71 -17.29
N ASP A 499 -15.66 -65.66 -17.72
CA ASP A 499 -16.43 -66.89 -17.91
C ASP A 499 -15.77 -67.83 -18.91
N LYS A 500 -15.01 -67.28 -19.86
CA LYS A 500 -14.31 -68.11 -20.82
C LYS A 500 -13.27 -69.00 -20.17
N GLY A 501 -12.87 -68.69 -18.93
CA GLY A 501 -11.85 -69.46 -18.26
C GLY A 501 -10.45 -68.96 -18.58
N ILE A 502 -10.23 -67.68 -18.33
CA ILE A 502 -8.93 -67.05 -18.55
C ILE A 502 -8.53 -66.30 -17.30
N PHE A 503 -7.35 -66.62 -16.77
CA PHE A 503 -6.92 -66.02 -15.52
C PHE A 503 -6.37 -64.62 -15.74
N LEU A 504 -6.87 -63.67 -14.96
CA LEU A 504 -6.45 -62.27 -15.04
C LEU A 504 -5.39 -62.05 -13.99
N HIS A 505 -4.15 -62.36 -14.33
CA HIS A 505 -3.06 -62.31 -13.37
C HIS A 505 -2.79 -60.88 -12.90
N LEU A 506 -1.91 -60.79 -11.91
CA LEU A 506 -1.42 -59.51 -11.41
C LEU A 506 -0.08 -59.75 -10.73
N SER A 507 0.84 -58.80 -10.90
CA SER A 507 2.19 -58.94 -10.38
C SER A 507 2.58 -57.70 -9.59
N ASN A 508 3.28 -57.92 -8.48
CA ASN A 508 3.80 -56.82 -7.67
C ASN A 508 5.21 -57.12 -7.18
N GLN A 509 5.96 -57.90 -7.95
CA GLN A 509 7.31 -58.28 -7.53
C GLN A 509 8.18 -57.06 -7.27
N HIS A 510 8.25 -56.16 -8.24
CA HIS A 510 8.93 -54.89 -8.06
C HIS A 510 7.91 -53.80 -7.74
N GLU A 511 8.37 -52.56 -7.73
CA GLU A 511 7.49 -51.41 -7.60
C GLU A 511 7.41 -50.70 -8.96
N PHE A 512 6.20 -50.35 -9.36
CA PHE A 512 5.99 -49.84 -10.71
C PHE A 512 5.57 -48.39 -10.76
N GLY A 513 4.62 -47.97 -9.94
CA GLY A 513 4.21 -46.57 -10.00
C GLY A 513 3.09 -46.27 -9.03
N ARG A 514 2.20 -45.39 -9.46
CA ARG A 514 1.13 -44.89 -8.63
C ARG A 514 0.02 -44.32 -9.51
N LEU A 515 -1.16 -44.20 -8.93
CA LEU A 515 -2.31 -43.60 -9.62
C LEU A 515 -2.54 -42.19 -9.11
N LEU A 516 -2.96 -41.30 -10.01
CA LEU A 516 -3.30 -39.95 -9.61
C LEU A 516 -4.68 -39.91 -8.98
N ALA A 517 -5.04 -38.75 -8.44
CA ALA A 517 -6.35 -38.52 -7.86
C ALA A 517 -7.07 -37.49 -8.71
N THR A 518 -8.05 -37.95 -9.49
CA THR A 518 -8.79 -37.10 -10.41
C THR A 518 -10.27 -37.07 -10.06
N SER A 519 -10.60 -37.33 -8.79
CA SER A 519 -12.00 -37.25 -8.35
C SER A 519 -12.54 -35.84 -8.55
N ARG A 520 -11.75 -34.83 -8.22
CA ARG A 520 -12.14 -33.45 -8.42
C ARG A 520 -10.98 -32.71 -9.06
N TYR A 521 -11.25 -32.01 -10.17
CA TYR A 521 -10.23 -31.24 -10.87
C TYR A 521 -10.93 -30.06 -11.55
N ASP A 522 -10.91 -28.92 -10.86
CA ASP A 522 -11.37 -27.68 -11.48
C ASP A 522 -10.43 -27.28 -12.62
N THR A 523 -10.99 -26.58 -13.61
CA THR A 523 -10.22 -26.18 -14.78
C THR A 523 -10.50 -24.74 -15.21
N GLU A 524 -10.99 -23.90 -14.30
CA GLU A 524 -11.24 -22.50 -14.60
C GLU A 524 -10.04 -21.62 -14.22
N HIS A 525 -8.86 -22.00 -14.70
CA HIS A 525 -7.64 -21.26 -14.41
C HIS A 525 -6.70 -21.35 -15.60
N LEU A 526 -5.74 -20.43 -15.65
CA LEU A 526 -4.69 -20.50 -16.65
C LEU A 526 -3.88 -21.78 -16.49
N HIS A 527 -3.55 -22.12 -15.25
CA HIS A 527 -2.78 -23.31 -14.92
C HIS A 527 -3.50 -24.04 -13.79
N PRO A 528 -4.57 -24.77 -14.10
CA PRO A 528 -5.35 -25.44 -13.04
C PRO A 528 -4.56 -26.47 -12.26
N ASP A 529 -3.35 -26.84 -12.70
CA ASP A 529 -2.54 -27.77 -11.93
C ASP A 529 -1.86 -27.11 -10.74
N LEU A 530 -1.92 -25.78 -10.64
CA LEU A 530 -1.32 -25.08 -9.51
C LEU A 530 -2.01 -25.45 -8.19
N TRP A 531 -3.34 -25.53 -8.20
CA TRP A 531 -4.11 -25.82 -7.00
C TRP A 531 -4.06 -27.29 -6.60
N GLN A 532 -3.20 -28.09 -7.23
CA GLN A 532 -3.15 -29.52 -6.99
C GLN A 532 -2.12 -29.92 -5.94
N ILE A 533 -1.81 -29.04 -4.99
CA ILE A 533 -0.83 -29.39 -3.98
C ILE A 533 -1.42 -30.34 -2.94
N PHE A 534 -2.74 -30.34 -2.77
CA PHE A 534 -3.34 -31.15 -1.73
C PHE A 534 -3.69 -32.54 -2.23
N ASP A 535 -4.35 -32.64 -3.39
CA ASP A 535 -4.90 -33.93 -3.81
C ASP A 535 -3.86 -34.80 -4.49
N ASN A 536 -2.65 -34.30 -4.70
CA ASN A 536 -1.57 -35.07 -5.32
C ASN A 536 -0.23 -34.44 -4.95
N PRO A 537 0.18 -34.57 -3.69
CA PRO A 537 1.40 -33.87 -3.25
C PRO A 537 2.67 -34.33 -3.95
N VAL A 538 2.83 -35.63 -4.21
CA VAL A 538 4.14 -36.14 -4.64
C VAL A 538 4.49 -35.62 -6.03
N ASP A 539 3.57 -35.76 -6.98
CA ASP A 539 3.83 -35.27 -8.33
C ASP A 539 3.92 -33.75 -8.35
N TRP A 540 3.16 -33.08 -7.49
CA TRP A 540 3.27 -31.64 -7.36
C TRP A 540 4.69 -31.23 -6.98
N LYS A 541 5.25 -31.88 -5.95
CA LYS A 541 6.62 -31.58 -5.55
C LYS A 541 7.60 -31.90 -6.67
N GLU A 542 7.41 -33.05 -7.34
CA GLU A 542 8.32 -33.43 -8.41
C GLU A 542 8.31 -32.39 -9.52
N GLN A 543 7.14 -31.83 -9.83
CA GLN A 543 7.02 -30.91 -10.96
C GLN A 543 7.51 -29.51 -10.60
N TYR A 544 7.01 -28.93 -9.51
CA TYR A 544 7.27 -27.52 -9.23
C TYR A 544 8.54 -27.27 -8.42
N ILE A 545 8.68 -27.92 -7.25
CA ILE A 545 9.78 -27.61 -6.36
C ILE A 545 11.11 -27.90 -7.03
N HIS A 546 12.08 -27.00 -6.83
CA HIS A 546 13.39 -27.13 -7.46
C HIS A 546 14.02 -28.47 -7.15
N GLU A 547 14.77 -29.00 -8.12
CA GLU A 547 15.30 -30.36 -8.01
C GLU A 547 16.30 -30.51 -6.87
N ASN A 548 17.19 -29.53 -6.69
CA ASN A 548 18.27 -29.66 -5.73
C ASN A 548 17.82 -29.52 -4.28
N TYR A 549 16.52 -29.31 -4.03
CA TYR A 549 16.08 -28.97 -2.69
C TYR A 549 16.34 -30.10 -1.71
N SER A 550 16.09 -31.35 -2.13
CA SER A 550 16.36 -32.48 -1.24
C SER A 550 17.85 -32.57 -0.90
N ARG A 551 18.71 -32.40 -1.90
CA ARG A 551 20.15 -32.47 -1.65
C ARG A 551 20.58 -31.32 -0.75
N ALA A 552 19.99 -30.14 -0.92
CA ALA A 552 20.29 -29.04 -0.01
C ALA A 552 19.85 -29.37 1.41
N LEU A 553 18.69 -30.01 1.57
CA LEU A 553 18.19 -30.31 2.90
C LEU A 553 19.05 -31.33 3.61
N GLU A 554 19.51 -32.37 2.89
CA GLU A 554 20.30 -33.40 3.56
C GLU A 554 21.69 -32.93 3.95
N GLY A 555 22.12 -31.76 3.48
CA GLY A 555 23.35 -31.17 3.99
C GLY A 555 24.63 -31.62 3.30
N GLU A 556 24.72 -31.38 1.99
CA GLU A 556 25.92 -31.67 1.22
C GLU A 556 26.49 -30.40 0.59
N GLY A 557 26.52 -29.34 1.37
CA GLY A 557 26.98 -28.04 0.88
C GLY A 557 25.83 -27.20 0.36
N ILE A 558 25.94 -26.76 -0.89
CA ILE A 558 24.87 -26.05 -1.59
C ILE A 558 24.48 -24.76 -0.87
N VAL A 559 23.94 -24.89 0.34
CA VAL A 559 23.43 -23.72 1.05
C VAL A 559 24.57 -22.72 1.28
N GLU A 560 24.30 -21.47 0.96
CA GLU A 560 25.28 -20.40 1.04
C GLU A 560 24.95 -19.47 2.18
N GLN A 561 25.98 -18.86 2.76
CA GLN A 561 25.86 -17.94 3.88
C GLN A 561 26.60 -16.67 3.46
N PRO A 562 26.04 -15.92 2.50
CA PRO A 562 26.74 -14.72 2.02
C PRO A 562 26.92 -13.66 3.08
N CYS A 563 26.00 -13.58 4.05
CA CYS A 563 26.01 -12.55 5.06
C CYS A 563 25.82 -13.26 6.39
N PRO A 564 26.43 -12.77 7.47
CA PRO A 564 26.27 -13.45 8.76
C PRO A 564 24.80 -13.52 9.15
N ASP A 565 24.41 -14.69 9.67
CA ASP A 565 23.02 -14.95 10.04
C ASP A 565 22.07 -14.74 8.87
N VAL A 566 22.54 -15.04 7.67
CA VAL A 566 21.74 -14.95 6.45
C VAL A 566 22.01 -16.20 5.63
N TYR A 567 20.96 -16.79 5.07
CA TYR A 567 21.09 -18.06 4.38
C TYR A 567 20.44 -18.00 3.02
N TRP A 568 20.94 -18.86 2.12
CA TRP A 568 20.52 -18.87 0.72
C TRP A 568 20.35 -20.33 0.32
N PHE A 569 19.16 -20.70 -0.17
CA PHE A 569 18.87 -22.08 -0.50
C PHE A 569 17.84 -22.15 -1.62
N PRO A 570 17.98 -23.10 -2.54
CA PRO A 570 17.08 -23.15 -3.71
C PRO A 570 15.74 -23.79 -3.35
N LEU A 571 14.66 -23.12 -3.72
CA LEU A 571 13.31 -23.59 -3.40
C LEU A 571 12.47 -23.86 -4.63
N LEU A 572 12.36 -22.91 -5.54
CA LEU A 572 11.46 -23.03 -6.68
C LEU A 572 12.24 -23.31 -7.95
N SER A 573 11.54 -23.82 -8.96
CA SER A 573 12.10 -24.04 -10.29
C SER A 573 11.50 -23.06 -11.29
N GLU A 574 11.97 -23.16 -12.53
CA GLU A 574 11.57 -22.21 -13.57
C GLU A 574 10.07 -22.30 -13.86
N GLN A 575 9.52 -23.51 -13.88
CA GLN A 575 8.11 -23.67 -14.19
C GLN A 575 7.23 -22.93 -13.18
N MET A 576 7.53 -23.10 -11.88
CA MET A 576 6.77 -22.39 -10.86
C MET A 576 6.89 -20.88 -11.04
N CYS A 577 8.10 -20.40 -11.29
CA CYS A 577 8.32 -18.97 -11.47
C CYS A 577 7.46 -18.42 -12.60
N ASP A 578 7.55 -19.04 -13.78
CA ASP A 578 6.84 -18.55 -14.94
C ASP A 578 5.33 -18.63 -14.76
N GLU A 579 4.83 -19.75 -14.24
CA GLU A 579 3.38 -19.88 -14.12
C GLU A 579 2.84 -18.98 -13.02
N LEU A 580 3.61 -18.75 -11.96
CA LEU A 580 3.19 -17.83 -10.92
C LEU A 580 3.09 -16.41 -11.46
N VAL A 581 4.12 -15.95 -12.17
CA VAL A 581 4.05 -14.60 -12.71
C VAL A 581 2.95 -14.50 -13.76
N ALA A 582 2.69 -15.58 -14.49
CA ALA A 582 1.63 -15.57 -15.50
C ALA A 582 0.26 -15.39 -14.84
N GLU A 583 -0.01 -16.17 -13.79
CA GLU A 583 -1.26 -15.99 -13.05
C GLU A 583 -1.36 -14.59 -12.46
N MET A 584 -0.27 -14.11 -11.88
CA MET A 584 -0.29 -12.81 -11.22
C MET A 584 -0.59 -11.70 -12.22
N GLU A 585 0.01 -11.78 -13.41
CA GLU A 585 -0.28 -10.82 -14.47
C GLU A 585 -1.70 -11.00 -15.02
N HIS A 586 -2.21 -12.23 -15.01
CA HIS A 586 -3.60 -12.43 -15.41
C HIS A 586 -4.54 -11.64 -14.50
N TYR A 587 -4.32 -11.71 -13.19
CA TYR A 587 -5.16 -10.90 -12.30
C TYR A 587 -5.01 -9.42 -12.61
N GLY A 588 -3.77 -8.97 -12.78
CA GLY A 588 -3.50 -7.65 -13.32
C GLY A 588 -3.80 -6.48 -12.42
N GLN A 589 -4.68 -6.68 -11.44
CA GLN A 589 -5.09 -5.60 -10.55
C GLN A 589 -3.95 -5.32 -9.58
N TRP A 590 -3.06 -4.41 -9.97
CA TRP A 590 -1.82 -4.15 -9.23
C TRP A 590 -2.12 -3.10 -8.17
N SER A 591 -2.79 -3.53 -7.10
CA SER A 591 -3.16 -2.64 -6.03
C SER A 591 -1.94 -2.21 -5.22
N GLY A 592 -2.19 -1.44 -4.18
CA GLY A 592 -1.13 -0.97 -3.31
C GLY A 592 -0.41 0.25 -3.84
N GLY A 593 0.37 0.88 -2.96
CA GLY A 593 1.12 2.08 -3.28
C GLY A 593 0.75 3.27 -2.40
N ARG A 594 -0.48 3.31 -1.92
CA ARG A 594 -0.91 4.38 -1.03
C ARG A 594 -0.54 4.05 0.41
N HIS A 595 -0.18 5.09 1.16
CA HIS A 595 0.38 4.88 2.49
C HIS A 595 -0.61 4.24 3.44
N GLU A 596 -1.88 4.63 3.39
CA GLU A 596 -2.90 3.99 4.18
C GLU A 596 -3.33 2.68 3.51
N ASP A 597 -4.27 1.97 4.13
CA ASP A 597 -4.70 0.70 3.56
C ASP A 597 -6.07 0.35 4.11
N SER A 598 -6.75 -0.56 3.41
CA SER A 598 -7.99 -1.16 3.89
C SER A 598 -7.85 -2.64 4.20
N ARG A 599 -6.97 -3.34 3.48
CA ARG A 599 -6.71 -4.74 3.77
C ARG A 599 -6.14 -4.93 5.16
N LEU A 600 -5.33 -3.99 5.61
CA LEU A 600 -4.82 -4.00 6.99
C LEU A 600 -5.91 -3.54 7.94
N ALA A 601 -6.05 -4.26 9.06
CA ALA A 601 -6.99 -3.83 10.10
C ALA A 601 -6.57 -2.49 10.69
N GLY A 602 -5.26 -2.30 10.88
CA GLY A 602 -4.78 -1.00 11.33
C GLY A 602 -4.99 0.10 10.32
N GLY A 603 -4.86 -0.22 9.04
CA GLY A 603 -5.11 0.75 7.99
C GLY A 603 -4.00 1.74 7.73
N TYR A 604 -2.85 1.58 8.38
CA TYR A 604 -1.71 2.46 8.19
C TYR A 604 -0.47 1.60 8.04
N GLU A 605 -0.08 1.33 6.79
CA GLU A 605 1.09 0.51 6.53
C GLU A 605 2.36 1.21 7.00
N ASN A 606 3.35 0.42 7.39
CA ASN A 606 4.67 0.99 7.69
C ASN A 606 5.26 1.65 6.46
N VAL A 607 5.14 1.03 5.30
CA VAL A 607 5.57 1.60 4.03
C VAL A 607 4.74 0.99 2.91
N PRO A 608 4.09 1.78 2.08
CA PRO A 608 3.28 1.22 0.99
C PRO A 608 4.11 0.60 -0.11
N THR A 609 3.51 -0.38 -0.77
CA THR A 609 4.14 -1.09 -1.89
C THR A 609 3.06 -1.50 -2.88
N VAL A 610 3.45 -1.59 -4.15
CA VAL A 610 2.56 -2.13 -5.17
C VAL A 610 2.55 -3.65 -5.02
N ASP A 611 1.53 -4.17 -4.34
CA ASP A 611 1.50 -5.57 -3.97
C ASP A 611 0.11 -6.13 -4.22
N ILE A 612 0.07 -7.44 -4.44
CA ILE A 612 -1.19 -8.17 -4.59
C ILE A 612 -1.16 -9.30 -3.59
N HIS A 613 -1.85 -9.14 -2.47
CA HIS A 613 -1.81 -10.13 -1.41
C HIS A 613 -2.43 -11.44 -1.86
N MET A 614 -1.90 -12.55 -1.35
CA MET A 614 -2.36 -13.88 -1.75
C MET A 614 -3.80 -14.15 -1.37
N LYS A 615 -4.39 -13.35 -0.47
CA LYS A 615 -5.75 -13.61 -0.03
C LYS A 615 -6.75 -13.44 -1.16
N GLN A 616 -6.57 -12.39 -1.99
CA GLN A 616 -7.57 -12.07 -3.01
C GLN A 616 -7.50 -13.02 -4.20
N VAL A 617 -6.32 -13.55 -4.53
CA VAL A 617 -6.21 -14.49 -5.63
C VAL A 617 -6.92 -15.81 -5.31
N GLY A 618 -7.02 -16.17 -4.03
CA GLY A 618 -7.52 -17.47 -3.65
C GLY A 618 -6.48 -18.55 -3.60
N TYR A 619 -5.21 -18.19 -3.66
CA TYR A 619 -4.10 -19.13 -3.68
C TYR A 619 -3.33 -19.16 -2.37
N GLU A 620 -3.84 -18.48 -1.32
CA GLU A 620 -3.06 -18.32 -0.10
C GLU A 620 -2.97 -19.63 0.69
N ASP A 621 -4.02 -20.44 0.65
CA ASP A 621 -4.01 -21.70 1.40
C ASP A 621 -2.91 -22.63 0.90
N GLN A 622 -2.75 -22.73 -0.41
CA GLN A 622 -1.69 -23.57 -0.97
C GLN A 622 -0.32 -23.05 -0.57
N TRP A 623 -0.14 -21.73 -0.56
CA TRP A 623 1.15 -21.18 -0.15
C TRP A 623 1.43 -21.47 1.33
N LEU A 624 0.41 -21.38 2.18
CA LEU A 624 0.60 -21.75 3.58
C LEU A 624 0.96 -23.22 3.72
N GLN A 625 0.31 -24.09 2.95
CA GLN A 625 0.65 -25.50 3.00
C GLN A 625 2.09 -25.74 2.55
N LEU A 626 2.52 -25.04 1.50
CA LEU A 626 3.91 -25.13 1.05
C LEU A 626 4.86 -24.67 2.14
N LEU A 627 4.52 -23.58 2.82
CA LEU A 627 5.34 -23.09 3.93
C LEU A 627 5.43 -24.13 5.04
N ARG A 628 4.32 -24.77 5.35
CA ARG A 628 4.30 -25.73 6.46
C ARG A 628 5.05 -27.01 6.09
N THR A 629 5.09 -27.36 4.80
CA THR A 629 5.70 -28.62 4.42
C THR A 629 7.17 -28.48 4.04
N TYR A 630 7.48 -27.66 3.05
CA TYR A 630 8.81 -27.64 2.44
C TYR A 630 9.72 -26.55 2.97
N VAL A 631 9.27 -25.75 3.95
CA VAL A 631 10.06 -24.67 4.50
C VAL A 631 10.46 -24.94 5.95
N GLY A 632 9.51 -25.39 6.77
CA GLY A 632 9.74 -25.68 8.16
C GLY A 632 10.99 -26.50 8.43
N PRO A 633 11.08 -27.69 7.82
CA PRO A 633 12.28 -28.51 8.02
C PRO A 633 13.57 -27.82 7.63
N MET A 634 13.55 -26.96 6.60
CA MET A 634 14.78 -26.27 6.20
C MET A 634 15.30 -25.38 7.32
N THR A 635 14.45 -24.52 7.86
CA THR A 635 14.88 -23.67 8.97
C THR A 635 15.23 -24.50 10.20
N GLU A 636 14.40 -25.50 10.52
CA GLU A 636 14.67 -26.31 11.70
C GLU A 636 15.97 -27.09 11.58
N SER A 637 16.46 -27.28 10.36
CA SER A 637 17.80 -27.83 10.18
C SER A 637 18.86 -26.73 10.04
N LEU A 638 18.43 -25.48 9.86
CA LEU A 638 19.39 -24.39 9.75
C LEU A 638 19.68 -23.76 11.12
N PHE A 639 18.66 -23.25 11.79
CA PHE A 639 18.80 -22.68 13.12
C PHE A 639 18.51 -23.77 14.15
N PRO A 640 19.53 -24.37 14.76
CA PRO A 640 19.29 -25.49 15.67
C PRO A 640 18.46 -25.08 16.87
N GLY A 641 17.61 -26.01 17.32
CA GLY A 641 16.80 -25.79 18.50
C GLY A 641 15.52 -25.02 18.27
N TYR A 642 15.23 -24.62 17.03
CA TYR A 642 14.01 -23.89 16.74
C TYR A 642 12.88 -24.85 16.40
N HIS A 643 11.68 -24.55 16.90
CA HIS A 643 10.50 -25.36 16.65
C HIS A 643 9.36 -24.46 16.21
N THR A 644 8.84 -24.69 15.00
CA THR A 644 7.88 -23.78 14.39
C THR A 644 6.60 -24.52 14.06
N LYS A 645 5.63 -23.74 13.58
CA LYS A 645 4.52 -24.26 12.80
C LYS A 645 4.28 -23.43 11.56
N ALA A 646 5.18 -22.48 11.26
CA ALA A 646 5.20 -21.74 10.00
C ALA A 646 3.90 -20.98 9.75
N ARG A 647 3.40 -20.34 10.80
CA ARG A 647 2.22 -19.49 10.68
C ARG A 647 2.61 -18.13 10.13
N ALA A 648 1.80 -17.62 9.19
CA ALA A 648 1.98 -16.29 8.63
C ALA A 648 0.61 -15.67 8.43
N VAL A 649 0.54 -14.35 8.40
CA VAL A 649 -0.73 -13.63 8.31
C VAL A 649 -0.84 -12.85 7.00
N MET A 650 0.24 -12.22 6.54
CA MET A 650 0.25 -11.59 5.22
C MET A 650 1.40 -12.14 4.39
N ASN A 651 1.24 -12.09 3.07
CA ASN A 651 2.25 -12.50 2.11
C ASN A 651 1.78 -12.06 0.73
N PHE A 652 2.71 -11.64 -0.11
CA PHE A 652 2.33 -10.99 -1.35
C PHE A 652 3.48 -11.06 -2.35
N VAL A 653 3.19 -10.64 -3.57
CA VAL A 653 4.19 -10.45 -4.62
C VAL A 653 4.29 -8.96 -4.91
N VAL A 654 5.51 -8.44 -4.92
CA VAL A 654 5.75 -7.03 -5.18
C VAL A 654 6.54 -6.92 -6.49
N ARG A 655 6.11 -5.99 -7.35
CA ARG A 655 6.77 -5.74 -8.63
C ARG A 655 7.56 -4.46 -8.54
N TYR A 656 8.82 -4.51 -8.96
CA TYR A 656 9.68 -3.35 -8.99
C TYR A 656 9.87 -2.91 -10.44
N ARG A 657 9.56 -1.65 -10.72
CA ARG A 657 9.78 -1.05 -12.03
C ARG A 657 10.46 0.30 -11.83
N PRO A 658 11.36 0.68 -12.74
CA PRO A 658 12.09 1.95 -12.54
C PRO A 658 11.19 3.17 -12.48
N ASP A 659 9.98 3.12 -13.04
CA ASP A 659 9.07 4.25 -13.03
C ASP A 659 7.92 4.10 -12.05
N GLU A 660 7.39 2.88 -11.86
CA GLU A 660 6.24 2.70 -10.98
C GLU A 660 6.60 3.01 -9.53
N GLN A 661 7.53 2.24 -8.96
CA GLN A 661 7.94 2.44 -7.58
C GLN A 661 9.44 2.16 -7.45
N PRO A 662 10.21 3.07 -6.87
CA PRO A 662 11.61 2.77 -6.56
C PRO A 662 11.72 1.88 -5.33
N SER A 663 12.93 1.64 -4.86
CA SER A 663 13.13 0.71 -3.76
C SER A 663 12.67 1.33 -2.44
N LEU A 664 12.60 0.48 -1.42
CA LEU A 664 12.04 0.85 -0.13
C LEU A 664 13.08 1.54 0.74
N ARG A 665 12.58 2.37 1.66
CA ARG A 665 13.42 3.01 2.66
C ARG A 665 13.91 1.99 3.67
N PRO A 666 15.04 2.27 4.34
CA PRO A 666 15.48 1.36 5.41
C PRO A 666 14.42 1.27 6.50
N HIS A 667 14.19 0.04 6.96
CA HIS A 667 13.08 -0.23 7.87
C HIS A 667 13.33 -1.56 8.57
N HIS A 668 12.31 -2.05 9.26
CA HIS A 668 12.35 -3.36 9.91
C HIS A 668 11.00 -4.04 9.74
N ASP A 669 11.00 -5.35 9.89
CA ASP A 669 9.83 -6.16 9.64
C ASP A 669 9.23 -6.68 10.94
N SER A 670 7.91 -6.92 10.92
CA SER A 670 7.21 -7.47 12.07
C SER A 670 7.04 -8.99 11.91
N SER A 671 8.17 -9.68 11.93
CA SER A 671 8.16 -11.13 11.80
C SER A 671 9.44 -11.70 12.40
N THR A 672 9.35 -12.96 12.81
CA THR A 672 10.52 -13.65 13.36
C THR A 672 11.62 -13.76 12.31
N PHE A 673 11.25 -14.13 11.08
CA PHE A 673 12.16 -14.09 9.96
C PHE A 673 11.35 -13.98 8.67
N THR A 674 11.96 -13.44 7.64
CA THR A 674 11.29 -13.15 6.39
C THR A 674 11.83 -14.02 5.27
N LEU A 675 10.95 -14.42 4.37
CA LEU A 675 11.30 -15.28 3.24
C LEU A 675 11.20 -14.47 1.96
N ASN A 676 12.31 -14.34 1.24
CA ASN A 676 12.39 -13.52 0.04
C ASN A 676 12.76 -14.41 -1.14
N VAL A 677 11.95 -14.35 -2.20
CA VAL A 677 12.11 -15.20 -3.38
C VAL A 677 12.00 -14.34 -4.63
N ALA A 678 12.98 -14.48 -5.53
CA ALA A 678 12.93 -13.83 -6.82
C ALA A 678 12.11 -14.68 -7.81
N LEU A 679 11.63 -14.03 -8.86
CA LEU A 679 10.73 -14.70 -9.79
C LEU A 679 11.15 -14.64 -11.25
N ASN A 680 12.00 -13.69 -11.65
CA ASN A 680 12.42 -13.60 -13.03
C ASN A 680 13.93 -13.42 -13.09
N HIS A 681 14.51 -13.90 -14.18
CA HIS A 681 15.96 -13.88 -14.35
C HIS A 681 16.48 -12.44 -14.36
N LYS A 682 17.58 -12.22 -13.65
CA LYS A 682 18.19 -10.90 -13.60
C LYS A 682 19.16 -10.73 -14.76
N GLY A 683 19.15 -9.55 -15.37
CA GLY A 683 19.96 -9.29 -16.54
C GLY A 683 19.20 -9.54 -17.82
N LEU A 684 18.63 -10.73 -17.93
CA LEU A 684 17.82 -11.05 -19.11
C LEU A 684 16.54 -10.23 -19.15
N ASP A 685 15.98 -9.89 -17.99
CA ASP A 685 14.70 -9.19 -17.98
C ASP A 685 14.73 -7.96 -17.07
N TYR A 686 15.77 -7.81 -16.26
CA TYR A 686 15.90 -6.60 -15.47
C TYR A 686 17.34 -6.43 -14.99
N GLU A 687 17.69 -5.19 -14.69
CA GLU A 687 18.96 -4.85 -14.06
C GLU A 687 18.66 -4.05 -12.79
N GLY A 688 19.31 -4.42 -11.69
CA GLY A 688 19.05 -3.81 -10.41
C GLY A 688 19.95 -4.37 -9.32
N GLY A 689 19.36 -4.70 -8.18
CA GLY A 689 20.14 -5.28 -7.10
C GLY A 689 19.26 -6.01 -6.12
N GLY A 690 19.90 -6.56 -5.10
CA GLY A 690 19.19 -7.27 -4.05
C GLY A 690 18.93 -6.39 -2.84
N CYS A 691 19.34 -6.86 -1.67
CA CYS A 691 19.15 -6.14 -0.43
C CYS A 691 20.46 -5.54 0.07
N ARG A 692 20.35 -4.63 1.02
CA ARG A 692 21.51 -3.91 1.55
C ARG A 692 21.35 -3.79 3.06
N PHE A 693 22.09 -4.60 3.82
CA PHE A 693 22.03 -4.59 5.26
C PHE A 693 22.98 -3.53 5.80
N LEU A 694 22.43 -2.53 6.50
CA LEU A 694 23.22 -1.38 6.91
C LEU A 694 24.26 -1.76 7.96
N ARG A 695 23.88 -2.60 8.93
CA ARG A 695 24.75 -2.84 10.07
C ARG A 695 26.02 -3.60 9.69
N TYR A 696 25.95 -4.53 8.74
CA TYR A 696 27.08 -5.37 8.39
C TYR A 696 27.84 -4.87 7.17
N ASP A 697 27.49 -3.69 6.65
CA ASP A 697 27.98 -3.22 5.35
C ASP A 697 27.75 -4.30 4.30
N CYS A 698 26.56 -4.89 4.32
CA CYS A 698 26.25 -6.09 3.57
C CYS A 698 25.43 -5.73 2.34
N VAL A 699 25.82 -6.28 1.19
CA VAL A 699 25.16 -6.00 -0.08
C VAL A 699 24.92 -7.31 -0.81
N ILE A 700 23.70 -7.49 -1.32
CA ILE A 700 23.34 -8.62 -2.17
C ILE A 700 23.17 -8.09 -3.59
N SER A 701 23.90 -8.68 -4.53
CA SER A 701 24.00 -8.14 -5.88
C SER A 701 23.27 -8.95 -6.94
N SER A 702 23.23 -10.28 -6.82
CA SER A 702 22.71 -11.15 -7.87
C SER A 702 21.77 -12.19 -7.27
N PRO A 703 20.49 -11.84 -7.08
CA PRO A 703 19.50 -12.85 -6.73
C PRO A 703 19.27 -13.80 -7.91
N ARG A 704 19.27 -15.09 -7.62
CA ARG A 704 19.04 -16.09 -8.66
C ARG A 704 17.54 -16.27 -8.89
N LYS A 705 17.22 -17.04 -9.94
CA LYS A 705 15.84 -17.11 -10.39
C LYS A 705 14.97 -17.92 -9.43
N GLY A 706 15.49 -19.00 -8.87
CA GLY A 706 14.68 -19.88 -8.07
C GLY A 706 15.18 -20.14 -6.66
N TRP A 707 15.98 -19.25 -6.12
CA TRP A 707 16.50 -19.39 -4.77
C TRP A 707 15.78 -18.42 -3.83
N ALA A 708 15.95 -18.66 -2.53
CA ALA A 708 15.22 -17.94 -1.50
C ALA A 708 16.17 -17.34 -0.49
N LEU A 709 15.78 -16.19 0.05
CA LEU A 709 16.55 -15.48 1.06
C LEU A 709 15.94 -15.69 2.43
N LEU A 710 16.78 -16.01 3.41
CA LEU A 710 16.35 -16.25 4.78
C LEU A 710 17.15 -15.34 5.71
N HIS A 711 16.47 -14.41 6.37
CA HIS A 711 17.15 -13.57 7.34
C HIS A 711 16.15 -13.08 8.37
N PRO A 712 16.51 -13.03 9.64
CA PRO A 712 15.62 -12.41 10.63
C PRO A 712 15.49 -10.92 10.37
N GLY A 713 14.31 -10.39 10.66
CA GLY A 713 14.05 -9.00 10.31
C GLY A 713 13.32 -8.20 11.36
N ARG A 714 13.49 -8.53 12.64
CA ARG A 714 12.86 -7.79 13.72
C ARG A 714 13.82 -6.81 14.39
N LEU A 715 14.95 -7.30 14.89
CA LEU A 715 15.84 -6.49 15.70
C LEU A 715 17.20 -6.28 15.05
N THR A 716 17.91 -7.35 14.71
CA THR A 716 19.33 -7.22 14.39
C THR A 716 19.55 -6.61 13.01
N HIS A 717 18.79 -7.02 12.01
CA HIS A 717 19.12 -6.79 10.61
C HIS A 717 18.36 -5.59 10.07
N TYR A 718 19.08 -4.52 9.77
CA TYR A 718 18.54 -3.30 9.17
C TYR A 718 18.75 -3.39 7.66
N HIS A 719 17.78 -3.97 6.96
CA HIS A 719 17.92 -4.20 5.53
C HIS A 719 17.31 -3.06 4.73
N GLU A 720 17.92 -2.77 3.58
CA GLU A 720 17.44 -1.79 2.64
C GLU A 720 17.54 -2.35 1.23
N GLY A 721 16.64 -1.92 0.35
CA GLY A 721 16.59 -2.44 -1.00
C GLY A 721 17.32 -1.55 -1.98
N LEU A 722 18.10 -2.16 -2.87
CA LEU A 722 18.78 -1.44 -3.92
C LEU A 722 17.80 -1.09 -5.05
N PRO A 723 18.05 0.00 -5.79
CA PRO A 723 17.07 0.46 -6.78
C PRO A 723 17.24 -0.20 -8.13
N THR A 724 16.11 -0.38 -8.82
CA THR A 724 16.12 -0.94 -10.16
C THR A 724 16.46 0.13 -11.17
N THR A 725 17.16 -0.27 -12.24
CA THR A 725 17.58 0.65 -13.29
C THR A 725 16.90 0.34 -14.62
N TRP A 726 17.03 -0.88 -15.11
CA TRP A 726 16.52 -1.27 -16.42
C TRP A 726 15.77 -2.59 -16.29
N GLY A 727 14.75 -2.76 -17.12
CA GLY A 727 13.93 -3.96 -17.07
C GLY A 727 12.96 -3.95 -15.91
N THR A 728 12.34 -5.12 -15.69
CA THR A 728 11.35 -5.27 -14.63
C THR A 728 11.62 -6.54 -13.86
N ARG A 729 11.44 -6.49 -12.53
CA ARG A 729 11.67 -7.62 -11.65
C ARG A 729 10.43 -7.87 -10.79
N TYR A 730 10.29 -9.11 -10.35
CA TYR A 730 9.20 -9.53 -9.48
C TYR A 730 9.78 -10.23 -8.26
N ILE A 731 9.13 -10.05 -7.11
CA ILE A 731 9.61 -10.58 -5.84
C ILE A 731 8.44 -11.11 -5.03
N MET A 732 8.63 -12.28 -4.41
CA MET A 732 7.64 -12.87 -3.53
C MET A 732 8.15 -12.79 -2.09
N VAL A 733 7.29 -12.31 -1.19
CA VAL A 733 7.67 -12.04 0.20
C VAL A 733 6.62 -12.66 1.12
N SER A 734 7.08 -13.36 2.14
CA SER A 734 6.20 -13.89 3.18
C SER A 734 6.82 -13.65 4.54
N PHE A 735 6.03 -13.09 5.46
CA PHE A 735 6.47 -12.82 6.83
C PHE A 735 5.84 -13.86 7.74
N VAL A 736 6.66 -14.78 8.22
CA VAL A 736 6.20 -15.92 9.02
C VAL A 736 6.41 -15.63 10.49
N ASP A 737 5.50 -16.15 11.32
CA ASP A 737 5.61 -16.09 12.78
C ASP A 737 5.69 -14.65 13.28
N PRO A 738 4.59 -13.90 13.23
CA PRO A 738 4.57 -12.50 13.67
C PRO A 738 4.89 -12.33 15.14
N PRO B 33 13.81 77.83 33.71
CA PRO B 33 15.07 77.10 33.75
C PRO B 33 15.90 77.44 34.98
N VAL B 34 15.34 77.20 36.17
CA VAL B 34 16.05 77.49 37.40
C VAL B 34 17.30 76.62 37.50
N ASN B 35 18.34 77.16 38.11
CA ASN B 35 19.63 76.47 38.17
C ASN B 35 19.51 75.17 38.96
N PRO B 36 20.04 74.06 38.44
CA PRO B 36 19.95 72.80 39.19
C PRO B 36 20.91 72.70 40.37
N GLU B 37 21.54 73.79 40.79
CA GLU B 37 22.40 73.80 41.95
C GLU B 37 21.76 74.48 43.15
N LYS B 38 20.60 75.10 42.98
CA LYS B 38 19.89 75.77 44.06
C LYS B 38 18.94 74.84 44.79
N LEU B 39 19.18 73.54 44.73
CA LEU B 39 18.31 72.54 45.32
C LEU B 39 19.06 71.81 46.42
N LEU B 40 18.44 71.70 47.59
CA LEU B 40 19.11 71.13 48.76
C LEU B 40 18.13 70.20 49.47
N VAL B 41 18.32 68.90 49.31
CA VAL B 41 17.46 67.91 49.93
C VAL B 41 17.88 67.73 51.38
N ILE B 42 16.92 67.82 52.30
CA ILE B 42 17.16 67.61 53.72
C ILE B 42 16.34 66.43 54.20
N THR B 43 17.00 65.44 54.76
CA THR B 43 16.39 64.24 55.29
C THR B 43 16.50 64.24 56.82
N VAL B 44 16.13 63.12 57.44
CA VAL B 44 16.39 62.93 58.86
C VAL B 44 16.48 61.44 59.14
N ALA B 45 17.56 61.02 59.80
CA ALA B 45 17.80 59.60 60.07
C ALA B 45 18.78 59.48 61.22
N THR B 46 18.28 59.04 62.38
CA THR B 46 19.11 58.94 63.57
C THR B 46 20.24 57.94 63.38
N ALA B 47 19.90 56.67 63.23
CA ALA B 47 20.89 55.61 63.04
C ALA B 47 21.26 55.55 61.56
N GLU B 48 21.96 54.49 61.16
CA GLU B 48 22.22 54.22 59.75
C GLU B 48 21.85 52.76 59.50
N THR B 49 20.57 52.51 59.23
CA THR B 49 20.11 51.18 58.89
C THR B 49 20.31 50.98 57.39
N GLU B 50 19.77 49.88 56.86
CA GLU B 50 19.98 49.59 55.44
C GLU B 50 19.09 50.44 54.54
N GLY B 51 17.87 50.75 54.97
CA GLY B 51 17.00 51.59 54.16
C GLY B 51 17.60 52.95 53.87
N TYR B 52 18.28 53.53 54.86
CA TYR B 52 18.94 54.80 54.64
C TYR B 52 20.02 54.68 53.58
N LEU B 53 20.77 53.59 53.59
CA LEU B 53 21.78 53.39 52.56
C LEU B 53 21.14 53.26 51.19
N ARG B 54 19.99 52.57 51.11
CA ARG B 54 19.29 52.46 49.84
C ARG B 54 18.88 53.83 49.32
N PHE B 55 18.30 54.66 50.19
CA PHE B 55 17.93 56.00 49.76
C PHE B 55 19.15 56.80 49.32
N LEU B 56 20.25 56.68 50.06
CA LEU B 56 21.44 57.46 49.72
C LEU B 56 21.96 57.09 48.34
N ARG B 57 22.02 55.79 48.04
CA ARG B 57 22.46 55.38 46.71
C ARG B 57 21.52 55.88 45.63
N SER B 58 20.20 55.75 45.86
CA SER B 58 19.25 56.16 44.84
C SER B 58 19.34 57.66 44.59
N ALA B 59 19.50 58.45 45.63
CA ALA B 59 19.62 59.90 45.45
C ALA B 59 20.95 60.27 44.81
N GLU B 60 22.01 59.52 45.10
CA GLU B 60 23.32 59.86 44.54
C GLU B 60 23.38 59.53 43.06
N PHE B 61 22.62 58.52 42.61
CA PHE B 61 22.66 58.15 41.19
C PHE B 61 22.34 59.34 40.29
N PHE B 62 21.51 60.28 40.75
CA PHE B 62 21.14 61.44 39.97
C PHE B 62 21.94 62.69 40.32
N ASN B 63 22.88 62.58 41.26
CA ASN B 63 23.67 63.72 41.75
C ASN B 63 22.80 64.83 42.32
N TYR B 64 21.98 64.48 43.31
CA TYR B 64 21.44 65.47 44.22
C TYR B 64 22.51 65.90 45.20
N THR B 65 22.13 66.72 46.18
CA THR B 65 23.01 67.14 47.26
C THR B 65 22.23 66.97 48.56
N VAL B 66 22.49 65.88 49.27
CA VAL B 66 21.76 65.55 50.47
C VAL B 66 22.53 66.05 51.68
N ARG B 67 21.83 66.74 52.59
CA ARG B 67 22.38 67.16 53.86
C ARG B 67 21.49 66.58 54.96
N THR B 68 22.03 65.64 55.72
CA THR B 68 21.25 64.93 56.72
C THR B 68 21.14 65.74 58.00
N LEU B 69 20.26 65.29 58.88
CA LEU B 69 20.07 65.92 60.18
C LEU B 69 19.96 64.86 61.25
N GLY B 70 20.45 65.19 62.45
CA GLY B 70 20.35 64.29 63.58
C GLY B 70 21.09 62.99 63.41
N LEU B 71 22.26 63.02 62.79
CA LEU B 71 23.04 61.81 62.56
C LEU B 71 23.87 61.52 63.80
N GLY B 72 23.33 60.69 64.69
CA GLY B 72 24.08 60.25 65.85
C GLY B 72 23.32 60.29 67.15
N GLU B 73 22.42 61.26 67.30
CA GLU B 73 21.67 61.41 68.55
C GLU B 73 20.59 60.32 68.64
N GLU B 74 19.81 60.38 69.71
CA GLU B 74 18.83 59.36 70.03
C GLU B 74 17.43 59.79 69.57
N TRP B 75 16.65 58.80 69.15
CA TRP B 75 15.27 59.04 68.72
C TRP B 75 14.41 59.40 69.92
N ARG B 76 14.24 60.70 70.17
CA ARG B 76 13.54 61.19 71.36
C ARG B 76 12.03 61.27 71.16
N GLY B 77 11.49 60.68 70.09
CA GLY B 77 10.06 60.72 69.86
C GLY B 77 9.34 59.53 70.42
N GLY B 78 8.75 58.71 69.54
CA GLY B 78 8.05 57.52 69.94
C GLY B 78 8.07 56.45 68.87
N ASP B 79 6.97 55.71 68.73
CA ASP B 79 6.88 54.71 67.68
C ASP B 79 6.90 55.39 66.31
N VAL B 80 7.42 54.66 65.33
CA VAL B 80 7.65 55.26 64.01
C VAL B 80 6.35 55.76 63.40
N ALA B 81 5.40 54.85 63.17
CA ALA B 81 4.10 55.25 62.64
C ALA B 81 2.97 54.40 63.21
N ARG B 82 3.17 53.76 64.36
CA ARG B 82 2.12 52.91 64.93
C ARG B 82 0.88 53.74 65.26
N THR B 83 1.00 54.66 66.21
CA THR B 83 -0.05 55.63 66.47
C THR B 83 0.46 57.06 66.40
N VAL B 84 1.51 57.39 67.16
CA VAL B 84 1.90 58.78 67.39
C VAL B 84 3.42 58.93 67.38
N GLY B 85 3.90 60.14 67.58
CA GLY B 85 5.31 60.38 67.80
C GLY B 85 5.90 61.22 66.69
N GLY B 86 7.22 61.45 66.80
CA GLY B 86 7.95 62.11 65.74
C GLY B 86 7.75 63.61 65.63
N GLY B 87 7.41 64.28 66.72
CA GLY B 87 7.43 65.74 66.66
C GLY B 87 8.79 66.37 66.72
N GLN B 88 9.84 65.57 66.95
CA GLN B 88 11.19 66.07 67.16
C GLN B 88 11.85 66.56 65.86
N LYS B 89 11.50 65.93 64.73
CA LYS B 89 12.09 66.28 63.45
C LYS B 89 11.81 67.72 63.09
N VAL B 90 10.59 68.20 63.36
CA VAL B 90 10.30 69.59 63.04
C VAL B 90 11.17 70.50 63.91
N ARG B 91 11.52 70.06 65.11
CA ARG B 91 12.40 70.88 65.93
C ARG B 91 13.80 70.95 65.35
N TRP B 92 14.38 69.82 64.95
CA TRP B 92 15.65 69.89 64.23
C TRP B 92 15.54 70.80 63.02
N LEU B 93 14.45 70.67 62.25
CA LEU B 93 14.34 71.45 61.02
C LEU B 93 14.30 72.94 61.33
N LYS B 94 13.57 73.32 62.39
CA LYS B 94 13.54 74.72 62.80
C LYS B 94 14.92 75.20 63.20
N LYS B 95 15.65 74.39 63.99
CA LYS B 95 16.98 74.78 64.42
C LYS B 95 17.90 74.98 63.22
N GLU B 96 17.74 74.14 62.19
CA GLU B 96 18.60 74.26 61.02
C GLU B 96 18.22 75.45 60.15
N MET B 97 16.93 75.77 60.06
CA MET B 97 16.46 76.79 59.14
C MET B 97 16.91 78.20 59.47
N GLU B 98 17.48 78.44 60.66
CA GLU B 98 18.00 79.77 60.95
C GLU B 98 19.17 80.11 60.03
N LYS B 99 19.89 79.11 59.52
CA LYS B 99 21.03 79.39 58.66
C LYS B 99 20.59 79.91 57.30
N TYR B 100 19.51 79.36 56.74
CA TYR B 100 19.02 79.76 55.42
C TYR B 100 17.81 80.66 55.49
N ALA B 101 17.50 81.20 56.68
CA ALA B 101 16.28 81.98 56.85
C ALA B 101 16.26 83.26 56.02
N ASP B 102 17.41 83.68 55.50
CA ASP B 102 17.48 84.88 54.68
C ASP B 102 17.54 84.62 53.19
N ARG B 103 17.99 83.44 52.78
CA ARG B 103 18.21 83.16 51.36
C ARG B 103 16.90 83.16 50.60
N GLU B 104 16.95 83.57 49.33
CA GLU B 104 15.79 83.67 48.48
C GLU B 104 15.90 82.84 47.21
N ASP B 105 17.10 82.47 46.80
CA ASP B 105 17.34 81.83 45.51
C ASP B 105 17.33 80.30 45.59
N MET B 106 17.10 79.72 46.76
CA MET B 106 17.23 78.28 46.96
C MET B 106 15.88 77.65 47.21
N ILE B 107 15.65 76.51 46.55
CA ILE B 107 14.47 75.68 46.75
C ILE B 107 14.86 74.48 47.57
N ILE B 108 14.13 74.25 48.67
CA ILE B 108 14.49 73.25 49.65
C ILE B 108 13.50 72.10 49.56
N MET B 109 13.93 70.92 49.99
CA MET B 109 13.12 69.71 49.91
C MET B 109 13.34 68.86 51.16
N PHE B 110 12.25 68.39 51.74
CA PHE B 110 12.27 67.61 52.97
C PHE B 110 11.53 66.31 52.76
N VAL B 111 12.25 65.19 52.79
CA VAL B 111 11.65 63.87 52.64
C VAL B 111 12.11 62.99 53.79
N ASP B 112 11.16 62.37 54.47
CA ASP B 112 11.52 61.36 55.45
C ASP B 112 12.29 60.25 54.75
N SER B 113 13.39 59.82 55.37
CA SER B 113 14.41 59.10 54.62
C SER B 113 14.64 57.67 55.04
N TYR B 114 13.67 57.01 55.67
CA TYR B 114 13.86 55.60 55.96
C TYR B 114 13.26 54.70 54.89
N ASP B 115 12.18 55.13 54.24
CA ASP B 115 11.47 54.31 53.26
C ASP B 115 11.12 55.15 52.04
N VAL B 116 12.10 55.81 51.44
CA VAL B 116 11.89 56.60 50.24
C VAL B 116 12.99 56.29 49.23
N ILE B 117 12.62 56.12 47.97
CA ILE B 117 13.59 55.94 46.88
C ILE B 117 13.30 56.99 45.81
N LEU B 118 14.34 57.71 45.40
CA LEU B 118 14.18 58.75 44.39
C LEU B 118 14.14 58.12 43.01
N ALA B 119 13.11 58.44 42.24
CA ALA B 119 12.87 57.81 40.95
C ALA B 119 13.18 58.69 39.76
N GLY B 120 13.76 59.87 39.95
CA GLY B 120 13.97 60.76 38.82
C GLY B 120 15.05 61.81 38.94
N SER B 121 15.10 62.72 37.97
CA SER B 121 16.20 63.65 37.76
C SER B 121 15.92 65.01 38.39
N PRO B 122 16.95 65.77 38.76
CA PRO B 122 16.71 67.07 39.40
C PRO B 122 16.05 68.09 38.48
N THR B 123 16.50 68.17 37.23
CA THR B 123 15.97 69.19 36.32
C THR B 123 14.48 68.99 36.10
N GLU B 124 14.04 67.75 35.91
CA GLU B 124 12.61 67.49 35.74
C GLU B 124 11.83 67.87 36.99
N LEU B 125 12.39 67.58 38.17
CA LEU B 125 11.71 67.96 39.40
C LEU B 125 11.55 69.47 39.51
N LEU B 126 12.62 70.21 39.22
CA LEU B 126 12.54 71.67 39.29
C LEU B 126 11.55 72.21 38.27
N LYS B 127 11.56 71.66 37.06
CA LYS B 127 10.63 72.12 36.04
C LYS B 127 9.18 71.87 36.45
N LYS B 128 8.89 70.69 37.01
CA LYS B 128 7.54 70.40 37.45
C LYS B 128 7.13 71.31 38.60
N PHE B 129 8.05 71.59 39.52
CA PHE B 129 7.74 72.51 40.61
C PHE B 129 7.40 73.90 40.08
N VAL B 130 8.24 74.42 39.19
CA VAL B 130 8.00 75.76 38.64
C VAL B 130 6.68 75.79 37.87
N GLN B 131 6.41 74.76 37.08
CA GLN B 131 5.15 74.70 36.35
C GLN B 131 3.97 74.67 37.30
N SER B 132 4.14 74.04 38.48
CA SER B 132 3.10 74.13 39.49
C SER B 132 2.91 75.55 39.97
N GLY B 133 3.98 76.36 39.96
CA GLY B 133 3.89 77.77 40.24
C GLY B 133 3.80 78.16 41.70
N SER B 134 3.31 77.27 42.56
CA SER B 134 3.05 77.62 43.94
C SER B 134 4.35 77.75 44.73
N ARG B 135 4.22 78.01 46.04
CA ARG B 135 5.36 78.22 46.91
C ARG B 135 5.61 77.07 47.87
N LEU B 136 4.59 76.27 48.19
CA LEU B 136 4.76 75.14 49.09
C LEU B 136 3.84 74.02 48.63
N LEU B 137 4.42 72.92 48.17
CA LEU B 137 3.66 71.78 47.68
C LEU B 137 3.79 70.63 48.67
N PHE B 138 2.65 70.09 49.10
CA PHE B 138 2.62 68.97 50.02
C PHE B 138 2.34 67.68 49.26
N SER B 139 2.47 66.55 49.95
CA SER B 139 2.13 65.26 49.39
C SER B 139 0.72 64.88 49.83
N ALA B 140 -0.08 64.41 48.88
CA ALA B 140 -1.50 64.17 49.13
C ALA B 140 -1.77 62.68 49.22
N GLU B 141 -2.40 62.27 50.32
CA GLU B 141 -2.82 60.89 50.53
C GLU B 141 -4.32 60.87 50.79
N SER B 142 -4.91 59.68 50.71
CA SER B 142 -6.36 59.55 50.69
C SER B 142 -6.98 59.38 52.07
N PHE B 143 -6.20 59.40 53.14
CA PHE B 143 -6.73 59.19 54.48
C PHE B 143 -6.31 60.32 55.41
N CYS B 144 -7.25 60.75 56.25
CA CYS B 144 -6.96 61.67 57.35
C CYS B 144 -6.43 60.82 58.50
N TRP B 145 -5.11 60.81 58.69
CA TRP B 145 -4.51 59.82 59.58
C TRP B 145 -4.77 60.09 61.05
N PRO B 146 -4.29 61.20 61.64
CA PRO B 146 -4.31 61.30 63.10
C PRO B 146 -5.70 61.57 63.65
N GLU B 147 -6.49 62.33 62.90
CA GLU B 147 -7.78 62.81 63.34
C GLU B 147 -8.78 62.72 62.19
N TRP B 148 -10.06 62.55 62.54
CA TRP B 148 -11.11 62.37 61.55
C TRP B 148 -12.05 63.57 61.43
N GLY B 149 -12.19 64.37 62.49
CA GLY B 149 -13.27 65.36 62.53
C GLY B 149 -13.20 66.43 61.46
N LEU B 150 -11.99 66.88 61.10
CA LEU B 150 -11.81 67.95 60.12
C LEU B 150 -11.76 67.46 58.68
N ALA B 151 -12.37 66.31 58.37
CA ALA B 151 -12.38 65.83 57.00
C ALA B 151 -13.04 66.84 56.06
N GLU B 152 -14.17 67.41 56.49
CA GLU B 152 -14.99 68.24 55.62
C GLU B 152 -14.41 69.63 55.39
N GLN B 153 -13.53 70.12 56.27
CA GLN B 153 -13.07 71.50 56.16
C GLN B 153 -12.02 71.68 55.07
N TYR B 154 -11.56 70.61 54.44
CA TYR B 154 -10.65 70.72 53.32
C TYR B 154 -11.40 71.24 52.08
N PRO B 155 -10.68 71.75 51.09
CA PRO B 155 -11.33 72.10 49.82
C PRO B 155 -11.86 70.86 49.12
N GLU B 156 -12.52 71.08 47.99
CA GLU B 156 -13.11 70.01 47.23
C GLU B 156 -12.40 69.84 45.89
N VAL B 157 -11.95 68.62 45.62
CA VAL B 157 -11.33 68.26 44.35
C VAL B 157 -12.03 67.03 43.81
N GLY B 158 -12.44 67.09 42.54
CA GLY B 158 -13.24 66.04 41.94
C GLY B 158 -12.55 64.70 41.73
N THR B 159 -11.29 64.72 41.30
CA THR B 159 -10.62 63.52 40.82
C THR B 159 -9.54 63.00 41.75
N GLY B 160 -8.55 63.83 42.06
CA GLY B 160 -7.37 63.35 42.76
C GLY B 160 -7.59 63.18 44.24
N LYS B 161 -6.51 62.83 44.93
CA LYS B 161 -6.54 62.70 46.37
C LYS B 161 -6.79 64.07 47.00
N ARG B 162 -7.41 64.07 48.17
CA ARG B 162 -7.95 65.28 48.77
C ARG B 162 -7.17 65.76 49.99
N PHE B 163 -6.95 64.89 50.97
CA PHE B 163 -6.46 65.33 52.26
C PHE B 163 -4.97 65.64 52.20
N LEU B 164 -4.36 65.90 53.36
CA LEU B 164 -2.97 66.31 53.46
C LEU B 164 -2.18 65.28 54.24
N ASN B 165 -0.91 65.12 53.88
CA ASN B 165 0.01 64.24 54.57
C ASN B 165 1.38 64.91 54.60
N SER B 166 1.94 65.08 55.80
CA SER B 166 3.15 65.87 56.01
C SER B 166 4.42 65.06 55.75
N GLY B 167 4.34 64.02 54.94
CA GLY B 167 5.50 63.19 54.69
C GLY B 167 6.59 63.84 53.87
N GLY B 168 6.28 64.83 53.05
CA GLY B 168 7.31 65.46 52.26
C GLY B 168 6.83 66.66 51.47
N PHE B 169 7.58 67.76 51.55
CA PHE B 169 7.19 68.99 50.88
C PHE B 169 8.40 69.63 50.22
N ILE B 170 8.13 70.46 49.22
CA ILE B 170 9.15 71.18 48.47
C ILE B 170 8.70 72.62 48.33
N GLY B 171 9.60 73.56 48.58
CA GLY B 171 9.23 74.96 48.49
C GLY B 171 10.43 75.86 48.68
N PHE B 172 10.16 77.16 48.58
CA PHE B 172 11.18 78.18 48.81
C PHE B 172 11.60 78.20 50.27
N ALA B 173 12.83 78.64 50.51
CA ALA B 173 13.38 78.65 51.87
C ALA B 173 12.62 79.63 52.77
N THR B 174 12.27 80.80 52.26
CA THR B 174 11.66 81.83 53.10
C THR B 174 10.30 81.37 53.62
N THR B 175 9.47 80.80 52.74
CA THR B 175 8.16 80.33 53.17
C THR B 175 8.30 79.21 54.17
N ILE B 176 9.28 78.32 53.99
CA ILE B 176 9.45 77.23 54.93
C ILE B 176 9.94 77.74 56.28
N HIS B 177 10.77 78.79 56.30
CA HIS B 177 11.15 79.39 57.57
C HIS B 177 9.95 80.01 58.26
N GLN B 178 9.16 80.78 57.52
CA GLN B 178 7.93 81.36 58.08
C GLN B 178 6.99 80.27 58.56
N ILE B 179 7.05 79.09 57.95
CA ILE B 179 6.05 78.08 58.24
C ILE B 179 6.49 77.21 59.41
N VAL B 180 7.80 77.10 59.63
CA VAL B 180 8.33 76.30 60.73
C VAL B 180 8.62 77.11 61.99
N ARG B 181 8.67 78.44 61.88
CA ARG B 181 8.96 79.25 63.06
C ARG B 181 7.92 79.11 64.16
N GLN B 182 6.68 78.77 63.81
CA GLN B 182 5.56 78.78 64.74
C GLN B 182 5.42 77.49 65.54
N TRP B 183 6.51 76.73 65.71
CA TRP B 183 6.44 75.48 66.44
C TRP B 183 6.88 75.71 67.88
N LYS B 184 5.99 75.44 68.83
CA LYS B 184 6.32 75.51 70.25
C LYS B 184 5.42 74.50 70.98
N TYR B 185 5.96 73.30 71.20
CA TYR B 185 5.20 72.22 71.82
C TYR B 185 6.18 71.28 72.51
N LYS B 186 5.67 70.17 73.01
CA LYS B 186 6.51 69.12 73.56
C LYS B 186 7.24 68.40 72.43
N ASP B 187 8.38 67.80 72.77
CA ASP B 187 9.17 67.07 71.79
C ASP B 187 8.53 65.75 71.39
N ASP B 188 7.49 65.31 72.09
CA ASP B 188 6.85 64.02 71.82
C ASP B 188 5.55 64.15 71.04
N ASP B 189 4.90 65.31 71.07
CA ASP B 189 3.59 65.46 70.45
C ASP B 189 3.65 65.16 68.96
N ASP B 190 2.49 64.85 68.39
CA ASP B 190 2.41 64.44 67.00
C ASP B 190 2.76 65.60 66.07
N ASP B 191 3.20 65.27 64.86
CA ASP B 191 3.63 66.26 63.89
C ASP B 191 2.55 66.60 62.86
N GLN B 192 2.00 65.59 62.19
CA GLN B 192 1.19 65.82 61.01
C GLN B 192 -0.04 66.68 61.31
N LEU B 193 -0.64 66.54 62.50
CA LEU B 193 -1.84 67.32 62.78
C LEU B 193 -1.52 68.80 62.92
N PHE B 194 -0.30 69.14 63.35
CA PHE B 194 0.09 70.54 63.42
C PHE B 194 0.10 71.16 62.03
N TYR B 195 0.71 70.47 61.07
CA TYR B 195 0.68 70.94 59.69
C TYR B 195 -0.75 71.02 59.16
N THR B 196 -1.58 70.03 59.53
CA THR B 196 -2.96 70.03 59.07
C THR B 196 -3.72 71.25 59.60
N ARG B 197 -3.63 71.49 60.91
CA ARG B 197 -4.31 72.63 61.51
C ARG B 197 -3.82 73.93 60.88
N LEU B 198 -2.52 74.06 60.68
CA LEU B 198 -1.97 75.25 60.05
C LEU B 198 -2.53 75.44 58.64
N TYR B 199 -2.53 74.38 57.83
CA TYR B 199 -2.97 74.50 56.44
C TYR B 199 -4.46 74.77 56.35
N LEU B 200 -5.22 74.35 57.35
CA LEU B 200 -6.67 74.48 57.27
C LEU B 200 -7.14 75.93 57.30
N ASP B 201 -6.31 76.85 57.77
CA ASP B 201 -6.72 78.25 57.86
C ASP B 201 -6.82 78.87 56.46
N PRO B 202 -7.96 79.44 56.09
CA PRO B 202 -8.10 80.01 54.74
C PRO B 202 -7.20 81.19 54.48
N GLY B 203 -7.19 82.16 55.39
CA GLY B 203 -6.37 83.35 55.19
C GLY B 203 -4.88 83.01 55.12
N LEU B 204 -4.42 82.13 56.01
CA LEU B 204 -3.03 81.70 55.96
C LEU B 204 -2.73 80.99 54.65
N ARG B 205 -3.65 80.15 54.18
CA ARG B 205 -3.46 79.44 52.93
C ARG B 205 -3.32 80.41 51.76
N GLU B 206 -4.16 81.44 51.72
CA GLU B 206 -4.08 82.41 50.62
C GLU B 206 -2.85 83.30 50.77
N LYS B 207 -2.39 83.53 52.00
CA LYS B 207 -1.22 84.39 52.19
C LYS B 207 0.06 83.69 51.78
N LEU B 208 0.21 82.41 52.13
CA LEU B 208 1.45 81.70 51.86
C LEU B 208 1.35 80.72 50.69
N SER B 209 0.17 80.55 50.10
CA SER B 209 -0.03 79.71 48.91
C SER B 209 0.39 78.26 49.17
N LEU B 210 -0.36 77.60 50.05
CA LEU B 210 -0.18 76.18 50.30
C LEU B 210 -1.10 75.36 49.40
N ASN B 211 -0.52 74.42 48.67
CA ASN B 211 -1.27 73.61 47.72
C ASN B 211 -0.93 72.14 47.90
N LEU B 212 -1.85 71.29 47.46
CA LEU B 212 -1.68 69.85 47.51
C LEU B 212 -1.53 69.30 46.11
N ASP B 213 -0.62 68.33 45.94
CA ASP B 213 -0.46 67.64 44.66
C ASP B 213 -1.64 66.70 44.50
N HIS B 214 -2.78 67.28 44.17
CA HIS B 214 -4.02 66.51 44.08
C HIS B 214 -3.88 65.37 43.10
N LYS B 215 -3.21 65.60 41.97
CA LYS B 215 -3.12 64.63 40.89
C LYS B 215 -1.86 63.79 40.94
N SER B 216 -1.03 63.95 41.97
CA SER B 216 0.21 63.20 42.12
C SER B 216 1.13 63.41 40.91
N ARG B 217 1.56 64.65 40.74
CA ARG B 217 2.52 65.00 39.70
C ARG B 217 3.96 64.90 40.15
N ILE B 218 4.23 65.01 41.46
CA ILE B 218 5.59 64.93 41.96
C ILE B 218 5.69 63.86 43.04
N PHE B 219 4.85 63.96 44.07
CA PHE B 219 4.88 63.03 45.20
C PHE B 219 3.85 61.94 44.98
N GLN B 220 4.27 60.69 45.22
CA GLN B 220 3.40 59.53 45.09
C GLN B 220 3.44 58.75 46.39
N ASN B 221 2.27 58.34 46.88
CA ASN B 221 2.16 57.57 48.10
C ASN B 221 1.63 56.19 47.80
N LEU B 222 2.18 55.19 48.49
CA LEU B 222 1.81 53.79 48.27
C LEU B 222 0.83 53.29 49.31
N ASN B 223 -0.09 54.15 49.76
CA ASN B 223 -1.17 53.73 50.65
C ASN B 223 -2.49 54.17 50.05
N GLY B 224 -3.34 53.21 49.71
CA GLY B 224 -4.59 53.50 49.06
C GLY B 224 -4.50 53.71 47.56
N ALA B 225 -3.32 53.59 46.98
CA ALA B 225 -3.10 53.73 45.55
C ALA B 225 -2.33 52.55 45.03
N LEU B 226 -2.44 51.41 45.69
CA LEU B 226 -1.66 50.23 45.36
C LEU B 226 -2.22 49.46 44.18
N ASP B 227 -3.15 50.06 43.43
CA ASP B 227 -3.69 49.43 42.23
C ASP B 227 -3.55 50.32 41.01
N GLU B 228 -2.71 51.35 41.08
CA GLU B 228 -2.53 52.27 39.97
C GLU B 228 -1.07 52.49 39.64
N VAL B 229 -0.20 51.55 39.98
CA VAL B 229 1.24 51.70 39.77
C VAL B 229 1.71 50.58 38.87
N VAL B 230 2.41 50.94 37.80
CA VAL B 230 3.02 49.97 36.90
C VAL B 230 4.48 50.36 36.70
N LEU B 231 5.34 49.35 36.57
CA LEU B 231 6.74 49.61 36.30
C LEU B 231 6.96 49.80 34.80
N LYS B 232 7.44 50.97 34.42
CA LYS B 232 7.71 51.26 33.01
C LYS B 232 9.20 51.07 32.78
N PHE B 233 9.57 49.90 32.29
CA PHE B 233 10.98 49.62 32.03
C PHE B 233 11.51 50.57 30.96
N ASP B 234 12.83 50.60 30.84
CA ASP B 234 13.49 51.51 29.92
C ASP B 234 14.86 50.94 29.57
N ARG B 235 15.63 51.70 28.80
CA ARG B 235 16.86 51.16 28.23
C ARG B 235 17.88 50.80 29.32
N ASN B 236 18.18 51.75 30.20
CA ASN B 236 19.14 51.47 31.27
C ASN B 236 18.72 52.09 32.59
N ARG B 237 17.42 52.22 32.85
CA ARG B 237 16.90 52.65 34.14
C ARG B 237 15.43 52.27 34.18
N VAL B 238 14.88 52.23 35.38
CA VAL B 238 13.49 51.88 35.57
C VAL B 238 12.77 53.08 36.19
N ARG B 239 11.45 53.09 36.08
CA ARG B 239 10.68 54.24 36.52
C ARG B 239 9.23 53.82 36.65
N ILE B 240 8.55 54.38 37.64
CA ILE B 240 7.16 54.01 37.90
C ILE B 240 6.26 55.02 37.19
N ARG B 241 4.99 54.65 37.06
CA ARG B 241 4.06 55.41 36.24
C ARG B 241 2.64 55.20 36.75
N ASN B 242 2.02 56.27 37.25
CA ASN B 242 0.69 56.20 37.83
C ASN B 242 -0.33 56.24 36.69
N VAL B 243 -1.00 55.12 36.45
CA VAL B 243 -1.85 54.99 35.26
C VAL B 243 -3.06 55.92 35.33
N ALA B 244 -3.72 56.00 36.49
CA ALA B 244 -5.01 56.67 36.56
C ALA B 244 -4.95 58.14 36.18
N TYR B 245 -3.79 58.79 36.32
CA TYR B 245 -3.64 60.16 35.86
C TYR B 245 -2.49 60.33 34.87
N ASP B 246 -1.77 59.25 34.55
CA ASP B 246 -0.67 59.24 33.60
C ASP B 246 0.36 60.33 33.90
N THR B 247 1.00 60.19 35.06
CA THR B 247 2.12 61.03 35.41
C THR B 247 3.27 60.12 35.83
N LEU B 248 4.48 60.70 35.88
CA LEU B 248 5.66 59.94 36.29
C LEU B 248 6.22 60.52 37.57
N PRO B 249 5.88 59.97 38.73
CA PRO B 249 6.27 60.58 40.01
C PRO B 249 7.78 60.66 40.17
N ILE B 250 8.18 61.37 41.23
CA ILE B 250 9.58 61.60 41.54
C ILE B 250 9.99 60.95 42.86
N VAL B 251 9.12 61.02 43.87
CA VAL B 251 9.43 60.49 45.20
C VAL B 251 8.40 59.44 45.54
N VAL B 252 8.70 58.18 45.28
CA VAL B 252 7.90 57.09 45.82
C VAL B 252 8.12 57.05 47.33
N HIS B 253 7.04 57.05 48.10
CA HIS B 253 7.15 57.18 49.55
C HIS B 253 6.25 56.12 50.17
N GLY B 254 6.79 54.94 50.40
CA GLY B 254 5.99 53.82 50.86
C GLY B 254 5.57 53.94 52.32
N ASN B 255 4.75 54.94 52.62
CA ASN B 255 4.36 55.19 54.01
C ASN B 255 3.44 54.10 54.52
N GLY B 256 3.07 54.22 55.80
CA GLY B 256 2.07 53.37 56.39
C GLY B 256 2.46 51.91 56.47
N PRO B 257 1.47 51.02 56.43
CA PRO B 257 1.71 49.58 56.51
C PRO B 257 1.93 48.92 55.15
N THR B 258 2.79 49.52 54.32
CA THR B 258 3.10 48.97 53.01
C THR B 258 4.59 49.01 52.75
N LYS B 259 5.40 48.64 53.73
CA LYS B 259 6.83 48.59 53.48
C LYS B 259 7.24 47.38 52.66
N LEU B 260 6.41 46.33 52.62
CA LEU B 260 6.73 45.17 51.79
C LEU B 260 6.74 45.53 50.32
N GLN B 261 5.71 46.27 49.86
CA GLN B 261 5.67 46.62 48.45
C GLN B 261 6.80 47.57 48.09
N LEU B 262 7.18 48.46 48.99
CA LEU B 262 8.33 49.30 48.73
C LEU B 262 9.60 48.47 48.66
N ASN B 263 9.74 47.47 49.53
CA ASN B 263 10.90 46.59 49.47
C ASN B 263 10.97 45.91 48.11
N TYR B 264 9.84 45.42 47.63
CA TYR B 264 9.83 44.82 46.30
C TYR B 264 10.23 45.83 45.23
N LEU B 265 9.70 47.04 45.31
CA LEU B 265 10.07 48.08 44.35
C LEU B 265 11.53 48.48 44.46
N GLY B 266 12.21 48.13 45.55
CA GLY B 266 13.57 48.59 45.74
C GLY B 266 14.59 47.87 44.90
N ASN B 267 14.22 46.75 44.28
CA ASN B 267 15.15 46.07 43.40
C ASN B 267 15.32 46.80 42.08
N TYR B 268 14.30 47.50 41.60
CA TYR B 268 14.34 48.05 40.26
C TYR B 268 14.65 49.55 40.25
N VAL B 269 13.82 50.37 40.88
CA VAL B 269 13.97 51.82 40.78
C VAL B 269 15.21 52.25 41.56
N PRO B 270 16.11 53.06 40.97
CA PRO B 270 16.10 53.56 39.62
C PRO B 270 17.19 52.97 38.75
N ASN B 271 18.08 52.13 39.29
CA ASN B 271 19.08 51.49 38.44
C ASN B 271 19.34 50.05 38.84
N GLY B 272 18.47 49.45 39.64
CA GLY B 272 18.72 48.15 40.19
C GLY B 272 18.85 47.03 39.18
N TRP B 273 17.95 46.97 38.22
CA TRP B 273 17.99 45.94 37.19
C TRP B 273 17.51 46.53 35.88
N THR B 274 18.39 46.58 34.91
CA THR B 274 18.08 47.20 33.63
C THR B 274 18.17 46.15 32.53
N PRO B 275 17.17 46.06 31.66
CA PRO B 275 17.01 44.87 30.81
C PRO B 275 18.24 44.52 29.98
N GLU B 276 19.22 45.40 29.86
CA GLU B 276 20.47 45.07 29.19
C GLU B 276 21.68 45.04 30.12
N GLY B 277 21.60 45.68 31.28
CA GLY B 277 22.78 45.91 32.09
C GLY B 277 22.95 44.99 33.28
N GLY B 278 22.66 43.70 33.11
CA GLY B 278 22.92 42.73 34.15
C GLY B 278 22.22 43.06 35.45
N CYS B 279 22.98 43.54 36.43
CA CYS B 279 22.46 44.06 37.67
C CYS B 279 23.00 45.45 37.92
N GLY B 280 22.67 46.03 39.06
CA GLY B 280 23.11 47.37 39.38
C GLY B 280 24.17 47.38 40.45
N PHE B 281 23.78 47.70 41.69
CA PHE B 281 24.67 47.53 42.83
C PHE B 281 24.55 46.06 43.27
N CYS B 282 25.16 45.19 42.47
CA CYS B 282 25.07 43.76 42.71
C CYS B 282 26.42 43.06 42.66
N ASN B 283 27.50 43.78 42.42
CA ASN B 283 28.82 43.19 42.37
C ASN B 283 29.84 43.97 43.18
N GLN B 284 29.43 44.99 43.93
CA GLN B 284 30.34 45.79 44.72
C GLN B 284 30.18 45.44 46.20
N ASP B 285 30.89 46.19 47.05
CA ASP B 285 30.96 45.92 48.49
C ASP B 285 31.45 44.49 48.75
N ARG B 286 32.51 44.12 48.04
CA ARG B 286 33.11 42.80 48.14
C ARG B 286 34.43 42.89 48.89
N ARG B 287 34.60 42.03 49.89
CA ARG B 287 35.84 42.05 50.67
C ARG B 287 37.00 41.45 49.89
N THR B 288 36.73 40.43 49.07
CA THR B 288 37.70 39.62 48.35
C THR B 288 38.63 38.83 49.27
N LEU B 289 38.30 38.74 50.55
CA LEU B 289 39.04 37.96 51.53
C LEU B 289 40.55 38.24 51.51
N PRO B 290 40.96 39.48 51.80
CA PRO B 290 42.40 39.79 51.81
C PRO B 290 43.03 39.58 53.18
N GLY B 291 44.33 39.87 53.28
CA GLY B 291 45.05 39.85 54.55
C GLY B 291 46.06 38.73 54.67
N GLY B 292 45.76 37.58 54.06
CA GLY B 292 46.62 36.41 54.21
C GLY B 292 46.27 35.63 55.46
N GLN B 293 45.69 36.32 56.44
CA GLN B 293 45.21 35.66 57.64
C GLN B 293 44.14 34.64 57.27
N PRO B 294 44.05 33.52 57.98
CA PRO B 294 42.99 32.54 57.71
C PRO B 294 41.63 33.22 57.73
N PRO B 295 40.75 32.84 56.81
CA PRO B 295 39.47 33.55 56.65
C PRO B 295 38.66 33.57 57.93
N PRO B 296 37.68 34.46 58.03
CA PRO B 296 36.94 34.61 59.29
C PRO B 296 36.18 33.34 59.65
N ARG B 297 35.91 33.18 60.94
CA ARG B 297 35.37 31.95 61.48
C ARG B 297 33.95 31.69 61.01
N VAL B 298 33.39 30.56 61.44
CA VAL B 298 32.05 30.13 61.07
C VAL B 298 31.51 29.33 62.24
N PHE B 299 30.19 29.26 62.37
CA PHE B 299 29.56 28.34 63.30
C PHE B 299 28.47 27.60 62.54
N LEU B 300 28.85 26.52 61.88
CA LEU B 300 27.90 25.74 61.11
C LEU B 300 26.89 25.10 62.05
N ALA B 301 25.72 24.75 61.51
CA ALA B 301 24.72 24.10 62.33
C ALA B 301 23.77 23.32 61.43
N VAL B 302 23.97 22.01 61.32
CA VAL B 302 23.13 21.14 60.51
C VAL B 302 21.97 20.66 61.36
N PHE B 303 20.75 20.86 60.88
CA PHE B 303 19.56 20.42 61.60
C PHE B 303 18.88 19.33 60.79
N VAL B 304 18.48 18.25 61.46
CA VAL B 304 17.80 17.13 60.82
C VAL B 304 16.51 16.93 61.59
N GLU B 305 15.44 17.60 61.14
CA GLU B 305 14.18 17.58 61.87
C GLU B 305 13.12 16.73 61.19
N GLN B 306 13.50 15.91 60.22
CA GLN B 306 12.60 15.06 59.47
C GLN B 306 13.30 13.74 59.23
N PRO B 307 12.55 12.69 58.90
CA PRO B 307 13.19 11.52 58.28
C PRO B 307 13.50 11.84 56.83
N THR B 308 14.76 12.12 56.52
CA THR B 308 15.06 12.62 55.19
C THR B 308 15.85 11.60 54.39
N PRO B 309 15.58 11.48 53.10
CA PRO B 309 16.31 10.50 52.29
C PRO B 309 17.75 10.91 52.05
N PHE B 310 18.57 9.90 51.75
CA PHE B 310 19.96 10.11 51.33
C PHE B 310 20.79 10.81 52.39
N LEU B 311 20.48 10.57 53.66
CA LEU B 311 21.19 11.27 54.73
C LEU B 311 22.69 10.98 54.76
N PRO B 312 23.16 9.72 54.67
CA PRO B 312 24.61 9.48 54.74
C PRO B 312 25.39 10.20 53.67
N ARG B 313 24.83 10.32 52.47
CA ARG B 313 25.54 11.07 51.42
C ARG B 313 25.74 12.51 51.82
N PHE B 314 24.71 13.13 52.40
CA PHE B 314 24.84 14.52 52.84
C PHE B 314 25.85 14.64 53.98
N LEU B 315 25.83 13.70 54.92
CA LEU B 315 26.82 13.71 56.00
C LEU B 315 28.24 13.63 55.45
N GLN B 316 28.46 12.75 54.47
CA GLN B 316 29.78 12.66 53.86
C GLN B 316 30.14 13.93 53.11
N ARG B 317 29.17 14.53 52.42
CA ARG B 317 29.43 15.76 51.68
C ARG B 317 29.83 16.89 52.62
N LEU B 318 29.37 16.85 53.87
CA LEU B 318 29.73 17.89 54.83
C LEU B 318 31.24 18.00 55.01
N LEU B 319 31.99 16.95 54.69
CA LEU B 319 33.44 16.94 54.86
C LEU B 319 34.19 17.62 53.74
N LEU B 320 33.51 18.25 52.79
CA LEU B 320 34.16 18.74 51.58
C LEU B 320 34.01 20.23 51.36
N LEU B 321 33.31 20.94 52.24
CA LEU B 321 33.09 22.37 52.03
C LEU B 321 34.43 23.12 52.06
N ASP B 322 34.60 24.04 51.11
CA ASP B 322 35.88 24.71 50.90
C ASP B 322 36.09 25.74 51.99
N TYR B 323 36.49 25.26 53.16
CA TYR B 323 36.85 26.14 54.26
C TYR B 323 37.78 25.37 55.20
N PRO B 324 38.91 25.97 55.58
CA PRO B 324 39.88 25.26 56.43
C PRO B 324 39.23 24.71 57.68
N PRO B 325 39.35 23.40 57.91
CA PRO B 325 38.58 22.75 58.98
C PRO B 325 39.08 23.04 60.38
N ASP B 326 40.04 23.95 60.53
CA ASP B 326 40.50 24.37 61.84
C ASP B 326 39.73 25.58 62.37
N ARG B 327 38.75 26.08 61.62
CA ARG B 327 37.91 27.19 62.04
C ARG B 327 36.45 26.82 62.14
N VAL B 328 35.91 26.11 61.15
CA VAL B 328 34.50 25.77 61.12
C VAL B 328 34.16 24.87 62.30
N THR B 329 33.33 25.38 63.20
CA THR B 329 32.79 24.56 64.29
C THR B 329 31.65 23.73 63.74
N LEU B 330 30.89 23.05 64.59
CA LEU B 330 29.74 22.29 64.12
C LEU B 330 28.75 22.13 65.25
N PHE B 331 27.51 21.78 64.87
CA PHE B 331 26.44 21.52 65.81
C PHE B 331 25.40 20.74 65.00
N LEU B 332 25.18 19.49 65.35
CA LEU B 332 24.33 18.60 64.57
C LEU B 332 23.21 18.08 65.45
N HIS B 333 22.07 18.75 65.43
CA HIS B 333 20.93 18.39 66.27
C HIS B 333 20.01 17.45 65.49
N ASN B 334 20.07 16.17 65.79
CA ASN B 334 19.05 15.24 65.33
C ASN B 334 17.78 15.48 66.13
N ASN B 335 16.66 15.00 65.59
CA ASN B 335 15.41 14.97 66.34
C ASN B 335 14.61 13.70 66.09
N GLU B 336 15.14 12.76 65.31
CA GLU B 336 14.44 11.52 65.00
C GLU B 336 15.33 10.34 65.36
N VAL B 337 14.75 9.34 66.03
CA VAL B 337 15.53 8.19 66.48
C VAL B 337 15.95 7.32 65.30
N PHE B 338 15.12 7.27 64.25
CA PHE B 338 15.41 6.39 63.12
C PHE B 338 16.74 6.75 62.46
N HIS B 339 17.18 7.99 62.58
CA HIS B 339 18.42 8.44 61.97
C HIS B 339 19.63 8.28 62.89
N GLU B 340 19.46 7.64 64.04
CA GLU B 340 20.58 7.45 64.96
C GLU B 340 21.73 6.64 64.37
N PRO B 341 21.49 5.50 63.70
CA PRO B 341 22.64 4.68 63.24
C PRO B 341 23.58 5.42 62.30
N HIS B 342 23.06 6.26 61.40
CA HIS B 342 23.93 6.90 60.42
C HIS B 342 24.87 7.91 61.07
N ILE B 343 24.32 8.75 61.97
CA ILE B 343 25.17 9.70 62.69
C ILE B 343 26.15 8.95 63.58
N ALA B 344 25.70 7.89 64.26
CA ALA B 344 26.60 7.10 65.08
C ALA B 344 27.75 6.54 64.24
N ASP B 345 27.44 6.10 63.03
CA ASP B 345 28.47 5.59 62.12
C ASP B 345 29.46 6.70 61.75
N SER B 346 28.95 7.85 61.33
CA SER B 346 29.80 8.87 60.72
C SER B 346 30.37 9.88 61.71
N TRP B 347 30.13 9.69 63.01
CA TRP B 347 30.63 10.63 64.00
C TRP B 347 32.15 10.79 64.02
N PRO B 348 32.96 9.72 64.06
CA PRO B 348 34.41 9.93 64.28
C PRO B 348 35.09 10.76 63.21
N GLN B 349 34.73 10.62 61.94
CA GLN B 349 35.39 11.40 60.90
C GLN B 349 35.10 12.89 61.07
N LEU B 350 33.85 13.23 61.43
CA LEU B 350 33.54 14.63 61.71
C LEU B 350 34.27 15.12 62.95
N GLN B 351 34.41 14.26 63.96
CA GLN B 351 35.15 14.65 65.15
C GLN B 351 36.60 14.98 64.82
N ASP B 352 37.23 14.19 63.96
CA ASP B 352 38.59 14.49 63.54
C ASP B 352 38.64 15.75 62.67
N HIS B 353 37.71 15.88 61.73
CA HIS B 353 37.86 16.86 60.66
C HIS B 353 37.78 18.29 61.18
N PHE B 354 36.75 18.60 61.95
CA PHE B 354 36.47 19.99 62.30
C PHE B 354 37.08 20.36 63.65
N SER B 355 37.28 21.66 63.85
CA SER B 355 38.01 22.15 65.02
C SER B 355 37.24 22.00 66.32
N ALA B 356 35.97 21.61 66.27
CA ALA B 356 35.17 21.35 67.45
C ALA B 356 33.85 20.77 67.00
N VAL B 357 33.20 20.02 67.90
CA VAL B 357 31.97 19.31 67.56
C VAL B 357 31.08 19.29 68.79
N LYS B 358 29.76 19.26 68.56
CA LYS B 358 28.82 19.03 69.64
C LYS B 358 27.52 18.51 69.04
N LEU B 359 26.91 17.53 69.70
CA LEU B 359 25.66 16.95 69.27
C LEU B 359 24.58 17.21 70.30
N VAL B 360 23.33 16.95 69.91
CA VAL B 360 22.18 16.92 70.80
C VAL B 360 21.30 15.77 70.36
N GLY B 361 20.98 14.88 71.29
CA GLY B 361 20.31 13.66 70.94
C GLY B 361 18.82 13.83 70.77
N PRO B 362 18.17 12.76 70.35
CA PRO B 362 16.71 12.79 70.23
C PRO B 362 15.99 12.61 71.55
N GLU B 363 16.70 12.17 72.60
CA GLU B 363 16.07 11.88 73.89
C GLU B 363 15.82 13.13 74.72
N GLU B 364 16.43 14.27 74.36
CA GLU B 364 16.15 15.51 75.08
C GLU B 364 14.73 16.03 74.82
N ALA B 365 14.03 15.46 73.85
CA ALA B 365 12.66 15.85 73.53
C ALA B 365 12.55 17.36 73.28
N LEU B 366 13.52 17.88 72.54
CA LEU B 366 13.61 19.30 72.27
C LEU B 366 12.71 19.65 71.08
N SER B 367 11.87 20.67 71.25
CA SER B 367 11.08 21.18 70.15
C SER B 367 11.99 21.90 69.15
N PRO B 368 11.64 21.87 67.86
CA PRO B 368 12.54 22.46 66.85
C PRO B 368 12.87 23.91 67.11
N GLY B 369 11.87 24.69 67.52
CA GLY B 369 12.14 26.08 67.85
C GLY B 369 13.18 26.23 68.94
N GLU B 370 13.09 25.39 69.97
CA GLU B 370 14.07 25.45 71.04
C GLU B 370 15.46 25.13 70.54
N ALA B 371 15.58 24.17 69.62
CA ALA B 371 16.89 23.81 69.10
C ALA B 371 17.50 24.97 68.30
N ARG B 372 16.73 25.55 67.39
CA ARG B 372 17.26 26.67 66.62
C ARG B 372 17.61 27.84 67.55
N ASP B 373 16.78 28.06 68.57
CA ASP B 373 17.08 29.10 69.54
C ASP B 373 18.38 28.83 70.26
N MET B 374 18.62 27.57 70.65
CA MET B 374 19.85 27.24 71.35
C MET B 374 21.07 27.48 70.47
N ALA B 375 20.98 27.12 69.19
CA ALA B 375 22.10 27.36 68.29
C ALA B 375 22.40 28.86 68.18
N MET B 376 21.36 29.66 67.93
CA MET B 376 21.58 31.09 67.80
C MET B 376 22.14 31.68 69.09
N ASP B 377 21.62 31.25 70.24
CA ASP B 377 22.14 31.74 71.51
C ASP B 377 23.61 31.37 71.69
N LEU B 378 23.99 30.16 71.29
CA LEU B 378 25.37 29.74 71.47
C LEU B 378 26.31 30.55 70.58
N CYS B 379 25.84 31.02 69.44
CA CYS B 379 26.72 31.93 68.68
C CYS B 379 26.65 33.36 69.20
N ARG B 380 25.55 33.76 69.83
CA ARG B 380 25.45 35.14 70.31
C ARG B 380 26.42 35.41 71.45
N GLN B 381 26.58 34.46 72.36
CA GLN B 381 27.38 34.68 73.56
C GLN B 381 28.87 34.67 73.26
N ASP B 382 29.32 33.76 72.40
CA ASP B 382 30.72 33.71 72.02
C ASP B 382 31.08 34.98 71.26
N PRO B 383 32.12 35.70 71.66
CA PRO B 383 32.51 36.90 70.93
C PRO B 383 33.39 36.61 69.72
N GLU B 384 33.39 35.38 69.23
CA GLU B 384 34.27 35.01 68.14
C GLU B 384 33.59 34.53 66.87
N CYS B 385 32.41 33.89 66.93
CA CYS B 385 31.83 33.38 65.69
C CYS B 385 31.39 34.56 64.85
N GLU B 386 32.25 34.94 63.90
CA GLU B 386 32.00 36.08 63.03
C GLU B 386 30.82 35.86 62.11
N PHE B 387 30.36 34.63 61.95
CA PHE B 387 29.21 34.35 61.10
C PHE B 387 28.33 33.32 61.80
N TYR B 388 27.36 32.82 61.08
CA TYR B 388 26.54 31.69 61.51
C TYR B 388 25.85 31.20 60.26
N PHE B 389 26.10 29.96 59.85
CA PHE B 389 25.63 29.48 58.56
C PHE B 389 24.80 28.23 58.83
N SER B 390 23.53 28.43 59.15
CA SER B 390 22.65 27.30 59.37
C SER B 390 22.40 26.58 58.05
N LEU B 391 21.95 25.34 58.15
CA LEU B 391 21.72 24.55 56.95
C LEU B 391 20.84 23.37 57.34
N ASP B 392 19.60 23.37 56.88
CA ASP B 392 18.76 22.21 57.15
C ASP B 392 19.25 21.02 56.34
N ALA B 393 18.85 19.83 56.78
CA ALA B 393 19.34 18.62 56.13
C ALA B 393 18.55 18.25 54.89
N ASP B 394 17.52 19.02 54.58
CA ASP B 394 16.79 18.85 53.33
C ASP B 394 17.29 19.84 52.28
N ALA B 395 18.60 19.81 52.03
CA ALA B 395 19.20 20.77 51.10
C ALA B 395 20.52 20.17 50.58
N VAL B 396 20.50 19.67 49.36
CA VAL B 396 21.68 19.09 48.75
C VAL B 396 22.44 20.21 48.03
N LEU B 397 23.69 20.40 48.42
CA LEU B 397 24.50 21.53 47.94
C LEU B 397 25.44 21.02 46.85
N THR B 398 24.99 21.09 45.59
CA THR B 398 25.81 20.62 44.48
C THR B 398 27.12 21.39 44.40
N ASN B 399 27.05 22.71 44.40
CA ASN B 399 28.26 23.52 44.35
C ASN B 399 29.02 23.36 45.66
N LEU B 400 30.34 23.25 45.55
CA LEU B 400 31.21 23.09 46.71
C LEU B 400 31.86 24.40 47.14
N GLN B 401 31.47 25.52 46.53
CA GLN B 401 32.05 26.81 46.85
C GLN B 401 31.02 27.79 47.41
N THR B 402 29.89 27.29 47.91
CA THR B 402 28.83 28.18 48.35
C THR B 402 29.30 29.07 49.48
N LEU B 403 29.98 28.50 50.48
CA LEU B 403 30.32 29.28 51.68
C LEU B 403 31.20 30.46 51.33
N ARG B 404 32.16 30.27 50.43
CA ARG B 404 33.04 31.38 50.05
C ARG B 404 32.23 32.53 49.45
N ILE B 405 31.35 32.23 48.51
CA ILE B 405 30.59 33.28 47.84
C ILE B 405 29.68 33.99 48.82
N LEU B 406 28.95 33.23 49.64
CA LEU B 406 28.03 33.85 50.58
C LEU B 406 28.76 34.73 51.58
N ILE B 407 29.90 34.27 52.11
CA ILE B 407 30.68 35.12 53.00
C ILE B 407 31.17 36.35 52.25
N GLU B 408 31.46 36.20 50.96
CA GLU B 408 32.02 37.31 50.21
C GLU B 408 30.98 38.38 49.89
N GLU B 409 29.70 38.01 49.78
CA GLU B 409 28.71 38.98 49.34
C GLU B 409 28.52 40.11 50.33
N ASN B 410 28.82 39.87 51.61
CA ASN B 410 28.89 40.92 52.63
C ASN B 410 27.55 41.66 52.79
N ARG B 411 26.55 40.92 53.24
CA ARG B 411 25.26 41.50 53.62
C ARG B 411 24.78 40.87 54.90
N LYS B 412 23.77 41.49 55.51
CA LYS B 412 23.42 41.15 56.89
C LYS B 412 22.74 39.79 56.98
N VAL B 413 21.87 39.48 56.03
CA VAL B 413 21.30 38.14 55.90
C VAL B 413 21.30 37.81 54.42
N ILE B 414 21.53 36.55 54.09
CA ILE B 414 21.57 36.14 52.69
C ILE B 414 21.41 34.64 52.63
N ALA B 415 20.79 34.17 51.56
CA ALA B 415 20.56 32.75 51.33
C ALA B 415 21.06 32.41 49.94
N PRO B 416 21.29 31.14 49.67
CA PRO B 416 21.37 30.69 48.28
C PRO B 416 19.98 30.33 47.79
N MET B 417 19.85 30.14 46.48
CA MET B 417 18.56 29.89 45.88
C MET B 417 18.46 28.45 45.44
N LEU B 418 18.04 27.59 46.36
CA LEU B 418 17.83 26.18 46.07
C LEU B 418 16.42 26.00 45.51
N SER B 419 16.31 25.31 44.38
CA SER B 419 15.05 25.09 43.71
C SER B 419 14.78 23.59 43.58
N ARG B 420 13.55 23.19 43.81
CA ARG B 420 13.17 21.80 43.56
C ARG B 420 13.39 21.48 42.09
N HIS B 421 13.42 20.20 41.78
CA HIS B 421 13.78 19.78 40.43
C HIS B 421 12.58 19.85 39.50
N GLY B 422 12.75 20.58 38.39
CA GLY B 422 11.74 20.66 37.37
C GLY B 422 10.38 21.11 37.87
N LYS B 423 10.36 22.14 38.72
CA LYS B 423 9.12 22.63 39.29
C LYS B 423 9.33 24.09 39.69
N LEU B 424 8.39 24.63 40.46
CA LEU B 424 8.43 26.03 40.84
C LEU B 424 8.62 26.23 42.34
N TRP B 425 8.53 25.17 43.14
CA TRP B 425 8.80 25.30 44.57
C TRP B 425 10.24 25.78 44.79
N SER B 426 10.42 26.59 45.82
CA SER B 426 11.75 27.07 46.18
C SER B 426 11.66 27.68 47.56
N ASN B 427 12.80 28.15 48.06
CA ASN B 427 12.84 28.73 49.39
C ASN B 427 12.87 30.26 49.35
N PHE B 428 11.73 30.83 48.96
CA PHE B 428 11.43 32.24 49.21
C PHE B 428 10.01 32.49 48.76
N TRP B 429 9.52 33.69 49.05
CA TRP B 429 8.16 34.08 48.71
C TRP B 429 8.18 35.41 48.00
N GLY B 430 7.53 35.48 46.84
CA GLY B 430 7.46 36.74 46.14
C GLY B 430 6.81 37.84 46.96
N ALA B 431 5.72 37.52 47.65
CA ALA B 431 4.93 38.55 48.31
C ALA B 431 4.08 37.92 49.39
N LEU B 432 3.61 38.75 50.29
CA LEU B 432 2.84 38.31 51.45
C LEU B 432 1.38 38.72 51.30
N SER B 433 0.48 37.74 51.31
CA SER B 433 -0.94 38.03 51.38
C SER B 433 -1.28 38.61 52.75
N PRO B 434 -2.40 39.34 52.86
CA PRO B 434 -2.74 39.94 54.16
C PRO B 434 -2.84 38.94 55.30
N ASP B 435 -2.87 37.64 55.02
CA ASP B 435 -2.88 36.62 56.06
C ASP B 435 -1.48 36.22 56.51
N GLU B 436 -0.44 36.88 55.99
CA GLU B 436 0.95 36.48 56.24
C GLU B 436 1.18 35.03 55.81
N TYR B 437 0.64 34.66 54.66
CA TYR B 437 0.91 33.41 54.00
C TYR B 437 1.19 33.69 52.53
N TYR B 438 1.76 32.70 51.85
CA TYR B 438 2.35 32.92 50.53
C TYR B 438 1.30 33.44 49.55
N ALA B 439 1.66 34.51 48.85
CA ALA B 439 0.88 35.04 47.72
C ALA B 439 1.84 35.33 46.59
N ARG B 440 1.62 34.73 45.44
CA ARG B 440 2.57 34.81 44.33
C ARG B 440 2.71 36.24 43.83
N SER B 441 3.91 36.58 43.38
CA SER B 441 4.22 37.89 42.84
C SER B 441 4.24 37.82 41.32
N GLU B 442 4.63 38.93 40.67
CA GLU B 442 4.59 38.99 39.22
C GLU B 442 5.92 38.62 38.57
N ASP B 443 6.96 38.34 39.34
CA ASP B 443 8.25 37.95 38.79
C ASP B 443 8.86 36.75 39.50
N TYR B 444 8.04 35.94 40.14
CA TYR B 444 8.54 34.72 40.78
C TYR B 444 8.87 33.66 39.74
N VAL B 445 8.03 33.52 38.71
CA VAL B 445 8.32 32.57 37.66
C VAL B 445 9.55 32.99 36.87
N GLU B 446 9.83 34.28 36.80
CA GLU B 446 10.99 34.74 36.07
C GLU B 446 12.23 34.81 36.95
N LEU B 447 12.10 34.47 38.23
CA LEU B 447 13.27 34.31 39.08
C LEU B 447 13.65 32.85 39.23
N VAL B 448 12.65 31.97 39.30
CA VAL B 448 12.93 30.55 39.55
C VAL B 448 13.78 29.97 38.43
N GLN B 449 13.52 30.38 37.20
CA GLN B 449 14.18 29.81 36.03
C GLN B 449 15.39 30.63 35.59
N ARG B 450 15.89 31.51 36.45
CA ARG B 450 17.13 32.24 36.23
C ARG B 450 17.14 32.98 34.89
N LYS B 451 16.05 33.67 34.58
CA LYS B 451 16.07 34.63 33.49
C LYS B 451 16.59 35.99 33.94
N ARG B 452 16.78 36.18 35.23
CA ARG B 452 17.34 37.40 35.79
C ARG B 452 18.38 37.00 36.83
N VAL B 453 19.40 37.84 37.01
CA VAL B 453 20.52 37.50 37.87
C VAL B 453 20.87 38.69 38.74
N GLY B 454 21.05 38.45 40.03
CA GLY B 454 21.49 39.50 40.94
C GLY B 454 21.42 39.02 42.37
N VAL B 455 21.40 39.97 43.29
CA VAL B 455 21.10 39.70 44.68
C VAL B 455 19.85 40.51 45.03
N TRP B 456 18.73 39.80 45.13
CA TRP B 456 17.42 40.44 45.19
C TRP B 456 17.14 40.94 46.59
N ASN B 457 15.87 41.29 46.83
CA ASN B 457 15.37 41.54 48.17
C ASN B 457 14.03 40.83 48.26
N VAL B 458 13.76 40.19 49.39
CA VAL B 458 12.67 39.23 49.48
C VAL B 458 12.14 39.24 50.92
N PRO B 459 10.87 38.96 51.16
CA PRO B 459 10.34 38.97 52.54
C PRO B 459 10.33 37.64 53.27
N TYR B 460 10.91 36.57 52.73
CA TYR B 460 11.08 35.36 53.52
C TYR B 460 12.06 34.38 52.86
N ILE B 461 13.08 33.94 53.59
CA ILE B 461 14.03 32.94 53.12
C ILE B 461 14.13 31.85 54.16
N SER B 462 14.54 30.66 53.71
CA SER B 462 14.62 29.53 54.61
C SER B 462 15.49 28.44 54.02
N GLN B 463 15.94 27.54 54.88
CA GLN B 463 16.67 26.31 54.59
C GLN B 463 18.13 26.52 54.22
N ALA B 464 18.62 27.75 54.16
CA ALA B 464 20.05 28.01 54.16
C ALA B 464 20.29 29.51 54.31
N TYR B 465 21.11 29.94 55.25
CA TYR B 465 21.41 31.36 55.30
C TYR B 465 22.73 31.60 56.00
N VAL B 466 23.24 32.81 55.86
CA VAL B 466 24.52 33.20 56.42
C VAL B 466 24.29 34.49 57.19
N ILE B 467 23.96 34.38 58.47
CA ILE B 467 23.66 35.54 59.29
C ILE B 467 24.96 36.13 59.82
N ARG B 468 25.18 37.42 59.58
CA ARG B 468 26.39 38.04 60.08
C ARG B 468 26.36 38.08 61.60
N GLY B 469 27.53 38.25 62.20
CA GLY B 469 27.65 38.15 63.64
C GLY B 469 27.17 39.37 64.41
N ASP B 470 27.61 40.55 63.99
CA ASP B 470 27.23 41.77 64.69
C ASP B 470 25.72 41.95 64.69
N THR B 471 25.06 41.67 63.57
CA THR B 471 23.60 41.69 63.54
C THR B 471 23.02 40.75 64.58
N LEU B 472 23.68 39.61 64.83
CA LEU B 472 23.20 38.73 65.89
C LEU B 472 23.53 39.26 67.28
N ARG B 473 24.49 40.17 67.40
CA ARG B 473 24.90 40.62 68.73
C ARG B 473 24.16 41.88 69.18
N MET B 474 24.24 42.96 68.40
CA MET B 474 23.75 44.25 68.86
C MET B 474 22.59 44.80 68.02
N GLU B 475 21.89 43.95 67.28
CA GLU B 475 20.71 44.37 66.55
C GLU B 475 19.54 43.42 66.64
N LEU B 476 19.67 42.31 67.37
CA LEU B 476 18.57 41.40 67.64
C LEU B 476 18.88 40.68 68.94
N PRO B 477 19.00 41.42 70.05
CA PRO B 477 19.63 40.87 71.25
C PRO B 477 18.73 39.98 72.08
N GLN B 478 17.44 39.87 71.76
CA GLN B 478 16.59 38.99 72.54
C GLN B 478 16.99 37.53 72.30
N ARG B 479 16.35 36.62 73.02
CA ARG B 479 16.62 35.21 72.85
C ARG B 479 15.57 34.49 72.03
N ASP B 480 14.31 34.56 72.45
CA ASP B 480 13.26 33.80 71.78
C ASP B 480 12.90 34.44 70.45
N VAL B 481 13.58 34.02 69.38
CA VAL B 481 13.25 34.45 68.03
C VAL B 481 12.41 33.41 67.31
N PHE B 482 12.77 32.13 67.41
CA PHE B 482 12.02 31.09 66.72
C PHE B 482 10.74 30.73 67.45
N SER B 483 10.83 30.35 68.71
CA SER B 483 9.67 29.96 69.50
C SER B 483 8.98 31.22 70.03
N GLY B 484 8.08 31.05 70.97
CA GLY B 484 7.32 32.16 71.50
C GLY B 484 6.06 32.48 70.74
N SER B 485 5.63 31.61 69.84
CA SER B 485 4.38 31.81 69.12
C SER B 485 3.85 30.46 68.65
N ASP B 486 2.54 30.40 68.45
CA ASP B 486 1.92 29.20 67.89
C ASP B 486 2.39 28.93 66.48
N THR B 487 2.87 29.96 65.77
CA THR B 487 3.29 29.82 64.38
C THR B 487 4.53 28.94 64.27
N ASP B 488 4.71 28.37 63.09
CA ASP B 488 5.87 27.53 62.82
C ASP B 488 7.14 28.37 62.91
N PRO B 489 8.28 27.74 63.23
CA PRO B 489 9.49 28.54 63.49
C PRO B 489 9.92 29.42 62.33
N ASP B 490 9.77 28.95 61.10
CA ASP B 490 10.28 29.71 59.95
C ASP B 490 9.59 31.06 59.82
N MET B 491 8.25 31.05 59.83
CA MET B 491 7.51 32.29 59.65
C MET B 491 7.75 33.26 60.79
N ALA B 492 7.83 32.74 62.02
CA ALA B 492 8.11 33.61 63.16
C ALA B 492 9.50 34.22 63.06
N PHE B 493 10.48 33.43 62.64
CA PHE B 493 11.82 33.94 62.44
C PHE B 493 11.83 35.08 61.43
N CYS B 494 11.21 34.86 60.26
CA CYS B 494 11.26 35.89 59.23
C CYS B 494 10.45 37.12 59.62
N LYS B 495 9.35 36.95 60.36
CA LYS B 495 8.63 38.12 60.86
C LYS B 495 9.48 38.92 61.84
N SER B 496 10.17 38.23 62.75
CA SER B 496 10.98 38.93 63.73
C SER B 496 12.18 39.61 63.09
N PHE B 497 12.61 39.15 61.92
CA PHE B 497 13.62 39.93 61.20
C PHE B 497 13.03 41.08 60.38
N ARG B 498 11.86 40.88 59.77
CA ARG B 498 11.29 41.99 59.01
C ARG B 498 10.96 43.17 59.91
N ASP B 499 10.44 42.91 61.11
CA ASP B 499 9.95 43.98 61.95
C ASP B 499 11.06 44.92 62.42
N LYS B 500 12.29 44.42 62.61
CA LYS B 500 13.36 45.24 63.16
C LYS B 500 14.04 46.11 62.12
N GLY B 501 13.70 45.98 60.84
CA GLY B 501 14.32 46.79 59.81
C GLY B 501 15.62 46.21 59.30
N ILE B 502 15.60 44.93 58.95
CA ILE B 502 16.76 44.23 58.41
C ILE B 502 16.31 43.49 57.16
N PHE B 503 16.94 43.76 56.03
CA PHE B 503 16.53 43.14 54.78
C PHE B 503 16.91 41.68 54.77
N LEU B 504 16.19 40.90 53.99
CA LEU B 504 16.43 39.47 53.84
C LEU B 504 16.79 39.19 52.39
N HIS B 505 18.08 39.27 52.06
CA HIS B 505 18.52 39.14 50.68
C HIS B 505 18.28 37.72 50.18
N LEU B 506 18.62 37.50 48.90
CA LEU B 506 18.61 36.16 48.33
C LEU B 506 19.40 36.22 47.03
N SER B 507 20.51 35.49 46.97
CA SER B 507 21.45 35.57 45.87
C SER B 507 21.31 34.37 44.96
N ASN B 508 21.05 34.61 43.67
CA ASN B 508 20.80 33.51 42.75
C ASN B 508 21.66 33.61 41.51
N GLN B 509 22.88 34.12 41.64
CA GLN B 509 23.78 34.22 40.49
C GLN B 509 24.14 32.85 39.93
N HIS B 510 24.86 32.05 40.70
CA HIS B 510 25.34 30.76 40.21
C HIS B 510 24.30 29.68 40.48
N GLU B 511 24.68 28.43 40.23
CA GLU B 511 23.85 27.27 40.59
C GLU B 511 24.31 26.77 41.95
N PHE B 512 23.41 26.79 42.93
CA PHE B 512 23.77 26.49 44.30
C PHE B 512 23.18 25.18 44.82
N GLY B 513 22.46 24.44 43.99
CA GLY B 513 22.01 23.14 44.44
C GLY B 513 20.56 22.82 44.12
N ARG B 514 19.97 21.91 44.89
CA ARG B 514 18.59 21.52 44.70
C ARG B 514 18.04 20.99 46.02
N LEU B 515 16.73 21.13 46.18
CA LEU B 515 16.05 20.62 47.36
C LEU B 515 15.69 19.15 47.18
N LEU B 516 15.26 18.51 48.27
CA LEU B 516 14.82 17.13 48.26
C LEU B 516 13.36 17.07 48.69
N ALA B 517 12.59 16.20 48.07
CA ALA B 517 11.18 16.05 48.39
C ALA B 517 11.02 14.96 49.43
N THR B 518 10.74 15.34 50.67
CA THR B 518 10.52 14.40 51.77
C THR B 518 9.07 14.41 52.23
N SER B 519 8.13 14.66 51.31
CA SER B 519 6.73 14.73 51.69
C SER B 519 6.21 13.38 52.13
N ARG B 520 6.47 12.33 51.34
CA ARG B 520 6.10 10.97 51.69
C ARG B 520 7.34 10.10 51.70
N TYR B 521 7.48 9.28 52.74
CA TYR B 521 8.71 8.52 52.95
C TYR B 521 8.38 7.27 53.75
N ASP B 522 8.31 6.13 53.08
CA ASP B 522 8.05 4.86 53.74
C ASP B 522 9.35 4.32 54.32
N THR B 523 9.45 4.32 55.65
CA THR B 523 10.68 3.94 56.33
C THR B 523 10.66 2.50 56.86
N GLU B 524 9.67 1.71 56.47
CA GLU B 524 9.54 0.34 56.95
C GLU B 524 10.13 -0.66 55.94
N HIS B 525 11.42 -0.51 55.68
CA HIS B 525 12.15 -1.44 54.82
C HIS B 525 13.57 -1.56 55.32
N LEU B 526 14.33 -2.46 54.67
CA LEU B 526 15.75 -2.59 55.02
C LEU B 526 16.52 -1.36 54.58
N HIS B 527 16.40 -0.97 53.31
CA HIS B 527 17.06 0.21 52.77
C HIS B 527 16.00 1.03 52.04
N PRO B 528 15.38 1.99 52.72
CA PRO B 528 14.25 2.71 52.12
C PRO B 528 14.63 3.53 50.90
N ASP B 529 15.90 3.83 50.70
CA ASP B 529 16.32 4.67 49.60
C ASP B 529 16.08 4.03 48.24
N LEU B 530 15.88 2.72 48.18
CA LEU B 530 15.67 2.05 46.91
C LEU B 530 14.36 2.45 46.25
N TRP B 531 13.31 2.66 47.04
CA TRP B 531 12.00 3.02 46.52
C TRP B 531 11.88 4.50 46.19
N GLN B 532 13.00 5.19 46.03
CA GLN B 532 13.04 6.64 45.84
C GLN B 532 13.33 7.02 44.40
N ILE B 533 12.78 6.30 43.42
CA ILE B 533 13.04 6.64 42.03
C ILE B 533 11.92 7.47 41.44
N PHE B 534 10.85 7.72 42.19
CA PHE B 534 9.74 8.52 41.69
C PHE B 534 9.67 9.91 42.28
N ASP B 535 10.54 10.26 43.23
CA ASP B 535 10.48 11.55 43.89
C ASP B 535 11.75 12.38 43.72
N ASN B 536 12.92 11.74 43.73
CA ASN B 536 14.19 12.45 43.61
C ASN B 536 15.05 11.77 42.57
N PRO B 537 14.64 11.81 41.29
CA PRO B 537 15.36 11.03 40.28
C PRO B 537 16.84 11.35 40.17
N VAL B 538 17.23 12.62 40.28
CA VAL B 538 18.60 12.97 39.96
C VAL B 538 19.56 12.40 41.01
N ASP B 539 19.24 12.52 42.29
CA ASP B 539 20.14 11.99 43.30
C ASP B 539 20.12 10.47 43.30
N TRP B 540 18.97 9.87 43.03
CA TRP B 540 18.92 8.43 42.79
C TRP B 540 19.93 8.02 41.72
N LYS B 541 19.94 8.73 40.59
CA LYS B 541 20.89 8.40 39.53
C LYS B 541 22.32 8.63 39.97
N GLU B 542 22.57 9.72 40.71
CA GLU B 542 23.93 10.01 41.15
C GLU B 542 24.46 8.95 42.11
N GLN B 543 23.56 8.28 42.83
CA GLN B 543 24.02 7.33 43.84
C GLN B 543 24.02 5.88 43.38
N TYR B 544 22.98 5.44 42.69
CA TYR B 544 22.81 4.01 42.38
C TYR B 544 23.33 3.61 41.01
N ILE B 545 23.01 4.35 39.95
CA ILE B 545 23.44 3.98 38.61
C ILE B 545 24.96 4.11 38.52
N HIS B 546 25.60 3.16 37.81
CA HIS B 546 27.04 3.12 37.70
C HIS B 546 27.59 4.46 37.22
N GLU B 547 28.81 4.77 37.65
CA GLU B 547 29.36 6.10 37.45
C GLU B 547 29.77 6.35 36.01
N ASN B 548 30.08 5.29 35.27
CA ASN B 548 30.56 5.41 33.89
C ASN B 548 29.44 5.30 32.87
N TYR B 549 28.18 5.28 33.30
CA TYR B 549 27.08 5.01 32.39
C TYR B 549 26.94 6.09 31.33
N SER B 550 27.07 7.36 31.71
CA SER B 550 26.88 8.44 30.75
C SER B 550 27.94 8.39 29.64
N ARG B 551 29.18 8.06 30.01
CA ARG B 551 30.24 7.95 29.03
C ARG B 551 29.93 6.86 28.01
N ALA B 552 29.44 5.70 28.49
CA ALA B 552 29.09 4.63 27.56
C ALA B 552 27.91 5.00 26.69
N LEU B 553 26.92 5.71 27.24
CA LEU B 553 25.78 6.14 26.43
C LEU B 553 26.22 7.10 25.34
N GLU B 554 27.11 8.03 25.65
CA GLU B 554 27.56 9.00 24.67
C GLU B 554 28.37 8.36 23.55
N GLY B 555 29.01 7.22 23.82
CA GLY B 555 29.67 6.46 22.78
C GLY B 555 31.15 6.76 22.60
N GLU B 556 31.92 6.71 23.68
CA GLU B 556 33.36 6.88 23.64
C GLU B 556 34.07 5.61 24.11
N GLY B 557 33.58 4.45 23.67
CA GLY B 557 34.20 3.19 24.04
C GLY B 557 33.48 2.48 25.17
N ILE B 558 34.24 1.74 25.98
CA ILE B 558 33.72 1.03 27.15
C ILE B 558 32.79 -0.10 26.74
N VAL B 559 31.77 0.21 25.94
CA VAL B 559 30.85 -0.83 25.49
C VAL B 559 31.60 -1.87 24.66
N GLU B 560 31.50 -3.13 25.06
CA GLU B 560 32.30 -4.19 24.48
C GLU B 560 31.44 -5.16 23.70
N GLN B 561 32.07 -5.85 22.76
CA GLN B 561 31.42 -6.84 21.89
C GLN B 561 32.27 -8.09 21.89
N PRO B 562 32.22 -8.87 22.97
CA PRO B 562 33.06 -10.08 23.03
C PRO B 562 32.76 -11.08 21.93
N CYS B 563 31.50 -11.20 21.53
CA CYS B 563 31.08 -12.11 20.47
C CYS B 563 30.05 -11.40 19.62
N PRO B 564 29.85 -11.83 18.37
CA PRO B 564 28.96 -11.10 17.46
C PRO B 564 27.58 -10.88 18.05
N ASP B 565 27.09 -9.64 17.93
CA ASP B 565 25.73 -9.26 18.33
C ASP B 565 25.44 -9.54 19.80
N VAL B 566 26.44 -9.36 20.67
CA VAL B 566 26.23 -9.33 22.10
C VAL B 566 26.92 -8.10 22.65
N TYR B 567 26.30 -7.46 23.64
CA TYR B 567 26.77 -6.17 24.14
C TYR B 567 26.96 -6.22 25.65
N TRP B 568 27.99 -5.49 26.10
CA TRP B 568 28.54 -5.63 27.44
C TRP B 568 28.85 -4.22 27.93
N PHE B 569 27.88 -3.61 28.61
CA PHE B 569 27.94 -2.21 28.98
C PHE B 569 27.62 -2.04 30.46
N PRO B 570 28.12 -0.98 31.11
CA PRO B 570 27.95 -0.84 32.55
C PRO B 570 26.65 -0.16 32.94
N LEU B 571 25.87 -0.79 33.81
CA LEU B 571 24.59 -0.22 34.25
C LEU B 571 24.56 0.08 35.74
N LEU B 572 24.79 -0.91 36.60
CA LEU B 572 24.59 -0.75 38.03
C LEU B 572 25.92 -0.52 38.74
N SER B 573 25.83 0.01 39.96
CA SER B 573 26.99 0.28 40.78
C SER B 573 27.00 -0.63 42.00
N GLU B 574 28.10 -0.58 42.74
CA GLU B 574 28.28 -1.49 43.87
C GLU B 574 27.20 -1.29 44.93
N GLN B 575 26.84 -0.05 45.22
CA GLN B 575 25.88 0.21 46.29
C GLN B 575 24.54 -0.45 45.98
N MET B 576 24.05 -0.25 44.75
CA MET B 576 22.75 -0.80 44.38
C MET B 576 22.76 -2.32 44.42
N CYS B 577 23.81 -2.95 43.89
CA CYS B 577 23.87 -4.39 43.89
C CYS B 577 23.90 -4.95 45.31
N ASP B 578 24.78 -4.39 46.15
CA ASP B 578 24.88 -4.86 47.53
C ASP B 578 23.54 -4.74 48.25
N GLU B 579 22.91 -3.57 48.16
CA GLU B 579 21.68 -3.37 48.92
C GLU B 579 20.53 -4.20 48.36
N LEU B 580 20.46 -4.35 47.04
CA LEU B 580 19.42 -5.18 46.45
C LEU B 580 19.56 -6.64 46.87
N VAL B 581 20.78 -7.17 46.81
CA VAL B 581 20.96 -8.57 47.17
C VAL B 581 20.74 -8.77 48.67
N ALA B 582 21.11 -7.78 49.49
CA ALA B 582 20.84 -7.88 50.92
C ALA B 582 19.34 -7.91 51.20
N GLU B 583 18.58 -7.04 50.53
CA GLU B 583 17.13 -7.07 50.68
C GLU B 583 16.55 -8.40 50.22
N MET B 584 17.02 -8.90 49.09
CA MET B 584 16.49 -10.14 48.55
C MET B 584 16.74 -11.29 49.52
N GLU B 585 17.95 -11.36 50.07
CA GLU B 585 18.24 -12.39 51.07
C GLU B 585 17.39 -12.21 52.32
N HIS B 586 17.17 -10.96 52.75
CA HIS B 586 16.32 -10.73 53.92
C HIS B 586 14.91 -11.22 53.68
N TYR B 587 14.44 -11.20 52.42
CA TYR B 587 13.13 -11.77 52.13
C TYR B 587 13.09 -13.26 52.44
N GLY B 588 14.04 -14.02 51.90
CA GLY B 588 14.24 -15.42 52.26
C GLY B 588 13.56 -16.50 51.43
N GLN B 589 12.29 -16.30 51.07
CA GLN B 589 11.49 -17.37 50.45
C GLN B 589 11.95 -17.60 49.02
N TRP B 590 13.05 -18.34 48.89
CA TRP B 590 13.58 -18.71 47.58
C TRP B 590 12.75 -19.81 46.94
N SER B 591 11.53 -19.49 46.54
CA SER B 591 10.65 -20.47 45.95
C SER B 591 11.12 -20.86 44.55
N GLY B 592 10.35 -21.71 43.90
CA GLY B 592 10.70 -22.20 42.58
C GLY B 592 11.49 -23.51 42.64
N GLY B 593 11.68 -24.11 41.46
CA GLY B 593 12.37 -25.37 41.37
C GLY B 593 11.50 -26.47 40.81
N ARG B 594 10.21 -26.20 40.70
CA ARG B 594 9.25 -27.17 40.17
C ARG B 594 8.96 -26.87 38.71
N HIS B 595 8.90 -27.92 37.89
CA HIS B 595 8.60 -27.75 36.47
C HIS B 595 7.22 -27.14 36.28
N GLU B 596 6.28 -27.43 37.17
CA GLU B 596 4.99 -26.77 37.19
C GLU B 596 5.05 -25.52 38.04
N ASP B 597 4.19 -24.55 37.72
CA ASP B 597 4.26 -23.24 38.33
C ASP B 597 2.89 -22.81 38.85
N SER B 598 2.92 -21.99 39.90
CA SER B 598 1.76 -21.25 40.35
C SER B 598 1.84 -19.77 40.00
N ARG B 599 3.05 -19.25 39.78
CA ARG B 599 3.23 -17.84 39.45
C ARG B 599 2.86 -17.51 38.02
N LEU B 600 3.03 -18.44 37.09
CA LEU B 600 2.72 -18.23 35.68
C LEU B 600 1.26 -18.55 35.42
N ALA B 601 0.63 -17.78 34.54
CA ALA B 601 -0.78 -17.98 34.24
C ALA B 601 -1.04 -19.38 33.69
N GLY B 602 -0.21 -19.83 32.75
CA GLY B 602 -0.34 -21.18 32.25
C GLY B 602 -0.02 -22.23 33.30
N GLY B 603 0.97 -21.95 34.14
CA GLY B 603 1.37 -22.86 35.19
C GLY B 603 2.36 -23.94 34.79
N TYR B 604 3.09 -23.74 33.70
CA TYR B 604 4.01 -24.77 33.21
C TYR B 604 5.29 -24.09 32.77
N GLU B 605 6.34 -24.20 33.59
CA GLU B 605 7.63 -23.59 33.27
C GLU B 605 8.38 -24.43 32.24
N ASN B 606 8.93 -23.76 31.23
CA ASN B 606 9.75 -24.46 30.25
C ASN B 606 11.07 -24.90 30.87
N VAL B 607 11.57 -24.15 31.84
CA VAL B 607 12.80 -24.50 32.54
C VAL B 607 12.80 -23.86 33.92
N PRO B 608 12.41 -24.60 34.96
CA PRO B 608 12.38 -24.02 36.31
C PRO B 608 13.77 -23.63 36.81
N THR B 609 13.81 -22.59 37.62
CA THR B 609 15.01 -22.14 38.30
C THR B 609 14.62 -21.65 39.68
N VAL B 610 15.58 -21.68 40.61
CA VAL B 610 15.31 -21.11 41.93
C VAL B 610 15.35 -19.58 41.80
N ASP B 611 14.19 -18.96 41.81
CA ASP B 611 14.07 -17.54 41.52
C ASP B 611 13.04 -16.90 42.44
N ILE B 612 13.07 -15.58 42.50
CA ILE B 612 12.02 -14.79 43.13
C ILE B 612 11.63 -13.70 42.16
N HIS B 613 10.36 -13.71 41.74
CA HIS B 613 9.85 -12.64 40.91
C HIS B 613 9.81 -11.33 41.69
N MET B 614 10.15 -10.24 41.03
CA MET B 614 10.12 -8.93 41.69
C MET B 614 8.73 -8.58 42.18
N LYS B 615 7.68 -9.16 41.61
CA LYS B 615 6.32 -8.86 42.05
C LYS B 615 6.13 -9.16 43.53
N GLN B 616 6.92 -10.09 44.08
CA GLN B 616 6.76 -10.44 45.48
C GLN B 616 7.31 -9.37 46.41
N VAL B 617 8.45 -8.77 46.04
CA VAL B 617 9.12 -7.82 46.92
C VAL B 617 8.51 -6.43 46.87
N GLY B 618 7.67 -6.15 45.87
CA GLY B 618 7.16 -4.81 45.66
C GLY B 618 8.01 -3.95 44.75
N TYR B 619 9.16 -4.45 44.32
CA TYR B 619 10.12 -3.75 43.50
C TYR B 619 9.78 -3.85 42.01
N GLU B 620 8.51 -4.06 41.66
CA GLU B 620 8.17 -4.24 40.26
C GLU B 620 8.16 -2.92 39.50
N ASP B 621 7.33 -1.96 39.94
CA ASP B 621 7.16 -0.73 39.18
C ASP B 621 8.46 0.07 39.13
N GLN B 622 9.22 0.09 40.21
CA GLN B 622 10.50 0.79 40.20
C GLN B 622 11.45 0.18 39.18
N TRP B 623 11.52 -1.15 39.12
CA TRP B 623 12.37 -1.78 38.12
C TRP B 623 11.87 -1.47 36.71
N LEU B 624 10.55 -1.44 36.51
CA LEU B 624 10.03 -1.07 35.21
C LEU B 624 10.44 0.35 34.83
N GLN B 625 10.43 1.26 35.81
CA GLN B 625 10.90 2.61 35.55
C GLN B 625 12.37 2.63 35.17
N LEU B 626 13.19 1.84 35.87
CA LEU B 626 14.60 1.78 35.54
C LEU B 626 14.80 1.30 34.11
N LEU B 627 14.06 0.27 33.71
CA LEU B 627 14.16 -0.23 32.35
C LEU B 627 13.69 0.83 31.35
N ARG B 628 12.62 1.55 31.68
CA ARG B 628 12.06 2.52 30.75
C ARG B 628 12.98 3.71 30.55
N THR B 629 13.74 4.09 31.57
CA THR B 629 14.53 5.31 31.48
C THR B 629 16.01 5.05 31.13
N TYR B 630 16.67 4.16 31.86
CA TYR B 630 18.13 4.03 31.72
C TYR B 630 18.57 2.94 30.77
N VAL B 631 17.65 2.17 30.20
CA VAL B 631 18.03 1.06 29.32
C VAL B 631 17.56 1.29 27.89
N GLY B 632 16.35 1.82 27.71
CA GLY B 632 15.79 2.09 26.41
C GLY B 632 16.69 2.89 25.50
N PRO B 633 17.16 4.05 25.97
CA PRO B 633 18.09 4.84 25.15
C PRO B 633 19.34 4.08 24.71
N MET B 634 19.87 3.22 25.57
CA MET B 634 21.08 2.48 25.21
C MET B 634 20.83 1.60 24.00
N THR B 635 19.74 0.84 23.99
CA THR B 635 19.40 0.01 22.85
C THR B 635 19.02 0.85 21.63
N GLU B 636 18.27 1.94 21.81
CA GLU B 636 17.89 2.77 20.68
C GLU B 636 19.10 3.48 20.09
N SER B 637 20.23 3.49 20.80
CA SER B 637 21.46 4.05 20.23
C SER B 637 22.43 2.96 19.76
N LEU B 638 22.16 1.70 20.10
CA LEU B 638 23.09 0.64 19.73
C LEU B 638 22.55 -0.16 18.54
N PHE B 639 21.27 -0.50 18.55
CA PHE B 639 20.62 -1.12 17.39
C PHE B 639 19.88 -0.02 16.62
N PRO B 640 20.51 0.59 15.63
CA PRO B 640 19.91 1.76 14.99
C PRO B 640 18.60 1.43 14.31
N GLY B 641 17.68 2.39 14.35
CA GLY B 641 16.39 2.25 13.71
C GLY B 641 15.32 1.57 14.54
N TYR B 642 15.65 1.09 15.73
CA TYR B 642 14.70 0.40 16.59
C TYR B 642 14.14 1.37 17.61
N HIS B 643 12.82 1.30 17.83
CA HIS B 643 12.14 2.09 18.84
C HIS B 643 11.53 1.15 19.86
N THR B 644 11.82 1.39 21.15
CA THR B 644 11.40 0.50 22.21
C THR B 644 10.54 1.25 23.23
N LYS B 645 9.68 0.49 23.90
CA LYS B 645 8.90 1.01 25.02
C LYS B 645 9.31 0.38 26.34
N ALA B 646 10.23 -0.59 26.32
CA ALA B 646 10.75 -1.23 27.53
C ALA B 646 9.63 -1.82 28.39
N ARG B 647 8.62 -2.38 27.74
CA ARG B 647 7.57 -3.11 28.44
C ARG B 647 8.09 -4.49 28.80
N ALA B 648 7.82 -4.93 30.03
CA ALA B 648 8.32 -6.20 30.52
C ALA B 648 7.24 -6.93 31.31
N VAL B 649 7.35 -8.25 31.34
CA VAL B 649 6.49 -9.11 32.13
C VAL B 649 7.30 -9.99 33.07
N MET B 650 8.38 -10.59 32.58
CA MET B 650 9.19 -11.50 33.37
C MET B 650 10.47 -10.79 33.80
N ASN B 651 10.76 -10.86 35.10
CA ASN B 651 11.97 -10.28 35.66
C ASN B 651 12.16 -10.86 37.05
N PHE B 652 13.39 -11.29 37.35
CA PHE B 652 13.61 -12.07 38.55
C PHE B 652 15.08 -12.03 38.93
N VAL B 653 15.36 -12.50 40.14
CA VAL B 653 16.71 -12.77 40.61
C VAL B 653 16.85 -14.27 40.77
N VAL B 654 17.96 -14.83 40.30
CA VAL B 654 18.22 -16.25 40.43
C VAL B 654 19.52 -16.44 41.19
N ARG B 655 19.57 -17.47 42.02
CA ARG B 655 20.75 -17.79 42.82
C ARG B 655 21.34 -19.10 42.32
N TYR B 656 22.60 -19.07 41.91
CA TYR B 656 23.31 -20.26 41.49
C TYR B 656 24.22 -20.71 42.62
N ARG B 657 24.11 -21.98 42.99
CA ARG B 657 24.88 -22.57 44.05
C ARG B 657 25.24 -23.98 43.62
N PRO B 658 26.46 -24.44 43.89
CA PRO B 658 26.85 -25.80 43.47
C PRO B 658 26.05 -26.90 44.16
N ASP B 659 25.34 -26.58 45.24
CA ASP B 659 24.60 -27.60 45.98
C ASP B 659 23.19 -27.82 45.41
N GLU B 660 22.38 -26.77 45.38
CA GLU B 660 20.96 -26.95 45.06
C GLU B 660 20.75 -27.20 43.57
N GLN B 661 21.10 -26.24 42.73
CA GLN B 661 20.93 -26.49 41.29
C GLN B 661 22.09 -25.92 40.48
N PRO B 662 22.61 -26.70 39.53
CA PRO B 662 23.64 -26.18 38.63
C PRO B 662 23.05 -25.32 37.52
N SER B 663 23.87 -24.97 36.53
CA SER B 663 23.45 -24.08 35.46
C SER B 663 22.38 -24.73 34.59
N LEU B 664 21.96 -24.01 33.56
CA LEU B 664 20.81 -24.36 32.75
C LEU B 664 21.22 -25.02 31.43
N ARG B 665 20.34 -25.86 30.92
CA ARG B 665 20.51 -26.50 29.63
C ARG B 665 20.29 -25.50 28.50
N PRO B 666 20.76 -25.81 27.29
CA PRO B 666 20.52 -24.91 26.16
C PRO B 666 19.02 -24.74 25.92
N HIS B 667 18.63 -23.52 25.58
CA HIS B 667 17.23 -23.16 25.41
C HIS B 667 17.13 -21.88 24.59
N HIS B 668 15.95 -21.29 24.56
CA HIS B 668 15.71 -19.99 23.93
C HIS B 668 14.73 -19.21 24.81
N ASP B 669 14.58 -17.92 24.51
CA ASP B 669 13.82 -17.02 25.36
C ASP B 669 12.70 -16.35 24.57
N SER B 670 11.58 -16.12 25.23
CA SER B 670 10.39 -15.55 24.59
C SER B 670 10.38 -14.03 24.74
N SER B 671 11.44 -13.40 24.25
CA SER B 671 11.54 -11.95 24.25
C SER B 671 12.43 -11.53 23.10
N THR B 672 12.29 -10.27 22.69
CA THR B 672 13.14 -9.75 21.64
C THR B 672 14.61 -9.79 22.03
N PHE B 673 14.91 -9.36 23.26
CA PHE B 673 16.26 -9.46 23.81
C PHE B 673 16.17 -9.47 25.32
N THR B 674 17.24 -9.92 25.96
CA THR B 674 17.25 -10.10 27.41
C THR B 674 18.37 -9.26 28.01
N LEU B 675 18.20 -8.92 29.28
CA LEU B 675 19.16 -8.16 30.05
C LEU B 675 19.74 -9.05 31.12
N ASN B 676 21.06 -9.23 31.12
CA ASN B 676 21.74 -10.09 32.08
C ASN B 676 22.75 -9.25 32.87
N VAL B 677 22.56 -9.20 34.18
CA VAL B 677 23.39 -8.39 35.06
C VAL B 677 23.93 -9.26 36.18
N ALA B 678 25.22 -9.15 36.45
CA ALA B 678 25.84 -9.83 37.59
C ALA B 678 25.72 -8.97 38.84
N LEU B 679 25.68 -9.63 40.00
CA LEU B 679 25.44 -8.94 41.25
C LEU B 679 26.53 -9.12 42.31
N ASN B 680 27.62 -9.83 42.00
CA ASN B 680 28.72 -9.93 42.96
C ASN B 680 29.99 -10.29 42.20
N HIS B 681 31.12 -10.08 42.88
CA HIS B 681 32.44 -10.25 42.28
C HIS B 681 32.68 -11.71 41.91
N LYS B 682 33.49 -11.92 40.88
CA LYS B 682 33.89 -13.27 40.46
C LYS B 682 35.25 -13.61 41.05
N GLY B 683 35.34 -14.79 41.64
CA GLY B 683 36.57 -15.25 42.29
C GLY B 683 36.64 -14.89 43.76
N LEU B 684 36.23 -13.67 44.10
CA LEU B 684 36.24 -13.26 45.50
C LEU B 684 35.08 -13.89 46.26
N ASP B 685 34.03 -14.29 45.56
CA ASP B 685 32.88 -14.91 46.21
C ASP B 685 32.34 -16.14 45.49
N TYR B 686 32.86 -16.47 44.31
CA TYR B 686 32.46 -17.69 43.63
C TYR B 686 33.43 -17.97 42.49
N GLU B 687 33.68 -19.26 42.25
CA GLU B 687 34.52 -19.72 41.15
C GLU B 687 33.65 -20.53 40.20
N GLY B 688 33.42 -19.99 39.01
CA GLY B 688 32.57 -20.64 38.04
C GLY B 688 32.75 -20.06 36.65
N GLY B 689 31.65 -19.87 35.92
CA GLY B 689 31.73 -19.35 34.57
C GLY B 689 30.49 -18.55 34.21
N GLY B 690 30.57 -17.90 33.06
CA GLY B 690 29.48 -17.07 32.59
C GLY B 690 28.50 -17.82 31.70
N CYS B 691 28.41 -17.41 30.44
CA CYS B 691 27.50 -18.04 29.49
C CYS B 691 28.27 -18.45 28.24
N ARG B 692 27.76 -19.46 27.56
CA ARG B 692 28.37 -20.02 26.35
C ARG B 692 27.35 -19.97 25.22
N PHE B 693 27.79 -19.49 24.07
CA PHE B 693 26.90 -19.28 22.92
C PHE B 693 27.19 -20.36 21.88
N LEU B 694 26.22 -21.26 21.67
CA LEU B 694 26.49 -22.48 20.91
C LEU B 694 26.82 -22.16 19.45
N ARG B 695 25.96 -21.40 18.78
CA ARG B 695 26.09 -21.24 17.32
C ARG B 695 27.37 -20.56 16.90
N TYR B 696 28.04 -19.84 17.80
CA TYR B 696 29.31 -19.20 17.51
C TYR B 696 30.48 -19.85 18.23
N ASP B 697 30.23 -20.86 19.06
CA ASP B 697 31.23 -21.42 19.96
C ASP B 697 31.92 -20.30 20.74
N CYS B 698 31.09 -19.52 21.43
CA CYS B 698 31.52 -18.34 22.16
C CYS B 698 31.41 -18.62 23.66
N VAL B 699 32.41 -18.18 24.41
CA VAL B 699 32.45 -18.35 25.86
C VAL B 699 32.60 -16.98 26.50
N ILE B 700 31.89 -16.76 27.60
CA ILE B 700 32.01 -15.57 28.41
C ILE B 700 32.68 -15.98 29.71
N SER B 701 33.91 -15.53 29.93
CA SER B 701 34.74 -16.07 31.00
C SER B 701 34.37 -15.50 32.36
N SER B 702 34.53 -14.19 32.53
CA SER B 702 34.39 -13.54 33.83
C SER B 702 33.35 -12.43 33.78
N PRO B 703 32.22 -12.56 34.47
CA PRO B 703 31.32 -11.43 34.60
C PRO B 703 31.89 -10.40 35.57
N ARG B 704 31.76 -9.13 35.21
CA ARG B 704 32.21 -8.07 36.11
C ARG B 704 31.10 -7.77 37.11
N LYS B 705 31.41 -6.92 38.10
CA LYS B 705 30.51 -6.74 39.24
C LYS B 705 29.19 -6.08 38.83
N GLY B 706 29.27 -5.03 38.02
CA GLY B 706 28.09 -4.21 37.82
C GLY B 706 27.53 -4.14 36.42
N TRP B 707 28.23 -4.68 35.43
CA TRP B 707 27.85 -4.47 34.05
C TRP B 707 26.62 -5.29 33.70
N ALA B 708 26.23 -5.24 32.43
CA ALA B 708 25.05 -5.92 31.94
C ALA B 708 25.37 -6.58 30.60
N LEU B 709 24.50 -7.52 30.20
CA LEU B 709 24.65 -8.26 28.95
C LEU B 709 23.41 -8.08 28.10
N LEU B 710 23.60 -7.75 26.83
CA LEU B 710 22.52 -7.55 25.89
C LEU B 710 22.73 -8.44 24.68
N HIS B 711 21.71 -9.23 24.32
CA HIS B 711 21.82 -10.10 23.15
C HIS B 711 20.42 -10.48 22.71
N PRO B 712 20.16 -10.58 21.40
CA PRO B 712 18.87 -11.12 20.96
C PRO B 712 18.70 -12.54 21.47
N GLY B 713 17.48 -12.88 21.86
CA GLY B 713 17.25 -14.16 22.48
C GLY B 713 16.06 -14.92 21.94
N ARG B 714 15.63 -14.58 20.73
CA ARG B 714 14.47 -15.24 20.13
C ARG B 714 14.86 -16.34 19.15
N LEU B 715 15.70 -16.03 18.17
CA LEU B 715 16.04 -17.01 17.13
C LEU B 715 17.51 -17.39 17.11
N THR B 716 18.40 -16.41 16.96
CA THR B 716 19.73 -16.67 16.41
C THR B 716 20.80 -16.88 17.46
N HIS B 717 20.44 -16.97 18.75
CA HIS B 717 21.42 -17.18 19.80
C HIS B 717 20.95 -18.31 20.71
N TYR B 718 21.28 -19.53 20.32
CA TYR B 718 21.07 -20.72 21.14
C TYR B 718 22.15 -20.70 22.21
N HIS B 719 21.79 -20.21 23.40
CA HIS B 719 22.75 -19.94 24.46
C HIS B 719 22.55 -20.87 25.64
N GLU B 720 23.64 -21.12 26.36
CA GLU B 720 23.64 -22.00 27.53
C GLU B 720 24.80 -21.63 28.42
N GLY B 721 24.57 -21.64 29.74
CA GLY B 721 25.53 -21.15 30.70
C GLY B 721 26.31 -22.28 31.36
N LEU B 722 27.58 -22.00 31.64
CA LEU B 722 28.42 -22.93 32.37
C LEU B 722 27.99 -22.98 33.84
N PRO B 723 28.27 -24.06 34.55
CA PRO B 723 27.93 -24.14 35.97
C PRO B 723 29.04 -23.57 36.85
N THR B 724 28.71 -23.45 38.13
CA THR B 724 29.63 -22.91 39.13
C THR B 724 30.08 -24.00 40.09
N THR B 725 31.31 -23.86 40.58
CA THR B 725 31.94 -24.87 41.41
C THR B 725 32.02 -24.50 42.87
N TRP B 726 32.39 -23.25 43.19
CA TRP B 726 32.64 -22.83 44.55
C TRP B 726 31.86 -21.55 44.82
N GLY B 727 31.40 -21.38 46.06
CA GLY B 727 30.77 -20.14 46.46
C GLY B 727 29.34 -20.04 45.95
N THR B 728 28.92 -18.80 45.70
CA THR B 728 27.57 -18.51 45.24
C THR B 728 27.61 -17.34 44.27
N ARG B 729 26.71 -17.36 43.29
CA ARG B 729 26.56 -16.27 42.36
C ARG B 729 25.09 -15.99 42.12
N TYR B 730 24.76 -14.70 42.02
CA TYR B 730 23.43 -14.24 41.64
C TYR B 730 23.52 -13.49 40.33
N ILE B 731 22.49 -13.59 39.50
CA ILE B 731 22.42 -12.80 38.28
C ILE B 731 21.03 -12.20 38.14
N MET B 732 20.99 -11.07 37.45
CA MET B 732 19.75 -10.37 37.10
C MET B 732 19.30 -10.77 35.69
N VAL B 733 17.99 -10.89 35.52
CA VAL B 733 17.42 -11.22 34.22
C VAL B 733 16.15 -10.40 34.04
N SER B 734 15.90 -9.96 32.81
CA SER B 734 14.65 -9.30 32.49
C SER B 734 14.35 -9.51 31.02
N PHE B 735 13.14 -9.99 30.71
CA PHE B 735 12.74 -10.29 29.33
C PHE B 735 11.93 -9.11 28.81
N VAL B 736 12.64 -8.11 28.31
CA VAL B 736 12.03 -6.88 27.83
C VAL B 736 11.35 -7.12 26.49
N ASP B 737 10.19 -6.46 26.30
CA ASP B 737 9.46 -6.44 25.04
C ASP B 737 9.06 -7.85 24.58
N PRO B 738 8.09 -8.48 25.25
CA PRO B 738 7.64 -9.83 24.91
C PRO B 738 6.96 -9.92 23.54
N PRO C 33 -82.15 -20.03 -95.96
CA PRO C 33 -82.88 -19.53 -94.78
C PRO C 33 -83.33 -20.65 -93.85
N VAL C 34 -82.37 -21.40 -93.33
CA VAL C 34 -82.67 -22.50 -92.42
C VAL C 34 -83.17 -21.94 -91.09
N ASN C 35 -84.22 -22.55 -90.56
CA ASN C 35 -84.77 -22.09 -89.28
C ASN C 35 -83.79 -22.40 -88.15
N PRO C 36 -83.40 -21.41 -87.35
CA PRO C 36 -82.46 -21.69 -86.25
C PRO C 36 -83.01 -22.63 -85.19
N GLU C 37 -84.34 -22.76 -85.09
CA GLU C 37 -84.94 -23.62 -84.08
C GLU C 37 -84.74 -25.11 -84.39
N LYS C 38 -84.30 -25.45 -85.60
CA LYS C 38 -84.07 -26.84 -85.98
C LYS C 38 -82.69 -27.35 -85.59
N LEU C 39 -81.86 -26.51 -84.98
CA LEU C 39 -80.52 -26.89 -84.57
C LEU C 39 -80.49 -27.16 -83.08
N LEU C 40 -79.89 -28.28 -82.68
CA LEU C 40 -79.78 -28.66 -81.28
C LEU C 40 -78.35 -29.10 -81.00
N VAL C 41 -77.92 -28.90 -79.76
CA VAL C 41 -76.58 -29.22 -79.31
C VAL C 41 -76.67 -30.29 -78.23
N ILE C 42 -75.93 -31.38 -78.42
CA ILE C 42 -75.91 -32.50 -77.47
C ILE C 42 -74.55 -32.49 -76.77
N THR C 43 -74.58 -32.48 -75.44
CA THR C 43 -73.37 -32.46 -74.63
C THR C 43 -73.51 -33.44 -73.49
N VAL C 44 -72.38 -33.93 -72.98
CA VAL C 44 -72.33 -34.86 -71.87
C VAL C 44 -71.55 -34.21 -70.74
N ALA C 45 -72.15 -34.19 -69.55
CA ALA C 45 -71.51 -33.60 -68.38
C ALA C 45 -71.86 -34.45 -67.16
N THR C 46 -70.86 -35.15 -66.62
CA THR C 46 -71.09 -36.00 -65.45
C THR C 46 -71.51 -35.18 -64.25
N ALA C 47 -70.84 -34.04 -64.03
CA ALA C 47 -71.16 -33.18 -62.89
C ALA C 47 -71.27 -31.72 -63.33
N GLU C 48 -71.48 -30.83 -62.37
CA GLU C 48 -71.63 -29.39 -62.64
C GLU C 48 -70.40 -28.69 -62.06
N THR C 49 -69.36 -28.59 -62.88
CA THR C 49 -68.12 -27.93 -62.49
C THR C 49 -68.08 -26.52 -63.09
N GLU C 50 -66.94 -25.85 -62.95
CA GLU C 50 -66.79 -24.50 -63.49
C GLU C 50 -66.87 -24.51 -65.01
N GLY C 51 -66.25 -25.51 -65.65
CA GLY C 51 -66.27 -25.56 -67.11
C GLY C 51 -67.65 -25.75 -67.68
N TYR C 52 -68.43 -26.67 -67.09
CA TYR C 52 -69.79 -26.90 -67.57
C TYR C 52 -70.66 -25.66 -67.38
N LEU C 53 -70.53 -24.99 -66.23
CA LEU C 53 -71.29 -23.77 -66.00
C LEU C 53 -70.90 -22.67 -66.99
N ARG C 54 -69.60 -22.53 -67.26
CA ARG C 54 -69.15 -21.53 -68.23
C ARG C 54 -69.67 -21.84 -69.63
N PHE C 55 -69.65 -23.12 -70.01
CA PHE C 55 -70.17 -23.50 -71.32
C PHE C 55 -71.67 -23.23 -71.41
N LEU C 56 -72.41 -23.53 -70.34
CA LEU C 56 -73.85 -23.25 -70.33
C LEU C 56 -74.11 -21.75 -70.43
N ARG C 57 -73.33 -20.93 -69.72
CA ARG C 57 -73.50 -19.49 -69.80
C ARG C 57 -73.19 -18.97 -71.19
N SER C 58 -72.13 -19.49 -71.82
CA SER C 58 -71.79 -19.09 -73.17
C SER C 58 -72.89 -19.48 -74.16
N ALA C 59 -73.46 -20.67 -73.99
CA ALA C 59 -74.55 -21.10 -74.87
C ALA C 59 -75.78 -20.24 -74.67
N GLU C 60 -76.11 -19.88 -73.43
CA GLU C 60 -77.26 -19.03 -73.16
C GLU C 60 -77.03 -17.59 -73.61
N PHE C 61 -75.77 -17.16 -73.71
CA PHE C 61 -75.48 -15.83 -74.24
C PHE C 61 -75.96 -15.69 -75.68
N PHE C 62 -75.77 -16.73 -76.49
CA PHE C 62 -76.25 -16.76 -77.86
C PHE C 62 -77.63 -17.39 -77.98
N ASN C 63 -78.29 -17.67 -76.86
CA ASN C 63 -79.60 -18.31 -76.84
C ASN C 63 -79.59 -19.64 -77.60
N TYR C 64 -78.56 -20.44 -77.33
CA TYR C 64 -78.40 -21.73 -77.97
C TYR C 64 -79.11 -22.81 -77.18
N THR C 65 -79.76 -23.73 -77.89
CA THR C 65 -80.48 -24.84 -77.27
C THR C 65 -79.54 -26.02 -77.12
N VAL C 66 -79.23 -26.37 -75.88
CA VAL C 66 -78.29 -27.45 -75.56
C VAL C 66 -78.99 -28.44 -74.64
N ARG C 67 -78.87 -29.72 -74.98
CA ARG C 67 -79.44 -30.80 -74.18
C ARG C 67 -78.33 -31.52 -73.43
N THR C 68 -78.57 -31.82 -72.16
CA THR C 68 -77.59 -32.47 -71.30
C THR C 68 -77.93 -33.94 -71.14
N LEU C 69 -76.93 -34.80 -71.33
CA LEU C 69 -77.11 -36.24 -71.19
C LEU C 69 -76.09 -36.78 -70.17
N GLY C 70 -76.53 -37.75 -69.37
CA GLY C 70 -75.66 -38.33 -68.38
C GLY C 70 -75.39 -37.45 -67.17
N LEU C 71 -76.24 -36.47 -66.90
CA LEU C 71 -76.04 -35.55 -65.79
C LEU C 71 -76.36 -36.27 -64.48
N GLY C 72 -75.32 -36.69 -63.77
CA GLY C 72 -75.47 -37.36 -62.49
C GLY C 72 -74.92 -38.78 -62.48
N GLU C 73 -74.94 -39.45 -63.63
CA GLU C 73 -74.44 -40.81 -63.70
C GLU C 73 -72.92 -40.85 -63.52
N GLU C 74 -72.45 -41.93 -62.89
CA GLU C 74 -71.03 -42.10 -62.65
C GLU C 74 -70.31 -42.42 -63.96
N TRP C 75 -69.06 -41.98 -64.05
CA TRP C 75 -68.25 -42.21 -65.24
C TRP C 75 -67.72 -43.64 -65.22
N ARG C 76 -68.23 -44.47 -66.11
CA ARG C 76 -67.83 -45.87 -66.21
C ARG C 76 -66.65 -46.09 -67.13
N GLY C 77 -65.97 -45.03 -67.56
CA GLY C 77 -64.83 -45.16 -68.44
C GLY C 77 -63.51 -45.05 -67.71
N GLY C 78 -62.88 -43.88 -67.78
CA GLY C 78 -61.61 -43.67 -67.11
C GLY C 78 -61.09 -42.26 -67.28
N ASP C 79 -59.79 -42.13 -67.56
CA ASP C 79 -59.19 -40.82 -67.74
C ASP C 79 -59.74 -40.15 -68.99
N VAL C 80 -59.81 -38.81 -68.94
CA VAL C 80 -60.40 -38.06 -70.05
C VAL C 80 -59.48 -38.06 -71.25
N ALA C 81 -58.23 -37.63 -71.07
CA ALA C 81 -57.30 -37.54 -72.19
C ALA C 81 -55.89 -37.99 -71.84
N ARG C 82 -55.72 -38.77 -70.78
CA ARG C 82 -54.38 -39.26 -70.42
C ARG C 82 -53.82 -40.15 -71.52
N THR C 83 -54.41 -41.35 -71.68
CA THR C 83 -54.03 -42.25 -72.78
C THR C 83 -55.20 -42.50 -73.73
N VAL C 84 -56.35 -42.89 -73.21
CA VAL C 84 -57.56 -43.12 -74.01
C VAL C 84 -58.77 -42.95 -73.09
N GLY C 85 -59.95 -42.94 -73.70
CA GLY C 85 -61.17 -42.78 -72.94
C GLY C 85 -62.27 -42.21 -73.81
N GLY C 86 -63.36 -41.85 -73.15
CA GLY C 86 -64.50 -41.26 -73.82
C GLY C 86 -65.47 -42.23 -74.45
N GLY C 87 -65.49 -43.48 -74.02
CA GLY C 87 -66.38 -44.46 -74.60
C GLY C 87 -67.82 -44.40 -74.11
N GLN C 88 -68.10 -43.55 -73.12
CA GLN C 88 -69.47 -43.40 -72.63
C GLN C 88 -70.25 -42.36 -73.41
N LYS C 89 -69.59 -41.34 -73.94
CA LYS C 89 -70.28 -40.33 -74.74
C LYS C 89 -70.87 -40.95 -76.01
N VAL C 90 -70.14 -41.87 -76.64
CA VAL C 90 -70.65 -42.55 -77.82
C VAL C 90 -71.89 -43.36 -77.49
N ARG C 91 -71.86 -44.07 -76.36
CA ARG C 91 -73.03 -44.86 -75.94
C ARG C 91 -74.22 -43.95 -75.66
N TRP C 92 -73.98 -42.82 -74.99
CA TRP C 92 -75.07 -41.88 -74.72
C TRP C 92 -75.66 -41.32 -76.00
N LEU C 93 -74.79 -40.97 -76.96
CA LEU C 93 -75.28 -40.47 -78.24
C LEU C 93 -76.08 -41.52 -78.99
N LYS C 94 -75.61 -42.78 -78.97
CA LYS C 94 -76.35 -43.85 -79.63
C LYS C 94 -77.71 -44.06 -78.98
N LYS C 95 -77.76 -44.01 -77.64
CA LYS C 95 -79.04 -44.16 -76.95
C LYS C 95 -79.99 -43.01 -77.27
N GLU C 96 -79.46 -41.78 -77.33
CA GLU C 96 -80.30 -40.61 -77.57
C GLU C 96 -80.72 -40.48 -79.03
N MET C 97 -79.99 -41.09 -79.96
CA MET C 97 -80.33 -40.98 -81.38
C MET C 97 -81.58 -41.76 -81.75
N GLU C 98 -82.09 -42.62 -80.87
CA GLU C 98 -83.29 -43.39 -81.18
C GLU C 98 -84.50 -42.48 -81.35
N LYS C 99 -84.64 -41.48 -80.48
CA LYS C 99 -85.78 -40.57 -80.56
C LYS C 99 -85.76 -39.74 -81.83
N TYR C 100 -84.59 -39.25 -82.22
CA TYR C 100 -84.43 -38.40 -83.40
C TYR C 100 -83.86 -39.18 -84.59
N ALA C 101 -84.20 -40.45 -84.71
CA ALA C 101 -83.69 -41.28 -85.80
C ALA C 101 -84.38 -40.99 -87.13
N ASP C 102 -85.47 -40.21 -87.14
CA ASP C 102 -86.19 -39.91 -88.36
C ASP C 102 -86.46 -38.42 -88.54
N ARG C 103 -85.84 -37.56 -87.73
CA ARG C 103 -86.02 -36.12 -87.83
C ARG C 103 -85.06 -35.58 -88.88
N GLU C 104 -85.44 -35.77 -90.15
CA GLU C 104 -84.61 -35.30 -91.25
C GLU C 104 -84.56 -33.78 -91.37
N ASP C 105 -85.50 -33.08 -90.74
CA ASP C 105 -85.54 -31.63 -90.77
C ASP C 105 -84.82 -30.98 -89.61
N MET C 106 -84.18 -31.77 -88.74
CA MET C 106 -83.47 -31.26 -87.58
C MET C 106 -81.98 -31.55 -87.73
N ILE C 107 -81.16 -30.63 -87.21
CA ILE C 107 -79.71 -30.77 -87.24
C ILE C 107 -79.20 -30.84 -85.81
N ILE C 108 -78.41 -31.87 -85.51
CA ILE C 108 -77.88 -32.09 -84.17
C ILE C 108 -76.37 -32.04 -84.24
N MET C 109 -75.77 -31.22 -83.38
CA MET C 109 -74.32 -31.09 -83.29
C MET C 109 -73.87 -31.53 -81.90
N PHE C 110 -72.85 -32.39 -81.87
CA PHE C 110 -72.33 -32.93 -80.62
C PHE C 110 -70.98 -32.28 -80.34
N VAL C 111 -70.85 -31.66 -79.16
CA VAL C 111 -69.62 -31.02 -78.75
C VAL C 111 -69.34 -31.36 -77.28
N ASP C 112 -68.09 -31.17 -76.88
CA ASP C 112 -67.70 -31.40 -75.50
C ASP C 112 -68.31 -30.33 -74.60
N SER C 113 -68.34 -30.62 -73.29
CA SER C 113 -68.91 -29.72 -72.31
C SER C 113 -67.90 -29.19 -71.29
N TYR C 114 -66.69 -29.74 -71.25
CA TYR C 114 -65.70 -29.33 -70.26
C TYR C 114 -64.74 -28.28 -70.77
N ASP C 115 -64.41 -28.27 -72.06
CA ASP C 115 -63.45 -27.34 -72.62
C ASP C 115 -63.96 -26.74 -73.92
N VAL C 116 -65.23 -26.36 -73.95
CA VAL C 116 -65.86 -25.76 -75.13
C VAL C 116 -66.48 -24.43 -74.73
N ILE C 117 -66.17 -23.38 -75.48
CA ILE C 117 -66.71 -22.05 -75.26
C ILE C 117 -67.37 -21.58 -76.55
N LEU C 118 -68.59 -21.07 -76.45
CA LEU C 118 -69.35 -20.61 -77.61
C LEU C 118 -68.98 -19.18 -77.92
N ALA C 119 -68.56 -18.93 -79.16
CA ALA C 119 -68.18 -17.59 -79.62
C ALA C 119 -68.83 -17.23 -80.95
N GLY C 120 -69.95 -17.86 -81.28
CA GLY C 120 -70.64 -17.56 -82.52
C GLY C 120 -72.14 -17.72 -82.36
N SER C 121 -72.88 -16.93 -83.15
CA SER C 121 -74.33 -16.99 -83.12
C SER C 121 -74.82 -18.23 -83.87
N PRO C 122 -76.02 -18.73 -83.53
CA PRO C 122 -76.56 -19.88 -84.26
C PRO C 122 -76.76 -19.62 -85.74
N THR C 123 -77.09 -18.37 -86.11
CA THR C 123 -77.23 -18.04 -87.53
C THR C 123 -75.92 -18.20 -88.27
N GLU C 124 -74.81 -17.77 -87.66
CA GLU C 124 -73.50 -17.93 -88.28
C GLU C 124 -73.15 -19.40 -88.48
N LEU C 125 -73.42 -20.24 -87.47
CA LEU C 125 -73.14 -21.66 -87.59
C LEU C 125 -74.00 -22.30 -88.67
N LEU C 126 -75.29 -21.92 -88.74
CA LEU C 126 -76.15 -22.45 -89.79
C LEU C 126 -75.68 -22.03 -91.17
N LYS C 127 -75.25 -20.76 -91.31
CA LYS C 127 -74.73 -20.30 -92.58
C LYS C 127 -73.46 -21.05 -92.97
N LYS C 128 -72.58 -21.30 -92.01
CA LYS C 128 -71.37 -22.06 -92.30
C LYS C 128 -71.70 -23.48 -92.73
N PHE C 129 -72.65 -24.12 -92.05
CA PHE C 129 -73.05 -25.48 -92.43
C PHE C 129 -73.67 -25.51 -93.82
N VAL C 130 -74.48 -24.49 -94.15
CA VAL C 130 -75.09 -24.43 -95.48
C VAL C 130 -74.02 -24.23 -96.55
N GLN C 131 -73.06 -23.34 -96.28
CA GLN C 131 -72.00 -23.08 -97.25
C GLN C 131 -71.09 -24.29 -97.44
N SER C 132 -70.85 -25.05 -96.38
CA SER C 132 -70.01 -26.25 -96.50
C SER C 132 -70.65 -27.27 -97.44
N GLY C 133 -71.96 -27.48 -97.33
CA GLY C 133 -72.66 -28.39 -98.20
C GLY C 133 -72.46 -29.86 -97.89
N SER C 134 -71.85 -30.19 -96.75
CA SER C 134 -71.60 -31.57 -96.37
C SER C 134 -72.69 -32.07 -95.43
N ARG C 135 -72.73 -33.39 -95.27
CA ARG C 135 -73.72 -34.03 -94.40
C ARG C 135 -73.18 -34.35 -93.01
N LEU C 136 -71.85 -34.38 -92.83
CA LEU C 136 -71.27 -34.67 -91.53
C LEU C 136 -69.88 -34.02 -91.50
N LEU C 137 -69.75 -32.94 -90.73
CA LEU C 137 -68.50 -32.23 -90.58
C LEU C 137 -67.94 -32.50 -89.19
N PHE C 138 -66.71 -33.02 -89.14
CA PHE C 138 -66.05 -33.36 -87.90
C PHE C 138 -64.89 -32.40 -87.64
N SER C 139 -64.51 -32.28 -86.36
CA SER C 139 -63.41 -31.43 -85.98
C SER C 139 -62.10 -31.95 -86.57
N ALA C 140 -61.22 -31.02 -86.92
CA ALA C 140 -59.94 -31.34 -87.54
C ALA C 140 -58.80 -31.04 -86.57
N GLU C 141 -57.81 -31.94 -86.55
CA GLU C 141 -56.65 -31.80 -85.69
C GLU C 141 -55.39 -31.97 -86.53
N SER C 142 -54.31 -31.31 -86.10
CA SER C 142 -53.03 -31.38 -86.79
C SER C 142 -52.20 -32.58 -86.38
N PHE C 143 -52.62 -33.32 -85.36
CA PHE C 143 -51.89 -34.50 -84.90
C PHE C 143 -52.85 -35.67 -84.72
N CYS C 144 -52.34 -36.87 -84.95
CA CYS C 144 -53.12 -38.11 -84.82
C CYS C 144 -52.92 -38.65 -83.41
N TRP C 145 -53.95 -38.49 -82.56
CA TRP C 145 -53.81 -38.93 -81.17
C TRP C 145 -53.91 -40.44 -81.04
N PRO C 146 -54.96 -41.10 -81.54
CA PRO C 146 -55.10 -42.55 -81.32
C PRO C 146 -54.02 -43.36 -82.03
N GLU C 147 -53.85 -43.17 -83.33
CA GLU C 147 -52.88 -43.91 -84.10
C GLU C 147 -52.28 -43.01 -85.17
N TRP C 148 -50.95 -43.05 -85.30
CA TRP C 148 -50.24 -42.27 -86.31
C TRP C 148 -49.91 -43.06 -87.55
N GLY C 149 -50.07 -44.39 -87.52
CA GLY C 149 -49.81 -45.19 -88.71
C GLY C 149 -50.77 -44.91 -89.84
N LEU C 150 -52.02 -44.61 -89.52
CA LEU C 150 -53.05 -44.33 -90.51
C LEU C 150 -52.99 -42.89 -91.05
N ALA C 151 -51.94 -42.14 -90.71
CA ALA C 151 -51.81 -40.77 -91.21
C ALA C 151 -51.64 -40.76 -92.72
N GLU C 152 -50.88 -41.73 -93.25
CA GLU C 152 -50.68 -41.79 -94.70
C GLU C 152 -51.97 -42.11 -95.44
N GLN C 153 -52.86 -42.88 -94.83
CA GLN C 153 -54.12 -43.23 -95.48
C GLN C 153 -55.07 -42.05 -95.57
N TYR C 154 -54.86 -41.01 -94.77
CA TYR C 154 -55.73 -39.85 -94.82
C TYR C 154 -55.55 -39.09 -96.14
N PRO C 155 -56.58 -38.38 -96.59
CA PRO C 155 -56.46 -37.64 -97.84
C PRO C 155 -55.43 -36.53 -97.75
N GLU C 156 -54.77 -36.26 -98.87
CA GLU C 156 -53.75 -35.22 -98.91
C GLU C 156 -54.37 -33.85 -98.68
N VAL C 157 -53.69 -33.03 -97.88
CA VAL C 157 -54.15 -31.69 -97.55
C VAL C 157 -53.03 -30.71 -97.90
N GLY C 158 -53.39 -29.64 -98.62
CA GLY C 158 -52.43 -28.64 -99.00
C GLY C 158 -51.93 -27.80 -97.84
N THR C 159 -52.84 -27.05 -97.22
CA THR C 159 -52.48 -26.19 -96.09
C THR C 159 -53.33 -26.43 -94.84
N GLY C 160 -54.49 -27.06 -94.96
CA GLY C 160 -55.34 -27.30 -93.81
C GLY C 160 -54.93 -28.53 -93.03
N LYS C 161 -55.66 -28.77 -91.94
CA LYS C 161 -55.40 -29.94 -91.11
C LYS C 161 -55.77 -31.22 -91.83
N ARG C 162 -54.94 -32.26 -91.66
CA ARG C 162 -55.14 -33.54 -92.32
C ARG C 162 -55.87 -34.56 -91.44
N PHE C 163 -55.46 -34.68 -90.17
CA PHE C 163 -56.09 -35.65 -89.28
C PHE C 163 -57.48 -35.18 -88.87
N LEU C 164 -58.26 -36.10 -88.33
CA LEU C 164 -59.63 -35.85 -87.91
C LEU C 164 -59.78 -36.09 -86.41
N ASN C 165 -60.65 -35.31 -85.79
CA ASN C 165 -60.92 -35.41 -84.36
C ASN C 165 -62.40 -35.66 -84.14
N SER C 166 -62.71 -36.49 -83.14
CA SER C 166 -64.08 -36.85 -82.81
C SER C 166 -64.63 -36.06 -81.62
N GLY C 167 -63.95 -35.01 -81.20
CA GLY C 167 -64.44 -34.18 -80.11
C GLY C 167 -65.60 -33.28 -80.48
N GLY C 168 -65.92 -33.17 -81.76
CA GLY C 168 -67.03 -32.36 -82.20
C GLY C 168 -67.49 -32.71 -83.61
N PHE C 169 -68.80 -32.80 -83.80
CA PHE C 169 -69.36 -33.14 -85.10
C PHE C 169 -70.75 -32.53 -85.24
N ILE C 170 -71.06 -32.11 -86.46
CA ILE C 170 -72.36 -31.52 -86.78
C ILE C 170 -72.87 -32.14 -88.07
N GLY C 171 -74.15 -32.50 -88.10
CA GLY C 171 -74.72 -33.09 -89.30
C GLY C 171 -76.19 -33.40 -89.09
N PHE C 172 -76.78 -34.00 -90.12
CA PHE C 172 -78.18 -34.38 -90.07
C PHE C 172 -78.41 -35.48 -89.05
N ALA C 173 -79.63 -35.52 -88.51
CA ALA C 173 -79.97 -36.53 -87.51
C ALA C 173 -79.91 -37.93 -88.09
N THR C 174 -80.41 -38.12 -89.31
CA THR C 174 -80.42 -39.45 -89.92
C THR C 174 -78.99 -39.95 -90.17
N THR C 175 -78.13 -39.08 -90.70
CA THR C 175 -76.75 -39.48 -90.95
C THR C 175 -76.01 -39.79 -89.65
N ILE C 176 -76.24 -38.97 -88.62
CA ILE C 176 -75.60 -39.19 -87.33
C ILE C 176 -76.05 -40.52 -86.73
N HIS C 177 -77.36 -40.81 -86.82
CA HIS C 177 -77.86 -42.08 -86.30
C HIS C 177 -77.28 -43.26 -87.07
N GLN C 178 -77.19 -43.14 -88.40
CA GLN C 178 -76.63 -44.21 -89.21
C GLN C 178 -75.17 -44.45 -88.86
N ILE C 179 -74.41 -43.38 -88.65
CA ILE C 179 -73.00 -43.52 -88.27
C ILE C 179 -72.84 -44.09 -86.87
N VAL C 180 -73.70 -43.72 -85.93
CA VAL C 180 -73.54 -44.14 -84.54
C VAL C 180 -74.15 -45.49 -84.23
N ARG C 181 -75.03 -46.01 -85.09
CA ARG C 181 -75.66 -47.30 -84.83
C ARG C 181 -74.66 -48.46 -84.86
N GLN C 182 -73.54 -48.30 -85.55
CA GLN C 182 -72.56 -49.37 -85.69
C GLN C 182 -71.55 -49.42 -84.56
N TRP C 183 -71.64 -48.51 -83.58
CA TRP C 183 -70.70 -48.47 -82.47
C TRP C 183 -71.11 -49.50 -81.43
N LYS C 184 -70.27 -50.52 -81.24
CA LYS C 184 -70.56 -51.58 -80.27
C LYS C 184 -69.22 -52.06 -79.71
N TYR C 185 -68.86 -51.54 -78.54
CA TYR C 185 -67.60 -51.90 -77.89
C TYR C 185 -67.77 -51.64 -76.39
N LYS C 186 -66.68 -51.82 -75.64
CA LYS C 186 -66.71 -51.60 -74.21
C LYS C 186 -66.83 -50.10 -73.90
N ASP C 187 -67.26 -49.81 -72.67
CA ASP C 187 -67.39 -48.42 -72.24
C ASP C 187 -66.04 -47.73 -72.09
N ASP C 188 -64.96 -48.50 -71.97
CA ASP C 188 -63.61 -47.94 -71.87
C ASP C 188 -62.90 -47.88 -73.21
N ASP C 189 -63.58 -48.23 -74.30
CA ASP C 189 -62.96 -48.21 -75.61
C ASP C 189 -62.77 -46.77 -76.10
N ASP C 190 -61.77 -46.58 -76.95
CA ASP C 190 -61.49 -45.25 -77.49
C ASP C 190 -62.61 -44.81 -78.42
N ASP C 191 -62.92 -43.52 -78.38
CA ASP C 191 -63.97 -42.94 -79.21
C ASP C 191 -63.46 -42.39 -80.53
N GLN C 192 -62.34 -41.68 -80.52
CA GLN C 192 -61.80 -41.11 -81.76
C GLN C 192 -61.30 -42.20 -82.70
N LEU C 193 -60.79 -43.30 -82.17
CA LEU C 193 -60.25 -44.36 -83.02
C LEU C 193 -61.35 -45.00 -83.87
N PHE C 194 -62.53 -45.24 -83.27
CA PHE C 194 -63.63 -45.82 -84.03
C PHE C 194 -64.10 -44.88 -85.14
N TYR C 195 -64.19 -43.59 -84.84
CA TYR C 195 -64.59 -42.62 -85.86
C TYR C 195 -63.56 -42.55 -86.98
N THR C 196 -62.28 -42.57 -86.63
CA THR C 196 -61.23 -42.55 -87.65
C THR C 196 -61.29 -43.79 -88.52
N ARG C 197 -61.52 -44.96 -87.92
CA ARG C 197 -61.64 -46.19 -88.70
C ARG C 197 -62.84 -46.14 -89.62
N LEU C 198 -63.97 -45.61 -89.13
CA LEU C 198 -65.16 -45.49 -89.97
C LEU C 198 -64.93 -44.53 -91.13
N TYR C 199 -64.25 -43.41 -90.87
CA TYR C 199 -64.00 -42.43 -91.92
C TYR C 199 -62.92 -42.90 -92.90
N LEU C 200 -62.08 -43.85 -92.49
CA LEU C 200 -61.04 -44.35 -93.39
C LEU C 200 -61.62 -45.13 -94.56
N ASP C 201 -62.84 -45.64 -94.43
CA ASP C 201 -63.47 -46.35 -95.54
C ASP C 201 -63.86 -45.36 -96.63
N PRO C 202 -63.42 -45.56 -97.88
CA PRO C 202 -63.77 -44.59 -98.92
C PRO C 202 -65.22 -44.67 -99.36
N GLY C 203 -65.75 -45.88 -99.53
CA GLY C 203 -67.13 -46.02 -99.97
C GLY C 203 -68.12 -45.50 -98.95
N LEU C 204 -67.91 -45.84 -97.68
CA LEU C 204 -68.81 -45.35 -96.63
C LEU C 204 -68.74 -43.83 -96.51
N ARG C 205 -67.53 -43.27 -96.58
CA ARG C 205 -67.39 -41.82 -96.52
C ARG C 205 -68.07 -41.14 -97.70
N GLU C 206 -67.94 -41.70 -98.90
CA GLU C 206 -68.61 -41.15 -100.06
C GLU C 206 -70.13 -41.23 -99.92
N LYS C 207 -70.64 -42.35 -99.41
CA LYS C 207 -72.08 -42.50 -99.22
C LYS C 207 -72.60 -41.52 -98.18
N LEU C 208 -71.87 -41.34 -97.08
CA LEU C 208 -72.28 -40.44 -96.01
C LEU C 208 -71.85 -39.00 -96.23
N SER C 209 -71.10 -38.72 -97.31
CA SER C 209 -70.62 -37.38 -97.61
C SER C 209 -69.82 -36.79 -96.45
N LEU C 210 -68.97 -37.62 -95.85
CA LEU C 210 -68.18 -37.18 -94.71
C LEU C 210 -67.18 -36.11 -95.12
N ASN C 211 -66.96 -35.14 -94.25
CA ASN C 211 -66.03 -34.05 -94.50
C ASN C 211 -65.48 -33.56 -93.17
N LEU C 212 -64.34 -32.87 -93.25
CA LEU C 212 -63.67 -32.32 -92.07
C LEU C 212 -63.43 -30.84 -92.28
N ASP C 213 -63.54 -30.08 -91.19
CA ASP C 213 -63.34 -28.63 -91.21
C ASP C 213 -61.85 -28.35 -91.17
N HIS C 214 -61.20 -28.55 -92.33
CA HIS C 214 -59.76 -28.31 -92.43
C HIS C 214 -59.43 -26.83 -92.29
N LYS C 215 -60.35 -25.95 -92.69
CA LYS C 215 -60.13 -24.51 -92.62
C LYS C 215 -60.45 -23.93 -91.26
N SER C 216 -60.99 -24.74 -90.33
CA SER C 216 -61.34 -24.29 -88.98
C SER C 216 -62.27 -23.08 -89.02
N ARG C 217 -63.28 -23.16 -89.91
CA ARG C 217 -64.23 -22.06 -90.04
C ARG C 217 -65.07 -21.90 -88.76
N ILE C 218 -65.48 -23.02 -88.17
CA ILE C 218 -66.33 -23.02 -86.98
C ILE C 218 -65.59 -23.55 -85.76
N PHE C 219 -64.97 -24.73 -85.89
CA PHE C 219 -64.29 -25.38 -84.78
C PHE C 219 -62.79 -25.12 -84.87
N GLN C 220 -62.21 -24.65 -83.76
CA GLN C 220 -60.77 -24.38 -83.67
C GLN C 220 -60.22 -25.09 -82.45
N ASN C 221 -59.11 -25.81 -82.64
CA ASN C 221 -58.47 -26.56 -81.56
C ASN C 221 -57.22 -25.81 -81.11
N LEU C 222 -57.12 -25.57 -79.81
CA LEU C 222 -55.97 -24.84 -79.26
C LEU C 222 -54.71 -25.69 -79.21
N ASN C 223 -54.83 -27.01 -79.36
CA ASN C 223 -53.66 -27.89 -79.34
C ASN C 223 -52.93 -27.76 -80.67
N GLY C 224 -51.75 -27.13 -80.64
CA GLY C 224 -50.97 -26.92 -81.84
C GLY C 224 -51.34 -25.70 -82.65
N ALA C 225 -52.26 -24.88 -82.16
CA ALA C 225 -52.67 -23.66 -82.85
C ALA C 225 -52.67 -22.48 -81.89
N LEU C 226 -51.62 -22.37 -81.07
CA LEU C 226 -51.52 -21.24 -80.15
C LEU C 226 -51.08 -19.97 -80.87
N ASP C 227 -50.26 -20.09 -81.91
CA ASP C 227 -49.78 -18.94 -82.67
C ASP C 227 -50.72 -18.53 -83.79
N GLU C 228 -51.75 -19.32 -84.07
CA GLU C 228 -52.71 -19.02 -85.13
C GLU C 228 -54.05 -18.55 -84.57
N VAL C 229 -54.10 -18.21 -83.28
CA VAL C 229 -55.32 -17.76 -82.63
C VAL C 229 -55.07 -16.36 -82.07
N VAL C 230 -55.94 -15.42 -82.43
CA VAL C 230 -55.83 -14.04 -81.98
C VAL C 230 -57.18 -13.59 -81.45
N LEU C 231 -57.16 -12.54 -80.63
CA LEU C 231 -58.36 -11.99 -80.02
C LEU C 231 -58.75 -10.70 -80.72
N LYS C 232 -60.00 -10.62 -81.16
CA LYS C 232 -60.55 -9.44 -81.81
C LYS C 232 -61.66 -8.88 -80.95
N PHE C 233 -61.53 -7.62 -80.55
CA PHE C 233 -62.50 -6.98 -79.67
C PHE C 233 -63.60 -6.31 -80.48
N ASP C 234 -64.79 -6.23 -79.88
CA ASP C 234 -65.92 -5.56 -80.51
C ASP C 234 -66.51 -4.51 -79.57
N ARG C 235 -67.62 -3.88 -79.97
CA ARG C 235 -68.22 -2.85 -79.13
C ARG C 235 -68.72 -3.42 -77.82
N ASN C 236 -69.37 -4.59 -77.86
CA ASN C 236 -69.91 -5.19 -76.65
C ASN C 236 -69.66 -6.69 -76.60
N ARG C 237 -68.63 -7.19 -77.26
CA ARG C 237 -68.35 -8.63 -77.29
C ARG C 237 -66.89 -8.82 -77.64
N VAL C 238 -66.41 -10.06 -77.44
CA VAL C 238 -65.05 -10.45 -77.76
C VAL C 238 -65.10 -11.63 -78.72
N ARG C 239 -64.33 -11.55 -79.80
CA ARG C 239 -64.28 -12.59 -80.81
C ARG C 239 -62.86 -13.04 -81.03
N ILE C 240 -62.71 -14.25 -81.59
CA ILE C 240 -61.41 -14.84 -81.89
C ILE C 240 -61.33 -15.04 -83.40
N ARG C 241 -60.26 -14.51 -84.00
CA ARG C 241 -60.03 -14.61 -85.43
C ARG C 241 -58.72 -15.35 -85.67
N ASN C 242 -58.75 -16.34 -86.55
CA ASN C 242 -57.56 -17.13 -86.88
C ASN C 242 -56.74 -16.35 -87.90
N VAL C 243 -55.53 -15.93 -87.49
CA VAL C 243 -54.68 -15.14 -88.38
C VAL C 243 -54.25 -15.97 -89.59
N ALA C 244 -53.88 -17.24 -89.37
CA ALA C 244 -53.39 -18.06 -90.47
C ALA C 244 -54.47 -18.30 -91.52
N TYR C 245 -55.69 -18.59 -91.07
CA TYR C 245 -56.80 -18.90 -91.97
C TYR C 245 -57.64 -17.68 -92.33
N ASP C 246 -57.37 -16.53 -91.73
CA ASP C 246 -58.13 -15.30 -91.98
C ASP C 246 -59.63 -15.52 -91.75
N THR C 247 -59.96 -16.26 -90.69
CA THR C 247 -61.35 -16.58 -90.39
C THR C 247 -61.57 -16.49 -88.89
N LEU C 248 -62.84 -16.31 -88.51
CA LEU C 248 -63.23 -16.22 -87.11
C LEU C 248 -63.93 -17.52 -86.71
N PRO C 249 -63.35 -18.33 -85.83
CA PRO C 249 -64.00 -19.58 -85.43
C PRO C 249 -65.29 -19.34 -84.67
N ILE C 250 -66.21 -20.28 -84.80
CA ILE C 250 -67.50 -20.19 -84.13
C ILE C 250 -67.46 -20.84 -82.76
N VAL C 251 -66.91 -22.05 -82.66
CA VAL C 251 -66.83 -22.79 -81.42
C VAL C 251 -65.37 -23.14 -81.16
N VAL C 252 -64.90 -22.87 -79.95
CA VAL C 252 -63.51 -23.10 -79.56
C VAL C 252 -63.47 -24.30 -78.62
N HIS C 253 -62.62 -25.27 -78.94
CA HIS C 253 -62.44 -26.46 -78.13
C HIS C 253 -61.03 -26.49 -77.57
N GLY C 254 -60.92 -26.67 -76.25
CA GLY C 254 -59.62 -26.70 -75.61
C GLY C 254 -59.06 -28.10 -75.46
N ASN C 255 -58.96 -28.81 -76.59
CA ASN C 255 -58.43 -30.17 -76.56
C ASN C 255 -56.93 -30.16 -76.25
N GLY C 256 -56.50 -31.21 -75.56
CA GLY C 256 -55.11 -31.36 -75.21
C GLY C 256 -54.69 -30.47 -74.06
N PRO C 257 -53.38 -30.29 -73.89
CA PRO C 257 -52.86 -29.47 -72.78
C PRO C 257 -53.00 -27.97 -73.04
N THR C 258 -54.24 -27.50 -73.09
CA THR C 258 -54.53 -26.07 -73.31
C THR C 258 -55.59 -25.57 -72.35
N LYS C 259 -55.67 -26.18 -71.16
CA LYS C 259 -56.67 -25.75 -70.18
C LYS C 259 -56.38 -24.33 -69.69
N LEU C 260 -55.11 -24.01 -69.43
CA LEU C 260 -54.77 -22.66 -68.97
C LEU C 260 -55.06 -21.62 -70.04
N GLN C 261 -54.73 -21.92 -71.29
CA GLN C 261 -55.00 -20.98 -72.38
C GLN C 261 -56.51 -20.79 -72.56
N LEU C 262 -57.28 -21.87 -72.48
CA LEU C 262 -58.74 -21.75 -72.60
C LEU C 262 -59.32 -20.94 -71.44
N ASN C 263 -58.82 -21.15 -70.22
CA ASN C 263 -59.30 -20.38 -69.09
C ASN C 263 -58.96 -18.90 -69.24
N TYR C 264 -57.75 -18.60 -69.74
CA TYR C 264 -57.38 -17.21 -69.97
C TYR C 264 -58.26 -16.57 -71.06
N LEU C 265 -58.54 -17.32 -72.13
CA LEU C 265 -59.38 -16.81 -73.20
C LEU C 265 -60.84 -16.69 -72.78
N GLY C 266 -61.26 -17.40 -71.73
CA GLY C 266 -62.62 -17.29 -71.25
C GLY C 266 -62.90 -16.04 -70.44
N ASN C 267 -61.87 -15.24 -70.15
CA ASN C 267 -62.09 -14.01 -69.40
C ASN C 267 -62.82 -12.96 -70.22
N TYR C 268 -62.65 -12.97 -71.54
CA TYR C 268 -63.27 -12.01 -72.43
C TYR C 268 -64.28 -12.64 -73.39
N VAL C 269 -63.90 -13.73 -74.05
CA VAL C 269 -64.79 -14.38 -75.01
C VAL C 269 -65.91 -15.08 -74.25
N PRO C 270 -67.18 -14.92 -74.65
CA PRO C 270 -67.65 -14.10 -75.79
C PRO C 270 -68.11 -12.72 -75.34
N ASN C 271 -68.48 -12.57 -74.05
CA ASN C 271 -68.90 -11.29 -73.52
C ASN C 271 -68.34 -11.07 -72.12
N GLY C 272 -67.23 -11.72 -71.79
CA GLY C 272 -66.64 -11.55 -70.47
C GLY C 272 -66.13 -10.15 -70.23
N TRP C 273 -65.45 -9.58 -71.22
CA TRP C 273 -64.94 -8.22 -71.14
C TRP C 273 -65.25 -7.50 -72.44
N THR C 274 -65.79 -6.29 -72.33
CA THR C 274 -66.13 -5.49 -73.50
C THR C 274 -65.61 -4.07 -73.33
N PRO C 275 -65.27 -3.40 -74.43
CA PRO C 275 -64.85 -1.99 -74.33
C PRO C 275 -65.92 -1.09 -73.75
N GLU C 276 -67.19 -1.37 -74.03
CA GLU C 276 -68.29 -0.58 -73.49
C GLU C 276 -68.80 -1.15 -72.17
N GLY C 277 -67.89 -1.33 -71.22
CA GLY C 277 -68.25 -1.87 -69.93
C GLY C 277 -67.01 -2.31 -69.18
N GLY C 278 -67.26 -2.87 -68.00
CA GLY C 278 -66.16 -3.34 -67.16
C GLY C 278 -65.99 -4.84 -67.22
N CYS C 279 -67.10 -5.58 -67.17
CA CYS C 279 -67.07 -7.04 -67.20
C CYS C 279 -68.48 -7.52 -67.49
N GLY C 280 -68.65 -8.85 -67.53
CA GLY C 280 -69.93 -9.44 -67.79
C GLY C 280 -70.60 -9.99 -66.54
N PHE C 281 -70.56 -11.31 -66.36
CA PHE C 281 -71.14 -11.96 -65.19
C PHE C 281 -70.12 -12.03 -64.05
N CYS C 282 -69.73 -10.85 -63.56
CA CYS C 282 -68.76 -10.75 -62.48
C CYS C 282 -69.34 -10.18 -61.20
N ASN C 283 -70.33 -9.29 -61.28
CA ASN C 283 -70.93 -8.68 -60.11
C ASN C 283 -72.09 -9.48 -59.54
N GLN C 284 -72.51 -10.55 -60.23
CA GLN C 284 -73.63 -11.37 -59.77
C GLN C 284 -73.13 -12.43 -58.79
N ASP C 285 -74.05 -13.30 -58.38
CA ASP C 285 -73.76 -14.38 -57.43
C ASP C 285 -73.18 -13.84 -56.13
N ARG C 286 -73.98 -13.03 -55.44
CA ARG C 286 -73.60 -12.42 -54.18
C ARG C 286 -74.63 -12.77 -53.12
N ARG C 287 -74.15 -13.22 -51.96
CA ARG C 287 -75.05 -13.58 -50.87
C ARG C 287 -75.68 -12.34 -50.24
N THR C 288 -74.99 -11.21 -50.25
CA THR C 288 -75.46 -9.95 -49.70
C THR C 288 -75.72 -10.02 -48.20
N LEU C 289 -75.23 -11.07 -47.54
CA LEU C 289 -75.39 -11.26 -46.11
C LEU C 289 -76.84 -11.18 -45.67
N PRO C 290 -77.74 -11.93 -46.30
CA PRO C 290 -79.16 -11.89 -45.90
C PRO C 290 -79.49 -12.92 -44.83
N GLY C 291 -80.72 -12.89 -44.32
CA GLY C 291 -81.18 -13.80 -43.31
C GLY C 291 -81.20 -13.24 -41.90
N GLY C 292 -80.40 -12.21 -41.62
CA GLY C 292 -80.40 -11.55 -40.33
C GLY C 292 -79.65 -12.26 -39.24
N GLN C 293 -79.16 -13.46 -39.46
CA GLN C 293 -78.45 -14.22 -38.44
C GLN C 293 -76.99 -13.78 -38.41
N PRO C 294 -76.18 -14.37 -37.52
CA PRO C 294 -74.77 -14.02 -37.47
C PRO C 294 -74.06 -14.44 -38.75
N PRO C 295 -72.99 -13.75 -39.13
CA PRO C 295 -72.29 -14.09 -40.37
C PRO C 295 -71.67 -15.47 -40.27
N PRO C 296 -71.47 -16.14 -41.41
CA PRO C 296 -70.88 -17.49 -41.37
C PRO C 296 -69.48 -17.46 -40.76
N ARG C 297 -69.17 -18.51 -40.00
CA ARG C 297 -67.89 -18.58 -39.31
C ARG C 297 -66.75 -18.71 -40.32
N VAL C 298 -65.66 -17.97 -40.05
CA VAL C 298 -64.48 -17.97 -40.91
C VAL C 298 -63.28 -18.34 -40.05
N PHE C 299 -62.49 -19.31 -40.52
CA PHE C 299 -61.29 -19.76 -39.80
C PHE C 299 -60.12 -18.90 -40.26
N LEU C 300 -59.96 -17.74 -39.63
CA LEU C 300 -58.86 -16.86 -39.97
C LEU C 300 -57.54 -17.47 -39.55
N ALA C 301 -56.57 -17.48 -40.47
CA ALA C 301 -55.26 -18.05 -40.20
C ALA C 301 -54.19 -17.03 -40.57
N VAL C 302 -53.25 -16.79 -39.66
CA VAL C 302 -52.14 -15.87 -39.87
C VAL C 302 -50.86 -16.69 -39.85
N PHE C 303 -50.08 -16.59 -40.92
CA PHE C 303 -48.82 -17.32 -41.06
C PHE C 303 -47.67 -16.33 -41.02
N VAL C 304 -46.75 -16.54 -40.08
CA VAL C 304 -45.56 -15.70 -39.95
C VAL C 304 -44.36 -16.65 -39.86
N GLU C 305 -43.75 -16.92 -41.00
CA GLU C 305 -42.60 -17.84 -41.07
C GLU C 305 -41.29 -17.13 -41.32
N GLN C 306 -41.28 -15.80 -41.34
CA GLN C 306 -40.07 -15.03 -41.60
C GLN C 306 -40.17 -13.70 -40.87
N PRO C 307 -39.04 -13.04 -40.62
CA PRO C 307 -39.08 -11.73 -39.96
C PRO C 307 -39.61 -10.67 -40.91
N THR C 308 -40.67 -9.98 -40.51
CA THR C 308 -41.32 -8.97 -41.34
C THR C 308 -41.51 -7.70 -40.54
N PRO C 309 -41.56 -6.55 -41.21
CA PRO C 309 -41.75 -5.28 -40.50
C PRO C 309 -43.20 -5.06 -40.14
N PHE C 310 -43.40 -4.14 -39.17
CA PHE C 310 -44.73 -3.74 -38.71
C PHE C 310 -45.54 -4.93 -38.22
N LEU C 311 -44.87 -5.87 -37.54
CA LEU C 311 -45.57 -7.01 -36.98
C LEU C 311 -46.58 -6.61 -35.91
N PRO C 312 -46.22 -5.83 -34.90
CA PRO C 312 -47.23 -5.37 -33.93
C PRO C 312 -48.32 -4.52 -34.54
N ARG C 313 -47.98 -3.69 -35.53
CA ARG C 313 -49.00 -2.87 -36.18
C ARG C 313 -50.00 -3.74 -36.93
N PHE C 314 -49.51 -4.75 -37.67
CA PHE C 314 -50.41 -5.67 -38.36
C PHE C 314 -51.25 -6.47 -37.38
N LEU C 315 -50.66 -6.90 -36.26
CA LEU C 315 -51.42 -7.63 -35.26
C LEU C 315 -52.52 -6.77 -34.66
N GLN C 316 -52.23 -5.50 -34.37
CA GLN C 316 -53.24 -4.59 -33.86
C GLN C 316 -54.34 -4.34 -34.88
N ARG C 317 -53.96 -4.15 -36.16
CA ARG C 317 -54.95 -3.93 -37.21
C ARG C 317 -55.80 -5.17 -37.47
N LEU C 318 -55.28 -6.36 -37.15
CA LEU C 318 -56.07 -7.57 -37.31
C LEU C 318 -57.33 -7.54 -36.44
N LEU C 319 -57.27 -6.85 -35.31
CA LEU C 319 -58.45 -6.67 -34.47
C LEU C 319 -59.39 -5.60 -34.99
N LEU C 320 -58.98 -4.83 -35.99
CA LEU C 320 -59.80 -3.77 -36.57
C LEU C 320 -60.61 -4.25 -37.77
N LEU C 321 -60.58 -5.54 -38.08
CA LEU C 321 -61.34 -6.06 -39.21
C LEU C 321 -62.84 -5.90 -38.96
N ASP C 322 -63.55 -5.48 -40.00
CA ASP C 322 -65.00 -5.28 -39.92
C ASP C 322 -65.69 -6.62 -40.14
N TYR C 323 -65.68 -7.44 -39.09
CA TYR C 323 -66.30 -8.76 -39.12
C TYR C 323 -66.63 -9.17 -37.70
N PRO C 324 -67.53 -10.13 -37.52
CA PRO C 324 -67.92 -10.54 -36.17
C PRO C 324 -66.81 -11.35 -35.51
N PRO C 325 -66.21 -10.82 -34.44
CA PRO C 325 -65.18 -11.60 -33.72
C PRO C 325 -65.71 -12.90 -33.14
N ASP C 326 -66.98 -12.95 -32.74
CA ASP C 326 -67.55 -14.17 -32.21
C ASP C 326 -67.65 -15.28 -33.26
N ARG C 327 -67.67 -14.91 -34.54
CA ARG C 327 -67.72 -15.86 -35.63
C ARG C 327 -66.36 -16.05 -36.30
N VAL C 328 -65.28 -15.63 -35.64
CA VAL C 328 -63.94 -15.69 -36.18
C VAL C 328 -63.10 -16.63 -35.32
N THR C 329 -62.50 -17.63 -35.95
CA THR C 329 -61.57 -18.54 -35.29
C THR C 329 -60.17 -18.24 -35.80
N LEU C 330 -59.27 -17.84 -34.89
CA LEU C 330 -57.93 -17.42 -35.24
C LEU C 330 -56.94 -18.55 -35.06
N PHE C 331 -56.11 -18.76 -36.08
CA PHE C 331 -55.06 -19.79 -36.07
C PHE C 331 -53.75 -19.12 -36.46
N LEU C 332 -53.05 -18.58 -35.47
CA LEU C 332 -51.80 -17.88 -35.71
C LEU C 332 -50.64 -18.87 -35.64
N HIS C 333 -49.88 -18.95 -36.71
CA HIS C 333 -48.72 -19.83 -36.80
C HIS C 333 -47.45 -18.99 -36.87
N ASN C 334 -46.52 -19.25 -35.96
CA ASN C 334 -45.27 -18.49 -35.88
C ASN C 334 -44.10 -19.46 -36.00
N ASN C 335 -43.16 -19.13 -36.88
CA ASN C 335 -41.96 -19.93 -37.07
C ASN C 335 -40.67 -19.14 -36.86
N GLU C 336 -40.76 -17.86 -36.47
CA GLU C 336 -39.60 -17.01 -36.29
C GLU C 336 -39.46 -16.64 -34.81
N VAL C 337 -38.25 -16.81 -34.27
CA VAL C 337 -38.00 -16.45 -32.88
C VAL C 337 -38.08 -14.95 -32.68
N PHE C 338 -37.64 -14.16 -33.67
CA PHE C 338 -37.60 -12.72 -33.53
C PHE C 338 -38.98 -12.10 -33.34
N HIS C 339 -40.04 -12.77 -33.79
CA HIS C 339 -41.40 -12.26 -33.65
C HIS C 339 -42.08 -12.73 -32.37
N GLU C 340 -41.38 -13.47 -31.51
CA GLU C 340 -41.99 -13.95 -30.28
C GLU C 340 -42.43 -12.83 -29.34
N PRO C 341 -41.63 -11.79 -29.10
CA PRO C 341 -42.04 -10.79 -28.10
C PRO C 341 -43.30 -10.02 -28.48
N HIS C 342 -43.39 -9.55 -29.72
CA HIS C 342 -44.59 -8.82 -30.14
C HIS C 342 -45.81 -9.72 -30.11
N ILE C 343 -45.66 -10.98 -30.53
CA ILE C 343 -46.78 -11.91 -30.52
C ILE C 343 -47.25 -12.16 -29.09
N ALA C 344 -46.32 -12.35 -28.17
CA ALA C 344 -46.69 -12.55 -26.77
C ALA C 344 -47.37 -11.32 -26.19
N ASP C 345 -46.88 -10.13 -26.55
CA ASP C 345 -47.49 -8.91 -26.04
C ASP C 345 -48.91 -8.72 -26.58
N SER C 346 -49.13 -9.05 -27.85
CA SER C 346 -50.42 -8.85 -28.48
C SER C 346 -51.38 -10.02 -28.30
N TRP C 347 -50.92 -11.12 -27.70
CA TRP C 347 -51.79 -12.28 -27.51
C TRP C 347 -53.05 -11.95 -26.69
N PRO C 348 -52.97 -11.19 -25.60
CA PRO C 348 -54.20 -10.95 -24.81
C PRO C 348 -55.30 -10.28 -25.61
N GLN C 349 -54.97 -9.33 -26.47
CA GLN C 349 -56.00 -8.62 -27.24
C GLN C 349 -56.71 -9.57 -28.20
N LEU C 350 -55.96 -10.38 -28.93
CA LEU C 350 -56.57 -11.33 -29.86
C LEU C 350 -57.36 -12.39 -29.11
N GLN C 351 -56.85 -12.86 -27.97
CA GLN C 351 -57.57 -13.86 -27.19
C GLN C 351 -58.89 -13.33 -26.65
N ASP C 352 -58.89 -12.09 -26.16
CA ASP C 352 -60.11 -11.52 -25.59
C ASP C 352 -61.11 -11.07 -26.65
N HIS C 353 -60.63 -10.58 -27.81
CA HIS C 353 -61.53 -10.05 -28.82
C HIS C 353 -62.27 -11.17 -29.56
N PHE C 354 -61.52 -12.04 -30.22
CA PHE C 354 -62.14 -13.12 -30.98
C PHE C 354 -62.72 -14.17 -30.05
N SER C 355 -63.61 -15.00 -30.59
CA SER C 355 -64.22 -16.06 -29.80
C SER C 355 -63.19 -17.09 -29.37
N ALA C 356 -62.26 -17.44 -30.26
CA ALA C 356 -61.22 -18.41 -29.94
C ALA C 356 -60.00 -18.11 -30.80
N VAL C 357 -58.82 -18.32 -30.22
CA VAL C 357 -57.55 -18.10 -30.92
C VAL C 357 -56.63 -19.26 -30.61
N LYS C 358 -55.96 -19.79 -31.64
CA LYS C 358 -55.00 -20.87 -31.48
C LYS C 358 -53.66 -20.41 -32.01
N LEU C 359 -52.62 -20.54 -31.19
CA LEU C 359 -51.28 -20.08 -31.53
C LEU C 359 -50.33 -21.26 -31.62
N VAL C 360 -49.57 -21.33 -32.70
CA VAL C 360 -48.56 -22.35 -32.90
C VAL C 360 -47.20 -21.65 -32.94
N GLY C 361 -46.37 -21.91 -31.94
CA GLY C 361 -45.08 -21.27 -31.84
C GLY C 361 -44.03 -22.00 -32.67
N PRO C 362 -42.84 -21.40 -32.72
CA PRO C 362 -41.72 -22.04 -33.45
C PRO C 362 -41.07 -23.18 -32.70
N GLU C 363 -41.44 -23.41 -31.44
CA GLU C 363 -40.84 -24.50 -30.67
C GLU C 363 -41.19 -25.87 -31.22
N GLU C 364 -42.31 -25.99 -31.94
CA GLU C 364 -42.70 -27.28 -32.50
C GLU C 364 -41.81 -27.70 -33.66
N ALA C 365 -41.06 -26.77 -34.24
CA ALA C 365 -40.20 -27.03 -35.38
C ALA C 365 -40.99 -27.66 -36.53
N LEU C 366 -42.18 -27.12 -36.76
CA LEU C 366 -43.08 -27.60 -37.81
C LEU C 366 -42.87 -26.76 -39.06
N SER C 367 -42.73 -27.43 -40.20
CA SER C 367 -42.50 -26.72 -41.46
C SER C 367 -43.74 -25.92 -41.84
N PRO C 368 -43.56 -24.82 -42.59
CA PRO C 368 -44.73 -24.03 -43.00
C PRO C 368 -45.74 -24.83 -43.80
N GLY C 369 -45.27 -25.76 -44.64
CA GLY C 369 -46.19 -26.64 -45.34
C GLY C 369 -46.98 -27.52 -44.40
N GLU C 370 -46.32 -28.06 -43.38
CA GLU C 370 -47.01 -28.88 -42.39
C GLU C 370 -48.03 -28.06 -41.62
N ALA C 371 -47.68 -26.82 -41.25
CA ALA C 371 -48.62 -25.97 -40.55
C ALA C 371 -49.82 -25.63 -41.43
N ARG C 372 -49.58 -25.34 -42.72
CA ARG C 372 -50.68 -25.05 -43.62
C ARG C 372 -51.59 -26.27 -43.80
N ASP C 373 -51.00 -27.46 -43.94
CA ASP C 373 -51.80 -28.67 -44.06
C ASP C 373 -52.62 -28.93 -42.81
N MET C 374 -52.03 -28.73 -41.64
CA MET C 374 -52.75 -28.92 -40.39
C MET C 374 -53.90 -27.91 -40.25
N ALA C 375 -53.66 -26.66 -40.64
CA ALA C 375 -54.71 -25.66 -40.59
C ALA C 375 -55.84 -25.99 -41.56
N MET C 376 -55.50 -26.45 -42.76
CA MET C 376 -56.53 -26.85 -43.73
C MET C 376 -57.33 -28.03 -43.20
N ASP C 377 -56.67 -29.00 -42.58
CA ASP C 377 -57.37 -30.13 -42.00
C ASP C 377 -58.29 -29.69 -40.86
N LEU C 378 -57.81 -28.78 -40.00
CA LEU C 378 -58.64 -28.29 -38.90
C LEU C 378 -59.87 -27.55 -39.43
N CYS C 379 -59.69 -26.76 -40.49
CA CYS C 379 -60.84 -26.12 -41.12
C CYS C 379 -61.80 -27.16 -41.70
N ARG C 380 -61.25 -28.23 -42.30
CA ARG C 380 -62.09 -29.28 -42.85
C ARG C 380 -62.66 -30.17 -41.75
N GLN C 381 -61.85 -30.46 -40.72
CA GLN C 381 -62.33 -31.33 -39.64
C GLN C 381 -63.48 -30.70 -38.87
N ASP C 382 -63.38 -29.41 -38.56
CA ASP C 382 -64.46 -28.72 -37.90
C ASP C 382 -65.54 -28.35 -38.90
N PRO C 383 -66.77 -28.85 -38.76
CA PRO C 383 -67.81 -28.54 -39.75
C PRO C 383 -68.36 -27.13 -39.65
N GLU C 384 -68.08 -26.41 -38.55
CA GLU C 384 -68.61 -25.07 -38.38
C GLU C 384 -67.78 -24.00 -39.10
N CYS C 385 -66.61 -24.35 -39.63
CA CYS C 385 -65.77 -23.41 -40.34
C CYS C 385 -66.22 -23.37 -41.80
N GLU C 386 -67.21 -22.53 -42.08
CA GLU C 386 -67.79 -22.45 -43.42
C GLU C 386 -66.83 -21.84 -44.44
N PHE C 387 -65.86 -21.04 -44.01
CA PHE C 387 -64.91 -20.43 -44.92
C PHE C 387 -63.54 -20.40 -44.27
N TYR C 388 -62.50 -20.64 -45.07
CA TYR C 388 -61.12 -20.59 -44.61
C TYR C 388 -60.41 -19.48 -45.36
N PHE C 389 -59.96 -18.47 -44.63
CA PHE C 389 -59.26 -17.32 -45.20
C PHE C 389 -57.80 -17.38 -44.79
N SER C 390 -56.91 -17.34 -45.78
CA SER C 390 -55.47 -17.38 -45.54
C SER C 390 -54.91 -15.99 -45.72
N LEU C 391 -54.25 -15.47 -44.68
CA LEU C 391 -53.62 -14.16 -44.71
C LEU C 391 -52.17 -14.29 -44.29
N ASP C 392 -51.29 -13.59 -45.00
CA ASP C 392 -49.85 -13.63 -44.73
C ASP C 392 -49.42 -12.39 -43.97
N ALA C 393 -48.33 -12.53 -43.20
CA ALA C 393 -47.81 -11.39 -42.46
C ALA C 393 -47.25 -10.33 -43.40
N ASP C 394 -46.72 -10.74 -44.55
CA ASP C 394 -46.15 -9.83 -45.54
C ASP C 394 -47.25 -9.28 -46.46
N ALA C 395 -48.29 -8.72 -45.83
CA ALA C 395 -49.39 -8.11 -46.54
C ALA C 395 -50.07 -7.10 -45.63
N VAL C 396 -50.39 -5.94 -46.19
CA VAL C 396 -51.02 -4.86 -45.44
C VAL C 396 -52.46 -4.74 -45.90
N LEU C 397 -53.39 -4.82 -44.95
CA LEU C 397 -54.82 -4.75 -45.24
C LEU C 397 -55.28 -3.32 -44.98
N THR C 398 -55.11 -2.45 -45.99
CA THR C 398 -55.55 -1.07 -45.85
C THR C 398 -57.07 -0.98 -45.74
N ASN C 399 -57.78 -1.77 -46.55
CA ASN C 399 -59.24 -1.77 -46.54
C ASN C 399 -59.75 -2.84 -45.59
N LEU C 400 -60.58 -2.44 -44.63
CA LEU C 400 -61.10 -3.34 -43.62
C LEU C 400 -62.34 -4.10 -44.07
N GLN C 401 -62.84 -3.84 -45.27
CA GLN C 401 -64.04 -4.51 -45.79
C GLN C 401 -63.70 -5.64 -46.75
N THR C 402 -62.45 -6.12 -46.74
CA THR C 402 -62.05 -7.19 -47.65
C THR C 402 -62.78 -8.48 -47.34
N LEU C 403 -62.99 -8.79 -46.05
CA LEU C 403 -63.65 -10.04 -45.68
C LEU C 403 -65.09 -10.08 -46.20
N ARG C 404 -65.81 -8.96 -46.07
CA ARG C 404 -67.19 -8.91 -46.56
C ARG C 404 -67.25 -9.10 -48.07
N ILE C 405 -66.34 -8.45 -48.80
CA ILE C 405 -66.31 -8.59 -50.25
C ILE C 405 -65.98 -10.03 -50.64
N LEU C 406 -65.03 -10.65 -49.94
CA LEU C 406 -64.67 -12.04 -50.25
C LEU C 406 -65.85 -12.97 -49.97
N ILE C 407 -66.57 -12.75 -48.87
CA ILE C 407 -67.73 -13.56 -48.57
C ILE C 407 -68.81 -13.38 -49.63
N GLU C 408 -69.06 -12.14 -50.04
CA GLU C 408 -70.05 -11.86 -51.07
C GLU C 408 -69.62 -12.30 -52.46
N GLU C 409 -68.33 -12.61 -52.65
CA GLU C 409 -67.88 -13.05 -53.96
C GLU C 409 -68.51 -14.38 -54.36
N ASN C 410 -68.66 -15.29 -53.40
CA ASN C 410 -69.26 -16.61 -53.62
C ASN C 410 -68.50 -17.38 -54.70
N ARG C 411 -67.18 -17.35 -54.60
CA ARG C 411 -66.30 -18.07 -55.51
C ARG C 411 -65.55 -19.15 -54.73
N LYS C 412 -65.26 -20.27 -55.41
CA LYS C 412 -64.56 -21.37 -54.76
C LYS C 412 -63.18 -20.94 -54.30
N VAL C 413 -62.44 -20.21 -55.15
CA VAL C 413 -61.13 -19.68 -54.80
C VAL C 413 -61.10 -18.22 -55.20
N ILE C 414 -60.84 -17.35 -54.22
CA ILE C 414 -60.76 -15.90 -54.45
C ILE C 414 -59.56 -15.36 -53.70
N ALA C 415 -58.81 -14.48 -54.35
CA ALA C 415 -57.62 -13.89 -53.75
C ALA C 415 -57.64 -12.38 -53.91
N PRO C 416 -57.01 -11.66 -53.00
CA PRO C 416 -56.93 -10.20 -53.11
C PRO C 416 -55.81 -9.79 -54.06
N MET C 417 -55.86 -8.53 -54.49
CA MET C 417 -54.87 -7.97 -55.41
C MET C 417 -53.90 -7.13 -54.59
N LEU C 418 -52.74 -7.69 -54.28
CA LEU C 418 -51.70 -7.00 -53.54
C LEU C 418 -50.48 -6.82 -54.43
N SER C 419 -50.04 -5.57 -54.57
CA SER C 419 -48.90 -5.24 -55.41
C SER C 419 -47.94 -4.36 -54.62
N ARG C 420 -46.65 -4.44 -54.99
CA ARG C 420 -45.63 -3.67 -54.30
C ARG C 420 -45.79 -2.18 -54.58
N HIS C 421 -45.29 -1.37 -53.67
CA HIS C 421 -45.38 0.09 -53.78
C HIS C 421 -44.42 0.56 -54.85
N GLY C 422 -44.96 1.03 -55.98
CA GLY C 422 -44.12 1.49 -57.08
C GLY C 422 -43.28 0.40 -57.70
N LYS C 423 -43.87 -0.76 -57.98
CA LYS C 423 -43.14 -1.87 -58.58
C LYS C 423 -44.13 -2.75 -59.34
N LEU C 424 -43.57 -3.60 -60.21
CA LEU C 424 -44.36 -4.50 -61.03
C LEU C 424 -44.71 -5.80 -60.33
N TRP C 425 -44.25 -6.01 -59.10
CA TRP C 425 -44.53 -7.25 -58.39
C TRP C 425 -46.02 -7.35 -58.06
N SER C 426 -46.48 -8.60 -57.93
CA SER C 426 -47.87 -8.87 -57.62
C SER C 426 -47.95 -10.18 -56.84
N ASN C 427 -49.17 -10.63 -56.56
CA ASN C 427 -49.40 -11.87 -55.82
C ASN C 427 -50.01 -12.95 -56.69
N PHE C 428 -49.80 -12.85 -58.01
CA PHE C 428 -50.36 -13.82 -58.95
C PHE C 428 -49.49 -13.85 -60.20
N TRP C 429 -49.65 -14.93 -60.96
CA TRP C 429 -48.93 -15.10 -62.22
C TRP C 429 -49.92 -15.13 -63.37
N GLY C 430 -49.71 -14.25 -64.35
CA GLY C 430 -50.61 -14.19 -65.49
C GLY C 430 -50.42 -15.30 -66.51
N ALA C 431 -49.25 -15.95 -66.50
CA ALA C 431 -48.97 -17.01 -67.46
C ALA C 431 -48.00 -18.00 -66.84
N LEU C 432 -47.94 -19.19 -67.43
CA LEU C 432 -47.07 -20.26 -66.96
C LEU C 432 -46.10 -20.65 -68.06
N SER C 433 -44.84 -20.86 -67.68
CA SER C 433 -43.81 -21.24 -68.63
C SER C 433 -43.82 -22.75 -68.86
N PRO C 434 -42.97 -23.27 -69.75
CA PRO C 434 -42.94 -24.73 -69.97
C PRO C 434 -42.60 -25.52 -68.73
N ASP C 435 -41.76 -24.99 -67.85
CA ASP C 435 -41.35 -25.68 -66.63
C ASP C 435 -42.22 -25.30 -65.43
N GLU C 436 -43.48 -24.95 -65.66
CA GLU C 436 -44.41 -24.55 -64.60
C GLU C 436 -43.86 -23.36 -63.80
N TYR C 437 -43.24 -22.43 -64.50
CA TYR C 437 -42.69 -21.21 -63.91
C TYR C 437 -43.46 -19.99 -64.41
N TYR C 438 -43.22 -18.87 -63.76
CA TYR C 438 -43.92 -17.64 -64.10
C TYR C 438 -43.52 -17.16 -65.49
N ALA C 439 -44.51 -16.75 -66.28
CA ALA C 439 -44.29 -16.23 -67.62
C ALA C 439 -45.11 -14.95 -67.81
N ARG C 440 -44.63 -14.10 -68.70
CA ARG C 440 -45.30 -12.82 -68.96
C ARG C 440 -46.61 -13.06 -69.68
N SER C 441 -47.68 -12.43 -69.20
CA SER C 441 -48.99 -12.54 -69.81
C SER C 441 -49.21 -11.39 -70.78
N GLU C 442 -50.24 -11.54 -71.62
CA GLU C 442 -50.54 -10.50 -72.61
C GLU C 442 -51.07 -9.24 -71.93
N ASP C 443 -51.83 -9.38 -70.85
CA ASP C 443 -52.43 -8.23 -70.17
C ASP C 443 -52.15 -8.27 -68.67
N TYR C 444 -50.97 -8.76 -68.28
CA TYR C 444 -50.60 -8.73 -66.87
C TYR C 444 -50.44 -7.30 -66.37
N VAL C 445 -49.83 -6.43 -67.19
CA VAL C 445 -49.65 -5.04 -66.81
C VAL C 445 -51.00 -4.35 -66.63
N GLU C 446 -51.95 -4.62 -67.53
CA GLU C 446 -53.27 -4.00 -67.42
C GLU C 446 -53.96 -4.38 -66.12
N LEU C 447 -53.86 -5.65 -65.73
CA LEU C 447 -54.42 -6.07 -64.44
C LEU C 447 -53.67 -5.41 -63.29
N VAL C 448 -52.34 -5.31 -63.40
CA VAL C 448 -51.56 -4.66 -62.35
C VAL C 448 -51.85 -3.16 -62.31
N GLN C 449 -52.03 -2.54 -63.47
CA GLN C 449 -52.29 -1.11 -63.57
C GLN C 449 -53.78 -0.78 -63.46
N ARG C 450 -54.62 -1.78 -63.18
CA ARG C 450 -56.06 -1.58 -63.01
C ARG C 450 -56.71 -1.00 -64.28
N LYS C 451 -56.19 -1.38 -65.45
CA LYS C 451 -56.86 -0.99 -66.69
C LYS C 451 -58.21 -1.68 -66.82
N ARG C 452 -58.29 -2.94 -66.43
CA ARG C 452 -59.53 -3.69 -66.40
C ARG C 452 -59.83 -4.13 -64.98
N VAL C 453 -61.04 -3.82 -64.50
CA VAL C 453 -61.46 -4.14 -63.15
C VAL C 453 -62.61 -5.13 -63.22
N GLY C 454 -62.49 -6.23 -62.48
CA GLY C 454 -63.53 -7.23 -62.47
C GLY C 454 -63.01 -8.53 -61.87
N VAL C 455 -63.72 -9.61 -62.19
CA VAL C 455 -63.35 -10.95 -61.75
C VAL C 455 -62.61 -11.63 -62.88
N TRP C 456 -61.34 -11.92 -62.66
CA TRP C 456 -60.49 -12.53 -63.68
C TRP C 456 -59.91 -13.83 -63.15
N ASN C 457 -59.92 -14.85 -64.00
CA ASN C 457 -59.35 -16.15 -63.64
C ASN C 457 -57.83 -16.09 -63.72
N VAL C 458 -57.17 -16.61 -62.70
CA VAL C 458 -55.71 -16.63 -62.65
C VAL C 458 -55.25 -18.07 -62.37
N PRO C 459 -54.07 -18.47 -62.82
CA PRO C 459 -53.63 -19.86 -62.60
C PRO C 459 -52.80 -20.02 -61.34
N TYR C 460 -52.47 -18.91 -60.68
CA TYR C 460 -51.67 -18.95 -59.46
C TYR C 460 -52.05 -17.80 -58.55
N ILE C 461 -52.19 -18.09 -57.27
CA ILE C 461 -52.46 -17.08 -56.25
C ILE C 461 -51.61 -17.39 -55.02
N SER C 462 -50.97 -16.36 -54.48
CA SER C 462 -50.09 -16.53 -53.34
C SER C 462 -50.30 -15.39 -52.35
N GLN C 463 -49.99 -15.66 -51.08
CA GLN C 463 -50.04 -14.74 -49.95
C GLN C 463 -51.47 -14.33 -49.59
N ALA C 464 -52.47 -14.80 -50.31
CA ALA C 464 -53.86 -14.46 -50.02
C ALA C 464 -54.77 -15.46 -50.73
N TYR C 465 -55.76 -15.98 -50.01
CA TYR C 465 -56.69 -16.94 -50.59
C TYR C 465 -57.96 -16.98 -49.76
N VAL C 466 -59.08 -17.12 -50.45
CA VAL C 466 -60.39 -17.30 -49.82
C VAL C 466 -60.95 -18.61 -50.35
N ILE C 467 -61.09 -19.60 -49.47
CA ILE C 467 -61.57 -20.93 -49.84
C ILE C 467 -62.68 -21.32 -48.88
N ARG C 468 -63.79 -21.82 -49.43
CA ARG C 468 -64.90 -22.26 -48.61
C ARG C 468 -64.66 -23.69 -48.12
N GLY C 469 -65.34 -24.04 -47.03
CA GLY C 469 -65.24 -25.39 -46.50
C GLY C 469 -65.89 -26.45 -47.36
N ASP C 470 -66.89 -26.07 -48.16
CA ASP C 470 -67.52 -27.03 -49.04
C ASP C 470 -66.55 -27.54 -50.10
N THR C 471 -65.75 -26.63 -50.67
CA THR C 471 -64.73 -27.06 -51.64
C THR C 471 -63.67 -27.93 -50.99
N LEU C 472 -63.24 -27.57 -49.77
CA LEU C 472 -62.22 -28.36 -49.08
C LEU C 472 -62.75 -29.72 -48.64
N ARG C 473 -64.07 -29.86 -48.47
CA ARG C 473 -64.65 -31.11 -47.98
C ARG C 473 -65.11 -32.04 -49.09
N MET C 474 -65.69 -31.50 -50.16
CA MET C 474 -66.28 -32.32 -51.22
C MET C 474 -65.52 -32.24 -52.53
N GLU C 475 -64.43 -31.47 -52.60
CA GLU C 475 -63.65 -31.34 -53.83
C GLU C 475 -62.15 -31.52 -53.64
N LEU C 476 -61.62 -31.40 -52.43
CA LEU C 476 -60.20 -31.57 -52.18
C LEU C 476 -59.96 -32.19 -50.81
N PRO C 477 -60.43 -33.43 -50.60
CA PRO C 477 -60.24 -34.06 -49.29
C PRO C 477 -58.81 -34.54 -49.03
N GLN C 478 -57.94 -34.54 -50.04
CA GLN C 478 -56.58 -35.01 -49.87
C GLN C 478 -55.83 -34.15 -48.86
N ARG C 479 -55.15 -34.81 -47.93
CA ARG C 479 -54.41 -34.09 -46.89
C ARG C 479 -53.10 -33.50 -47.43
N ASP C 480 -52.46 -34.17 -48.38
CA ASP C 480 -51.18 -33.72 -48.93
C ASP C 480 -51.46 -32.66 -50.00
N VAL C 481 -51.70 -31.44 -49.54
CA VAL C 481 -51.94 -30.31 -50.44
C VAL C 481 -50.70 -29.46 -50.61
N PHE C 482 -50.18 -28.90 -49.52
CA PHE C 482 -48.96 -28.11 -49.55
C PHE C 482 -47.70 -28.96 -49.35
N SER C 483 -47.85 -30.25 -49.07
CA SER C 483 -46.74 -31.17 -48.89
C SER C 483 -46.77 -32.24 -49.98
N GLY C 484 -45.83 -33.17 -49.88
CA GLY C 484 -45.74 -34.26 -50.84
C GLY C 484 -44.97 -33.93 -52.10
N SER C 485 -44.51 -32.69 -52.27
CA SER C 485 -43.75 -32.28 -53.43
C SER C 485 -42.54 -31.47 -52.99
N ASP C 486 -41.45 -31.61 -53.74
CA ASP C 486 -40.23 -30.88 -53.43
C ASP C 486 -40.28 -29.41 -53.82
N THR C 487 -41.31 -28.99 -54.56
CA THR C 487 -41.45 -27.60 -54.96
C THR C 487 -41.98 -26.76 -53.80
N ASP C 488 -42.27 -25.50 -54.08
CA ASP C 488 -42.80 -24.61 -53.06
C ASP C 488 -44.20 -25.07 -52.65
N PRO C 489 -44.53 -25.00 -51.35
CA PRO C 489 -45.87 -25.43 -50.93
C PRO C 489 -46.99 -24.65 -51.58
N ASP C 490 -46.82 -23.34 -51.78
CA ASP C 490 -47.83 -22.55 -52.46
C ASP C 490 -47.98 -22.98 -53.92
N MET C 491 -46.86 -23.23 -54.60
CA MET C 491 -46.92 -23.71 -55.98
C MET C 491 -47.58 -25.08 -56.05
N ALA C 492 -47.26 -25.96 -55.10
CA ALA C 492 -47.88 -27.28 -55.07
C ALA C 492 -49.39 -27.18 -54.84
N PHE C 493 -49.81 -26.30 -53.94
CA PHE C 493 -51.24 -26.12 -53.69
C PHE C 493 -51.94 -25.55 -54.93
N CYS C 494 -51.29 -24.59 -55.61
CA CYS C 494 -51.87 -24.04 -56.83
C CYS C 494 -51.99 -25.12 -57.92
N LYS C 495 -50.96 -25.96 -58.05
CA LYS C 495 -51.01 -27.04 -59.03
C LYS C 495 -52.12 -28.03 -58.69
N SER C 496 -52.29 -28.36 -57.41
CA SER C 496 -53.38 -29.25 -57.01
C SER C 496 -54.74 -28.64 -57.31
N PHE C 497 -54.90 -27.34 -57.04
CA PHE C 497 -56.16 -26.66 -57.35
C PHE C 497 -56.43 -26.66 -58.85
N ARG C 498 -55.40 -26.42 -59.65
CA ARG C 498 -55.57 -26.44 -61.11
C ARG C 498 -55.93 -27.84 -61.60
N ASP C 499 -55.31 -28.87 -61.05
CA ASP C 499 -55.60 -30.23 -61.46
C ASP C 499 -56.96 -30.71 -60.95
N LYS C 500 -57.50 -30.09 -59.91
CA LYS C 500 -58.80 -30.44 -59.37
C LYS C 500 -59.95 -29.75 -60.09
N GLY C 501 -59.65 -28.89 -61.07
CA GLY C 501 -60.70 -28.20 -61.80
C GLY C 501 -61.35 -27.04 -61.06
N ILE C 502 -60.68 -26.49 -60.06
CA ILE C 502 -61.18 -25.36 -59.29
C ILE C 502 -60.42 -24.12 -59.73
N PHE C 503 -61.13 -23.13 -60.24
CA PHE C 503 -60.50 -21.92 -60.74
C PHE C 503 -60.09 -21.00 -59.58
N LEU C 504 -58.88 -20.45 -59.69
CA LEU C 504 -58.36 -19.53 -58.69
C LEU C 504 -58.60 -18.10 -59.17
N HIS C 505 -59.83 -17.64 -58.96
CA HIS C 505 -60.23 -16.31 -59.42
C HIS C 505 -59.58 -15.22 -58.57
N LEU C 506 -59.27 -14.10 -59.21
CA LEU C 506 -58.72 -12.94 -58.53
C LEU C 506 -59.50 -11.71 -58.95
N SER C 507 -59.78 -10.82 -58.00
CA SER C 507 -60.56 -9.62 -58.23
C SER C 507 -59.78 -8.41 -57.76
N ASN C 508 -59.69 -7.38 -58.62
CA ASN C 508 -58.99 -6.15 -58.30
C ASN C 508 -59.88 -4.92 -58.49
N GLN C 509 -61.19 -5.09 -58.44
CA GLN C 509 -62.10 -3.96 -58.64
C GLN C 509 -61.94 -2.91 -57.55
N HIS C 510 -61.83 -3.35 -56.30
CA HIS C 510 -61.61 -2.46 -55.17
C HIS C 510 -60.14 -2.49 -54.77
N GLU C 511 -59.80 -1.70 -53.77
CA GLU C 511 -58.43 -1.63 -53.26
C GLU C 511 -58.24 -2.70 -52.20
N PHE C 512 -57.41 -3.69 -52.49
CA PHE C 512 -57.16 -4.79 -51.56
C PHE C 512 -56.06 -4.45 -50.55
N GLY C 513 -54.91 -4.00 -51.03
CA GLY C 513 -53.82 -3.66 -50.14
C GLY C 513 -52.50 -3.67 -50.89
N ARG C 514 -51.42 -3.70 -50.12
CA ARG C 514 -50.06 -3.71 -50.64
C ARG C 514 -49.29 -4.87 -50.04
N LEU C 515 -48.11 -5.12 -50.59
CA LEU C 515 -47.25 -6.21 -50.14
C LEU C 515 -46.07 -5.64 -49.36
N LEU C 516 -45.88 -6.14 -48.15
CA LEU C 516 -44.77 -5.69 -47.32
C LEU C 516 -43.44 -6.17 -47.90
N ALA C 517 -42.41 -5.35 -47.72
CA ALA C 517 -41.08 -5.66 -48.23
C ALA C 517 -40.25 -6.32 -47.15
N THR C 518 -39.79 -7.54 -47.41
CA THR C 518 -38.96 -8.29 -46.47
C THR C 518 -37.71 -8.85 -47.13
N SER C 519 -37.36 -8.35 -48.32
CA SER C 519 -36.17 -8.84 -49.01
C SER C 519 -34.91 -8.52 -48.21
N ARG C 520 -34.81 -7.31 -47.67
CA ARG C 520 -33.66 -6.89 -46.88
C ARG C 520 -34.14 -6.31 -45.56
N TYR C 521 -33.59 -6.81 -44.46
CA TYR C 521 -33.98 -6.32 -43.13
C TYR C 521 -32.84 -6.62 -42.17
N ASP C 522 -32.15 -5.58 -41.73
CA ASP C 522 -31.06 -5.72 -40.77
C ASP C 522 -31.65 -6.01 -39.39
N THR C 523 -31.56 -7.27 -38.95
CA THR C 523 -32.13 -7.68 -37.68
C THR C 523 -31.27 -7.30 -36.49
N GLU C 524 -30.05 -6.81 -36.70
CA GLU C 524 -29.15 -6.43 -35.61
C GLU C 524 -29.37 -4.97 -35.22
N HIS C 525 -30.63 -4.66 -34.91
CA HIS C 525 -31.01 -3.31 -34.50
C HIS C 525 -32.18 -3.41 -33.53
N LEU C 526 -32.19 -2.52 -32.53
CA LEU C 526 -33.27 -2.51 -31.56
C LEU C 526 -34.60 -2.17 -32.23
N HIS C 527 -34.60 -1.21 -33.15
CA HIS C 527 -35.79 -0.79 -33.87
C HIS C 527 -35.48 -0.84 -35.37
N PRO C 528 -35.51 -2.05 -35.96
CA PRO C 528 -35.17 -2.17 -37.39
C PRO C 528 -36.14 -1.43 -38.30
N ASP C 529 -37.35 -1.11 -37.84
CA ASP C 529 -38.30 -0.41 -38.69
C ASP C 529 -37.88 1.03 -38.97
N LEU C 530 -36.95 1.58 -38.18
CA LEU C 530 -36.49 2.95 -38.42
C LEU C 530 -35.78 3.09 -39.76
N TRP C 531 -34.97 2.10 -40.14
CA TRP C 531 -34.23 2.13 -41.39
C TRP C 531 -35.04 1.59 -42.56
N GLN C 532 -36.28 1.17 -42.34
CA GLN C 532 -37.14 0.65 -43.39
C GLN C 532 -37.78 1.74 -44.23
N ILE C 533 -37.32 2.99 -44.10
CA ILE C 533 -37.87 4.09 -44.90
C ILE C 533 -37.59 3.86 -46.37
N PHE C 534 -36.37 3.44 -46.70
CA PHE C 534 -36.03 3.19 -48.10
C PHE C 534 -36.80 1.98 -48.65
N ASP C 535 -36.90 0.92 -47.85
CA ASP C 535 -37.56 -0.30 -48.34
C ASP C 535 -39.06 -0.14 -48.40
N ASN C 536 -39.67 0.46 -47.37
CA ASN C 536 -41.11 0.63 -47.27
C ASN C 536 -41.40 2.08 -46.90
N PRO C 537 -41.30 3.00 -47.87
CA PRO C 537 -41.56 4.41 -47.54
C PRO C 537 -42.96 4.67 -47.02
N VAL C 538 -43.97 3.98 -47.54
CA VAL C 538 -45.35 4.26 -47.15
C VAL C 538 -45.58 3.88 -45.69
N ASP C 539 -45.17 2.68 -45.29
CA ASP C 539 -45.37 2.24 -43.92
C ASP C 539 -44.55 3.08 -42.95
N TRP C 540 -43.30 3.39 -43.29
CA TRP C 540 -42.47 4.21 -42.42
C TRP C 540 -43.05 5.60 -42.24
N LYS C 541 -43.54 6.19 -43.34
CA LYS C 541 -44.16 7.52 -43.24
C LYS C 541 -45.44 7.46 -42.40
N GLU C 542 -46.24 6.41 -42.59
CA GLU C 542 -47.50 6.32 -41.84
C GLU C 542 -47.27 6.05 -40.37
N GLN C 543 -46.15 5.41 -40.02
CA GLN C 543 -45.90 5.06 -38.61
C GLN C 543 -45.12 6.12 -37.87
N TYR C 544 -44.09 6.71 -38.49
CA TYR C 544 -43.16 7.60 -37.80
C TYR C 544 -43.53 9.07 -37.93
N ILE C 545 -44.10 9.49 -39.05
CA ILE C 545 -44.43 10.90 -39.24
C ILE C 545 -45.66 11.26 -38.42
N HIS C 546 -45.71 12.52 -37.99
CA HIS C 546 -46.84 13.00 -37.21
C HIS C 546 -48.12 12.98 -38.04
N GLU C 547 -49.25 12.70 -37.38
CA GLU C 547 -50.52 12.63 -38.07
C GLU C 547 -50.94 13.97 -38.66
N ASN C 548 -50.54 15.08 -38.04
CA ASN C 548 -50.89 16.41 -38.52
C ASN C 548 -49.86 16.98 -39.49
N TYR C 549 -48.82 16.22 -39.83
CA TYR C 549 -47.84 16.71 -40.79
C TYR C 549 -48.46 16.95 -42.16
N SER C 550 -49.32 16.03 -42.61
CA SER C 550 -50.03 16.24 -43.86
C SER C 550 -50.94 17.44 -43.79
N ARG C 551 -51.66 17.60 -42.67
CA ARG C 551 -52.53 18.76 -42.50
C ARG C 551 -51.73 20.06 -42.46
N ALA C 552 -50.58 20.04 -41.78
CA ALA C 552 -49.74 21.23 -41.73
C ALA C 552 -49.20 21.59 -43.10
N LEU C 553 -48.77 20.59 -43.88
CA LEU C 553 -48.22 20.87 -45.20
C LEU C 553 -49.31 21.30 -46.19
N GLU C 554 -50.52 20.76 -46.05
CA GLU C 554 -51.59 21.09 -46.98
C GLU C 554 -52.04 22.54 -46.88
N GLY C 555 -51.74 23.22 -45.78
CA GLY C 555 -52.16 24.60 -45.61
C GLY C 555 -53.46 24.73 -44.84
N GLU C 556 -53.58 24.01 -43.73
CA GLU C 556 -54.76 24.03 -42.88
C GLU C 556 -54.42 24.57 -41.50
N GLY C 557 -53.63 25.63 -41.45
CA GLY C 557 -53.23 26.18 -40.16
C GLY C 557 -52.02 25.45 -39.63
N ILE C 558 -52.11 25.04 -38.36
CA ILE C 558 -51.09 24.23 -37.69
C ILE C 558 -49.79 25.01 -37.53
N VAL C 559 -49.30 25.61 -38.62
CA VAL C 559 -48.04 26.34 -38.58
C VAL C 559 -48.19 27.56 -37.68
N GLU C 560 -47.22 27.76 -36.79
CA GLU C 560 -47.22 28.86 -35.84
C GLU C 560 -45.96 29.70 -36.05
N GLN C 561 -46.10 31.02 -35.96
CA GLN C 561 -45.01 31.96 -36.15
C GLN C 561 -44.98 32.93 -34.96
N PRO C 562 -44.56 32.45 -33.79
CA PRO C 562 -44.50 33.34 -32.62
C PRO C 562 -43.49 34.48 -32.78
N CYS C 563 -42.51 34.34 -33.65
CA CYS C 563 -41.48 35.35 -33.87
C CYS C 563 -41.33 35.61 -35.35
N PRO C 564 -40.83 36.79 -35.72
CA PRO C 564 -40.66 37.10 -37.15
C PRO C 564 -39.66 36.16 -37.80
N ASP C 565 -39.94 35.80 -39.06
CA ASP C 565 -39.07 34.94 -39.86
C ASP C 565 -38.87 33.59 -39.19
N VAL C 566 -39.87 33.13 -38.46
CA VAL C 566 -39.82 31.84 -37.76
C VAL C 566 -41.12 31.09 -38.03
N TYR C 567 -41.06 29.77 -37.91
CA TYR C 567 -42.20 28.90 -38.11
C TYR C 567 -42.20 27.80 -37.07
N TRP C 568 -43.37 27.22 -36.83
CA TRP C 568 -43.52 26.13 -35.87
C TRP C 568 -44.62 25.21 -36.36
N PHE C 569 -44.24 24.06 -36.91
CA PHE C 569 -45.17 23.08 -37.43
C PHE C 569 -44.81 21.68 -36.93
N PRO C 570 -45.78 20.77 -36.88
CA PRO C 570 -45.49 19.40 -36.42
C PRO C 570 -44.67 18.66 -37.45
N LEU C 571 -43.61 18.01 -36.99
CA LEU C 571 -42.72 17.25 -37.86
C LEU C 571 -42.66 15.77 -37.51
N LEU C 572 -42.40 15.43 -36.25
CA LEU C 572 -42.21 14.06 -35.82
C LEU C 572 -43.33 13.62 -34.88
N SER C 573 -43.43 12.31 -34.68
CA SER C 573 -44.44 11.73 -33.81
C SER C 573 -43.78 11.16 -32.55
N GLU C 574 -44.63 10.66 -31.65
CA GLU C 574 -44.15 10.15 -30.37
C GLU C 574 -43.33 8.87 -30.55
N GLN C 575 -43.78 7.96 -31.40
CA GLN C 575 -43.10 6.68 -31.55
C GLN C 575 -41.70 6.85 -32.13
N MET C 576 -41.58 7.64 -33.20
CA MET C 576 -40.27 7.85 -33.81
C MET C 576 -39.32 8.58 -32.86
N CYS C 577 -39.83 9.60 -32.15
CA CYS C 577 -39.00 10.32 -31.21
C CYS C 577 -38.52 9.41 -30.08
N ASP C 578 -39.42 8.58 -29.54
CA ASP C 578 -39.03 7.65 -28.49
C ASP C 578 -38.00 6.64 -28.99
N GLU C 579 -38.20 6.13 -30.21
CA GLU C 579 -37.24 5.18 -30.77
C GLU C 579 -35.87 5.82 -30.96
N LEU C 580 -35.84 7.06 -31.46
CA LEU C 580 -34.58 7.75 -31.64
C LEU C 580 -33.89 8.02 -30.32
N VAL C 581 -34.66 8.41 -29.29
CA VAL C 581 -34.08 8.65 -27.98
C VAL C 581 -33.52 7.36 -27.39
N ALA C 582 -34.25 6.25 -27.55
CA ALA C 582 -33.76 4.97 -27.05
C ALA C 582 -32.49 4.54 -27.79
N GLU C 583 -32.45 4.76 -29.10
CA GLU C 583 -31.25 4.42 -29.86
C GLU C 583 -30.05 5.28 -29.42
N MET C 584 -30.30 6.57 -29.17
CA MET C 584 -29.23 7.45 -28.70
C MET C 584 -28.72 7.01 -27.34
N GLU C 585 -29.64 6.60 -26.45
CA GLU C 585 -29.23 6.08 -25.14
C GLU C 585 -28.44 4.79 -25.29
N HIS C 586 -28.84 3.92 -26.22
CA HIS C 586 -28.12 2.68 -26.46
C HIS C 586 -26.74 2.94 -27.04
N TYR C 587 -26.57 4.03 -27.79
CA TYR C 587 -25.25 4.38 -28.30
C TYR C 587 -24.28 4.66 -27.15
N GLY C 588 -24.74 5.36 -26.13
CA GLY C 588 -23.94 5.57 -24.92
C GLY C 588 -22.84 6.61 -24.98
N GLN C 589 -22.06 6.63 -26.06
CA GLN C 589 -20.91 7.53 -26.17
C GLN C 589 -21.41 8.95 -26.42
N TRP C 590 -21.76 9.62 -25.33
CA TRP C 590 -22.22 11.01 -25.38
C TRP C 590 -21.00 11.92 -25.47
N SER C 591 -20.43 11.98 -26.68
CA SER C 591 -19.25 12.79 -26.91
C SER C 591 -19.62 14.27 -26.91
N GLY C 592 -18.62 15.12 -27.08
CA GLY C 592 -18.81 16.55 -27.04
C GLY C 592 -18.55 17.14 -25.67
N GLY C 593 -18.47 18.47 -25.64
CA GLY C 593 -18.17 19.20 -24.42
C GLY C 593 -16.81 19.88 -24.42
N ARG C 594 -15.97 19.60 -25.40
CA ARG C 594 -14.66 20.23 -25.52
C ARG C 594 -14.66 21.23 -26.67
N HIS C 595 -13.83 22.26 -26.56
CA HIS C 595 -13.79 23.31 -27.58
C HIS C 595 -13.34 22.74 -28.93
N GLU C 596 -12.34 21.86 -28.91
CA GLU C 596 -11.89 21.23 -30.14
C GLU C 596 -12.91 20.20 -30.64
N ASP C 597 -12.91 19.97 -31.94
CA ASP C 597 -13.80 19.02 -32.58
C ASP C 597 -12.98 18.01 -33.38
N SER C 598 -13.36 16.73 -33.27
CA SER C 598 -12.67 15.67 -33.99
C SER C 598 -13.32 15.35 -35.33
N ARG C 599 -14.60 15.65 -35.50
CA ARG C 599 -15.30 15.42 -36.75
C ARG C 599 -15.35 16.65 -37.65
N LEU C 600 -14.73 17.75 -37.23
CA LEU C 600 -14.69 18.97 -38.02
C LEU C 600 -13.34 19.11 -38.69
N ALA C 601 -13.35 19.55 -39.96
CA ALA C 601 -12.11 19.68 -40.72
C ALA C 601 -11.17 20.71 -40.08
N GLY C 602 -11.72 21.83 -39.62
CA GLY C 602 -10.89 22.85 -39.00
C GLY C 602 -10.25 22.38 -37.70
N GLY C 603 -10.94 21.53 -36.95
CA GLY C 603 -10.46 21.05 -35.68
C GLY C 603 -10.76 21.94 -34.50
N TYR C 604 -11.38 23.09 -34.71
CA TYR C 604 -11.76 24.02 -33.64
C TYR C 604 -13.25 24.31 -33.77
N GLU C 605 -14.04 23.76 -32.84
CA GLU C 605 -15.47 24.00 -32.81
C GLU C 605 -15.78 25.26 -32.02
N ASN C 606 -16.56 26.16 -32.60
CA ASN C 606 -16.86 27.42 -31.94
C ASN C 606 -17.65 27.21 -30.65
N VAL C 607 -18.66 26.35 -30.68
CA VAL C 607 -19.52 26.13 -29.53
C VAL C 607 -19.51 24.65 -29.16
N PRO C 608 -19.09 24.30 -27.94
CA PRO C 608 -19.08 22.88 -27.54
C PRO C 608 -20.36 22.48 -26.84
N THR C 609 -20.79 21.24 -27.11
CA THR C 609 -21.98 20.70 -26.49
C THR C 609 -21.90 19.18 -26.53
N VAL C 610 -22.45 18.53 -25.50
CA VAL C 610 -22.45 17.07 -25.41
C VAL C 610 -23.51 16.54 -26.38
N ASP C 611 -23.06 15.93 -27.48
CA ASP C 611 -23.97 15.45 -28.50
C ASP C 611 -23.38 14.23 -29.17
N ILE C 612 -24.26 13.43 -29.78
CA ILE C 612 -23.86 12.24 -30.53
C ILE C 612 -24.11 12.52 -32.01
N HIS C 613 -23.05 12.40 -32.80
CA HIS C 613 -23.16 12.66 -34.24
C HIS C 613 -23.96 11.57 -34.94
N MET C 614 -24.63 11.95 -36.02
CA MET C 614 -25.41 10.98 -36.78
C MET C 614 -24.50 10.08 -37.63
N LYS C 615 -23.26 10.50 -37.86
CA LYS C 615 -22.36 9.69 -38.67
C LYS C 615 -22.01 8.38 -37.98
N GLN C 616 -21.68 8.43 -36.68
CA GLN C 616 -21.38 7.21 -35.94
C GLN C 616 -22.63 6.36 -35.75
N VAL C 617 -23.78 7.00 -35.51
CA VAL C 617 -25.02 6.26 -35.34
C VAL C 617 -25.51 5.67 -36.64
N GLY C 618 -25.07 6.20 -37.78
CA GLY C 618 -25.49 5.70 -39.08
C GLY C 618 -26.84 6.19 -39.55
N TYR C 619 -27.47 7.12 -38.82
CA TYR C 619 -28.78 7.65 -39.20
C TYR C 619 -28.68 8.91 -40.04
N GLU C 620 -27.47 9.32 -40.42
CA GLU C 620 -27.31 10.54 -41.22
C GLU C 620 -27.98 10.40 -42.58
N ASP C 621 -27.80 9.25 -43.24
CA ASP C 621 -28.40 9.07 -44.57
C ASP C 621 -29.91 9.01 -44.48
N GLN C 622 -30.46 8.28 -43.50
CA GLN C 622 -31.91 8.20 -43.36
C GLN C 622 -32.50 9.55 -43.02
N TRP C 623 -31.86 10.30 -42.12
CA TRP C 623 -32.34 11.64 -41.78
C TRP C 623 -32.27 12.57 -42.99
N LEU C 624 -31.20 12.47 -43.78
CA LEU C 624 -31.08 13.29 -44.98
C LEU C 624 -32.18 12.97 -45.97
N GLN C 625 -32.48 11.68 -46.17
CA GLN C 625 -33.56 11.30 -47.08
C GLN C 625 -34.91 11.81 -46.57
N LEU C 626 -35.16 11.67 -45.26
CA LEU C 626 -36.41 12.17 -44.69
C LEU C 626 -36.54 13.67 -44.86
N LEU C 627 -35.45 14.40 -44.65
CA LEU C 627 -35.48 15.86 -44.83
C LEU C 627 -35.71 16.24 -46.28
N ARG C 628 -35.06 15.53 -47.22
CA ARG C 628 -35.26 15.81 -48.63
C ARG C 628 -36.66 15.45 -49.10
N THR C 629 -37.32 14.50 -48.42
CA THR C 629 -38.68 14.14 -48.82
C THR C 629 -39.71 15.07 -48.21
N TYR C 630 -39.69 15.24 -46.89
CA TYR C 630 -40.72 15.98 -46.17
C TYR C 630 -40.32 17.39 -45.78
N VAL C 631 -39.10 17.58 -45.27
CA VAL C 631 -38.71 18.89 -44.77
C VAL C 631 -38.58 19.89 -45.91
N GLY C 632 -37.99 19.46 -47.04
CA GLY C 632 -37.80 20.33 -48.18
C GLY C 632 -39.07 20.91 -48.77
N PRO C 633 -40.12 20.11 -48.98
CA PRO C 633 -41.38 20.68 -49.44
C PRO C 633 -41.96 21.71 -48.47
N MET C 634 -41.80 21.49 -47.17
CA MET C 634 -42.28 22.45 -46.19
C MET C 634 -41.53 23.77 -46.29
N THR C 635 -40.21 23.71 -46.46
CA THR C 635 -39.42 24.93 -46.62
C THR C 635 -39.77 25.64 -47.92
N GLU C 636 -39.99 24.89 -49.00
CA GLU C 636 -40.36 25.50 -50.27
C GLU C 636 -41.72 26.17 -50.18
N SER C 637 -42.68 25.54 -49.49
CA SER C 637 -44.01 26.12 -49.37
C SER C 637 -44.00 27.38 -48.52
N LEU C 638 -43.26 27.36 -47.41
CA LEU C 638 -43.24 28.51 -46.51
C LEU C 638 -42.64 29.74 -47.19
N PHE C 639 -41.56 29.57 -47.94
CA PHE C 639 -40.89 30.70 -48.59
C PHE C 639 -41.13 30.63 -50.09
N PRO C 640 -41.94 31.51 -50.65
CA PRO C 640 -42.14 31.50 -52.10
C PRO C 640 -40.86 31.85 -52.85
N GLY C 641 -40.67 31.19 -53.99
CA GLY C 641 -39.52 31.47 -54.83
C GLY C 641 -38.20 30.91 -54.32
N TYR C 642 -38.24 29.98 -53.36
CA TYR C 642 -37.03 29.40 -52.78
C TYR C 642 -36.95 27.93 -53.17
N HIS C 643 -35.83 27.54 -53.76
CA HIS C 643 -35.59 26.16 -54.17
C HIS C 643 -34.64 25.49 -53.17
N THR C 644 -35.03 24.32 -52.70
CA THR C 644 -34.28 23.59 -51.69
C THR C 644 -33.78 22.28 -52.25
N LYS C 645 -32.50 22.00 -52.05
CA LYS C 645 -31.90 20.73 -52.43
C LYS C 645 -31.62 19.82 -51.24
N ALA C 646 -31.86 20.29 -50.02
CA ALA C 646 -31.68 19.51 -48.80
C ALA C 646 -30.25 18.98 -48.68
N ARG C 647 -29.31 19.91 -48.60
CA ARG C 647 -27.89 19.58 -48.44
C ARG C 647 -27.47 19.98 -47.03
N ALA C 648 -27.55 19.04 -46.10
CA ALA C 648 -27.17 19.26 -44.71
C ALA C 648 -25.89 18.51 -44.42
N VAL C 649 -24.86 19.23 -44.00
CA VAL C 649 -23.56 18.65 -43.71
C VAL C 649 -23.38 18.26 -42.25
N MET C 650 -24.16 18.83 -41.34
CA MET C 650 -24.07 18.53 -39.92
C MET C 650 -25.45 18.22 -39.38
N ASN C 651 -25.56 17.11 -38.64
CA ASN C 651 -26.82 16.73 -38.02
C ASN C 651 -26.50 15.90 -36.79
N PHE C 652 -26.86 16.41 -35.62
CA PHE C 652 -26.58 15.70 -34.37
C PHE C 652 -27.62 16.08 -33.33
N VAL C 653 -27.78 15.22 -32.34
CA VAL C 653 -28.73 15.42 -31.25
C VAL C 653 -27.93 15.68 -29.97
N VAL C 654 -28.23 16.79 -29.31
CA VAL C 654 -27.51 17.20 -28.11
C VAL C 654 -28.40 17.00 -26.89
N ARG C 655 -27.81 16.44 -25.85
CA ARG C 655 -28.49 16.23 -24.58
C ARG C 655 -27.95 17.22 -23.56
N TYR C 656 -28.83 18.07 -23.04
CA TYR C 656 -28.46 19.09 -22.07
C TYR C 656 -28.86 18.62 -20.68
N ARG C 657 -27.93 18.72 -19.73
CA ARG C 657 -28.16 18.31 -18.37
C ARG C 657 -27.73 19.40 -17.41
N PRO C 658 -28.30 19.43 -16.20
CA PRO C 658 -27.92 20.48 -15.24
C PRO C 658 -26.47 20.42 -14.82
N ASP C 659 -25.80 19.27 -14.96
CA ASP C 659 -24.41 19.13 -14.57
C ASP C 659 -23.48 18.76 -15.70
N GLU C 660 -24.00 18.40 -16.88
CA GLU C 660 -23.16 17.98 -18.00
C GLU C 660 -22.93 19.10 -19.01
N GLN C 661 -23.99 19.67 -19.55
CA GLN C 661 -23.89 20.73 -20.55
C GLN C 661 -24.90 21.82 -20.25
N PRO C 662 -24.45 23.02 -19.87
CA PRO C 662 -25.41 24.12 -19.63
C PRO C 662 -25.88 24.74 -20.93
N SER C 663 -26.64 25.82 -20.84
CA SER C 663 -27.14 26.50 -22.04
C SER C 663 -25.97 27.06 -22.85
N LEU C 664 -26.11 26.99 -24.17
CA LEU C 664 -25.05 27.46 -25.06
C LEU C 664 -24.97 28.99 -25.04
N ARG C 665 -23.79 29.50 -25.40
CA ARG C 665 -23.58 30.94 -25.44
C ARG C 665 -24.33 31.55 -26.61
N PRO C 666 -24.59 32.86 -26.56
CA PRO C 666 -25.31 33.51 -27.67
C PRO C 666 -24.52 33.48 -28.97
N HIS C 667 -25.01 32.71 -29.94
CA HIS C 667 -24.34 32.59 -31.22
C HIS C 667 -25.36 32.17 -32.28
N HIS C 668 -25.01 32.44 -33.54
CA HIS C 668 -25.86 32.08 -34.67
C HIS C 668 -25.47 30.70 -35.19
N ASP C 669 -26.13 30.30 -36.27
CA ASP C 669 -25.88 29.02 -36.92
C ASP C 669 -25.28 29.24 -38.29
N SER C 670 -24.27 28.43 -38.62
CA SER C 670 -23.59 28.52 -39.92
C SER C 670 -24.39 27.76 -40.98
N SER C 671 -25.60 28.27 -41.23
CA SER C 671 -26.49 27.66 -42.21
C SER C 671 -27.51 28.70 -42.64
N THR C 672 -28.06 28.50 -43.85
CA THR C 672 -29.12 29.37 -44.32
C THR C 672 -30.36 29.28 -43.45
N PHE C 673 -30.73 28.07 -43.05
CA PHE C 673 -31.83 27.84 -42.13
C PHE C 673 -31.43 26.78 -41.13
N THR C 674 -31.82 26.99 -39.87
CA THR C 674 -31.50 26.08 -38.79
C THR C 674 -32.79 25.54 -38.19
N LEU C 675 -32.88 24.22 -38.08
CA LEU C 675 -34.07 23.54 -37.55
C LEU C 675 -33.77 23.01 -36.16
N ASN C 676 -34.67 23.31 -35.23
CA ASN C 676 -34.56 22.83 -33.84
C ASN C 676 -35.75 21.94 -33.55
N VAL C 677 -35.48 20.68 -33.20
CA VAL C 677 -36.52 19.69 -32.95
C VAL C 677 -36.34 19.14 -31.55
N ALA C 678 -37.41 19.20 -30.75
CA ALA C 678 -37.38 18.62 -29.41
C ALA C 678 -37.64 17.12 -29.45
N LEU C 679 -37.15 16.43 -28.44
CA LEU C 679 -37.28 14.98 -28.36
C LEU C 679 -38.03 14.50 -27.12
N ASN C 680 -38.52 15.40 -26.29
CA ASN C 680 -39.22 15.02 -25.06
C ASN C 680 -40.38 15.98 -24.83
N HIS C 681 -41.35 15.53 -24.04
CA HIS C 681 -42.50 16.34 -23.68
C HIS C 681 -42.08 17.37 -22.63
N LYS C 682 -42.47 18.63 -22.85
CA LYS C 682 -42.06 19.70 -21.95
C LYS C 682 -42.68 19.52 -20.57
N GLY C 683 -41.94 19.92 -19.55
CA GLY C 683 -42.43 19.86 -18.19
C GLY C 683 -42.27 18.50 -17.54
N LEU C 684 -42.91 17.48 -18.14
CA LEU C 684 -42.85 16.14 -17.57
C LEU C 684 -41.43 15.57 -17.62
N ASP C 685 -40.71 15.82 -18.71
CA ASP C 685 -39.36 15.28 -18.88
C ASP C 685 -38.26 16.21 -18.39
N TYR C 686 -38.36 17.51 -18.69
CA TYR C 686 -37.34 18.46 -18.30
C TYR C 686 -38.00 19.75 -17.84
N GLU C 687 -37.31 20.46 -16.94
CA GLU C 687 -37.79 21.73 -16.39
C GLU C 687 -36.75 22.80 -16.68
N GLY C 688 -37.21 23.90 -17.27
CA GLY C 688 -36.32 25.00 -17.60
C GLY C 688 -36.83 25.88 -18.73
N GLY C 689 -35.99 26.12 -19.73
CA GLY C 689 -36.38 26.93 -20.87
C GLY C 689 -35.84 26.41 -22.18
N GLY C 690 -36.10 27.13 -23.27
CA GLY C 690 -35.62 26.73 -24.57
C GLY C 690 -34.54 27.63 -25.12
N CYS C 691 -34.91 28.49 -26.07
CA CYS C 691 -34.01 29.46 -26.66
C CYS C 691 -34.47 30.87 -26.30
N ARG C 692 -33.76 31.86 -26.85
CA ARG C 692 -34.10 33.26 -26.61
C ARG C 692 -33.63 34.08 -27.81
N PHE C 693 -34.58 34.67 -28.52
CA PHE C 693 -34.26 35.52 -29.67
C PHE C 693 -34.05 36.94 -29.19
N LEU C 694 -32.79 37.38 -29.15
CA LEU C 694 -32.49 38.72 -28.67
C LEU C 694 -32.91 39.78 -29.68
N ARG C 695 -32.79 39.47 -30.97
CA ARG C 695 -33.19 40.43 -32.00
C ARG C 695 -34.69 40.67 -31.99
N TYR C 696 -35.48 39.61 -31.85
CA TYR C 696 -36.93 39.71 -31.84
C TYR C 696 -37.52 39.86 -30.44
N ASP C 697 -36.69 39.81 -29.41
CA ASP C 697 -37.13 39.95 -28.02
C ASP C 697 -38.24 38.95 -27.69
N CYS C 698 -38.06 37.72 -28.16
CA CYS C 698 -39.02 36.65 -27.94
C CYS C 698 -38.29 35.39 -27.47
N VAL C 699 -39.00 34.59 -26.68
CA VAL C 699 -38.46 33.35 -26.13
C VAL C 699 -39.45 32.23 -26.39
N ILE C 700 -38.96 31.11 -26.91
CA ILE C 700 -39.79 29.93 -27.16
C ILE C 700 -39.80 29.13 -25.86
N SER C 701 -40.70 29.48 -24.96
CA SER C 701 -40.77 28.88 -23.63
C SER C 701 -41.66 27.64 -23.59
N SER C 702 -42.32 27.29 -24.69
CA SER C 702 -43.22 26.14 -24.74
C SER C 702 -42.84 25.26 -25.94
N PRO C 703 -41.72 24.57 -25.87
CA PRO C 703 -41.35 23.64 -26.93
C PRO C 703 -42.35 22.49 -27.02
N ARG C 704 -42.55 22.01 -28.24
CA ARG C 704 -43.46 20.90 -28.51
C ARG C 704 -42.66 19.67 -28.89
N LYS C 705 -42.97 18.53 -28.24
CA LYS C 705 -42.26 17.30 -28.53
C LYS C 705 -42.49 16.84 -29.97
N GLY C 706 -43.72 16.96 -30.46
CA GLY C 706 -44.04 16.53 -31.81
C GLY C 706 -43.77 17.56 -32.89
N TRP C 707 -43.58 18.82 -32.51
CA TRP C 707 -43.37 19.87 -33.50
C TRP C 707 -41.91 20.32 -33.51
N ALA C 708 -41.59 21.17 -34.49
CA ALA C 708 -40.24 21.68 -34.65
C ALA C 708 -40.30 23.05 -35.31
N LEU C 709 -39.20 23.79 -35.20
CA LEU C 709 -39.09 25.13 -35.75
C LEU C 709 -37.99 25.17 -36.80
N LEU C 710 -38.27 25.85 -37.92
CA LEU C 710 -37.31 26.00 -39.01
C LEU C 710 -37.25 27.48 -39.38
N HIS C 711 -36.25 28.17 -38.85
CA HIS C 711 -36.07 29.60 -39.08
C HIS C 711 -34.64 29.89 -39.49
N PRO C 712 -34.42 30.95 -40.28
CA PRO C 712 -33.06 31.30 -40.67
C PRO C 712 -32.21 31.73 -39.47
N GLY C 713 -30.91 31.46 -39.56
CA GLY C 713 -30.00 31.81 -38.49
C GLY C 713 -28.65 32.30 -38.97
N ARG C 714 -28.62 32.86 -40.18
CA ARG C 714 -27.35 33.28 -40.79
C ARG C 714 -26.96 34.70 -40.39
N LEU C 715 -27.80 35.68 -40.70
CA LEU C 715 -27.48 37.09 -40.48
C LEU C 715 -28.50 37.79 -39.58
N THR C 716 -29.78 37.47 -39.72
CA THR C 716 -30.84 38.14 -38.98
C THR C 716 -31.33 37.31 -37.79
N HIS C 717 -30.45 36.56 -37.15
CA HIS C 717 -30.84 35.75 -36.00
C HIS C 717 -29.60 35.50 -35.14
N TYR C 718 -29.57 36.12 -33.96
CA TYR C 718 -28.53 35.90 -32.97
C TYR C 718 -29.13 35.05 -31.86
N HIS C 719 -29.09 33.74 -32.05
CA HIS C 719 -29.72 32.80 -31.14
C HIS C 719 -28.95 32.71 -29.82
N GLU C 720 -29.70 32.56 -28.73
CA GLU C 720 -29.14 32.39 -27.40
C GLU C 720 -29.86 31.23 -26.72
N GLY C 721 -29.12 30.51 -25.88
CA GLY C 721 -29.69 29.34 -25.20
C GLY C 721 -30.14 29.67 -23.80
N LEU C 722 -31.38 29.30 -23.48
CA LEU C 722 -31.90 29.45 -22.14
C LEU C 722 -31.52 28.24 -21.29
N PRO C 723 -31.46 28.40 -19.97
CA PRO C 723 -31.01 27.32 -19.10
C PRO C 723 -32.16 26.43 -18.64
N THR C 724 -31.78 25.21 -18.23
CA THR C 724 -32.72 24.22 -17.73
C THR C 724 -32.40 23.94 -16.26
N THR C 725 -33.42 24.01 -15.42
CA THR C 725 -33.22 23.82 -13.98
C THR C 725 -33.22 22.33 -13.61
N TRP C 726 -34.33 21.64 -13.87
CA TRP C 726 -34.50 20.25 -13.48
C TRP C 726 -34.73 19.38 -14.71
N GLY C 727 -34.33 18.12 -14.60
CA GLY C 727 -34.49 17.17 -15.68
C GLY C 727 -33.45 17.35 -16.78
N THR C 728 -33.57 16.49 -17.78
CA THR C 728 -32.66 16.51 -18.93
C THR C 728 -33.47 16.73 -20.20
N ARG C 729 -32.95 17.56 -21.10
CA ARG C 729 -33.60 17.90 -22.34
C ARG C 729 -32.70 17.53 -23.51
N TYR C 730 -33.29 16.89 -24.52
CA TYR C 730 -32.59 16.50 -25.74
C TYR C 730 -33.22 17.21 -26.92
N ILE C 731 -32.38 17.83 -27.76
CA ILE C 731 -32.83 18.58 -28.93
C ILE C 731 -32.00 18.15 -30.12
N MET C 732 -32.66 17.93 -31.25
CA MET C 732 -32.00 17.53 -32.49
C MET C 732 -32.00 18.71 -33.45
N VAL C 733 -30.81 19.22 -33.77
CA VAL C 733 -30.64 20.34 -34.68
C VAL C 733 -29.71 19.92 -35.80
N SER C 734 -30.12 20.14 -37.04
CA SER C 734 -29.33 19.79 -38.22
C SER C 734 -29.00 21.06 -38.99
N PHE C 735 -27.71 21.29 -39.21
CA PHE C 735 -27.25 22.45 -39.98
C PHE C 735 -27.47 22.15 -41.46
N VAL C 736 -28.54 22.72 -42.01
CA VAL C 736 -28.94 22.46 -43.39
C VAL C 736 -28.60 23.68 -44.24
N ASP C 737 -28.09 23.42 -45.44
CA ASP C 737 -27.69 24.45 -46.40
C ASP C 737 -26.65 25.38 -45.80
N PRO C 738 -25.42 24.90 -45.59
CA PRO C 738 -24.30 25.69 -45.06
C PRO C 738 -23.33 26.13 -46.15
N PRO D 33 34.46 82.88 -3.30
CA PRO D 33 34.04 84.05 -2.53
C PRO D 33 34.21 85.35 -3.30
N VAL D 34 34.47 85.24 -4.60
CA VAL D 34 34.62 86.43 -5.45
C VAL D 34 33.28 87.13 -5.59
N ASN D 35 33.33 88.45 -5.70
CA ASN D 35 32.11 89.23 -5.88
C ASN D 35 31.54 89.01 -7.27
N PRO D 36 30.27 88.61 -7.40
CA PRO D 36 29.70 88.45 -8.75
C PRO D 36 29.69 89.72 -9.56
N GLU D 37 29.63 90.89 -8.91
CA GLU D 37 29.65 92.16 -9.62
C GLU D 37 30.99 92.44 -10.27
N LYS D 38 32.04 91.70 -9.91
CA LYS D 38 33.37 91.88 -10.48
C LYS D 38 33.51 91.26 -11.87
N LEU D 39 32.42 90.73 -12.43
CA LEU D 39 32.44 90.08 -13.72
C LEU D 39 31.87 91.02 -14.78
N LEU D 40 32.60 91.18 -15.88
CA LEU D 40 32.17 92.02 -16.99
C LEU D 40 32.22 91.20 -18.27
N VAL D 41 31.24 91.42 -19.15
CA VAL D 41 31.14 90.73 -20.42
C VAL D 41 31.17 91.75 -21.55
N ILE D 42 32.08 91.57 -22.49
CA ILE D 42 32.23 92.46 -23.64
C ILE D 42 31.95 91.65 -24.90
N THR D 43 31.02 92.13 -25.71
CA THR D 43 30.63 91.44 -26.93
C THR D 43 30.61 92.44 -28.09
N VAL D 44 30.96 91.95 -29.27
CA VAL D 44 31.05 92.77 -30.47
C VAL D 44 29.91 92.39 -31.40
N ALA D 45 29.15 93.38 -31.85
CA ALA D 45 28.04 93.16 -32.78
C ALA D 45 27.81 94.45 -33.56
N THR D 46 28.08 94.39 -34.88
CA THR D 46 27.88 95.57 -35.72
C THR D 46 26.41 95.98 -35.76
N ALA D 47 25.51 95.00 -35.91
CA ALA D 47 24.08 95.27 -35.96
C ALA D 47 23.33 94.41 -34.95
N GLU D 48 22.00 94.44 -35.02
CA GLU D 48 21.14 93.65 -34.13
C GLU D 48 20.49 92.55 -34.96
N THR D 49 21.12 91.38 -34.96
CA THR D 49 20.61 90.23 -35.68
C THR D 49 19.83 89.33 -34.73
N GLU D 50 19.29 88.23 -35.28
CA GLU D 50 18.59 87.26 -34.44
C GLU D 50 19.53 86.64 -33.41
N GLY D 51 20.78 86.39 -33.81
CA GLY D 51 21.76 85.89 -32.87
C GLY D 51 22.02 86.87 -31.73
N TYR D 52 22.01 88.17 -32.04
CA TYR D 52 22.20 89.17 -30.99
C TYR D 52 21.06 89.12 -29.98
N LEU D 53 19.82 89.01 -30.47
CA LEU D 53 18.67 88.92 -29.57
C LEU D 53 18.73 87.64 -28.74
N ARG D 54 19.12 86.52 -29.36
CA ARG D 54 19.24 85.27 -28.63
C ARG D 54 20.31 85.37 -27.54
N PHE D 55 21.46 85.98 -27.85
CA PHE D 55 22.51 86.12 -26.86
C PHE D 55 22.07 87.03 -25.72
N LEU D 56 21.36 88.12 -26.06
CA LEU D 56 20.86 89.01 -25.01
C LEU D 56 19.87 88.29 -24.11
N ARG D 57 18.97 87.51 -24.69
CA ARG D 57 18.01 86.75 -23.89
C ARG D 57 18.72 85.73 -23.00
N SER D 58 19.74 85.06 -23.55
CA SER D 58 20.49 84.10 -22.76
C SER D 58 21.20 84.77 -21.60
N ALA D 59 21.79 85.94 -21.84
CA ALA D 59 22.44 86.68 -20.76
C ALA D 59 21.43 87.12 -19.71
N GLU D 60 20.26 87.57 -20.14
CA GLU D 60 19.22 87.98 -19.18
C GLU D 60 18.71 86.81 -18.38
N PHE D 61 18.68 85.60 -18.96
CA PHE D 61 18.21 84.44 -18.24
C PHE D 61 19.10 84.13 -17.04
N PHE D 62 20.41 84.31 -17.19
CA PHE D 62 21.36 84.08 -16.11
C PHE D 62 21.68 85.35 -15.32
N ASN D 63 21.04 86.48 -15.66
CA ASN D 63 21.26 87.75 -14.99
C ASN D 63 22.73 88.16 -15.05
N TYR D 64 23.21 88.37 -16.29
CA TYR D 64 24.59 88.72 -16.54
C TYR D 64 24.70 90.17 -17.00
N THR D 65 25.82 90.80 -16.65
CA THR D 65 26.10 92.17 -17.06
C THR D 65 27.02 92.14 -18.27
N VAL D 66 26.49 92.52 -19.43
CA VAL D 66 27.22 92.48 -20.69
C VAL D 66 27.16 93.86 -21.32
N ARG D 67 28.32 94.37 -21.73
CA ARG D 67 28.42 95.64 -22.42
C ARG D 67 28.86 95.40 -23.86
N THR D 68 28.05 95.84 -24.81
CA THR D 68 28.32 95.63 -26.23
C THR D 68 28.93 96.88 -26.84
N LEU D 69 30.07 96.72 -27.49
CA LEU D 69 30.76 97.81 -28.15
C LEU D 69 30.65 97.63 -29.66
N GLY D 70 30.65 98.76 -30.38
CA GLY D 70 30.51 98.72 -31.83
C GLY D 70 29.10 98.56 -32.33
N LEU D 71 28.11 98.57 -31.44
CA LEU D 71 26.71 98.46 -31.85
C LEU D 71 26.30 99.76 -32.54
N GLY D 72 26.29 99.74 -33.87
CA GLY D 72 26.02 100.92 -34.66
C GLY D 72 27.13 101.31 -35.60
N GLU D 73 28.36 100.88 -35.33
CA GLU D 73 29.49 101.17 -36.20
C GLU D 73 29.45 100.26 -37.42
N GLU D 74 30.32 100.55 -38.40
CA GLU D 74 30.40 99.79 -39.63
C GLU D 74 31.45 98.68 -39.51
N TRP D 75 31.27 97.64 -40.31
CA TRP D 75 32.23 96.54 -40.35
C TRP D 75 33.48 96.99 -41.09
N ARG D 76 34.47 97.45 -40.33
CA ARG D 76 35.69 98.00 -40.92
C ARG D 76 36.67 96.92 -41.39
N GLY D 77 36.41 95.65 -41.09
CA GLY D 77 37.29 94.58 -41.51
C GLY D 77 36.90 93.97 -42.83
N GLY D 78 36.53 92.69 -42.81
CA GLY D 78 36.13 92.00 -44.01
C GLY D 78 35.22 90.82 -43.74
N ASP D 79 35.41 89.72 -44.47
CA ASP D 79 34.62 88.53 -44.23
C ASP D 79 34.90 87.97 -42.84
N VAL D 80 33.86 87.45 -42.19
CA VAL D 80 33.98 87.01 -40.81
C VAL D 80 34.93 85.82 -40.71
N ALA D 81 34.72 84.79 -41.55
CA ALA D 81 35.53 83.59 -41.42
C ALA D 81 35.91 82.98 -42.78
N ARG D 82 35.79 83.73 -43.88
CA ARG D 82 36.15 83.18 -45.18
C ARG D 82 37.63 82.84 -45.25
N THR D 83 38.49 83.87 -45.24
CA THR D 83 39.94 83.66 -45.18
C THR D 83 40.54 84.28 -43.94
N VAL D 84 40.32 85.57 -43.69
CA VAL D 84 40.85 86.25 -42.51
C VAL D 84 39.95 87.41 -42.14
N GLY D 85 40.26 88.09 -41.05
CA GLY D 85 39.52 89.25 -40.63
C GLY D 85 39.57 89.42 -39.13
N GLY D 86 38.90 90.46 -38.66
CA GLY D 86 38.77 90.73 -37.25
C GLY D 86 39.76 91.72 -36.65
N GLY D 87 40.40 92.55 -37.48
CA GLY D 87 41.36 93.50 -36.95
C GLY D 87 40.74 94.71 -36.27
N GLN D 88 39.57 95.14 -36.73
CA GLN D 88 38.91 96.29 -36.12
C GLN D 88 38.45 95.98 -34.70
N LYS D 89 38.06 94.74 -34.43
CA LYS D 89 37.67 94.36 -33.09
C LYS D 89 38.83 94.51 -32.10
N VAL D 90 40.06 94.29 -32.58
CA VAL D 90 41.23 94.49 -31.73
C VAL D 90 41.35 95.95 -31.32
N ARG D 91 41.19 96.87 -32.27
CA ARG D 91 41.24 98.29 -31.94
C ARG D 91 40.10 98.68 -31.01
N TRP D 92 38.91 98.14 -31.25
CA TRP D 92 37.77 98.46 -30.37
C TRP D 92 38.03 97.96 -28.95
N LEU D 93 38.57 96.75 -28.81
CA LEU D 93 38.89 96.23 -27.48
C LEU D 93 39.98 97.05 -26.80
N LYS D 94 40.99 97.47 -27.57
CA LYS D 94 42.03 98.31 -26.99
C LYS D 94 41.46 99.63 -26.50
N LYS D 95 40.56 100.23 -27.28
CA LYS D 95 39.93 101.48 -26.87
C LYS D 95 39.07 101.28 -25.62
N GLU D 96 38.33 100.16 -25.57
CA GLU D 96 37.47 99.90 -24.41
C GLU D 96 38.28 99.60 -23.16
N MET D 97 39.46 99.01 -23.32
CA MET D 97 40.31 98.69 -22.18
C MET D 97 40.82 99.93 -21.45
N GLU D 98 40.81 101.10 -22.11
CA GLU D 98 41.27 102.31 -21.44
C GLU D 98 40.36 102.69 -20.28
N LYS D 99 39.09 102.27 -20.32
CA LYS D 99 38.19 102.56 -19.21
C LYS D 99 38.63 101.86 -17.93
N TYR D 100 39.08 100.61 -18.04
CA TYR D 100 39.47 99.81 -16.89
C TYR D 100 40.87 99.23 -17.09
N ALA D 101 41.81 100.05 -17.57
CA ALA D 101 43.18 99.60 -17.77
C ALA D 101 43.91 99.31 -16.47
N ASP D 102 43.39 99.78 -15.33
CA ASP D 102 44.04 99.57 -14.04
C ASP D 102 43.11 98.97 -13.00
N ARG D 103 41.87 98.64 -13.35
CA ARG D 103 40.93 98.03 -12.40
C ARG D 103 41.35 96.58 -12.18
N GLU D 104 42.00 96.31 -11.05
CA GLU D 104 42.50 94.99 -10.73
C GLU D 104 41.49 94.13 -9.98
N ASP D 105 40.35 94.68 -9.58
CA ASP D 105 39.32 93.95 -8.86
C ASP D 105 38.17 93.53 -9.77
N MET D 106 38.31 93.72 -11.08
CA MET D 106 37.28 93.39 -12.04
C MET D 106 37.79 92.34 -13.03
N ILE D 107 36.93 91.40 -13.38
CA ILE D 107 37.24 90.33 -14.33
C ILE D 107 36.36 90.55 -15.55
N ILE D 108 36.97 90.53 -16.72
CA ILE D 108 36.27 90.81 -17.98
C ILE D 108 36.38 89.58 -18.88
N MET D 109 35.27 89.24 -19.53
CA MET D 109 35.22 88.15 -20.50
C MET D 109 34.83 88.72 -21.85
N PHE D 110 35.66 88.45 -22.86
CA PHE D 110 35.45 88.96 -24.20
C PHE D 110 35.16 87.80 -25.14
N VAL D 111 34.09 87.92 -25.93
CA VAL D 111 33.69 86.87 -26.87
C VAL D 111 32.75 87.49 -27.88
N ASP D 112 32.60 86.83 -29.03
CA ASP D 112 31.70 87.30 -30.07
C ASP D 112 30.25 87.19 -29.61
N SER D 113 29.37 87.93 -30.29
CA SER D 113 27.95 87.96 -29.94
C SER D 113 27.05 87.33 -30.98
N TYR D 114 27.62 86.71 -32.02
CA TYR D 114 26.80 86.12 -33.08
C TYR D 114 26.80 84.60 -33.07
N ASP D 115 27.76 83.97 -32.39
CA ASP D 115 27.86 82.52 -32.37
C ASP D 115 28.14 82.02 -30.95
N VAL D 116 27.38 82.52 -29.98
CA VAL D 116 27.55 82.13 -28.58
C VAL D 116 26.20 82.14 -27.89
N ILE D 117 25.95 81.11 -27.09
CA ILE D 117 24.78 81.02 -26.23
C ILE D 117 25.24 80.63 -24.84
N LEU D 118 24.99 81.51 -23.87
CA LEU D 118 25.41 81.24 -22.49
C LEU D 118 24.60 80.11 -21.90
N ALA D 119 25.27 79.17 -21.23
CA ALA D 119 24.65 77.99 -20.66
C ALA D 119 25.17 77.73 -19.25
N GLY D 120 25.17 78.77 -18.43
CA GLY D 120 25.63 78.60 -17.06
C GLY D 120 25.26 79.78 -16.21
N SER D 121 25.78 79.78 -14.98
CA SER D 121 25.58 80.84 -14.02
C SER D 121 26.89 81.59 -13.78
N PRO D 122 26.82 82.91 -13.53
CA PRO D 122 28.07 83.67 -13.33
C PRO D 122 28.89 83.18 -12.15
N THR D 123 28.24 82.73 -11.07
CA THR D 123 28.98 82.23 -9.91
C THR D 123 29.79 80.99 -10.27
N GLU D 124 29.19 80.09 -11.07
CA GLU D 124 29.93 78.90 -11.50
C GLU D 124 31.13 79.28 -12.36
N LEU D 125 30.97 80.27 -13.24
CA LEU D 125 32.09 80.72 -14.07
C LEU D 125 33.19 81.31 -13.20
N LEU D 126 32.83 82.12 -12.20
CA LEU D 126 33.82 82.69 -11.30
C LEU D 126 34.55 81.60 -10.52
N LYS D 127 33.81 80.61 -10.03
CA LYS D 127 34.43 79.51 -9.30
C LYS D 127 35.39 78.71 -10.19
N LYS D 128 34.98 78.46 -11.44
CA LYS D 128 35.85 77.75 -12.37
C LYS D 128 37.11 78.55 -12.68
N PHE D 129 36.96 79.86 -12.86
CA PHE D 129 38.12 80.70 -13.10
C PHE D 129 39.07 80.70 -11.90
N VAL D 130 38.52 80.74 -10.69
CA VAL D 130 39.34 80.68 -9.49
C VAL D 130 40.07 79.35 -9.41
N GLN D 131 39.37 78.25 -9.72
CA GLN D 131 40.01 76.95 -9.72
C GLN D 131 41.06 76.82 -10.82
N SER D 132 40.93 77.62 -11.88
CA SER D 132 41.94 77.61 -12.94
C SER D 132 43.26 78.18 -12.44
N GLY D 133 43.21 79.33 -11.77
CA GLY D 133 44.39 79.93 -11.18
C GLY D 133 45.27 80.71 -12.13
N SER D 134 44.89 80.81 -13.41
CA SER D 134 45.70 81.53 -14.38
C SER D 134 45.16 82.96 -14.57
N ARG D 135 45.93 83.76 -15.29
CA ARG D 135 45.56 85.15 -15.54
C ARG D 135 44.57 85.30 -16.69
N LEU D 136 44.74 84.51 -17.75
CA LEU D 136 43.87 84.60 -18.92
C LEU D 136 43.72 83.23 -19.53
N LEU D 137 42.48 82.75 -19.63
CA LEU D 137 42.18 81.47 -20.27
C LEU D 137 41.53 81.72 -21.62
N PHE D 138 42.05 81.06 -22.66
CA PHE D 138 41.61 81.26 -24.02
C PHE D 138 40.87 80.03 -24.54
N SER D 139 40.18 80.22 -25.66
CA SER D 139 39.47 79.12 -26.29
C SER D 139 40.45 78.12 -26.90
N ALA D 140 40.13 76.83 -26.75
CA ALA D 140 40.97 75.75 -27.25
C ALA D 140 40.33 75.10 -28.45
N GLU D 141 41.10 74.89 -29.51
CA GLU D 141 40.60 74.33 -30.75
C GLU D 141 41.35 73.04 -31.06
N SER D 142 40.78 72.25 -31.98
CA SER D 142 41.35 70.97 -32.37
C SER D 142 42.25 71.08 -33.60
N PHE D 143 42.47 72.29 -34.11
CA PHE D 143 43.31 72.48 -35.28
C PHE D 143 43.85 73.89 -35.28
N CYS D 144 44.88 74.11 -36.10
CA CYS D 144 45.50 75.42 -36.27
C CYS D 144 45.02 76.00 -37.59
N TRP D 145 44.06 76.94 -37.52
CA TRP D 145 43.44 77.45 -38.75
C TRP D 145 44.37 78.40 -39.50
N PRO D 146 44.84 79.50 -38.89
CA PRO D 146 45.62 80.48 -39.66
C PRO D 146 46.97 79.96 -40.13
N GLU D 147 47.76 79.41 -39.21
CA GLU D 147 49.13 78.99 -39.49
C GLU D 147 49.24 77.47 -39.36
N TRP D 148 49.98 76.86 -40.28
CA TRP D 148 50.23 75.42 -40.24
C TRP D 148 51.62 75.09 -39.70
N GLY D 149 52.62 75.89 -40.06
CA GLY D 149 53.97 75.65 -39.57
C GLY D 149 54.12 75.86 -38.08
N LEU D 150 53.37 76.83 -37.52
CA LEU D 150 53.47 77.18 -36.11
C LEU D 150 52.93 76.09 -35.18
N ALA D 151 52.52 74.95 -35.71
CA ALA D 151 52.01 73.87 -34.85
C ALA D 151 53.10 73.37 -33.91
N GLU D 152 54.32 73.22 -34.40
CA GLU D 152 55.41 72.76 -33.55
C GLU D 152 55.76 73.77 -32.46
N GLN D 153 55.46 75.06 -32.70
CA GLN D 153 55.75 76.08 -31.70
C GLN D 153 54.92 75.89 -30.44
N TYR D 154 53.67 75.47 -30.57
CA TYR D 154 52.82 75.28 -29.41
C TYR D 154 53.32 74.12 -28.55
N PRO D 155 53.20 74.23 -27.22
CA PRO D 155 53.59 73.12 -26.36
C PRO D 155 52.69 71.91 -26.54
N GLU D 156 53.26 70.73 -26.29
CA GLU D 156 52.51 69.49 -26.42
C GLU D 156 51.39 69.43 -25.39
N VAL D 157 50.27 68.83 -25.80
CA VAL D 157 49.10 68.65 -24.94
C VAL D 157 48.84 67.15 -24.82
N GLY D 158 48.52 66.71 -23.61
CA GLY D 158 48.32 65.29 -23.35
C GLY D 158 47.13 64.69 -24.07
N THR D 159 45.92 65.09 -23.68
CA THR D 159 44.70 64.56 -24.28
C THR D 159 43.71 65.62 -24.73
N GLY D 160 43.72 66.81 -24.13
CA GLY D 160 42.82 67.87 -24.52
C GLY D 160 43.26 68.56 -25.79
N LYS D 161 42.56 69.64 -26.12
CA LYS D 161 42.88 70.41 -27.32
C LYS D 161 44.22 71.11 -27.16
N ARG D 162 45.05 71.01 -28.21
CA ARG D 162 46.39 71.60 -28.19
C ARG D 162 46.38 73.01 -28.76
N PHE D 163 45.94 73.16 -30.00
CA PHE D 163 45.90 74.47 -30.62
C PHE D 163 44.88 75.37 -29.93
N LEU D 164 45.15 76.67 -29.97
CA LEU D 164 44.30 77.66 -29.31
C LEU D 164 43.76 78.64 -30.34
N ASN D 165 42.55 79.13 -30.09
CA ASN D 165 41.90 80.11 -30.95
C ASN D 165 41.51 81.33 -30.12
N SER D 166 41.15 82.40 -30.82
CA SER D 166 40.78 83.66 -30.18
C SER D 166 39.26 83.81 -30.03
N GLY D 167 38.56 82.70 -29.83
CA GLY D 167 37.11 82.76 -29.69
C GLY D 167 36.68 83.51 -28.44
N GLY D 168 37.37 83.30 -27.32
CA GLY D 168 37.01 83.96 -26.09
C GLY D 168 38.16 83.96 -25.11
N PHE D 169 38.03 84.82 -24.11
CA PHE D 169 39.05 84.95 -23.07
C PHE D 169 38.43 85.60 -21.85
N ILE D 170 38.84 85.14 -20.66
CA ILE D 170 38.34 85.67 -19.40
C ILE D 170 39.50 85.78 -18.43
N GLY D 171 39.53 86.85 -17.66
CA GLY D 171 40.58 87.05 -16.69
C GLY D 171 40.58 88.48 -16.18
N PHE D 172 41.68 88.84 -15.52
CA PHE D 172 41.83 90.18 -14.96
C PHE D 172 41.92 91.22 -16.07
N ALA D 173 41.48 92.44 -15.74
CA ALA D 173 41.47 93.52 -16.72
C ALA D 173 42.87 94.05 -17.00
N THR D 174 43.75 94.05 -16.00
CA THR D 174 45.10 94.57 -16.20
C THR D 174 45.87 93.75 -17.23
N THR D 175 45.77 92.42 -17.12
CA THR D 175 46.44 91.56 -18.09
C THR D 175 45.89 91.76 -19.49
N ILE D 176 44.56 91.90 -19.61
CA ILE D 176 43.95 92.11 -20.92
C ILE D 176 44.42 93.42 -21.53
N HIS D 177 44.46 94.49 -20.72
CA HIS D 177 44.93 95.78 -21.23
C HIS D 177 46.39 95.72 -21.63
N GLN D 178 47.23 95.05 -20.83
CA GLN D 178 48.63 94.93 -21.17
C GLN D 178 48.83 94.16 -22.47
N ILE D 179 48.05 93.09 -22.65
CA ILE D 179 48.17 92.30 -23.88
C ILE D 179 47.67 93.09 -25.08
N VAL D 180 46.60 93.86 -24.92
CA VAL D 180 46.02 94.59 -26.05
C VAL D 180 46.77 95.88 -26.36
N ARG D 181 47.60 96.37 -25.46
CA ARG D 181 48.37 97.59 -25.74
C ARG D 181 49.38 97.39 -26.87
N GLN D 182 49.79 96.15 -27.14
CA GLN D 182 50.77 95.86 -28.18
C GLN D 182 50.15 95.67 -29.56
N TRP D 183 48.82 95.77 -29.67
CA TRP D 183 48.15 95.56 -30.95
C TRP D 183 48.24 96.84 -31.77
N LYS D 184 49.02 96.79 -32.85
CA LYS D 184 49.16 97.95 -33.75
C LYS D 184 49.40 97.40 -35.16
N TYR D 185 48.32 97.30 -35.93
CA TYR D 185 48.38 96.73 -37.28
C TYR D 185 47.16 97.21 -38.05
N LYS D 186 46.93 96.60 -39.21
CA LYS D 186 45.81 96.98 -40.06
C LYS D 186 44.49 96.59 -39.42
N ASP D 187 43.43 97.31 -39.79
CA ASP D 187 42.10 97.02 -39.28
C ASP D 187 41.48 95.79 -39.94
N ASP D 188 42.05 95.33 -41.05
CA ASP D 188 41.59 94.12 -41.73
C ASP D 188 42.50 92.93 -41.50
N ASP D 189 43.57 93.09 -40.72
CA ASP D 189 44.49 91.99 -40.46
C ASP D 189 43.87 90.99 -39.49
N ASP D 190 44.34 89.75 -39.56
CA ASP D 190 43.83 88.70 -38.69
C ASP D 190 44.27 88.94 -37.25
N ASP D 191 43.31 88.86 -36.33
CA ASP D 191 43.59 89.03 -34.92
C ASP D 191 44.12 87.76 -34.26
N GLN D 192 43.78 86.60 -34.82
CA GLN D 192 44.27 85.35 -34.25
C GLN D 192 45.78 85.21 -34.39
N LEU D 193 46.34 85.73 -35.49
CA LEU D 193 47.78 85.61 -35.71
C LEU D 193 48.58 86.36 -34.65
N PHE D 194 48.16 87.59 -34.33
CA PHE D 194 48.89 88.38 -33.33
C PHE D 194 48.80 87.74 -31.95
N TYR D 195 47.62 87.26 -31.56
CA TYR D 195 47.47 86.61 -30.26
C TYR D 195 48.28 85.32 -30.20
N THR D 196 48.27 84.54 -31.28
CA THR D 196 49.06 83.31 -31.33
C THR D 196 50.55 83.62 -31.22
N ARG D 197 51.01 84.66 -31.91
CA ARG D 197 52.42 85.04 -31.82
C ARG D 197 52.77 85.49 -30.40
N LEU D 198 51.88 86.25 -29.76
CA LEU D 198 52.13 86.67 -28.38
C LEU D 198 52.20 85.47 -27.44
N TYR D 199 51.30 84.50 -27.62
CA TYR D 199 51.30 83.32 -26.76
C TYR D 199 52.49 82.41 -27.05
N LEU D 200 53.03 82.45 -28.27
CA LEU D 200 54.10 81.55 -28.66
C LEU D 200 55.40 81.82 -27.92
N ASP D 201 55.61 83.05 -27.45
CA ASP D 201 56.85 83.38 -26.77
C ASP D 201 56.88 82.71 -25.40
N PRO D 202 57.86 81.86 -25.11
CA PRO D 202 57.90 81.21 -23.79
C PRO D 202 58.03 82.19 -22.64
N GLY D 203 58.84 83.24 -22.84
CA GLY D 203 59.01 84.22 -21.79
C GLY D 203 57.74 85.01 -21.50
N LEU D 204 57.05 85.45 -22.54
CA LEU D 204 55.80 86.18 -22.35
C LEU D 204 54.75 85.32 -21.68
N ARG D 205 54.63 84.07 -22.11
CA ARG D 205 53.65 83.16 -21.50
C ARG D 205 53.99 82.90 -20.04
N GLU D 206 55.27 82.68 -19.74
CA GLU D 206 55.67 82.43 -18.36
C GLU D 206 55.42 83.65 -17.48
N LYS D 207 55.72 84.85 -17.99
CA LYS D 207 55.53 86.06 -17.18
C LYS D 207 54.06 86.39 -17.00
N LEU D 208 53.24 86.12 -18.01
CA LEU D 208 51.83 86.48 -17.98
C LEU D 208 50.95 85.39 -17.37
N SER D 209 51.51 84.22 -17.08
CA SER D 209 50.75 83.09 -16.52
C SER D 209 49.54 82.76 -17.40
N LEU D 210 49.76 82.75 -18.71
CA LEU D 210 48.68 82.49 -19.67
C LEU D 210 48.56 81.00 -19.91
N ASN D 211 47.33 80.49 -19.81
CA ASN D 211 47.05 79.07 -20.03
C ASN D 211 45.80 78.93 -20.89
N LEU D 212 45.77 77.89 -21.71
CA LEU D 212 44.61 77.56 -22.54
C LEU D 212 44.00 76.26 -22.03
N ASP D 213 42.70 76.31 -21.74
CA ASP D 213 42.00 75.18 -21.11
C ASP D 213 41.80 74.08 -22.13
N HIS D 214 42.70 73.10 -22.12
CA HIS D 214 42.53 71.92 -22.96
C HIS D 214 41.40 71.02 -22.47
N LYS D 215 41.00 71.16 -21.21
CA LYS D 215 39.93 70.35 -20.63
C LYS D 215 38.54 70.82 -21.04
N SER D 216 38.44 71.98 -21.69
CA SER D 216 37.16 72.53 -22.14
C SER D 216 36.19 72.68 -20.98
N ARG D 217 36.72 73.06 -19.81
CA ARG D 217 35.89 73.26 -18.64
C ARG D 217 35.29 74.65 -18.57
N ILE D 218 35.63 75.54 -19.51
CA ILE D 218 35.10 76.90 -19.56
C ILE D 218 34.30 77.13 -20.83
N PHE D 219 34.87 76.79 -21.98
CA PHE D 219 34.21 76.90 -23.27
C PHE D 219 34.44 75.64 -24.09
N GLN D 220 33.54 75.39 -25.04
CA GLN D 220 33.59 74.19 -25.87
C GLN D 220 33.15 74.55 -27.29
N ASN D 221 34.12 74.75 -28.17
CA ASN D 221 33.81 74.98 -29.58
C ASN D 221 33.29 73.68 -30.20
N LEU D 222 32.26 73.80 -31.03
CA LEU D 222 31.64 72.66 -31.67
C LEU D 222 32.28 72.33 -33.03
N ASN D 223 33.51 72.78 -33.26
CA ASN D 223 34.21 72.53 -34.51
C ASN D 223 35.05 71.27 -34.37
N GLY D 224 34.63 70.19 -35.03
CA GLY D 224 35.34 68.93 -34.98
C GLY D 224 35.12 68.12 -33.73
N ALA D 225 34.37 68.65 -32.75
CA ALA D 225 34.06 67.92 -31.52
C ALA D 225 32.56 67.69 -31.39
N LEU D 226 31.84 67.73 -32.50
CA LEU D 226 30.40 67.54 -32.48
C LEU D 226 29.98 66.15 -32.04
N ASP D 227 30.90 65.20 -32.02
CA ASP D 227 30.60 63.84 -31.58
C ASP D 227 30.68 63.69 -30.06
N GLU D 228 31.08 64.74 -29.35
CA GLU D 228 31.21 64.70 -27.90
C GLU D 228 30.25 65.68 -27.24
N VAL D 229 29.04 65.77 -27.76
CA VAL D 229 28.00 66.64 -27.20
C VAL D 229 26.73 65.81 -27.04
N VAL D 230 26.17 65.82 -25.82
CA VAL D 230 24.94 65.09 -25.52
C VAL D 230 24.13 65.98 -24.59
N LEU D 231 23.04 66.54 -25.10
CA LEU D 231 22.20 67.41 -24.29
C LEU D 231 21.65 66.66 -23.08
N LYS D 232 21.72 67.30 -21.92
CA LYS D 232 21.30 66.70 -20.65
C LYS D 232 20.17 67.54 -20.08
N PHE D 233 18.94 67.19 -20.45
CA PHE D 233 17.77 67.91 -19.94
C PHE D 233 17.63 67.69 -18.44
N ASP D 234 16.99 68.64 -17.78
CA ASP D 234 16.82 68.60 -16.33
C ASP D 234 15.40 69.06 -16.00
N ARG D 235 15.17 69.35 -14.72
CA ARG D 235 13.83 69.72 -14.27
C ARG D 235 13.37 71.04 -14.89
N ASN D 236 14.26 72.03 -14.97
CA ASN D 236 13.87 73.35 -15.43
C ASN D 236 14.83 73.95 -16.46
N ARG D 237 15.96 73.31 -16.74
CA ARG D 237 16.93 73.87 -17.67
C ARG D 237 17.58 72.74 -18.45
N VAL D 238 18.13 73.09 -19.61
CA VAL D 238 18.78 72.13 -20.51
C VAL D 238 20.21 72.61 -20.71
N ARG D 239 21.15 72.03 -19.99
CA ARG D 239 22.56 72.34 -20.15
C ARG D 239 23.16 71.48 -21.26
N ILE D 240 24.49 71.48 -21.37
CA ILE D 240 25.20 70.63 -22.31
C ILE D 240 26.25 69.85 -21.53
N ARG D 241 26.64 68.70 -22.09
CA ARG D 241 27.59 67.82 -21.42
C ARG D 241 28.64 67.36 -22.41
N ASN D 242 29.87 67.26 -21.93
CA ASN D 242 31.00 66.74 -22.70
C ASN D 242 31.30 65.34 -22.20
N VAL D 243 30.91 64.33 -22.98
CA VAL D 243 31.06 62.95 -22.55
C VAL D 243 32.52 62.58 -22.40
N ALA D 244 33.36 62.96 -23.36
CA ALA D 244 34.75 62.52 -23.39
C ALA D 244 35.52 63.04 -22.18
N TYR D 245 35.48 64.35 -21.96
CA TYR D 245 36.27 64.97 -20.90
C TYR D 245 35.57 64.96 -19.55
N ASP D 246 34.36 64.43 -19.46
CA ASP D 246 33.59 64.40 -18.22
C ASP D 246 33.45 65.80 -17.62
N THR D 247 33.18 66.78 -18.48
CA THR D 247 33.05 68.16 -18.07
C THR D 247 31.75 68.73 -18.59
N LEU D 248 31.28 69.78 -17.92
CA LEU D 248 30.06 70.47 -18.31
C LEU D 248 30.42 71.84 -18.89
N PRO D 249 30.23 72.07 -20.18
CA PRO D 249 30.56 73.39 -20.74
C PRO D 249 29.67 74.48 -20.16
N ILE D 250 30.24 75.68 -20.08
CA ILE D 250 29.56 76.84 -19.52
C ILE D 250 29.13 77.82 -20.63
N VAL D 251 30.03 78.10 -21.56
CA VAL D 251 29.76 78.98 -22.69
C VAL D 251 30.08 78.22 -23.96
N VAL D 252 29.10 78.11 -24.86
CA VAL D 252 29.24 77.36 -26.10
C VAL D 252 29.44 78.35 -27.24
N HIS D 253 30.50 78.15 -28.01
CA HIS D 253 30.80 78.98 -29.17
C HIS D 253 30.74 78.12 -30.42
N GLY D 254 29.88 78.49 -31.35
CA GLY D 254 29.72 77.73 -32.58
C GLY D 254 30.73 78.09 -33.64
N ASN D 255 32.02 77.93 -33.33
CA ASN D 255 33.07 78.28 -34.26
C ASN D 255 33.10 77.30 -35.44
N GLY D 256 33.72 77.73 -36.53
CA GLY D 256 33.84 76.92 -37.72
C GLY D 256 32.56 76.87 -38.52
N PRO D 257 32.47 75.92 -39.46
CA PRO D 257 31.28 75.79 -40.32
C PRO D 257 30.20 74.90 -39.70
N THR D 258 29.74 75.28 -38.52
CA THR D 258 28.72 74.53 -37.79
C THR D 258 27.68 75.46 -37.20
N LYS D 259 27.34 76.52 -37.94
CA LYS D 259 26.32 77.46 -37.47
C LYS D 259 24.96 76.77 -37.36
N LEU D 260 24.61 75.93 -38.34
CA LEU D 260 23.35 75.22 -38.29
C LEU D 260 23.30 74.27 -37.10
N GLN D 261 24.40 73.58 -36.81
CA GLN D 261 24.43 72.67 -35.67
C GLN D 261 24.27 73.43 -34.37
N LEU D 262 24.93 74.58 -34.23
CA LEU D 262 24.79 75.38 -33.02
C LEU D 262 23.37 75.89 -32.88
N ASN D 263 22.75 76.30 -33.98
CA ASN D 263 21.36 76.76 -33.93
C ASN D 263 20.43 75.62 -33.51
N TYR D 264 20.65 74.42 -34.04
CA TYR D 264 19.83 73.27 -33.67
C TYR D 264 19.99 72.94 -32.18
N LEU D 265 21.22 72.99 -31.68
CA LEU D 265 21.43 72.77 -30.25
C LEU D 265 20.85 73.89 -29.41
N GLY D 266 20.71 75.09 -29.98
CA GLY D 266 20.18 76.22 -29.25
C GLY D 266 18.67 76.32 -29.19
N ASN D 267 17.96 75.48 -29.94
CA ASN D 267 16.51 75.51 -29.91
C ASN D 267 15.95 75.05 -28.56
N TYR D 268 16.74 74.34 -27.76
CA TYR D 268 16.35 73.92 -26.42
C TYR D 268 17.16 74.59 -25.33
N VAL D 269 18.49 74.53 -25.41
CA VAL D 269 19.32 75.23 -24.42
C VAL D 269 19.19 76.73 -24.64
N PRO D 270 19.21 77.54 -23.57
CA PRO D 270 19.31 77.15 -22.16
C PRO D 270 17.95 77.06 -21.49
N ASN D 271 16.94 77.76 -22.02
CA ASN D 271 15.61 77.74 -21.43
C ASN D 271 14.52 77.61 -22.50
N GLY D 272 14.79 76.83 -23.55
CA GLY D 272 13.83 76.69 -24.62
C GLY D 272 12.59 75.90 -24.26
N TRP D 273 12.73 74.59 -24.07
CA TRP D 273 11.61 73.72 -23.74
C TRP D 273 12.07 72.71 -22.69
N THR D 274 11.91 73.08 -21.41
CA THR D 274 12.20 72.16 -20.34
C THR D 274 11.12 71.09 -20.25
N PRO D 275 11.44 69.93 -19.66
CA PRO D 275 10.39 68.91 -19.47
C PRO D 275 9.23 69.40 -18.62
N GLU D 276 9.51 70.25 -17.63
CA GLU D 276 8.47 70.83 -16.80
C GLU D 276 8.11 72.24 -17.27
N GLY D 277 7.55 72.30 -18.47
CA GLY D 277 7.17 73.57 -19.04
C GLY D 277 6.43 73.40 -20.34
N GLY D 278 6.09 74.53 -20.95
CA GLY D 278 5.38 74.51 -22.22
C GLY D 278 6.17 75.11 -23.37
N CYS D 279 7.00 76.10 -23.05
CA CYS D 279 7.84 76.78 -24.04
C CYS D 279 8.76 77.74 -23.30
N GLY D 280 9.61 78.41 -24.05
CA GLY D 280 10.49 79.42 -23.49
C GLY D 280 10.12 80.82 -23.95
N PHE D 281 10.93 81.38 -24.85
CA PHE D 281 10.63 82.68 -25.45
C PHE D 281 9.89 82.46 -26.77
N CYS D 282 8.77 81.74 -26.65
CA CYS D 282 7.95 81.41 -27.81
C CYS D 282 6.60 82.11 -27.73
N ASN D 283 6.07 82.25 -26.51
CA ASN D 283 4.80 82.90 -26.29
C ASN D 283 4.89 84.42 -26.34
N GLN D 284 6.09 84.98 -26.41
CA GLN D 284 6.29 86.41 -26.46
C GLN D 284 6.37 86.89 -27.91
N ASP D 285 6.60 88.20 -28.07
CA ASP D 285 6.71 88.84 -29.37
C ASP D 285 5.45 88.61 -30.22
N ARG D 286 4.34 89.12 -29.71
CA ARG D 286 3.04 88.98 -30.35
C ARG D 286 2.42 90.35 -30.57
N ARG D 287 1.95 90.61 -31.79
CA ARG D 287 1.26 91.85 -32.10
C ARG D 287 -0.21 91.83 -31.75
N THR D 288 -0.81 90.64 -31.66
CA THR D 288 -2.21 90.45 -31.28
C THR D 288 -3.18 91.20 -32.19
N LEU D 289 -2.77 91.49 -33.42
CA LEU D 289 -3.59 92.21 -34.39
C LEU D 289 -4.13 93.53 -33.82
N PRO D 290 -3.26 94.41 -33.34
CA PRO D 290 -3.74 95.67 -32.77
C PRO D 290 -3.82 96.79 -33.80
N GLY D 291 -4.30 97.97 -33.38
CA GLY D 291 -4.35 99.12 -34.26
C GLY D 291 -5.74 99.67 -34.47
N GLY D 292 -6.74 98.80 -34.55
CA GLY D 292 -8.11 99.18 -34.81
C GLY D 292 -8.44 99.33 -36.28
N GLN D 293 -7.50 99.84 -37.06
CA GLN D 293 -7.65 99.97 -38.50
C GLN D 293 -7.48 98.61 -39.15
N PRO D 294 -7.56 98.54 -40.48
CA PRO D 294 -7.35 97.27 -41.18
C PRO D 294 -5.96 96.71 -40.88
N PRO D 295 -5.83 95.40 -40.79
CA PRO D 295 -4.53 94.81 -40.44
C PRO D 295 -3.52 94.98 -41.56
N PRO D 296 -2.31 94.46 -41.38
CA PRO D 296 -1.29 94.59 -42.42
C PRO D 296 -1.75 93.94 -43.73
N ARG D 297 -1.40 94.57 -44.84
CA ARG D 297 -1.80 94.08 -46.14
C ARG D 297 -1.19 92.70 -46.40
N VAL D 298 -2.02 91.78 -46.86
CA VAL D 298 -1.60 90.41 -47.12
C VAL D 298 -1.62 90.18 -48.62
N PHE D 299 -0.46 89.87 -49.18
CA PHE D 299 -0.31 89.58 -50.61
C PHE D 299 -0.32 88.07 -50.76
N LEU D 300 -1.52 87.48 -50.78
CA LEU D 300 -1.65 86.04 -50.90
C LEU D 300 -1.15 85.57 -52.26
N ALA D 301 -0.58 84.36 -52.27
CA ALA D 301 -0.03 83.78 -53.48
C ALA D 301 -0.18 82.27 -53.43
N VAL D 302 -0.86 81.72 -54.43
CA VAL D 302 -1.05 80.28 -54.55
C VAL D 302 -0.44 79.84 -55.87
N PHE D 303 0.57 78.97 -55.80
CA PHE D 303 1.26 78.48 -56.98
C PHE D 303 0.94 77.00 -57.16
N VAL D 304 0.34 76.66 -58.29
CA VAL D 304 0.00 75.28 -58.64
C VAL D 304 0.82 74.89 -59.85
N GLU D 305 1.72 73.91 -59.67
CA GLU D 305 2.60 73.48 -60.74
C GLU D 305 2.31 72.07 -61.23
N GLN D 306 1.46 71.32 -60.56
CA GLN D 306 1.14 69.95 -60.91
C GLN D 306 -0.36 69.73 -60.80
N PRO D 307 -0.89 68.69 -61.46
CA PRO D 307 -2.32 68.42 -61.37
C PRO D 307 -2.72 67.91 -60.00
N THR D 308 -3.41 68.75 -59.22
CA THR D 308 -3.75 68.42 -57.85
C THR D 308 -5.23 68.05 -57.76
N PRO D 309 -5.57 66.85 -57.31
CA PRO D 309 -6.98 66.52 -57.14
C PRO D 309 -7.62 67.35 -56.04
N PHE D 310 -8.94 67.52 -56.15
CA PHE D 310 -9.73 68.30 -55.19
C PHE D 310 -9.28 69.77 -55.15
N LEU D 311 -8.74 70.26 -56.26
CA LEU D 311 -8.38 71.67 -56.35
C LEU D 311 -9.59 72.58 -56.15
N PRO D 312 -10.78 72.27 -56.66
CA PRO D 312 -11.93 73.14 -56.42
C PRO D 312 -12.26 73.33 -54.95
N ARG D 313 -12.01 72.32 -54.11
CA ARG D 313 -12.23 72.48 -52.68
C ARG D 313 -11.32 73.56 -52.11
N PHE D 314 -10.03 73.54 -52.49
CA PHE D 314 -9.12 74.58 -52.05
C PHE D 314 -9.51 75.94 -52.62
N LEU D 315 -9.98 75.96 -53.87
CA LEU D 315 -10.43 77.23 -54.46
C LEU D 315 -11.59 77.82 -53.68
N GLN D 316 -12.55 76.98 -53.30
CA GLN D 316 -13.68 77.46 -52.49
C GLN D 316 -13.21 77.91 -51.11
N ARG D 317 -12.32 77.13 -50.48
CA ARG D 317 -11.82 77.49 -49.17
C ARG D 317 -10.98 78.75 -49.18
N LEU D 318 -10.43 79.12 -50.34
CA LEU D 318 -9.68 80.38 -50.44
C LEU D 318 -10.58 81.57 -50.10
N LEU D 319 -11.83 81.55 -50.59
CA LEU D 319 -12.79 82.57 -50.19
C LEU D 319 -13.27 82.39 -48.76
N LEU D 320 -12.94 81.27 -48.11
CA LEU D 320 -13.33 81.01 -46.73
C LEU D 320 -12.27 81.46 -45.72
N LEU D 321 -11.20 82.11 -46.18
CA LEU D 321 -10.20 82.63 -45.26
C LEU D 321 -10.80 83.74 -44.40
N ASP D 322 -10.49 83.71 -43.11
CA ASP D 322 -11.04 84.68 -42.16
C ASP D 322 -10.14 85.91 -42.11
N TYR D 323 -10.11 86.63 -43.23
CA TYR D 323 -9.35 87.86 -43.36
C TYR D 323 -10.19 88.86 -44.13
N PRO D 324 -9.94 90.16 -43.96
CA PRO D 324 -10.70 91.17 -44.70
C PRO D 324 -10.39 91.08 -46.19
N PRO D 325 -11.38 90.74 -47.02
CA PRO D 325 -11.11 90.62 -48.46
C PRO D 325 -10.61 91.89 -49.11
N ASP D 326 -11.04 93.06 -48.63
CA ASP D 326 -10.57 94.32 -49.19
C ASP D 326 -9.12 94.60 -48.84
N ARG D 327 -8.61 94.01 -47.76
CA ARG D 327 -7.23 94.21 -47.33
C ARG D 327 -6.30 93.10 -47.81
N VAL D 328 -6.77 92.21 -48.66
CA VAL D 328 -5.99 91.07 -49.13
C VAL D 328 -5.91 91.14 -50.66
N THR D 329 -4.70 91.00 -51.18
CA THR D 329 -4.45 90.97 -52.61
C THR D 329 -3.97 89.58 -53.01
N LEU D 330 -4.63 88.98 -54.00
CA LEU D 330 -4.32 87.64 -54.45
C LEU D 330 -3.57 87.66 -55.77
N PHE D 331 -2.69 86.68 -55.96
CA PHE D 331 -1.91 86.56 -57.19
C PHE D 331 -1.57 85.09 -57.37
N LEU D 332 -2.30 84.43 -58.27
CA LEU D 332 -2.15 82.99 -58.50
C LEU D 332 -1.60 82.75 -59.90
N HIS D 333 -0.62 81.85 -60.00
CA HIS D 333 -0.05 81.43 -61.27
C HIS D 333 -0.04 79.91 -61.34
N ASN D 334 -0.59 79.38 -62.42
CA ASN D 334 -0.71 77.94 -62.61
C ASN D 334 0.02 77.52 -63.89
N ASN D 335 0.77 76.42 -63.80
CA ASN D 335 1.52 75.90 -64.94
C ASN D 335 0.97 74.57 -65.44
N GLU D 336 -0.26 74.21 -65.06
CA GLU D 336 -0.89 72.97 -65.50
C GLU D 336 -2.16 73.31 -66.26
N VAL D 337 -2.29 72.79 -67.48
CA VAL D 337 -3.45 73.08 -68.32
C VAL D 337 -4.65 72.18 -68.00
N PHE D 338 -4.45 71.09 -67.25
CA PHE D 338 -5.56 70.22 -66.91
C PHE D 338 -6.61 70.92 -66.05
N HIS D 339 -6.17 71.72 -65.08
CA HIS D 339 -7.06 72.42 -64.18
C HIS D 339 -7.43 73.82 -64.68
N GLU D 340 -7.15 74.11 -65.95
CA GLU D 340 -7.50 75.42 -66.49
C GLU D 340 -9.00 75.69 -66.45
N PRO D 341 -9.89 74.77 -66.82
CA PRO D 341 -11.32 75.06 -66.70
C PRO D 341 -11.77 75.36 -65.28
N HIS D 342 -11.22 74.66 -64.29
CA HIS D 342 -11.57 74.92 -62.90
C HIS D 342 -11.13 76.32 -62.48
N ILE D 343 -9.92 76.73 -62.87
CA ILE D 343 -9.43 78.06 -62.55
C ILE D 343 -10.28 79.11 -63.22
N ALA D 344 -10.66 78.88 -64.48
CA ALA D 344 -11.52 79.83 -65.19
C ALA D 344 -12.89 79.95 -64.50
N ASP D 345 -13.45 78.82 -64.06
CA ASP D 345 -14.72 78.86 -63.36
C ASP D 345 -14.62 79.62 -62.04
N SER D 346 -13.53 79.39 -61.30
CA SER D 346 -13.36 80.02 -60.00
C SER D 346 -12.92 81.47 -60.08
N TRP D 347 -12.44 81.92 -61.25
CA TRP D 347 -11.99 83.30 -61.37
C TRP D 347 -13.04 84.34 -61.01
N PRO D 348 -14.32 84.17 -61.38
CA PRO D 348 -15.29 85.26 -61.13
C PRO D 348 -15.49 85.56 -59.65
N GLN D 349 -15.76 84.55 -58.83
CA GLN D 349 -15.99 84.79 -57.40
C GLN D 349 -14.74 85.32 -56.73
N LEU D 350 -13.56 84.80 -57.10
CA LEU D 350 -12.32 85.28 -56.52
C LEU D 350 -12.07 86.74 -56.88
N GLN D 351 -12.35 87.11 -58.13
CA GLN D 351 -12.19 88.51 -58.54
C GLN D 351 -13.18 89.41 -57.80
N ASP D 352 -14.41 88.93 -57.63
CA ASP D 352 -15.41 89.74 -56.94
C ASP D 352 -15.13 89.87 -55.44
N HIS D 353 -14.43 88.90 -54.85
CA HIS D 353 -14.16 88.94 -53.41
C HIS D 353 -12.82 89.62 -53.12
N PHE D 354 -11.75 89.19 -53.76
CA PHE D 354 -10.43 89.74 -53.50
C PHE D 354 -10.35 91.19 -53.97
N SER D 355 -9.53 91.97 -53.26
CA SER D 355 -9.35 93.37 -53.63
C SER D 355 -8.72 93.50 -55.01
N ALA D 356 -7.71 92.69 -55.30
CA ALA D 356 -7.04 92.69 -56.60
C ALA D 356 -6.73 91.27 -57.01
N VAL D 357 -6.86 90.99 -58.31
CA VAL D 357 -6.62 89.66 -58.85
C VAL D 357 -5.67 89.78 -60.03
N LYS D 358 -4.90 88.72 -60.27
CA LYS D 358 -3.97 88.67 -61.40
C LYS D 358 -3.73 87.22 -61.73
N LEU D 359 -4.29 86.75 -62.85
CA LEU D 359 -4.19 85.37 -63.28
C LEU D 359 -3.19 85.27 -64.41
N VAL D 360 -2.19 84.41 -64.25
CA VAL D 360 -1.18 84.14 -65.27
C VAL D 360 -1.39 82.72 -65.77
N GLY D 361 -1.66 82.59 -67.06
CA GLY D 361 -1.93 81.29 -67.65
C GLY D 361 -0.66 80.51 -67.91
N PRO D 362 -0.85 79.22 -68.21
CA PRO D 362 0.31 78.38 -68.56
C PRO D 362 0.94 78.72 -69.90
N GLU D 363 0.28 79.54 -70.72
CA GLU D 363 0.85 79.92 -72.01
C GLU D 363 2.10 80.78 -71.88
N GLU D 364 2.31 81.39 -70.71
CA GLU D 364 3.50 82.21 -70.50
C GLU D 364 4.78 81.39 -70.55
N ALA D 365 4.70 80.08 -70.30
CA ALA D 365 5.87 79.19 -70.32
C ALA D 365 6.96 79.67 -69.38
N LEU D 366 6.56 80.10 -68.18
CA LEU D 366 7.48 80.58 -67.17
C LEU D 366 7.70 79.49 -66.13
N SER D 367 8.95 79.24 -65.78
CA SER D 367 9.28 78.21 -64.81
C SER D 367 8.79 78.62 -63.42
N PRO D 368 8.59 77.64 -62.52
CA PRO D 368 8.14 77.98 -61.16
C PRO D 368 9.08 78.93 -60.44
N GLY D 369 10.39 78.78 -60.64
CA GLY D 369 11.33 79.72 -60.07
C GLY D 369 11.13 81.13 -60.61
N GLU D 370 10.88 81.24 -61.92
CA GLU D 370 10.61 82.55 -62.51
C GLU D 370 9.34 83.16 -61.94
N ALA D 371 8.30 82.34 -61.75
CA ALA D 371 7.06 82.85 -61.16
C ALA D 371 7.29 83.32 -59.73
N ARG D 372 8.04 82.54 -58.94
CA ARG D 372 8.33 82.94 -57.58
C ARG D 372 9.14 84.23 -57.54
N ASP D 373 10.13 84.37 -58.42
CA ASP D 373 10.91 85.59 -58.48
C ASP D 373 10.05 86.79 -58.87
N MET D 374 9.15 86.59 -59.84
CA MET D 374 8.26 87.69 -60.25
C MET D 374 7.34 88.10 -59.11
N ALA D 375 6.79 87.13 -58.38
CA ALA D 375 5.93 87.45 -57.26
C ALA D 375 6.70 88.19 -56.16
N MET D 376 7.92 87.72 -55.88
CA MET D 376 8.74 88.39 -54.87
C MET D 376 9.08 89.82 -55.28
N ASP D 377 9.40 90.02 -56.56
CA ASP D 377 9.69 91.36 -57.04
C ASP D 377 8.47 92.26 -56.96
N LEU D 378 7.30 91.73 -57.31
CA LEU D 378 6.08 92.52 -57.23
C LEU D 378 5.75 92.90 -55.79
N CYS D 379 5.94 91.96 -54.85
CA CYS D 379 5.60 92.24 -53.46
C CYS D 379 6.61 93.18 -52.81
N ARG D 380 7.90 92.97 -53.05
CA ARG D 380 8.92 93.80 -52.44
C ARG D 380 8.90 95.22 -53.01
N GLN D 381 8.73 95.35 -54.32
CA GLN D 381 8.70 96.68 -54.93
C GLN D 381 7.49 97.48 -54.46
N ASP D 382 6.35 96.85 -54.32
CA ASP D 382 5.16 97.54 -53.83
C ASP D 382 5.36 97.95 -52.38
N PRO D 383 5.27 99.25 -52.05
CA PRO D 383 5.52 99.68 -50.66
C PRO D 383 4.34 99.49 -49.73
N GLU D 384 3.25 98.88 -50.18
CA GLU D 384 2.08 98.67 -49.34
C GLU D 384 2.02 97.29 -48.72
N CYS D 385 2.63 96.28 -49.36
CA CYS D 385 2.61 94.94 -48.82
C CYS D 385 3.45 94.88 -47.55
N GLU D 386 2.83 94.43 -46.45
CA GLU D 386 3.50 94.35 -45.16
C GLU D 386 3.95 92.94 -44.79
N PHE D 387 3.28 91.92 -45.31
CA PHE D 387 3.66 90.54 -45.02
C PHE D 387 3.19 89.66 -46.17
N TYR D 388 4.13 89.00 -46.84
CA TYR D 388 3.81 88.11 -47.94
C TYR D 388 3.68 86.69 -47.42
N PHE D 389 2.51 86.09 -47.62
CA PHE D 389 2.22 84.73 -47.16
C PHE D 389 1.81 83.89 -48.36
N SER D 390 2.80 83.33 -49.04
CA SER D 390 2.55 82.46 -50.17
C SER D 390 2.31 81.03 -49.70
N LEU D 391 1.26 80.40 -50.21
CA LEU D 391 0.87 79.06 -49.80
C LEU D 391 0.85 78.14 -51.02
N ASP D 392 1.41 76.94 -50.85
CA ASP D 392 1.39 75.96 -51.93
C ASP D 392 -0.04 75.47 -52.16
N ALA D 393 -0.32 75.10 -53.41
CA ALA D 393 -1.66 74.66 -53.76
C ALA D 393 -1.95 73.26 -53.21
N ASP D 394 -0.95 72.37 -53.23
CA ASP D 394 -1.16 70.98 -52.83
C ASP D 394 -1.06 70.86 -51.30
N ALA D 395 -2.02 71.50 -50.64
CA ALA D 395 -2.10 71.48 -49.18
C ALA D 395 -3.48 71.96 -48.76
N VAL D 396 -4.01 71.36 -47.70
CA VAL D 396 -5.32 71.72 -47.17
C VAL D 396 -5.12 72.27 -45.77
N LEU D 397 -5.30 73.58 -45.61
CA LEU D 397 -5.20 74.23 -44.31
C LEU D 397 -6.58 74.20 -43.67
N THR D 398 -6.80 73.20 -42.82
CA THR D 398 -8.12 73.01 -42.22
C THR D 398 -8.49 74.18 -41.31
N ASN D 399 -7.54 74.66 -40.52
CA ASN D 399 -7.82 75.77 -39.60
C ASN D 399 -8.21 77.02 -40.38
N LEU D 400 -9.25 77.70 -39.91
CA LEU D 400 -9.77 78.88 -40.58
C LEU D 400 -9.22 80.18 -40.01
N GLN D 401 -8.34 80.12 -39.02
CA GLN D 401 -7.75 81.31 -38.41
C GLN D 401 -6.23 81.19 -38.36
N THR D 402 -5.65 80.45 -39.30
CA THR D 402 -4.20 80.26 -39.30
C THR D 402 -3.47 81.56 -39.62
N LEU D 403 -4.00 82.36 -40.54
CA LEU D 403 -3.32 83.59 -40.96
C LEU D 403 -3.22 84.58 -39.81
N ARG D 404 -4.28 84.73 -39.02
CA ARG D 404 -4.25 85.64 -37.89
C ARG D 404 -3.21 85.21 -36.85
N ILE D 405 -3.15 83.91 -36.57
CA ILE D 405 -2.16 83.39 -35.63
C ILE D 405 -0.75 83.62 -36.16
N LEU D 406 -0.54 83.38 -37.45
CA LEU D 406 0.77 83.60 -38.04
C LEU D 406 1.18 85.06 -37.96
N ILE D 407 0.24 85.97 -38.21
CA ILE D 407 0.53 87.40 -38.09
C ILE D 407 0.85 87.75 -36.63
N GLU D 408 0.14 87.14 -35.69
CA GLU D 408 0.42 87.35 -34.28
C GLU D 408 1.76 86.73 -33.85
N GLU D 409 2.29 85.80 -34.64
CA GLU D 409 3.57 85.19 -34.29
C GLU D 409 4.70 86.22 -34.30
N ASN D 410 4.70 87.11 -35.30
CA ASN D 410 5.69 88.19 -35.42
C ASN D 410 7.11 87.62 -35.49
N ARG D 411 7.35 86.86 -36.55
CA ARG D 411 8.65 86.26 -36.81
C ARG D 411 9.12 86.66 -38.20
N LYS D 412 10.43 86.53 -38.44
CA LYS D 412 10.98 86.87 -39.74
C LYS D 412 10.36 86.01 -40.84
N VAL D 413 10.33 84.69 -40.63
CA VAL D 413 9.67 83.78 -41.56
C VAL D 413 9.11 82.61 -40.78
N ILE D 414 7.79 82.45 -40.81
CA ILE D 414 7.13 81.35 -40.11
C ILE D 414 6.59 80.37 -41.14
N ALA D 415 6.12 79.23 -40.64
CA ALA D 415 5.61 78.20 -41.53
C ALA D 415 4.67 77.26 -40.79
N PRO D 416 3.48 76.98 -41.32
CA PRO D 416 2.61 75.98 -40.70
C PRO D 416 3.24 74.60 -40.76
N MET D 417 3.04 73.83 -39.69
CA MET D 417 3.59 72.48 -39.60
C MET D 417 2.55 71.48 -40.09
N LEU D 418 2.42 71.35 -41.41
CA LEU D 418 1.49 70.41 -42.01
C LEU D 418 2.15 69.05 -42.13
N SER D 419 1.43 68.01 -41.71
CA SER D 419 1.93 66.64 -41.72
C SER D 419 1.07 65.79 -42.62
N ARG D 420 1.70 64.95 -43.44
CA ARG D 420 0.97 64.05 -44.32
C ARG D 420 0.27 62.97 -43.51
N HIS D 421 -0.76 62.38 -44.10
CA HIS D 421 -1.57 61.37 -43.42
C HIS D 421 -0.87 60.02 -43.48
N GLY D 422 -0.74 59.37 -42.33
CA GLY D 422 -0.17 58.03 -42.26
C GLY D 422 1.25 57.93 -42.75
N LYS D 423 2.06 58.95 -42.48
CA LYS D 423 3.45 58.95 -42.92
C LYS D 423 4.24 59.89 -42.04
N LEU D 424 5.56 59.75 -42.10
CA LEU D 424 6.45 60.60 -41.31
C LEU D 424 6.91 61.85 -42.07
N TRP D 425 6.86 61.83 -43.39
CA TRP D 425 7.26 62.99 -44.17
C TRP D 425 6.35 64.17 -43.89
N SER D 426 6.94 65.35 -43.73
CA SER D 426 6.19 66.56 -43.41
C SER D 426 6.90 67.75 -44.05
N ASN D 427 6.53 68.95 -43.61
CA ASN D 427 7.08 70.19 -44.14
C ASN D 427 8.26 70.70 -43.34
N PHE D 428 9.02 69.80 -42.72
CA PHE D 428 10.19 70.18 -41.93
C PHE D 428 11.35 69.25 -42.26
N TRP D 429 12.56 69.82 -42.27
CA TRP D 429 13.79 69.07 -42.47
C TRP D 429 14.72 69.40 -41.30
N GLY D 430 14.72 68.53 -40.29
CA GLY D 430 15.42 68.85 -39.05
C GLY D 430 16.93 68.92 -39.21
N ALA D 431 17.51 67.99 -39.96
CA ALA D 431 18.96 67.90 -40.08
C ALA D 431 19.37 68.06 -41.54
N LEU D 432 20.42 68.85 -41.76
CA LEU D 432 20.95 69.09 -43.10
C LEU D 432 22.07 68.12 -43.40
N SER D 433 21.92 67.36 -44.47
CA SER D 433 22.96 66.43 -44.89
C SER D 433 24.18 67.19 -45.42
N PRO D 434 25.36 66.57 -45.39
CA PRO D 434 26.54 67.24 -45.95
C PRO D 434 26.38 67.61 -47.40
N ASP D 435 25.68 66.81 -48.18
CA ASP D 435 25.38 67.12 -49.58
C ASP D 435 24.11 67.94 -49.73
N GLU D 436 23.66 68.62 -48.66
CA GLU D 436 22.46 69.44 -48.68
C GLU D 436 21.23 68.62 -49.05
N TYR D 437 20.94 67.62 -48.23
CA TYR D 437 19.78 66.75 -48.41
C TYR D 437 19.09 66.55 -47.07
N TYR D 438 17.91 65.92 -47.11
CA TYR D 438 17.18 65.65 -45.89
C TYR D 438 17.90 64.59 -45.06
N ALA D 439 17.97 64.82 -43.75
CA ALA D 439 18.65 63.92 -42.85
C ALA D 439 17.79 63.70 -41.60
N ARG D 440 17.96 62.54 -40.98
CA ARG D 440 17.15 62.15 -39.83
C ARG D 440 17.76 62.75 -38.58
N SER D 441 17.15 63.82 -38.08
CA SER D 441 17.58 64.43 -36.84
C SER D 441 17.15 63.58 -35.64
N GLU D 442 17.49 64.05 -34.45
CA GLU D 442 17.18 63.35 -33.22
C GLU D 442 15.86 63.78 -32.59
N ASP D 443 15.09 64.63 -33.27
CA ASP D 443 13.84 65.13 -32.73
C ASP D 443 12.69 65.13 -33.72
N TYR D 444 12.88 64.59 -34.93
CA TYR D 444 11.80 64.55 -35.91
C TYR D 444 10.62 63.73 -35.40
N VAL D 445 10.89 62.55 -34.85
CA VAL D 445 9.82 61.71 -34.33
C VAL D 445 9.24 62.28 -33.04
N GLU D 446 9.89 63.27 -32.45
CA GLU D 446 9.39 63.91 -31.24
C GLU D 446 8.63 65.20 -31.52
N LEU D 447 8.57 65.64 -32.76
CA LEU D 447 7.81 66.83 -33.14
C LEU D 447 6.79 66.57 -34.23
N VAL D 448 6.94 65.51 -35.02
CA VAL D 448 5.91 65.16 -35.99
C VAL D 448 4.64 64.73 -35.27
N GLN D 449 4.77 63.93 -34.21
CA GLN D 449 3.63 63.45 -33.44
C GLN D 449 3.22 64.43 -32.34
N ARG D 450 3.74 65.66 -32.37
CA ARG D 450 3.38 66.71 -31.42
C ARG D 450 3.63 66.27 -29.97
N LYS D 451 4.73 65.53 -29.76
CA LYS D 451 5.10 65.15 -28.40
C LYS D 451 5.47 66.37 -27.56
N ARG D 452 6.19 67.33 -28.13
CA ARG D 452 6.52 68.59 -27.47
C ARG D 452 6.08 69.73 -28.37
N VAL D 453 5.47 70.76 -27.78
CA VAL D 453 4.89 71.87 -28.51
C VAL D 453 5.74 73.11 -28.28
N GLY D 454 6.17 73.75 -29.37
CA GLY D 454 6.96 74.96 -29.27
C GLY D 454 7.47 75.44 -30.61
N VAL D 455 7.84 76.73 -30.69
CA VAL D 455 8.38 77.30 -31.91
C VAL D 455 9.90 77.22 -31.86
N TRP D 456 10.49 76.53 -32.84
CA TRP D 456 11.93 76.32 -32.88
C TRP D 456 12.45 76.58 -34.29
N ASN D 457 13.67 77.10 -34.38
CA ASN D 457 14.30 77.34 -35.67
C ASN D 457 14.74 76.02 -36.29
N VAL D 458 14.39 75.83 -37.55
CA VAL D 458 14.73 74.59 -38.27
C VAL D 458 15.69 74.93 -39.40
N PRO D 459 16.22 73.93 -40.11
CA PRO D 459 17.14 74.22 -41.22
C PRO D 459 16.49 74.32 -42.59
N TYR D 460 15.20 73.99 -42.71
CA TYR D 460 14.52 74.08 -44.00
C TYR D 460 13.03 74.26 -43.76
N ILE D 461 12.35 74.77 -44.78
CA ILE D 461 10.90 74.96 -44.74
C ILE D 461 10.39 74.91 -46.17
N SER D 462 9.16 74.45 -46.33
CA SER D 462 8.59 74.30 -47.67
C SER D 462 7.07 74.30 -47.58
N GLN D 463 6.44 74.56 -48.72
CA GLN D 463 5.00 74.51 -48.95
C GLN D 463 4.23 75.60 -48.21
N ALA D 464 4.89 76.43 -47.41
CA ALA D 464 4.22 77.50 -46.68
C ALA D 464 5.27 78.42 -46.09
N TYR D 465 5.01 79.73 -46.12
CA TYR D 465 5.93 80.70 -45.56
C TYR D 465 5.21 82.05 -45.47
N VAL D 466 5.38 82.72 -44.34
CA VAL D 466 4.83 84.05 -44.12
C VAL D 466 6.04 84.96 -43.89
N ILE D 467 6.38 85.77 -44.89
CA ILE D 467 7.58 86.61 -44.87
C ILE D 467 7.16 88.05 -44.71
N ARG D 468 7.74 88.72 -43.72
CA ARG D 468 7.53 90.16 -43.55
C ARG D 468 8.25 90.93 -44.64
N GLY D 469 7.57 91.92 -45.21
CA GLY D 469 8.13 92.68 -46.32
C GLY D 469 9.40 93.42 -45.97
N ASP D 470 9.59 93.79 -44.71
CA ASP D 470 10.81 94.47 -44.31
C ASP D 470 12.04 93.60 -44.56
N THR D 471 11.96 92.32 -44.23
CA THR D 471 13.05 91.40 -44.51
C THR D 471 13.28 91.23 -46.01
N LEU D 472 12.20 91.14 -46.80
CA LEU D 472 12.33 90.97 -48.24
C LEU D 472 12.88 92.21 -48.93
N ARG D 473 12.73 93.38 -48.32
CA ARG D 473 13.16 94.64 -48.93
C ARG D 473 14.53 95.09 -48.44
N MET D 474 14.68 95.29 -47.13
CA MET D 474 15.91 95.82 -46.56
C MET D 474 16.97 94.76 -46.29
N GLU D 475 16.62 93.47 -46.37
CA GLU D 475 17.57 92.40 -46.10
C GLU D 475 17.72 91.43 -47.26
N LEU D 476 16.82 91.46 -48.24
CA LEU D 476 16.91 90.58 -49.41
C LEU D 476 16.59 91.36 -50.67
N PRO D 477 17.25 92.49 -50.91
CA PRO D 477 16.95 93.27 -52.12
C PRO D 477 17.25 92.54 -53.41
N GLN D 478 18.15 91.56 -53.40
CA GLN D 478 18.48 90.82 -54.62
C GLN D 478 17.27 90.00 -55.08
N ARG D 479 17.01 90.04 -56.38
CA ARG D 479 15.88 89.34 -56.97
C ARG D 479 16.23 87.92 -57.41
N ASP D 480 17.48 87.51 -57.27
CA ASP D 480 17.90 86.16 -57.65
C ASP D 480 17.71 85.19 -56.47
N VAL D 481 16.49 85.19 -55.95
CA VAL D 481 16.17 84.33 -54.81
C VAL D 481 15.77 82.93 -55.25
N PHE D 482 15.00 82.80 -56.32
CA PHE D 482 14.55 81.50 -56.83
C PHE D 482 15.39 80.99 -57.99
N SER D 483 15.85 81.88 -58.87
CA SER D 483 16.67 81.49 -60.00
C SER D 483 18.15 81.55 -59.60
N GLY D 484 19.03 81.34 -60.58
CA GLY D 484 20.45 81.40 -60.34
C GLY D 484 21.11 80.09 -59.98
N SER D 485 20.35 79.01 -59.82
CA SER D 485 20.89 77.71 -59.48
C SER D 485 20.06 76.62 -60.14
N ASP D 486 20.71 75.49 -60.42
CA ASP D 486 20.03 74.34 -60.99
C ASP D 486 19.32 73.49 -59.95
N THR D 487 19.50 73.79 -58.66
CA THR D 487 18.85 73.04 -57.60
C THR D 487 17.36 73.40 -57.54
N ASP D 488 16.64 72.70 -56.66
CA ASP D 488 15.23 72.96 -56.51
C ASP D 488 14.99 74.37 -55.95
N PRO D 489 13.94 75.05 -56.41
CA PRO D 489 13.70 76.42 -55.94
C PRO D 489 13.50 76.53 -54.44
N ASP D 490 12.86 75.54 -53.81
CA ASP D 490 12.67 75.57 -52.37
C ASP D 490 14.01 75.46 -51.65
N MET D 491 14.86 74.53 -52.09
CA MET D 491 16.18 74.38 -51.48
C MET D 491 17.03 75.62 -51.73
N ALA D 492 16.93 76.22 -52.92
CA ALA D 492 17.66 77.44 -53.22
C ALA D 492 17.22 78.58 -52.30
N PHE D 493 15.90 78.72 -52.10
CA PHE D 493 15.41 79.75 -51.20
C PHE D 493 15.87 79.51 -49.77
N CYS D 494 15.85 78.25 -49.34
CA CYS D 494 16.32 77.92 -47.99
C CYS D 494 17.80 78.26 -47.83
N LYS D 495 18.62 77.93 -48.83
CA LYS D 495 20.04 78.26 -48.77
C LYS D 495 20.25 79.76 -48.74
N SER D 496 19.48 80.50 -49.55
CA SER D 496 19.60 81.96 -49.55
C SER D 496 19.24 82.55 -48.19
N PHE D 497 18.17 82.04 -47.58
CA PHE D 497 17.76 82.53 -46.26
C PHE D 497 18.80 82.18 -45.20
N ARG D 498 19.36 80.97 -45.26
CA ARG D 498 20.33 80.56 -44.25
C ARG D 498 21.65 81.30 -44.39
N ASP D 499 22.08 81.60 -45.62
CA ASP D 499 23.35 82.29 -45.82
C ASP D 499 23.29 83.71 -45.26
N LYS D 500 22.14 84.38 -45.41
CA LYS D 500 21.99 85.75 -44.93
C LYS D 500 21.91 85.85 -43.41
N GLY D 501 21.82 84.72 -42.70
CA GLY D 501 21.68 84.74 -41.27
C GLY D 501 20.26 84.83 -40.75
N ILE D 502 19.28 84.54 -41.59
CA ILE D 502 17.88 84.59 -41.17
C ILE D 502 17.47 83.23 -40.64
N PHE D 503 16.81 83.22 -39.48
CA PHE D 503 16.35 81.99 -38.85
C PHE D 503 14.92 81.72 -39.30
N LEU D 504 14.77 80.74 -40.20
CA LEU D 504 13.45 80.36 -40.72
C LEU D 504 12.71 79.58 -39.64
N HIS D 505 12.11 80.31 -38.72
CA HIS D 505 11.44 79.70 -37.58
C HIS D 505 10.18 78.96 -38.02
N LEU D 506 9.83 77.94 -37.24
CA LEU D 506 8.64 77.14 -37.50
C LEU D 506 8.01 76.76 -36.17
N SER D 507 6.68 76.72 -36.15
CA SER D 507 5.93 76.46 -34.92
C SER D 507 4.87 75.41 -35.18
N ASN D 508 4.55 74.64 -34.14
CA ASN D 508 3.50 73.62 -34.21
C ASN D 508 2.64 73.65 -32.94
N GLN D 509 2.47 74.83 -32.34
CA GLN D 509 1.67 74.95 -31.13
C GLN D 509 0.21 74.61 -31.41
N HIS D 510 -0.34 75.10 -32.50
CA HIS D 510 -1.72 74.84 -32.90
C HIS D 510 -1.74 73.89 -34.09
N GLU D 511 -2.94 73.44 -34.44
CA GLU D 511 -3.14 72.53 -35.57
C GLU D 511 -3.44 73.33 -36.83
N PHE D 512 -2.88 72.87 -37.95
CA PHE D 512 -3.06 73.52 -39.23
C PHE D 512 -3.90 72.71 -40.20
N GLY D 513 -3.53 71.47 -40.45
CA GLY D 513 -4.27 70.63 -41.39
C GLY D 513 -3.40 69.48 -41.88
N ARG D 514 -3.76 68.99 -43.07
CA ARG D 514 -3.05 67.88 -43.69
C ARG D 514 -2.52 68.31 -45.05
N LEU D 515 -1.39 67.72 -45.44
CA LEU D 515 -0.74 68.04 -46.71
C LEU D 515 -1.07 66.95 -47.71
N LEU D 516 -1.74 67.34 -48.79
CA LEU D 516 -2.12 66.38 -49.83
C LEU D 516 -0.89 65.92 -50.60
N ALA D 517 -0.90 64.64 -50.97
CA ALA D 517 0.17 64.03 -51.75
C ALA D 517 -0.33 63.84 -53.18
N THR D 518 0.44 64.34 -54.14
CA THR D 518 0.09 64.27 -55.55
C THR D 518 1.15 63.53 -56.34
N SER D 519 1.69 62.45 -55.77
CA SER D 519 2.71 61.66 -56.45
C SER D 519 2.13 61.03 -57.71
N ARG D 520 0.92 60.47 -57.62
CA ARG D 520 0.26 59.85 -58.76
C ARG D 520 -1.16 60.38 -58.86
N TYR D 521 -1.50 60.93 -60.04
CA TYR D 521 -2.84 61.44 -60.28
C TYR D 521 -3.14 61.23 -61.77
N ASP D 522 -3.81 60.12 -62.08
CA ASP D 522 -4.14 59.80 -63.47
C ASP D 522 -5.31 60.66 -63.93
N THR D 523 -5.11 61.38 -65.03
CA THR D 523 -6.15 62.24 -65.59
C THR D 523 -7.00 61.54 -66.63
N GLU D 524 -6.78 60.25 -66.88
CA GLU D 524 -7.52 59.50 -67.89
C GLU D 524 -8.90 59.09 -67.38
N HIS D 525 -9.69 60.10 -67.03
CA HIS D 525 -11.04 59.87 -66.54
C HIS D 525 -11.80 61.19 -66.58
N LEU D 526 -13.13 61.08 -66.74
CA LEU D 526 -13.97 62.27 -66.66
C LEU D 526 -13.94 62.86 -65.26
N HIS D 527 -13.93 62.02 -64.23
CA HIS D 527 -13.82 62.44 -62.84
C HIS D 527 -12.69 61.65 -62.20
N PRO D 528 -11.44 62.10 -62.37
CA PRO D 528 -10.31 61.39 -61.76
C PRO D 528 -10.40 61.30 -60.25
N ASP D 529 -11.05 62.26 -59.59
CA ASP D 529 -11.22 62.22 -58.14
C ASP D 529 -12.04 61.03 -57.68
N LEU D 530 -12.84 60.42 -58.56
CA LEU D 530 -13.60 59.23 -58.19
C LEU D 530 -12.68 58.05 -57.89
N TRP D 531 -11.49 58.02 -58.47
CA TRP D 531 -10.51 56.97 -58.21
C TRP D 531 -9.55 57.33 -57.09
N GLN D 532 -9.75 58.49 -56.45
CA GLN D 532 -8.88 58.96 -55.38
C GLN D 532 -9.41 58.61 -54.00
N ILE D 533 -10.11 57.47 -53.88
CA ILE D 533 -10.62 57.05 -52.58
C ILE D 533 -9.49 56.62 -51.66
N PHE D 534 -8.50 55.89 -52.19
CA PHE D 534 -7.41 55.37 -51.38
C PHE D 534 -6.20 56.30 -51.29
N ASP D 535 -6.02 57.17 -52.28
CA ASP D 535 -4.85 58.06 -52.27
C ASP D 535 -4.87 58.97 -51.05
N ASN D 536 -5.98 59.68 -50.84
CA ASN D 536 -6.17 60.54 -49.67
C ASN D 536 -7.52 60.17 -49.06
N PRO D 537 -7.55 59.18 -48.17
CA PRO D 537 -8.86 58.74 -47.62
C PRO D 537 -9.63 59.86 -46.94
N VAL D 538 -8.94 60.77 -46.26
CA VAL D 538 -9.64 61.89 -45.61
C VAL D 538 -10.32 62.77 -46.66
N ASP D 539 -9.61 63.08 -47.74
CA ASP D 539 -10.19 63.92 -48.78
C ASP D 539 -11.39 63.25 -49.45
N TRP D 540 -11.27 61.95 -49.74
CA TRP D 540 -12.38 61.23 -50.36
C TRP D 540 -13.59 61.17 -49.44
N LYS D 541 -13.35 60.90 -48.14
CA LYS D 541 -14.46 60.86 -47.19
C LYS D 541 -15.11 62.22 -47.04
N GLU D 542 -14.32 63.30 -47.09
CA GLU D 542 -14.87 64.63 -46.94
C GLU D 542 -15.61 65.11 -48.19
N GLN D 543 -15.20 64.67 -49.38
CA GLN D 543 -15.78 65.16 -50.62
C GLN D 543 -16.72 64.17 -51.30
N TYR D 544 -16.94 62.99 -50.73
CA TYR D 544 -17.80 62.02 -51.40
C TYR D 544 -18.91 61.48 -50.49
N ILE D 545 -18.60 61.31 -49.20
CA ILE D 545 -19.54 60.64 -48.30
C ILE D 545 -20.62 61.61 -47.85
N HIS D 546 -21.71 61.06 -47.32
CA HIS D 546 -22.81 61.86 -46.82
C HIS D 546 -22.39 62.59 -45.55
N GLU D 547 -22.86 63.84 -45.43
CA GLU D 547 -22.54 64.65 -44.27
C GLU D 547 -23.15 64.07 -43.00
N ASN D 548 -24.39 63.57 -43.07
CA ASN D 548 -25.07 63.01 -41.93
C ASN D 548 -24.73 61.54 -41.69
N TYR D 549 -23.90 60.94 -42.56
CA TYR D 549 -23.54 59.54 -42.39
C TYR D 549 -22.76 59.32 -41.10
N SER D 550 -21.89 60.26 -40.74
CA SER D 550 -21.15 60.16 -39.49
C SER D 550 -22.10 60.18 -38.30
N ARG D 551 -23.11 61.05 -38.33
CA ARG D 551 -24.09 61.10 -37.26
C ARG D 551 -24.86 59.78 -37.17
N ALA D 552 -25.21 59.19 -38.32
CA ALA D 552 -25.89 57.91 -38.32
C ALA D 552 -25.01 56.82 -37.72
N LEU D 553 -23.71 56.82 -38.07
CA LEU D 553 -22.79 55.87 -37.47
C LEU D 553 -22.64 56.11 -35.97
N GLU D 554 -22.83 57.35 -35.53
CA GLU D 554 -22.80 57.64 -34.09
C GLU D 554 -24.00 57.04 -33.36
N GLY D 555 -25.07 56.72 -34.08
CA GLY D 555 -26.24 56.12 -33.46
C GLY D 555 -27.12 57.11 -32.74
N GLU D 556 -27.41 58.25 -33.39
CA GLU D 556 -28.25 59.30 -32.83
C GLU D 556 -29.32 59.70 -33.83
N GLY D 557 -29.97 58.70 -34.43
CA GLY D 557 -31.02 58.96 -35.40
C GLY D 557 -30.59 58.69 -36.83
N ILE D 558 -31.20 59.41 -37.78
CA ILE D 558 -30.89 59.33 -39.21
C ILE D 558 -31.24 57.97 -39.77
N VAL D 559 -30.74 56.90 -39.14
CA VAL D 559 -31.04 55.54 -39.60
C VAL D 559 -32.52 55.25 -39.36
N GLU D 560 -33.21 54.82 -40.41
CA GLU D 560 -34.64 54.58 -40.37
C GLU D 560 -34.93 53.12 -40.74
N GLN D 561 -35.99 52.59 -40.13
CA GLN D 561 -36.42 51.21 -40.36
C GLN D 561 -37.90 51.21 -40.74
N PRO D 562 -38.21 51.57 -41.99
CA PRO D 562 -39.62 51.56 -42.42
C PRO D 562 -40.25 50.18 -42.34
N CYS D 563 -39.46 49.13 -42.50
CA CYS D 563 -39.92 47.75 -42.43
C CYS D 563 -39.05 46.97 -41.46
N PRO D 564 -39.56 45.87 -40.92
CA PRO D 564 -38.74 45.07 -39.99
C PRO D 564 -37.48 44.55 -40.67
N ASP D 565 -36.38 44.55 -39.92
CA ASP D 565 -35.07 44.10 -40.40
C ASP D 565 -34.66 44.82 -41.68
N VAL D 566 -34.92 46.13 -41.72
CA VAL D 566 -34.57 46.96 -42.86
C VAL D 566 -33.98 48.26 -42.34
N TYR D 567 -33.04 48.83 -43.10
CA TYR D 567 -32.37 50.06 -42.74
C TYR D 567 -32.38 51.03 -43.91
N TRP D 568 -32.55 52.31 -43.60
CA TRP D 568 -32.56 53.37 -44.61
C TRP D 568 -31.87 54.58 -44.02
N PHE D 569 -30.57 54.71 -44.28
CA PHE D 569 -29.77 55.81 -43.76
C PHE D 569 -28.92 56.38 -44.89
N PRO D 570 -28.58 57.67 -44.81
CA PRO D 570 -27.77 58.28 -45.87
C PRO D 570 -26.35 57.72 -45.89
N LEU D 571 -25.86 57.45 -47.10
CA LEU D 571 -24.52 56.88 -47.28
C LEU D 571 -23.61 57.79 -48.07
N LEU D 572 -24.02 58.25 -49.25
CA LEU D 572 -23.18 59.04 -50.13
C LEU D 572 -23.82 60.41 -50.34
N SER D 573 -22.98 61.38 -50.68
CA SER D 573 -23.40 62.76 -50.91
C SER D 573 -23.90 62.93 -52.34
N GLU D 574 -24.54 64.07 -52.59
CA GLU D 574 -25.08 64.35 -53.92
C GLU D 574 -23.97 64.44 -54.96
N GLN D 575 -22.81 64.98 -54.58
CA GLN D 575 -21.69 65.08 -55.52
C GLN D 575 -21.22 63.70 -55.96
N MET D 576 -21.11 62.77 -55.02
CA MET D 576 -20.70 61.41 -55.37
C MET D 576 -21.70 60.74 -56.29
N CYS D 577 -23.00 60.92 -56.01
CA CYS D 577 -24.03 60.34 -56.87
C CYS D 577 -23.97 60.93 -58.27
N ASP D 578 -23.79 62.26 -58.37
CA ASP D 578 -23.68 62.90 -59.67
C ASP D 578 -22.47 62.40 -60.44
N GLU D 579 -21.34 62.26 -59.75
CA GLU D 579 -20.13 61.76 -60.41
C GLU D 579 -20.32 60.34 -60.90
N LEU D 580 -20.94 59.48 -60.08
CA LEU D 580 -21.18 58.10 -60.50
C LEU D 580 -22.12 58.04 -61.68
N VAL D 581 -23.18 58.87 -61.67
CA VAL D 581 -24.13 58.88 -62.78
C VAL D 581 -23.46 59.36 -64.06
N ALA D 582 -22.64 60.41 -63.96
CA ALA D 582 -21.92 60.92 -65.13
C ALA D 582 -20.96 59.87 -65.68
N GLU D 583 -20.24 59.18 -64.80
CA GLU D 583 -19.32 58.14 -65.25
C GLU D 583 -20.07 56.99 -65.93
N MET D 584 -21.20 56.57 -65.36
CA MET D 584 -21.98 55.51 -65.97
C MET D 584 -22.51 55.94 -67.33
N GLU D 585 -22.98 57.18 -67.45
CA GLU D 585 -23.48 57.67 -68.73
C GLU D 585 -22.37 57.74 -69.77
N HIS D 586 -21.18 58.19 -69.36
CA HIS D 586 -20.06 58.27 -70.29
C HIS D 586 -19.50 56.91 -70.66
N TYR D 587 -19.71 55.90 -69.81
CA TYR D 587 -19.22 54.55 -70.12
C TYR D 587 -19.90 53.99 -71.36
N GLY D 588 -21.23 54.11 -71.43
CA GLY D 588 -21.97 53.68 -72.60
C GLY D 588 -22.18 52.17 -72.69
N GLN D 589 -21.37 51.40 -71.98
CA GLN D 589 -21.45 49.94 -72.01
C GLN D 589 -22.59 49.49 -71.09
N TRP D 590 -23.82 49.84 -71.49
CA TRP D 590 -25.02 49.51 -70.73
C TRP D 590 -25.57 48.20 -71.26
N SER D 591 -24.86 47.11 -70.96
CA SER D 591 -25.26 45.79 -71.40
C SER D 591 -26.40 45.27 -70.51
N GLY D 592 -26.85 44.06 -70.81
CA GLY D 592 -27.91 43.45 -70.04
C GLY D 592 -29.25 43.57 -70.74
N GLY D 593 -30.13 42.60 -70.49
CA GLY D 593 -31.44 42.58 -71.10
C GLY D 593 -31.82 41.21 -71.64
N ARG D 594 -30.98 40.22 -71.41
CA ARG D 594 -31.22 38.85 -71.86
C ARG D 594 -31.10 37.89 -70.69
N HIS D 595 -31.89 36.80 -70.77
CA HIS D 595 -31.84 35.78 -69.73
C HIS D 595 -30.46 35.14 -69.63
N GLU D 596 -29.78 34.99 -70.77
CA GLU D 596 -28.41 34.51 -70.78
C GLU D 596 -27.45 35.69 -70.78
N ASP D 597 -26.23 35.44 -70.30
CA ASP D 597 -25.23 36.50 -70.18
C ASP D 597 -23.84 35.89 -70.34
N SER D 598 -22.88 36.76 -70.66
CA SER D 598 -21.49 36.35 -70.80
C SER D 598 -20.63 36.69 -69.60
N ARG D 599 -21.02 37.69 -68.80
CA ARG D 599 -20.25 38.03 -67.61
C ARG D 599 -20.35 36.95 -66.54
N LEU D 600 -21.51 36.31 -66.42
CA LEU D 600 -21.71 35.28 -65.41
C LEU D 600 -20.98 34.00 -65.82
N ALA D 601 -20.37 33.35 -64.82
CA ALA D 601 -19.68 32.10 -65.08
C ALA D 601 -20.64 31.01 -65.52
N GLY D 602 -21.82 30.95 -64.91
CA GLY D 602 -22.81 29.96 -65.32
C GLY D 602 -23.34 30.22 -66.71
N GLY D 603 -23.36 31.48 -67.14
CA GLY D 603 -23.86 31.85 -68.45
C GLY D 603 -25.34 32.14 -68.52
N TYR D 604 -26.08 31.93 -67.43
CA TYR D 604 -27.52 32.20 -67.39
C TYR D 604 -27.81 33.11 -66.21
N GLU D 605 -28.57 34.18 -66.46
CA GLU D 605 -28.96 35.13 -65.43
C GLU D 605 -30.39 34.84 -65.00
N ASN D 606 -30.59 34.66 -63.69
CA ASN D 606 -31.91 34.35 -63.18
C ASN D 606 -32.90 35.47 -63.46
N VAL D 607 -32.49 36.72 -63.23
CA VAL D 607 -33.34 37.88 -63.50
C VAL D 607 -32.59 38.82 -64.44
N PRO D 608 -32.91 38.81 -65.73
CA PRO D 608 -32.22 39.71 -66.66
C PRO D 608 -32.51 41.17 -66.32
N THR D 609 -31.49 42.02 -66.55
CA THR D 609 -31.61 43.44 -66.28
C THR D 609 -30.52 44.16 -67.05
N VAL D 610 -30.84 45.35 -67.56
CA VAL D 610 -29.89 46.18 -68.30
C VAL D 610 -29.00 46.86 -67.26
N ASP D 611 -27.83 46.28 -67.00
CA ASP D 611 -26.93 46.80 -65.99
C ASP D 611 -25.50 46.68 -66.48
N ILE D 612 -24.65 47.58 -65.98
CA ILE D 612 -23.22 47.59 -66.29
C ILE D 612 -22.47 47.23 -65.02
N HIS D 613 -21.69 46.16 -65.08
CA HIS D 613 -20.91 45.74 -63.92
C HIS D 613 -19.77 46.70 -63.66
N MET D 614 -19.36 46.80 -62.40
CA MET D 614 -18.25 47.66 -62.02
C MET D 614 -16.93 47.20 -62.62
N LYS D 615 -16.81 45.92 -62.98
CA LYS D 615 -15.57 45.42 -63.56
C LYS D 615 -15.29 46.08 -64.90
N GLN D 616 -16.33 46.26 -65.73
CA GLN D 616 -16.14 46.92 -67.01
C GLN D 616 -15.69 48.37 -66.83
N VAL D 617 -16.31 49.09 -65.89
CA VAL D 617 -15.89 50.45 -65.61
C VAL D 617 -14.51 50.48 -64.96
N GLY D 618 -14.24 49.51 -64.08
CA GLY D 618 -12.98 49.45 -63.37
C GLY D 618 -12.99 50.08 -62.00
N TYR D 619 -14.14 50.57 -61.54
CA TYR D 619 -14.26 51.17 -60.20
C TYR D 619 -14.68 50.14 -59.16
N GLU D 620 -14.59 48.84 -59.49
CA GLU D 620 -14.94 47.80 -58.53
C GLU D 620 -14.03 47.85 -57.31
N ASP D 621 -12.74 48.14 -57.52
CA ASP D 621 -11.82 48.26 -56.40
C ASP D 621 -12.23 49.40 -55.47
N GLN D 622 -12.62 50.54 -56.05
CA GLN D 622 -13.05 51.67 -55.23
C GLN D 622 -14.31 51.33 -54.45
N TRP D 623 -15.26 50.63 -55.10
CA TRP D 623 -16.48 50.23 -54.40
C TRP D 623 -16.18 49.27 -53.26
N LEU D 624 -15.26 48.32 -53.50
CA LEU D 624 -14.88 47.39 -52.45
C LEU D 624 -14.21 48.10 -51.29
N GLN D 625 -13.34 49.07 -51.59
CA GLN D 625 -12.69 49.84 -50.53
C GLN D 625 -13.70 50.64 -49.72
N LEU D 626 -14.66 51.28 -50.40
CA LEU D 626 -15.69 52.03 -49.70
C LEU D 626 -16.55 51.12 -48.82
N LEU D 627 -16.90 49.94 -49.34
CA LEU D 627 -17.70 49.01 -48.57
C LEU D 627 -16.94 48.52 -47.33
N ARG D 628 -15.64 48.23 -47.48
CA ARG D 628 -14.83 47.81 -46.35
C ARG D 628 -14.62 48.92 -45.34
N THR D 629 -14.55 50.17 -45.79
CA THR D 629 -14.27 51.28 -44.88
C THR D 629 -15.51 51.77 -44.14
N TYR D 630 -16.63 51.96 -44.83
CA TYR D 630 -17.80 52.58 -44.22
C TYR D 630 -18.97 51.62 -44.04
N VAL D 631 -19.22 50.73 -45.00
CA VAL D 631 -20.39 49.86 -44.91
C VAL D 631 -20.23 48.83 -43.81
N GLY D 632 -19.06 48.24 -43.68
CA GLY D 632 -18.83 47.15 -42.75
C GLY D 632 -19.06 47.52 -41.30
N PRO D 633 -18.49 48.64 -40.87
CA PRO D 633 -18.73 49.07 -39.48
C PRO D 633 -20.20 49.34 -39.19
N MET D 634 -20.93 49.90 -40.15
CA MET D 634 -22.36 50.12 -39.95
C MET D 634 -23.11 48.81 -39.82
N THR D 635 -22.75 47.81 -40.65
CA THR D 635 -23.39 46.50 -40.56
C THR D 635 -23.10 45.84 -39.21
N GLU D 636 -21.86 45.95 -38.73
CA GLU D 636 -21.51 45.38 -37.43
C GLU D 636 -22.26 46.07 -36.31
N SER D 637 -22.36 47.40 -36.37
CA SER D 637 -23.06 48.14 -35.32
C SER D 637 -24.57 47.89 -35.37
N LEU D 638 -25.14 47.84 -36.57
CA LEU D 638 -26.58 47.68 -36.70
C LEU D 638 -27.04 46.31 -36.22
N PHE D 639 -26.35 45.25 -36.64
CA PHE D 639 -26.75 43.89 -36.27
C PHE D 639 -25.75 43.31 -35.29
N PRO D 640 -26.08 43.26 -33.99
CA PRO D 640 -25.14 42.69 -33.02
C PRO D 640 -24.95 41.20 -33.22
N GLY D 641 -23.76 40.73 -32.86
CA GLY D 641 -23.44 39.32 -32.94
C GLY D 641 -23.02 38.82 -34.31
N TYR D 642 -22.87 39.71 -35.29
CA TYR D 642 -22.52 39.34 -36.66
C TYR D 642 -21.22 40.01 -37.05
N HIS D 643 -20.36 39.28 -37.76
CA HIS D 643 -19.09 39.78 -38.23
C HIS D 643 -19.14 39.97 -39.74
N THR D 644 -18.71 41.14 -40.20
CA THR D 644 -18.74 41.49 -41.62
C THR D 644 -17.32 41.63 -42.14
N LYS D 645 -17.10 41.15 -43.36
CA LYS D 645 -15.80 41.21 -44.00
C LYS D 645 -15.83 41.90 -45.36
N ALA D 646 -16.94 42.53 -45.73
CA ALA D 646 -17.08 43.25 -47.00
C ALA D 646 -16.77 42.35 -48.18
N ARG D 647 -17.34 41.14 -48.16
CA ARG D 647 -17.19 40.18 -49.26
C ARG D 647 -18.34 40.38 -50.24
N ALA D 648 -18.05 41.04 -51.36
CA ALA D 648 -19.05 41.31 -52.38
C ALA D 648 -18.49 40.98 -53.75
N VAL D 649 -19.33 40.40 -54.61
CA VAL D 649 -18.94 40.02 -55.96
C VAL D 649 -19.89 40.63 -57.00
N MET D 650 -21.19 40.37 -56.87
CA MET D 650 -22.17 40.85 -57.82
C MET D 650 -22.57 42.28 -57.45
N ASN D 651 -22.19 43.23 -58.29
CA ASN D 651 -22.52 44.64 -58.05
C ASN D 651 -22.52 45.36 -59.39
N PHE D 652 -23.69 45.87 -59.79
CA PHE D 652 -23.82 46.57 -61.06
C PHE D 652 -24.84 47.70 -60.92
N VAL D 653 -24.72 48.69 -61.79
CA VAL D 653 -25.62 49.82 -61.82
C VAL D 653 -26.60 49.62 -62.98
N VAL D 654 -27.88 49.56 -62.65
CA VAL D 654 -28.95 49.32 -63.62
C VAL D 654 -29.83 50.56 -63.68
N ARG D 655 -30.06 51.07 -64.88
CA ARG D 655 -30.93 52.21 -65.10
C ARG D 655 -32.34 51.71 -65.40
N TYR D 656 -33.29 52.07 -64.55
CA TYR D 656 -34.67 51.65 -64.70
C TYR D 656 -35.41 52.66 -65.59
N ARG D 657 -35.75 52.23 -66.80
CA ARG D 657 -36.45 53.06 -67.76
C ARG D 657 -37.76 52.36 -68.15
N PRO D 658 -38.90 53.03 -68.02
CA PRO D 658 -40.16 52.38 -68.40
C PRO D 658 -40.20 51.92 -69.85
N ASP D 659 -39.58 52.67 -70.75
CA ASP D 659 -39.54 52.29 -72.16
C ASP D 659 -38.53 51.17 -72.44
N GLU D 660 -37.54 50.98 -71.57
CA GLU D 660 -36.50 49.98 -71.81
C GLU D 660 -36.53 48.86 -70.78
N GLN D 661 -36.46 49.17 -69.49
CA GLN D 661 -36.37 48.15 -68.44
C GLN D 661 -37.57 48.29 -67.51
N PRO D 662 -38.61 47.47 -67.69
CA PRO D 662 -39.76 47.55 -66.79
C PRO D 662 -39.50 46.90 -65.45
N SER D 663 -40.54 46.80 -64.61
CA SER D 663 -40.38 46.23 -63.29
C SER D 663 -39.99 44.76 -63.38
N LEU D 664 -39.09 44.34 -62.49
CA LEU D 664 -38.69 42.95 -62.42
C LEU D 664 -39.66 42.15 -61.56
N ARG D 665 -39.78 40.86 -61.89
CA ARG D 665 -40.68 39.99 -61.16
C ARG D 665 -40.17 39.76 -59.74
N PRO D 666 -41.04 39.37 -58.82
CA PRO D 666 -40.60 39.11 -57.45
C PRO D 666 -39.56 38.00 -57.41
N HIS D 667 -38.52 38.23 -56.61
CA HIS D 667 -37.40 37.31 -56.50
C HIS D 667 -36.62 37.65 -55.23
N HIS D 668 -35.60 36.85 -54.95
CA HIS D 668 -34.74 37.03 -53.80
C HIS D 668 -33.31 37.32 -54.27
N ASP D 669 -32.40 37.42 -53.30
CA ASP D 669 -30.99 37.66 -53.57
C ASP D 669 -30.17 36.51 -53.03
N SER D 670 -29.21 36.04 -53.82
CA SER D 670 -28.34 34.93 -53.43
C SER D 670 -27.15 35.43 -52.62
N SER D 671 -27.45 36.20 -51.58
CA SER D 671 -26.44 36.75 -50.69
C SER D 671 -27.04 36.92 -49.31
N THR D 672 -26.17 36.98 -48.31
CA THR D 672 -26.63 37.15 -46.93
C THR D 672 -27.25 38.52 -46.72
N PHE D 673 -26.74 39.54 -47.40
CA PHE D 673 -27.26 40.88 -47.29
C PHE D 673 -27.27 41.54 -48.66
N THR D 674 -28.19 42.49 -48.85
CA THR D 674 -28.31 43.24 -50.09
C THR D 674 -28.41 44.71 -49.79
N LEU D 675 -27.72 45.53 -50.58
CA LEU D 675 -27.70 46.98 -50.40
C LEU D 675 -28.11 47.65 -51.71
N ASN D 676 -29.05 48.59 -51.61
CA ASN D 676 -29.53 49.34 -52.77
C ASN D 676 -29.42 50.82 -52.46
N VAL D 677 -28.84 51.58 -53.39
CA VAL D 677 -28.63 53.02 -53.22
C VAL D 677 -29.22 53.73 -54.43
N ALA D 678 -30.03 54.75 -54.15
CA ALA D 678 -30.59 55.56 -55.22
C ALA D 678 -29.51 56.45 -55.83
N LEU D 679 -29.64 56.71 -57.14
CA LEU D 679 -28.66 57.51 -57.85
C LEU D 679 -29.29 58.77 -58.48
N ASN D 680 -30.57 59.01 -58.26
CA ASN D 680 -31.23 60.19 -58.82
C ASN D 680 -32.40 60.56 -57.91
N HIS D 681 -32.84 61.81 -58.04
CA HIS D 681 -33.96 62.31 -57.26
C HIS D 681 -35.27 61.88 -57.93
N LYS D 682 -36.07 61.11 -57.19
CA LYS D 682 -37.34 60.64 -57.73
C LYS D 682 -38.31 61.80 -57.94
N GLY D 683 -39.21 61.62 -58.91
CA GLY D 683 -40.16 62.66 -59.24
C GLY D 683 -39.58 63.72 -60.16
N LEU D 684 -38.53 64.40 -59.71
CA LEU D 684 -37.89 65.40 -60.54
C LEU D 684 -37.25 64.77 -61.77
N ASP D 685 -36.61 63.63 -61.60
CA ASP D 685 -35.93 62.94 -62.71
C ASP D 685 -36.73 61.78 -63.27
N TYR D 686 -37.34 60.96 -62.42
CA TYR D 686 -38.08 59.80 -62.87
C TYR D 686 -39.38 59.67 -62.08
N GLU D 687 -40.39 59.09 -62.74
CA GLU D 687 -41.69 58.85 -62.14
C GLU D 687 -41.94 57.35 -62.05
N GLY D 688 -42.42 56.90 -60.90
CA GLY D 688 -42.71 55.49 -60.71
C GLY D 688 -42.78 55.09 -59.26
N GLY D 689 -42.27 53.91 -58.94
CA GLY D 689 -42.26 53.41 -57.58
C GLY D 689 -40.93 52.80 -57.24
N GLY D 690 -40.84 52.26 -56.03
CA GLY D 690 -39.62 51.64 -55.56
C GLY D 690 -39.71 50.12 -55.53
N CYS D 691 -39.90 49.58 -54.33
CA CYS D 691 -40.02 48.14 -54.12
C CYS D 691 -41.25 47.83 -53.29
N ARG D 692 -41.66 46.57 -53.32
CA ARG D 692 -42.81 46.10 -52.56
C ARG D 692 -42.46 44.78 -51.88
N PHE D 693 -42.68 44.71 -50.57
CA PHE D 693 -42.39 43.49 -49.81
C PHE D 693 -43.62 42.59 -49.86
N LEU D 694 -43.50 41.47 -50.59
CA LEU D 694 -44.64 40.56 -50.72
C LEU D 694 -45.01 39.93 -49.39
N ARG D 695 -44.02 39.52 -48.61
CA ARG D 695 -44.27 38.84 -47.33
C ARG D 695 -44.39 39.80 -46.16
N TYR D 696 -44.13 41.10 -46.36
CA TYR D 696 -44.22 42.08 -45.30
C TYR D 696 -45.20 43.21 -45.58
N ASP D 697 -45.75 43.29 -46.79
CA ASP D 697 -46.71 44.34 -47.17
C ASP D 697 -46.10 45.72 -46.98
N CYS D 698 -44.80 45.85 -47.26
CA CYS D 698 -44.07 47.10 -47.14
C CYS D 698 -43.66 47.57 -48.53
N VAL D 699 -43.99 48.83 -48.83
CA VAL D 699 -43.70 49.42 -50.13
C VAL D 699 -42.86 50.67 -49.92
N ILE D 700 -41.74 50.76 -50.63
CA ILE D 700 -40.86 51.92 -50.57
C ILE D 700 -41.35 52.92 -51.61
N SER D 701 -42.18 53.86 -51.18
CA SER D 701 -42.77 54.83 -52.08
C SER D 701 -42.02 56.15 -52.13
N SER D 702 -41.20 56.45 -51.12
CA SER D 702 -40.46 57.70 -51.04
C SER D 702 -39.00 57.42 -50.74
N PRO D 703 -38.29 56.78 -51.67
CA PRO D 703 -36.85 56.57 -51.49
C PRO D 703 -36.09 57.89 -51.58
N ARG D 704 -34.96 57.94 -50.89
CA ARG D 704 -34.11 59.11 -50.86
C ARG D 704 -32.84 58.87 -51.67
N LYS D 705 -32.35 59.93 -52.31
CA LYS D 705 -31.15 59.81 -53.13
C LYS D 705 -29.94 59.43 -52.28
N GLY D 706 -29.79 60.04 -51.11
CA GLY D 706 -28.66 59.75 -50.25
C GLY D 706 -28.84 58.49 -49.41
N TRP D 707 -30.08 58.19 -49.05
CA TRP D 707 -30.34 57.01 -48.23
C TRP D 707 -30.13 55.73 -49.04
N ALA D 708 -29.81 54.65 -48.32
CA ALA D 708 -29.59 53.35 -48.92
C ALA D 708 -30.40 52.30 -48.18
N LEU D 709 -30.85 51.29 -48.92
CA LEU D 709 -31.65 50.21 -48.36
C LEU D 709 -30.77 49.00 -48.08
N LEU D 710 -30.69 48.62 -46.81
CA LEU D 710 -29.89 47.47 -46.37
C LEU D 710 -30.78 46.51 -45.60
N HIS D 711 -30.90 45.29 -46.10
CA HIS D 711 -31.74 44.28 -45.47
C HIS D 711 -31.35 42.92 -46.03
N PRO D 712 -31.70 41.83 -45.34
CA PRO D 712 -31.47 40.49 -45.91
C PRO D 712 -32.42 40.22 -47.06
N GLY D 713 -31.97 39.33 -47.95
CA GLY D 713 -32.78 38.97 -49.11
C GLY D 713 -32.66 37.52 -49.52
N ARG D 714 -32.26 36.66 -48.58
CA ARG D 714 -32.03 35.25 -48.90
C ARG D 714 -33.27 34.39 -48.67
N LEU D 715 -33.80 34.37 -47.44
CA LEU D 715 -34.90 33.48 -47.09
C LEU D 715 -36.10 34.21 -46.53
N THR D 716 -35.91 35.15 -45.60
CA THR D 716 -37.01 35.74 -44.86
C THR D 716 -37.76 36.81 -45.62
N HIS D 717 -37.24 37.28 -46.76
CA HIS D 717 -37.84 38.38 -47.49
C HIS D 717 -37.95 38.02 -48.96
N TYR D 718 -39.13 38.23 -49.54
CA TYR D 718 -39.34 38.15 -50.98
C TYR D 718 -39.81 39.53 -51.44
N HIS D 719 -39.08 40.12 -52.39
CA HIS D 719 -39.32 41.49 -52.79
C HIS D 719 -39.54 41.57 -54.30
N GLU D 720 -40.40 42.51 -54.68
CA GLU D 720 -40.68 42.80 -56.09
C GLU D 720 -40.55 44.30 -56.32
N GLY D 721 -39.86 44.66 -57.40
CA GLY D 721 -39.65 46.07 -57.69
C GLY D 721 -40.86 46.69 -58.37
N LEU D 722 -41.19 47.91 -57.95
CA LEU D 722 -42.29 48.65 -58.54
C LEU D 722 -41.90 49.15 -59.93
N PRO D 723 -42.90 49.42 -60.78
CA PRO D 723 -42.58 49.83 -62.16
C PRO D 723 -42.44 51.33 -62.32
N THR D 724 -41.33 51.76 -62.91
CA THR D 724 -41.15 53.16 -63.26
C THR D 724 -42.08 53.53 -64.42
N THR D 725 -42.46 54.80 -64.46
CA THR D 725 -43.41 55.29 -65.47
C THR D 725 -42.78 56.29 -66.43
N TRP D 726 -42.11 57.32 -65.90
CA TRP D 726 -41.53 58.37 -66.72
C TRP D 726 -40.08 58.59 -66.32
N GLY D 727 -39.32 59.18 -67.24
CA GLY D 727 -37.92 59.47 -66.99
C GLY D 727 -37.08 58.21 -66.90
N THR D 728 -35.95 58.33 -66.20
CA THR D 728 -35.03 57.22 -65.98
C THR D 728 -34.66 57.16 -64.51
N ARG D 729 -34.82 56.00 -63.90
CA ARG D 729 -34.49 55.77 -62.50
C ARG D 729 -33.19 54.97 -62.44
N TYR D 730 -32.16 55.55 -61.81
CA TYR D 730 -30.86 54.93 -61.69
C TYR D 730 -30.70 54.41 -60.26
N ILE D 731 -30.35 53.12 -60.14
CA ILE D 731 -30.19 52.48 -58.84
C ILE D 731 -28.87 51.73 -58.82
N MET D 732 -28.34 51.54 -57.61
CA MET D 732 -27.11 50.80 -57.39
C MET D 732 -27.42 49.51 -56.66
N VAL D 733 -26.95 48.39 -57.22
CA VAL D 733 -27.22 47.06 -56.68
C VAL D 733 -25.88 46.41 -56.33
N SER D 734 -25.82 45.81 -55.15
CA SER D 734 -24.61 45.14 -54.69
C SER D 734 -24.99 43.93 -53.85
N PHE D 735 -24.45 42.77 -54.23
CA PHE D 735 -24.68 41.52 -53.50
C PHE D 735 -23.53 41.35 -52.50
N VAL D 736 -23.83 41.56 -51.22
CA VAL D 736 -22.85 41.50 -50.16
C VAL D 736 -22.96 40.17 -49.43
N ASP D 737 -21.83 39.54 -49.16
CA ASP D 737 -21.74 38.25 -48.50
C ASP D 737 -22.51 37.19 -49.28
N PRO D 738 -22.07 36.88 -50.51
CA PRO D 738 -22.71 35.88 -51.38
C PRO D 738 -22.31 34.45 -51.02
N ALA E 64 -0.46 39.29 43.99
CA ALA E 64 -0.59 39.42 42.54
C ALA E 64 -0.61 40.88 42.15
N TYR E 65 0.46 41.61 42.47
CA TYR E 65 0.49 43.04 42.28
C TYR E 65 1.71 43.48 41.48
N PHE E 66 1.69 44.74 41.06
CA PHE E 66 2.72 45.42 40.28
C PHE E 66 2.96 44.79 38.92
N PRO E 67 2.04 44.97 37.97
CA PRO E 67 2.26 44.48 36.62
C PRO E 67 3.21 45.37 35.85
N GLU E 68 3.92 44.77 34.90
CA GLU E 68 5.02 45.42 34.22
C GLU E 68 4.60 45.98 32.87
N GLU E 69 5.52 46.71 32.25
CA GLU E 69 5.37 47.30 30.93
C GLU E 69 6.63 47.03 30.12
N ARG E 70 7.02 45.77 30.05
CA ARG E 70 8.35 45.34 29.63
C ARG E 70 8.84 46.08 28.39
N TRP E 71 10.15 46.28 28.32
CA TRP E 71 10.76 47.03 27.24
C TRP E 71 10.94 46.13 26.02
N SER E 72 10.17 46.40 24.98
CA SER E 72 10.26 45.65 23.73
C SER E 72 10.47 46.61 22.57
N PRO E 73 11.61 46.59 21.89
CA PRO E 73 11.85 47.52 20.79
C PRO E 73 11.32 46.96 19.49
N GLU E 74 11.55 47.70 18.42
CA GLU E 74 11.09 47.29 17.10
C GLU E 74 12.22 46.58 16.36
N SER E 75 12.02 45.29 16.09
CA SER E 75 13.07 44.47 15.52
C SER E 75 13.37 44.91 14.08
N PRO E 76 14.55 44.58 13.58
CA PRO E 76 14.92 45.03 12.23
C PRO E 76 14.08 44.35 11.16
N LEU E 77 14.04 44.99 10.00
CA LEU E 77 13.26 44.49 8.87
C LEU E 77 13.96 43.31 8.21
N GLN E 78 13.17 42.42 7.64
CA GLN E 78 13.75 41.32 6.89
C GLN E 78 14.17 41.78 5.50
N ALA E 79 15.20 41.13 4.97
CA ALA E 79 15.80 41.56 3.72
C ALA E 79 14.84 41.31 2.55
N PRO E 80 14.84 42.18 1.54
CA PRO E 80 13.87 42.06 0.45
C PRO E 80 14.03 40.80 -0.35
N ARG E 81 12.92 40.31 -0.88
CA ARG E 81 12.87 39.09 -1.65
C ARG E 81 13.51 39.30 -3.02
N VAL E 82 13.80 38.21 -3.71
CA VAL E 82 14.44 38.24 -5.02
C VAL E 82 14.12 36.94 -5.74
N LEU E 83 13.82 37.04 -7.03
CA LEU E 83 13.60 35.88 -7.89
C LEU E 83 14.75 35.74 -8.87
N ILE E 84 15.38 34.56 -8.89
CA ILE E 84 16.52 34.29 -9.74
C ILE E 84 16.05 33.39 -10.88
N ALA E 85 16.24 33.84 -12.11
CA ALA E 85 15.79 33.13 -13.30
C ALA E 85 16.98 32.76 -14.18
N LEU E 86 17.05 31.50 -14.59
CA LEU E 86 18.09 31.00 -15.46
C LEU E 86 17.51 30.52 -16.77
N LEU E 87 18.32 30.58 -17.83
CA LEU E 87 17.94 30.11 -19.16
C LEU E 87 19.08 29.21 -19.65
N ALA E 88 18.85 27.89 -19.63
CA ALA E 88 19.89 26.91 -19.88
C ALA E 88 19.66 26.22 -21.23
N ARG E 89 20.70 26.20 -22.06
CA ARG E 89 20.67 25.49 -23.34
C ARG E 89 22.10 25.32 -23.83
N ASN E 90 22.56 24.08 -23.95
CA ASN E 90 23.98 23.79 -24.18
C ASN E 90 24.84 24.56 -23.18
N ALA E 91 24.74 24.14 -21.92
CA ALA E 91 25.53 24.79 -20.87
C ALA E 91 26.11 23.79 -19.88
N ALA E 92 26.13 22.50 -20.22
CA ALA E 92 26.65 21.50 -19.29
C ALA E 92 28.16 21.66 -19.07
N HIS E 93 28.85 22.39 -19.94
CA HIS E 93 30.26 22.65 -19.74
C HIS E 93 30.48 23.74 -18.69
N ALA E 94 29.55 24.68 -18.59
CA ALA E 94 29.70 25.84 -17.72
C ALA E 94 28.80 25.81 -16.50
N LEU E 95 27.81 24.93 -16.47
CA LEU E 95 26.85 24.94 -15.38
C LEU E 95 27.44 24.71 -14.00
N PRO E 96 28.39 23.78 -13.77
CA PRO E 96 28.86 23.56 -12.40
C PRO E 96 29.48 24.79 -11.74
N THR E 97 30.42 25.44 -12.42
CA THR E 97 31.08 26.61 -11.82
C THR E 97 30.09 27.75 -11.58
N THR E 98 29.21 28.00 -12.55
CA THR E 98 28.24 29.08 -12.38
C THR E 98 27.28 28.79 -11.23
N LEU E 99 26.74 27.58 -11.17
CA LEU E 99 25.83 27.24 -10.08
C LEU E 99 26.53 27.33 -8.74
N GLY E 100 27.79 26.90 -8.67
CA GLY E 100 28.53 27.05 -7.43
C GLY E 100 28.70 28.50 -7.02
N ALA E 101 29.06 29.36 -7.98
CA ALA E 101 29.26 30.76 -7.65
C ALA E 101 27.96 31.50 -7.43
N LEU E 102 26.83 30.92 -7.82
CA LEU E 102 25.52 31.53 -7.61
C LEU E 102 24.83 31.03 -6.36
N GLU E 103 25.21 29.87 -5.85
CA GLU E 103 24.66 29.40 -4.59
C GLU E 103 25.23 30.19 -3.41
N ARG E 104 26.41 30.79 -3.57
CA ARG E 104 27.09 31.49 -2.49
C ARG E 104 26.91 33.00 -2.56
N LEU E 105 25.75 33.48 -3.01
CA LEU E 105 25.46 34.91 -2.95
C LEU E 105 24.98 35.26 -1.56
N ARG E 106 25.54 36.32 -0.98
CA ARG E 106 25.22 36.66 0.40
C ARG E 106 23.81 37.23 0.49
N HIS E 107 22.86 36.36 0.79
CA HIS E 107 21.43 36.65 0.89
C HIS E 107 20.78 35.52 1.67
N PRO E 108 19.90 35.81 2.63
CA PRO E 108 19.27 34.73 3.38
C PRO E 108 18.57 33.76 2.46
N ARG E 109 18.68 32.47 2.76
CA ARG E 109 18.17 31.45 1.89
C ARG E 109 16.70 31.13 2.12
N GLU E 110 16.01 31.94 2.92
CA GLU E 110 14.57 31.82 3.09
C GLU E 110 13.81 32.94 2.38
N ARG E 111 14.49 33.74 1.57
CA ARG E 111 13.89 34.84 0.83
C ARG E 111 14.36 34.83 -0.61
N THR E 112 14.31 33.67 -1.26
CA THR E 112 14.72 33.59 -2.66
C THR E 112 13.99 32.42 -3.31
N ALA E 113 13.71 32.57 -4.61
CA ALA E 113 13.05 31.53 -5.38
C ALA E 113 13.77 31.32 -6.70
N LEU E 114 13.61 30.13 -7.27
CA LEU E 114 14.34 29.74 -8.47
C LEU E 114 13.37 29.40 -9.59
N TRP E 115 13.77 29.72 -10.82
CA TRP E 115 12.93 29.55 -11.99
C TRP E 115 13.72 28.94 -13.14
N VAL E 116 14.46 27.86 -12.87
CA VAL E 116 15.23 27.22 -13.93
C VAL E 116 14.30 26.62 -14.96
N ALA E 117 14.56 26.93 -16.24
CA ALA E 117 13.74 26.40 -17.33
C ALA E 117 14.65 26.15 -18.52
N THR E 118 14.64 24.92 -19.03
CA THR E 118 15.53 24.51 -20.10
C THR E 118 14.76 23.70 -21.15
N ASP E 119 15.19 23.84 -22.40
CA ASP E 119 14.61 23.10 -23.50
C ASP E 119 15.56 23.19 -24.69
N HIS E 120 15.29 22.35 -25.70
CA HIS E 120 16.05 22.36 -26.95
C HIS E 120 17.55 22.19 -26.70
N ASN E 121 17.89 21.35 -25.72
CA ASN E 121 19.28 21.16 -25.31
C ASN E 121 19.83 19.89 -25.92
N MET E 122 20.77 20.03 -26.85
CA MET E 122 21.40 18.87 -27.47
C MET E 122 22.19 18.07 -26.45
N ASP E 123 22.88 18.73 -25.55
CA ASP E 123 23.74 18.07 -24.57
C ASP E 123 22.89 17.47 -23.45
N ASN E 124 23.53 17.07 -22.35
CA ASN E 124 22.83 16.50 -21.20
C ASN E 124 22.71 17.49 -20.06
N THR E 125 22.44 18.76 -20.36
CA THR E 125 22.23 19.75 -19.31
C THR E 125 21.07 19.38 -18.41
N SER E 126 20.10 18.64 -18.94
CA SER E 126 18.89 18.33 -18.17
C SER E 126 19.23 17.53 -16.92
N THR E 127 20.06 16.50 -17.04
CA THR E 127 20.33 15.65 -15.89
C THR E 127 21.12 16.39 -14.81
N VAL E 128 22.09 17.22 -15.20
CA VAL E 128 22.86 17.94 -14.20
C VAL E 128 22.01 19.00 -13.51
N LEU E 129 21.20 19.73 -14.27
CA LEU E 129 20.30 20.70 -13.66
C LEU E 129 19.32 20.01 -12.70
N ARG E 130 18.76 18.88 -13.11
CA ARG E 130 17.85 18.15 -12.23
C ARG E 130 18.55 17.68 -10.97
N GLU E 131 19.78 17.18 -11.12
CA GLU E 131 20.53 16.70 -9.97
C GLU E 131 20.79 17.82 -8.98
N TRP E 132 21.20 18.99 -9.48
CA TRP E 132 21.44 20.11 -8.57
C TRP E 132 20.13 20.57 -7.92
N LEU E 133 19.04 20.59 -8.69
CA LEU E 133 17.78 21.12 -8.18
C LEU E 133 17.19 20.23 -7.09
N VAL E 134 17.18 18.92 -7.32
CA VAL E 134 16.58 18.02 -6.34
C VAL E 134 17.34 18.05 -5.03
N ALA E 135 18.63 18.36 -5.08
CA ALA E 135 19.47 18.38 -3.88
C ALA E 135 19.43 19.71 -3.15
N VAL E 136 18.70 20.71 -3.66
CA VAL E 136 18.66 22.03 -3.06
C VAL E 136 17.24 22.52 -2.80
N LYS E 137 16.23 21.69 -3.04
CA LYS E 137 14.85 22.13 -2.91
C LYS E 137 14.54 22.59 -1.49
N SER E 138 15.08 21.90 -0.48
CA SER E 138 14.70 22.19 0.89
C SER E 138 15.14 23.58 1.33
N LEU E 139 16.32 24.02 0.88
CA LEU E 139 16.87 25.28 1.38
C LEU E 139 16.03 26.47 0.93
N TYR E 140 15.73 26.56 -0.37
CA TYR E 140 15.12 27.75 -0.91
C TYR E 140 13.61 27.76 -0.64
N HIS E 141 12.98 28.87 -1.01
CA HIS E 141 11.56 29.05 -0.72
C HIS E 141 10.69 28.20 -1.63
N SER E 142 10.76 28.43 -2.94
CA SER E 142 10.03 27.62 -3.88
C SER E 142 10.79 27.62 -5.21
N VAL E 143 10.79 26.47 -5.87
CA VAL E 143 11.52 26.29 -7.11
C VAL E 143 10.57 25.88 -8.22
N GLU E 144 10.57 26.65 -9.30
CA GLU E 144 9.78 26.34 -10.49
C GLU E 144 10.70 25.74 -11.54
N TRP E 145 10.16 24.86 -12.38
CA TRP E 145 10.97 24.05 -13.29
C TRP E 145 10.13 23.65 -14.49
N ARG E 146 10.60 23.99 -15.69
CA ARG E 146 9.85 23.80 -16.93
C ARG E 146 10.72 23.19 -18.02
N PRO E 147 10.77 21.86 -18.10
CA PRO E 147 11.55 21.21 -19.16
C PRO E 147 10.72 20.84 -20.39
N ALA E 148 11.31 21.03 -21.56
CA ALA E 148 10.69 20.69 -22.84
C ALA E 148 11.71 20.02 -23.77
N GLU E 149 12.38 18.99 -23.25
CA GLU E 149 13.55 18.38 -23.88
C GLU E 149 13.45 18.13 -25.38
N GLU E 150 12.24 17.89 -25.89
CA GLU E 150 12.14 17.67 -27.32
C GLU E 150 11.40 18.81 -28.01
N PRO E 151 11.70 19.11 -29.29
CA PRO E 151 12.68 18.46 -30.18
C PRO E 151 14.11 18.82 -29.84
N ARG E 152 15.09 18.45 -30.66
CA ARG E 152 16.49 18.63 -30.32
C ARG E 152 17.14 19.81 -31.02
N SER E 153 16.44 20.47 -31.93
CA SER E 153 16.99 21.65 -32.59
C SER E 153 15.86 22.38 -33.31
N TYR E 154 16.08 23.67 -33.51
CA TYR E 154 15.13 24.45 -34.31
C TYR E 154 15.28 24.06 -35.77
N PRO E 155 14.19 23.83 -36.49
CA PRO E 155 14.32 23.35 -37.88
C PRO E 155 15.03 24.33 -38.80
N ASP E 156 14.55 25.56 -38.89
CA ASP E 156 15.05 26.53 -39.87
C ASP E 156 16.24 27.30 -39.31
N GLU E 157 17.32 26.57 -39.02
CA GLU E 157 18.56 27.18 -38.59
C GLU E 157 19.74 26.39 -39.14
N GLU E 158 20.85 27.10 -39.36
CA GLU E 158 22.04 26.45 -39.92
C GLU E 158 22.76 25.61 -38.88
N GLY E 159 22.62 25.95 -37.60
CA GLY E 159 23.30 25.24 -36.55
C GLY E 159 22.90 25.74 -35.18
N PRO E 160 23.52 25.18 -34.14
CA PRO E 160 23.18 25.60 -32.78
C PRO E 160 23.54 27.05 -32.48
N LYS E 161 24.46 27.66 -33.23
CA LYS E 161 24.90 29.03 -32.97
C LYS E 161 24.40 30.01 -34.01
N HIS E 162 23.23 29.77 -34.59
CA HIS E 162 22.62 30.69 -35.53
C HIS E 162 21.31 31.21 -34.95
N TRP E 163 21.22 32.52 -34.76
CA TRP E 163 20.05 33.12 -34.14
C TRP E 163 18.93 33.17 -35.18
N SER E 164 18.28 32.02 -35.34
CA SER E 164 17.14 31.94 -36.24
C SER E 164 15.99 32.77 -35.69
N ASP E 165 15.26 33.42 -36.59
CA ASP E 165 14.15 34.28 -36.19
C ASP E 165 13.00 33.48 -35.61
N SER E 166 13.15 32.17 -35.53
CA SER E 166 12.22 31.31 -34.81
C SER E 166 12.77 30.85 -33.47
N ARG E 167 13.94 31.34 -33.07
CA ARG E 167 14.48 31.12 -31.74
C ARG E 167 14.27 32.32 -30.83
N TYR E 168 14.38 33.53 -31.39
CA TYR E 168 14.00 34.73 -30.64
C TYR E 168 12.62 34.56 -30.02
N GLU E 169 11.62 34.27 -30.84
CA GLU E 169 10.26 34.17 -30.33
C GLU E 169 10.05 32.95 -29.44
N HIS E 170 11.12 32.22 -29.11
CA HIS E 170 11.11 31.34 -27.96
C HIS E 170 12.03 31.82 -26.85
N VAL E 171 12.75 32.93 -27.07
CA VAL E 171 13.45 33.58 -25.97
C VAL E 171 12.51 34.50 -25.20
N MET E 172 11.89 35.46 -25.89
CA MET E 172 10.92 36.33 -25.24
C MET E 172 9.81 35.52 -24.55
N LYS E 173 9.31 34.49 -25.21
CA LYS E 173 8.28 33.67 -24.57
C LYS E 173 8.79 32.95 -23.33
N LEU E 174 10.07 33.12 -22.98
CA LEU E 174 10.56 32.56 -21.73
C LEU E 174 11.03 33.63 -20.75
N ARG E 175 10.93 34.90 -21.12
CA ARG E 175 11.12 35.98 -20.15
C ARG E 175 9.78 36.65 -19.82
N GLN E 176 9.01 37.01 -20.85
CA GLN E 176 7.68 37.53 -20.61
C GLN E 176 6.79 36.52 -19.92
N ALA E 177 7.18 35.24 -19.89
CA ALA E 177 6.53 34.24 -19.07
C ALA E 177 7.29 33.99 -17.78
N ALA E 178 8.31 34.79 -17.49
CA ALA E 178 8.99 34.82 -16.20
C ALA E 178 8.73 36.09 -15.43
N LEU E 179 8.72 37.24 -16.12
CA LEU E 179 8.31 38.49 -15.51
C LEU E 179 6.84 38.49 -15.13
N LYS E 180 6.13 37.40 -15.45
CA LYS E 180 4.74 37.26 -15.04
C LYS E 180 4.59 36.28 -13.89
N SER E 181 5.58 35.43 -13.65
CA SER E 181 5.57 34.59 -12.48
C SER E 181 6.26 35.25 -11.29
N ALA E 182 6.83 36.44 -11.48
CA ALA E 182 7.34 37.24 -10.38
C ALA E 182 6.51 38.49 -10.17
N ARG E 183 5.30 38.54 -10.72
CA ARG E 183 4.32 39.57 -10.42
C ARG E 183 3.07 39.01 -9.77
N ASP E 184 2.88 37.70 -9.85
CA ASP E 184 1.78 37.03 -9.16
C ASP E 184 2.24 36.32 -7.90
N MET E 185 3.47 36.58 -7.46
CA MET E 185 3.98 36.05 -6.21
C MET E 185 4.36 37.17 -5.24
N TRP E 186 4.17 38.42 -5.62
CA TRP E 186 4.54 39.58 -4.81
C TRP E 186 6.00 39.50 -4.40
N ALA E 187 6.88 39.57 -5.41
CA ALA E 187 8.30 39.41 -5.18
C ALA E 187 9.03 40.66 -5.68
N ASP E 188 9.63 41.40 -4.76
CA ASP E 188 10.47 42.52 -5.15
C ASP E 188 11.66 42.01 -5.94
N TYR E 189 12.04 42.78 -6.97
CA TYR E 189 13.25 42.54 -7.73
C TYR E 189 13.23 41.20 -8.47
N ILE E 190 14.01 41.11 -9.54
CA ILE E 190 14.17 39.84 -10.24
C ILE E 190 15.52 39.88 -10.94
N LEU E 191 16.33 38.85 -10.75
CA LEU E 191 17.71 38.85 -11.20
C LEU E 191 17.84 37.89 -12.37
N PHE E 192 17.96 38.43 -13.57
CA PHE E 192 18.11 37.61 -14.78
C PHE E 192 19.58 37.32 -14.97
N VAL E 193 19.99 36.09 -14.70
CA VAL E 193 21.34 35.62 -14.98
C VAL E 193 21.24 34.46 -15.95
N ASP E 194 21.97 34.56 -17.05
CA ASP E 194 22.05 33.47 -18.00
C ASP E 194 23.20 32.56 -17.65
N ALA E 195 23.00 31.25 -17.80
CA ALA E 195 23.95 30.30 -17.25
C ALA E 195 25.23 30.28 -18.07
N ASP E 196 25.86 31.45 -18.19
CA ASP E 196 27.15 31.58 -18.84
C ASP E 196 28.07 32.58 -18.14
N ASN E 197 27.58 33.32 -17.15
CA ASN E 197 28.34 34.40 -16.52
C ASN E 197 28.78 33.97 -15.13
N LEU E 198 30.03 34.24 -14.81
CA LEU E 198 30.57 33.92 -13.49
C LEU E 198 30.26 35.06 -12.52
N ILE E 199 29.41 34.79 -11.54
CA ILE E 199 29.06 35.79 -10.53
C ILE E 199 30.03 35.58 -9.38
N LEU E 200 31.15 36.31 -9.42
CA LEU E 200 32.26 36.05 -8.52
C LEU E 200 32.06 36.73 -7.17
N ASN E 201 32.04 38.06 -7.15
CA ASN E 201 32.06 38.82 -5.91
C ASN E 201 30.78 38.54 -5.13
N PRO E 202 30.86 37.84 -4.00
CA PRO E 202 29.62 37.35 -3.35
C PRO E 202 28.70 38.44 -2.84
N ASP E 203 29.09 39.70 -2.90
CA ASP E 203 28.24 40.79 -2.47
C ASP E 203 27.65 41.57 -3.63
N THR E 204 27.38 40.92 -4.76
CA THR E 204 26.82 41.63 -5.89
C THR E 204 25.34 41.92 -5.70
N LEU E 205 24.61 41.03 -5.04
CA LEU E 205 23.17 41.22 -4.90
C LEU E 205 22.85 42.34 -3.92
N SER E 206 23.54 42.38 -2.78
CA SER E 206 23.30 43.46 -1.83
C SER E 206 23.76 44.81 -2.40
N LEU E 207 24.90 44.82 -3.08
CA LEU E 207 25.38 46.06 -3.67
C LEU E 207 24.46 46.56 -4.78
N LEU E 208 23.79 45.66 -5.49
CA LEU E 208 22.83 46.09 -6.50
C LEU E 208 21.53 46.56 -5.85
N ILE E 209 21.09 45.88 -4.80
CA ILE E 209 19.84 46.28 -4.13
C ILE E 209 19.99 47.66 -3.52
N ALA E 210 21.10 47.91 -2.83
CA ALA E 210 21.26 49.15 -2.08
C ALA E 210 21.46 50.37 -2.97
N GLU E 211 21.35 50.23 -4.28
CA GLU E 211 21.55 51.37 -5.17
C GLU E 211 20.26 52.09 -5.54
N ASN E 212 19.11 51.42 -5.41
CA ASN E 212 17.80 52.07 -5.53
C ASN E 212 17.62 52.73 -6.90
N LYS E 213 17.63 51.91 -7.95
CA LYS E 213 17.31 52.37 -9.29
C LYS E 213 16.44 51.34 -9.98
N THR E 214 15.72 51.79 -11.01
CA THR E 214 14.66 50.96 -11.59
C THR E 214 15.22 49.74 -12.31
N VAL E 215 16.22 49.92 -13.16
CA VAL E 215 16.83 48.84 -13.92
C VAL E 215 18.33 49.07 -13.88
N VAL E 216 19.04 48.23 -13.13
CA VAL E 216 20.48 48.37 -12.94
C VAL E 216 21.15 47.05 -13.31
N ALA E 217 22.40 47.12 -13.73
CA ALA E 217 23.11 45.95 -14.23
C ALA E 217 24.61 46.08 -13.97
N PRO E 218 25.23 45.09 -13.33
CA PRO E 218 26.67 45.16 -13.09
C PRO E 218 27.45 45.13 -14.38
N MET E 219 28.63 45.72 -14.36
CA MET E 219 29.50 45.80 -15.52
C MET E 219 30.54 44.70 -15.44
N LEU E 220 30.18 43.51 -15.92
CA LEU E 220 31.08 42.38 -15.96
C LEU E 220 32.28 42.69 -16.84
N ASP E 221 33.31 41.86 -16.71
CA ASP E 221 34.54 42.02 -17.48
C ASP E 221 34.71 40.88 -18.47
N SER E 222 35.62 41.06 -19.41
CA SER E 222 35.92 40.03 -20.39
C SER E 222 37.30 40.28 -20.96
N ARG E 223 37.77 39.32 -21.77
CA ARG E 223 39.14 39.37 -22.27
C ARG E 223 39.36 40.55 -23.19
N ALA E 224 38.37 40.92 -24.00
CA ALA E 224 38.53 42.03 -24.93
C ALA E 224 37.60 43.17 -24.55
N ALA E 225 37.50 44.18 -25.41
CA ALA E 225 36.70 45.36 -25.09
C ALA E 225 35.23 45.01 -24.87
N TYR E 226 34.73 43.94 -25.46
CA TYR E 226 33.31 43.62 -25.40
C TYR E 226 32.85 43.44 -23.96
N SER E 227 31.95 44.31 -23.51
CA SER E 227 31.29 44.10 -22.24
C SER E 227 29.78 44.15 -22.47
N ASN E 228 28.99 44.17 -21.41
CA ASN E 228 27.55 43.99 -21.56
C ASN E 228 26.76 45.30 -21.45
N PHE E 229 27.31 46.40 -21.96
CA PHE E 229 26.53 47.64 -22.03
C PHE E 229 27.05 48.49 -23.18
N TRP E 230 26.15 48.92 -24.05
CA TRP E 230 26.52 49.81 -25.15
C TRP E 230 26.65 51.23 -24.62
N CYS E 231 26.83 52.19 -25.52
CA CYS E 231 26.79 53.58 -25.11
C CYS E 231 26.06 54.47 -26.13
N GLY E 232 25.40 53.89 -27.12
CA GLY E 232 24.62 54.69 -28.05
C GLY E 232 24.01 53.89 -29.18
N MET E 233 22.74 54.15 -29.47
CA MET E 233 22.05 53.55 -30.60
C MET E 233 21.91 54.60 -31.69
N THR E 234 22.22 54.24 -32.93
CA THR E 234 22.36 55.26 -33.96
C THR E 234 21.00 55.66 -34.55
N SER E 235 20.41 54.78 -35.34
CA SER E 235 19.07 55.00 -35.87
C SER E 235 18.23 53.73 -35.75
N GLN E 236 18.87 52.59 -35.99
CA GLN E 236 18.19 51.29 -36.02
C GLN E 236 18.68 50.38 -34.90
N GLY E 237 19.17 50.96 -33.82
CA GLY E 237 19.53 50.18 -32.65
C GLY E 237 20.70 49.25 -32.86
N TYR E 238 21.75 49.72 -33.52
CA TYR E 238 22.98 48.95 -33.65
C TYR E 238 24.13 49.75 -33.07
N TYR E 239 25.19 49.02 -32.70
CA TYR E 239 26.24 49.58 -31.87
C TYR E 239 26.91 50.80 -32.51
N LYS E 240 27.21 51.80 -31.68
CA LYS E 240 28.02 52.94 -32.07
C LYS E 240 28.91 53.32 -30.90
N ARG E 241 30.22 53.26 -31.11
CA ARG E 241 31.19 53.48 -30.04
C ARG E 241 31.31 54.98 -29.78
N THR E 242 30.50 55.46 -28.84
CA THR E 242 30.65 56.83 -28.38
C THR E 242 31.98 56.98 -27.63
N PRO E 243 32.71 58.08 -27.85
CA PRO E 243 34.03 58.22 -27.23
C PRO E 243 34.02 58.22 -25.71
N ALA E 244 32.86 58.06 -25.09
CA ALA E 244 32.77 57.92 -23.64
C ALA E 244 32.84 56.47 -23.19
N TYR E 245 33.23 55.55 -24.07
CA TYR E 245 33.19 54.13 -23.73
C TYR E 245 34.43 53.73 -22.94
N ILE E 246 35.61 53.95 -23.52
CA ILE E 246 36.85 53.48 -22.89
C ILE E 246 37.02 53.98 -21.46
N PRO E 247 36.79 55.27 -21.15
CA PRO E 247 36.92 55.71 -19.75
C PRO E 247 35.99 54.99 -18.79
N ILE E 248 34.93 54.34 -19.27
CA ILE E 248 34.10 53.54 -18.39
C ILE E 248 34.58 52.10 -18.33
N ARG E 249 34.90 51.51 -19.50
CA ARG E 249 35.26 50.10 -19.53
C ARG E 249 36.58 49.85 -18.81
N LYS E 250 37.56 50.74 -18.99
CA LYS E 250 38.86 50.58 -18.35
C LYS E 250 38.89 51.14 -16.94
N ARG E 251 37.72 51.40 -16.35
CA ARG E 251 37.61 51.80 -14.95
C ARG E 251 38.42 53.06 -14.63
N ASP E 252 38.45 53.99 -15.59
CA ASP E 252 39.01 55.30 -15.30
C ASP E 252 38.06 56.14 -14.45
N ARG E 253 36.77 55.84 -14.50
CA ARG E 253 35.75 56.52 -13.71
C ARG E 253 35.08 55.50 -12.79
N ARG E 254 34.05 55.94 -12.09
CA ARG E 254 33.15 55.06 -11.33
C ARG E 254 31.93 55.88 -10.93
N GLY E 255 31.06 55.27 -10.15
CA GLY E 255 29.77 55.87 -9.88
C GLY E 255 28.79 55.51 -10.97
N CYS E 256 27.52 55.29 -10.63
CA CYS E 256 26.59 54.74 -11.59
C CYS E 256 26.23 55.74 -12.66
N PHE E 257 26.38 55.34 -13.91
CA PHE E 257 26.21 56.20 -15.08
C PHE E 257 24.92 55.84 -15.80
N ALA E 258 24.52 56.72 -16.71
CA ALA E 258 23.28 56.53 -17.46
C ALA E 258 23.62 56.11 -18.89
N VAL E 259 23.08 54.98 -19.32
CA VAL E 259 23.36 54.43 -20.65
C VAL E 259 22.07 53.91 -21.25
N PRO E 260 22.02 53.79 -22.58
CA PRO E 260 20.82 53.27 -23.24
C PRO E 260 20.80 51.78 -23.51
N MET E 261 21.68 50.97 -22.90
CA MET E 261 21.66 49.55 -23.20
C MET E 261 22.26 48.72 -22.08
N VAL E 262 21.57 47.63 -21.73
CA VAL E 262 22.13 46.56 -20.92
C VAL E 262 21.54 45.26 -21.43
N HIS E 263 22.29 44.17 -21.27
CA HIS E 263 21.76 42.85 -21.57
C HIS E 263 22.48 41.85 -20.66
N SER E 264 22.37 40.57 -21.00
CA SER E 264 23.01 39.50 -20.24
C SER E 264 22.44 39.42 -18.83
N THR E 265 22.99 40.20 -17.91
CA THR E 265 22.57 40.17 -16.51
C THR E 265 22.18 41.55 -16.04
N PHE E 266 20.96 41.68 -15.55
CA PHE E 266 20.50 42.92 -14.92
C PHE E 266 19.59 42.55 -13.74
N LEU E 267 18.94 43.55 -13.16
CA LEU E 267 18.08 43.32 -12.00
C LEU E 267 16.92 44.31 -12.09
N ILE E 268 15.78 43.84 -12.56
CA ILE E 268 14.60 44.68 -12.73
C ILE E 268 13.94 44.91 -11.38
N ASP E 269 13.62 46.17 -11.08
CA ASP E 269 12.86 46.46 -9.88
C ASP E 269 11.40 46.08 -10.09
N LEU E 270 10.70 45.81 -8.98
CA LEU E 270 9.29 45.44 -9.08
C LEU E 270 8.46 46.09 -7.97
N ARG E 271 8.93 47.20 -7.41
CA ARG E 271 8.10 48.00 -6.51
C ARG E 271 7.61 49.28 -7.17
N LYS E 272 8.51 50.02 -7.80
CA LYS E 272 8.17 51.34 -8.32
C LYS E 272 7.06 51.24 -9.35
N ALA E 273 6.10 52.17 -9.26
CA ALA E 273 4.87 52.07 -10.04
C ALA E 273 5.08 52.28 -11.52
N ALA E 274 6.24 52.78 -11.94
CA ALA E 274 6.54 52.87 -13.36
C ALA E 274 7.03 51.54 -13.91
N SER E 275 7.21 50.53 -13.08
CA SER E 275 7.60 49.20 -13.52
C SER E 275 6.41 48.31 -13.77
N ARG E 276 5.27 48.89 -14.14
CA ARG E 276 4.09 48.15 -14.56
C ARG E 276 3.91 48.13 -16.07
N ASN E 277 4.81 48.78 -16.82
CA ASN E 277 4.73 48.82 -18.27
C ASN E 277 6.00 48.30 -18.94
N LEU E 278 6.76 47.45 -18.27
CA LEU E 278 7.89 46.78 -18.91
C LEU E 278 7.40 45.48 -19.52
N ALA E 279 7.57 45.35 -20.84
CA ALA E 279 6.97 44.24 -21.55
C ALA E 279 8.00 43.61 -22.46
N PHE E 280 8.17 42.29 -22.33
CA PHE E 280 9.16 41.56 -23.12
C PHE E 280 8.62 41.17 -24.50
N TYR E 281 7.59 40.31 -24.53
CA TYR E 281 7.25 39.66 -25.81
C TYR E 281 6.52 40.59 -26.77
N PRO E 282 5.34 41.11 -26.46
CA PRO E 282 4.65 41.95 -27.43
C PRO E 282 5.36 43.28 -27.57
N PRO E 283 6.02 43.52 -28.69
CA PRO E 283 6.76 44.78 -28.85
C PRO E 283 5.82 45.96 -28.77
N HIS E 284 6.36 47.09 -28.33
CA HIS E 284 5.55 48.28 -28.18
C HIS E 284 4.85 48.60 -29.50
N PRO E 285 3.59 49.05 -29.45
CA PRO E 285 2.82 49.21 -30.70
C PRO E 285 3.43 50.18 -31.68
N ASP E 286 4.34 51.05 -31.23
CA ASP E 286 5.04 52.00 -32.10
C ASP E 286 6.41 51.48 -32.54
N TYR E 287 6.59 50.17 -32.67
CA TYR E 287 7.89 49.58 -32.91
C TYR E 287 8.17 49.50 -34.40
N THR E 288 9.37 49.95 -34.81
CA THR E 288 9.74 49.98 -36.21
C THR E 288 11.16 49.49 -36.48
N TRP E 289 11.92 49.14 -35.45
CA TRP E 289 13.30 48.71 -35.62
C TRP E 289 13.35 47.24 -36.04
N SER E 290 14.54 46.64 -35.95
CA SER E 290 14.73 45.25 -36.34
C SER E 290 14.13 44.36 -35.26
N PHE E 291 14.43 43.06 -35.30
CA PHE E 291 13.75 42.11 -34.45
C PHE E 291 14.71 41.36 -33.54
N ASP E 292 15.63 42.09 -32.90
CA ASP E 292 16.53 41.45 -31.94
C ASP E 292 15.87 41.39 -30.56
N ASP E 293 16.40 40.49 -29.73
CA ASP E 293 15.79 40.21 -28.42
C ASP E 293 16.24 41.15 -27.33
N ILE E 294 17.08 42.14 -27.63
CA ILE E 294 17.49 43.09 -26.61
C ILE E 294 17.08 44.48 -27.03
N ILE E 295 16.94 44.71 -28.35
CA ILE E 295 16.44 46.00 -28.80
C ILE E 295 14.97 46.16 -28.44
N VAL E 296 14.20 45.07 -28.42
CA VAL E 296 12.81 45.15 -28.01
C VAL E 296 12.71 45.66 -26.57
N PHE E 297 13.54 45.13 -25.68
CA PHE E 297 13.55 45.62 -24.31
C PHE E 297 14.09 47.05 -24.23
N ALA E 298 15.10 47.37 -25.04
CA ALA E 298 15.61 48.74 -25.04
C ALA E 298 14.54 49.74 -25.47
N PHE E 299 13.58 49.29 -26.26
CA PHE E 299 12.48 50.16 -26.65
C PHE E 299 11.39 50.20 -25.59
N SER E 300 10.95 49.03 -25.11
CA SER E 300 9.88 48.98 -24.12
C SER E 300 10.20 49.77 -22.87
N CYS E 301 11.48 49.94 -22.57
CA CYS E 301 11.89 50.68 -21.38
C CYS E 301 12.17 52.14 -21.68
N LYS E 302 11.84 52.62 -22.87
CA LYS E 302 11.89 54.06 -23.13
C LYS E 302 10.50 54.67 -23.26
N GLN E 303 9.49 53.85 -23.56
CA GLN E 303 8.11 54.30 -23.60
C GLN E 303 7.44 54.27 -22.23
N ALA E 304 8.23 54.15 -21.16
CA ALA E 304 7.68 54.21 -19.81
C ALA E 304 8.54 55.05 -18.88
N GLU E 305 9.58 55.70 -19.40
CA GLU E 305 10.42 56.63 -18.64
C GLU E 305 11.18 55.93 -17.52
N VAL E 306 11.91 54.88 -17.88
CA VAL E 306 12.89 54.26 -16.98
C VAL E 306 14.22 54.25 -17.69
N GLN E 307 15.27 54.72 -17.01
CA GLN E 307 16.60 54.82 -17.60
C GLN E 307 17.51 53.77 -16.99
N MET E 308 18.09 52.94 -17.83
CA MET E 308 18.87 51.80 -17.39
C MET E 308 20.25 52.23 -16.91
N TYR E 309 20.70 51.64 -15.82
CA TYR E 309 21.96 51.98 -15.19
C TYR E 309 22.93 50.81 -15.21
N VAL E 310 24.18 51.08 -15.57
CA VAL E 310 25.27 50.14 -15.45
C VAL E 310 26.36 50.81 -14.63
N CYS E 311 26.82 50.15 -13.57
CA CYS E 311 27.90 50.75 -12.80
C CYS E 311 28.82 49.72 -12.18
N ASN E 312 30.08 50.13 -12.04
CA ASN E 312 31.25 49.29 -11.96
C ASN E 312 32.15 49.70 -10.80
N LYS E 313 31.57 49.84 -9.61
CA LYS E 313 32.37 50.32 -8.49
C LYS E 313 33.40 49.31 -8.01
N GLU E 314 33.34 48.06 -8.45
CA GLU E 314 34.37 47.08 -8.14
C GLU E 314 34.25 45.92 -9.13
N GLU E 315 34.98 44.83 -8.86
CA GLU E 315 34.96 43.64 -9.71
C GLU E 315 33.76 42.79 -9.37
N TYR E 316 32.99 42.42 -10.40
CA TYR E 316 31.76 41.66 -10.20
C TYR E 316 31.81 40.27 -10.81
N GLY E 317 32.12 40.16 -12.09
CA GLY E 317 32.12 38.85 -12.72
C GLY E 317 32.75 38.90 -14.08
N PHE E 318 32.73 37.75 -14.75
CA PHE E 318 33.35 37.62 -16.06
C PHE E 318 32.43 36.83 -16.97
N LEU E 319 32.41 37.21 -18.25
CA LEU E 319 31.55 36.57 -19.23
C LEU E 319 32.33 36.29 -20.51
N PRO E 320 31.99 35.20 -21.21
CA PRO E 320 32.70 34.86 -22.44
C PRO E 320 32.14 35.60 -23.65
N VAL E 321 33.06 36.06 -24.49
CA VAL E 321 32.67 36.82 -25.69
C VAL E 321 31.82 35.95 -26.59
N PRO E 322 30.76 36.47 -27.20
CA PRO E 322 29.95 35.65 -28.10
C PRO E 322 30.72 35.21 -29.33
N LEU E 323 30.42 34.02 -29.81
CA LEU E 323 31.12 33.41 -30.92
C LEU E 323 30.59 33.94 -32.24
N ARG E 324 31.10 33.39 -33.34
CA ARG E 324 30.53 33.65 -34.65
C ARG E 324 29.24 32.83 -34.81
N ALA E 325 28.65 32.88 -35.99
CA ALA E 325 27.36 32.24 -36.23
C ALA E 325 27.47 30.80 -36.72
N HIS E 326 28.68 30.28 -36.92
CA HIS E 326 28.85 28.98 -37.56
C HIS E 326 29.60 27.96 -36.73
N SER E 327 30.20 28.34 -35.60
CA SER E 327 31.04 27.42 -34.86
C SER E 327 30.20 26.37 -34.13
N THR E 328 30.88 25.38 -33.58
CA THR E 328 30.25 24.24 -32.92
C THR E 328 30.37 24.35 -31.41
N LEU E 329 29.82 23.36 -30.72
CA LEU E 329 29.73 23.39 -29.26
C LEU E 329 31.12 23.38 -28.62
N GLN E 330 32.04 22.59 -29.17
CA GLN E 330 33.37 22.51 -28.59
C GLN E 330 34.06 23.87 -28.59
N ASP E 331 33.73 24.75 -29.53
CA ASP E 331 34.29 26.09 -29.52
C ASP E 331 33.80 26.88 -28.31
N GLU E 332 32.51 26.77 -27.99
CA GLU E 332 32.01 27.43 -26.78
C GLU E 332 32.66 26.85 -25.55
N ALA E 333 32.83 25.53 -25.50
CA ALA E 333 33.49 24.91 -24.36
C ALA E 333 34.90 25.45 -24.19
N GLU E 334 35.64 25.57 -25.30
CA GLU E 334 37.01 26.09 -25.23
C GLU E 334 37.02 27.55 -24.77
N SER E 335 36.08 28.35 -25.28
CA SER E 335 36.05 29.75 -24.88
C SER E 335 35.75 29.90 -23.38
N PHE E 336 34.78 29.13 -22.88
CA PHE E 336 34.50 29.21 -21.45
C PHE E 336 35.67 28.68 -20.62
N MET E 337 36.38 27.68 -21.12
CA MET E 337 37.59 27.23 -20.44
C MET E 337 38.63 28.34 -20.40
N HIS E 338 38.74 29.13 -21.48
CA HIS E 338 39.66 30.26 -21.46
C HIS E 338 39.24 31.29 -20.42
N VAL E 339 37.94 31.52 -20.28
CA VAL E 339 37.49 32.47 -19.26
C VAL E 339 37.81 31.96 -17.86
N GLN E 340 37.55 30.67 -17.62
CA GLN E 340 37.89 30.08 -16.33
C GLN E 340 39.39 30.19 -16.05
N LEU E 341 40.20 30.07 -17.09
CA LEU E 341 41.64 30.27 -16.93
C LEU E 341 41.94 31.73 -16.63
N GLU E 342 41.21 32.64 -17.27
CA GLU E 342 41.47 34.07 -17.09
C GLU E 342 41.20 34.51 -15.66
N VAL E 343 40.18 33.93 -15.02
CA VAL E 343 39.88 34.33 -13.64
C VAL E 343 41.00 33.89 -12.71
N MET E 344 41.86 32.99 -13.18
CA MET E 344 42.91 32.44 -12.32
C MET E 344 44.08 33.40 -12.14
N VAL E 345 44.34 34.28 -13.12
CA VAL E 345 45.60 35.00 -13.15
C VAL E 345 45.74 36.00 -12.01
N LYS E 346 44.66 36.63 -11.56
CA LYS E 346 44.75 37.64 -10.52
C LYS E 346 43.95 37.29 -9.28
N HIS E 347 43.39 36.10 -9.18
CA HIS E 347 42.49 35.76 -8.10
C HIS E 347 42.71 34.31 -7.69
N PRO E 348 42.31 33.94 -6.48
CA PRO E 348 42.24 32.53 -6.12
C PRO E 348 41.30 31.78 -7.04
N PRO E 349 41.44 30.46 -7.15
CA PRO E 349 40.75 29.73 -8.22
C PRO E 349 39.24 29.73 -8.03
N ALA E 350 38.53 29.45 -9.13
CA ALA E 350 37.08 29.42 -9.13
C ALA E 350 36.64 28.02 -8.74
N GLU E 351 36.35 27.83 -7.46
CA GLU E 351 35.91 26.53 -6.97
C GLU E 351 34.54 26.20 -7.55
N PRO E 352 34.27 24.93 -7.83
CA PRO E 352 32.96 24.53 -8.35
C PRO E 352 31.97 24.37 -7.21
N SER E 353 30.77 23.91 -7.56
CA SER E 353 29.75 23.65 -6.57
C SER E 353 30.10 22.41 -5.76
N ARG E 354 29.22 22.05 -4.83
CA ARG E 354 29.42 20.88 -4.01
C ARG E 354 28.44 19.76 -4.27
N PHE E 355 27.20 20.07 -4.68
CA PHE E 355 26.19 19.04 -4.81
C PHE E 355 26.38 18.23 -6.07
N ILE E 356 26.92 18.84 -7.13
CA ILE E 356 27.21 18.14 -8.35
C ILE E 356 28.73 18.01 -8.48
N SER E 357 29.16 17.21 -9.45
CA SER E 357 30.57 16.88 -9.63
C SER E 357 31.09 17.44 -10.95
N ALA E 358 32.33 17.92 -10.91
CA ALA E 358 32.97 18.45 -12.11
C ALA E 358 33.31 17.32 -13.06
N PRO E 359 33.13 17.52 -14.38
CA PRO E 359 33.46 16.45 -15.34
C PRO E 359 34.95 16.35 -15.62
N THR E 360 35.67 15.59 -14.79
CA THR E 360 37.11 15.43 -14.97
C THR E 360 37.42 14.86 -16.34
N LYS E 361 38.46 15.40 -16.96
CA LYS E 361 38.87 15.02 -18.31
C LYS E 361 40.29 14.49 -18.30
N THR E 362 40.56 13.53 -19.19
CA THR E 362 41.88 12.94 -19.30
C THR E 362 42.75 13.77 -20.25
N PRO E 363 43.90 14.27 -19.82
CA PRO E 363 44.73 15.08 -20.71
C PRO E 363 45.46 14.24 -21.74
N ASP E 364 46.25 14.88 -22.60
CA ASP E 364 47.03 14.18 -23.61
C ASP E 364 48.36 14.88 -23.78
N LYS E 365 49.31 14.17 -24.39
CA LYS E 365 50.64 14.70 -24.64
C LYS E 365 50.67 15.64 -25.84
N MET E 366 49.51 16.05 -26.32
CA MET E 366 49.33 17.02 -27.41
C MET E 366 49.76 16.43 -28.75
N GLY E 367 50.28 15.21 -28.77
CA GLY E 367 50.86 14.65 -29.97
C GLY E 367 52.31 15.02 -30.19
N PHE E 368 52.89 15.81 -29.29
CA PHE E 368 54.30 16.13 -29.36
C PHE E 368 55.12 14.97 -28.78
N ASP E 369 56.44 15.20 -28.64
CA ASP E 369 57.28 14.19 -28.01
C ASP E 369 57.50 14.47 -26.54
N GLU E 370 57.66 15.74 -26.16
CA GLU E 370 57.93 16.08 -24.77
C GLU E 370 57.35 17.45 -24.45
N VAL E 371 57.02 17.66 -23.18
CA VAL E 371 56.61 18.95 -22.65
C VAL E 371 57.58 19.31 -21.53
N PHE E 372 58.20 20.48 -21.62
CA PHE E 372 59.23 20.91 -20.69
C PHE E 372 58.86 22.26 -20.10
N MET E 373 58.78 22.34 -18.78
CA MET E 373 58.48 23.59 -18.10
C MET E 373 59.47 23.81 -16.98
N ILE E 374 59.93 25.05 -16.84
CA ILE E 374 60.97 25.43 -15.88
C ILE E 374 60.28 25.96 -14.63
N ASN E 375 60.64 25.38 -13.49
CA ASN E 375 60.06 25.80 -12.21
C ASN E 375 61.16 25.94 -11.18
N LEU E 376 60.98 26.91 -10.29
CA LEU E 376 61.90 27.17 -9.18
C LEU E 376 61.34 26.53 -7.93
N ARG E 377 62.18 25.77 -7.22
CA ARG E 377 61.71 25.01 -6.07
C ARG E 377 61.20 25.92 -4.95
N ARG E 378 61.95 26.99 -4.65
CA ARG E 378 61.49 27.91 -3.61
C ARG E 378 60.32 28.76 -4.06
N ARG E 379 60.01 28.79 -5.36
CA ARG E 379 58.83 29.46 -5.88
C ARG E 379 57.69 28.44 -5.94
N GLN E 380 56.91 28.36 -4.86
CA GLN E 380 55.83 27.39 -4.78
C GLN E 380 54.50 27.91 -5.26
N ASP E 381 54.20 29.19 -5.03
CA ASP E 381 52.91 29.75 -5.42
C ASP E 381 52.73 29.70 -6.94
N ARG E 382 53.77 30.09 -7.68
CA ARG E 382 53.66 30.27 -9.12
C ARG E 382 53.49 28.97 -9.89
N ARG E 383 53.74 27.81 -9.28
CA ARG E 383 53.61 26.55 -9.99
C ARG E 383 52.28 25.84 -9.73
N GLU E 384 51.61 26.13 -8.61
CA GLU E 384 50.32 25.51 -8.34
C GLU E 384 49.29 25.89 -9.40
N ARG E 385 49.14 27.19 -9.64
CA ARG E 385 48.17 27.66 -10.62
C ARG E 385 48.51 27.14 -12.01
N MET E 386 49.80 27.03 -12.33
CA MET E 386 50.18 26.52 -13.65
C MET E 386 49.84 25.04 -13.79
N LEU E 387 50.07 24.26 -12.73
CA LEU E 387 49.68 22.85 -12.78
C LEU E 387 48.17 22.75 -12.99
N ARG E 388 47.40 23.56 -12.27
CA ARG E 388 45.95 23.59 -12.50
C ARG E 388 45.63 23.96 -13.94
N ALA E 389 46.33 24.94 -14.49
CA ALA E 389 46.03 25.41 -15.85
C ALA E 389 46.29 24.32 -16.88
N LEU E 390 47.48 23.72 -16.88
CA LEU E 390 47.75 22.64 -17.80
C LEU E 390 46.87 21.42 -17.52
N GLN E 391 46.34 21.29 -16.31
CA GLN E 391 45.38 20.22 -16.06
C GLN E 391 44.05 20.50 -16.74
N ALA E 392 43.58 21.75 -16.68
CA ALA E 392 42.29 22.09 -17.27
C ALA E 392 42.38 22.18 -18.79
N GLN E 393 43.55 22.50 -19.33
CA GLN E 393 43.73 22.65 -20.77
C GLN E 393 44.02 21.35 -21.47
N GLU E 394 44.08 20.23 -20.74
CA GLU E 394 44.40 18.92 -21.30
C GLU E 394 45.77 18.93 -21.97
N ILE E 395 46.79 19.22 -21.16
CA ILE E 395 48.19 19.19 -21.58
C ILE E 395 48.98 18.46 -20.50
N GLU E 396 49.80 17.50 -20.91
CA GLU E 396 50.58 16.75 -19.95
C GLU E 396 51.66 17.63 -19.31
N CYS E 397 52.24 17.11 -18.23
CA CYS E 397 53.07 17.90 -17.33
C CYS E 397 54.30 17.08 -16.96
N ARG E 398 55.48 17.50 -17.43
CA ARG E 398 56.74 16.89 -17.05
C ARG E 398 57.55 17.91 -16.27
N LEU E 399 57.54 17.80 -14.94
CA LEU E 399 58.21 18.75 -14.09
C LEU E 399 59.72 18.54 -14.14
N VAL E 400 60.46 19.63 -14.35
CA VAL E 400 61.91 19.62 -14.23
C VAL E 400 62.33 20.85 -13.43
N GLU E 401 63.18 20.62 -12.43
CA GLU E 401 63.63 21.68 -11.55
C GLU E 401 64.58 22.62 -12.27
N ALA E 402 64.77 23.79 -11.69
CA ALA E 402 65.69 24.80 -12.22
C ALA E 402 66.80 25.05 -11.20
N VAL E 403 68.04 25.08 -11.68
CA VAL E 403 69.16 25.32 -10.79
C VAL E 403 69.10 26.72 -10.21
N ASP E 404 69.29 26.82 -8.90
CA ASP E 404 69.19 28.09 -8.19
C ASP E 404 70.52 28.83 -8.34
N GLY E 405 70.56 29.78 -9.28
CA GLY E 405 71.77 30.56 -9.49
C GLY E 405 72.17 31.36 -8.27
N LYS E 406 71.19 31.76 -7.45
CA LYS E 406 71.50 32.43 -6.19
C LYS E 406 72.29 31.54 -5.26
N ALA E 407 71.92 30.25 -5.17
CA ALA E 407 72.59 29.35 -4.24
C ALA E 407 73.94 28.90 -4.76
N MET E 408 74.20 29.05 -6.06
CA MET E 408 75.46 28.59 -6.63
C MET E 408 76.56 29.60 -6.33
N ASN E 409 77.63 29.13 -5.69
CA ASN E 409 78.79 29.96 -5.37
C ASN E 409 79.91 29.68 -6.37
N THR E 410 81.02 30.41 -6.20
CA THR E 410 82.11 30.36 -7.17
C THR E 410 82.76 28.98 -7.26
N SER E 411 82.72 28.19 -6.18
CA SER E 411 83.38 26.89 -6.21
C SER E 411 82.82 26.00 -7.32
N GLN E 412 81.51 25.79 -7.32
CA GLN E 412 80.90 24.99 -8.37
C GLN E 412 80.82 25.73 -9.70
N VAL E 413 80.81 27.07 -9.67
CA VAL E 413 80.84 27.84 -10.91
C VAL E 413 82.12 27.53 -11.69
N GLU E 414 83.26 27.55 -11.00
CA GLU E 414 84.52 27.18 -11.64
C GLU E 414 84.67 25.68 -11.81
N ALA E 415 84.03 24.87 -10.96
CA ALA E 415 84.04 23.43 -11.17
C ALA E 415 83.34 23.04 -12.48
N LEU E 416 82.32 23.81 -12.87
CA LEU E 416 81.64 23.60 -14.14
C LEU E 416 82.33 24.32 -15.29
N GLY E 417 83.37 25.10 -15.01
CA GLY E 417 84.09 25.80 -16.07
C GLY E 417 83.26 26.86 -16.79
N ILE E 418 82.44 27.60 -16.07
CA ILE E 418 81.62 28.65 -16.67
C ILE E 418 82.41 29.94 -16.70
N GLN E 419 82.55 30.53 -17.89
CA GLN E 419 83.32 31.75 -18.06
C GLN E 419 82.50 32.78 -18.82
N MET E 420 82.69 34.05 -18.46
CA MET E 420 81.84 35.13 -18.94
C MET E 420 82.32 35.60 -20.31
N LEU E 421 81.37 35.79 -21.23
CA LEU E 421 81.69 36.11 -22.63
C LEU E 421 82.42 37.43 -22.72
N PRO E 422 83.68 37.45 -23.15
CA PRO E 422 84.52 38.65 -22.98
C PRO E 422 83.89 39.89 -23.59
N GLY E 423 83.94 40.99 -22.84
CA GLY E 423 83.36 42.25 -23.26
C GLY E 423 81.84 42.25 -23.23
N TYR E 424 81.25 42.08 -22.07
CA TYR E 424 79.79 42.03 -21.92
C TYR E 424 79.35 42.90 -20.76
N ARG E 425 78.11 43.38 -20.86
CA ARG E 425 77.49 44.19 -19.82
C ARG E 425 75.98 44.17 -20.02
N ASP E 426 75.27 44.84 -19.12
CA ASP E 426 73.82 44.92 -19.23
C ASP E 426 73.44 45.74 -20.47
N PRO E 427 72.46 45.28 -21.25
CA PRO E 427 72.07 46.01 -22.47
C PRO E 427 71.55 47.41 -22.20
N TYR E 428 71.02 47.68 -21.02
CA TYR E 428 70.44 48.98 -20.71
C TYR E 428 71.17 49.73 -19.61
N HIS E 429 71.86 49.05 -18.70
CA HIS E 429 72.47 49.67 -17.54
C HIS E 429 73.99 49.65 -17.57
N GLY E 430 74.59 48.53 -17.99
CA GLY E 430 76.03 48.36 -17.95
C GLY E 430 76.51 47.35 -16.93
N ARG E 431 75.63 46.79 -16.11
CA ARG E 431 76.02 45.75 -15.17
C ARG E 431 76.52 44.53 -15.95
N PRO E 432 77.62 43.90 -15.52
CA PRO E 432 78.20 42.81 -16.31
C PRO E 432 77.25 41.65 -16.57
N LEU E 433 76.73 41.03 -15.52
CA LEU E 433 75.91 39.83 -15.68
C LEU E 433 75.29 39.51 -14.32
N THR E 434 74.21 38.74 -14.35
CA THR E 434 73.43 38.43 -13.15
C THR E 434 73.62 36.95 -12.79
N LYS E 435 73.07 36.57 -11.63
CA LYS E 435 73.05 35.17 -11.21
C LYS E 435 71.81 34.43 -11.68
N GLY E 436 70.66 35.11 -11.72
CA GLY E 436 69.47 34.49 -12.27
C GLY E 436 69.65 34.09 -13.72
N GLU E 437 70.39 34.90 -14.48
CA GLU E 437 70.66 34.53 -15.87
C GLU E 437 71.54 33.28 -15.95
N LEU E 438 72.52 33.15 -15.05
CA LEU E 438 73.30 31.92 -15.02
C LEU E 438 72.40 30.73 -14.72
N GLY E 439 71.53 30.88 -13.72
CA GLY E 439 70.63 29.78 -13.40
C GLY E 439 69.75 29.38 -14.57
N CYS E 440 69.16 30.36 -15.25
CA CYS E 440 68.26 30.02 -16.36
C CYS E 440 69.03 29.45 -17.54
N PHE E 441 70.26 29.90 -17.76
CA PHE E 441 70.99 29.41 -18.94
C PHE E 441 71.47 27.98 -18.68
N LEU E 442 71.96 27.68 -17.48
CA LEU E 442 72.30 26.29 -17.18
C LEU E 442 71.05 25.41 -17.20
N SER E 443 69.91 25.95 -16.77
CA SER E 443 68.66 25.20 -16.88
C SER E 443 68.37 24.85 -18.34
N HIS E 444 68.46 25.85 -19.22
CA HIS E 444 68.27 25.61 -20.65
C HIS E 444 69.30 24.62 -21.17
N TYR E 445 70.49 24.62 -20.60
CA TYR E 445 71.55 23.74 -21.08
C TYR E 445 71.25 22.29 -20.73
N ASN E 446 70.79 22.04 -19.50
CA ASN E 446 70.35 20.69 -19.16
C ASN E 446 69.15 20.27 -19.99
N ILE E 447 68.24 21.20 -20.28
CA ILE E 447 67.13 20.89 -21.17
C ILE E 447 67.64 20.45 -22.53
N TRP E 448 68.56 21.23 -23.11
CA TRP E 448 69.14 20.90 -24.40
C TRP E 448 69.84 19.56 -24.36
N LYS E 449 70.65 19.32 -23.32
CA LYS E 449 71.41 18.09 -23.22
C LYS E 449 70.50 16.89 -23.12
N GLU E 450 69.43 16.99 -22.32
CA GLU E 450 68.47 15.90 -22.18
C GLU E 450 67.78 15.60 -23.50
N VAL E 451 67.34 16.65 -24.21
CA VAL E 451 66.63 16.38 -25.45
C VAL E 451 67.58 15.80 -26.50
N VAL E 452 68.86 16.17 -26.45
CA VAL E 452 69.77 15.67 -27.48
C VAL E 452 70.18 14.22 -27.20
N ASP E 453 70.47 13.85 -25.94
CA ASP E 453 70.91 12.47 -25.77
C ASP E 453 69.72 11.53 -25.87
N ARG E 454 68.53 11.98 -25.45
CA ARG E 454 67.36 11.17 -25.73
C ARG E 454 66.89 11.28 -27.17
N GLY E 455 67.31 12.32 -27.88
CA GLY E 455 67.03 12.44 -29.31
C GLY E 455 65.58 12.65 -29.67
N LEU E 456 64.87 13.52 -28.95
CA LEU E 456 63.49 13.82 -29.31
C LEU E 456 63.44 14.71 -30.54
N GLN E 457 62.31 14.65 -31.25
CA GLN E 457 62.17 15.43 -32.48
C GLN E 457 61.80 16.88 -32.20
N LYS E 458 60.65 17.11 -31.58
CA LYS E 458 60.16 18.45 -31.30
C LYS E 458 59.74 18.55 -29.84
N SER E 459 60.11 19.64 -29.20
CA SER E 459 59.90 19.81 -27.77
C SER E 459 59.17 21.11 -27.49
N LEU E 460 58.43 21.13 -26.39
CA LEU E 460 57.73 22.31 -25.92
C LEU E 460 58.36 22.79 -24.63
N VAL E 461 58.81 24.05 -24.63
CA VAL E 461 59.48 24.65 -23.49
C VAL E 461 58.59 25.76 -22.95
N PHE E 462 58.35 25.75 -21.65
CA PHE E 462 57.52 26.73 -20.98
C PHE E 462 58.38 27.52 -20.00
N GLU E 463 57.71 28.31 -19.18
CA GLU E 463 58.35 29.00 -18.05
C GLU E 463 57.32 29.07 -16.93
N ASP E 464 57.57 29.94 -15.97
CA ASP E 464 56.76 30.02 -14.76
C ASP E 464 55.93 31.31 -14.76
N ASP E 465 55.69 31.88 -15.94
CA ASP E 465 55.00 33.16 -16.07
C ASP E 465 54.41 33.23 -17.48
N LEU E 466 53.09 33.16 -17.58
CA LEU E 466 52.42 33.41 -18.86
C LEU E 466 50.92 33.57 -18.67
N ARG E 467 50.28 34.14 -19.69
CA ARG E 467 48.82 34.06 -19.88
C ARG E 467 48.58 33.48 -21.27
N PHE E 468 47.73 32.47 -21.35
CA PHE E 468 47.46 31.82 -22.63
C PHE E 468 46.64 32.74 -23.52
N GLU E 469 46.34 32.25 -24.73
CA GLU E 469 45.46 32.95 -25.65
C GLU E 469 44.40 31.98 -26.14
N ILE E 470 43.28 32.55 -26.58
CA ILE E 470 42.11 31.75 -26.91
C ILE E 470 42.44 30.77 -28.03
N PHE E 471 41.89 29.56 -27.92
CA PHE E 471 42.06 28.50 -28.92
C PHE E 471 43.52 28.07 -29.04
N PHE E 472 44.24 28.04 -27.92
CA PHE E 472 45.68 27.77 -27.98
C PHE E 472 45.98 26.37 -28.50
N LYS E 473 45.36 25.36 -27.89
CA LYS E 473 45.72 23.98 -28.19
C LYS E 473 45.47 23.66 -29.66
N ARG E 474 44.27 23.94 -30.15
CA ARG E 474 43.96 23.63 -31.54
C ARG E 474 44.81 24.45 -32.50
N ARG E 475 45.05 25.72 -32.17
CA ARG E 475 45.84 26.56 -33.06
C ARG E 475 47.26 26.03 -33.21
N LEU E 476 47.91 25.71 -32.09
CA LEU E 476 49.26 25.18 -32.17
C LEU E 476 49.28 23.81 -32.84
N MET E 477 48.25 22.99 -32.59
CA MET E 477 48.14 21.70 -33.26
C MET E 477 48.14 21.88 -34.77
N ASN E 478 47.27 22.76 -35.27
CA ASN E 478 47.17 22.96 -36.71
C ASN E 478 48.44 23.58 -37.26
N LEU E 479 49.04 24.52 -36.55
CA LEU E 479 50.27 25.16 -37.03
C LEU E 479 51.39 24.14 -37.17
N MET E 480 51.57 23.28 -36.17
CA MET E 480 52.64 22.29 -36.24
C MET E 480 52.35 21.24 -37.30
N ARG E 481 51.11 20.75 -37.37
CA ARG E 481 50.78 19.74 -38.37
C ARG E 481 50.88 20.32 -39.78
N ASP E 482 50.78 21.64 -39.91
CA ASP E 482 50.97 22.27 -41.21
C ASP E 482 52.45 22.36 -41.53
N VAL E 483 53.25 22.93 -40.62
CA VAL E 483 54.66 23.13 -40.89
C VAL E 483 55.37 21.79 -41.08
N GLU E 484 54.83 20.72 -40.49
CA GLU E 484 55.43 19.40 -40.69
C GLU E 484 55.02 18.81 -42.04
N ARG E 485 53.74 18.95 -42.42
CA ARG E 485 53.28 18.37 -43.67
C ARG E 485 54.01 18.97 -44.87
N GLU E 486 54.16 20.30 -44.88
CA GLU E 486 54.92 20.94 -45.94
C GLU E 486 56.39 20.53 -45.87
N GLY E 487 57.00 20.66 -44.71
CA GLY E 487 58.37 20.23 -44.49
C GLY E 487 59.36 21.35 -44.73
N LEU E 488 59.94 21.87 -43.65
CA LEU E 488 60.92 22.94 -43.72
C LEU E 488 61.99 22.70 -42.68
N ASP E 489 63.08 23.44 -42.78
CA ASP E 489 64.16 23.38 -41.80
C ASP E 489 63.85 24.28 -40.61
N TRP E 490 62.84 23.90 -39.84
CA TRP E 490 62.43 24.66 -38.67
C TRP E 490 63.27 24.29 -37.46
N ASP E 491 63.75 25.30 -36.74
CA ASP E 491 64.56 25.05 -35.56
C ASP E 491 64.06 25.76 -34.31
N LEU E 492 63.60 27.01 -34.43
CA LEU E 492 63.34 27.86 -33.29
C LEU E 492 61.99 28.57 -33.43
N ILE E 493 60.94 27.79 -33.70
CA ILE E 493 59.60 28.37 -33.83
C ILE E 493 59.26 29.11 -32.54
N TYR E 494 58.97 30.39 -32.66
CA TYR E 494 58.55 31.21 -31.53
C TYR E 494 57.05 31.13 -31.34
N VAL E 495 56.61 31.17 -30.09
CA VAL E 495 55.19 31.27 -29.79
C VAL E 495 55.00 32.40 -28.78
N GLY E 496 56.10 33.01 -28.34
CA GLY E 496 56.04 34.14 -27.45
C GLY E 496 57.32 34.96 -27.50
N ARG E 497 57.19 36.27 -27.65
CA ARG E 497 58.35 37.13 -27.84
C ARG E 497 57.91 38.58 -27.72
N LYS E 498 58.89 39.47 -27.89
CA LYS E 498 58.65 40.91 -28.05
C LYS E 498 59.35 41.35 -29.32
N ARG E 499 58.74 42.28 -30.05
CA ARG E 499 59.29 42.74 -31.33
C ARG E 499 60.06 44.03 -31.05
N MET E 500 61.39 43.93 -31.14
CA MET E 500 62.24 45.10 -30.93
C MET E 500 62.39 45.93 -32.19
N GLN E 501 62.45 45.28 -33.36
CA GLN E 501 62.74 45.97 -34.59
C GLN E 501 61.54 46.81 -35.04
N VAL E 502 61.32 47.95 -34.39
CA VAL E 502 60.17 48.78 -34.68
C VAL E 502 60.39 49.47 -36.02
N GLU E 503 59.83 48.87 -37.07
CA GLU E 503 60.05 49.33 -38.44
C GLU E 503 59.00 48.65 -39.32
N HIS E 504 59.21 48.69 -40.63
CA HIS E 504 58.33 48.00 -41.56
C HIS E 504 58.25 46.51 -41.21
N PRO E 505 57.16 45.83 -41.58
CA PRO E 505 56.97 44.44 -41.16
C PRO E 505 58.05 43.51 -41.70
N GLU E 506 58.08 42.31 -41.13
CA GLU E 506 59.04 41.29 -41.52
C GLU E 506 58.55 40.48 -42.71
N LYS E 507 59.48 39.79 -43.36
CA LYS E 507 59.14 38.91 -44.45
C LYS E 507 58.53 37.62 -43.92
N ALA E 508 57.65 37.03 -44.74
CA ALA E 508 56.85 35.88 -44.35
C ALA E 508 57.22 34.67 -45.21
N VAL E 509 57.26 33.50 -44.58
CA VAL E 509 57.58 32.27 -45.31
C VAL E 509 56.43 31.95 -46.26
N PRO E 510 56.69 31.74 -47.55
CA PRO E 510 55.62 31.36 -48.48
C PRO E 510 55.06 29.99 -48.15
N ARG E 511 53.79 29.79 -48.47
CA ARG E 511 53.13 28.48 -48.42
C ARG E 511 52.98 27.98 -46.98
N VAL E 512 53.08 28.85 -45.98
CA VAL E 512 52.70 28.51 -44.62
C VAL E 512 51.98 29.72 -44.01
N ARG E 513 51.10 29.46 -43.06
CA ARG E 513 50.15 30.44 -42.56
C ARG E 513 50.37 30.70 -41.07
N ASN E 514 50.30 31.99 -40.70
CA ASN E 514 50.48 32.44 -39.33
C ASN E 514 51.91 32.22 -38.84
N LEU E 515 52.89 32.29 -39.74
CA LEU E 515 54.29 32.31 -39.34
C LEU E 515 55.03 33.38 -40.12
N VAL E 516 55.98 34.02 -39.44
CA VAL E 516 56.93 34.94 -40.07
C VAL E 516 58.33 34.57 -39.60
N GLU E 517 59.32 34.89 -40.42
CA GLU E 517 60.71 34.64 -40.08
C GLU E 517 61.12 35.45 -38.87
N ALA E 518 62.03 34.91 -38.07
CA ALA E 518 62.40 35.56 -36.82
C ALA E 518 63.16 36.86 -37.09
N ASP E 519 63.19 37.70 -36.06
CA ASP E 519 63.93 38.95 -36.08
C ASP E 519 64.45 39.18 -34.66
N TYR E 520 64.85 40.41 -34.35
CA TYR E 520 65.34 40.70 -33.01
C TYR E 520 64.21 40.61 -31.99
N SER E 521 64.48 39.92 -30.88
CA SER E 521 63.52 39.71 -29.81
C SER E 521 64.28 39.50 -28.52
N TYR E 522 63.84 40.13 -27.43
CA TYR E 522 64.54 39.97 -26.15
C TYR E 522 64.16 38.68 -25.44
N TRP E 523 62.91 38.56 -24.99
CA TRP E 523 62.61 37.48 -24.07
C TRP E 523 62.14 36.24 -24.82
N THR E 524 62.42 35.08 -24.23
CA THR E 524 61.94 33.80 -24.73
C THR E 524 61.14 33.14 -23.62
N LEU E 525 59.82 33.11 -23.78
CA LEU E 525 58.95 32.46 -22.80
C LEU E 525 58.53 31.06 -23.22
N ALA E 526 58.46 30.80 -24.52
CA ALA E 526 58.16 29.47 -25.02
C ALA E 526 58.64 29.35 -26.46
N TYR E 527 59.10 28.16 -26.81
CA TYR E 527 59.60 27.91 -28.17
C TYR E 527 59.54 26.41 -28.44
N VAL E 528 59.74 26.06 -29.70
CA VAL E 528 59.73 24.68 -30.16
C VAL E 528 61.08 24.37 -30.78
N ILE E 529 61.71 23.28 -30.35
CA ILE E 529 63.09 22.94 -30.69
C ILE E 529 63.11 21.66 -31.51
N SER E 530 63.79 21.70 -32.64
CA SER E 530 63.99 20.52 -33.47
C SER E 530 65.24 19.77 -33.04
N LEU E 531 65.28 18.49 -33.39
CA LEU E 531 66.45 17.68 -33.11
C LEU E 531 67.67 18.20 -33.86
N GLN E 532 67.51 18.49 -35.15
CA GLN E 532 68.62 19.02 -35.94
C GLN E 532 69.05 20.40 -35.44
N GLY E 533 68.08 21.25 -35.11
CA GLY E 533 68.42 22.53 -34.53
C GLY E 533 69.13 22.38 -33.20
N ALA E 534 68.73 21.38 -32.41
CA ALA E 534 69.42 21.09 -31.15
C ALA E 534 70.87 20.70 -31.39
N ARG E 535 71.11 19.84 -32.38
CA ARG E 535 72.48 19.49 -32.72
C ARG E 535 73.27 20.73 -33.14
N LYS E 536 72.65 21.59 -33.95
CA LYS E 536 73.32 22.81 -34.39
C LYS E 536 73.67 23.71 -33.21
N LEU E 537 72.75 23.85 -32.25
CA LEU E 537 73.00 24.82 -31.18
C LEU E 537 73.96 24.29 -30.11
N LEU E 538 73.92 22.99 -29.79
CA LEU E 538 75.00 22.46 -28.97
C LEU E 538 76.32 22.43 -29.73
N ALA E 539 76.28 22.45 -31.07
CA ALA E 539 77.53 22.56 -31.81
C ALA E 539 78.27 23.84 -31.46
N ALA E 540 77.55 24.86 -31.00
CA ALA E 540 78.21 26.10 -30.58
C ALA E 540 79.08 25.89 -29.35
N GLU E 541 78.62 25.07 -28.39
CA GLU E 541 79.38 24.70 -27.20
C GLU E 541 79.76 25.93 -26.37
N PRO E 542 78.78 26.62 -25.75
CA PRO E 542 79.04 27.89 -25.05
C PRO E 542 79.39 27.76 -23.56
N LEU E 543 80.55 27.14 -23.27
CA LEU E 543 81.00 27.08 -21.89
C LEU E 543 81.75 28.34 -21.50
N SER E 544 82.86 28.63 -22.19
CA SER E 544 83.71 29.76 -21.85
C SER E 544 83.08 31.11 -22.17
N LYS E 545 81.97 31.13 -22.89
CA LYS E 545 81.25 32.35 -23.18
C LYS E 545 79.92 32.32 -22.44
N MET E 546 79.62 33.39 -21.69
CA MET E 546 78.43 33.46 -20.87
C MET E 546 77.66 34.73 -21.20
N LEU E 547 76.38 34.57 -21.54
CA LEU E 547 75.48 35.69 -21.77
C LEU E 547 74.07 35.16 -21.73
N PRO E 548 73.10 35.96 -21.29
CA PRO E 548 71.73 35.44 -21.15
C PRO E 548 71.17 34.99 -22.49
N VAL E 549 70.34 33.94 -22.43
CA VAL E 549 69.77 33.37 -23.64
C VAL E 549 68.94 34.40 -24.38
N ASP E 550 68.41 35.40 -23.66
CA ASP E 550 67.60 36.42 -24.29
C ASP E 550 68.39 37.19 -25.35
N GLU E 551 69.66 37.50 -25.06
CA GLU E 551 70.54 38.11 -26.04
C GLU E 551 71.33 37.09 -26.84
N PHE E 552 71.50 35.87 -26.30
CA PHE E 552 72.29 34.87 -27.01
C PHE E 552 71.55 34.37 -28.25
N LEU E 553 70.24 34.16 -28.14
CA LEU E 553 69.48 33.61 -29.26
C LEU E 553 69.56 34.48 -30.52
N PRO E 554 69.27 35.79 -30.48
CA PRO E 554 69.26 36.56 -31.74
C PRO E 554 70.61 36.58 -32.46
N VAL E 555 71.72 36.52 -31.71
CA VAL E 555 73.02 36.47 -32.35
C VAL E 555 73.18 35.18 -33.14
N MET E 556 72.56 34.10 -32.67
CA MET E 556 72.82 32.79 -33.23
C MET E 556 72.26 32.66 -34.64
N PHE E 557 71.14 33.35 -34.95
CA PHE E 557 70.63 33.37 -36.32
C PHE E 557 70.87 34.72 -37.00
N ASP E 558 71.96 35.39 -36.63
CA ASP E 558 72.50 36.55 -37.38
C ASP E 558 71.45 37.64 -37.57
N LYS E 559 70.98 38.19 -36.46
CA LYS E 559 70.11 39.37 -36.49
C LYS E 559 70.52 40.42 -35.47
N HIS E 560 71.54 40.17 -34.68
CA HIS E 560 71.97 41.14 -33.68
C HIS E 560 72.58 42.36 -34.37
N PRO E 561 72.43 43.56 -33.80
CA PRO E 561 73.02 44.75 -34.42
C PRO E 561 74.47 44.96 -34.00
N VAL E 562 74.88 44.39 -32.88
CA VAL E 562 76.25 44.56 -32.39
C VAL E 562 77.16 43.61 -33.16
N SER E 563 78.03 44.18 -33.99
CA SER E 563 78.89 43.37 -34.86
C SER E 563 80.03 42.69 -34.11
N GLU E 564 80.40 43.18 -32.93
CA GLU E 564 81.48 42.55 -32.18
C GLU E 564 81.06 41.17 -31.66
N TYR E 565 79.83 41.06 -31.17
CA TYR E 565 79.39 39.79 -30.57
C TYR E 565 79.25 38.70 -31.62
N LYS E 566 78.71 39.03 -32.79
CA LYS E 566 78.64 38.05 -33.87
C LYS E 566 80.03 37.68 -34.38
N ALA E 567 80.96 38.63 -34.35
CA ALA E 567 82.35 38.30 -34.69
C ALA E 567 82.93 37.32 -33.69
N HIS E 568 82.60 37.48 -32.41
CA HIS E 568 83.07 36.55 -31.39
C HIS E 568 82.54 35.13 -31.65
N PHE E 569 81.28 35.02 -32.05
CA PHE E 569 80.72 33.72 -32.40
C PHE E 569 81.30 33.22 -33.71
N SER E 570 80.90 32.00 -34.09
CA SER E 570 81.47 31.32 -35.25
C SER E 570 80.46 31.09 -36.36
N LEU E 571 79.32 30.48 -36.07
CA LEU E 571 78.37 30.08 -37.09
C LEU E 571 76.99 30.68 -36.82
N ARG E 572 76.26 30.97 -37.89
CA ARG E 572 74.90 31.49 -37.80
C ARG E 572 73.98 30.74 -38.76
N ASN E 573 74.08 29.41 -38.74
CA ASN E 573 73.26 28.56 -39.60
C ASN E 573 71.87 28.29 -39.03
N LEU E 574 71.36 29.17 -38.17
CA LEU E 574 70.07 28.95 -37.54
C LEU E 574 68.94 29.52 -38.40
N HIS E 575 67.89 28.70 -38.56
CA HIS E 575 66.65 29.12 -39.21
C HIS E 575 65.58 29.19 -38.13
N ALA E 576 65.14 30.41 -37.82
CA ALA E 576 64.13 30.64 -36.80
C ALA E 576 62.96 31.42 -37.39
N PHE E 577 61.75 31.05 -36.98
CA PHE E 577 60.53 31.72 -37.40
C PHE E 577 59.68 32.03 -36.18
N SER E 578 58.69 32.90 -36.37
CA SER E 578 57.82 33.32 -35.29
C SER E 578 56.38 33.31 -35.76
N VAL E 579 55.48 33.18 -34.81
CA VAL E 579 54.04 33.22 -35.07
C VAL E 579 53.57 34.66 -34.91
N GLU E 580 53.03 35.23 -35.98
CA GLU E 580 52.55 36.61 -35.92
C GLU E 580 51.43 36.79 -34.90
N PRO E 581 50.39 35.94 -34.85
CA PRO E 581 49.48 35.98 -33.70
C PRO E 581 50.09 35.27 -32.50
N LEU E 582 50.86 36.00 -31.70
CA LEU E 582 51.56 35.41 -30.57
C LEU E 582 50.59 34.70 -29.64
N LEU E 583 50.96 33.51 -29.18
CA LEU E 583 50.06 32.65 -28.42
C LEU E 583 50.40 32.58 -26.93
N ILE E 584 51.39 33.35 -26.47
CA ILE E 584 51.76 33.34 -25.05
C ILE E 584 52.24 34.73 -24.68
N TYR E 585 51.75 35.24 -23.55
CA TYR E 585 52.10 36.56 -23.05
C TYR E 585 52.39 36.47 -21.56
N PRO E 586 53.27 37.31 -21.04
CA PRO E 586 53.59 37.25 -19.60
C PRO E 586 52.41 37.67 -18.74
N THR E 587 52.35 37.11 -17.53
CA THR E 587 51.25 37.45 -16.63
C THR E 587 51.45 38.82 -16.00
N HIS E 588 52.68 39.29 -15.95
CA HIS E 588 53.00 40.54 -15.28
C HIS E 588 53.95 41.36 -16.13
N TYR E 589 53.88 42.68 -15.95
CA TYR E 589 54.67 43.63 -16.71
C TYR E 589 55.45 44.53 -15.76
N THR E 590 56.55 45.09 -16.27
CA THR E 590 57.42 45.91 -15.44
C THR E 590 56.71 47.19 -15.00
N GLY E 591 57.00 47.61 -13.78
CA GLY E 591 56.38 48.80 -13.23
C GLY E 591 54.97 48.60 -12.75
N ASP E 592 54.52 47.36 -12.63
CA ASP E 592 53.17 47.05 -12.18
C ASP E 592 53.23 46.24 -10.88
N ASP E 593 52.05 45.80 -10.43
CA ASP E 593 51.96 45.08 -9.17
C ASP E 593 52.59 43.71 -9.28
N GLY E 594 53.25 43.28 -8.20
CA GLY E 594 53.74 41.91 -8.08
C GLY E 594 54.74 41.49 -9.13
N TYR E 595 55.62 42.40 -9.55
CA TYR E 595 56.68 42.06 -10.50
C TYR E 595 57.85 41.52 -9.70
N VAL E 596 57.99 40.19 -9.69
CA VAL E 596 58.92 39.52 -8.77
C VAL E 596 59.94 38.72 -9.57
N SER E 597 60.21 39.16 -10.81
CA SER E 597 61.23 38.51 -11.61
C SER E 597 62.60 38.64 -10.95
N ASP E 598 63.14 37.51 -10.48
CA ASP E 598 64.38 37.51 -9.71
C ASP E 598 65.63 37.60 -10.58
N THR E 599 65.48 37.53 -11.91
CA THR E 599 66.65 37.51 -12.79
C THR E 599 67.47 38.78 -12.66
N GLU E 600 66.81 39.93 -12.63
CA GLU E 600 67.50 41.22 -12.59
C GLU E 600 67.61 41.80 -11.19
N THR E 601 67.27 41.03 -10.16
CA THR E 601 67.39 41.46 -8.77
C THR E 601 68.40 40.60 -8.02
N SER E 602 69.55 40.34 -8.64
CA SER E 602 70.54 39.44 -8.08
C SER E 602 71.91 40.11 -7.97
N VAL E 603 72.93 39.33 -7.65
CA VAL E 603 74.30 39.82 -7.56
C VAL E 603 75.02 39.47 -8.85
N VAL E 604 76.15 40.13 -9.08
CA VAL E 604 76.99 39.87 -10.25
C VAL E 604 77.56 38.46 -10.13
N TRP E 605 77.94 37.85 -11.26
CA TRP E 605 78.42 36.46 -11.25
C TRP E 605 79.51 36.24 -10.20
N ASN E 606 80.48 37.15 -10.14
CA ASN E 606 81.48 37.14 -9.08
C ASN E 606 81.11 38.15 -8.00
N ASN E 607 81.89 38.15 -6.93
CA ASN E 607 81.68 38.96 -5.73
C ASN E 607 80.35 38.64 -5.06
N GLU E 608 80.11 39.21 -3.88
CA GLU E 608 78.88 38.92 -3.16
C GLU E 608 78.30 40.15 -2.45
N HIS E 609 78.73 41.37 -2.79
CA HIS E 609 78.27 42.56 -2.10
C HIS E 609 77.97 43.68 -3.08
N VAL E 610 77.51 43.33 -4.28
CA VAL E 610 77.00 44.30 -5.25
C VAL E 610 75.61 43.81 -5.65
N LYS E 611 74.59 44.23 -4.92
CA LYS E 611 73.22 43.76 -5.12
C LYS E 611 72.46 44.82 -5.93
N THR E 612 72.12 44.48 -7.16
CA THR E 612 71.31 45.37 -8.00
C THR E 612 69.84 45.05 -7.75
N ASP E 613 69.13 45.99 -7.12
CA ASP E 613 67.74 45.80 -6.77
C ASP E 613 66.86 45.90 -8.02
N TRP E 614 65.55 45.85 -7.82
CA TRP E 614 64.60 45.97 -8.92
C TRP E 614 64.65 47.37 -9.47
N ASP E 615 64.79 47.48 -10.80
CA ASP E 615 64.82 48.79 -11.46
C ASP E 615 63.40 49.29 -11.69
N ARG E 616 63.09 50.45 -11.13
CA ARG E 616 61.74 51.01 -11.27
C ARG E 616 61.61 51.81 -12.57
N ALA E 617 62.47 52.82 -12.75
CA ALA E 617 62.37 53.65 -13.94
C ALA E 617 63.14 53.05 -15.12
N LYS E 618 64.33 52.52 -14.88
CA LYS E 618 65.18 52.01 -15.96
C LYS E 618 64.96 50.51 -16.19
N SER E 619 63.71 50.11 -16.39
CA SER E 619 63.41 48.71 -16.69
C SER E 619 63.46 48.46 -18.20
N GLN E 620 62.63 49.18 -18.95
CA GLN E 620 62.65 49.22 -20.42
C GLN E 620 62.18 47.91 -21.05
N LYS E 621 61.87 46.90 -20.23
CA LYS E 621 61.23 45.68 -20.73
C LYS E 621 59.73 45.72 -20.46
N MET E 622 59.08 46.83 -20.87
CA MET E 622 57.74 47.10 -20.36
C MET E 622 56.65 46.35 -21.12
N ARG E 623 56.47 46.65 -22.40
CA ARG E 623 55.39 46.06 -23.18
C ARG E 623 55.53 46.38 -24.66
N GLU E 624 55.33 45.39 -25.52
CA GLU E 624 55.35 45.61 -26.97
C GLU E 624 53.95 45.82 -27.52
N GLN E 625 53.18 46.69 -26.88
CA GLN E 625 51.86 47.08 -27.36
C GLN E 625 51.79 48.57 -27.68
N GLN E 626 52.16 49.42 -26.73
CA GLN E 626 52.25 50.85 -27.02
C GLN E 626 53.42 51.16 -27.95
N ALA E 627 54.44 50.29 -27.98
CA ALA E 627 55.54 50.41 -28.94
C ALA E 627 55.21 49.76 -30.28
N LEU E 628 54.15 48.97 -30.36
CA LEU E 628 53.71 48.36 -31.60
C LEU E 628 52.53 49.09 -32.23
N SER E 629 51.84 49.95 -31.47
CA SER E 629 50.67 50.64 -31.99
C SER E 629 51.06 51.68 -33.04
N ARG E 630 51.56 51.22 -34.18
CA ARG E 630 51.92 52.09 -35.29
C ARG E 630 51.73 51.29 -36.58
N GLU E 631 52.31 51.78 -37.67
CA GLU E 631 52.14 51.17 -38.99
C GLU E 631 53.09 49.98 -39.15
N ALA E 632 52.97 49.03 -38.22
CA ALA E 632 53.75 47.80 -38.31
C ALA E 632 53.21 46.84 -39.36
N LYS E 633 51.94 46.98 -39.73
CA LYS E 633 51.31 46.15 -40.75
C LYS E 633 51.33 44.68 -40.39
N ASN E 634 52.20 43.90 -41.08
CA ASN E 634 52.27 42.44 -40.91
C ASN E 634 50.94 41.78 -41.23
N SER E 635 50.09 42.44 -42.02
CA SER E 635 48.79 41.91 -42.38
C SER E 635 48.80 41.12 -43.68
N ASP E 636 49.91 41.10 -44.40
CA ASP E 636 50.00 40.34 -45.64
C ASP E 636 50.02 38.83 -45.40
N VAL E 637 50.27 38.39 -44.16
CA VAL E 637 50.35 36.97 -43.88
C VAL E 637 48.99 36.32 -44.04
N LEU E 638 48.99 35.06 -44.46
CA LEU E 638 47.75 34.30 -44.53
C LEU E 638 47.28 33.92 -43.13
N GLN E 639 45.96 33.83 -42.97
CA GLN E 639 45.35 33.62 -41.67
C GLN E 639 44.51 32.35 -41.68
N SER E 640 44.59 31.58 -40.61
CA SER E 640 43.80 30.38 -40.45
C SER E 640 42.33 30.74 -40.23
N PRO E 641 41.41 29.83 -40.54
CA PRO E 641 39.98 30.14 -40.36
C PRO E 641 39.60 30.45 -38.93
N LEU E 642 40.40 30.06 -37.96
CA LEU E 642 40.13 30.38 -36.57
C LEU E 642 40.44 31.84 -36.30
N ASP E 643 40.38 32.23 -35.03
CA ASP E 643 40.46 33.64 -34.61
C ASP E 643 39.35 34.45 -35.29
N SER E 644 38.12 34.05 -35.02
CA SER E 644 36.95 34.70 -35.60
C SER E 644 35.80 34.53 -34.60
N ALA E 645 35.52 35.59 -33.85
CA ALA E 645 34.53 35.55 -32.78
C ALA E 645 33.90 36.94 -32.68
N ALA E 646 33.24 37.20 -31.55
CA ALA E 646 32.81 38.54 -31.15
C ALA E 646 31.55 39.00 -31.86
N ARG E 647 30.96 40.09 -31.39
CA ARG E 647 29.69 40.59 -31.88
C ARG E 647 29.71 42.11 -31.78
N ASP E 648 28.52 42.72 -31.80
CA ASP E 648 28.39 44.15 -32.07
C ASP E 648 28.92 45.00 -30.92
N GLU E 649 30.23 44.92 -30.66
CA GLU E 649 30.86 45.81 -29.68
C GLU E 649 32.21 46.35 -30.11
N LEU E 650 32.92 45.71 -31.02
CA LEU E 650 34.31 46.03 -31.29
C LEU E 650 34.65 45.96 -32.76
N ALA F 64 22.90 60.63 -37.87
CA ALA F 64 22.27 61.08 -36.63
C ALA F 64 23.30 61.65 -35.67
N TYR F 65 22.87 62.61 -34.86
CA TYR F 65 23.76 63.23 -33.89
C TYR F 65 22.92 63.87 -32.79
N PHE F 66 23.59 64.24 -31.71
CA PHE F 66 23.01 64.90 -30.55
C PHE F 66 21.91 64.06 -29.91
N PRO F 67 22.26 62.95 -29.27
CA PRO F 67 21.25 62.19 -28.52
C PRO F 67 20.99 62.82 -27.16
N GLU F 68 19.81 62.53 -26.63
CA GLU F 68 19.40 63.06 -25.33
C GLU F 68 19.66 62.04 -24.22
N GLU F 69 19.40 62.48 -22.99
CA GLU F 69 19.50 61.65 -21.79
C GLU F 69 18.25 61.90 -20.93
N ARG F 70 17.09 61.79 -21.59
CA ARG F 70 15.79 62.27 -21.11
C ARG F 70 15.60 62.18 -19.59
N TRP F 71 15.24 63.30 -18.98
CA TRP F 71 15.10 63.36 -17.53
C TRP F 71 13.94 62.49 -17.08
N SER F 72 14.25 61.47 -16.28
CA SER F 72 13.25 60.56 -15.75
C SER F 72 13.43 60.46 -14.24
N PRO F 73 12.56 61.10 -13.46
CA PRO F 73 12.67 61.01 -12.01
C PRO F 73 12.14 59.67 -11.50
N GLU F 74 12.60 59.30 -10.33
CA GLU F 74 12.17 58.04 -9.73
C GLU F 74 10.69 58.09 -9.41
N SER F 75 10.02 56.96 -9.60
CA SER F 75 8.59 56.87 -9.47
C SER F 75 8.18 56.55 -8.05
N PRO F 76 6.93 56.81 -7.68
CA PRO F 76 6.50 56.51 -6.30
C PRO F 76 6.42 55.02 -6.06
N LEU F 77 6.51 54.64 -4.79
CA LEU F 77 6.41 53.24 -4.44
C LEU F 77 4.95 52.78 -4.49
N GLN F 78 4.74 51.51 -4.19
CA GLN F 78 3.41 50.92 -4.22
C GLN F 78 2.98 50.54 -2.82
N ALA F 79 1.70 50.75 -2.53
CA ALA F 79 1.18 50.45 -1.20
C ALA F 79 1.34 48.97 -0.89
N PRO F 80 1.70 48.62 0.34
CA PRO F 80 2.08 47.24 0.63
C PRO F 80 0.88 46.29 0.63
N ARG F 81 1.19 45.01 0.51
CA ARG F 81 0.17 43.99 0.36
C ARG F 81 -0.61 43.81 1.67
N VAL F 82 -1.73 43.11 1.58
CA VAL F 82 -2.53 42.76 2.75
C VAL F 82 -3.04 41.35 2.51
N LEU F 83 -3.72 40.78 3.50
CA LEU F 83 -4.45 39.53 3.31
C LEU F 83 -5.64 39.51 4.25
N ILE F 84 -6.78 40.01 3.79
CA ILE F 84 -7.98 40.07 4.62
C ILE F 84 -8.48 38.65 4.81
N ALA F 85 -8.54 38.20 6.06
CA ALA F 85 -8.81 36.80 6.36
C ALA F 85 -10.07 36.67 7.20
N LEU F 86 -11.23 36.58 6.55
CA LEU F 86 -12.49 36.40 7.25
C LEU F 86 -12.55 35.03 7.92
N LEU F 87 -13.55 34.87 8.79
CA LEU F 87 -13.88 33.58 9.39
C LEU F 87 -15.36 33.66 9.76
N ALA F 88 -16.22 33.08 8.93
CA ALA F 88 -17.65 33.25 9.08
C ALA F 88 -18.31 31.95 9.54
N ARG F 89 -19.38 32.11 10.33
CA ARG F 89 -20.22 31.00 10.77
C ARG F 89 -21.53 31.54 11.34
N ASN F 90 -22.66 31.06 10.83
CA ASN F 90 -23.97 31.63 11.13
C ASN F 90 -23.99 33.13 10.84
N ALA F 91 -23.34 33.51 9.75
CA ALA F 91 -23.14 34.91 9.41
C ALA F 91 -24.22 35.45 8.47
N ALA F 92 -25.26 34.66 8.22
CA ALA F 92 -26.25 35.07 7.22
C ALA F 92 -26.97 36.35 7.62
N HIS F 93 -27.16 36.59 8.91
CA HIS F 93 -27.92 37.76 9.32
C HIS F 93 -27.14 39.05 9.10
N ALA F 94 -25.81 38.97 9.05
CA ALA F 94 -24.97 40.16 9.06
C ALA F 94 -23.97 40.24 7.92
N LEU F 95 -23.78 39.16 7.15
CA LEU F 95 -22.78 39.19 6.09
C LEU F 95 -22.97 40.32 5.09
N PRO F 96 -24.19 40.67 4.65
CA PRO F 96 -24.31 41.79 3.70
C PRO F 96 -23.69 43.10 4.17
N THR F 97 -23.96 43.54 5.39
CA THR F 97 -23.49 44.85 5.82
C THR F 97 -21.98 44.87 6.01
N THR F 98 -21.44 43.86 6.70
CA THR F 98 -20.00 43.83 6.92
C THR F 98 -19.24 43.68 5.60
N LEU F 99 -19.76 42.88 4.68
CA LEU F 99 -19.10 42.75 3.39
C LEU F 99 -19.18 44.04 2.59
N GLY F 100 -20.31 44.74 2.66
CA GLY F 100 -20.40 46.02 1.99
C GLY F 100 -19.42 47.04 2.54
N ALA F 101 -19.21 47.02 3.85
CA ALA F 101 -18.26 47.96 4.43
C ALA F 101 -16.82 47.46 4.35
N LEU F 102 -16.60 46.21 3.94
CA LEU F 102 -15.27 45.70 3.67
C LEU F 102 -14.90 45.77 2.20
N GLU F 103 -15.86 46.04 1.32
CA GLU F 103 -15.55 46.22 -0.10
C GLU F 103 -14.91 47.58 -0.38
N ARG F 104 -15.18 48.59 0.44
CA ARG F 104 -14.82 49.97 0.10
C ARG F 104 -13.53 50.43 0.77
N LEU F 105 -12.77 49.52 1.39
CA LEU F 105 -11.53 49.92 2.03
C LEU F 105 -10.61 50.59 1.04
N ARG F 106 -10.15 51.80 1.36
CA ARG F 106 -9.37 52.57 0.42
C ARG F 106 -7.98 51.98 0.28
N HIS F 107 -7.85 51.01 -0.61
CA HIS F 107 -6.63 50.27 -0.85
C HIS F 107 -6.68 49.74 -2.28
N PRO F 108 -5.69 50.05 -3.11
CA PRO F 108 -5.72 49.58 -4.50
C PRO F 108 -5.96 48.08 -4.58
N ARG F 109 -7.12 47.72 -5.11
CA ARG F 109 -7.64 46.36 -4.97
C ARG F 109 -6.85 45.33 -5.76
N GLU F 110 -5.73 45.70 -6.36
CA GLU F 110 -4.81 44.74 -6.96
C GLU F 110 -3.68 44.35 -6.03
N ARG F 111 -3.72 44.81 -4.78
CA ARG F 111 -2.73 44.52 -3.75
C ARG F 111 -3.43 43.96 -2.51
N THR F 112 -4.27 42.95 -2.70
CA THR F 112 -5.08 42.43 -1.61
C THR F 112 -5.29 40.95 -1.86
N ALA F 113 -5.92 40.27 -0.93
CA ALA F 113 -6.34 38.89 -1.14
C ALA F 113 -7.56 38.62 -0.28
N LEU F 114 -7.97 37.36 -0.23
CA LEU F 114 -9.06 36.92 0.61
C LEU F 114 -8.74 35.54 1.16
N TRP F 115 -9.42 35.17 2.25
CA TRP F 115 -9.23 33.83 2.79
C TRP F 115 -10.52 33.26 3.35
N VAL F 116 -11.67 33.59 2.76
CA VAL F 116 -12.94 33.16 3.32
C VAL F 116 -12.95 31.66 3.52
N ALA F 117 -13.30 31.22 4.73
CA ALA F 117 -13.26 29.81 5.08
C ALA F 117 -14.32 29.54 6.14
N THR F 118 -15.46 29.00 5.71
CA THR F 118 -16.61 28.81 6.59
C THR F 118 -17.03 27.34 6.61
N ASP F 119 -17.72 26.97 7.68
CA ASP F 119 -18.24 25.61 7.85
C ASP F 119 -19.23 25.63 9.00
N HIS F 120 -19.84 24.46 9.25
CA HIS F 120 -20.66 24.22 10.44
C HIS F 120 -21.79 25.24 10.60
N ASN F 121 -22.40 25.67 9.50
CA ASN F 121 -23.38 26.74 9.54
C ASN F 121 -24.77 26.22 9.21
N MET F 122 -25.72 26.51 10.10
CA MET F 122 -27.12 26.16 9.86
C MET F 122 -27.64 26.82 8.60
N ASP F 123 -27.46 28.13 8.49
CA ASP F 123 -28.16 28.93 7.49
C ASP F 123 -27.46 28.81 6.14
N ASN F 124 -27.83 29.67 5.19
CA ASN F 124 -27.32 29.61 3.82
C ASN F 124 -26.12 30.52 3.60
N THR F 125 -25.25 30.66 4.62
CA THR F 125 -24.04 31.46 4.47
C THR F 125 -23.24 31.05 3.24
N SER F 126 -23.20 29.75 2.94
CA SER F 126 -22.44 29.29 1.78
C SER F 126 -22.94 29.94 0.50
N THR F 127 -24.25 30.02 0.32
CA THR F 127 -24.80 30.56 -0.93
C THR F 127 -24.44 32.02 -1.10
N VAL F 128 -24.68 32.84 -0.07
CA VAL F 128 -24.41 34.27 -0.19
C VAL F 128 -22.92 34.53 -0.35
N LEU F 129 -22.08 33.82 0.41
CA LEU F 129 -20.65 34.02 0.30
C LEU F 129 -20.14 33.62 -1.07
N ARG F 130 -20.65 32.51 -1.62
CA ARG F 130 -20.25 32.10 -2.95
C ARG F 130 -20.69 33.12 -3.99
N GLU F 131 -21.91 33.64 -3.85
CA GLU F 131 -22.38 34.67 -4.78
C GLU F 131 -21.45 35.87 -4.77
N TRP F 132 -21.16 36.40 -3.57
CA TRP F 132 -20.29 37.57 -3.48
C TRP F 132 -18.91 37.29 -4.05
N LEU F 133 -18.30 36.18 -3.63
CA LEU F 133 -16.91 35.92 -4.01
C LEU F 133 -16.79 35.67 -5.51
N VAL F 134 -17.73 34.95 -6.11
CA VAL F 134 -17.71 34.76 -7.55
C VAL F 134 -17.98 36.09 -8.26
N ALA F 135 -18.79 36.96 -7.66
CA ALA F 135 -19.03 38.27 -8.28
C ALA F 135 -17.81 39.16 -8.21
N VAL F 136 -16.89 38.93 -7.27
CA VAL F 136 -15.79 39.84 -7.03
C VAL F 136 -14.43 39.21 -7.27
N LYS F 137 -14.37 37.96 -7.70
CA LYS F 137 -13.09 37.25 -7.85
C LYS F 137 -12.21 37.85 -8.94
N SER F 138 -12.68 38.91 -9.60
CA SER F 138 -11.91 39.50 -10.69
C SER F 138 -11.07 40.69 -10.22
N LEU F 139 -11.66 41.62 -9.49
CA LEU F 139 -10.96 42.86 -9.15
C LEU F 139 -9.81 42.60 -8.18
N TYR F 140 -9.92 41.59 -7.33
CA TYR F 140 -8.90 41.31 -6.34
C TYR F 140 -7.76 40.52 -6.96
N HIS F 141 -6.75 40.22 -6.15
CA HIS F 141 -5.54 39.63 -6.70
C HIS F 141 -5.65 38.11 -6.78
N SER F 142 -5.92 37.45 -5.65
CA SER F 142 -6.03 36.01 -5.66
C SER F 142 -6.84 35.54 -4.45
N VAL F 143 -8.04 35.04 -4.71
CA VAL F 143 -8.98 34.64 -3.68
C VAL F 143 -8.75 33.17 -3.34
N GLU F 144 -9.27 32.73 -2.21
CA GLU F 144 -9.17 31.36 -1.74
C GLU F 144 -10.52 30.94 -1.17
N TRP F 145 -10.63 29.68 -0.75
CA TRP F 145 -11.88 29.17 -0.18
C TRP F 145 -11.62 27.82 0.45
N ARG F 146 -12.33 27.50 1.53
CA ARG F 146 -12.26 26.19 2.17
C ARG F 146 -13.60 25.84 2.80
N PRO F 147 -14.47 25.16 2.07
CA PRO F 147 -15.78 24.79 2.62
C PRO F 147 -15.81 23.40 3.24
N ALA F 148 -16.60 23.29 4.30
CA ALA F 148 -16.81 22.00 4.99
C ALA F 148 -18.26 21.86 5.43
N GLU F 149 -19.19 22.14 4.52
CA GLU F 149 -20.62 22.20 4.82
C GLU F 149 -21.14 21.03 5.66
N GLU F 150 -20.52 19.87 5.55
CA GLU F 150 -20.88 18.74 6.40
C GLU F 150 -19.79 18.49 7.44
N PRO F 151 -20.16 18.17 8.69
CA PRO F 151 -21.51 18.01 9.23
C PRO F 151 -22.19 19.34 9.49
N ARG F 152 -23.24 19.38 10.31
CA ARG F 152 -23.98 20.61 10.55
C ARG F 152 -24.02 21.00 12.02
N SER F 153 -23.22 20.34 12.86
CA SER F 153 -23.14 20.64 14.28
C SER F 153 -22.00 19.86 14.93
N TYR F 154 -21.50 20.35 16.05
CA TYR F 154 -20.50 19.59 16.80
C TYR F 154 -21.19 18.52 17.65
N PRO F 155 -20.55 17.37 17.84
CA PRO F 155 -21.17 16.32 18.66
C PRO F 155 -21.36 16.72 20.11
N ASP F 156 -20.27 17.13 20.77
CA ASP F 156 -20.28 17.40 22.20
C ASP F 156 -20.51 18.89 22.49
N GLU F 157 -21.63 19.39 21.98
CA GLU F 157 -21.99 20.79 22.16
C GLU F 157 -23.44 20.88 22.63
N GLU F 158 -23.76 21.98 23.33
CA GLU F 158 -25.14 22.19 23.74
C GLU F 158 -25.96 22.82 22.62
N GLY F 159 -25.36 23.77 21.89
CA GLY F 159 -26.07 24.47 20.85
C GLY F 159 -25.17 25.35 20.02
N PRO F 160 -25.77 26.34 19.34
CA PRO F 160 -24.98 27.17 18.43
C PRO F 160 -24.02 28.13 19.12
N LYS F 161 -24.19 28.38 20.41
CA LYS F 161 -23.40 29.38 21.12
C LYS F 161 -22.65 28.83 22.32
N HIS F 162 -22.30 27.55 22.30
CA HIS F 162 -21.53 26.95 23.39
C HIS F 162 -20.12 26.67 22.90
N TRP F 163 -19.13 27.03 23.72
CA TRP F 163 -17.72 26.85 23.37
C TRP F 163 -17.23 25.52 23.95
N SER F 164 -17.51 24.46 23.20
CA SER F 164 -16.90 23.17 23.50
C SER F 164 -15.47 23.15 23.00
N ASP F 165 -14.63 22.39 23.70
CA ASP F 165 -13.19 22.45 23.44
C ASP F 165 -12.84 22.08 22.00
N SER F 166 -13.69 21.29 21.34
CA SER F 166 -13.46 21.00 19.93
C SER F 166 -13.55 22.28 19.11
N ARG F 167 -14.47 23.18 19.46
CA ARG F 167 -14.59 24.44 18.73
C ARG F 167 -13.36 25.32 18.92
N TYR F 168 -12.84 25.39 20.15
CA TYR F 168 -11.59 26.12 20.39
C TYR F 168 -10.45 25.54 19.57
N GLU F 169 -10.33 24.21 19.56
CA GLU F 169 -9.28 23.57 18.78
C GLU F 169 -9.42 23.88 17.30
N HIS F 170 -10.64 23.82 16.78
CA HIS F 170 -10.85 24.09 15.36
C HIS F 170 -10.52 25.53 15.01
N VAL F 171 -10.93 26.49 15.85
CA VAL F 171 -10.63 27.89 15.58
C VAL F 171 -9.11 28.11 15.60
N MET F 172 -8.43 27.55 16.60
CA MET F 172 -6.98 27.69 16.67
C MET F 172 -6.31 27.13 15.41
N LYS F 173 -6.69 25.92 15.02
CA LYS F 173 -6.07 25.30 13.85
C LYS F 173 -6.34 26.11 12.59
N LEU F 174 -7.56 26.62 12.43
CA LEU F 174 -7.90 27.35 11.22
C LEU F 174 -7.14 28.66 11.13
N ARG F 175 -7.05 29.40 12.25
CA ARG F 175 -6.27 30.63 12.22
C ARG F 175 -4.79 30.35 11.99
N GLN F 176 -4.27 29.27 12.58
CA GLN F 176 -2.87 28.92 12.34
C GLN F 176 -2.63 28.61 10.87
N ALA F 177 -3.58 27.91 10.23
CA ALA F 177 -3.44 27.63 8.81
C ALA F 177 -3.51 28.91 7.99
N ALA F 178 -4.35 29.86 8.39
CA ALA F 178 -4.39 31.14 7.70
C ALA F 178 -3.04 31.85 7.79
N LEU F 179 -2.47 31.90 8.99
CA LEU F 179 -1.18 32.55 9.15
C LEU F 179 -0.11 31.86 8.30
N LYS F 180 -0.11 30.52 8.30
CA LYS F 180 0.86 29.81 7.49
C LYS F 180 0.66 30.10 6.01
N SER F 181 -0.59 30.26 5.57
CA SER F 181 -0.85 30.58 4.17
C SER F 181 -0.49 32.02 3.84
N ALA F 182 -0.37 32.90 4.83
CA ALA F 182 0.02 34.27 4.58
C ALA F 182 1.51 34.50 4.73
N ARG F 183 2.29 33.45 4.99
CA ARG F 183 3.74 33.54 5.00
C ARG F 183 4.38 32.95 3.76
N ASP F 184 3.66 32.13 3.01
CA ASP F 184 4.18 31.55 1.78
C ASP F 184 3.81 32.36 0.55
N MET F 185 2.96 33.36 0.70
CA MET F 185 2.62 34.28 -0.37
C MET F 185 3.49 35.54 -0.33
N TRP F 186 4.37 35.65 0.67
CA TRP F 186 5.25 36.80 0.85
C TRP F 186 4.44 38.09 0.97
N ALA F 187 3.57 38.13 1.96
CA ALA F 187 2.63 39.23 2.12
C ALA F 187 2.88 39.96 3.42
N ASP F 188 3.07 41.28 3.34
CA ASP F 188 3.05 42.11 4.53
C ASP F 188 1.65 42.17 5.11
N TYR F 189 1.56 42.15 6.43
CA TYR F 189 0.32 42.34 7.16
C TYR F 189 -0.68 41.21 6.92
N ILE F 190 -1.52 40.94 7.91
CA ILE F 190 -2.67 40.06 7.73
C ILE F 190 -3.77 40.54 8.65
N LEU F 191 -4.85 41.07 8.09
CA LEU F 191 -5.85 41.79 8.86
C LEU F 191 -7.06 40.88 9.10
N PHE F 192 -7.22 40.44 10.33
CA PHE F 192 -8.20 39.42 10.70
C PHE F 192 -9.61 39.94 11.01
N VAL F 193 -10.39 40.38 10.03
CA VAL F 193 -11.77 40.74 10.34
C VAL F 193 -12.49 39.47 10.78
N ASP F 194 -13.62 39.62 11.46
CA ASP F 194 -14.48 38.50 11.81
C ASP F 194 -15.90 38.77 11.32
N ALA F 195 -16.86 37.97 11.76
CA ALA F 195 -18.20 38.00 11.20
C ALA F 195 -18.85 39.38 11.34
N ASP F 196 -19.07 39.81 12.58
CA ASP F 196 -19.93 40.96 12.86
C ASP F 196 -19.19 42.28 12.98
N ASN F 197 -17.87 42.29 12.91
CA ASN F 197 -17.10 43.50 13.19
C ASN F 197 -17.23 44.47 12.02
N LEU F 198 -18.24 45.33 12.09
CA LEU F 198 -18.55 46.27 11.01
C LEU F 198 -17.45 47.32 10.96
N ILE F 199 -16.52 47.18 10.00
CA ILE F 199 -15.43 48.15 9.83
C ILE F 199 -15.99 49.30 9.01
N LEU F 200 -16.52 50.31 9.69
CA LEU F 200 -17.22 51.39 9.02
C LEU F 200 -16.24 52.29 8.25
N ASN F 201 -15.32 52.93 8.97
CA ASN F 201 -14.50 53.97 8.39
C ASN F 201 -13.65 53.42 7.25
N PRO F 202 -13.73 53.98 6.05
CA PRO F 202 -12.98 53.42 4.91
C PRO F 202 -11.46 53.44 5.09
N ASP F 203 -10.91 54.35 5.88
CA ASP F 203 -9.47 54.51 5.99
C ASP F 203 -8.88 53.75 7.17
N THR F 204 -9.50 52.63 7.55
CA THR F 204 -8.97 51.86 8.67
C THR F 204 -7.61 51.27 8.32
N LEU F 205 -7.52 50.59 7.17
CA LEU F 205 -6.27 49.91 6.81
C LEU F 205 -5.12 50.87 6.63
N SER F 206 -5.35 52.00 5.97
CA SER F 206 -4.26 52.96 5.78
C SER F 206 -3.78 53.52 7.11
N LEU F 207 -4.71 53.83 8.03
CA LEU F 207 -4.32 54.45 9.29
C LEU F 207 -3.64 53.44 10.22
N LEU F 208 -3.98 52.16 10.12
CA LEU F 208 -3.23 51.17 10.88
C LEU F 208 -1.86 50.90 10.26
N ILE F 209 -1.77 50.89 8.94
CA ILE F 209 -0.51 50.57 8.27
C ILE F 209 0.50 51.68 8.49
N ALA F 210 0.07 52.93 8.46
CA ALA F 210 1.00 54.05 8.50
C ALA F 210 1.49 54.35 9.90
N GLU F 211 1.41 53.39 10.82
CA GLU F 211 1.76 53.62 12.21
C GLU F 211 2.90 52.77 12.73
N ASN F 212 3.28 51.69 12.05
CA ASN F 212 4.54 51.00 12.28
C ASN F 212 4.63 50.41 13.69
N LYS F 213 3.71 49.48 13.98
CA LYS F 213 3.81 48.68 15.19
C LYS F 213 3.47 47.24 14.84
N THR F 214 3.95 46.31 15.67
CA THR F 214 3.96 44.90 15.23
C THR F 214 2.60 44.25 15.32
N VAL F 215 1.83 44.52 16.37
CA VAL F 215 0.48 43.96 16.50
C VAL F 215 -0.42 45.07 17.01
N VAL F 216 -1.16 45.72 16.12
CA VAL F 216 -1.99 46.86 16.49
C VAL F 216 -3.43 46.50 16.15
N ALA F 217 -4.36 47.07 16.89
CA ALA F 217 -5.75 46.63 16.84
C ALA F 217 -6.71 47.74 17.20
N PRO F 218 -7.40 48.34 16.24
CA PRO F 218 -8.24 49.50 16.55
C PRO F 218 -9.32 49.14 17.55
N MET F 219 -9.78 50.16 18.27
CA MET F 219 -10.69 49.97 19.40
C MET F 219 -12.11 50.26 18.92
N LEU F 220 -12.85 49.19 18.62
CA LEU F 220 -14.21 49.30 18.15
C LEU F 220 -15.15 49.66 19.30
N ASP F 221 -16.16 50.47 18.99
CA ASP F 221 -17.14 50.84 20.00
C ASP F 221 -18.08 49.67 20.28
N SER F 222 -19.10 49.92 21.06
CA SER F 222 -20.17 48.94 21.33
C SER F 222 -21.37 49.71 21.86
N ARG F 223 -22.31 48.98 22.44
CA ARG F 223 -23.41 49.63 23.17
C ARG F 223 -23.13 49.74 24.65
N ALA F 224 -22.30 48.86 25.21
CA ALA F 224 -21.98 48.86 26.63
C ALA F 224 -20.48 48.86 26.83
N ALA F 225 -20.02 48.57 28.05
CA ALA F 225 -18.60 48.60 28.35
C ALA F 225 -17.77 47.72 27.44
N TYR F 226 -18.32 46.63 26.93
CA TYR F 226 -17.55 45.68 26.14
C TYR F 226 -16.78 46.37 25.03
N SER F 227 -15.56 45.89 24.79
CA SER F 227 -14.75 46.33 23.68
C SER F 227 -13.72 45.24 23.43
N ASN F 228 -12.71 45.54 22.60
CA ASN F 228 -11.81 44.47 22.19
C ASN F 228 -10.37 44.71 22.64
N PHE F 229 -10.18 45.06 23.91
CA PHE F 229 -8.86 45.10 24.50
C PHE F 229 -9.01 45.10 26.02
N TRP F 230 -8.24 44.24 26.69
CA TRP F 230 -8.24 44.20 28.15
C TRP F 230 -7.30 45.28 28.70
N CYS F 231 -7.06 45.25 30.01
CA CYS F 231 -5.98 46.06 30.55
C CYS F 231 -5.20 45.34 31.64
N GLY F 232 -5.48 44.06 31.86
CA GLY F 232 -4.68 43.29 32.79
C GLY F 232 -5.23 41.90 33.07
N MET F 233 -4.35 40.91 33.07
CA MET F 233 -4.71 39.53 33.37
C MET F 233 -4.11 39.15 34.73
N THR F 234 -4.90 38.47 35.56
CA THR F 234 -4.51 38.34 36.97
C THR F 234 -3.49 37.22 37.17
N SER F 235 -3.93 35.99 37.07
CA SER F 235 -3.05 34.84 37.27
C SER F 235 -3.21 33.78 36.21
N GLN F 236 -4.43 33.53 35.75
CA GLN F 236 -4.70 32.51 34.74
C GLN F 236 -5.30 33.10 33.48
N GLY F 237 -5.22 34.42 33.31
CA GLY F 237 -5.72 35.05 32.11
C GLY F 237 -7.21 35.32 32.13
N TYR F 238 -7.66 36.09 33.11
CA TYR F 238 -9.03 36.54 33.17
C TYR F 238 -9.05 38.02 33.51
N TYR F 239 -10.13 38.69 33.10
CA TYR F 239 -10.21 40.14 33.16
C TYR F 239 -9.96 40.65 34.58
N LYS F 240 -9.10 41.67 34.68
CA LYS F 240 -8.95 42.46 35.90
C LYS F 240 -8.95 43.92 35.50
N ARG F 241 -10.04 44.64 35.79
CA ARG F 241 -10.12 46.05 35.43
C ARG F 241 -9.07 46.84 36.19
N THR F 242 -8.32 47.67 35.48
CA THR F 242 -7.32 48.60 35.95
C THR F 242 -7.76 50.03 35.63
N PRO F 243 -7.67 50.94 36.59
CA PRO F 243 -8.35 52.23 36.45
C PRO F 243 -7.96 53.04 35.23
N ALA F 244 -7.06 52.51 34.39
CA ALA F 244 -6.75 53.13 33.11
C ALA F 244 -7.56 52.53 31.97
N TYR F 245 -8.75 52.03 32.26
CA TYR F 245 -9.66 51.53 31.24
C TYR F 245 -10.66 52.60 30.82
N ILE F 246 -11.48 53.06 31.76
CA ILE F 246 -12.54 54.01 31.41
C ILE F 246 -12.00 55.26 30.73
N PRO F 247 -10.90 55.87 31.17
CA PRO F 247 -10.36 57.01 30.43
C PRO F 247 -9.76 56.66 29.09
N ILE F 248 -9.89 55.43 28.61
CA ILE F 248 -9.61 55.10 27.22
C ILE F 248 -10.89 54.80 26.45
N ARG F 249 -11.72 53.92 27.00
CA ARG F 249 -12.93 53.48 26.31
C ARG F 249 -13.88 54.64 26.07
N LYS F 250 -13.79 55.69 26.87
CA LYS F 250 -14.61 56.88 26.69
C LYS F 250 -13.89 57.96 25.91
N ARG F 251 -12.71 57.66 25.37
CA ARG F 251 -11.91 58.60 24.59
C ARG F 251 -11.65 59.90 25.35
N ASP F 252 -10.94 59.76 26.46
CA ASP F 252 -10.37 60.89 27.18
C ASP F 252 -8.87 60.99 27.00
N ARG F 253 -8.24 59.97 26.44
CA ARG F 253 -6.85 60.01 26.03
C ARG F 253 -6.74 59.42 24.63
N ARG F 254 -5.67 59.77 23.93
CA ARG F 254 -5.53 59.34 22.54
C ARG F 254 -4.10 58.87 22.34
N GLY F 255 -3.85 58.29 21.18
CA GLY F 255 -2.56 57.70 20.89
C GLY F 255 -2.47 56.27 21.38
N CYS F 256 -1.52 55.53 20.82
CA CYS F 256 -1.46 54.10 21.07
C CYS F 256 -0.93 53.78 22.46
N PHE F 257 -1.60 52.86 23.13
CA PHE F 257 -1.39 52.56 24.55
C PHE F 257 -1.03 51.10 24.68
N ALA F 258 0.13 50.80 25.24
CA ALA F 258 0.53 49.42 25.40
C ALA F 258 -0.43 48.69 26.33
N VAL F 259 -1.00 47.59 25.84
CA VAL F 259 -1.94 46.77 26.63
C VAL F 259 -1.60 45.31 26.42
N PRO F 260 -2.04 44.44 27.31
CA PRO F 260 -1.71 43.01 27.20
C PRO F 260 -2.73 42.15 26.47
N MET F 261 -3.71 42.71 25.76
CA MET F 261 -4.71 41.87 25.12
C MET F 261 -5.44 42.64 24.03
N VAL F 262 -5.49 42.06 22.83
CA VAL F 262 -6.38 42.50 21.76
C VAL F 262 -6.93 41.26 21.08
N HIS F 263 -8.25 41.19 20.94
CA HIS F 263 -8.89 40.09 20.25
C HIS F 263 -9.82 40.62 19.17
N SER F 264 -10.36 39.70 18.38
CA SER F 264 -11.14 40.03 17.19
C SER F 264 -10.28 40.74 16.15
N THR F 265 -10.59 41.99 15.83
CA THR F 265 -9.99 42.68 14.70
C THR F 265 -8.62 43.23 15.06
N PHE F 266 -7.56 42.57 14.62
CA PHE F 266 -6.23 43.16 14.76
C PHE F 266 -5.51 43.08 13.43
N LEU F 267 -4.23 43.44 13.42
CA LEU F 267 -3.47 43.59 12.18
C LEU F 267 -2.02 43.20 12.48
N ILE F 268 -1.69 41.95 12.23
CA ILE F 268 -0.33 41.50 12.48
C ILE F 268 0.60 42.18 11.48
N ASP F 269 1.90 42.10 11.73
CA ASP F 269 2.87 42.40 10.69
C ASP F 269 3.64 41.14 10.35
N LEU F 270 4.18 41.09 9.13
CA LEU F 270 4.84 39.89 8.66
C LEU F 270 6.12 40.20 7.91
N ARG F 271 6.68 41.39 8.08
CA ARG F 271 8.03 41.67 7.59
C ARG F 271 9.05 41.83 8.69
N LYS F 272 8.65 42.31 9.86
CA LYS F 272 9.61 42.51 10.94
C LYS F 272 10.16 41.17 11.43
N ALA F 273 11.43 41.20 11.85
CA ALA F 273 12.16 39.96 12.10
C ALA F 273 11.55 39.17 13.25
N ALA F 274 11.14 39.85 14.32
CA ALA F 274 10.64 39.15 15.50
C ALA F 274 9.32 38.43 15.25
N SER F 275 8.67 38.70 14.12
CA SER F 275 7.35 38.15 13.84
C SER F 275 7.42 36.78 13.18
N ARG F 276 8.51 36.04 13.37
CA ARG F 276 8.60 34.67 12.92
C ARG F 276 8.40 33.67 14.04
N ASN F 277 7.97 34.12 15.22
CA ASN F 277 7.70 33.23 16.34
C ASN F 277 6.28 33.30 16.85
N LEU F 278 5.43 34.17 16.33
CA LEU F 278 4.03 34.13 16.66
C LEU F 278 3.41 32.82 16.17
N ALA F 279 2.64 32.19 17.03
CA ALA F 279 2.11 30.86 16.71
C ALA F 279 0.77 30.67 17.40
N PHE F 280 -0.25 30.34 16.63
CA PHE F 280 -1.59 30.21 17.21
C PHE F 280 -1.79 28.88 17.92
N TYR F 281 -1.70 27.77 17.19
CA TYR F 281 -2.23 26.54 17.78
C TYR F 281 -1.27 25.90 18.79
N PRO F 282 -0.05 25.50 18.42
CA PRO F 282 0.78 24.76 19.36
C PRO F 282 1.20 25.66 20.50
N PRO F 283 0.64 25.48 21.69
CA PRO F 283 0.91 26.41 22.78
C PRO F 283 2.38 26.40 23.14
N HIS F 284 2.88 27.55 23.56
CA HIS F 284 4.28 27.65 23.94
C HIS F 284 4.56 26.64 25.05
N PRO F 285 5.68 25.92 24.99
CA PRO F 285 5.89 24.80 25.93
C PRO F 285 5.78 25.17 27.39
N ASP F 286 5.95 26.45 27.75
CA ASP F 286 5.83 26.89 29.13
C ASP F 286 4.41 27.25 29.51
N TYR F 287 3.41 26.78 28.77
CA TYR F 287 2.04 27.21 29.00
C TYR F 287 1.48 26.56 30.26
N THR F 288 0.80 27.38 31.08
CA THR F 288 0.20 26.91 32.32
C THR F 288 -1.27 27.24 32.47
N TRP F 289 -1.80 28.22 31.74
CA TRP F 289 -3.12 28.76 31.99
C TRP F 289 -4.20 27.87 31.38
N SER F 290 -5.42 28.39 31.28
CA SER F 290 -6.54 27.66 30.70
C SER F 290 -6.34 27.51 29.19
N PHE F 291 -7.35 26.94 28.52
CA PHE F 291 -7.23 26.53 27.13
C PHE F 291 -8.16 27.32 26.21
N ASP F 292 -8.22 28.64 26.38
CA ASP F 292 -9.04 29.46 25.51
C ASP F 292 -8.34 29.64 24.15
N ASP F 293 -8.92 30.51 23.31
CA ASP F 293 -8.35 30.78 22.00
C ASP F 293 -7.73 32.16 21.89
N ILE F 294 -7.91 33.02 22.88
CA ILE F 294 -7.25 34.32 22.94
C ILE F 294 -6.29 34.42 24.10
N ILE F 295 -6.26 33.42 24.97
CA ILE F 295 -5.24 33.32 25.99
C ILE F 295 -4.10 32.39 25.56
N VAL F 296 -4.18 31.81 24.36
CA VAL F 296 -3.05 31.08 23.82
C VAL F 296 -2.24 31.99 22.90
N PHE F 297 -2.84 33.10 22.46
CA PHE F 297 -2.12 34.07 21.65
C PHE F 297 -1.30 35.01 22.51
N ALA F 298 -1.92 35.62 23.52
CA ALA F 298 -1.24 36.61 24.35
C ALA F 298 0.05 36.03 24.94
N PHE F 299 0.01 34.77 25.35
CA PHE F 299 1.22 34.14 25.86
C PHE F 299 2.29 34.07 24.77
N SER F 300 1.91 33.70 23.55
CA SER F 300 2.89 33.60 22.47
C SER F 300 3.50 34.95 22.16
N CYS F 301 2.67 36.01 22.14
CA CYS F 301 3.21 37.33 21.86
C CYS F 301 4.00 37.90 23.02
N LYS F 302 3.76 37.43 24.25
CA LYS F 302 4.61 37.86 25.35
C LYS F 302 5.96 37.14 25.32
N GLN F 303 5.97 35.89 24.86
CA GLN F 303 7.23 35.15 24.86
C GLN F 303 8.20 35.60 23.78
N ALA F 304 7.71 36.16 22.67
CA ALA F 304 8.56 36.50 21.54
C ALA F 304 8.91 37.98 21.49
N GLU F 305 8.61 38.73 22.54
CA GLU F 305 8.98 40.15 22.66
C GLU F 305 8.33 41.00 21.55
N VAL F 306 7.02 40.91 21.46
CA VAL F 306 6.21 41.85 20.69
C VAL F 306 5.00 42.22 21.54
N GLN F 307 4.70 43.51 21.62
CA GLN F 307 3.66 43.99 22.52
C GLN F 307 2.46 44.47 21.73
N MET F 308 1.28 44.10 22.20
CA MET F 308 0.04 44.33 21.48
C MET F 308 -0.46 45.73 21.78
N TYR F 309 -0.51 46.59 20.76
CA TYR F 309 -0.99 47.95 20.95
C TYR F 309 -2.50 48.01 20.77
N VAL F 310 -3.06 49.19 21.02
CA VAL F 310 -4.43 49.55 20.62
C VAL F 310 -4.54 51.06 20.66
N CYS F 311 -5.09 51.66 19.60
CA CYS F 311 -5.24 53.10 19.61
C CYS F 311 -6.45 53.56 18.82
N ASN F 312 -6.99 54.69 19.28
CA ASN F 312 -8.35 55.13 19.05
C ASN F 312 -8.39 56.61 18.68
N LYS F 313 -7.58 57.00 17.71
CA LYS F 313 -7.49 58.42 17.37
C LYS F 313 -8.80 58.95 16.80
N GLU F 314 -9.61 58.07 16.21
CA GLU F 314 -10.88 58.47 15.62
C GLU F 314 -11.89 57.33 15.79
N GLU F 315 -13.05 57.49 15.16
CA GLU F 315 -14.10 56.48 15.23
C GLU F 315 -13.88 55.43 14.16
N TYR F 316 -13.91 54.16 14.54
CA TYR F 316 -13.50 53.10 13.63
C TYR F 316 -14.64 52.16 13.27
N GLY F 317 -15.28 51.51 14.22
CA GLY F 317 -16.26 50.51 13.88
C GLY F 317 -17.29 50.29 14.95
N PHE F 318 -17.93 49.13 14.90
CA PHE F 318 -18.91 48.72 15.88
C PHE F 318 -18.97 47.20 15.90
N LEU F 319 -19.15 46.63 17.09
CA LEU F 319 -19.38 45.20 17.18
C LEU F 319 -20.41 44.94 18.25
N PRO F 320 -21.16 43.85 18.16
CA PRO F 320 -22.18 43.54 19.16
C PRO F 320 -21.64 42.73 20.32
N VAL F 321 -22.21 42.98 21.49
CA VAL F 321 -21.75 42.32 22.71
C VAL F 321 -22.02 40.82 22.60
N PRO F 322 -21.07 39.97 23.00
CA PRO F 322 -21.33 38.53 22.98
C PRO F 322 -22.47 38.15 23.91
N LEU F 323 -23.21 37.12 23.51
CA LEU F 323 -24.34 36.62 24.28
C LEU F 323 -23.88 35.45 25.15
N ARG F 324 -24.73 35.08 26.10
CA ARG F 324 -24.46 33.93 26.93
C ARG F 324 -24.43 32.67 26.07
N ALA F 325 -23.99 31.56 26.68
CA ALA F 325 -23.79 30.32 25.95
C ALA F 325 -25.08 29.50 25.80
N HIS F 326 -26.24 30.14 25.92
CA HIS F 326 -27.49 29.38 25.90
C HIS F 326 -28.61 30.04 25.09
N SER F 327 -28.29 30.87 24.11
CA SER F 327 -29.33 31.53 23.33
C SER F 327 -29.46 30.89 21.95
N THR F 328 -30.40 31.40 21.17
CA THR F 328 -30.70 30.90 19.83
C THR F 328 -30.16 31.86 18.78
N LEU F 329 -30.16 31.38 17.53
CA LEU F 329 -29.60 32.16 16.43
C LEU F 329 -30.38 33.45 16.18
N GLN F 330 -31.71 33.39 16.33
CA GLN F 330 -32.52 34.60 16.22
C GLN F 330 -32.04 35.69 17.18
N ASP F 331 -31.54 35.29 18.35
CA ASP F 331 -31.04 36.26 19.30
C ASP F 331 -29.84 37.01 18.72
N GLU F 332 -28.93 36.29 18.08
CA GLU F 332 -27.77 36.94 17.45
C GLU F 332 -28.21 37.84 16.31
N ALA F 333 -29.18 37.40 15.51
CA ALA F 333 -29.69 38.26 14.45
C ALA F 333 -30.24 39.56 15.01
N GLU F 334 -31.01 39.46 16.11
CA GLU F 334 -31.56 40.66 16.73
C GLU F 334 -30.46 41.56 17.27
N SER F 335 -29.42 40.98 17.86
CA SER F 335 -28.34 41.79 18.40
C SER F 335 -27.62 42.56 17.30
N PHE F 336 -27.34 41.90 16.17
CA PHE F 336 -26.69 42.64 15.10
C PHE F 336 -27.62 43.67 14.50
N MET F 337 -28.92 43.40 14.45
CA MET F 337 -29.87 44.43 14.04
C MET F 337 -29.77 45.63 14.97
N HIS F 338 -29.60 45.39 16.27
CA HIS F 338 -29.45 46.48 17.22
C HIS F 338 -28.20 47.30 16.94
N VAL F 339 -27.09 46.63 16.63
CA VAL F 339 -25.87 47.38 16.31
C VAL F 339 -26.07 48.23 15.07
N GLN F 340 -26.69 47.65 14.03
CA GLN F 340 -27.02 48.41 12.84
C GLN F 340 -27.86 49.63 13.19
N LEU F 341 -28.83 49.46 14.08
CA LEU F 341 -29.63 50.59 14.54
C LEU F 341 -28.77 51.64 15.22
N GLU F 342 -27.84 51.20 16.06
CA GLU F 342 -26.95 52.12 16.75
C GLU F 342 -26.13 52.96 15.77
N VAL F 343 -25.84 52.41 14.59
CA VAL F 343 -25.06 53.19 13.62
C VAL F 343 -25.79 54.47 13.21
N MET F 344 -27.12 54.44 13.21
CA MET F 344 -27.90 55.50 12.58
C MET F 344 -28.06 56.74 13.44
N VAL F 345 -27.61 56.72 14.70
CA VAL F 345 -27.85 57.87 15.56
C VAL F 345 -27.09 59.10 15.09
N LYS F 346 -25.88 58.92 14.56
CA LYS F 346 -25.06 60.07 14.19
C LYS F 346 -24.37 59.90 12.83
N HIS F 347 -24.81 58.97 12.00
CA HIS F 347 -24.22 58.75 10.69
C HIS F 347 -25.32 58.33 9.72
N PRO F 348 -25.08 58.44 8.42
CA PRO F 348 -25.94 57.75 7.47
C PRO F 348 -25.82 56.25 7.64
N PRO F 349 -26.85 55.50 7.29
CA PRO F 349 -26.85 54.07 7.58
C PRO F 349 -25.72 53.34 6.88
N ALA F 350 -25.45 52.12 7.34
CA ALA F 350 -24.39 51.31 6.75
C ALA F 350 -24.97 50.59 5.55
N GLU F 351 -24.66 51.10 4.35
CA GLU F 351 -25.23 50.57 3.13
C GLU F 351 -24.78 49.12 2.92
N PRO F 352 -25.67 48.26 2.45
CA PRO F 352 -25.26 46.91 2.07
C PRO F 352 -24.46 46.94 0.78
N SER F 353 -23.76 45.86 0.46
CA SER F 353 -22.99 45.84 -0.77
C SER F 353 -23.93 45.82 -1.98
N ARG F 354 -23.36 45.98 -3.16
CA ARG F 354 -24.15 46.02 -4.38
C ARG F 354 -24.28 44.65 -5.05
N PHE F 355 -23.34 43.74 -4.81
CA PHE F 355 -23.33 42.47 -5.53
C PHE F 355 -24.30 41.46 -4.93
N ILE F 356 -24.54 41.54 -3.62
CA ILE F 356 -25.48 40.65 -2.98
C ILE F 356 -26.64 41.52 -2.47
N SER F 357 -27.81 40.90 -2.31
CA SER F 357 -29.02 41.59 -1.94
C SER F 357 -29.51 41.10 -0.58
N ALA F 358 -30.26 41.98 0.12
CA ALA F 358 -30.76 41.72 1.45
C ALA F 358 -32.09 40.99 1.40
N PRO F 359 -32.28 39.94 2.19
CA PRO F 359 -33.56 39.24 2.21
C PRO F 359 -34.63 40.02 2.98
N THR F 360 -35.34 40.91 2.28
CA THR F 360 -36.34 41.76 2.91
C THR F 360 -37.31 40.95 3.76
N LYS F 361 -37.59 41.46 4.95
CA LYS F 361 -38.44 40.80 5.93
C LYS F 361 -39.84 41.39 5.90
N THR F 362 -40.78 40.66 6.51
CA THR F 362 -42.18 41.05 6.53
C THR F 362 -42.48 41.83 7.79
N PRO F 363 -42.87 43.10 7.70
CA PRO F 363 -43.24 43.85 8.90
C PRO F 363 -44.49 43.26 9.54
N ASP F 364 -44.57 43.37 10.86
CA ASP F 364 -45.68 42.85 11.63
C ASP F 364 -46.23 43.95 12.54
N LYS F 365 -47.50 43.79 12.92
CA LYS F 365 -48.21 44.80 13.69
C LYS F 365 -48.07 44.59 15.19
N MET F 366 -47.04 43.87 15.64
CA MET F 366 -46.66 43.79 17.05
C MET F 366 -47.73 43.11 17.90
N GLY F 367 -48.83 42.67 17.30
CA GLY F 367 -49.96 42.19 18.06
C GLY F 367 -50.83 43.28 18.65
N PHE F 368 -50.75 44.49 18.10
CA PHE F 368 -51.42 45.66 18.65
C PHE F 368 -52.68 45.97 17.85
N ASP F 369 -53.31 47.10 18.17
CA ASP F 369 -54.40 47.65 17.38
C ASP F 369 -53.89 48.79 16.49
N GLU F 370 -53.13 49.72 17.04
CA GLU F 370 -52.57 50.83 16.31
C GLU F 370 -51.19 51.17 16.82
N VAL F 371 -50.40 51.82 15.97
CA VAL F 371 -49.14 52.44 16.37
C VAL F 371 -49.11 53.84 15.76
N PHE F 372 -48.80 54.84 16.57
CA PHE F 372 -48.81 56.23 16.14
C PHE F 372 -47.41 56.81 16.25
N MET F 373 -47.17 57.91 15.55
CA MET F 373 -45.90 58.63 15.63
C MET F 373 -46.14 60.10 15.32
N ILE F 374 -46.00 60.95 16.34
CA ILE F 374 -46.09 62.39 16.12
C ILE F 374 -44.86 62.87 15.36
N ASN F 375 -45.08 63.70 14.35
CA ASN F 375 -43.98 64.27 13.60
C ASN F 375 -44.43 65.60 13.02
N LEU F 376 -43.45 66.42 12.64
CA LEU F 376 -43.70 67.73 12.08
C LEU F 376 -43.39 67.71 10.58
N ARG F 377 -44.26 68.37 9.80
CA ARG F 377 -44.06 68.42 8.35
C ARG F 377 -42.76 69.13 8.00
N ARG F 378 -42.43 70.21 8.71
CA ARG F 378 -41.20 70.94 8.43
C ARG F 378 -39.98 70.09 8.73
N ARG F 379 -40.03 69.28 9.79
CA ARG F 379 -38.92 68.44 10.17
C ARG F 379 -38.92 67.19 9.30
N GLN F 380 -37.91 67.07 8.42
CA GLN F 380 -37.84 65.99 7.46
C GLN F 380 -36.76 64.96 7.77
N ASP F 381 -35.68 65.37 8.44
CA ASP F 381 -34.59 64.44 8.72
C ASP F 381 -35.00 63.40 9.76
N ARG F 382 -35.64 63.83 10.85
CA ARG F 382 -35.96 62.91 11.95
C ARG F 382 -36.86 61.77 11.48
N ARG F 383 -37.90 62.10 10.71
CA ARG F 383 -38.89 61.08 10.35
C ARG F 383 -38.28 59.96 9.54
N GLU F 384 -37.40 60.30 8.58
CA GLU F 384 -36.79 59.26 7.75
C GLU F 384 -36.01 58.27 8.58
N ARG F 385 -35.17 58.78 9.49
CA ARG F 385 -34.44 57.88 10.38
C ARG F 385 -35.41 57.05 11.21
N MET F 386 -36.53 57.64 11.63
CA MET F 386 -37.45 56.90 12.47
C MET F 386 -38.10 55.75 11.72
N LEU F 387 -38.53 55.97 10.48
CA LEU F 387 -39.07 54.84 9.73
C LEU F 387 -37.99 53.79 9.51
N ARG F 388 -36.79 54.22 9.09
CA ARG F 388 -35.70 53.26 8.90
C ARG F 388 -35.55 52.36 10.12
N ALA F 389 -35.53 52.96 11.31
CA ALA F 389 -35.52 52.19 12.54
C ALA F 389 -36.74 51.27 12.64
N LEU F 390 -37.91 51.75 12.20
CA LEU F 390 -39.13 50.98 12.42
C LEU F 390 -39.19 49.72 11.56
N GLN F 391 -38.93 49.83 10.24
CA GLN F 391 -38.86 48.59 9.47
C GLN F 391 -37.61 47.79 9.81
N ALA F 392 -36.58 48.43 10.38
CA ALA F 392 -35.44 47.66 10.85
C ALA F 392 -35.84 46.64 11.91
N GLN F 393 -36.90 46.94 12.68
CA GLN F 393 -37.47 46.00 13.62
C GLN F 393 -38.81 45.43 13.15
N GLU F 394 -39.03 45.43 11.84
CA GLU F 394 -40.28 44.98 11.20
C GLU F 394 -41.51 45.45 11.95
N ILE F 395 -41.62 46.78 12.07
CA ILE F 395 -42.77 47.44 12.67
C ILE F 395 -43.37 48.39 11.64
N GLU F 396 -44.65 48.18 11.31
CA GLU F 396 -45.34 49.15 10.48
C GLU F 396 -45.68 50.39 11.30
N CYS F 397 -46.14 51.44 10.62
CA CYS F 397 -46.41 52.70 11.31
C CYS F 397 -47.62 53.37 10.66
N ARG F 398 -48.54 53.82 11.49
CA ARG F 398 -49.65 54.68 11.05
C ARG F 398 -49.24 56.11 11.40
N LEU F 399 -48.79 56.85 10.40
CA LEU F 399 -48.28 58.20 10.59
C LEU F 399 -49.43 59.18 10.81
N VAL F 400 -49.17 60.21 11.63
CA VAL F 400 -50.10 61.30 11.84
C VAL F 400 -49.32 62.60 11.79
N GLU F 401 -50.02 63.69 11.51
CA GLU F 401 -49.41 65.00 11.40
C GLU F 401 -49.66 65.80 12.67
N ALA F 402 -48.63 66.52 13.12
CA ALA F 402 -48.72 67.36 14.30
C ALA F 402 -48.98 68.80 13.87
N VAL F 403 -49.94 69.45 14.53
CA VAL F 403 -50.27 70.83 14.18
C VAL F 403 -49.20 71.76 14.69
N ASP F 404 -48.79 72.70 13.84
CA ASP F 404 -47.77 73.69 14.20
C ASP F 404 -48.35 74.68 15.19
N GLY F 405 -48.02 74.51 16.47
CA GLY F 405 -48.46 75.45 17.48
C GLY F 405 -47.85 76.83 17.31
N LYS F 406 -46.60 76.89 16.86
CA LYS F 406 -45.93 78.18 16.67
C LYS F 406 -46.66 79.04 15.64
N ALA F 407 -47.02 78.45 14.51
CA ALA F 407 -47.64 79.21 13.43
C ALA F 407 -49.08 79.60 13.72
N MET F 408 -49.74 78.91 14.66
CA MET F 408 -51.15 79.16 14.91
C MET F 408 -51.34 80.51 15.60
N ASN F 409 -52.46 81.17 15.30
CA ASN F 409 -52.77 82.49 15.85
C ASN F 409 -54.04 82.42 16.69
N THR F 410 -54.30 83.53 17.40
CA THR F 410 -55.36 83.54 18.41
C THR F 410 -56.75 83.33 17.81
N SER F 411 -56.95 83.73 16.55
CA SER F 411 -58.28 83.65 15.95
C SER F 411 -58.79 82.21 15.91
N GLN F 412 -57.92 81.28 15.55
CA GLN F 412 -58.27 79.86 15.60
C GLN F 412 -57.82 79.18 16.89
N VAL F 413 -56.96 79.84 17.69
CA VAL F 413 -56.63 79.29 19.00
C VAL F 413 -57.84 79.32 19.92
N GLU F 414 -58.54 80.44 19.95
CA GLU F 414 -59.77 80.56 20.74
C GLU F 414 -60.98 79.99 20.05
N ALA F 415 -60.84 79.55 18.79
CA ALA F 415 -61.96 78.93 18.10
C ALA F 415 -62.33 77.58 18.73
N LEU F 416 -61.35 76.91 19.34
CA LEU F 416 -61.60 75.66 20.04
C LEU F 416 -61.75 75.86 21.54
N GLY F 417 -61.83 77.10 22.00
CA GLY F 417 -61.92 77.37 23.42
C GLY F 417 -60.66 77.09 24.20
N ILE F 418 -59.50 77.15 23.54
CA ILE F 418 -58.24 76.82 24.18
C ILE F 418 -57.87 77.92 25.17
N GLN F 419 -57.98 77.61 26.46
CA GLN F 419 -57.66 78.55 27.52
C GLN F 419 -56.65 77.92 28.46
N MET F 420 -55.58 78.65 28.74
CA MET F 420 -54.54 78.16 29.64
C MET F 420 -55.07 78.06 31.07
N LEU F 421 -54.57 77.06 31.79
CA LEU F 421 -55.02 76.78 33.15
C LEU F 421 -54.70 77.94 34.07
N PRO F 422 -55.69 78.51 34.77
CA PRO F 422 -55.43 79.70 35.59
C PRO F 422 -54.33 79.44 36.62
N GLY F 423 -53.45 80.43 36.78
CA GLY F 423 -52.35 80.33 37.71
C GLY F 423 -51.33 79.27 37.40
N TYR F 424 -50.90 79.18 36.13
CA TYR F 424 -49.85 78.25 35.74
C TYR F 424 -48.67 79.01 35.15
N ARG F 425 -47.47 78.61 35.55
CA ARG F 425 -46.23 79.19 35.06
C ARG F 425 -45.31 78.04 34.66
N ASP F 426 -44.05 78.36 34.40
CA ASP F 426 -43.04 77.33 34.18
C ASP F 426 -42.48 76.89 35.53
N PRO F 427 -42.51 75.60 35.85
CA PRO F 427 -42.01 75.15 37.16
C PRO F 427 -40.53 75.42 37.38
N TYR F 428 -39.75 75.63 36.32
CA TYR F 428 -38.32 75.84 36.44
C TYR F 428 -37.90 77.26 36.11
N HIS F 429 -38.58 77.95 35.19
CA HIS F 429 -38.21 79.28 34.75
C HIS F 429 -39.20 80.35 35.22
N GLY F 430 -40.50 80.06 35.15
CA GLY F 430 -41.53 81.01 35.50
C GLY F 430 -42.34 81.53 34.34
N ARG F 431 -41.94 81.23 33.10
CA ARG F 431 -42.69 81.69 31.94
C ARG F 431 -44.06 81.01 31.90
N PRO F 432 -45.08 81.70 31.40
CA PRO F 432 -46.45 81.14 31.46
C PRO F 432 -46.62 79.86 30.65
N LEU F 433 -46.34 79.92 29.35
CA LEU F 433 -46.60 78.79 28.46
C LEU F 433 -45.94 79.10 27.11
N THR F 434 -45.99 78.11 26.22
CA THR F 434 -45.39 78.22 24.89
C THR F 434 -46.36 77.61 23.87
N LYS F 435 -45.97 77.69 22.60
CA LYS F 435 -46.81 77.23 21.50
C LYS F 435 -46.44 75.83 21.00
N GLY F 436 -45.17 75.44 21.08
CA GLY F 436 -44.81 74.08 20.73
C GLY F 436 -45.47 73.06 21.62
N GLU F 437 -45.49 73.33 22.93
CA GLU F 437 -46.25 72.51 23.85
C GLU F 437 -47.73 72.52 23.51
N LEU F 438 -48.25 73.67 23.09
CA LEU F 438 -49.65 73.74 22.68
C LEU F 438 -49.93 72.79 21.52
N GLY F 439 -49.06 72.80 20.51
CA GLY F 439 -49.25 71.91 19.38
C GLY F 439 -49.13 70.44 19.76
N CYS F 440 -48.15 70.12 20.62
CA CYS F 440 -48.01 68.75 21.09
C CYS F 440 -49.25 68.29 21.85
N PHE F 441 -49.78 69.17 22.71
CA PHE F 441 -50.99 68.84 23.46
C PHE F 441 -52.16 68.63 22.53
N LEU F 442 -52.30 69.48 21.51
CA LEU F 442 -53.39 69.31 20.55
C LEU F 442 -53.26 67.99 19.80
N SER F 443 -52.03 67.64 19.39
CA SER F 443 -51.83 66.38 18.67
C SER F 443 -52.18 65.19 19.55
N HIS F 444 -51.73 65.20 20.81
CA HIS F 444 -52.07 64.12 21.72
C HIS F 444 -53.58 64.05 21.95
N TYR F 445 -54.22 65.22 22.07
CA TYR F 445 -55.66 65.29 22.26
C TYR F 445 -56.39 64.67 21.07
N ASN F 446 -55.97 65.02 19.86
CA ASN F 446 -56.60 64.45 18.66
C ASN F 446 -56.38 62.96 18.58
N ILE F 447 -55.19 62.49 18.96
CA ILE F 447 -54.92 61.05 18.98
C ILE F 447 -55.88 60.36 19.95
N TRP F 448 -56.05 60.94 21.13
CA TRP F 448 -56.95 60.37 22.13
C TRP F 448 -58.37 60.33 21.59
N LYS F 449 -58.81 61.42 20.95
CA LYS F 449 -60.15 61.47 20.41
C LYS F 449 -60.35 60.42 19.33
N GLU F 450 -59.35 60.24 18.46
CA GLU F 450 -59.49 59.25 17.39
C GLU F 450 -59.56 57.83 17.94
N VAL F 451 -58.70 57.50 18.91
CA VAL F 451 -58.74 56.14 19.45
C VAL F 451 -60.04 55.92 20.22
N VAL F 452 -60.59 56.97 20.84
CA VAL F 452 -61.88 56.85 21.49
C VAL F 452 -62.98 56.60 20.45
N ASP F 453 -62.97 57.37 19.37
CA ASP F 453 -64.03 57.26 18.36
C ASP F 453 -64.03 55.89 17.70
N ARG F 454 -62.85 55.40 17.32
CA ARG F 454 -62.77 54.10 16.67
C ARG F 454 -62.89 52.94 17.66
N GLY F 455 -62.71 53.20 18.95
CA GLY F 455 -62.83 52.15 19.95
C GLY F 455 -61.77 51.09 19.93
N LEU F 456 -60.49 51.49 19.94
CA LEU F 456 -59.40 50.53 19.99
C LEU F 456 -59.13 50.11 21.42
N GLN F 457 -58.77 48.84 21.60
CA GLN F 457 -58.48 48.33 22.93
C GLN F 457 -57.18 48.90 23.48
N LYS F 458 -56.11 48.91 22.67
CA LYS F 458 -54.81 49.35 23.13
C LYS F 458 -54.00 49.87 21.95
N SER F 459 -53.38 51.04 22.13
CA SER F 459 -52.60 51.66 21.08
C SER F 459 -51.30 52.18 21.65
N LEU F 460 -50.31 52.36 20.77
CA LEU F 460 -48.97 52.77 21.15
C LEU F 460 -48.68 54.15 20.57
N VAL F 461 -47.98 54.99 21.33
CA VAL F 461 -47.66 56.36 20.94
C VAL F 461 -46.14 56.53 20.96
N PHE F 462 -45.63 57.37 20.05
CA PHE F 462 -44.20 57.63 19.93
C PHE F 462 -43.93 59.12 19.87
N GLU F 463 -42.69 59.49 19.56
CA GLU F 463 -42.31 60.87 19.31
C GLU F 463 -41.25 60.87 18.23
N ASP F 464 -40.55 62.00 18.09
CA ASP F 464 -39.69 62.22 16.93
C ASP F 464 -38.20 62.13 17.25
N ASP F 465 -37.82 61.58 18.39
CA ASP F 465 -36.41 61.45 18.74
C ASP F 465 -36.28 60.29 19.72
N LEU F 466 -35.70 59.18 19.25
CA LEU F 466 -35.73 57.92 19.97
C LEU F 466 -34.37 57.24 19.89
N ARG F 467 -34.19 56.22 20.74
CA ARG F 467 -33.07 55.28 20.62
C ARG F 467 -33.55 53.97 21.23
N PHE F 468 -33.89 53.02 20.36
CA PHE F 468 -34.50 51.78 20.83
C PHE F 468 -33.47 50.90 21.53
N GLU F 469 -33.85 50.39 22.71
CA GLU F 469 -33.01 49.48 23.45
C GLU F 469 -33.06 48.08 22.86
N ILE F 470 -32.25 47.19 23.43
CA ILE F 470 -32.06 45.86 22.88
C ILE F 470 -33.31 45.02 23.10
N PHE F 471 -33.67 44.23 22.08
CA PHE F 471 -34.81 43.31 22.12
C PHE F 471 -36.10 44.05 22.46
N PHE F 472 -36.31 45.19 21.81
CA PHE F 472 -37.45 46.04 22.16
C PHE F 472 -38.78 45.34 21.90
N LYS F 473 -38.96 44.84 20.68
CA LYS F 473 -40.24 44.28 20.28
C LYS F 473 -40.58 43.03 21.10
N ARG F 474 -39.63 42.10 21.21
CA ARG F 474 -39.90 40.85 21.91
C ARG F 474 -40.21 41.10 23.38
N ARG F 475 -39.45 42.00 24.02
CA ARG F 475 -39.68 42.24 25.43
C ARG F 475 -41.02 42.92 25.68
N LEU F 476 -41.36 43.92 24.87
CA LEU F 476 -42.65 44.57 25.03
C LEU F 476 -43.79 43.58 24.81
N MET F 477 -43.64 42.71 23.80
CA MET F 477 -44.67 41.71 23.52
C MET F 477 -44.86 40.78 24.70
N ASN F 478 -43.75 40.26 25.25
CA ASN F 478 -43.87 39.33 26.37
C ASN F 478 -44.48 40.01 27.59
N LEU F 479 -44.05 41.24 27.90
CA LEU F 479 -44.58 41.93 29.06
C LEU F 479 -46.07 42.20 28.91
N MET F 480 -46.51 42.64 27.74
CA MET F 480 -47.93 42.92 27.57
C MET F 480 -48.76 41.65 27.53
N ARG F 481 -48.19 40.56 26.99
CA ARG F 481 -48.89 39.28 27.06
C ARG F 481 -49.11 38.86 28.51
N ASP F 482 -48.07 39.00 29.34
CA ASP F 482 -48.24 38.70 30.77
C ASP F 482 -49.29 39.58 31.40
N VAL F 483 -49.26 40.89 31.12
CA VAL F 483 -50.19 41.82 31.73
C VAL F 483 -51.63 41.46 31.35
N GLU F 484 -51.86 41.22 30.06
CA GLU F 484 -53.21 40.89 29.60
C GLU F 484 -53.68 39.55 30.15
N ARG F 485 -52.80 38.55 30.20
CA ARG F 485 -53.20 37.26 30.73
C ARG F 485 -53.56 37.35 32.21
N GLU F 486 -52.80 38.11 32.98
CA GLU F 486 -53.15 38.30 34.38
C GLU F 486 -54.42 39.13 34.53
N GLY F 487 -54.49 40.27 33.86
CA GLY F 487 -55.66 41.11 33.91
C GLY F 487 -55.67 42.04 35.09
N LEU F 488 -55.80 43.35 34.84
CA LEU F 488 -55.82 44.37 35.87
C LEU F 488 -56.17 45.69 35.21
N ASP F 489 -56.31 46.73 36.02
CA ASP F 489 -56.77 48.04 35.54
C ASP F 489 -55.64 48.89 34.98
N TRP F 490 -54.90 48.35 34.00
CA TRP F 490 -53.83 49.10 33.38
C TRP F 490 -54.41 50.10 32.39
N ASP F 491 -54.05 51.37 32.56
CA ASP F 491 -54.65 52.45 31.78
C ASP F 491 -53.61 53.25 31.00
N LEU F 492 -52.52 53.64 31.64
CA LEU F 492 -51.51 54.50 31.02
C LEU F 492 -50.12 53.94 31.26
N ILE F 493 -49.96 52.64 30.96
CA ILE F 493 -48.68 51.98 31.14
C ILE F 493 -47.58 52.74 30.43
N TYR F 494 -46.50 53.02 31.14
CA TYR F 494 -45.37 53.77 30.63
C TYR F 494 -44.31 52.83 30.06
N VAL F 495 -43.53 53.33 29.12
CA VAL F 495 -42.32 52.64 28.68
C VAL F 495 -41.10 53.53 28.66
N GLY F 496 -41.23 54.84 28.81
CA GLY F 496 -40.07 55.71 28.88
C GLY F 496 -40.38 57.01 29.60
N ARG F 497 -39.56 57.38 30.58
CA ARG F 497 -39.81 58.56 31.38
C ARG F 497 -38.54 58.95 32.10
N LYS F 498 -38.63 59.99 32.93
CA LYS F 498 -37.53 60.45 33.76
C LYS F 498 -38.00 60.44 35.21
N ARG F 499 -37.46 59.53 36.00
CA ARG F 499 -37.85 59.39 37.41
C ARG F 499 -37.18 60.52 38.20
N MET F 500 -37.84 61.68 38.24
CA MET F 500 -37.27 62.83 38.93
C MET F 500 -37.27 62.65 40.43
N GLN F 501 -38.23 61.90 40.98
CA GLN F 501 -38.33 61.69 42.41
C GLN F 501 -37.33 60.62 42.85
N VAL F 502 -36.07 61.04 42.94
CA VAL F 502 -34.99 60.12 43.31
C VAL F 502 -35.06 59.89 44.82
N GLU F 503 -35.40 58.67 45.21
CA GLU F 503 -35.62 58.32 46.61
C GLU F 503 -35.57 56.80 46.74
N HIS F 504 -36.05 56.31 47.87
CA HIS F 504 -36.15 54.87 48.11
C HIS F 504 -37.06 54.25 47.04
N PRO F 505 -36.88 52.97 46.72
CA PRO F 505 -37.62 52.36 45.59
C PRO F 505 -39.13 52.42 45.72
N GLU F 506 -39.82 52.09 44.63
CA GLU F 506 -41.27 52.14 44.56
C GLU F 506 -41.85 50.74 44.67
N LYS F 507 -43.11 50.68 45.10
CA LYS F 507 -43.79 49.41 45.26
C LYS F 507 -43.95 48.71 43.92
N ALA F 508 -43.77 47.40 43.93
CA ALA F 508 -43.90 46.58 42.73
C ALA F 508 -45.28 45.94 42.68
N VAL F 509 -45.91 45.97 41.52
CA VAL F 509 -47.23 45.34 41.36
C VAL F 509 -47.08 43.83 41.47
N PRO F 510 -47.85 43.17 42.32
CA PRO F 510 -47.61 41.74 42.56
C PRO F 510 -47.86 40.88 41.33
N ARG F 511 -47.05 39.83 41.21
CA ARG F 511 -47.18 38.74 40.24
C ARG F 511 -46.88 39.20 38.81
N VAL F 512 -46.53 40.47 38.62
CA VAL F 512 -46.16 40.98 37.31
C VAL F 512 -44.68 41.33 37.32
N ARG F 513 -43.96 40.88 36.29
CA ARG F 513 -42.53 41.09 36.18
C ARG F 513 -42.23 42.40 35.46
N ASN F 514 -41.05 42.94 35.74
CA ASN F 514 -40.53 44.14 35.09
C ASN F 514 -41.46 45.34 35.24
N LEU F 515 -42.48 45.26 36.08
CA LEU F 515 -43.53 46.27 36.16
C LEU F 515 -43.54 46.87 37.55
N VAL F 516 -43.53 48.19 37.62
CA VAL F 516 -43.59 48.91 38.89
C VAL F 516 -44.65 49.99 38.79
N GLU F 517 -45.07 50.47 39.95
CA GLU F 517 -46.08 51.52 40.02
C GLU F 517 -45.48 52.85 39.61
N ALA F 518 -46.34 53.74 39.11
CA ALA F 518 -45.89 55.00 38.55
C ALA F 518 -45.41 55.95 39.65
N ASP F 519 -44.98 57.13 39.21
CA ASP F 519 -44.48 58.17 40.10
C ASP F 519 -44.55 59.50 39.36
N TYR F 520 -43.91 60.53 39.92
CA TYR F 520 -43.79 61.80 39.23
C TYR F 520 -42.69 61.72 38.19
N SER F 521 -43.02 62.02 36.94
CA SER F 521 -42.06 61.88 35.85
C SER F 521 -42.49 62.73 34.66
N TYR F 522 -41.51 63.39 34.05
CA TYR F 522 -41.72 64.14 32.82
C TYR F 522 -41.45 63.22 31.62
N TRP F 523 -41.32 63.79 30.43
CA TRP F 523 -40.84 63.09 29.24
C TRP F 523 -41.78 61.93 28.86
N THR F 524 -42.98 62.29 28.43
CA THR F 524 -43.94 61.32 27.92
C THR F 524 -43.58 60.91 26.50
N LEU F 525 -42.34 60.43 26.35
CA LEU F 525 -41.83 60.05 25.02
C LEU F 525 -42.67 58.94 24.41
N ALA F 526 -42.88 57.86 25.17
CA ALA F 526 -43.61 56.72 24.66
C ALA F 526 -44.46 56.13 25.78
N TYR F 527 -45.72 55.87 25.47
CA TYR F 527 -46.66 55.31 26.44
C TYR F 527 -47.75 54.59 25.66
N VAL F 528 -48.31 53.54 26.27
CA VAL F 528 -49.41 52.81 25.66
C VAL F 528 -50.70 53.28 26.34
N ILE F 529 -51.50 54.03 25.60
CA ILE F 529 -52.78 54.49 26.12
C ILE F 529 -53.84 53.41 25.89
N SER F 530 -54.54 53.05 26.95
CA SER F 530 -55.56 52.01 26.88
C SER F 530 -56.90 52.61 26.46
N LEU F 531 -57.93 51.76 26.44
CA LEU F 531 -59.26 52.22 26.07
C LEU F 531 -59.96 52.89 27.24
N GLN F 532 -60.06 52.20 28.38
CA GLN F 532 -60.70 52.78 29.54
C GLN F 532 -59.95 54.03 30.01
N GLY F 533 -58.62 53.98 29.99
CA GLY F 533 -57.84 55.16 30.33
C GLY F 533 -58.13 56.33 29.39
N ALA F 534 -58.25 56.04 28.10
CA ALA F 534 -58.57 57.10 27.14
C ALA F 534 -59.94 57.69 27.44
N ARG F 535 -60.93 56.84 27.74
CA ARG F 535 -62.27 57.33 28.04
C ARG F 535 -62.27 58.21 29.28
N LYS F 536 -61.55 57.81 30.32
CA LYS F 536 -61.48 58.64 31.52
C LYS F 536 -60.79 59.97 31.22
N LEU F 537 -59.69 59.93 30.47
CA LEU F 537 -58.94 61.15 30.19
C LEU F 537 -59.78 62.13 29.39
N LEU F 538 -60.55 61.62 28.43
CA LEU F 538 -61.47 62.48 27.68
C LEU F 538 -62.64 62.94 28.55
N ALA F 539 -63.02 62.13 29.54
CA ALA F 539 -64.03 62.58 30.50
C ALA F 539 -63.51 63.74 31.32
N ALA F 540 -62.19 63.88 31.44
CA ALA F 540 -61.65 65.01 32.18
C ALA F 540 -62.05 66.36 31.59
N GLU F 541 -62.16 66.47 30.27
CA GLU F 541 -62.32 67.75 29.58
C GLU F 541 -61.24 68.74 29.97
N PRO F 542 -59.98 68.55 29.55
CA PRO F 542 -58.95 69.56 29.76
C PRO F 542 -58.92 70.60 28.65
N LEU F 543 -60.10 71.12 28.30
CA LEU F 543 -60.20 72.15 27.27
C LEU F 543 -60.21 73.55 27.85
N SER F 544 -60.28 73.68 29.17
CA SER F 544 -60.12 74.95 29.86
C SER F 544 -58.79 75.04 30.60
N LYS F 545 -57.97 74.00 30.54
CA LYS F 545 -56.73 73.93 31.32
C LYS F 545 -55.62 73.39 30.41
N MET F 546 -54.72 74.26 29.98
CA MET F 546 -53.56 73.86 29.21
C MET F 546 -52.30 73.89 30.06
N LEU F 547 -51.65 72.73 30.17
CA LEU F 547 -50.35 72.60 30.81
C LEU F 547 -49.60 71.48 30.08
N PRO F 548 -48.28 71.48 30.13
CA PRO F 548 -47.53 70.45 29.41
C PRO F 548 -47.91 69.05 29.87
N VAL F 549 -47.98 68.14 28.91
CA VAL F 549 -48.51 66.80 29.17
C VAL F 549 -47.66 66.07 30.19
N ASP F 550 -46.35 66.32 30.20
CA ASP F 550 -45.49 65.72 31.21
C ASP F 550 -45.86 66.20 32.61
N GLU F 551 -46.54 67.36 32.70
CA GLU F 551 -47.09 67.81 33.97
C GLU F 551 -48.57 67.45 34.11
N PHE F 552 -49.29 67.34 32.99
CA PHE F 552 -50.71 67.02 33.04
C PHE F 552 -50.94 65.60 33.51
N LEU F 553 -50.18 64.65 32.98
CA LEU F 553 -50.39 63.24 33.31
C LEU F 553 -50.22 62.95 34.80
N PRO F 554 -49.18 63.42 35.49
CA PRO F 554 -49.03 63.07 36.91
C PRO F 554 -50.18 63.53 37.79
N VAL F 555 -50.93 64.56 37.38
CA VAL F 555 -52.07 65.01 38.18
C VAL F 555 -53.15 63.94 38.23
N MET F 556 -53.48 63.38 37.06
CA MET F 556 -54.62 62.47 36.92
C MET F 556 -54.50 61.19 37.73
N PHE F 557 -53.31 60.80 38.17
CA PHE F 557 -53.22 59.66 39.09
C PHE F 557 -52.57 60.05 40.41
N ASP F 558 -52.78 61.31 40.81
CA ASP F 558 -52.60 61.76 42.20
C ASP F 558 -51.17 61.54 42.69
N LYS F 559 -50.22 62.18 42.01
CA LYS F 559 -48.83 62.16 42.44
C LYS F 559 -48.13 63.51 42.33
N HIS F 560 -48.80 64.55 41.85
CA HIS F 560 -48.17 65.85 41.73
C HIS F 560 -47.84 66.42 43.10
N PRO F 561 -46.61 66.91 43.33
CA PRO F 561 -46.30 67.53 44.62
C PRO F 561 -47.16 68.75 44.93
N VAL F 562 -47.31 69.66 43.97
CA VAL F 562 -48.08 70.88 44.23
C VAL F 562 -49.56 70.51 44.30
N SER F 563 -50.19 70.81 45.44
CA SER F 563 -51.57 70.42 45.68
C SER F 563 -52.59 71.37 45.06
N GLU F 564 -52.19 72.60 44.72
CA GLU F 564 -53.14 73.54 44.13
C GLU F 564 -53.60 73.06 42.76
N TYR F 565 -52.67 72.51 41.96
CA TYR F 565 -53.06 71.94 40.67
C TYR F 565 -54.02 70.79 40.84
N LYS F 566 -53.79 69.94 41.85
CA LYS F 566 -54.71 68.85 42.13
C LYS F 566 -56.08 69.39 42.51
N ALA F 567 -56.12 70.41 43.36
CA ALA F 567 -57.40 70.98 43.77
C ALA F 567 -58.13 71.63 42.59
N HIS F 568 -57.38 72.14 41.61
CA HIS F 568 -58.01 72.71 40.43
C HIS F 568 -58.71 71.65 39.59
N PHE F 569 -58.32 70.39 39.73
CA PHE F 569 -58.98 69.29 39.05
C PHE F 569 -59.97 68.59 39.98
N SER F 570 -60.69 67.62 39.42
CA SER F 570 -61.78 66.97 40.14
C SER F 570 -61.52 65.50 40.43
N LEU F 571 -61.25 64.70 39.40
CA LEU F 571 -61.20 63.24 39.53
C LEU F 571 -59.82 62.72 39.16
N ARG F 572 -59.39 61.67 39.87
CA ARG F 572 -58.04 61.12 39.77
C ARG F 572 -58.09 59.60 39.63
N ASN F 573 -58.89 59.10 38.70
CA ASN F 573 -59.15 57.67 38.61
C ASN F 573 -58.13 56.90 37.76
N LEU F 574 -57.10 57.54 37.24
CA LEU F 574 -56.13 56.85 36.41
C LEU F 574 -55.17 56.02 37.27
N HIS F 575 -54.73 54.90 36.72
CA HIS F 575 -53.75 54.02 37.38
C HIS F 575 -52.57 53.82 36.43
N ALA F 576 -51.56 54.67 36.57
CA ALA F 576 -50.40 54.56 35.71
C ALA F 576 -49.41 53.54 36.25
N PHE F 577 -48.75 52.85 35.33
CA PHE F 577 -47.71 51.88 35.64
C PHE F 577 -46.50 52.20 34.79
N SER F 578 -45.40 51.51 35.02
CA SER F 578 -44.20 51.73 34.23
C SER F 578 -43.31 50.50 34.31
N VAL F 579 -42.38 50.42 33.36
CA VAL F 579 -41.45 49.30 33.24
C VAL F 579 -40.12 49.75 33.81
N GLU F 580 -39.53 48.95 34.70
CA GLU F 580 -38.34 49.40 35.40
C GLU F 580 -37.08 49.28 34.54
N PRO F 581 -36.95 48.29 33.64
CA PRO F 581 -35.91 48.42 32.60
C PRO F 581 -36.39 49.32 31.49
N LEU F 582 -36.20 50.63 31.64
CA LEU F 582 -36.70 51.60 30.68
C LEU F 582 -36.26 51.25 29.27
N LEU F 583 -37.19 51.39 28.32
CA LEU F 583 -37.00 50.87 26.98
C LEU F 583 -36.86 51.94 25.90
N ILE F 584 -36.89 53.22 26.25
CA ILE F 584 -36.75 54.30 25.28
C ILE F 584 -36.09 55.48 25.97
N TYR F 585 -35.01 55.98 25.39
CA TYR F 585 -34.27 57.13 25.89
C TYR F 585 -34.28 58.24 24.85
N PRO F 586 -34.13 59.50 25.26
CA PRO F 586 -33.97 60.57 24.28
C PRO F 586 -32.68 60.41 23.51
N THR F 587 -32.71 60.77 22.22
CA THR F 587 -31.53 60.64 21.38
C THR F 587 -30.47 61.66 21.76
N HIS F 588 -30.86 62.93 21.88
CA HIS F 588 -29.95 64.00 22.25
C HIS F 588 -30.39 64.62 23.56
N TYR F 589 -29.44 64.80 24.46
CA TYR F 589 -29.72 65.43 25.75
C TYR F 589 -29.63 66.95 25.61
N THR F 590 -30.06 67.64 26.67
CA THR F 590 -29.98 69.09 26.66
C THR F 590 -28.52 69.54 26.70
N GLY F 591 -28.25 70.64 26.01
CA GLY F 591 -26.88 71.14 25.93
C GLY F 591 -25.93 70.21 25.22
N ASP F 592 -26.42 69.44 24.25
CA ASP F 592 -25.61 68.48 23.53
C ASP F 592 -25.75 68.72 22.02
N ASP F 593 -24.98 67.96 21.24
CA ASP F 593 -24.99 68.11 19.80
C ASP F 593 -26.25 67.50 19.20
N GLY F 594 -26.71 68.09 18.10
CA GLY F 594 -27.90 67.60 17.44
C GLY F 594 -29.20 67.93 18.14
N TYR F 595 -29.17 68.82 19.13
CA TYR F 595 -30.36 69.18 19.89
C TYR F 595 -30.99 70.43 19.26
N VAL F 596 -32.16 70.25 18.65
CA VAL F 596 -33.00 71.35 18.20
C VAL F 596 -34.40 71.04 18.74
N SER F 597 -34.79 71.74 19.79
CA SER F 597 -36.08 71.47 20.43
C SER F 597 -37.18 72.22 19.69
N ASP F 598 -38.14 71.46 19.15
CA ASP F 598 -39.29 72.10 18.51
C ASP F 598 -40.13 72.86 19.53
N THR F 599 -40.27 72.30 20.73
CA THR F 599 -40.93 72.99 21.83
C THR F 599 -39.90 73.82 22.60
N GLU F 600 -40.29 74.29 23.78
CA GLU F 600 -39.40 75.06 24.66
C GLU F 600 -39.03 76.40 24.03
N THR F 601 -38.21 76.37 22.98
CA THR F 601 -37.78 77.59 22.31
C THR F 601 -38.82 78.00 21.27
N SER F 602 -39.83 78.74 21.71
CA SER F 602 -40.88 79.25 20.84
C SER F 602 -41.47 80.50 21.51
N VAL F 603 -42.63 80.93 21.02
CA VAL F 603 -43.27 82.14 21.53
C VAL F 603 -44.31 81.77 22.58
N VAL F 604 -44.66 82.75 23.40
CA VAL F 604 -45.66 82.54 24.44
C VAL F 604 -47.04 82.31 23.81
N TRP F 605 -47.90 81.61 24.56
CA TRP F 605 -49.24 81.29 24.07
C TRP F 605 -49.99 82.55 23.63
N ASN F 606 -49.74 83.67 24.29
CA ASN F 606 -50.25 84.97 23.85
C ASN F 606 -49.11 85.82 23.34
N ASN F 607 -49.47 86.94 22.70
CA ASN F 607 -48.58 87.91 22.08
C ASN F 607 -47.68 87.24 21.04
N GLU F 608 -46.79 88.03 20.42
CA GLU F 608 -45.90 87.48 19.41
C GLU F 608 -44.49 88.07 19.46
N HIS F 609 -44.04 88.52 20.63
CA HIS F 609 -42.71 89.12 20.73
C HIS F 609 -41.96 88.67 21.98
N VAL F 610 -42.26 87.48 22.48
CA VAL F 610 -41.51 86.86 23.59
C VAL F 610 -41.06 85.49 23.09
N LYS F 611 -39.88 85.44 22.49
CA LYS F 611 -39.30 84.20 21.98
C LYS F 611 -38.29 83.69 23.00
N THR F 612 -38.73 82.80 23.87
CA THR F 612 -37.83 82.22 24.85
C THR F 612 -36.75 81.40 24.15
N ASP F 613 -35.50 81.84 24.29
CA ASP F 613 -34.39 81.19 23.63
C ASP F 613 -34.14 79.82 24.26
N TRP F 614 -33.49 78.94 23.50
CA TRP F 614 -33.09 77.64 24.02
C TRP F 614 -32.16 77.83 25.20
N ASP F 615 -32.48 77.17 26.31
CA ASP F 615 -31.78 77.42 27.57
C ASP F 615 -30.50 76.58 27.64
N ARG F 616 -29.37 77.26 27.76
CA ARG F 616 -28.08 76.59 27.83
C ARG F 616 -27.68 76.30 29.28
N ALA F 617 -27.69 77.33 30.13
CA ALA F 617 -27.26 77.17 31.51
C ALA F 617 -28.29 76.42 32.34
N LYS F 618 -29.49 76.98 32.47
CA LYS F 618 -30.54 76.36 33.28
C LYS F 618 -31.45 75.48 32.44
N SER F 619 -30.85 74.56 31.67
CA SER F 619 -31.63 73.58 30.92
C SER F 619 -32.34 72.63 31.88
N GLN F 620 -31.61 72.13 32.89
CA GLN F 620 -32.14 71.35 34.00
C GLN F 620 -32.77 70.03 33.56
N LYS F 621 -32.54 69.60 32.32
CA LYS F 621 -33.01 68.31 31.81
C LYS F 621 -31.87 67.57 31.14
N MET F 622 -30.71 67.53 31.81
CA MET F 622 -29.51 66.98 31.20
C MET F 622 -29.66 65.47 30.98
N ARG F 623 -29.77 64.71 32.07
CA ARG F 623 -30.00 63.27 32.00
C ARG F 623 -30.29 62.72 33.39
N GLU F 624 -31.31 61.87 33.52
CA GLU F 624 -31.58 61.21 34.78
C GLU F 624 -30.91 59.83 34.83
N GLN F 625 -29.62 59.83 34.54
CA GLN F 625 -28.81 58.62 34.59
C GLN F 625 -27.57 58.77 35.46
N GLN F 626 -26.92 59.93 35.43
CA GLN F 626 -25.87 60.21 36.40
C GLN F 626 -26.43 60.78 37.69
N ALA F 627 -27.66 61.29 37.65
CA ALA F 627 -28.33 61.73 38.87
C ALA F 627 -29.04 60.59 39.59
N LEU F 628 -29.28 59.47 38.92
CA LEU F 628 -29.93 58.31 39.52
C LEU F 628 -28.92 57.32 40.10
N SER F 629 -27.62 57.55 39.92
CA SER F 629 -26.59 56.64 40.39
C SER F 629 -26.44 56.79 41.91
N ARG F 630 -27.50 56.38 42.62
CA ARG F 630 -27.53 56.42 44.07
C ARG F 630 -28.35 55.19 44.50
N GLU F 631 -28.64 55.07 45.79
CA GLU F 631 -29.37 53.91 46.32
C GLU F 631 -30.85 53.98 45.89
N ALA F 632 -31.06 53.99 44.57
CA ALA F 632 -32.41 53.91 44.03
C ALA F 632 -32.98 52.50 44.15
N LYS F 633 -32.10 51.49 44.12
CA LYS F 633 -32.47 50.10 44.35
C LYS F 633 -33.49 49.60 43.34
N ASN F 634 -34.75 49.48 43.76
CA ASN F 634 -35.81 48.83 42.98
C ASN F 634 -35.44 47.39 42.64
N SER F 635 -34.65 46.76 43.51
CA SER F 635 -34.17 45.40 43.30
C SER F 635 -35.21 44.34 43.65
N ASP F 636 -36.31 44.72 44.30
CA ASP F 636 -37.34 43.76 44.65
C ASP F 636 -38.12 43.26 43.43
N VAL F 637 -37.96 43.90 42.28
CA VAL F 637 -38.69 43.49 41.09
C VAL F 637 -38.18 42.13 40.61
N LEU F 638 -39.01 41.47 39.80
CA LEU F 638 -38.66 40.19 39.18
C LEU F 638 -38.31 40.45 37.72
N GLN F 639 -37.09 40.07 37.34
CA GLN F 639 -36.56 40.38 36.02
C GLN F 639 -36.71 39.20 35.07
N SER F 640 -36.76 39.52 33.79
CA SER F 640 -37.03 38.53 32.75
C SER F 640 -35.85 37.59 32.57
N PRO F 641 -36.08 36.39 32.01
CA PRO F 641 -34.95 35.57 31.57
C PRO F 641 -34.11 36.25 30.50
N LEU F 642 -34.70 37.15 29.73
CA LEU F 642 -33.95 38.00 28.82
C LEU F 642 -33.32 39.14 29.63
N ASP F 643 -32.75 40.12 28.94
CA ASP F 643 -31.99 41.21 29.57
C ASP F 643 -30.88 40.65 30.46
N SER F 644 -30.23 39.60 29.97
CA SER F 644 -29.00 39.09 30.58
C SER F 644 -28.09 38.65 29.45
N ALA F 645 -26.86 39.16 29.46
CA ALA F 645 -25.95 39.00 28.34
C ALA F 645 -24.54 39.19 28.86
N ALA F 646 -23.60 39.45 27.94
CA ALA F 646 -22.23 39.85 28.26
C ALA F 646 -21.40 38.69 28.79
N ARG F 647 -20.10 38.89 28.82
CA ARG F 647 -19.12 37.87 29.13
C ARG F 647 -17.96 38.58 29.83
N ASP F 648 -16.79 37.96 29.85
CA ASP F 648 -15.65 38.56 30.54
C ASP F 648 -15.27 39.86 29.86
N GLU F 649 -15.70 40.98 30.47
CA GLU F 649 -15.55 42.32 29.94
C GLU F 649 -16.31 43.31 30.83
N LEU F 650 -17.50 42.94 31.25
CA LEU F 650 -18.30 43.78 32.15
C LEU F 650 -18.45 43.09 33.50
N ALA G 64 -14.91 -61.53 2.16
CA ALA G 64 -14.56 -62.30 3.35
C ALA G 64 -14.79 -63.79 3.13
N TYR G 65 -13.83 -64.44 2.47
CA TYR G 65 -13.94 -65.86 2.17
C TYR G 65 -12.59 -66.52 2.39
N PHE G 66 -12.64 -67.76 2.88
CA PHE G 66 -11.45 -68.57 3.18
C PHE G 66 -10.55 -67.91 4.21
N PRO G 67 -10.96 -67.85 5.47
CA PRO G 67 -10.11 -67.23 6.51
C PRO G 67 -8.84 -68.04 6.76
N GLU G 68 -7.81 -67.33 7.19
CA GLU G 68 -6.47 -67.89 7.32
C GLU G 68 -6.16 -68.27 8.77
N GLU G 69 -5.07 -69.01 8.95
CA GLU G 69 -4.57 -69.46 10.25
C GLU G 69 -3.07 -69.24 10.34
N ARG G 70 -2.64 -68.01 10.04
CA ARG G 70 -1.23 -67.64 9.90
C ARG G 70 -0.36 -68.31 10.93
N TRP G 71 0.64 -69.05 10.47
CA TRP G 71 1.44 -69.92 11.33
C TRP G 71 2.76 -69.23 11.69
N SER G 72 3.00 -69.06 12.98
CA SER G 72 4.21 -68.47 13.50
C SER G 72 4.77 -69.38 14.59
N PRO G 73 6.08 -69.64 14.60
CA PRO G 73 6.65 -70.54 15.60
C PRO G 73 6.97 -69.79 16.89
N GLU G 74 7.42 -70.56 17.88
CA GLU G 74 7.75 -70.01 19.18
C GLU G 74 9.18 -69.47 19.17
N SER G 75 9.34 -68.23 19.64
CA SER G 75 10.64 -67.59 19.63
C SER G 75 11.55 -68.22 20.69
N PRO G 76 12.86 -68.07 20.53
CA PRO G 76 13.79 -68.64 21.52
C PRO G 76 13.69 -67.92 22.86
N LEU G 77 14.03 -68.66 23.92
CA LEU G 77 13.98 -68.11 25.26
C LEU G 77 15.13 -67.13 25.48
N GLN G 78 14.81 -65.99 26.08
CA GLN G 78 15.82 -64.99 26.37
C GLN G 78 16.75 -65.47 27.48
N ALA G 79 17.93 -64.87 27.54
CA ALA G 79 18.95 -65.30 28.50
C ALA G 79 18.55 -64.90 29.92
N PRO G 80 19.02 -65.66 30.91
CA PRO G 80 18.71 -65.30 32.31
C PRO G 80 19.43 -64.04 32.73
N ARG G 81 18.85 -63.37 33.72
CA ARG G 81 19.44 -62.16 34.27
C ARG G 81 20.70 -62.48 35.06
N VAL G 82 21.38 -61.44 35.52
CA VAL G 82 22.60 -61.60 36.32
C VAL G 82 22.80 -60.33 37.13
N LEU G 83 23.36 -60.49 38.32
CA LEU G 83 23.66 -59.38 39.21
C LEU G 83 25.17 -59.24 39.37
N ILE G 84 25.67 -58.04 39.10
CA ILE G 84 27.09 -57.73 39.21
C ILE G 84 27.29 -56.76 40.36
N ALA G 85 28.19 -57.09 41.27
CA ALA G 85 28.46 -56.28 42.46
C ALA G 85 29.94 -55.97 42.55
N LEU G 86 30.26 -54.78 43.04
CA LEU G 86 31.62 -54.33 43.22
C LEU G 86 31.85 -53.92 44.66
N LEU G 87 32.99 -54.32 45.22
CA LEU G 87 33.40 -53.94 46.57
C LEU G 87 34.83 -53.45 46.48
N ALA G 88 35.03 -52.14 46.60
CA ALA G 88 36.31 -51.50 46.39
C ALA G 88 36.82 -50.92 47.71
N ARG G 89 38.09 -51.22 48.03
CA ARG G 89 38.74 -50.68 49.23
C ARG G 89 40.18 -50.32 48.84
N ASN G 90 40.37 -49.06 48.43
CA ASN G 90 41.69 -48.52 48.08
C ASN G 90 42.36 -49.34 46.98
N ALA G 91 41.73 -49.31 45.80
CA ALA G 91 42.26 -50.00 44.62
C ALA G 91 42.18 -49.12 43.38
N ALA G 92 42.48 -47.83 43.53
CA ALA G 92 42.41 -46.90 42.40
C ALA G 92 43.48 -47.16 41.36
N HIS G 93 44.50 -47.98 41.68
CA HIS G 93 45.59 -48.22 40.74
C HIS G 93 45.16 -49.02 39.52
N ALA G 94 44.06 -49.78 39.62
CA ALA G 94 43.65 -50.63 38.50
C ALA G 94 42.14 -50.59 38.26
N LEU G 95 41.47 -49.48 38.58
CA LEU G 95 40.04 -49.38 38.32
C LEU G 95 39.70 -49.45 36.84
N PRO G 96 40.31 -48.65 35.96
CA PRO G 96 39.96 -48.75 34.53
C PRO G 96 40.27 -50.10 33.92
N THR G 97 41.36 -50.74 34.33
CA THR G 97 41.74 -52.02 33.73
C THR G 97 40.69 -53.09 33.98
N THR G 98 40.17 -53.17 35.20
CA THR G 98 39.12 -54.14 35.50
C THR G 98 37.78 -53.69 34.95
N LEU G 99 37.52 -52.37 34.95
CA LEU G 99 36.23 -51.87 34.47
C LEU G 99 36.04 -52.13 32.99
N GLY G 100 37.09 -51.94 32.19
CA GLY G 100 36.98 -52.20 30.77
C GLY G 100 36.68 -53.65 30.46
N ALA G 101 37.30 -54.57 31.22
CA ALA G 101 37.03 -55.99 31.02
C ALA G 101 35.63 -56.37 31.51
N LEU G 102 35.17 -55.74 32.59
CA LEU G 102 33.84 -56.06 33.12
C LEU G 102 32.73 -55.45 32.28
N GLU G 103 33.02 -54.41 31.50
CA GLU G 103 32.01 -53.77 30.66
C GLU G 103 31.86 -54.44 29.30
N ARG G 104 32.62 -55.49 29.03
CA ARG G 104 32.56 -56.19 27.74
C ARG G 104 32.09 -57.63 27.89
N LEU G 105 31.32 -57.94 28.92
CA LEU G 105 30.81 -59.29 29.11
C LEU G 105 29.85 -59.65 27.98
N ARG G 106 29.82 -60.94 27.64
CA ARG G 106 29.03 -61.43 26.52
C ARG G 106 27.63 -61.88 26.99
N HIS G 107 26.94 -60.94 27.62
CA HIS G 107 25.54 -61.11 28.01
C HIS G 107 24.78 -59.86 27.62
N PRO G 108 23.49 -59.96 27.37
CA PRO G 108 22.72 -58.78 26.97
C PRO G 108 22.78 -57.69 28.03
N ARG G 109 22.92 -56.45 27.57
CA ARG G 109 23.01 -55.32 28.48
C ARG G 109 21.70 -55.04 29.19
N GLU G 110 20.60 -55.58 28.69
CA GLU G 110 19.29 -55.41 29.32
C GLU G 110 18.98 -56.49 30.34
N ARG G 111 19.92 -57.39 30.60
CA ARG G 111 19.75 -58.48 31.57
C ARG G 111 20.90 -58.50 32.56
N THR G 112 21.23 -57.33 33.10
CA THR G 112 22.32 -57.21 34.06
C THR G 112 21.99 -56.10 35.05
N ALA G 113 22.65 -56.17 36.21
CA ALA G 113 22.42 -55.21 37.28
C ALA G 113 23.76 -54.86 37.95
N LEU G 114 23.82 -53.67 38.52
CA LEU G 114 24.99 -53.17 39.21
C LEU G 114 24.61 -52.68 40.60
N TRP G 115 25.35 -53.13 41.61
CA TRP G 115 25.12 -52.75 43.01
C TRP G 115 26.45 -52.41 43.68
N VAL G 116 27.26 -51.59 43.01
CA VAL G 116 28.60 -51.30 43.50
C VAL G 116 28.55 -50.48 44.78
N ALA G 117 29.56 -50.66 45.62
CA ALA G 117 29.71 -49.90 46.86
C ALA G 117 31.17 -49.94 47.27
N THR G 118 31.71 -48.78 47.65
CA THR G 118 33.12 -48.66 48.01
C THR G 118 33.26 -47.94 49.34
N ASP G 119 34.25 -48.34 50.13
CA ASP G 119 34.49 -47.73 51.43
C ASP G 119 35.94 -47.99 51.83
N HIS G 120 36.41 -47.18 52.78
CA HIS G 120 37.76 -47.32 53.35
C HIS G 120 38.82 -47.26 52.26
N ASN G 121 38.68 -46.32 51.33
CA ASN G 121 39.63 -46.12 50.24
C ASN G 121 40.40 -44.83 50.48
N MET G 122 41.71 -44.94 50.71
CA MET G 122 42.52 -43.76 50.94
C MET G 122 42.69 -42.94 49.67
N ASP G 123 42.61 -43.59 48.51
CA ASP G 123 42.75 -42.90 47.23
C ASP G 123 41.40 -42.32 46.80
N ASN G 124 41.32 -41.87 45.56
CA ASN G 124 40.11 -41.25 45.01
C ASN G 124 39.30 -42.22 44.17
N THR G 125 39.28 -43.50 44.54
CA THR G 125 38.55 -44.51 43.79
C THR G 125 37.05 -44.25 43.81
N SER G 126 36.53 -43.60 44.85
CA SER G 126 35.09 -43.34 44.93
C SER G 126 34.64 -42.41 43.82
N THR G 127 35.42 -41.36 43.53
CA THR G 127 35.03 -40.43 42.48
C THR G 127 35.01 -41.10 41.11
N VAL G 128 36.02 -41.91 40.81
CA VAL G 128 36.07 -42.62 39.54
C VAL G 128 34.94 -43.63 39.45
N LEU G 129 34.63 -44.30 40.56
CA LEU G 129 33.51 -45.24 40.56
C LEU G 129 32.19 -44.54 40.29
N ARG G 130 31.98 -43.38 40.92
CA ARG G 130 30.76 -42.63 40.66
C ARG G 130 30.69 -42.17 39.21
N GLU G 131 31.81 -41.71 38.65
CA GLU G 131 31.82 -41.28 37.26
C GLU G 131 31.48 -42.43 36.33
N TRP G 132 32.09 -43.61 36.55
CA TRP G 132 31.80 -44.76 35.70
C TRP G 132 30.35 -45.20 35.83
N LEU G 133 29.82 -45.21 37.06
CA LEU G 133 28.43 -45.61 37.26
C LEU G 133 27.48 -44.65 36.57
N VAL G 134 27.75 -43.34 36.64
CA VAL G 134 26.92 -42.38 35.93
C VAL G 134 27.04 -42.57 34.44
N ALA G 135 28.24 -42.83 33.94
CA ALA G 135 28.45 -43.01 32.51
C ALA G 135 27.74 -44.23 31.96
N VAL G 136 27.75 -45.34 32.68
CA VAL G 136 27.13 -46.58 32.20
C VAL G 136 25.81 -46.87 32.92
N LYS G 137 25.15 -45.82 33.42
CA LYS G 137 23.89 -46.02 34.13
C LYS G 137 22.80 -46.54 33.20
N SER G 138 22.70 -45.97 32.00
CA SER G 138 21.61 -46.34 31.11
C SER G 138 21.84 -47.71 30.46
N LEU G 139 23.09 -48.17 30.42
CA LEU G 139 23.38 -49.44 29.77
C LEU G 139 22.70 -50.61 30.48
N TYR G 140 22.73 -50.62 31.81
CA TYR G 140 22.18 -51.73 32.58
C TYR G 140 20.75 -51.44 33.00
N HIS G 141 20.11 -52.47 33.57
CA HIS G 141 18.71 -52.35 33.95
C HIS G 141 18.54 -51.50 35.22
N SER G 142 19.42 -51.70 36.20
CA SER G 142 19.32 -50.97 37.46
C SER G 142 20.71 -50.83 38.08
N VAL G 143 20.93 -49.70 38.75
CA VAL G 143 22.21 -49.38 39.36
C VAL G 143 21.97 -49.03 40.83
N GLU G 144 22.79 -49.61 41.71
CA GLU G 144 22.74 -49.33 43.15
C GLU G 144 24.11 -48.87 43.61
N TRP G 145 24.14 -47.76 44.36
CA TRP G 145 25.39 -47.19 44.85
C TRP G 145 25.26 -46.90 46.35
N ARG G 146 26.32 -47.21 47.09
CA ARG G 146 26.37 -46.99 48.53
C ARG G 146 27.70 -46.36 48.90
N PRO G 147 27.77 -45.04 49.07
CA PRO G 147 29.04 -44.41 49.43
C PRO G 147 29.29 -44.38 50.92
N ALA G 148 30.43 -44.93 51.36
CA ALA G 148 30.80 -44.98 52.77
C ALA G 148 32.27 -44.59 52.92
N GLU G 149 32.66 -43.48 52.29
CA GLU G 149 34.06 -43.06 52.31
C GLU G 149 34.54 -42.77 53.73
N GLU G 150 33.72 -42.08 54.52
CA GLU G 150 34.10 -41.76 55.89
C GLU G 150 33.71 -42.89 56.84
N PRO G 151 34.62 -43.33 57.73
CA PRO G 151 35.99 -42.85 57.95
C PRO G 151 36.96 -43.42 56.91
N ARG G 152 38.09 -42.76 56.70
CA ARG G 152 39.04 -43.15 55.66
C ARG G 152 39.83 -44.40 56.02
N SER G 153 39.80 -44.85 57.27
CA SER G 153 40.53 -46.04 57.67
C SER G 153 39.93 -46.61 58.93
N TYR G 154 40.23 -47.88 59.20
CA TYR G 154 39.76 -48.55 60.40
C TYR G 154 40.51 -48.03 61.62
N PRO G 155 39.85 -47.98 62.78
CA PRO G 155 40.53 -47.53 64.00
C PRO G 155 41.61 -48.50 64.45
N ASP G 156 41.25 -49.78 64.54
CA ASP G 156 42.18 -50.82 64.96
C ASP G 156 42.86 -51.45 63.74
N GLU G 157 43.48 -50.58 62.94
CA GLU G 157 44.14 -50.99 61.70
C GLU G 157 45.65 -50.83 61.86
N GLU G 158 46.38 -51.91 61.59
CA GLU G 158 47.84 -51.86 61.60
C GLU G 158 48.41 -51.26 60.31
N GLY G 159 47.58 -51.12 59.28
CA GLY G 159 48.02 -50.56 58.02
C GLY G 159 46.94 -50.66 56.96
N PRO G 160 47.27 -50.25 55.73
CA PRO G 160 46.29 -50.40 54.64
C PRO G 160 45.90 -51.85 54.38
N LYS G 161 46.80 -52.79 54.58
CA LYS G 161 46.55 -54.21 54.32
C LYS G 161 46.29 -55.01 55.58
N HIS G 162 46.00 -54.34 56.70
CA HIS G 162 45.75 -55.05 57.95
C HIS G 162 44.44 -55.82 57.87
N TRP G 163 44.49 -57.10 58.23
CA TRP G 163 43.31 -57.96 58.22
C TRP G 163 42.66 -57.94 59.60
N SER G 164 42.14 -56.77 59.95
CA SER G 164 41.52 -56.58 61.26
C SER G 164 40.19 -57.30 61.33
N ASP G 165 39.75 -57.57 62.57
CA ASP G 165 38.46 -58.20 62.78
C ASP G 165 37.33 -57.31 62.28
N SER G 166 37.46 -56.00 62.46
CA SER G 166 36.44 -55.07 61.96
C SER G 166 36.35 -55.13 60.43
N ARG G 167 37.48 -55.21 59.75
CA ARG G 167 37.47 -55.28 58.30
C ARG G 167 36.81 -56.57 57.82
N TYR G 168 37.14 -57.71 58.46
CA TYR G 168 36.51 -58.96 58.09
C TYR G 168 35.01 -58.94 58.34
N GLU G 169 34.59 -58.36 59.47
CA GLU G 169 33.17 -58.25 59.77
C GLU G 169 32.46 -57.38 58.74
N HIS G 170 33.09 -56.27 58.34
CA HIS G 170 32.49 -55.41 57.33
C HIS G 170 32.38 -56.12 55.99
N VAL G 171 33.41 -56.88 55.61
CA VAL G 171 33.36 -57.62 54.36
C VAL G 171 32.25 -58.67 54.39
N MET G 172 32.14 -59.40 55.50
CA MET G 172 31.08 -60.41 55.61
C MET G 172 29.70 -59.77 55.58
N LYS G 173 29.53 -58.64 56.27
CA LYS G 173 28.24 -57.95 56.28
C LYS G 173 27.89 -57.43 54.89
N LEU G 174 28.86 -56.88 54.17
CA LEU G 174 28.60 -56.40 52.82
C LEU G 174 28.24 -57.54 51.88
N ARG G 175 28.94 -58.68 52.00
CA ARG G 175 28.60 -59.84 51.19
C ARG G 175 27.19 -60.34 51.48
N GLN G 176 26.82 -60.39 52.77
CA GLN G 176 25.48 -60.82 53.14
C GLN G 176 24.43 -59.85 52.60
N ALA G 177 24.69 -58.55 52.69
CA ALA G 177 23.75 -57.56 52.16
C ALA G 177 23.59 -57.71 50.66
N ALA G 178 24.70 -57.94 49.94
CA ALA G 178 24.61 -58.14 48.49
C ALA G 178 23.84 -59.40 48.16
N LEU G 179 24.07 -60.49 48.89
CA LEU G 179 23.36 -61.73 48.63
C LEU G 179 21.87 -61.60 48.94
N LYS G 180 21.52 -60.77 49.93
CA LYS G 180 20.11 -60.53 50.21
C LYS G 180 19.50 -59.61 49.16
N SER G 181 20.29 -58.71 48.59
CA SER G 181 19.80 -57.83 47.54
C SER G 181 19.56 -58.59 46.24
N ALA G 182 20.42 -59.55 45.91
CA ALA G 182 20.26 -60.31 44.68
C ALA G 182 19.08 -61.26 44.71
N ARG G 183 18.50 -61.50 45.90
CA ARG G 183 17.30 -62.31 46.02
C ARG G 183 16.04 -61.47 46.21
N ASP G 184 16.14 -60.15 46.05
CA ASP G 184 14.98 -59.28 46.18
C ASP G 184 14.32 -58.96 44.85
N MET G 185 15.07 -58.99 43.75
CA MET G 185 14.53 -58.79 42.41
C MET G 185 14.15 -60.10 41.74
N TRP G 186 14.25 -61.22 42.47
CA TRP G 186 13.92 -62.55 41.95
C TRP G 186 14.81 -62.92 40.77
N ALA G 187 16.00 -62.33 40.72
CA ALA G 187 16.95 -62.61 39.66
C ALA G 187 17.60 -63.97 39.87
N ASP G 188 18.21 -64.48 38.82
CA ASP G 188 18.88 -65.78 38.83
C ASP G 188 20.38 -65.57 38.61
N TYR G 189 21.19 -66.27 39.40
CA TYR G 189 22.64 -66.26 39.30
C TYR G 189 23.23 -64.91 39.73
N ILE G 190 24.26 -64.94 40.58
CA ILE G 190 24.92 -63.74 41.06
C ILE G 190 26.42 -63.91 40.86
N LEU G 191 27.05 -62.92 40.25
CA LEU G 191 28.49 -62.93 40.00
C LEU G 191 29.10 -61.75 40.75
N PHE G 192 29.83 -62.06 41.82
CA PHE G 192 30.54 -61.07 42.63
C PHE G 192 32.03 -61.25 42.41
N VAL G 193 32.70 -60.18 42.00
CA VAL G 193 34.12 -60.21 41.69
C VAL G 193 34.81 -59.10 42.47
N ASP G 194 35.99 -59.40 43.01
CA ASP G 194 36.76 -58.40 43.75
C ASP G 194 37.30 -57.34 42.79
N ALA G 195 37.71 -56.21 43.37
CA ALA G 195 38.16 -55.08 42.57
C ALA G 195 39.40 -55.41 41.76
N ASP G 196 40.38 -56.07 42.38
CA ASP G 196 41.67 -56.30 41.74
C ASP G 196 41.63 -57.38 40.66
N ASN G 197 40.63 -58.26 40.68
CA ASN G 197 40.55 -59.34 39.71
C ASN G 197 40.19 -58.79 38.33
N LEU G 198 40.84 -59.34 37.31
CA LEU G 198 40.59 -58.96 35.92
C LEU G 198 40.10 -60.18 35.16
N ILE G 199 39.00 -60.02 34.43
CA ILE G 199 38.41 -61.10 33.65
C ILE G 199 38.82 -60.88 32.20
N LEU G 200 39.67 -61.78 31.68
CA LEU G 200 40.22 -61.59 30.35
C LEU G 200 39.21 -61.95 29.26
N ASN G 201 38.68 -63.17 29.31
CA ASN G 201 37.80 -63.64 28.24
C ASN G 201 36.40 -63.03 28.41
N PRO G 202 35.86 -62.37 27.39
CA PRO G 202 34.50 -61.84 27.51
C PRO G 202 33.45 -62.92 27.71
N ASP G 203 33.67 -64.12 27.19
CA ASP G 203 32.70 -65.21 27.25
C ASP G 203 32.75 -65.98 28.57
N THR G 204 33.33 -65.39 29.62
CA THR G 204 33.39 -66.07 30.91
C THR G 204 31.99 -66.29 31.50
N LEU G 205 31.13 -65.27 31.39
CA LEU G 205 29.79 -65.38 31.97
C LEU G 205 28.98 -66.48 31.29
N SER G 206 29.06 -66.58 29.96
CA SER G 206 28.31 -67.60 29.25
C SER G 206 28.77 -69.00 29.64
N LEU G 207 30.09 -69.21 29.71
CA LEU G 207 30.60 -70.53 30.10
C LEU G 207 30.23 -70.85 31.55
N LEU G 208 30.30 -69.84 32.43
CA LEU G 208 29.93 -70.06 33.83
C LEU G 208 28.47 -70.45 33.95
N ILE G 209 27.59 -69.80 33.17
CA ILE G 209 26.19 -70.20 33.15
C ILE G 209 26.05 -71.62 32.61
N ALA G 210 26.80 -71.94 31.56
CA ALA G 210 26.78 -73.26 30.95
C ALA G 210 27.31 -74.36 31.87
N GLU G 211 28.05 -73.99 32.92
CA GLU G 211 28.56 -74.96 33.86
C GLU G 211 27.45 -75.75 34.55
N ASN G 212 26.26 -75.16 34.70
CA ASN G 212 25.10 -75.84 35.27
C ASN G 212 25.40 -76.39 36.66
N LYS G 213 26.08 -75.57 37.47
CA LYS G 213 26.44 -75.94 38.84
C LYS G 213 25.94 -74.86 39.80
N THR G 214 25.72 -75.26 41.04
CA THR G 214 25.21 -74.32 42.05
C THR G 214 26.18 -73.18 42.27
N VAL G 215 27.47 -73.48 42.39
CA VAL G 215 28.51 -72.48 42.59
C VAL G 215 29.68 -72.80 41.67
N VAL G 216 30.12 -71.79 40.91
CA VAL G 216 31.24 -71.95 39.99
C VAL G 216 32.22 -70.80 40.21
N ALA G 217 33.48 -71.07 39.86
CA ALA G 217 34.53 -70.07 39.99
C ALA G 217 35.61 -70.39 38.95
N PRO G 218 35.92 -69.46 38.06
CA PRO G 218 36.92 -69.72 37.03
C PRO G 218 38.34 -69.73 37.61
N MET G 219 39.25 -70.31 36.83
CA MET G 219 40.66 -70.40 37.21
C MET G 219 41.35 -69.12 36.77
N LEU G 220 41.75 -68.29 37.75
CA LEU G 220 42.37 -67.01 37.47
C LEU G 220 43.88 -67.18 37.34
N ASP G 221 44.45 -66.57 36.29
CA ASP G 221 45.88 -66.66 36.06
C ASP G 221 46.64 -65.88 37.12
N SER G 222 47.82 -66.37 37.47
CA SER G 222 48.69 -65.72 38.43
C SER G 222 50.14 -66.08 38.14
N ARG G 223 51.04 -65.22 38.60
CA ARG G 223 52.47 -65.47 38.40
C ARG G 223 53.00 -66.58 39.30
N ALA G 224 52.29 -66.90 40.37
CA ALA G 224 52.69 -67.93 41.32
C ALA G 224 51.62 -69.01 41.39
N ALA G 225 51.96 -70.11 42.08
CA ALA G 225 51.01 -71.21 42.22
C ALA G 225 49.81 -70.85 43.07
N TYR G 226 49.92 -69.80 43.89
CA TYR G 226 48.78 -69.36 44.68
C TYR G 226 47.65 -68.91 43.77
N SER G 227 46.44 -69.38 44.06
CA SER G 227 45.28 -69.10 43.23
C SER G 227 44.04 -69.05 44.12
N ASN G 228 42.87 -68.99 43.49
CA ASN G 228 41.60 -68.93 44.19
C ASN G 228 41.06 -70.31 44.56
N PHE G 229 41.70 -71.38 44.11
CA PHE G 229 41.25 -72.74 44.36
C PHE G 229 42.17 -73.38 45.38
N TRP G 230 41.61 -73.71 46.55
CA TRP G 230 42.36 -74.37 47.60
C TRP G 230 42.14 -75.87 47.54
N CYS G 231 43.24 -76.63 47.64
CA CYS G 231 43.16 -78.08 47.55
C CYS G 231 42.49 -78.72 48.76
N GLY G 232 42.58 -78.12 49.92
CA GLY G 232 41.97 -78.66 51.10
C GLY G 232 42.39 -77.92 52.35
N MET G 233 41.67 -78.21 53.43
CA MET G 233 41.93 -77.60 54.74
C MET G 233 42.43 -78.67 55.70
N THR G 234 43.36 -78.29 56.58
CA THR G 234 43.96 -79.28 57.48
C THR G 234 43.08 -79.55 58.69
N SER G 235 42.90 -78.54 59.55
CA SER G 235 42.06 -78.74 60.72
C SER G 235 41.02 -77.65 60.91
N GLN G 236 41.37 -76.39 60.66
CA GLN G 236 40.46 -75.26 60.89
C GLN G 236 40.61 -74.23 59.78
N GLY G 237 40.77 -74.68 58.54
CA GLY G 237 40.93 -73.80 57.42
C GLY G 237 42.35 -73.59 56.94
N TYR G 238 43.34 -74.19 57.62
CA TYR G 238 44.71 -74.10 57.15
C TYR G 238 44.86 -74.88 55.85
N TYR G 239 45.46 -74.21 54.85
CA TYR G 239 45.54 -74.78 53.52
C TYR G 239 46.34 -76.08 53.52
N LYS G 240 45.79 -77.10 52.85
CA LYS G 240 46.45 -78.40 52.71
C LYS G 240 46.79 -78.59 51.23
N ARG G 241 48.08 -78.58 50.92
CA ARG G 241 48.55 -78.69 49.54
C ARG G 241 48.45 -80.15 49.11
N THR G 242 47.27 -80.51 48.62
CA THR G 242 47.06 -81.86 48.12
C THR G 242 47.83 -82.08 46.83
N PRO G 243 48.12 -83.33 46.48
CA PRO G 243 48.87 -83.59 45.23
C PRO G 243 48.16 -83.11 43.98
N ALA G 244 46.83 -83.14 43.95
CA ALA G 244 46.09 -82.74 42.76
C ALA G 244 46.14 -81.23 42.52
N TYR G 245 46.59 -80.45 43.50
CA TYR G 245 46.65 -79.01 43.33
C TYR G 245 47.63 -78.62 42.21
N ILE G 246 48.78 -79.29 42.15
CA ILE G 246 49.73 -79.03 41.07
C ILE G 246 49.14 -79.40 39.71
N PRO G 247 48.54 -80.58 39.52
CA PRO G 247 47.96 -80.91 38.21
C PRO G 247 46.86 -79.97 37.77
N ILE G 248 46.06 -79.46 38.71
CA ILE G 248 44.98 -78.54 38.37
C ILE G 248 45.55 -77.19 37.93
N ARG G 249 46.54 -76.69 38.65
CA ARG G 249 47.11 -75.39 38.33
C ARG G 249 48.05 -75.44 37.13
N LYS G 250 48.51 -76.63 36.74
CA LYS G 250 49.42 -76.79 35.62
C LYS G 250 48.71 -77.15 34.32
N ARG G 251 47.38 -77.13 34.32
CA ARG G 251 46.58 -77.47 33.13
C ARG G 251 46.84 -78.89 32.66
N ASP G 252 47.18 -79.79 33.58
CA ASP G 252 47.35 -81.19 33.21
C ASP G 252 46.04 -81.84 32.81
N ARG G 253 44.95 -81.46 33.47
CA ARG G 253 43.62 -81.97 33.17
C ARG G 253 42.63 -80.82 33.12
N ARG G 254 41.54 -81.02 32.38
CA ARG G 254 40.48 -80.04 32.23
C ARG G 254 39.23 -80.53 32.94
N GLY G 255 38.15 -79.78 32.81
CA GLY G 255 36.88 -80.12 33.42
C GLY G 255 36.71 -79.51 34.80
N CYS G 256 35.47 -79.57 35.28
CA CYS G 256 35.12 -78.99 36.57
C CYS G 256 35.24 -80.06 37.66
N PHE G 257 36.02 -79.75 38.70
CA PHE G 257 36.21 -80.65 39.83
C PHE G 257 35.93 -79.90 41.13
N ALA G 258 35.26 -80.59 42.07
CA ALA G 258 34.94 -79.98 43.34
C ALA G 258 36.20 -79.72 44.16
N VAL G 259 36.23 -78.58 44.84
CA VAL G 259 37.39 -78.20 45.65
C VAL G 259 36.91 -77.79 47.05
N PRO G 260 37.75 -77.90 48.08
CA PRO G 260 37.29 -77.52 49.43
C PRO G 260 36.93 -76.05 49.57
N MET G 261 37.58 -75.16 48.82
CA MET G 261 37.32 -73.74 48.95
C MET G 261 37.60 -73.05 47.63
N VAL G 262 36.88 -71.96 47.37
CA VAL G 262 37.04 -71.16 46.17
C VAL G 262 37.11 -69.69 46.58
N HIS G 263 38.17 -69.01 46.17
CA HIS G 263 38.38 -67.61 46.48
C HIS G 263 38.07 -66.74 45.26
N SER G 264 38.37 -65.44 45.38
CA SER G 264 38.24 -64.47 44.29
C SER G 264 36.79 -64.30 43.86
N THR G 265 36.50 -64.53 42.58
CA THR G 265 35.18 -64.29 42.00
C THR G 265 34.42 -65.60 41.92
N PHE G 266 33.23 -65.63 42.49
CA PHE G 266 32.37 -66.80 42.50
C PHE G 266 31.16 -66.56 41.60
N LEU G 267 30.33 -67.60 41.45
CA LEU G 267 29.09 -67.51 40.67
C LEU G 267 28.10 -68.51 41.26
N ILE G 268 27.21 -68.02 42.11
CA ILE G 268 26.22 -68.85 42.79
C ILE G 268 24.86 -68.58 42.14
N ASP G 269 24.24 -69.63 41.61
CA ASP G 269 22.95 -69.48 40.96
C ASP G 269 21.84 -69.39 41.99
N LEU G 270 20.99 -68.37 41.85
CA LEU G 270 19.87 -68.14 42.77
C LEU G 270 18.62 -68.92 42.39
N ARG G 271 18.71 -69.82 41.43
CA ARG G 271 17.57 -70.62 41.00
C ARG G 271 17.45 -71.93 41.76
N LYS G 272 18.57 -72.50 42.23
CA LYS G 272 18.52 -73.76 42.95
C LYS G 272 17.84 -73.59 44.31
N ALA G 273 17.09 -74.61 44.71
CA ALA G 273 16.37 -74.55 45.98
C ALA G 273 17.33 -74.48 47.16
N ALA G 274 18.40 -75.28 47.13
CA ALA G 274 19.36 -75.28 48.22
C ALA G 274 20.12 -73.97 48.35
N SER G 275 20.13 -73.14 47.30
CA SER G 275 20.80 -71.84 47.37
C SER G 275 20.12 -70.87 48.33
N ARG G 276 18.89 -71.17 48.76
CA ARG G 276 18.17 -70.30 49.68
C ARG G 276 18.76 -70.31 51.08
N ASN G 277 19.59 -71.29 51.42
CA ASN G 277 20.16 -71.41 52.75
C ASN G 277 21.54 -70.78 52.87
N LEU G 278 21.97 -70.01 51.89
CA LEU G 278 23.30 -69.40 51.90
C LEU G 278 23.27 -68.07 52.63
N ALA G 279 24.40 -67.76 53.27
CA ALA G 279 24.57 -66.49 53.99
C ALA G 279 26.05 -66.20 54.11
N PHE G 280 26.37 -64.94 54.42
CA PHE G 280 27.75 -64.51 54.54
C PHE G 280 28.10 -64.00 55.93
N TYR G 281 27.34 -63.05 56.46
CA TYR G 281 27.69 -62.40 57.73
C TYR G 281 27.38 -63.30 58.92
N PRO G 282 26.14 -63.76 59.07
CA PRO G 282 25.79 -64.59 60.22
C PRO G 282 26.39 -65.98 60.08
N PRO G 283 27.37 -66.33 60.91
CA PRO G 283 27.98 -67.65 60.82
C PRO G 283 26.99 -68.75 61.20
N HIS G 284 27.28 -69.95 60.70
CA HIS G 284 26.39 -71.08 60.91
C HIS G 284 26.37 -71.46 62.40
N PRO G 285 25.32 -72.14 62.84
CA PRO G 285 25.26 -72.54 64.26
C PRO G 285 26.35 -73.51 64.66
N ASP G 286 26.97 -74.19 63.69
CA ASP G 286 28.07 -75.11 63.95
C ASP G 286 29.43 -74.47 63.67
N TYR G 287 29.57 -73.18 63.95
CA TYR G 287 30.81 -72.47 63.65
C TYR G 287 31.87 -72.84 64.69
N THR G 288 32.97 -73.44 64.23
CA THR G 288 34.08 -73.80 65.09
C THR G 288 35.43 -73.37 64.53
N TRP G 289 35.47 -72.74 63.37
CA TRP G 289 36.72 -72.33 62.74
C TRP G 289 37.06 -70.90 63.18
N SER G 290 38.04 -70.29 62.51
CA SER G 290 38.48 -68.95 62.86
C SER G 290 37.41 -67.92 62.47
N PHE G 291 37.75 -66.65 62.66
CA PHE G 291 36.82 -65.54 62.42
C PHE G 291 37.03 -64.89 61.05
N ASP G 292 37.63 -65.61 60.10
CA ASP G 292 37.87 -65.08 58.77
C ASP G 292 36.66 -65.37 57.88
N ASP G 293 36.23 -64.34 57.14
CA ASP G 293 35.08 -64.47 56.26
C ASP G 293 35.37 -65.34 55.04
N ILE G 294 36.63 -65.48 54.64
CA ILE G 294 36.98 -66.32 53.49
C ILE G 294 36.67 -67.78 53.73
N ILE G 295 36.59 -68.21 54.98
CA ILE G 295 36.19 -69.58 55.30
C ILE G 295 34.77 -69.66 55.84
N VAL G 296 34.13 -68.54 56.17
CA VAL G 296 32.74 -68.56 56.62
C VAL G 296 31.83 -69.08 55.52
N PHE G 297 32.08 -68.65 54.27
CA PHE G 297 31.29 -69.14 53.14
C PHE G 297 31.53 -70.63 52.93
N ALA G 298 32.76 -71.10 53.13
CA ALA G 298 33.05 -72.52 52.99
C ALA G 298 32.27 -73.35 54.02
N PHE G 299 32.21 -72.87 55.26
CA PHE G 299 31.44 -73.58 56.28
C PHE G 299 29.96 -73.60 55.94
N SER G 300 29.43 -72.49 55.44
CA SER G 300 28.02 -72.45 55.03
C SER G 300 27.74 -73.41 53.89
N CYS G 301 28.65 -73.46 52.91
CA CYS G 301 28.47 -74.38 51.79
C CYS G 301 28.54 -75.83 52.23
N LYS G 302 29.46 -76.15 53.14
CA LYS G 302 29.57 -77.51 53.64
C LYS G 302 28.38 -77.89 54.52
N GLN G 303 27.76 -76.91 55.16
CA GLN G 303 26.61 -77.15 56.02
C GLN G 303 25.29 -77.18 55.27
N ALA G 304 25.29 -76.86 53.98
CA ALA G 304 24.08 -76.84 53.16
C ALA G 304 24.10 -77.86 52.04
N GLU G 305 24.97 -78.87 52.14
CA GLU G 305 25.09 -79.93 51.12
C GLU G 305 25.38 -79.33 49.74
N VAL G 306 26.26 -78.34 49.71
CA VAL G 306 26.66 -77.67 48.48
C VAL G 306 28.15 -77.88 48.30
N GLN G 307 28.53 -78.44 47.15
CA GLN G 307 29.93 -78.66 46.82
C GLN G 307 30.31 -77.76 45.64
N MET G 308 31.16 -76.77 45.92
CA MET G 308 31.55 -75.82 44.88
C MET G 308 32.36 -76.52 43.79
N TYR G 309 32.23 -76.00 42.57
CA TYR G 309 32.95 -76.53 41.42
C TYR G 309 33.79 -75.43 40.79
N VAL G 310 34.96 -75.81 40.29
CA VAL G 310 35.90 -74.88 39.65
C VAL G 310 36.16 -75.37 38.24
N CYS G 311 35.96 -74.47 37.26
CA CYS G 311 36.13 -74.79 35.86
C CYS G 311 37.40 -74.16 35.33
N ASN G 312 38.23 -74.95 34.67
CA ASN G 312 39.50 -74.48 34.12
C ASN G 312 39.69 -75.02 32.70
N LYS G 313 38.59 -75.22 31.99
CA LYS G 313 38.67 -75.74 30.62
C LYS G 313 39.38 -74.76 29.69
N GLU G 314 39.44 -73.48 30.05
CA GLU G 314 40.12 -72.48 29.25
C GLU G 314 40.54 -71.33 30.17
N GLU G 315 41.44 -70.50 29.65
CA GLU G 315 41.88 -69.32 30.39
C GLU G 315 40.73 -68.33 30.50
N TYR G 316 40.53 -67.79 31.71
CA TYR G 316 39.44 -66.88 31.98
C TYR G 316 39.92 -65.48 32.34
N GLY G 317 40.81 -65.34 33.32
CA GLY G 317 41.26 -64.04 33.73
C GLY G 317 42.46 -64.13 34.64
N PHE G 318 42.77 -63.01 35.28
CA PHE G 318 43.93 -62.90 36.15
C PHE G 318 43.56 -62.19 37.43
N LEU G 319 44.32 -62.48 38.48
CA LEU G 319 44.15 -61.87 39.79
C LEU G 319 45.53 -61.52 40.35
N PRO G 320 45.61 -60.53 41.24
CA PRO G 320 46.91 -60.15 41.81
C PRO G 320 47.23 -60.89 43.09
N VAL G 321 48.48 -61.29 43.22
CA VAL G 321 48.92 -62.02 44.42
C VAL G 321 48.96 -61.06 45.60
N PRO G 322 48.29 -61.35 46.70
CA PRO G 322 48.31 -60.43 47.85
C PRO G 322 49.69 -60.37 48.49
N LEU G 323 49.95 -59.24 49.15
CA LEU G 323 51.21 -58.98 49.83
C LEU G 323 51.00 -59.06 51.34
N ARG G 324 52.05 -58.72 52.09
CA ARG G 324 51.99 -58.76 53.54
C ARG G 324 51.03 -57.70 54.07
N ALA G 325 50.52 -57.94 55.29
CA ALA G 325 49.55 -57.04 55.88
C ALA G 325 50.15 -55.68 56.24
N HIS G 326 51.47 -55.59 56.36
CA HIS G 326 52.14 -54.34 56.73
C HIS G 326 52.56 -53.51 55.53
N SER G 327 52.29 -53.97 54.31
CA SER G 327 52.67 -53.23 53.12
C SER G 327 51.71 -52.07 52.88
N THR G 328 52.13 -51.15 52.00
CA THR G 328 51.34 -49.99 51.63
C THR G 328 50.74 -50.18 50.25
N LEU G 329 49.98 -49.17 49.81
CA LEU G 329 49.32 -49.23 48.51
C LEU G 329 50.32 -49.23 47.36
N GLN G 330 51.56 -48.79 47.60
CA GLN G 330 52.57 -48.83 46.54
C GLN G 330 52.86 -50.26 46.11
N ASP G 331 52.92 -51.18 47.07
CA ASP G 331 53.12 -52.59 46.74
C ASP G 331 51.97 -53.13 45.91
N GLU G 332 50.73 -52.73 46.24
CA GLU G 332 49.58 -53.15 45.45
C GLU G 332 49.66 -52.60 44.04
N ALA G 333 50.08 -51.34 43.89
CA ALA G 333 50.23 -50.77 42.55
C ALA G 333 51.31 -51.51 41.75
N GLU G 334 52.41 -51.85 42.41
CA GLU G 334 53.45 -52.61 41.73
C GLU G 334 52.95 -53.99 41.31
N SER G 335 52.16 -54.63 42.17
CA SER G 335 51.59 -55.93 41.81
C SER G 335 50.63 -55.80 40.64
N PHE G 336 49.84 -54.73 40.60
CA PHE G 336 48.93 -54.52 39.48
C PHE G 336 49.70 -54.28 38.18
N MET G 337 50.78 -53.51 38.25
CA MET G 337 51.61 -53.29 37.07
C MET G 337 52.24 -54.59 36.60
N HIS G 338 52.70 -55.42 37.53
CA HIS G 338 53.25 -56.72 37.17
C HIS G 338 52.20 -57.61 36.53
N VAL G 339 50.97 -57.55 37.05
CA VAL G 339 49.87 -58.32 36.46
C VAL G 339 49.60 -57.87 35.04
N GLN G 340 49.59 -56.56 34.82
CA GLN G 340 49.39 -56.04 33.46
C GLN G 340 50.51 -56.48 32.53
N LEU G 341 51.76 -56.44 33.01
CA LEU G 341 52.88 -56.90 32.20
C LEU G 341 52.76 -58.39 31.88
N GLU G 342 52.36 -59.19 32.86
CA GLU G 342 52.18 -60.63 32.63
C GLU G 342 51.07 -60.88 31.62
N VAL G 343 49.98 -60.12 31.68
CA VAL G 343 48.92 -60.26 30.70
C VAL G 343 49.42 -59.87 29.32
N MET G 344 50.30 -58.88 29.25
CA MET G 344 50.86 -58.44 27.98
C MET G 344 51.97 -59.35 27.45
N VAL G 345 52.35 -60.38 28.21
CA VAL G 345 53.47 -61.22 27.81
C VAL G 345 53.12 -62.04 26.57
N LYS G 346 51.95 -62.70 26.59
CA LYS G 346 51.57 -63.59 25.50
C LYS G 346 50.19 -63.28 24.93
N HIS G 347 49.58 -62.19 25.34
CA HIS G 347 48.27 -61.78 24.87
C HIS G 347 48.33 -60.33 24.41
N PRO G 348 47.39 -59.92 23.56
CA PRO G 348 47.40 -58.53 23.07
C PRO G 348 47.15 -57.56 24.21
N PRO G 349 47.47 -56.28 24.02
CA PRO G 349 47.28 -55.31 25.09
C PRO G 349 45.82 -55.22 25.53
N ALA G 350 45.63 -55.09 26.84
CA ALA G 350 44.29 -54.93 27.40
C ALA G 350 43.98 -53.45 27.50
N GLU G 351 43.15 -52.95 26.58
CA GLU G 351 42.82 -51.54 26.56
C GLU G 351 42.03 -51.15 27.79
N PRO G 352 42.19 -49.93 28.28
CA PRO G 352 41.49 -49.50 29.48
C PRO G 352 40.01 -49.23 29.18
N SER G 353 39.26 -48.98 30.25
CA SER G 353 37.84 -48.69 30.11
C SER G 353 37.63 -47.38 29.35
N ARG G 354 36.70 -47.40 28.41
CA ARG G 354 36.41 -46.22 27.61
C ARG G 354 35.79 -45.10 28.44
N PHE G 355 34.95 -45.46 29.43
CA PHE G 355 34.27 -44.45 30.23
C PHE G 355 35.26 -43.61 31.03
N ILE G 356 36.26 -44.25 31.62
CA ILE G 356 37.23 -43.57 32.47
C ILE G 356 38.47 -43.25 31.64
N SER G 357 39.28 -42.32 32.15
CA SER G 357 40.52 -41.93 31.52
C SER G 357 41.65 -42.85 32.00
N ALA G 358 42.89 -42.49 31.66
CA ALA G 358 44.06 -43.26 32.05
C ALA G 358 45.02 -42.39 32.84
N PRO G 359 45.42 -42.81 34.05
CA PRO G 359 46.37 -42.01 34.83
C PRO G 359 47.79 -42.17 34.31
N THR G 360 48.15 -41.37 33.31
CA THR G 360 49.46 -41.47 32.68
C THR G 360 50.57 -41.22 33.68
N LYS G 361 51.67 -41.97 33.54
CA LYS G 361 52.82 -41.86 34.43
C LYS G 361 54.02 -41.33 33.66
N THR G 362 54.79 -40.47 34.32
CA THR G 362 55.97 -39.86 33.71
C THR G 362 57.12 -40.86 33.71
N PRO G 363 57.80 -41.05 32.58
CA PRO G 363 58.96 -41.95 32.56
C PRO G 363 60.08 -41.45 33.46
N ASP G 364 60.83 -42.40 34.02
CA ASP G 364 61.91 -42.10 34.94
C ASP G 364 63.18 -42.78 34.47
N LYS G 365 64.32 -42.18 34.81
CA LYS G 365 65.62 -42.69 34.41
C LYS G 365 66.16 -43.76 35.34
N MET G 366 65.48 -44.03 36.46
CA MET G 366 65.85 -45.06 37.43
C MET G 366 67.24 -44.82 38.03
N GLY G 367 67.73 -43.59 38.00
CA GLY G 367 69.02 -43.26 38.58
C GLY G 367 70.21 -43.54 37.69
N PHE G 368 70.01 -44.08 36.50
CA PHE G 368 71.11 -44.37 35.59
C PHE G 368 71.35 -43.17 34.67
N ASP G 369 72.42 -43.27 33.86
CA ASP G 369 72.77 -42.23 32.90
C ASP G 369 72.36 -42.61 31.47
N GLU G 370 72.54 -43.87 31.10
CA GLU G 370 72.14 -44.36 29.79
C GLU G 370 71.42 -45.70 29.96
N VAL G 371 70.37 -45.90 29.18
CA VAL G 371 69.61 -47.14 29.18
C VAL G 371 69.50 -47.59 27.72
N PHE G 372 70.45 -48.41 27.29
CA PHE G 372 70.49 -48.85 25.90
C PHE G 372 69.70 -50.15 25.72
N MET G 373 69.41 -50.46 24.46
CA MET G 373 68.68 -51.68 24.12
C MET G 373 69.07 -52.09 22.70
N ILE G 374 69.16 -53.41 22.50
CA ILE G 374 69.52 -53.97 21.20
C ILE G 374 68.22 -54.29 20.47
N ASN G 375 68.07 -53.74 19.27
CA ASN G 375 66.86 -53.93 18.48
C ASN G 375 67.23 -54.12 17.02
N LEU G 376 66.34 -54.81 16.30
CA LEU G 376 66.48 -55.02 14.87
C LEU G 376 65.26 -54.46 14.16
N ARG G 377 65.49 -53.73 13.06
CA ARG G 377 64.39 -53.12 12.32
C ARG G 377 63.46 -54.16 11.72
N ARG G 378 63.97 -55.36 11.45
CA ARG G 378 63.12 -56.42 10.91
C ARG G 378 62.03 -56.82 11.89
N ARG G 379 62.37 -56.91 13.18
CA ARG G 379 61.41 -57.28 14.20
C ARG G 379 60.88 -56.01 14.87
N GLN G 380 59.64 -55.64 14.56
CA GLN G 380 59.02 -54.45 15.13
C GLN G 380 58.03 -54.76 16.24
N ASP G 381 57.41 -55.94 16.22
CA ASP G 381 56.47 -56.31 17.28
C ASP G 381 57.19 -56.44 18.62
N ARG G 382 58.38 -57.03 18.63
CA ARG G 382 59.15 -57.16 19.86
C ARG G 382 59.54 -55.79 20.40
N ARG G 383 59.94 -54.87 19.51
CA ARG G 383 60.27 -53.52 19.93
C ARG G 383 59.05 -52.81 20.51
N GLU G 384 57.88 -53.00 19.88
CA GLU G 384 56.66 -52.39 20.39
C GLU G 384 56.32 -52.95 21.78
N ARG G 385 56.46 -54.26 21.97
CA ARG G 385 56.20 -54.85 23.27
C ARG G 385 57.16 -54.31 24.33
N MET G 386 58.43 -54.19 23.97
CA MET G 386 59.41 -53.63 24.91
C MET G 386 59.08 -52.19 25.27
N LEU G 387 58.68 -51.39 24.27
CA LEU G 387 58.31 -50.01 24.54
C LEU G 387 57.10 -49.92 25.44
N ARG G 388 56.10 -50.77 25.20
CA ARG G 388 54.91 -50.78 26.06
C ARG G 388 55.27 -51.17 27.49
N ALA G 389 56.13 -52.19 27.64
CA ALA G 389 56.54 -52.61 28.97
C ALA G 389 57.31 -51.50 29.69
N LEU G 390 58.18 -50.81 28.96
CA LEU G 390 58.91 -49.69 29.56
C LEU G 390 57.97 -48.57 29.98
N GLN G 391 56.96 -48.28 29.15
CA GLN G 391 55.99 -47.25 29.51
C GLN G 391 55.17 -47.66 30.72
N ALA G 392 54.89 -48.96 30.86
CA ALA G 392 54.13 -49.43 32.03
C ALA G 392 54.90 -49.17 33.32
N GLN G 393 56.21 -49.39 33.30
CA GLN G 393 57.05 -49.21 34.48
C GLN G 393 57.55 -47.78 34.65
N GLU G 394 57.15 -46.87 33.78
CA GLU G 394 57.58 -45.47 33.83
C GLU G 394 59.09 -45.35 33.79
N ILE G 395 59.71 -46.16 32.94
CA ILE G 395 61.16 -46.21 32.79
C ILE G 395 61.51 -45.82 31.36
N GLU G 396 62.41 -44.86 31.20
CA GLU G 396 62.83 -44.42 29.88
C GLU G 396 63.78 -45.45 29.27
N CYS G 397 64.09 -45.25 27.99
CA CYS G 397 64.99 -46.14 27.27
C CYS G 397 65.59 -45.39 26.08
N ARG G 398 66.89 -45.58 25.86
CA ARG G 398 67.58 -45.01 24.71
C ARG G 398 67.46 -46.00 23.56
N LEU G 399 66.52 -45.74 22.65
CA LEU G 399 66.27 -46.63 21.54
C LEU G 399 67.50 -46.70 20.63
N VAL G 400 68.06 -47.91 20.49
CA VAL G 400 69.24 -48.14 19.67
C VAL G 400 68.95 -49.28 18.71
N GLU G 401 69.69 -49.27 17.60
CA GLU G 401 69.55 -50.29 16.57
C GLU G 401 70.87 -51.03 16.40
N ALA G 402 70.78 -52.31 16.09
CA ALA G 402 71.94 -53.17 15.91
C ALA G 402 72.28 -53.32 14.44
N VAL G 403 73.54 -53.64 14.16
CA VAL G 403 74.00 -53.84 12.80
C VAL G 403 73.48 -55.17 12.28
N ASP G 404 73.02 -55.17 11.02
CA ASP G 404 72.44 -56.36 10.41
C ASP G 404 73.58 -57.27 9.95
N GLY G 405 73.95 -58.22 10.81
CA GLY G 405 74.97 -59.18 10.45
C GLY G 405 74.53 -60.10 9.33
N LYS G 406 73.24 -60.48 9.33
CA LYS G 406 72.72 -61.31 8.24
C LYS G 406 72.79 -60.57 6.92
N ALA G 407 72.44 -59.29 6.91
CA ALA G 407 72.54 -58.48 5.70
C ALA G 407 73.95 -58.01 5.41
N MET G 408 74.90 -58.27 6.30
CA MET G 408 76.28 -57.88 6.06
C MET G 408 76.91 -58.79 5.01
N ASN G 409 77.59 -58.18 4.04
CA ASN G 409 78.23 -58.90 2.95
C ASN G 409 79.74 -58.89 3.13
N THR G 410 80.42 -59.69 2.30
CA THR G 410 81.87 -59.79 2.38
C THR G 410 82.56 -58.50 1.97
N SER G 411 81.90 -57.64 1.20
CA SER G 411 82.49 -56.36 0.82
C SER G 411 82.71 -55.48 2.05
N GLN G 412 81.74 -55.45 2.95
CA GLN G 412 81.86 -54.67 4.18
C GLN G 412 82.31 -55.50 5.38
N VAL G 413 82.43 -56.83 5.22
CA VAL G 413 82.87 -57.67 6.33
C VAL G 413 84.32 -57.35 6.69
N GLU G 414 85.18 -57.22 5.68
CA GLU G 414 86.58 -56.90 5.90
C GLU G 414 86.85 -55.41 5.88
N ALA G 415 85.84 -54.58 5.60
CA ALA G 415 86.04 -53.14 5.61
C ALA G 415 86.34 -52.62 7.01
N LEU G 416 85.67 -53.18 8.02
CA LEU G 416 85.86 -52.75 9.40
C LEU G 416 86.91 -53.56 10.13
N GLY G 417 87.61 -54.45 9.43
CA GLY G 417 88.61 -55.29 10.07
C GLY G 417 88.05 -56.42 10.90
N ILE G 418 86.81 -56.84 10.63
CA ILE G 418 86.18 -57.91 11.39
C ILE G 418 86.70 -59.25 10.86
N GLN G 419 87.46 -59.96 11.70
CA GLN G 419 88.00 -61.26 11.34
C GLN G 419 87.60 -62.27 12.41
N MET G 420 87.33 -63.50 11.97
CA MET G 420 86.97 -64.56 12.90
C MET G 420 88.15 -64.87 13.82
N LEU G 421 87.84 -65.23 15.06
CA LEU G 421 88.88 -65.58 16.01
C LEU G 421 89.66 -66.79 15.52
N PRO G 422 90.99 -66.78 15.60
CA PRO G 422 91.78 -67.93 15.14
C PRO G 422 91.47 -69.17 15.97
N GLY G 423 91.03 -70.22 15.30
CA GLY G 423 90.63 -71.44 15.98
C GLY G 423 89.38 -71.25 16.81
N TYR G 424 88.28 -70.88 16.14
CA TYR G 424 87.01 -70.64 16.81
C TYR G 424 85.90 -71.41 16.10
N ARG G 425 84.99 -71.98 16.88
CA ARG G 425 83.87 -72.74 16.33
C ARG G 425 82.76 -72.78 17.37
N ASP G 426 81.65 -73.38 17.00
CA ASP G 426 80.51 -73.50 17.92
C ASP G 426 80.81 -74.57 18.96
N PRO G 427 80.78 -74.25 20.26
CA PRO G 427 81.05 -75.27 21.27
C PRO G 427 79.98 -76.35 21.36
N TYR G 428 78.79 -76.10 20.83
CA TYR G 428 77.69 -77.06 20.91
C TYR G 428 77.53 -77.90 19.65
N HIS G 429 77.65 -77.30 18.48
CA HIS G 429 77.49 -78.01 17.21
C HIS G 429 78.80 -78.15 16.46
N GLY G 430 79.51 -77.06 16.21
CA GLY G 430 80.77 -77.11 15.49
C GLY G 430 80.85 -76.12 14.35
N ARG G 431 79.81 -75.33 14.17
CA ARG G 431 79.80 -74.34 13.11
C ARG G 431 80.86 -73.26 13.37
N PRO G 432 81.41 -72.66 12.32
CA PRO G 432 82.46 -71.64 12.51
C PRO G 432 81.96 -70.42 13.26
N LEU G 433 80.89 -69.81 12.76
CA LEU G 433 80.31 -68.62 13.38
C LEU G 433 78.92 -68.41 12.78
N THR G 434 78.27 -67.33 13.20
CA THR G 434 76.94 -66.98 12.70
C THR G 434 76.91 -65.49 12.37
N LYS G 435 76.13 -65.17 11.33
CA LYS G 435 75.99 -63.76 10.93
C LYS G 435 75.32 -62.95 12.02
N GLY G 436 74.29 -63.51 12.66
CA GLY G 436 73.64 -62.81 13.75
C GLY G 436 74.57 -62.58 14.93
N GLU G 437 75.43 -63.55 15.24
CA GLU G 437 76.41 -63.37 16.29
C GLU G 437 77.38 -62.26 15.96
N LEU G 438 77.83 -62.20 14.70
CA LEU G 438 78.73 -61.12 14.28
C LEU G 438 78.05 -59.77 14.39
N GLY G 439 76.78 -59.67 13.98
CA GLY G 439 76.06 -58.42 14.10
C GLY G 439 75.88 -57.99 15.54
N CYS G 440 75.54 -58.94 16.43
CA CYS G 440 75.38 -58.62 17.84
C CYS G 440 76.70 -58.18 18.45
N PHE G 441 77.80 -58.85 18.09
CA PHE G 441 79.11 -58.45 18.60
C PHE G 441 79.50 -57.06 18.11
N LEU G 442 79.23 -56.76 16.84
CA LEU G 442 79.51 -55.42 16.32
C LEU G 442 78.69 -54.37 17.04
N SER G 443 77.40 -54.66 17.28
CA SER G 443 76.55 -53.71 18.01
C SER G 443 77.06 -53.50 19.42
N HIS G 444 77.48 -54.57 20.10
CA HIS G 444 77.99 -54.44 21.45
C HIS G 444 79.28 -53.63 21.47
N TYR G 445 80.17 -53.86 20.50
CA TYR G 445 81.41 -53.09 20.42
C TYR G 445 81.11 -51.61 20.17
N ASN G 446 80.16 -51.32 19.28
CA ASN G 446 79.79 -49.93 19.00
C ASN G 446 79.20 -49.27 20.24
N ILE G 447 78.36 -49.99 20.97
CA ILE G 447 77.77 -49.45 22.19
C ILE G 447 78.85 -49.17 23.22
N TRP G 448 79.80 -50.09 23.38
CA TRP G 448 80.89 -49.87 24.32
C TRP G 448 81.73 -48.67 23.93
N LYS G 449 82.02 -48.52 22.63
CA LYS G 449 82.80 -47.37 22.17
C LYS G 449 82.05 -46.07 22.41
N GLU G 450 80.74 -46.06 22.16
CA GLU G 450 79.94 -44.87 22.40
C GLU G 450 79.91 -44.51 23.88
N VAL G 451 79.80 -45.53 24.75
CA VAL G 451 79.80 -45.29 26.18
C VAL G 451 81.15 -44.73 26.63
N VAL G 452 82.25 -45.27 26.10
CA VAL G 452 83.58 -44.78 26.45
C VAL G 452 83.76 -43.35 25.99
N ASP G 453 83.35 -43.04 24.77
CA ASP G 453 83.50 -41.68 24.25
C ASP G 453 82.65 -40.69 25.04
N ARG G 454 81.41 -41.08 25.36
CA ARG G 454 80.54 -40.21 26.15
C ARG G 454 80.98 -40.13 27.61
N GLY G 455 81.82 -41.06 28.06
CA GLY G 455 82.25 -41.06 29.45
C GLY G 455 81.13 -41.30 30.43
N LEU G 456 80.22 -42.21 30.12
CA LEU G 456 79.09 -42.51 30.99
C LEU G 456 79.57 -43.26 32.23
N GLN G 457 79.12 -42.82 33.40
CA GLN G 457 79.48 -43.49 34.64
C GLN G 457 78.94 -44.92 34.67
N LYS G 458 77.70 -45.11 34.22
CA LYS G 458 77.09 -46.43 34.18
C LYS G 458 76.00 -46.44 33.13
N SER G 459 75.67 -47.64 32.65
CA SER G 459 74.64 -47.80 31.64
C SER G 459 74.07 -49.21 31.74
N LEU G 460 72.86 -49.37 31.21
CA LEU G 460 72.17 -50.66 31.21
C LEU G 460 71.73 -51.00 29.80
N VAL G 461 72.10 -52.19 29.34
CA VAL G 461 71.72 -52.67 28.02
C VAL G 461 70.73 -53.81 28.19
N PHE G 462 69.97 -54.09 27.14
CA PHE G 462 68.95 -55.12 27.17
C PHE G 462 68.80 -55.70 25.77
N GLU G 463 67.74 -56.50 25.58
CA GLU G 463 67.49 -57.15 24.30
C GLU G 463 66.09 -56.85 23.80
N ASP G 464 65.65 -57.52 22.74
CA ASP G 464 64.36 -57.27 22.12
C ASP G 464 63.24 -58.14 22.70
N ASP G 465 63.55 -59.03 23.65
CA ASP G 465 62.54 -59.90 24.23
C ASP G 465 62.96 -60.19 25.67
N LEU G 466 62.35 -59.48 26.62
CA LEU G 466 62.69 -59.60 28.03
C LEU G 466 61.45 -59.86 28.85
N ARG G 467 61.62 -60.54 29.97
CA ARG G 467 60.55 -60.85 30.92
C ARG G 467 60.99 -60.39 32.30
N PHE G 468 60.59 -59.17 32.67
CA PHE G 468 60.98 -58.60 33.94
C PHE G 468 60.27 -59.32 35.09
N GLU G 469 60.61 -58.93 36.31
CA GLU G 469 60.07 -59.52 37.53
C GLU G 469 59.33 -58.46 38.33
N ILE G 470 58.91 -58.83 39.53
CA ILE G 470 58.15 -57.93 40.39
C ILE G 470 59.08 -56.89 40.99
N PHE G 471 58.68 -55.62 40.90
CA PHE G 471 59.44 -54.49 41.44
C PHE G 471 60.87 -54.49 40.93
N PHE G 472 61.01 -54.67 39.61
CA PHE G 472 62.34 -54.72 39.00
C PHE G 472 63.06 -53.38 39.15
N LYS G 473 62.35 -52.28 38.89
CA LYS G 473 62.98 -50.96 38.95
C LYS G 473 63.44 -50.63 40.36
N ARG G 474 62.58 -50.86 41.35
CA ARG G 474 62.92 -50.53 42.74
C ARG G 474 64.08 -51.39 43.22
N ARG G 475 64.04 -52.70 42.93
CA ARG G 475 65.12 -53.59 43.36
C ARG G 475 66.44 -53.21 42.70
N LEU G 476 66.41 -52.92 41.39
CA LEU G 476 67.62 -52.52 40.69
C LEU G 476 68.18 -51.22 41.25
N MET G 477 67.32 -50.24 41.52
CA MET G 477 67.77 -48.98 42.07
C MET G 477 68.37 -49.18 43.46
N ASN G 478 67.74 -50.01 44.29
CA ASN G 478 68.28 -50.27 45.63
C ASN G 478 69.64 -50.94 45.56
N LEU G 479 69.78 -51.94 44.68
CA LEU G 479 71.06 -52.63 44.55
C LEU G 479 72.15 -51.67 44.04
N MET G 480 71.81 -50.84 43.04
CA MET G 480 72.78 -49.89 42.52
C MET G 480 73.20 -48.88 43.58
N ARG G 481 72.24 -48.37 44.35
CA ARG G 481 72.56 -47.41 45.40
C ARG G 481 73.44 -48.04 46.47
N ASP G 482 73.12 -49.28 46.87
CA ASP G 482 73.93 -49.96 47.88
C ASP G 482 75.35 -50.19 47.37
N VAL G 483 75.49 -50.62 46.12
CA VAL G 483 76.81 -50.87 45.57
C VAL G 483 77.60 -49.57 45.46
N GLU G 484 76.97 -48.49 45.00
CA GLU G 484 77.65 -47.22 44.86
C GLU G 484 78.08 -46.66 46.21
N ARG G 485 77.21 -46.74 47.22
CA ARG G 485 77.56 -46.23 48.54
C ARG G 485 78.65 -47.06 49.19
N GLU G 486 78.56 -48.39 49.10
CA GLU G 486 79.58 -49.24 49.69
C GLU G 486 80.91 -49.10 48.97
N GLY G 487 80.88 -49.06 47.64
CA GLY G 487 82.10 -48.93 46.86
C GLY G 487 82.69 -50.28 46.48
N LEU G 488 82.74 -50.56 45.18
CA LEU G 488 83.28 -51.83 44.69
C LEU G 488 83.68 -51.65 43.23
N ASP G 489 84.45 -52.62 42.74
CA ASP G 489 84.86 -52.62 41.33
C ASP G 489 83.75 -53.19 40.46
N TRP G 490 82.55 -52.62 40.56
CA TRP G 490 81.38 -53.11 39.82
C TRP G 490 81.39 -52.46 38.43
N ASP G 491 81.91 -53.19 37.45
CA ASP G 491 81.92 -52.73 36.06
C ASP G 491 81.28 -53.69 35.08
N LEU G 492 81.00 -54.93 35.47
CA LEU G 492 80.33 -55.91 34.63
C LEU G 492 79.17 -56.53 35.39
N ILE G 493 78.36 -55.68 36.02
CA ILE G 493 77.21 -56.17 36.80
C ILE G 493 76.20 -56.80 35.86
N TYR G 494 75.83 -58.04 36.16
CA TYR G 494 74.89 -58.80 35.33
C TYR G 494 73.54 -58.88 36.03
N VAL G 495 72.49 -58.50 35.32
CA VAL G 495 71.13 -58.59 35.84
C VAL G 495 70.41 -59.85 35.38
N GLY G 496 70.92 -60.53 34.37
CA GLY G 496 70.32 -61.76 33.88
C GLY G 496 71.31 -62.64 33.15
N ARG G 497 71.39 -63.90 33.53
CA ARG G 497 72.34 -64.83 32.92
C ARG G 497 71.86 -66.25 33.19
N LYS G 498 72.45 -67.20 32.48
CA LYS G 498 72.16 -68.62 32.65
C LYS G 498 73.36 -69.28 33.30
N ARG G 499 73.12 -69.95 34.44
CA ARG G 499 74.21 -70.55 35.19
C ARG G 499 74.73 -71.81 34.50
N MET G 500 75.62 -71.63 33.53
CA MET G 500 76.19 -72.78 32.82
C MET G 500 77.05 -73.66 33.73
N GLN G 501 77.57 -73.10 34.82
CA GLN G 501 78.36 -73.87 35.79
C GLN G 501 77.43 -74.39 36.88
N VAL G 502 76.87 -75.57 36.62
CA VAL G 502 75.92 -76.19 37.56
C VAL G 502 76.70 -76.80 38.72
N GLU G 503 76.73 -76.09 39.84
CA GLU G 503 77.46 -76.55 41.03
C GLU G 503 76.85 -75.85 42.23
N HIS G 504 77.55 -75.93 43.37
CA HIS G 504 77.11 -75.27 44.58
C HIS G 504 77.22 -73.75 44.43
N PRO G 505 76.67 -72.99 45.37
CA PRO G 505 76.73 -71.53 45.26
C PRO G 505 78.16 -71.01 45.25
N GLU G 506 78.38 -69.96 44.48
CA GLU G 506 79.70 -69.35 44.36
C GLU G 506 79.91 -68.38 45.53
N LYS G 507 80.97 -67.58 45.45
CA LYS G 507 81.27 -66.63 46.52
C LYS G 507 80.25 -65.51 46.56
N ALA G 508 80.16 -64.86 47.72
CA ALA G 508 79.25 -63.75 47.94
C ALA G 508 80.07 -62.48 48.14
N VAL G 509 79.63 -61.40 47.50
CA VAL G 509 80.35 -60.13 47.58
C VAL G 509 80.22 -59.57 49.00
N PRO G 510 81.32 -59.25 49.68
CA PRO G 510 81.21 -58.72 51.04
C PRO G 510 80.56 -57.35 51.06
N ARG G 511 79.86 -57.07 52.16
CA ARG G 511 79.20 -55.79 52.41
C ARG G 511 78.19 -55.43 51.34
N VAL G 512 77.67 -56.41 50.62
CA VAL G 512 76.68 -56.19 49.57
C VAL G 512 75.59 -57.24 49.70
N ARG G 513 74.33 -56.80 49.61
CA ARG G 513 73.18 -57.68 49.74
C ARG G 513 72.79 -58.22 48.37
N ASN G 514 72.54 -59.53 48.31
CA ASN G 514 72.13 -60.21 47.07
C ASN G 514 73.14 -60.00 45.94
N LEU G 515 74.42 -59.92 46.30
CA LEU G 515 75.50 -59.77 45.33
C LEU G 515 76.47 -60.94 45.47
N VAL G 516 76.76 -61.61 44.36
CA VAL G 516 77.64 -62.76 44.34
C VAL G 516 78.66 -62.58 43.22
N GLU G 517 79.80 -63.24 43.39
CA GLU G 517 80.83 -63.22 42.36
C GLU G 517 80.35 -64.01 41.14
N ALA G 518 80.58 -63.47 39.95
CA ALA G 518 80.10 -64.10 38.74
C ALA G 518 81.01 -65.24 38.31
N ASP G 519 80.50 -66.07 37.42
CA ASP G 519 81.24 -67.19 36.86
C ASP G 519 80.91 -67.29 35.37
N TYR G 520 81.26 -68.42 34.76
CA TYR G 520 80.94 -68.64 33.36
C TYR G 520 79.43 -68.76 33.18
N SER G 521 78.87 -67.88 32.36
CA SER G 521 77.42 -67.85 32.15
C SER G 521 77.13 -67.44 30.72
N TYR G 522 75.97 -67.85 30.23
CA TYR G 522 75.51 -67.55 28.88
C TYR G 522 74.23 -66.72 28.95
N TRP G 523 73.69 -66.40 27.77
CA TRP G 523 72.46 -65.61 27.65
C TRP G 523 72.60 -64.25 28.35
N THR G 524 73.57 -63.47 27.86
CA THR G 524 73.83 -62.14 28.41
C THR G 524 72.84 -61.14 27.80
N LEU G 525 71.57 -61.30 28.19
CA LEU G 525 70.51 -60.43 27.69
C LEU G 525 70.69 -59.00 28.20
N ALA G 526 71.06 -58.84 29.47
CA ALA G 526 71.21 -57.52 30.07
C ALA G 526 72.50 -57.46 30.86
N TYR G 527 73.07 -56.27 30.96
CA TYR G 527 74.31 -56.05 31.68
C TYR G 527 74.41 -54.59 32.07
N VAL G 528 74.79 -54.34 33.33
CA VAL G 528 74.99 -52.97 33.82
C VAL G 528 76.49 -52.72 33.79
N ILE G 529 76.95 -52.05 32.74
CA ILE G 529 78.37 -51.79 32.54
C ILE G 529 78.69 -50.37 32.99
N SER G 530 79.94 -50.17 33.40
CA SER G 530 80.43 -48.88 33.87
C SER G 530 81.50 -48.36 32.91
N LEU G 531 82.10 -47.23 33.28
CA LEU G 531 83.14 -46.64 32.44
C LEU G 531 84.40 -47.50 32.43
N GLN G 532 84.80 -48.01 33.59
CA GLN G 532 86.02 -48.81 33.67
C GLN G 532 85.89 -50.11 32.87
N GLY G 533 84.75 -50.78 32.97
CA GLY G 533 84.56 -52.00 32.21
C GLY G 533 84.56 -51.77 30.72
N ALA G 534 83.89 -50.71 30.27
CA ALA G 534 83.88 -50.38 28.85
C ALA G 534 85.29 -50.03 28.37
N ARG G 535 86.04 -49.28 29.17
CA ARG G 535 87.41 -48.94 28.80
C ARG G 535 88.28 -50.18 28.70
N LYS G 536 88.14 -51.11 29.64
CA LYS G 536 88.91 -52.36 29.59
C LYS G 536 88.52 -53.19 28.36
N LEU G 537 87.22 -53.27 28.06
CA LEU G 537 86.78 -54.03 26.89
C LEU G 537 87.32 -53.42 25.61
N LEU G 538 87.31 -52.09 25.51
CA LEU G 538 87.89 -51.43 24.34
C LEU G 538 89.39 -51.66 24.25
N ALA G 539 90.08 -51.62 25.40
CA ALA G 539 91.52 -51.87 25.40
C ALA G 539 91.86 -53.30 25.01
N ALA G 540 90.95 -54.24 25.27
CA ALA G 540 91.18 -55.61 24.83
C ALA G 540 91.27 -55.69 23.31
N GLU G 541 90.40 -54.97 22.60
CA GLU G 541 90.42 -54.82 21.16
C GLU G 541 90.43 -56.16 20.44
N PRO G 542 89.37 -56.97 20.60
CA PRO G 542 89.26 -58.24 19.87
C PRO G 542 88.68 -58.07 18.46
N LEU G 543 89.27 -57.15 17.70
CA LEU G 543 88.78 -56.90 16.34
C LEU G 543 88.94 -58.12 15.45
N SER G 544 90.07 -58.81 15.57
CA SER G 544 90.31 -60.04 14.81
C SER G 544 89.86 -61.28 15.57
N LYS G 545 89.30 -61.13 16.76
CA LYS G 545 88.81 -62.24 17.57
C LYS G 545 87.30 -62.05 17.77
N MET G 546 86.51 -62.64 16.88
CA MET G 546 85.06 -62.51 16.92
C MET G 546 84.45 -63.75 17.56
N LEU G 547 83.60 -63.53 18.56
CA LEU G 547 82.94 -64.62 19.28
C LEU G 547 81.68 -64.07 19.90
N PRO G 548 80.77 -64.94 20.36
CA PRO G 548 79.54 -64.46 20.98
C PRO G 548 79.84 -63.66 22.24
N VAL G 549 78.98 -62.67 22.50
CA VAL G 549 79.18 -61.79 23.66
C VAL G 549 79.12 -62.59 24.95
N ASP G 550 78.16 -63.51 25.06
CA ASP G 550 78.05 -64.33 26.26
C ASP G 550 79.28 -65.20 26.47
N GLU G 551 79.80 -65.79 25.39
CA GLU G 551 81.01 -66.60 25.47
C GLU G 551 82.26 -65.76 25.70
N PHE G 552 82.36 -64.60 25.05
CA PHE G 552 83.53 -63.75 25.21
C PHE G 552 83.61 -63.14 26.60
N LEU G 553 82.46 -62.84 27.22
CA LEU G 553 82.47 -62.29 28.58
C LEU G 553 83.13 -63.24 29.58
N PRO G 554 82.83 -64.54 29.57
CA PRO G 554 83.52 -65.43 30.53
C PRO G 554 85.03 -65.47 30.35
N VAL G 555 85.52 -65.33 29.11
CA VAL G 555 86.96 -65.37 28.89
C VAL G 555 87.62 -64.14 29.51
N MET G 556 87.06 -62.96 29.29
CA MET G 556 87.62 -61.74 29.86
C MET G 556 87.40 -61.64 31.37
N PHE G 557 86.54 -62.48 31.94
CA PHE G 557 86.30 -62.51 33.37
C PHE G 557 87.12 -63.59 34.06
N ASP G 558 88.04 -64.24 33.34
CA ASP G 558 88.85 -65.34 33.88
C ASP G 558 87.98 -66.46 34.42
N LYS G 559 86.90 -66.76 33.70
CA LYS G 559 85.98 -67.82 34.07
C LYS G 559 85.75 -68.85 32.97
N HIS G 560 86.42 -68.71 31.84
CA HIS G 560 86.24 -69.65 30.74
C HIS G 560 86.78 -71.03 31.14
N PRO G 561 86.02 -72.11 30.90
CA PRO G 561 86.52 -73.43 31.27
C PRO G 561 87.71 -73.87 30.43
N VAL G 562 87.58 -73.75 29.11
CA VAL G 562 88.67 -74.14 28.21
C VAL G 562 89.79 -73.10 28.31
N SER G 563 91.02 -73.58 28.50
CA SER G 563 92.17 -72.70 28.62
C SER G 563 92.60 -72.10 27.29
N GLU G 564 92.13 -72.65 26.16
CA GLU G 564 92.51 -72.10 24.87
C GLU G 564 91.99 -70.69 24.68
N TYR G 565 90.75 -70.43 25.10
CA TYR G 565 90.18 -69.09 24.97
C TYR G 565 90.95 -68.07 25.82
N LYS G 566 91.29 -68.46 27.05
CA LYS G 566 92.07 -67.56 27.91
C LYS G 566 93.47 -67.33 27.34
N ALA G 567 94.09 -68.38 26.80
CA ALA G 567 95.41 -68.23 26.20
C ALA G 567 95.37 -67.30 24.99
N HIS G 568 94.32 -67.41 24.17
CA HIS G 568 94.17 -66.49 23.05
C HIS G 568 93.97 -65.06 23.53
N PHE G 569 93.24 -64.87 24.62
CA PHE G 569 93.03 -63.55 25.18
C PHE G 569 94.31 -63.05 25.85
N SER G 570 94.38 -61.73 26.04
CA SER G 570 95.53 -61.08 26.65
C SER G 570 95.19 -60.43 27.98
N LEU G 571 94.07 -59.73 28.07
CA LEU G 571 93.67 -59.03 29.29
C LEU G 571 92.40 -59.67 29.85
N ARG G 572 92.40 -59.90 31.16
CA ARG G 572 91.25 -60.43 31.88
C ARG G 572 91.01 -59.65 33.16
N ASN G 573 91.15 -58.32 33.07
CA ASN G 573 91.05 -57.47 34.26
C ASN G 573 89.62 -57.07 34.59
N LEU G 574 88.64 -57.50 33.80
CA LEU G 574 87.25 -57.16 34.08
C LEU G 574 86.74 -57.96 35.28
N HIS G 575 86.21 -57.24 36.27
CA HIS G 575 85.66 -57.86 37.47
C HIS G 575 84.14 -57.97 37.31
N ALA G 576 83.65 -59.18 37.11
CA ALA G 576 82.24 -59.40 36.86
C ALA G 576 81.48 -59.60 38.17
N PHE G 577 80.23 -59.13 38.19
CA PHE G 577 79.37 -59.27 39.35
C PHE G 577 77.97 -59.66 38.89
N SER G 578 77.25 -60.33 39.78
CA SER G 578 75.91 -60.80 39.47
C SER G 578 75.08 -60.82 40.75
N VAL G 579 73.76 -60.81 40.57
CA VAL G 579 72.80 -60.80 41.68
C VAL G 579 72.05 -62.12 41.66
N GLU G 580 71.97 -62.76 42.83
CA GLU G 580 71.29 -64.05 42.92
C GLU G 580 69.82 -63.97 42.54
N PRO G 581 69.04 -63.03 43.07
CA PRO G 581 67.61 -62.94 42.66
C PRO G 581 67.45 -62.16 41.36
N LEU G 582 67.72 -62.85 40.25
CA LEU G 582 67.65 -62.21 38.94
C LEU G 582 66.22 -61.78 38.63
N LEU G 583 66.07 -60.52 38.21
CA LEU G 583 64.77 -59.96 37.88
C LEU G 583 64.50 -59.96 36.38
N ILE G 584 65.35 -60.61 35.59
CA ILE G 584 65.20 -60.67 34.14
C ILE G 584 65.16 -62.13 33.72
N TYR G 585 64.19 -62.48 32.89
CA TYR G 585 64.03 -63.83 32.37
C TYR G 585 63.86 -63.77 30.87
N PRO G 586 64.24 -64.84 30.16
CA PRO G 586 64.06 -64.85 28.71
C PRO G 586 62.58 -64.91 28.34
N THR G 587 62.20 -64.05 27.38
CA THR G 587 60.81 -64.03 26.94
C THR G 587 60.46 -65.30 26.17
N HIS G 588 61.37 -65.76 25.31
CA HIS G 588 61.17 -66.97 24.53
C HIS G 588 62.23 -67.99 24.89
N TYR G 589 61.80 -69.14 25.41
CA TYR G 589 62.69 -70.23 25.73
C TYR G 589 62.84 -71.17 24.54
N THR G 590 63.99 -71.85 24.48
CA THR G 590 64.23 -72.80 23.40
C THR G 590 63.28 -73.98 23.53
N GLY G 591 62.75 -74.42 22.38
CA GLY G 591 61.74 -75.45 22.38
C GLY G 591 60.34 -74.98 22.69
N ASP G 592 60.13 -73.67 22.78
CA ASP G 592 58.83 -73.09 23.06
C ASP G 592 58.35 -72.26 21.87
N ASP G 593 57.03 -72.12 21.76
CA ASP G 593 56.45 -71.39 20.65
C ASP G 593 56.83 -69.91 20.69
N GLY G 594 56.86 -69.28 19.53
CA GLY G 594 57.23 -67.89 19.43
C GLY G 594 58.68 -67.61 19.79
N TYR G 595 59.58 -68.53 19.49
CA TYR G 595 61.01 -68.37 19.74
C TYR G 595 61.71 -68.28 18.38
N VAL G 596 61.78 -67.07 17.85
CA VAL G 596 62.43 -66.81 16.57
C VAL G 596 63.90 -66.56 16.86
N SER G 597 64.76 -67.48 16.42
CA SER G 597 66.20 -67.40 16.68
C SER G 597 66.85 -66.44 15.69
N ASP G 598 66.51 -65.15 15.86
CA ASP G 598 67.11 -64.11 15.03
C ASP G 598 68.61 -64.00 15.28
N THR G 599 69.01 -64.08 16.56
CA THR G 599 70.41 -64.00 16.91
C THR G 599 71.15 -65.33 16.80
N GLU G 600 70.42 -66.43 16.60
CA GLU G 600 71.04 -67.76 16.51
C GLU G 600 70.94 -68.35 15.11
N THR G 601 69.74 -68.44 14.56
CA THR G 601 69.54 -69.03 13.23
C THR G 601 69.94 -68.00 12.17
N SER G 602 71.10 -68.19 11.56
CA SER G 602 71.59 -67.29 10.52
C SER G 602 72.68 -68.02 9.75
N VAL G 603 73.13 -67.38 8.67
CA VAL G 603 74.19 -67.96 7.85
C VAL G 603 75.55 -67.75 8.54
N VAL G 604 76.55 -68.49 8.05
CA VAL G 604 77.89 -68.35 8.60
C VAL G 604 78.49 -67.00 8.19
N TRP G 605 79.57 -66.63 8.87
CA TRP G 605 80.23 -65.37 8.57
C TRP G 605 80.85 -65.38 7.18
N ASN G 606 81.13 -66.55 6.62
CA ASN G 606 81.71 -66.69 5.30
C ASN G 606 80.72 -67.35 4.37
N ASN G 607 80.66 -66.86 3.13
CA ASN G 607 79.80 -67.39 2.07
C ASN G 607 78.33 -67.32 2.46
N GLU G 608 77.47 -67.92 1.62
CA GLU G 608 76.04 -67.92 1.90
C GLU G 608 75.39 -69.27 1.61
N HIS G 609 76.15 -70.37 1.60
CA HIS G 609 75.63 -71.69 1.32
C HIS G 609 75.40 -72.52 2.58
N VAL G 610 75.47 -71.89 3.75
CA VAL G 610 75.28 -72.57 5.03
C VAL G 610 74.09 -71.91 5.71
N LYS G 611 72.92 -72.53 5.57
CA LYS G 611 71.69 -72.04 6.19
C LYS G 611 71.41 -72.90 7.42
N THR G 612 71.99 -72.50 8.56
CA THR G 612 71.87 -73.24 9.80
C THR G 612 70.51 -72.93 10.43
N ASP G 613 69.60 -73.89 10.37
CA ASP G 613 68.29 -73.74 10.99
C ASP G 613 68.39 -73.93 12.50
N TRP G 614 67.31 -73.59 13.19
CA TRP G 614 67.27 -73.74 14.64
C TRP G 614 67.38 -75.22 15.01
N ASP G 615 68.30 -75.52 15.93
CA ASP G 615 68.54 -76.90 16.36
C ASP G 615 67.45 -77.29 17.35
N ARG G 616 66.39 -77.93 16.84
CA ARG G 616 65.31 -78.37 17.71
C ARG G 616 65.77 -79.50 18.62
N ALA G 617 66.44 -80.51 18.06
CA ALA G 617 66.93 -81.62 18.86
C ALA G 617 68.09 -81.19 19.75
N LYS G 618 69.06 -80.47 19.17
CA LYS G 618 70.23 -80.01 19.92
C LYS G 618 70.01 -78.57 20.41
N SER G 619 68.95 -78.40 21.21
CA SER G 619 68.64 -77.07 21.74
C SER G 619 69.75 -76.58 22.66
N GLN G 620 70.30 -77.46 23.50
CA GLN G 620 71.41 -77.15 24.39
C GLN G 620 71.02 -76.07 25.39
N LYS G 621 70.86 -74.83 24.93
CA LYS G 621 70.46 -73.73 25.79
C LYS G 621 68.93 -73.64 25.87
N MET G 622 68.33 -74.74 26.33
CA MET G 622 66.87 -74.79 26.46
C MET G 622 66.39 -73.89 27.59
N ARG G 623 66.83 -74.16 28.82
CA ARG G 623 66.48 -73.34 29.97
C ARG G 623 67.38 -73.68 31.16
N GLU G 624 67.96 -72.65 31.79
CA GLU G 624 68.74 -72.84 32.99
C GLU G 624 67.88 -72.71 34.24
N GLN G 625 66.78 -73.46 34.25
CA GLN G 625 65.85 -73.52 35.37
C GLN G 625 65.53 -74.94 35.79
N GLN G 626 65.39 -75.87 34.83
CA GLN G 626 65.13 -77.25 35.18
C GLN G 626 66.38 -77.93 35.75
N ALA G 627 67.55 -77.61 35.20
CA ALA G 627 68.80 -78.16 35.70
C ALA G 627 69.29 -77.45 36.95
N LEU G 628 68.67 -76.34 37.34
CA LEU G 628 69.04 -75.60 38.54
C LEU G 628 68.32 -76.09 39.78
N SER G 629 67.39 -77.04 39.63
CA SER G 629 66.64 -77.58 40.77
C SER G 629 67.47 -78.67 41.45
N ARG G 630 68.52 -78.22 42.11
CA ARG G 630 69.44 -79.12 42.81
C ARG G 630 70.01 -78.37 44.02
N GLU G 631 71.08 -78.89 44.60
CA GLU G 631 71.71 -78.28 45.76
C GLU G 631 72.59 -77.09 45.34
N ALA G 632 71.95 -76.10 44.72
CA ALA G 632 72.62 -74.88 44.32
C ALA G 632 72.78 -73.89 45.47
N LYS G 633 72.11 -74.13 46.59
CA LYS G 633 72.19 -73.28 47.77
C LYS G 633 71.79 -71.84 47.46
N ASN G 634 72.79 -70.97 47.33
CA ASN G 634 72.59 -69.53 47.09
C ASN G 634 71.72 -68.89 48.18
N SER G 635 71.84 -69.38 49.41
CA SER G 635 71.11 -68.82 50.54
C SER G 635 71.98 -67.96 51.44
N ASP G 636 73.31 -67.98 51.26
CA ASP G 636 74.19 -67.15 52.07
C ASP G 636 74.17 -65.69 51.63
N VAL G 637 73.66 -65.41 50.43
CA VAL G 637 73.58 -64.03 49.96
C VAL G 637 72.44 -63.32 50.67
N LEU G 638 72.74 -62.20 51.30
CA LEU G 638 71.72 -61.46 52.05
C LEU G 638 70.71 -60.85 51.09
N GLN G 639 69.43 -61.10 51.35
CA GLN G 639 68.37 -60.62 50.48
C GLN G 639 67.82 -59.29 51.00
N SER G 640 67.43 -58.43 50.06
CA SER G 640 66.83 -57.16 50.41
C SER G 640 65.42 -57.36 50.97
N PRO G 641 64.86 -56.33 51.60
CA PRO G 641 63.51 -56.49 52.18
C PRO G 641 62.44 -56.81 51.17
N LEU G 642 62.67 -56.56 49.89
CA LEU G 642 61.71 -56.88 48.84
C LEU G 642 61.67 -58.40 48.64
N ASP G 643 60.88 -58.83 47.65
CA ASP G 643 60.68 -60.25 47.36
C ASP G 643 60.15 -61.01 48.58
N SER G 644 59.26 -60.38 49.33
CA SER G 644 58.61 -61.01 50.49
C SER G 644 57.10 -60.82 50.33
N ALA G 645 56.41 -61.90 49.95
CA ALA G 645 55.00 -61.81 49.61
C ALA G 645 54.38 -63.20 49.77
N ALA G 646 53.20 -63.40 49.19
CA ALA G 646 52.48 -64.66 49.15
C ALA G 646 51.87 -64.99 50.51
N ARG G 647 50.92 -65.94 50.52
CA ARG G 647 50.17 -66.28 51.73
C ARG G 647 50.06 -67.78 51.88
N ASP G 648 49.20 -68.24 52.79
CA ASP G 648 49.06 -69.66 53.09
C ASP G 648 48.36 -70.35 51.92
N GLU G 649 49.07 -70.40 50.79
CA GLU G 649 48.62 -71.13 49.62
C GLU G 649 49.69 -71.97 48.96
N LEU G 650 50.97 -71.66 49.15
CA LEU G 650 52.06 -72.44 48.56
C LEU G 650 53.36 -72.20 49.32
N ALA H 64 43.75 -85.18 61.17
CA ALA H 64 42.70 -85.63 60.26
C ALA H 64 43.29 -86.05 58.91
N TYR H 65 42.83 -87.19 58.41
CA TYR H 65 43.31 -87.73 57.14
C TYR H 65 42.16 -88.50 56.49
N PHE H 66 42.46 -89.14 55.36
CA PHE H 66 41.50 -89.91 54.58
C PHE H 66 40.30 -89.05 54.21
N PRO H 67 40.48 -88.02 53.39
CA PRO H 67 39.35 -87.17 53.00
C PRO H 67 38.31 -87.94 52.22
N GLU H 68 37.05 -87.56 52.41
CA GLU H 68 35.92 -88.20 51.76
C GLU H 68 35.48 -87.42 50.54
N GLU H 69 34.64 -88.07 49.72
CA GLU H 69 34.10 -87.49 48.49
C GLU H 69 32.58 -87.60 48.49
N ARG H 70 31.96 -87.19 49.61
CA ARG H 70 30.52 -87.32 49.77
C ARG H 70 29.78 -86.60 48.64
N TRP H 71 28.80 -87.28 48.06
CA TRP H 71 28.06 -86.75 46.93
C TRP H 71 27.21 -85.56 47.34
N SER H 72 27.10 -84.58 46.44
CA SER H 72 26.27 -83.40 46.65
C SER H 72 25.33 -83.29 45.46
N PRO H 73 24.19 -83.97 45.51
CA PRO H 73 23.26 -83.94 44.37
C PRO H 73 22.72 -82.54 44.12
N GLU H 74 22.47 -82.26 42.84
CA GLU H 74 21.96 -80.95 42.45
C GLU H 74 20.59 -80.70 43.06
N SER H 75 20.39 -79.48 43.56
CA SER H 75 19.13 -79.14 44.21
C SER H 75 18.01 -79.01 43.17
N PRO H 76 16.77 -79.23 43.58
CA PRO H 76 15.64 -79.03 42.65
C PRO H 76 15.50 -77.56 42.29
N LEU H 77 15.00 -77.33 41.08
CA LEU H 77 14.81 -75.97 40.59
C LEU H 77 13.62 -75.31 41.28
N GLN H 78 13.72 -74.00 41.52
CA GLN H 78 12.63 -73.27 42.12
C GLN H 78 11.46 -73.15 41.14
N ALA H 79 10.28 -72.88 41.68
CA ALA H 79 9.09 -72.81 40.86
C ALA H 79 9.10 -71.54 40.01
N PRO H 80 8.40 -71.56 38.89
CA PRO H 80 8.33 -70.35 38.05
C PRO H 80 7.56 -69.24 38.75
N ARG H 81 7.92 -68.00 38.42
CA ARG H 81 7.34 -66.85 39.10
C ARG H 81 5.91 -66.59 38.58
N VAL H 82 5.31 -65.53 39.12
CA VAL H 82 3.99 -65.08 38.69
C VAL H 82 3.77 -63.67 39.24
N LEU H 83 2.99 -62.86 38.54
CA LEU H 83 2.54 -61.56 39.04
C LEU H 83 1.04 -61.47 38.81
N ILE H 84 0.28 -62.04 39.73
CA ILE H 84 -1.17 -62.20 39.56
C ILE H 84 -1.82 -60.87 39.91
N ALA H 85 -1.99 -60.00 38.91
CA ALA H 85 -2.63 -58.72 39.11
C ALA H 85 -4.14 -58.87 39.02
N LEU H 86 -4.87 -57.76 38.97
CA LEU H 86 -6.32 -57.76 38.89
C LEU H 86 -6.77 -56.35 38.54
N LEU H 87 -8.09 -56.19 38.43
CA LEU H 87 -8.69 -54.88 38.17
C LEU H 87 -10.14 -54.94 38.65
N ALA H 88 -10.42 -54.26 39.77
CA ALA H 88 -11.72 -54.33 40.41
C ALA H 88 -12.30 -52.94 40.60
N ARG H 89 -13.63 -52.84 40.46
CA ARG H 89 -14.35 -51.60 40.71
C ARG H 89 -15.81 -51.98 40.94
N ASN H 90 -16.33 -51.64 42.13
CA ASN H 90 -17.65 -52.09 42.55
C ASN H 90 -17.76 -53.60 42.52
N ALA H 91 -16.66 -54.28 42.86
CA ALA H 91 -16.58 -55.73 42.81
C ALA H 91 -16.80 -56.39 44.15
N ALA H 92 -17.20 -55.62 45.17
CA ALA H 92 -17.45 -56.20 46.49
C ALA H 92 -18.64 -57.14 46.49
N HIS H 93 -19.48 -57.11 45.45
CA HIS H 93 -20.65 -57.98 45.40
C HIS H 93 -20.27 -59.45 45.44
N ALA H 94 -19.09 -59.80 44.91
CA ALA H 94 -18.64 -61.19 44.93
C ALA H 94 -17.17 -61.33 45.27
N LEU H 95 -16.50 -60.25 45.67
CA LEU H 95 -15.09 -60.32 46.01
C LEU H 95 -14.80 -61.32 47.12
N PRO H 96 -15.65 -61.47 48.14
CA PRO H 96 -15.30 -62.37 49.26
C PRO H 96 -15.04 -63.81 48.83
N THR H 97 -15.77 -64.31 47.84
CA THR H 97 -15.53 -65.67 47.38
C THR H 97 -14.38 -65.73 46.39
N THR H 98 -14.28 -64.75 45.49
CA THR H 98 -13.26 -64.79 44.45
C THR H 98 -11.86 -64.63 45.02
N LEU H 99 -11.69 -63.71 45.97
CA LEU H 99 -10.37 -63.53 46.57
C LEU H 99 -9.91 -64.79 47.30
N GLY H 100 -10.83 -65.44 48.02
CA GLY H 100 -10.49 -66.70 48.66
C GLY H 100 -10.17 -67.79 47.66
N ALA H 101 -10.91 -67.83 46.55
CA ALA H 101 -10.60 -68.80 45.50
C ALA H 101 -9.21 -68.58 44.94
N LEU H 102 -8.84 -67.32 44.72
CA LEU H 102 -7.47 -67.02 44.28
C LEU H 102 -6.45 -67.43 45.33
N GLU H 103 -6.76 -67.21 46.61
CA GLU H 103 -5.89 -67.63 47.69
C GLU H 103 -5.77 -69.14 47.77
N ARG H 104 -6.74 -69.87 47.24
CA ARG H 104 -6.73 -71.33 47.26
C ARG H 104 -5.76 -71.93 46.24
N LEU H 105 -5.14 -71.11 45.41
CA LEU H 105 -4.22 -71.62 44.38
C LEU H 105 -3.05 -72.34 45.02
N ARG H 106 -2.66 -73.47 44.42
CA ARG H 106 -1.59 -74.31 44.94
C ARG H 106 -0.25 -73.95 44.29
N HIS H 107 0.26 -72.80 44.71
CA HIS H 107 1.54 -72.29 44.26
C HIS H 107 2.33 -71.78 45.46
N PRO H 108 3.65 -71.66 45.34
CA PRO H 108 4.44 -71.12 46.47
C PRO H 108 4.07 -69.68 46.76
N ARG H 109 3.53 -69.43 47.96
CA ARG H 109 3.11 -68.08 48.32
C ARG H 109 4.28 -67.12 48.47
N GLU H 110 5.50 -67.64 48.58
CA GLU H 110 6.70 -66.81 48.63
C GLU H 110 7.34 -66.61 47.27
N ARG H 111 6.70 -67.08 46.20
CA ARG H 111 7.16 -66.89 44.84
C ARG H 111 6.04 -66.37 43.94
N THR H 112 5.28 -65.40 44.43
CA THR H 112 4.19 -64.80 43.69
C THR H 112 4.18 -63.31 43.99
N ALA H 113 3.12 -62.63 43.58
CA ALA H 113 2.97 -61.20 43.82
C ALA H 113 1.52 -60.82 43.61
N LEU H 114 1.25 -59.51 43.59
CA LEU H 114 -0.08 -58.98 43.33
C LEU H 114 0.04 -57.48 43.10
N TRP H 115 -0.74 -56.97 42.14
CA TRP H 115 -0.72 -55.56 41.79
C TRP H 115 -2.15 -55.05 41.62
N VAL H 116 -3.04 -55.43 42.55
CA VAL H 116 -4.43 -55.04 42.44
C VAL H 116 -4.57 -53.53 42.67
N ALA H 117 -5.62 -52.96 42.06
CA ALA H 117 -5.92 -51.55 42.22
C ALA H 117 -7.40 -51.33 41.98
N THR H 118 -7.93 -50.24 42.53
CA THR H 118 -9.33 -49.90 42.40
C THR H 118 -9.47 -48.44 42.01
N ASP H 119 -10.50 -48.15 41.22
CA ASP H 119 -10.76 -46.79 40.77
C ASP H 119 -12.22 -46.67 40.38
N HIS H 120 -12.80 -45.51 40.69
CA HIS H 120 -14.19 -45.20 40.34
C HIS H 120 -15.15 -46.27 40.87
N ASN H 121 -14.92 -46.70 42.11
CA ASN H 121 -15.77 -47.69 42.78
C ASN H 121 -16.57 -46.99 43.86
N MET H 122 -17.89 -46.91 43.68
CA MET H 122 -18.74 -46.23 44.64
C MET H 122 -19.12 -47.09 45.83
N ASP H 123 -18.90 -48.40 45.75
CA ASP H 123 -19.25 -49.30 46.84
C ASP H 123 -18.13 -49.33 47.88
N ASN H 124 -18.24 -50.25 48.84
CA ASN H 124 -17.25 -50.40 49.90
C ASN H 124 -16.19 -51.44 49.57
N THR H 125 -15.90 -51.65 48.28
CA THR H 125 -14.90 -52.64 47.89
C THR H 125 -13.50 -52.25 48.33
N SER H 126 -13.22 -50.94 48.42
CA SER H 126 -11.88 -50.49 48.78
C SER H 126 -11.49 -50.98 50.17
N THR H 127 -12.41 -50.86 51.14
CA THR H 127 -12.11 -51.31 52.50
C THR H 127 -11.88 -52.81 52.55
N VAL H 128 -12.70 -53.58 51.84
CA VAL H 128 -12.53 -55.04 51.83
C VAL H 128 -11.20 -55.42 51.21
N LEU H 129 -10.83 -54.76 50.10
CA LEU H 129 -9.56 -55.05 49.46
C LEU H 129 -8.39 -54.68 50.37
N ARG H 130 -8.47 -53.54 51.05
CA ARG H 130 -7.40 -53.15 51.96
C ARG H 130 -7.28 -54.14 53.12
N GLU H 131 -8.42 -54.59 53.65
CA GLU H 131 -8.40 -55.56 54.74
C GLU H 131 -7.77 -56.88 54.30
N TRP H 132 -8.15 -57.35 53.10
CA TRP H 132 -7.57 -58.59 52.59
C TRP H 132 -6.07 -58.44 52.37
N LEU H 133 -5.64 -57.31 51.81
CA LEU H 133 -4.22 -57.08 51.59
C LEU H 133 -3.46 -57.04 52.91
N VAL H 134 -4.01 -56.38 53.91
CA VAL H 134 -3.36 -56.31 55.22
C VAL H 134 -3.28 -57.69 55.84
N ALA H 135 -4.34 -58.49 55.71
CA ALA H 135 -4.35 -59.83 56.27
C ALA H 135 -3.31 -60.72 55.59
N VAL H 136 -3.15 -60.58 54.28
CA VAL H 136 -2.28 -61.47 53.52
C VAL H 136 -0.96 -60.79 53.14
N LYS H 137 -0.68 -59.61 53.67
CA LYS H 137 0.54 -58.90 53.31
C LYS H 137 1.81 -59.66 53.68
N SER H 138 1.76 -60.50 54.71
CA SER H 138 2.95 -61.23 55.12
C SER H 138 3.24 -62.41 54.20
N LEU H 139 2.20 -63.08 53.70
CA LEU H 139 2.40 -64.34 52.98
C LEU H 139 3.02 -64.13 51.61
N TYR H 140 2.53 -63.14 50.86
CA TYR H 140 2.99 -62.96 49.48
C TYR H 140 4.42 -62.45 49.44
N HIS H 141 5.13 -62.82 48.37
CA HIS H 141 6.51 -62.37 48.20
C HIS H 141 6.58 -60.87 47.94
N SER H 142 5.46 -60.25 47.60
CA SER H 142 5.40 -58.80 47.40
C SER H 142 3.93 -58.39 47.43
N VAL H 143 3.70 -57.09 47.27
CA VAL H 143 2.35 -56.55 47.24
C VAL H 143 2.42 -55.15 46.64
N GLU H 144 1.29 -54.68 46.11
CA GLU H 144 1.20 -53.33 45.57
C GLU H 144 -0.24 -52.86 45.70
N TRP H 145 -0.41 -51.54 45.83
CA TRP H 145 -1.74 -50.96 45.97
C TRP H 145 -1.68 -49.48 45.64
N ARG H 146 -2.63 -49.03 44.82
CA ARG H 146 -2.76 -47.63 44.43
C ARG H 146 -4.20 -47.21 44.59
N PRO H 147 -4.66 -46.98 45.82
CA PRO H 147 -6.05 -46.59 46.03
C PRO H 147 -6.41 -45.31 45.28
N ALA H 148 -7.54 -45.35 44.59
CA ALA H 148 -8.01 -44.24 43.75
C ALA H 148 -9.50 -44.01 43.99
N GLU H 149 -9.89 -43.91 45.26
CA GLU H 149 -11.31 -43.82 45.61
C GLU H 149 -11.99 -42.62 44.97
N GLU H 150 -11.34 -41.45 44.98
CA GLU H 150 -11.95 -40.26 44.39
C GLU H 150 -11.74 -40.25 42.89
N PRO H 151 -12.80 -40.16 42.07
CA PRO H 151 -14.22 -40.06 42.44
C PRO H 151 -14.95 -41.39 42.24
N ARG H 152 -16.27 -41.42 42.43
CA ARG H 152 -17.04 -42.64 42.32
C ARG H 152 -17.71 -42.83 40.96
N SER H 153 -17.57 -41.87 40.05
CA SER H 153 -18.21 -41.98 38.75
C SER H 153 -17.41 -41.16 37.73
N TYR H 154 -17.63 -41.48 36.45
CA TYR H 154 -16.98 -40.76 35.37
C TYR H 154 -17.78 -39.51 35.00
N PRO H 155 -17.11 -38.49 34.45
CA PRO H 155 -17.82 -37.25 34.10
C PRO H 155 -18.87 -37.44 33.02
N ASP H 156 -18.47 -37.97 31.87
CA ASP H 156 -19.39 -38.23 30.77
C ASP H 156 -19.90 -39.67 30.81
N GLU H 157 -20.44 -40.04 31.96
CA GLU H 157 -20.91 -41.40 32.21
C GLU H 157 -22.43 -41.41 32.26
N GLU H 158 -23.05 -42.22 31.40
CA GLU H 158 -24.50 -42.38 31.45
C GLU H 158 -24.92 -43.12 32.72
N GLY H 159 -24.15 -44.11 33.13
CA GLY H 159 -24.45 -44.87 34.31
C GLY H 159 -23.36 -45.87 34.65
N PRO H 160 -23.59 -46.68 35.69
CA PRO H 160 -22.59 -47.69 36.06
C PRO H 160 -22.32 -48.71 34.96
N LYS H 161 -23.32 -49.03 34.14
CA LYS H 161 -23.16 -50.05 33.11
C LYS H 161 -22.74 -49.46 31.76
N HIS H 162 -22.47 -48.17 31.70
CA HIS H 162 -22.04 -47.55 30.44
C HIS H 162 -20.52 -47.39 30.46
N TRP H 163 -19.85 -48.07 29.52
CA TRP H 163 -18.40 -47.98 29.38
C TRP H 163 -18.10 -46.93 28.31
N SER H 164 -17.64 -45.76 28.75
CA SER H 164 -17.37 -44.65 27.86
C SER H 164 -15.95 -44.75 27.30
N ASP H 165 -15.64 -43.83 26.38
CA ASP H 165 -14.30 -43.79 25.81
C ASP H 165 -13.25 -43.52 26.89
N SER H 166 -13.58 -42.64 27.84
CA SER H 166 -12.69 -42.41 28.97
C SER H 166 -12.48 -43.68 29.78
N ARG H 167 -13.55 -44.48 29.96
CA ARG H 167 -13.42 -45.74 30.68
C ARG H 167 -12.49 -46.70 29.93
N TYR H 168 -12.63 -46.76 28.61
CA TYR H 168 -11.74 -47.61 27.82
C TYR H 168 -10.29 -47.16 27.94
N GLU H 169 -10.06 -45.84 27.88
CA GLU H 169 -8.72 -45.32 28.04
C GLU H 169 -8.14 -45.67 29.41
N HIS H 170 -8.96 -45.54 30.46
CA HIS H 170 -8.51 -45.87 31.80
C HIS H 170 -8.16 -47.35 31.92
N VAL H 171 -9.00 -48.22 31.35
CA VAL H 171 -8.74 -49.66 31.41
C VAL H 171 -7.44 -49.99 30.69
N MET H 172 -7.26 -49.44 29.49
CA MET H 172 -6.05 -49.72 28.73
C MET H 172 -4.81 -49.21 29.46
N LYS H 173 -4.87 -47.99 29.99
CA LYS H 173 -3.74 -47.43 30.70
C LYS H 173 -3.39 -48.25 31.94
N LEU H 174 -4.41 -48.69 32.69
CA LEU H 174 -4.16 -49.50 33.87
C LEU H 174 -3.53 -50.83 33.50
N ARG H 175 -4.04 -51.48 32.44
CA ARG H 175 -3.45 -52.74 32.01
C ARG H 175 -2.01 -52.57 31.58
N GLN H 176 -1.71 -51.50 30.85
CA GLN H 176 -0.33 -51.26 30.42
C GLN H 176 0.57 -50.96 31.59
N ALA H 177 0.05 -50.22 32.59
CA ALA H 177 0.85 -49.97 33.79
C ALA H 177 1.16 -51.27 34.52
N ALA H 178 0.18 -52.17 34.61
CA ALA H 178 0.43 -53.47 35.21
C ALA H 178 1.48 -54.24 34.44
N LEU H 179 1.39 -54.22 33.11
CA LEU H 179 2.39 -54.91 32.29
C LEU H 179 3.78 -54.33 32.54
N LYS H 180 3.89 -53.01 32.55
CA LYS H 180 5.19 -52.36 32.79
C LYS H 180 5.74 -52.72 34.16
N SER H 181 4.88 -52.73 35.18
CA SER H 181 5.32 -53.11 36.52
C SER H 181 5.80 -54.56 36.55
N ALA H 182 5.11 -55.45 35.85
CA ALA H 182 5.57 -56.83 35.76
C ALA H 182 6.88 -56.93 35.01
N ARG H 183 7.06 -56.08 33.99
CA ARG H 183 8.31 -56.09 33.23
C ARG H 183 9.51 -55.68 34.07
N ASP H 184 9.34 -54.71 34.98
CA ASP H 184 10.44 -54.25 35.82
C ASP H 184 10.80 -55.25 36.92
N MET H 185 9.96 -56.24 37.17
CA MET H 185 10.23 -57.25 38.19
C MET H 185 10.98 -58.45 37.66
N TRP H 186 11.22 -58.51 36.35
CA TRP H 186 11.96 -59.61 35.72
C TRP H 186 11.36 -60.97 36.10
N ALA H 187 10.04 -61.04 36.07
CA ALA H 187 9.31 -62.24 36.45
C ALA H 187 8.53 -62.77 35.25
N ASP H 188 8.65 -64.08 35.03
CA ASP H 188 7.92 -64.71 33.94
C ASP H 188 6.43 -64.77 34.25
N TYR H 189 5.62 -64.79 33.20
CA TYR H 189 4.17 -64.95 33.28
C TYR H 189 3.48 -63.78 33.96
N ILE H 190 2.21 -63.56 33.63
CA ILE H 190 1.36 -62.58 34.29
C ILE H 190 -0.09 -62.97 34.00
N LEU H 191 -0.92 -63.01 35.03
CA LEU H 191 -2.30 -63.48 34.89
C LEU H 191 -3.24 -62.33 35.31
N PHE H 192 -3.56 -61.47 34.34
CA PHE H 192 -4.41 -60.31 34.59
C PHE H 192 -5.88 -60.73 34.62
N VAL H 193 -6.21 -61.53 35.62
CA VAL H 193 -7.56 -62.05 35.78
C VAL H 193 -8.47 -60.94 36.29
N ASP H 194 -9.62 -60.77 35.64
CA ASP H 194 -10.55 -59.71 36.01
C ASP H 194 -11.30 -60.08 37.29
N ALA H 195 -12.04 -59.10 37.81
CA ALA H 195 -12.69 -59.26 39.11
C ALA H 195 -13.86 -60.24 39.05
N ASP H 196 -14.69 -60.13 38.01
CA ASP H 196 -15.88 -60.97 37.94
C ASP H 196 -15.53 -62.44 37.74
N ASN H 197 -14.32 -62.74 37.28
CA ASN H 197 -13.93 -64.11 37.05
C ASN H 197 -13.73 -64.86 38.37
N LEU H 198 -13.96 -66.17 38.33
CA LEU H 198 -13.80 -67.02 39.51
C LEU H 198 -13.14 -68.32 39.06
N ILE H 199 -11.89 -68.52 39.45
CA ILE H 199 -11.13 -69.73 39.09
C ILE H 199 -11.35 -70.73 40.24
N LEU H 200 -12.38 -71.55 40.10
CA LEU H 200 -12.73 -72.48 41.17
C LEU H 200 -11.70 -73.59 41.32
N ASN H 201 -11.16 -74.08 40.21
CA ASN H 201 -10.24 -75.21 40.27
C ASN H 201 -8.93 -74.81 40.97
N PRO H 202 -8.24 -75.78 41.57
CA PRO H 202 -7.03 -75.43 42.34
C PRO H 202 -5.76 -75.36 41.50
N ASP H 203 -5.75 -76.08 40.37
CA ASP H 203 -4.55 -76.21 39.54
C ASP H 203 -4.61 -75.36 38.29
N THR H 204 -5.17 -74.15 38.38
CA THR H 204 -5.25 -73.27 37.21
C THR H 204 -3.88 -72.75 36.82
N LEU H 205 -3.23 -72.00 37.72
CA LEU H 205 -1.93 -71.43 37.42
C LEU H 205 -0.83 -72.48 37.32
N SER H 206 -1.12 -73.72 37.71
CA SER H 206 -0.15 -74.79 37.57
C SER H 206 -0.27 -75.45 36.20
N LEU H 207 -1.50 -75.79 35.79
CA LEU H 207 -1.70 -76.43 34.50
C LEU H 207 -1.55 -75.46 33.34
N LEU H 208 -1.76 -74.16 33.57
CA LEU H 208 -1.66 -73.19 32.49
C LEU H 208 -0.23 -73.08 31.97
N ILE H 209 0.76 -73.18 32.86
CA ILE H 209 2.15 -73.01 32.49
C ILE H 209 2.74 -74.34 32.02
N ALA H 210 1.88 -75.33 31.82
CA ALA H 210 2.32 -76.65 31.39
C ALA H 210 2.35 -76.80 29.87
N GLU H 211 2.01 -75.75 29.12
CA GLU H 211 1.97 -75.82 27.67
C GLU H 211 3.06 -75.03 26.97
N ASN H 212 3.73 -74.12 27.68
CA ASN H 212 4.78 -73.27 27.11
C ASN H 212 4.28 -72.52 25.88
N LYS H 213 3.20 -71.78 26.07
CA LYS H 213 2.57 -70.99 25.02
C LYS H 213 2.85 -69.52 25.24
N THR H 214 2.88 -68.76 24.16
CA THR H 214 3.14 -67.33 24.27
C THR H 214 2.00 -66.62 25.01
N VAL H 215 0.76 -66.91 24.62
CA VAL H 215 -0.39 -66.40 25.35
C VAL H 215 -1.47 -67.48 25.39
N VAL H 216 -1.59 -68.19 26.50
CA VAL H 216 -2.57 -69.25 26.66
C VAL H 216 -3.61 -68.81 27.67
N ALA H 217 -4.85 -69.24 27.48
CA ALA H 217 -5.93 -68.87 28.38
C ALA H 217 -6.82 -70.07 28.69
N PRO H 218 -7.52 -70.05 29.82
CA PRO H 218 -8.47 -71.13 30.11
C PRO H 218 -9.87 -70.79 29.64
N MET H 219 -10.61 -71.83 29.28
CA MET H 219 -11.97 -71.68 28.75
C MET H 219 -12.95 -71.77 29.90
N LEU H 220 -13.16 -70.65 30.58
CA LEU H 220 -14.09 -70.58 31.70
C LEU H 220 -15.51 -70.78 31.19
N ASP H 221 -16.29 -71.59 31.91
CA ASP H 221 -17.66 -71.87 31.50
C ASP H 221 -18.61 -70.82 32.04
N SER H 222 -19.89 -70.97 31.72
CA SER H 222 -20.93 -70.07 32.19
C SER H 222 -22.28 -70.77 32.08
N ARG H 223 -23.33 -70.08 32.52
CA ARG H 223 -24.68 -70.60 32.41
C ARG H 223 -25.16 -70.69 30.97
N ALA H 224 -24.51 -69.97 30.06
CA ALA H 224 -24.90 -69.97 28.66
C ALA H 224 -23.71 -70.32 27.76
N ALA H 225 -23.89 -70.18 26.45
CA ALA H 225 -22.83 -70.56 25.51
C ALA H 225 -21.60 -69.68 25.66
N TYR H 226 -21.81 -68.38 25.93
CA TYR H 226 -20.71 -67.42 25.90
C TYR H 226 -19.60 -67.81 26.85
N SER H 227 -18.36 -67.60 26.41
CA SER H 227 -17.18 -67.95 27.20
C SER H 227 -16.11 -66.92 26.90
N ASN H 228 -14.86 -67.23 27.26
CA ASN H 228 -13.76 -66.29 27.14
C ASN H 228 -13.08 -66.33 25.78
N PHE H 229 -13.52 -67.22 24.88
CA PHE H 229 -12.79 -67.49 23.64
C PHE H 229 -13.70 -67.28 22.43
N TRP H 230 -13.69 -66.07 21.87
CA TRP H 230 -14.29 -65.85 20.56
C TRP H 230 -13.48 -66.58 19.50
N CYS H 231 -14.17 -67.18 18.52
CA CYS H 231 -13.53 -68.06 17.56
C CYS H 231 -13.53 -67.48 16.14
N GLY H 232 -13.89 -66.23 15.96
CA GLY H 232 -13.77 -65.60 14.65
C GLY H 232 -14.16 -64.14 14.65
N MET H 233 -13.31 -63.29 14.06
CA MET H 233 -13.58 -61.86 13.93
C MET H 233 -13.94 -61.58 12.47
N THR H 234 -15.13 -61.03 12.25
CA THR H 234 -15.65 -60.96 10.88
C THR H 234 -15.11 -59.75 10.12
N SER H 235 -15.49 -58.55 10.52
CA SER H 235 -15.05 -57.39 9.77
C SER H 235 -14.48 -56.28 10.63
N GLN H 236 -15.06 -56.03 11.80
CA GLN H 236 -14.70 -54.89 12.64
C GLN H 236 -14.68 -55.31 14.09
N GLY H 237 -14.24 -56.54 14.37
CA GLY H 237 -14.11 -57.02 15.73
C GLY H 237 -15.36 -57.64 16.32
N TYR H 238 -16.50 -57.54 15.63
CA TYR H 238 -17.72 -58.16 16.13
C TYR H 238 -17.58 -59.68 16.08
N TYR H 239 -18.05 -60.33 17.14
CA TYR H 239 -17.98 -61.77 17.21
C TYR H 239 -18.85 -62.39 16.12
N LYS H 240 -18.29 -63.37 15.42
CA LYS H 240 -18.99 -64.06 14.35
C LYS H 240 -18.97 -65.55 14.65
N ARG H 241 -20.14 -66.17 14.70
CA ARG H 241 -20.22 -67.57 15.09
C ARG H 241 -19.71 -68.48 13.99
N THR H 242 -18.42 -68.82 14.05
CA THR H 242 -17.87 -69.82 13.14
C THR H 242 -18.43 -71.19 13.51
N PRO H 243 -18.34 -72.14 12.60
CA PRO H 243 -18.98 -73.45 12.85
C PRO H 243 -18.23 -74.28 13.89
N ALA H 244 -17.25 -73.68 14.58
CA ALA H 244 -16.43 -74.40 15.54
C ALA H 244 -16.70 -74.05 16.99
N TYR H 245 -17.22 -72.86 17.30
CA TYR H 245 -17.38 -72.47 18.70
C TYR H 245 -18.35 -73.39 19.42
N ILE H 246 -19.47 -73.73 18.79
CA ILE H 246 -20.39 -74.69 19.40
C ILE H 246 -19.73 -76.04 19.62
N PRO H 247 -18.93 -76.57 18.68
CA PRO H 247 -18.31 -77.88 18.93
C PRO H 247 -17.29 -77.87 20.06
N ILE H 248 -16.81 -76.72 20.48
CA ILE H 248 -15.81 -76.62 21.53
C ILE H 248 -16.43 -76.29 22.88
N ARG H 249 -17.43 -75.40 22.90
CA ARG H 249 -18.04 -74.98 24.16
C ARG H 249 -18.68 -76.13 24.91
N LYS H 250 -19.03 -77.22 24.20
CA LYS H 250 -19.55 -78.43 24.84
C LYS H 250 -18.48 -79.48 25.06
N ARG H 251 -17.22 -79.14 24.80
CA ARG H 251 -16.08 -80.04 25.02
C ARG H 251 -16.24 -81.35 24.26
N ASP H 252 -16.79 -81.30 23.05
CA ASP H 252 -16.87 -82.50 22.22
C ASP H 252 -15.48 -82.98 21.81
N ARG H 253 -14.60 -82.05 21.44
CA ARG H 253 -13.21 -82.34 21.14
C ARG H 253 -12.33 -81.60 22.13
N ARG H 254 -11.38 -82.30 22.74
CA ARG H 254 -10.52 -81.75 23.77
C ARG H 254 -9.12 -81.51 23.21
N GLY H 255 -8.57 -80.35 23.49
CA GLY H 255 -7.23 -79.99 23.05
C GLY H 255 -7.14 -78.51 22.75
N CYS H 256 -5.97 -77.93 23.05
CA CYS H 256 -5.74 -76.51 22.80
C CYS H 256 -5.85 -76.21 21.31
N PHE H 257 -6.86 -75.43 20.93
CA PHE H 257 -7.11 -75.07 19.55
C PHE H 257 -6.88 -73.58 19.37
N ALA H 258 -6.32 -73.21 18.22
CA ALA H 258 -6.04 -71.80 17.95
C ALA H 258 -7.35 -71.02 17.82
N VAL H 259 -7.28 -69.73 18.14
CA VAL H 259 -8.47 -68.87 18.09
C VAL H 259 -8.04 -67.46 17.72
N PRO H 260 -8.96 -66.55 17.45
CA PRO H 260 -8.55 -65.21 17.02
C PRO H 260 -8.53 -64.19 18.14
N MET H 261 -9.05 -64.53 19.31
CA MET H 261 -9.12 -63.58 20.41
C MET H 261 -9.32 -64.32 21.73
N VAL H 262 -9.14 -63.61 22.82
CA VAL H 262 -9.32 -64.16 24.16
C VAL H 262 -9.83 -63.05 25.07
N HIS H 263 -10.63 -63.42 26.06
CA HIS H 263 -11.20 -62.47 27.00
C HIS H 263 -10.90 -62.90 28.44
N SER H 264 -10.68 -61.90 29.29
CA SER H 264 -10.48 -62.07 30.73
C SER H 264 -9.18 -62.80 31.05
N THR H 265 -9.27 -64.02 31.56
CA THR H 265 -8.15 -64.69 32.21
C THR H 265 -7.11 -65.10 31.17
N PHE H 266 -6.23 -64.17 30.83
CA PHE H 266 -5.09 -64.43 29.96
C PHE H 266 -3.86 -64.75 30.79
N LEU H 267 -2.79 -65.16 30.10
CA LEU H 267 -1.49 -65.34 30.75
C LEU H 267 -0.41 -64.99 29.72
N ILE H 268 -0.02 -63.72 29.71
CA ILE H 268 0.89 -63.21 28.68
C ILE H 268 2.31 -63.48 29.17
N ASP H 269 2.80 -64.70 28.90
CA ASP H 269 4.11 -65.11 29.37
C ASP H 269 5.21 -64.25 28.75
N LEU H 270 5.87 -63.44 29.57
CA LEU H 270 6.93 -62.57 29.11
C LEU H 270 8.29 -63.26 29.05
N ARG H 271 8.36 -64.53 29.43
CA ARG H 271 9.65 -65.22 29.41
C ARG H 271 10.18 -65.36 27.99
N LYS H 272 9.32 -65.76 27.05
CA LYS H 272 9.73 -65.92 25.67
C LYS H 272 10.07 -64.57 25.05
N ALA H 273 11.02 -64.59 24.12
CA ALA H 273 11.55 -63.34 23.57
C ALA H 273 10.49 -62.57 22.79
N ALA H 274 9.64 -63.27 22.04
CA ALA H 274 8.69 -62.61 21.16
C ALA H 274 7.75 -61.70 21.93
N SER H 275 7.49 -61.99 23.20
CA SER H 275 6.55 -61.21 24.01
C SER H 275 7.03 -59.81 24.30
N ARG H 276 8.23 -59.42 23.89
CA ARG H 276 8.73 -58.08 24.17
C ARG H 276 8.04 -56.99 23.38
N ASN H 277 7.22 -57.34 22.39
CA ASN H 277 6.57 -56.36 21.55
C ASN H 277 5.09 -56.16 21.84
N LEU H 278 4.48 -57.04 22.63
CA LEU H 278 3.06 -56.90 22.95
C LEU H 278 2.83 -55.60 23.73
N ALA H 279 1.81 -54.85 23.34
CA ALA H 279 1.50 -53.56 23.95
C ALA H 279 0.00 -53.39 24.04
N PHE H 280 -0.45 -52.64 25.05
CA PHE H 280 -1.87 -52.46 25.31
C PHE H 280 -2.33 -51.01 25.26
N TYR H 281 -1.58 -50.09 25.88
CA TYR H 281 -2.02 -48.71 25.97
C TYR H 281 -2.02 -48.03 24.61
N PRO H 282 -0.84 -47.78 24.04
CA PRO H 282 -0.78 -47.13 22.74
C PRO H 282 -1.04 -48.13 21.62
N PRO H 283 -2.18 -48.02 20.94
CA PRO H 283 -2.40 -48.87 19.77
C PRO H 283 -1.33 -48.64 18.72
N HIS H 284 -0.97 -49.70 18.00
CA HIS H 284 0.07 -49.60 17.01
C HIS H 284 -0.33 -48.59 15.94
N PRO H 285 0.64 -47.94 15.29
CA PRO H 285 0.30 -46.84 14.38
C PRO H 285 -0.54 -47.26 13.19
N ASP H 286 -0.59 -48.55 12.87
CA ASP H 286 -1.32 -49.04 11.70
C ASP H 286 -2.65 -49.70 12.07
N TYR H 287 -3.34 -49.17 13.07
CA TYR H 287 -4.62 -49.71 13.50
C TYR H 287 -5.75 -48.97 12.81
N THR H 288 -6.76 -49.72 12.35
CA THR H 288 -7.89 -49.15 11.63
C THR H 288 -9.23 -49.69 12.10
N TRP H 289 -9.26 -50.66 13.01
CA TRP H 289 -10.51 -51.24 13.48
C TRP H 289 -11.12 -50.34 14.55
N SER H 290 -12.13 -50.85 15.26
CA SER H 290 -12.81 -50.08 16.28
C SER H 290 -11.87 -49.80 17.46
N PHE H 291 -12.35 -49.01 18.42
CA PHE H 291 -11.55 -48.57 19.55
C PHE H 291 -11.98 -49.24 20.85
N ASP H 292 -12.38 -50.51 20.80
CA ASP H 292 -12.74 -51.24 22.01
C ASP H 292 -11.51 -51.59 22.83
N ASP H 293 -11.75 -52.03 24.06
CA ASP H 293 -10.67 -52.38 24.97
C ASP H 293 -10.31 -53.87 24.93
N ILE H 294 -11.11 -54.69 24.25
CA ILE H 294 -10.83 -56.12 24.14
C ILE H 294 -10.33 -56.53 22.77
N ILE H 295 -10.22 -55.59 21.83
CA ILE H 295 -9.72 -55.89 20.49
C ILE H 295 -8.37 -55.27 20.22
N VAL H 296 -7.99 -54.18 20.91
CA VAL H 296 -6.71 -53.55 20.66
C VAL H 296 -5.56 -54.50 21.01
N PHE H 297 -5.79 -55.44 21.93
CA PHE H 297 -4.76 -56.43 22.23
C PHE H 297 -4.64 -57.47 21.13
N ALA H 298 -5.76 -57.80 20.47
CA ALA H 298 -5.72 -58.81 19.41
C ALA H 298 -4.89 -58.33 18.20
N PHE H 299 -5.05 -57.07 17.81
CA PHE H 299 -4.27 -56.55 16.69
C PHE H 299 -2.78 -56.58 17.00
N SER H 300 -2.41 -56.17 18.21
CA SER H 300 -1.00 -56.21 18.59
C SER H 300 -0.48 -57.64 18.66
N CYS H 301 -1.30 -58.56 19.16
CA CYS H 301 -0.85 -59.95 19.30
C CYS H 301 -0.76 -60.66 17.96
N LYS H 302 -1.51 -60.20 16.97
CA LYS H 302 -1.47 -60.83 15.65
C LYS H 302 -0.52 -60.13 14.69
N GLN H 303 -0.16 -58.88 14.95
CA GLN H 303 0.80 -58.16 14.12
C GLN H 303 2.23 -58.40 14.56
N ALA H 304 2.45 -59.22 15.59
CA ALA H 304 3.79 -59.53 16.07
C ALA H 304 4.01 -61.03 16.24
N GLU H 305 3.24 -61.85 15.52
CA GLU H 305 3.42 -63.29 15.49
C GLU H 305 3.31 -63.91 16.89
N VAL H 306 2.11 -63.80 17.46
CA VAL H 306 1.82 -64.42 18.75
C VAL H 306 0.46 -65.12 18.67
N GLN H 307 0.47 -66.42 18.43
CA GLN H 307 -0.76 -67.18 18.23
C GLN H 307 -1.41 -67.44 19.59
N MET H 308 -2.48 -66.70 19.88
CA MET H 308 -3.14 -66.77 21.17
C MET H 308 -3.96 -68.05 21.30
N TYR H 309 -3.31 -69.16 21.68
CA TYR H 309 -4.02 -70.43 21.78
C TYR H 309 -5.00 -70.39 22.96
N VAL H 310 -5.91 -71.37 22.97
CA VAL H 310 -6.89 -71.53 24.03
C VAL H 310 -7.11 -73.01 24.27
N CYS H 311 -7.02 -73.43 25.53
CA CYS H 311 -7.06 -74.84 25.90
C CYS H 311 -8.25 -75.10 26.81
N ASN H 312 -8.95 -76.21 26.56
CA ASN H 312 -10.11 -76.62 27.34
C ASN H 312 -10.02 -78.10 27.66
N LYS H 313 -8.85 -78.54 28.15
CA LYS H 313 -8.66 -79.95 28.47
C LYS H 313 -9.43 -80.35 29.73
N GLU H 314 -9.38 -79.52 30.77
CA GLU H 314 -10.02 -79.81 32.04
C GLU H 314 -10.82 -78.61 32.51
N GLU H 315 -11.81 -78.87 33.37
CA GLU H 315 -12.69 -77.83 33.87
C GLU H 315 -11.90 -76.76 34.60
N TYR H 316 -12.28 -75.50 34.40
CA TYR H 316 -11.56 -74.36 34.94
C TYR H 316 -12.38 -73.53 35.91
N GLY H 317 -13.64 -73.25 35.60
CA GLY H 317 -14.46 -72.46 36.49
C GLY H 317 -15.73 -71.92 35.87
N PHE H 318 -16.14 -70.73 36.31
CA PHE H 318 -17.35 -70.11 35.81
C PHE H 318 -17.16 -68.60 35.81
N LEU H 319 -17.90 -67.92 34.94
CA LEU H 319 -17.76 -66.49 34.74
C LEU H 319 -19.14 -65.85 34.71
N PRO H 320 -19.24 -64.58 35.08
CA PRO H 320 -20.53 -63.88 35.01
C PRO H 320 -20.78 -63.26 33.65
N VAL H 321 -21.92 -63.61 33.07
CA VAL H 321 -22.29 -63.08 31.74
C VAL H 321 -22.47 -61.57 31.84
N PRO H 322 -21.97 -60.80 30.88
CA PRO H 322 -22.14 -59.34 30.93
C PRO H 322 -23.61 -58.95 30.81
N LEU H 323 -23.97 -57.86 31.48
CA LEU H 323 -25.34 -57.36 31.51
C LEU H 323 -25.51 -56.23 30.50
N ARG H 324 -26.71 -55.66 30.47
CA ARG H 324 -27.01 -54.57 29.56
C ARG H 324 -26.43 -53.26 30.10
N ALA H 325 -26.67 -52.19 29.35
CA ALA H 325 -26.13 -50.87 29.69
C ALA H 325 -27.09 -50.01 30.51
N HIS H 326 -28.27 -50.52 30.84
CA HIS H 326 -29.27 -49.75 31.56
C HIS H 326 -29.65 -50.37 32.90
N SER H 327 -28.92 -51.38 33.36
CA SER H 327 -29.24 -52.05 34.61
C SER H 327 -28.54 -51.34 35.77
N THR H 328 -28.59 -51.95 36.95
CA THR H 328 -27.98 -51.41 38.16
C THR H 328 -27.10 -52.48 38.81
N LEU H 329 -26.35 -52.06 39.82
CA LEU H 329 -25.46 -52.98 40.52
C LEU H 329 -26.20 -54.12 41.20
N GLN H 330 -27.49 -53.91 41.54
CA GLN H 330 -28.27 -55.01 42.10
C GLN H 330 -28.43 -56.15 41.11
N ASP H 331 -28.62 -55.82 39.83
CA ASP H 331 -28.70 -56.87 38.81
C ASP H 331 -27.39 -57.64 38.72
N GLU H 332 -26.25 -56.94 38.81
CA GLU H 332 -24.96 -57.62 38.79
C GLU H 332 -24.80 -58.52 40.02
N ALA H 333 -25.25 -58.06 41.19
CA ALA H 333 -25.19 -58.89 42.38
C ALA H 333 -26.05 -60.13 42.22
N GLU H 334 -27.24 -59.98 41.63
CA GLU H 334 -28.10 -61.13 41.37
C GLU H 334 -27.43 -62.11 40.40
N SER H 335 -26.76 -61.58 39.38
CA SER H 335 -26.02 -62.44 38.45
C SER H 335 -24.90 -63.20 39.16
N PHE H 336 -24.17 -62.51 40.04
CA PHE H 336 -23.13 -63.18 40.80
C PHE H 336 -23.70 -64.27 41.69
N MET H 337 -24.84 -64.00 42.33
CA MET H 337 -25.48 -65.01 43.15
C MET H 337 -25.93 -66.20 42.32
N HIS H 338 -26.47 -65.95 41.13
CA HIS H 338 -26.85 -67.04 40.24
C HIS H 338 -25.64 -67.86 39.82
N VAL H 339 -24.51 -67.19 39.56
CA VAL H 339 -23.29 -67.89 39.21
C VAL H 339 -22.83 -68.77 40.37
N GLN H 340 -22.90 -68.25 41.59
CA GLN H 340 -22.53 -69.04 42.76
C GLN H 340 -23.45 -70.26 42.90
N LEU H 341 -24.75 -70.06 42.70
CA LEU H 341 -25.68 -71.17 42.80
C LEU H 341 -25.40 -72.23 41.74
N GLU H 342 -25.12 -71.79 40.51
CA GLU H 342 -24.77 -72.72 39.45
C GLU H 342 -23.48 -73.47 39.78
N VAL H 343 -22.53 -72.79 40.43
CA VAL H 343 -21.33 -73.48 40.90
C VAL H 343 -21.71 -74.53 41.93
N MET H 344 -22.71 -74.23 42.76
CA MET H 344 -23.19 -75.19 43.76
C MET H 344 -24.14 -76.23 43.18
N VAL H 345 -24.48 -76.14 41.89
CA VAL H 345 -25.44 -77.08 41.30
C VAL H 345 -24.87 -78.49 41.30
N LYS H 346 -23.61 -78.65 40.88
CA LYS H 346 -23.01 -79.98 40.77
C LYS H 346 -21.64 -80.05 41.44
N HIS H 347 -21.27 -79.07 42.25
CA HIS H 347 -19.99 -79.03 42.92
C HIS H 347 -20.21 -78.65 44.39
N PRO H 348 -19.22 -78.91 45.24
CA PRO H 348 -19.36 -78.51 46.63
C PRO H 348 -19.48 -77.00 46.75
N PRO H 349 -20.15 -76.52 47.79
CA PRO H 349 -20.37 -75.06 47.90
C PRO H 349 -19.06 -74.29 47.95
N ALA H 350 -19.07 -73.11 47.32
CA ALA H 350 -17.87 -72.29 47.24
C ALA H 350 -17.55 -71.70 48.60
N GLU H 351 -16.49 -72.19 49.23
CA GLU H 351 -16.07 -71.65 50.52
C GLU H 351 -15.52 -70.25 50.33
N PRO H 352 -16.03 -69.25 51.05
CA PRO H 352 -15.55 -67.88 50.89
C PRO H 352 -14.19 -67.70 51.56
N SER H 353 -13.66 -66.49 51.46
CA SER H 353 -12.37 -66.17 52.04
C SER H 353 -12.46 -66.13 53.56
N ARG H 354 -11.49 -66.78 54.22
CA ARG H 354 -11.45 -66.78 55.67
C ARG H 354 -11.07 -65.40 56.21
N PHE H 355 -10.08 -64.74 55.60
CA PHE H 355 -9.63 -63.45 56.09
C PHE H 355 -10.67 -62.37 55.85
N ILE H 356 -11.46 -62.49 54.80
CA ILE H 356 -12.46 -61.49 54.45
C ILE H 356 -13.76 -61.82 55.18
N SER H 357 -14.60 -60.79 55.35
CA SER H 357 -15.87 -60.94 56.03
C SER H 357 -17.00 -61.05 55.00
N ALA H 358 -18.14 -61.58 55.47
CA ALA H 358 -19.29 -61.83 54.63
C ALA H 358 -20.49 -61.04 55.15
N PRO H 359 -21.06 -60.13 54.35
CA PRO H 359 -22.25 -59.40 54.81
C PRO H 359 -23.54 -60.18 54.62
N THR H 360 -23.87 -61.04 55.57
CA THR H 360 -25.09 -61.84 55.47
C THR H 360 -26.32 -60.95 55.49
N LYS H 361 -27.35 -61.36 54.75
CA LYS H 361 -28.58 -60.60 54.59
C LYS H 361 -29.70 -61.23 55.41
N THR H 362 -30.89 -60.62 55.32
CA THR H 362 -32.07 -61.08 56.04
C THR H 362 -33.07 -61.71 55.08
N PRO H 363 -33.73 -62.79 55.46
CA PRO H 363 -34.68 -63.44 54.54
C PRO H 363 -36.02 -62.72 54.55
N ASP H 364 -36.89 -63.17 53.64
CA ASP H 364 -38.24 -62.62 53.51
C ASP H 364 -39.12 -63.69 52.88
N LYS H 365 -40.38 -63.33 52.60
CA LYS H 365 -41.33 -64.26 52.00
C LYS H 365 -41.64 -63.92 50.55
N MET H 366 -40.99 -62.90 49.98
CA MET H 366 -41.16 -62.50 48.58
C MET H 366 -42.62 -62.19 48.26
N GLY H 367 -43.36 -61.66 49.22
CA GLY H 367 -44.75 -61.34 49.01
C GLY H 367 -45.70 -62.51 49.02
N PHE H 368 -45.21 -63.71 49.32
CA PHE H 368 -46.04 -64.91 49.36
C PHE H 368 -46.30 -65.32 50.81
N ASP H 369 -47.52 -65.80 51.05
CA ASP H 369 -47.90 -66.19 52.41
C ASP H 369 -47.09 -67.37 52.91
N GLU H 370 -46.85 -68.37 52.06
CA GLU H 370 -46.12 -69.56 52.46
C GLU H 370 -45.19 -70.00 51.35
N VAL H 371 -44.12 -70.68 51.74
CA VAL H 371 -43.15 -71.26 50.80
C VAL H 371 -43.01 -72.74 51.20
N PHE H 372 -43.81 -73.60 50.59
CA PHE H 372 -43.79 -75.01 50.92
C PHE H 372 -42.54 -75.68 50.36
N MET H 373 -42.17 -76.81 50.97
CA MET H 373 -40.98 -77.55 50.54
C MET H 373 -41.20 -79.03 50.86
N ILE H 374 -41.56 -79.81 49.84
CA ILE H 374 -41.75 -81.24 50.01
C ILE H 374 -40.38 -81.88 50.18
N ASN H 375 -40.13 -82.49 51.34
CA ASN H 375 -38.84 -83.05 51.67
C ASN H 375 -38.99 -84.53 52.00
N LEU H 376 -37.98 -85.30 51.61
CA LEU H 376 -37.93 -86.73 51.89
C LEU H 376 -37.00 -86.98 53.08
N ARG H 377 -37.38 -87.95 53.92
CA ARG H 377 -36.59 -88.25 55.11
C ARG H 377 -35.25 -88.89 54.76
N ARG H 378 -35.25 -89.81 53.79
CA ARG H 378 -34.02 -90.53 53.47
C ARG H 378 -32.96 -89.60 52.89
N ARG H 379 -33.33 -88.71 51.99
CA ARG H 379 -32.39 -87.83 51.33
C ARG H 379 -32.14 -86.59 52.17
N GLN H 380 -30.87 -86.28 52.41
CA GLN H 380 -30.48 -85.09 53.15
C GLN H 380 -29.58 -84.15 52.38
N ASP H 381 -28.79 -84.65 51.43
CA ASP H 381 -27.94 -83.77 50.62
C ASP H 381 -28.79 -82.82 49.78
N ARG H 382 -29.88 -83.33 49.21
CA ARG H 382 -30.79 -82.47 48.45
C ARG H 382 -31.40 -81.39 49.35
N ARG H 383 -31.77 -81.77 50.58
CA ARG H 383 -32.30 -80.80 51.53
C ARG H 383 -31.27 -79.73 51.87
N GLU H 384 -30.02 -80.14 52.08
CA GLU H 384 -28.97 -79.18 52.38
C GLU H 384 -28.74 -78.22 51.20
N ARG H 385 -28.73 -78.76 49.99
CA ARG H 385 -28.56 -77.90 48.81
C ARG H 385 -29.72 -76.92 48.67
N MET H 386 -30.95 -77.41 48.90
CA MET H 386 -32.12 -76.53 48.83
C MET H 386 -32.07 -75.44 49.88
N LEU H 387 -31.64 -75.79 51.10
CA LEU H 387 -31.52 -74.79 52.15
C LEU H 387 -30.46 -73.75 51.81
N ARG H 388 -29.32 -74.19 51.28
CA ARG H 388 -28.27 -73.25 50.87
C ARG H 388 -28.77 -72.33 49.77
N ALA H 389 -29.49 -72.88 48.79
CA ALA H 389 -30.03 -72.05 47.72
C ALA H 389 -31.05 -71.05 48.24
N LEU H 390 -31.92 -71.48 49.16
CA LEU H 390 -32.90 -70.57 49.74
C LEU H 390 -32.22 -69.46 50.53
N GLN H 391 -31.14 -69.79 51.24
CA GLN H 391 -30.36 -68.76 51.93
C GLN H 391 -29.75 -67.79 50.93
N ALA H 392 -29.22 -68.32 49.82
CA ALA H 392 -28.65 -67.44 48.79
C ALA H 392 -29.72 -66.57 48.14
N GLN H 393 -30.90 -67.13 47.87
CA GLN H 393 -31.99 -66.37 47.27
C GLN H 393 -32.63 -65.39 48.26
N GLU H 394 -32.28 -65.46 49.54
CA GLU H 394 -32.83 -64.59 50.57
C GLU H 394 -34.35 -64.71 50.64
N ILE H 395 -34.85 -65.94 50.68
CA ILE H 395 -36.27 -66.23 50.77
C ILE H 395 -36.48 -67.22 51.90
N GLU H 396 -37.35 -66.87 52.85
CA GLU H 396 -37.69 -67.78 53.93
C GLU H 396 -38.54 -68.93 53.42
N CYS H 397 -38.35 -70.11 54.00
CA CYS H 397 -39.00 -71.33 53.55
C CYS H 397 -39.78 -71.96 54.69
N ARG H 398 -41.01 -72.40 54.39
CA ARG H 398 -41.82 -73.17 55.33
C ARG H 398 -41.68 -74.65 54.94
N LEU H 399 -40.55 -75.23 55.32
CA LEU H 399 -40.25 -76.60 54.94
C LEU H 399 -41.21 -77.57 55.61
N VAL H 400 -41.64 -78.58 54.85
CA VAL H 400 -42.53 -79.62 55.35
C VAL H 400 -41.95 -80.98 54.98
N GLU H 401 -42.68 -82.03 55.35
CA GLU H 401 -42.26 -83.40 55.08
C GLU H 401 -43.33 -84.12 54.27
N ALA H 402 -42.97 -85.30 53.77
CA ALA H 402 -43.87 -86.12 52.98
C ALA H 402 -43.85 -87.55 53.51
N VAL H 403 -44.97 -88.23 53.34
CA VAL H 403 -45.09 -89.62 53.76
C VAL H 403 -44.40 -90.51 52.74
N ASP H 404 -43.46 -91.33 53.22
CA ASP H 404 -42.71 -92.23 52.35
C ASP H 404 -43.66 -93.30 51.82
N GLY H 405 -44.07 -93.16 50.56
CA GLY H 405 -45.02 -94.10 49.99
C GLY H 405 -44.47 -95.51 49.87
N LYS H 406 -43.19 -95.64 49.55
CA LYS H 406 -42.59 -96.95 49.40
C LYS H 406 -42.62 -97.73 50.71
N ALA H 407 -42.34 -97.06 51.83
CA ALA H 407 -42.39 -97.70 53.14
C ALA H 407 -43.82 -97.90 53.63
N MET H 408 -44.80 -97.28 53.00
CA MET H 408 -46.18 -97.39 53.44
C MET H 408 -46.72 -98.80 53.20
N ASN H 409 -47.58 -99.24 54.11
CA ASN H 409 -48.24 -100.54 54.02
C ASN H 409 -49.72 -100.33 53.73
N THR H 410 -50.41 -101.43 53.40
CA THR H 410 -51.83 -101.34 53.10
C THR H 410 -52.66 -100.98 54.32
N SER H 411 -52.15 -101.31 55.52
CA SER H 411 -52.91 -101.03 56.74
C SER H 411 -53.15 -99.53 56.92
N GLN H 412 -52.13 -98.71 56.66
CA GLN H 412 -52.28 -97.26 56.75
C GLN H 412 -52.81 -96.65 55.45
N VAL H 413 -52.56 -97.29 54.31
CA VAL H 413 -53.04 -96.76 53.03
C VAL H 413 -54.56 -96.85 52.96
N GLU H 414 -55.12 -98.00 53.34
CA GLU H 414 -56.58 -98.16 53.32
C GLU H 414 -57.25 -97.41 54.46
N ALA H 415 -56.50 -97.05 55.51
CA ALA H 415 -57.08 -96.30 56.62
C ALA H 415 -57.47 -94.89 56.21
N LEU H 416 -56.76 -94.30 55.26
CA LEU H 416 -57.04 -92.95 54.78
C LEU H 416 -58.00 -92.94 53.60
N GLY H 417 -58.54 -94.09 53.21
CA GLY H 417 -59.45 -94.13 52.08
C GLY H 417 -58.79 -93.97 50.73
N ILE H 418 -57.50 -94.25 50.63
CA ILE H 418 -56.77 -94.09 49.36
C ILE H 418 -57.13 -95.28 48.46
N GLN H 419 -57.95 -95.01 47.44
CA GLN H 419 -58.36 -96.02 46.48
C GLN H 419 -57.90 -95.61 45.09
N MET H 420 -57.38 -96.56 44.33
CA MET H 420 -56.90 -96.27 42.99
C MET H 420 -58.06 -95.97 42.06
N LEU H 421 -57.76 -95.24 40.98
CA LEU H 421 -58.77 -94.89 40.00
C LEU H 421 -59.25 -96.15 39.27
N PRO H 422 -60.50 -96.16 38.81
CA PRO H 422 -61.03 -97.35 38.13
C PRO H 422 -60.47 -97.48 36.72
N GLY H 423 -59.83 -98.62 36.46
CA GLY H 423 -59.29 -98.88 35.13
C GLY H 423 -58.21 -97.92 34.70
N TYR H 424 -57.28 -97.59 35.60
CA TYR H 424 -56.19 -96.67 35.31
C TYR H 424 -54.85 -97.36 35.57
N ARG H 425 -53.89 -97.08 34.70
CA ARG H 425 -52.55 -97.65 34.82
C ARG H 425 -51.55 -96.63 34.27
N ASP H 426 -50.30 -97.05 34.14
CA ASP H 426 -49.27 -96.16 33.61
C ASP H 426 -49.48 -95.96 32.11
N PRO H 427 -49.64 -94.73 31.63
CA PRO H 427 -49.86 -94.52 30.20
C PRO H 427 -48.68 -94.91 29.32
N TYR H 428 -47.48 -94.99 29.87
CA TYR H 428 -46.29 -95.34 29.10
C TYR H 428 -45.77 -96.74 29.36
N HIS H 429 -46.02 -97.30 30.55
CA HIS H 429 -45.53 -98.62 30.90
C HIS H 429 -46.64 -99.66 31.00
N GLY H 430 -47.67 -99.38 31.80
CA GLY H 430 -48.76 -100.31 31.97
C GLY H 430 -49.01 -100.70 33.42
N ARG H 431 -48.09 -100.30 34.31
CA ARG H 431 -48.27 -100.58 35.71
C ARG H 431 -49.44 -99.78 36.27
N PRO H 432 -50.18 -100.34 37.23
CA PRO H 432 -51.36 -99.63 37.76
C PRO H 432 -51.00 -98.32 38.45
N LEU H 433 -50.11 -98.39 39.43
CA LEU H 433 -49.68 -97.23 40.19
C LEU H 433 -48.40 -97.60 40.94
N THR H 434 -47.83 -96.63 41.62
CA THR H 434 -46.61 -96.82 42.40
C THR H 434 -46.82 -96.27 43.81
N LYS H 435 -46.10 -96.86 44.76
CA LYS H 435 -46.20 -96.41 46.14
C LYS H 435 -45.68 -94.98 46.30
N GLY H 436 -44.59 -94.65 45.60
CA GLY H 436 -44.07 -93.30 45.67
C GLY H 436 -45.05 -92.27 45.14
N GLU H 437 -45.75 -92.60 44.06
CA GLU H 437 -46.77 -91.70 43.53
C GLU H 437 -47.89 -91.50 44.53
N LEU H 438 -48.31 -92.57 45.21
CA LEU H 438 -49.35 -92.45 46.23
C LEU H 438 -48.87 -91.58 47.39
N GLY H 439 -47.62 -91.74 47.81
CA GLY H 439 -47.10 -90.91 48.88
C GLY H 439 -47.01 -89.45 48.50
N CYS H 440 -46.58 -89.18 47.25
CA CYS H 440 -46.53 -87.80 46.78
C CYS H 440 -47.92 -87.20 46.69
N PHE H 441 -48.90 -87.97 46.24
CA PHE H 441 -50.28 -87.49 46.19
C PHE H 441 -50.80 -87.20 47.60
N LEU H 442 -50.46 -88.06 48.56
CA LEU H 442 -50.88 -87.83 49.93
C LEU H 442 -50.25 -86.56 50.49
N SER H 443 -48.97 -86.33 50.20
CA SER H 443 -48.31 -85.11 50.67
C SER H 443 -48.95 -83.87 50.03
N HIS H 444 -49.26 -83.95 48.73
CA HIS H 444 -49.90 -82.83 48.06
C HIS H 444 -51.28 -82.56 48.62
N TYR H 445 -52.04 -83.62 48.91
CA TYR H 445 -53.35 -83.45 49.51
C TYR H 445 -53.25 -82.84 50.90
N ASN H 446 -52.25 -83.26 51.68
CA ASN H 446 -52.04 -82.66 52.99
C ASN H 446 -51.70 -81.18 52.89
N ILE H 447 -50.85 -80.82 51.92
CA ILE H 447 -50.49 -79.42 51.73
C ILE H 447 -51.72 -78.60 51.33
N TRP H 448 -52.52 -79.14 50.40
CA TRP H 448 -53.72 -78.42 49.96
C TRP H 448 -54.72 -78.26 51.11
N LYS H 449 -54.89 -79.31 51.92
CA LYS H 449 -55.79 -79.23 53.07
C LYS H 449 -55.30 -78.22 54.09
N GLU H 450 -53.99 -78.19 54.34
CA GLU H 450 -53.44 -77.20 55.26
C GLU H 450 -53.65 -75.79 54.73
N VAL H 451 -53.46 -75.58 53.43
CA VAL H 451 -53.66 -74.26 52.84
C VAL H 451 -55.12 -73.85 52.96
N VAL H 452 -56.04 -74.78 52.71
CA VAL H 452 -57.46 -74.47 52.81
C VAL H 452 -57.84 -74.15 54.26
N ASP H 453 -57.34 -74.94 55.22
CA ASP H 453 -57.67 -74.71 56.62
C ASP H 453 -57.12 -73.38 57.11
N ARG H 454 -55.88 -73.05 56.73
CA ARG H 454 -55.29 -71.79 57.12
C ARG H 454 -55.88 -70.60 56.36
N GLY H 455 -56.68 -70.85 55.34
CA GLY H 455 -57.23 -69.77 54.53
C GLY H 455 -56.18 -68.96 53.82
N LEU H 456 -55.14 -69.63 53.30
CA LEU H 456 -54.06 -68.95 52.62
C LEU H 456 -54.50 -68.48 51.25
N GLN H 457 -54.35 -67.19 50.98
CA GLN H 457 -54.72 -66.65 49.67
C GLN H 457 -53.84 -67.22 48.57
N LYS H 458 -52.54 -67.33 48.83
CA LYS H 458 -51.59 -67.84 47.84
C LYS H 458 -50.43 -68.50 48.56
N SER H 459 -49.89 -69.55 47.94
CA SER H 459 -48.74 -70.26 48.48
C SER H 459 -47.97 -70.89 47.34
N LEU H 460 -46.70 -71.20 47.61
CA LEU H 460 -45.82 -71.82 46.62
C LEU H 460 -45.33 -73.15 47.15
N VAL H 461 -45.41 -74.18 46.33
CA VAL H 461 -44.98 -75.53 46.68
C VAL H 461 -43.91 -75.96 45.69
N PHE H 462 -42.80 -76.50 46.21
CA PHE H 462 -41.68 -76.90 45.36
C PHE H 462 -41.32 -78.35 45.60
N GLU H 463 -40.21 -78.80 45.01
CA GLU H 463 -39.73 -80.17 45.13
C GLU H 463 -38.32 -80.15 45.72
N ASP H 464 -37.69 -81.32 45.75
CA ASP H 464 -36.35 -81.47 46.29
C ASP H 464 -35.25 -81.29 45.25
N ASP H 465 -35.60 -81.04 44.00
CA ASP H 465 -34.62 -80.88 42.93
C ASP H 465 -35.19 -79.93 41.89
N LEU H 466 -34.56 -78.76 41.72
CA LEU H 466 -34.99 -77.79 40.75
C LEU H 466 -33.81 -76.92 40.36
N ARG H 467 -33.95 -76.23 39.22
CA ARG H 467 -32.90 -75.36 38.69
C ARG H 467 -33.46 -73.94 38.62
N PHE H 468 -32.97 -73.08 39.51
CA PHE H 468 -33.42 -71.69 39.52
C PHE H 468 -32.78 -70.91 38.37
N GLU H 469 -33.43 -69.82 37.99
CA GLU H 469 -32.95 -68.95 36.94
C GLU H 469 -32.47 -67.62 37.53
N ILE H 470 -31.89 -66.79 36.66
CA ILE H 470 -31.38 -65.49 37.10
C ILE H 470 -32.55 -64.57 37.41
N PHE H 471 -32.46 -63.87 38.54
CA PHE H 471 -33.48 -62.91 38.98
C PHE H 471 -34.84 -63.58 39.12
N PHE H 472 -34.85 -64.81 39.65
CA PHE H 472 -36.11 -65.52 39.84
C PHE H 472 -37.01 -64.82 40.84
N LYS H 473 -36.44 -64.34 41.94
CA LYS H 473 -37.25 -63.73 42.99
C LYS H 473 -37.91 -62.44 42.49
N ARG H 474 -37.12 -61.54 41.90
CA ARG H 474 -37.66 -60.27 41.45
C ARG H 474 -38.70 -60.46 40.35
N ARG H 475 -38.41 -61.33 39.39
CA ARG H 475 -39.36 -61.58 38.30
C ARG H 475 -40.64 -62.20 38.83
N LEU H 476 -40.53 -63.18 39.75
CA LEU H 476 -41.71 -63.81 40.30
C LEU H 476 -42.56 -62.81 41.09
N MET H 477 -41.91 -61.97 41.89
CA MET H 477 -42.64 -60.97 42.65
C MET H 477 -43.34 -59.97 41.73
N ASN H 478 -42.66 -59.52 40.68
CA ASN H 478 -43.28 -58.59 39.75
C ASN H 478 -44.46 -59.23 39.03
N LEU H 479 -44.31 -60.48 38.60
CA LEU H 479 -45.41 -61.17 37.93
C LEU H 479 -46.61 -61.36 38.85
N MET H 480 -46.35 -61.74 40.12
CA MET H 480 -47.44 -61.90 41.07
C MET H 480 -48.14 -60.58 41.34
N ARG H 481 -47.37 -59.50 41.48
CA ARG H 481 -47.97 -58.19 41.70
C ARG H 481 -48.82 -57.77 40.51
N ASP H 482 -48.32 -57.99 39.29
CA ASP H 482 -49.08 -57.64 38.10
C ASP H 482 -50.37 -58.46 38.01
N VAL H 483 -50.30 -59.75 38.30
CA VAL H 483 -51.49 -60.60 38.25
C VAL H 483 -52.51 -60.15 39.28
N GLU H 484 -52.05 -59.85 40.50
CA GLU H 484 -52.96 -59.41 41.54
C GLU H 484 -53.60 -58.07 41.20
N ARG H 485 -52.81 -57.13 40.68
CA ARG H 485 -53.33 -55.79 40.39
C ARG H 485 -54.29 -55.81 39.21
N GLU H 486 -53.93 -56.52 38.14
CA GLU H 486 -54.82 -56.60 36.99
C GLU H 486 -56.12 -57.32 37.35
N GLY H 487 -56.02 -58.40 38.12
CA GLY H 487 -57.20 -59.14 38.54
C GLY H 487 -57.56 -60.25 37.57
N LEU H 488 -57.49 -61.50 38.03
CA LEU H 488 -57.84 -62.63 37.20
C LEU H 488 -58.16 -63.82 38.09
N ASP H 489 -58.91 -64.77 37.53
CA ASP H 489 -59.26 -66.00 38.24
C ASP H 489 -58.12 -67.02 38.11
N TRP H 490 -56.96 -66.63 38.62
CA TRP H 490 -55.76 -67.45 38.55
C TRP H 490 -55.71 -68.36 39.77
N ASP H 491 -55.72 -69.67 39.52
CA ASP H 491 -55.69 -70.65 40.60
C ASP H 491 -54.64 -71.73 40.33
N LEU H 492 -54.32 -71.94 39.06
CA LEU H 492 -53.40 -73.01 38.65
C LEU H 492 -52.38 -72.47 37.65
N ILE H 493 -51.77 -71.34 37.99
CA ILE H 493 -50.71 -70.79 37.13
C ILE H 493 -49.50 -71.71 37.19
N TYR H 494 -49.12 -72.25 36.03
CA TYR H 494 -48.02 -73.21 35.97
C TYR H 494 -46.70 -72.48 35.82
N VAL H 495 -45.78 -72.73 36.75
CA VAL H 495 -44.45 -72.13 36.71
C VAL H 495 -43.44 -73.03 36.01
N GLY H 496 -43.39 -74.32 36.35
CA GLY H 496 -42.48 -75.24 35.70
C GLY H 496 -43.16 -76.52 35.29
N ARG H 497 -43.15 -76.82 33.99
CA ARG H 497 -43.80 -78.02 33.48
C ARG H 497 -43.18 -78.37 32.13
N LYS H 498 -43.34 -79.64 31.75
CA LYS H 498 -42.88 -80.14 30.47
C LYS H 498 -44.05 -80.19 29.51
N ARG H 499 -44.00 -79.38 28.46
CA ARG H 499 -45.12 -79.24 27.52
C ARG H 499 -45.17 -80.48 26.63
N MET H 500 -45.88 -81.50 27.11
CA MET H 500 -46.09 -82.70 26.32
C MET H 500 -47.01 -82.47 25.13
N GLN H 501 -47.77 -81.37 25.15
CA GLN H 501 -48.70 -81.05 24.06
C GLN H 501 -47.91 -80.34 22.95
N VAL H 502 -47.27 -81.14 22.11
CA VAL H 502 -46.51 -80.63 20.97
C VAL H 502 -47.49 -80.18 19.90
N GLU H 503 -47.72 -78.87 19.81
CA GLU H 503 -48.69 -78.31 18.90
C GLU H 503 -48.37 -76.83 18.70
N HIS H 504 -49.32 -76.10 18.11
CA HIS H 504 -49.16 -74.67 17.90
C HIS H 504 -49.17 -73.94 19.23
N PRO H 505 -48.73 -72.68 19.25
CA PRO H 505 -48.68 -71.93 20.51
C PRO H 505 -50.04 -71.81 21.16
N GLU H 506 -50.06 -71.82 22.48
CA GLU H 506 -51.29 -71.75 23.24
C GLU H 506 -51.81 -70.31 23.29
N LYS H 507 -53.04 -70.17 23.78
CA LYS H 507 -53.66 -68.85 23.86
C LYS H 507 -52.99 -67.99 24.93
N ALA H 508 -53.05 -66.68 24.73
CA ALA H 508 -52.46 -65.71 25.65
C ALA H 508 -53.55 -64.91 26.32
N VAL H 509 -53.51 -64.84 27.64
CA VAL H 509 -54.51 -64.07 28.40
C VAL H 509 -54.28 -62.58 28.13
N PRO H 510 -55.32 -61.82 27.80
CA PRO H 510 -55.13 -60.39 27.53
C PRO H 510 -54.72 -59.63 28.77
N ARG H 511 -53.96 -58.55 28.55
CA ARG H 511 -53.46 -57.68 29.62
C ARG H 511 -52.63 -58.45 30.65
N VAL H 512 -51.99 -59.54 30.22
CA VAL H 512 -51.15 -60.35 31.08
C VAL H 512 -49.79 -60.50 30.42
N ARG H 513 -48.73 -60.14 31.14
CA ARG H 513 -47.38 -60.20 30.62
C ARG H 513 -46.73 -61.51 31.04
N ASN H 514 -46.15 -62.21 30.07
CA ASN H 514 -45.50 -63.51 30.29
C ASN H 514 -46.46 -64.51 30.93
N LEU H 515 -47.72 -64.47 30.50
CA LEU H 515 -48.75 -65.38 30.98
C LEU H 515 -49.55 -65.90 29.79
N VAL H 516 -49.80 -67.21 29.77
CA VAL H 516 -50.55 -67.85 28.70
C VAL H 516 -51.42 -68.95 29.29
N GLU H 517 -52.34 -69.43 28.47
CA GLU H 517 -53.21 -70.51 28.89
C GLU H 517 -52.45 -71.84 28.89
N ALA H 518 -52.51 -72.56 30.00
CA ALA H 518 -51.82 -73.83 30.13
C ALA H 518 -52.55 -74.92 29.36
N ASP H 519 -51.90 -76.07 29.24
CA ASP H 519 -52.46 -77.22 28.54
C ASP H 519 -51.94 -78.49 29.23
N TYR H 520 -52.11 -79.62 28.55
CA TYR H 520 -51.62 -80.89 29.09
C TYR H 520 -50.10 -80.87 29.16
N SER H 521 -49.56 -80.89 30.37
CA SER H 521 -48.12 -80.82 30.58
C SER H 521 -47.75 -81.65 31.80
N TYR H 522 -46.53 -82.19 31.78
CA TYR H 522 -46.00 -83.01 32.86
C TYR H 522 -44.86 -82.27 33.55
N TRP H 523 -44.28 -82.94 34.56
CA TRP H 523 -43.18 -82.39 35.35
C TRP H 523 -43.55 -81.04 35.98
N THR H 524 -44.69 -81.05 36.67
CA THR H 524 -45.19 -79.85 37.34
C THR H 524 -44.75 -79.82 38.80
N LEU H 525 -43.43 -79.71 38.98
CA LEU H 525 -42.86 -79.67 40.32
C LEU H 525 -43.29 -78.42 41.09
N ALA H 526 -43.35 -77.27 40.42
CA ALA H 526 -43.70 -76.01 41.05
C ALA H 526 -45.00 -75.49 40.46
N TYR H 527 -45.95 -75.16 41.33
CA TYR H 527 -47.24 -74.64 40.90
C TYR H 527 -47.75 -73.66 41.95
N VAL H 528 -48.19 -72.49 41.50
CA VAL H 528 -48.72 -71.46 42.39
C VAL H 528 -50.23 -71.69 42.49
N ILE H 529 -50.67 -72.14 43.66
CA ILE H 529 -52.07 -72.44 43.90
C ILE H 529 -52.71 -71.27 44.66
N SER H 530 -54.01 -71.10 44.45
CA SER H 530 -54.79 -70.06 45.10
C SER H 530 -55.82 -70.69 46.03
N LEU H 531 -56.42 -69.84 46.87
CA LEU H 531 -57.42 -70.32 47.81
C LEU H 531 -58.64 -70.89 47.08
N GLN H 532 -59.08 -70.23 46.02
CA GLN H 532 -60.20 -70.75 45.24
C GLN H 532 -59.84 -72.08 44.59
N GLY H 533 -58.64 -72.19 44.04
CA GLY H 533 -58.22 -73.45 43.44
C GLY H 533 -58.10 -74.57 44.45
N ALA H 534 -57.56 -74.27 45.64
CA ALA H 534 -57.46 -75.27 46.70
C ALA H 534 -58.85 -75.71 47.15
N ARG H 535 -59.78 -74.76 47.28
CA ARG H 535 -61.14 -75.11 47.66
C ARG H 535 -61.80 -75.99 46.60
N LYS H 536 -61.61 -75.66 45.33
CA LYS H 536 -62.17 -76.49 44.26
C LYS H 536 -61.57 -77.89 44.27
N LEU H 537 -60.25 -77.99 44.48
CA LEU H 537 -59.60 -79.29 44.53
C LEU H 537 -60.12 -80.11 45.71
N LEU H 538 -60.31 -79.48 46.87
CA LEU H 538 -60.86 -80.18 48.01
C LEU H 538 -62.29 -80.63 47.75
N ALA H 539 -63.08 -79.79 47.09
CA ALA H 539 -64.45 -80.17 46.74
C ALA H 539 -64.48 -81.33 45.76
N ALA H 540 -63.46 -81.42 44.88
CA ALA H 540 -63.37 -82.57 43.99
C ALA H 540 -63.20 -83.85 44.79
N GLU H 541 -62.34 -83.84 45.80
CA GLU H 541 -62.16 -84.95 46.73
C GLU H 541 -61.89 -86.27 46.00
N PRO H 542 -60.80 -86.37 45.23
CA PRO H 542 -60.47 -87.61 44.52
C PRO H 542 -59.73 -88.63 45.38
N LEU H 543 -60.23 -88.85 46.60
CA LEU H 543 -59.63 -89.83 47.48
C LEU H 543 -59.90 -91.26 47.00
N SER H 544 -61.06 -91.49 46.40
CA SER H 544 -61.43 -92.79 45.86
C SER H 544 -60.78 -93.09 44.52
N LYS H 545 -60.10 -92.10 43.92
CA LYS H 545 -59.43 -92.27 42.64
C LYS H 545 -58.00 -91.76 42.81
N MET H 546 -57.07 -92.68 43.07
CA MET H 546 -55.67 -92.35 43.28
C MET H 546 -54.89 -92.49 41.99
N LEU H 547 -54.15 -91.46 41.62
CA LEU H 547 -53.36 -91.46 40.41
C LEU H 547 -52.25 -90.43 40.56
N PRO H 548 -51.35 -90.32 39.58
CA PRO H 548 -50.30 -89.29 39.66
C PRO H 548 -50.90 -87.89 39.69
N VAL H 549 -50.26 -86.99 40.45
CA VAL H 549 -50.75 -85.62 40.56
C VAL H 549 -50.66 -84.92 39.22
N ASP H 550 -49.63 -85.23 38.43
CA ASP H 550 -49.50 -84.64 37.10
C ASP H 550 -50.65 -85.05 36.19
N GLU H 551 -51.14 -86.28 36.31
CA GLU H 551 -52.30 -86.72 35.55
C GLU H 551 -53.60 -86.12 36.08
N PHE H 552 -53.71 -85.95 37.40
CA PHE H 552 -54.92 -85.38 37.97
C PHE H 552 -55.06 -83.90 37.61
N LEU H 553 -53.97 -83.15 37.66
CA LEU H 553 -54.03 -81.73 37.33
C LEU H 553 -54.48 -81.49 35.89
N PRO H 554 -53.95 -82.17 34.89
CA PRO H 554 -54.45 -81.96 33.52
C PRO H 554 -55.93 -82.29 33.36
N VAL H 555 -56.42 -83.31 34.08
CA VAL H 555 -57.84 -83.64 34.03
C VAL H 555 -58.66 -82.52 34.66
N MET H 556 -58.20 -82.00 35.80
CA MET H 556 -58.92 -80.93 36.47
C MET H 556 -58.97 -79.64 35.66
N PHE H 557 -57.97 -79.40 34.82
CA PHE H 557 -57.91 -78.21 33.98
C PHE H 557 -58.63 -78.40 32.65
N ASP H 558 -59.38 -79.49 32.49
CA ASP H 558 -60.12 -79.79 31.27
C ASP H 558 -59.17 -79.82 30.06
N LYS H 559 -58.04 -80.52 30.23
CA LYS H 559 -57.07 -80.64 29.16
C LYS H 559 -56.53 -82.06 29.01
N HIS H 560 -57.06 -83.03 29.74
CA HIS H 560 -56.57 -84.39 29.65
C HIS H 560 -56.89 -84.98 28.28
N PRO H 561 -55.90 -85.54 27.59
CA PRO H 561 -56.17 -86.14 26.27
C PRO H 561 -57.15 -87.30 26.33
N VAL H 562 -57.11 -88.06 27.42
CA VAL H 562 -57.98 -89.22 27.57
C VAL H 562 -59.32 -88.78 28.15
N SER H 563 -60.39 -89.03 27.40
CA SER H 563 -61.73 -88.65 27.82
C SER H 563 -62.30 -89.55 28.91
N GLU H 564 -61.79 -90.77 29.05
CA GLU H 564 -62.29 -91.67 30.09
C GLU H 564 -61.99 -91.13 31.49
N TYR H 565 -60.80 -90.58 31.70
CA TYR H 565 -60.47 -90.02 33.00
C TYR H 565 -61.35 -88.83 33.33
N LYS H 566 -61.61 -87.96 32.34
CA LYS H 566 -62.51 -86.83 32.56
C LYS H 566 -63.92 -87.31 32.84
N ALA H 567 -64.37 -88.37 32.16
CA ALA H 567 -65.68 -88.94 32.42
C ALA H 567 -65.77 -89.46 33.85
N HIS H 568 -64.72 -90.13 34.33
CA HIS H 568 -64.67 -90.54 35.72
C HIS H 568 -64.67 -89.35 36.67
N PHE H 569 -64.10 -88.24 36.22
CA PHE H 569 -64.13 -87.01 37.00
C PHE H 569 -65.53 -86.39 36.95
N SER H 570 -65.78 -85.45 37.86
CA SER H 570 -67.09 -84.82 37.98
C SER H 570 -67.09 -83.34 37.67
N LEU H 571 -66.08 -82.60 38.13
CA LEU H 571 -66.02 -81.16 37.95
C LEU H 571 -64.73 -80.75 37.26
N ARG H 572 -64.82 -79.70 36.46
CA ARG H 572 -63.68 -79.12 35.75
C ARG H 572 -63.66 -77.62 35.92
N ASN H 573 -63.87 -77.15 37.14
CA ASN H 573 -63.90 -75.72 37.43
C ASN H 573 -62.51 -75.12 37.62
N LEU H 574 -61.46 -75.95 37.62
CA LEU H 574 -60.11 -75.45 37.81
C LEU H 574 -59.68 -74.62 36.61
N HIS H 575 -59.18 -73.41 36.87
CA HIS H 575 -58.71 -72.51 35.83
C HIS H 575 -57.18 -72.54 35.84
N ALA H 576 -56.60 -73.04 34.75
CA ALA H 576 -55.16 -73.19 34.66
C ALA H 576 -54.53 -72.03 33.90
N PHE H 577 -53.24 -71.82 34.15
CA PHE H 577 -52.47 -70.78 33.49
C PHE H 577 -51.01 -71.20 33.50
N SER H 578 -50.21 -70.51 32.69
CA SER H 578 -48.79 -70.84 32.59
C SER H 578 -48.01 -69.60 32.19
N VAL H 579 -46.70 -69.65 32.41
CA VAL H 579 -45.78 -68.57 32.07
C VAL H 579 -44.74 -69.11 31.10
N GLU H 580 -44.57 -68.42 29.98
CA GLU H 580 -43.55 -68.83 29.00
C GLU H 580 -42.16 -68.84 29.59
N PRO H 581 -41.72 -67.80 30.32
CA PRO H 581 -40.38 -67.81 30.94
C PRO H 581 -40.33 -68.71 32.17
N LEU H 582 -40.10 -70.00 31.93
CA LEU H 582 -40.09 -70.97 33.00
C LEU H 582 -39.04 -70.61 34.06
N LEU H 583 -39.45 -70.66 35.32
CA LEU H 583 -38.61 -70.26 36.44
C LEU H 583 -37.99 -71.45 37.16
N ILE H 584 -38.08 -72.65 36.59
CA ILE H 584 -37.52 -73.84 37.22
C ILE H 584 -37.32 -74.90 36.16
N TYR H 585 -36.29 -75.71 36.34
CA TYR H 585 -36.01 -76.86 35.49
C TYR H 585 -35.51 -77.99 36.39
N PRO H 586 -35.64 -79.24 35.93
CA PRO H 586 -35.16 -80.35 36.75
C PRO H 586 -33.66 -80.23 37.02
N THR H 587 -33.26 -80.57 38.24
CA THR H 587 -31.85 -80.50 38.60
C THR H 587 -31.02 -81.48 37.77
N HIS H 588 -31.52 -82.69 37.59
CA HIS H 588 -30.89 -83.70 36.74
C HIS H 588 -31.97 -84.37 35.92
N TYR H 589 -31.79 -84.39 34.60
CA TYR H 589 -32.78 -84.99 33.72
C TYR H 589 -32.75 -86.51 33.84
N THR H 590 -33.81 -87.14 33.35
CA THR H 590 -33.90 -88.59 33.36
C THR H 590 -32.83 -89.19 32.45
N GLY H 591 -32.20 -90.27 32.92
CA GLY H 591 -31.13 -90.87 32.16
C GLY H 591 -29.84 -90.09 32.16
N ASP H 592 -29.64 -89.21 33.13
CA ASP H 592 -28.44 -88.39 33.25
C ASP H 592 -27.74 -88.71 34.56
N ASP H 593 -26.64 -88.00 34.81
CA ASP H 593 -25.88 -88.20 36.04
C ASP H 593 -26.70 -87.77 37.25
N GLY H 594 -26.65 -88.60 38.29
CA GLY H 594 -27.41 -88.31 39.51
C GLY H 594 -28.91 -88.29 39.29
N TYR H 595 -29.42 -89.14 38.40
CA TYR H 595 -30.85 -89.22 38.13
C TYR H 595 -31.50 -90.22 39.07
N VAL H 596 -31.51 -89.84 40.35
CA VAL H 596 -32.10 -90.68 41.40
C VAL H 596 -33.59 -90.39 41.38
N SER H 597 -34.33 -91.17 40.58
CA SER H 597 -35.77 -90.98 40.42
C SER H 597 -36.48 -91.67 41.58
N ASP H 598 -36.44 -90.99 42.74
CA ASP H 598 -37.11 -91.53 43.93
C ASP H 598 -38.63 -91.53 43.76
N THR H 599 -39.18 -90.54 43.05
CA THR H 599 -40.63 -90.50 42.84
C THR H 599 -41.08 -91.55 41.82
N GLU H 600 -40.17 -92.03 40.98
CA GLU H 600 -40.50 -93.01 39.95
C GLU H 600 -40.25 -94.43 40.40
N THR H 601 -39.02 -94.74 40.83
CA THR H 601 -38.66 -96.08 41.26
C THR H 601 -39.26 -96.33 42.64
N SER H 602 -40.38 -97.08 42.66
CA SER H 602 -41.07 -97.38 43.91
C SER H 602 -41.87 -98.65 43.73
N VAL H 603 -42.29 -99.24 44.86
CA VAL H 603 -43.07 -100.45 44.81
C VAL H 603 -44.47 -100.15 44.28
N VAL H 604 -45.14 -101.21 43.80
CA VAL H 604 -46.48 -101.08 43.22
C VAL H 604 -47.49 -100.80 44.32
N TRP H 605 -48.69 -100.39 43.93
CA TRP H 605 -49.75 -100.13 44.91
C TRP H 605 -50.15 -101.39 45.65
N ASN H 606 -50.25 -102.51 44.92
CA ASN H 606 -50.59 -103.80 45.50
C ASN H 606 -49.36 -104.69 45.56
N ASN H 607 -49.38 -105.62 46.52
CA ASN H 607 -48.29 -106.57 46.75
C ASN H 607 -46.99 -105.85 47.11
N GLU H 608 -45.90 -106.61 47.26
CA GLU H 608 -44.62 -106.02 47.60
C GLU H 608 -43.46 -106.61 46.80
N HIS H 609 -43.73 -107.49 45.83
CA HIS H 609 -42.70 -108.08 44.99
C HIS H 609 -42.63 -107.43 43.62
N VAL H 610 -43.42 -106.36 43.40
CA VAL H 610 -43.46 -105.66 42.13
C VAL H 610 -42.74 -104.33 42.34
N LYS H 611 -41.46 -104.28 42.00
CA LYS H 611 -40.64 -103.08 42.13
C LYS H 611 -39.98 -102.81 40.78
N THR H 612 -40.65 -102.01 39.95
CA THR H 612 -40.09 -101.66 38.65
C THR H 612 -38.95 -100.68 38.82
N ASP H 613 -37.79 -101.00 38.24
CA ASP H 613 -36.62 -100.15 38.35
C ASP H 613 -36.78 -98.94 37.43
N TRP H 614 -35.74 -98.10 37.41
CA TRP H 614 -35.75 -96.92 36.55
C TRP H 614 -35.83 -97.34 35.08
N ASP H 615 -36.73 -96.68 34.34
CA ASP H 615 -36.97 -97.01 32.94
C ASP H 615 -35.82 -96.45 32.10
N ARG H 616 -34.89 -97.32 31.73
CA ARG H 616 -33.76 -96.90 30.89
C ARG H 616 -34.18 -96.75 29.44
N ALA H 617 -34.74 -97.81 28.86
CA ALA H 617 -35.20 -97.75 27.48
C ALA H 617 -36.41 -96.83 27.34
N LYS H 618 -37.40 -97.00 28.20
CA LYS H 618 -38.63 -96.21 28.16
C LYS H 618 -38.52 -94.99 29.08
N SER H 619 -37.45 -94.22 28.87
CA SER H 619 -37.26 -93.00 29.66
C SER H 619 -38.38 -92.00 29.41
N GLN H 620 -38.74 -91.80 28.14
CA GLN H 620 -39.89 -90.98 27.75
C GLN H 620 -39.72 -89.53 28.16
N LYS H 621 -39.79 -89.25 29.46
CA LYS H 621 -39.70 -87.89 29.97
C LYS H 621 -38.27 -87.58 30.40
N MET H 622 -37.39 -87.53 29.41
CA MET H 622 -35.99 -87.18 29.66
C MET H 622 -35.81 -85.66 29.72
N ARG H 623 -36.18 -84.97 28.64
CA ARG H 623 -36.09 -83.52 28.59
C ARG H 623 -36.98 -82.96 27.49
N GLU H 624 -37.94 -82.12 27.85
CA GLU H 624 -38.85 -81.51 26.88
C GLU H 624 -38.31 -80.17 26.38
N GLN H 625 -37.07 -80.19 25.89
CA GLN H 625 -36.43 -79.02 25.30
C GLN H 625 -35.99 -79.27 23.87
N GLN H 626 -35.31 -80.38 23.61
CA GLN H 626 -34.95 -80.73 22.23
C GLN H 626 -36.18 -81.01 21.39
N ALA H 627 -37.17 -81.70 21.96
CA ALA H 627 -38.40 -81.99 21.23
C ALA H 627 -39.19 -80.71 20.94
N LEU H 628 -39.08 -79.71 21.80
CA LEU H 628 -39.75 -78.43 21.58
C LEU H 628 -39.02 -77.54 20.60
N SER H 629 -37.83 -77.94 20.13
CA SER H 629 -37.05 -77.15 19.17
C SER H 629 -37.67 -77.29 17.78
N ARG H 630 -38.84 -76.68 17.63
CA ARG H 630 -39.59 -76.71 16.38
C ARG H 630 -40.37 -75.40 16.27
N GLU H 631 -41.35 -75.37 15.37
CA GLU H 631 -42.18 -74.17 15.18
C GLU H 631 -43.20 -74.07 16.30
N ALA H 632 -42.67 -73.86 17.52
CA ALA H 632 -43.51 -73.70 18.69
C ALA H 632 -44.04 -72.28 18.86
N LYS H 633 -43.47 -71.31 18.14
CA LYS H 633 -43.92 -69.92 18.18
C LYS H 633 -43.90 -69.36 19.60
N ASN H 634 -45.08 -69.11 20.16
CA ASN H 634 -45.23 -68.53 21.50
C ASN H 634 -44.51 -67.19 21.60
N SER H 635 -44.61 -66.39 20.54
CA SER H 635 -43.96 -65.08 20.51
C SER H 635 -44.90 -63.93 20.88
N ASP H 636 -46.22 -64.18 20.91
CA ASP H 636 -47.17 -63.13 21.22
C ASP H 636 -47.21 -62.78 22.71
N VAL H 637 -46.54 -63.55 23.56
CA VAL H 637 -46.56 -63.28 24.99
C VAL H 637 -45.73 -62.05 25.29
N LEU H 638 -46.29 -61.12 26.06
CA LEU H 638 -45.57 -59.92 26.45
C LEU H 638 -44.50 -60.26 27.48
N GLN H 639 -43.25 -59.98 27.16
CA GLN H 639 -42.13 -60.32 28.02
C GLN H 639 -41.84 -59.15 28.97
N SER H 640 -41.48 -59.49 30.20
CA SER H 640 -41.14 -58.48 31.20
C SER H 640 -39.78 -57.86 30.88
N PRO H 641 -39.48 -56.71 31.48
CA PRO H 641 -38.19 -56.05 31.21
C PRO H 641 -36.99 -56.88 31.63
N LEU H 642 -37.17 -57.87 32.50
CA LEU H 642 -36.08 -58.75 32.90
C LEU H 642 -35.84 -59.78 31.79
N ASP H 643 -35.01 -60.78 32.08
CA ASP H 643 -34.63 -61.81 31.11
C ASP H 643 -33.99 -61.19 29.87
N SER H 644 -33.10 -60.23 30.10
CA SER H 644 -32.37 -59.57 29.02
C SER H 644 -30.94 -59.35 29.48
N ALA H 645 -30.00 -60.01 28.82
CA ALA H 645 -28.60 -59.95 29.22
C ALA H 645 -27.73 -60.28 28.01
N ALA H 646 -26.46 -60.58 28.25
CA ALA H 646 -25.49 -61.01 27.24
C ALA H 646 -25.11 -59.87 26.30
N ARG H 647 -24.02 -60.06 25.55
CA ARG H 647 -23.47 -59.04 24.67
C ARG H 647 -23.04 -59.73 23.38
N ASP H 648 -22.19 -59.06 22.60
CA ASP H 648 -21.74 -59.60 21.31
C ASP H 648 -20.75 -60.72 21.55
N GLU H 649 -21.25 -61.79 22.18
CA GLU H 649 -20.50 -63.04 22.31
C GLU H 649 -21.44 -64.20 22.02
N LEU H 650 -22.75 -63.97 22.17
CA LEU H 650 -23.76 -64.99 21.94
C LEU H 650 -25.04 -64.35 21.43
#